data_3JBL
#
_entry.id   3JBL
#
_cell.length_a   1
_cell.length_b   1
_cell.length_c   1
_cell.angle_alpha   90
_cell.angle_beta   90
_cell.angle_gamma   90
#
_symmetry.space_group_name_H-M   'P 1'
#
_entity_poly.entity_id   1
_entity_poly.type   'polypeptide(L)'
_entity_poly.pdbx_seq_one_letter_code
;VTEEDLNVLAQNLKDLYNSPAFLNFYPLGEDIDIIFNLEKTFTEPIMWKKDHRHHRVEQLTLGSLLEALKSPCLIEGESG
KGKSTLLQRIAMLWASGGCRALKGFRLVFFIHLRSARGGLFETLYDQLLNIPDFISKPTFKALLLKLHKEVLFLLDGYNE
FHPQNCPEIEALIKENHRFKNMVIVTTTTECLRHIRHVGALTAEVGDMTEDSAKDLIEAVLVPDQVERLWAQIQESRCLR
NLMKTPLFVVITCAIQMGRQEFQAHTQTMLFQTFYDLLIQKNSHRYRGGASGDFARSLDYCGDLALEGVFAHKFDFEPEH
GSSMNEDVLVTIGLLCKYTAQRLKPTYKFFHKSFQEYTAGRRLSSLLTSKEPEEVSKGNSYLNKMVSISDITSLYGNLLL
YTCGSSTEATRAVMRHLAMVYQHGSLQGLSVTKRPLWRQE(SEP)IQSLRNTTEQDVLKAINVNSFVECGINLFSESMSK
SDLSQEFEAFFQGKSLYINSENIPDYLFDFFEYLPNCASALDFVKLDFYERATESQDKAEENVPGVHTEGPSETYIPPRA
VSLFFNWKQEFKTLEVTLRDINKLNKQDIKYLGKIFSSATNLRLHIKRCAAMAGRLSSVLRTCKNMHTLMVEASPLTTDD
EQYITSVTGLQNLSIHRLHTQQLPGGLIDSLGNLKNLERLILDDIRMNEEDAKNLAEGLRSLKKMRLLHLTHLSDIGEGM
DYIVKSLSEESCDLQEMKLVACCLTANSVKVLAQNLHNLIKLSILDISENYLEKDGNEALQELIGRLGVLGELTTLMLPW
CWDVHTSLPKLLKQLEGTPGLAKLGLKNWRLRDEEIKSLGEFLEMNPLRDLQQLDLAGHCVSSDGWLYFMNVFENLKQLV
FFDFSTEEFLPDAALVRKLSQVLSKLTLLQEVKLTGWEFDDYDISAIKGTFKLVTA
;
_entity_poly.pdbx_strand_id   K,A,B,C,D,E,F,G,H,I,J
#
# COMPACT_ATOMS: atom_id res chain seq x y z
N VAL A 1 42.79 41.04 -23.58
CA VAL A 1 43.09 41.41 -24.96
C VAL A 1 42.41 42.73 -25.33
N THR A 2 43.13 43.55 -26.08
CA THR A 2 42.60 44.82 -26.56
C THR A 2 42.93 44.96 -28.04
N GLU A 3 42.61 46.11 -28.63
CA GLU A 3 42.84 46.34 -30.05
C GLU A 3 44.28 46.74 -30.40
N GLU A 4 45.06 47.16 -29.40
CA GLU A 4 46.44 47.55 -29.65
C GLU A 4 47.31 46.36 -30.04
N ASP A 5 46.82 45.16 -29.74
CA ASP A 5 47.50 43.94 -30.12
C ASP A 5 46.96 43.36 -31.43
N LEU A 6 46.18 44.16 -32.15
CA LEU A 6 45.72 43.73 -33.48
C LEU A 6 46.85 43.90 -34.50
N ASN A 7 47.96 44.48 -34.06
CA ASN A 7 49.18 44.49 -34.84
C ASN A 7 50.05 43.29 -34.47
N VAL A 8 49.54 42.49 -33.53
CA VAL A 8 50.16 41.22 -33.19
C VAL A 8 49.43 40.12 -33.96
N LEU A 9 48.12 40.04 -33.74
CA LEU A 9 47.29 39.00 -34.33
C LEU A 9 47.36 39.05 -35.85
N ALA A 10 47.48 40.26 -36.39
CA ALA A 10 47.53 40.42 -37.84
C ALA A 10 48.72 39.64 -38.38
N GLN A 11 49.87 39.77 -37.71
CA GLN A 11 51.06 39.05 -38.13
C GLN A 11 50.78 37.55 -38.07
N ASN A 12 50.09 37.13 -37.02
CA ASN A 12 49.74 35.73 -36.86
C ASN A 12 48.84 35.27 -38.00
N LEU A 13 47.95 36.14 -38.46
CA LEU A 13 47.09 35.81 -39.59
C LEU A 13 47.94 35.58 -40.82
N LYS A 14 49.00 36.37 -40.94
CA LYS A 14 49.92 36.27 -42.06
C LYS A 14 50.66 34.93 -42.05
N ASP A 15 50.74 34.30 -40.87
CA ASP A 15 51.34 32.99 -40.76
C ASP A 15 50.30 31.88 -40.66
N LEU A 16 49.03 32.25 -40.77
CA LEU A 16 47.98 31.25 -40.81
C LEU A 16 48.01 30.61 -42.18
N TYR A 17 48.28 31.46 -43.18
CA TYR A 17 48.34 31.08 -44.59
C TYR A 17 49.76 30.67 -44.95
N ASN A 18 50.70 30.97 -44.06
CA ASN A 18 52.06 30.50 -44.23
C ASN A 18 52.17 29.06 -43.72
N SER A 19 51.57 28.15 -44.47
CA SER A 19 51.69 26.73 -44.22
C SER A 19 51.42 25.95 -45.50
N PRO A 20 52.00 24.76 -45.65
CA PRO A 20 51.83 23.95 -46.86
C PRO A 20 50.38 23.59 -47.13
N ALA A 21 49.56 23.48 -46.10
CA ALA A 21 48.14 23.08 -46.28
C ALA A 21 47.47 24.06 -47.21
N PHE A 22 47.82 25.33 -47.05
CA PHE A 22 47.37 26.39 -47.94
C PHE A 22 48.09 26.27 -49.29
N LEU A 23 49.36 25.87 -49.24
CA LEU A 23 50.16 25.83 -50.46
C LEU A 23 50.30 24.47 -51.16
N ASN A 24 49.94 23.37 -50.51
CA ASN A 24 50.06 22.06 -51.16
C ASN A 24 48.71 21.71 -51.71
N PHE A 25 48.61 21.10 -52.88
CA PHE A 25 47.26 20.85 -53.32
C PHE A 25 46.70 19.44 -53.27
N TYR A 26 45.54 19.35 -53.92
CA TYR A 26 44.31 19.14 -53.19
C TYR A 26 44.53 18.73 -51.76
N PRO A 27 44.22 19.67 -50.85
CA PRO A 27 44.37 19.54 -49.41
C PRO A 27 43.33 18.57 -48.82
N LEU A 28 43.56 17.27 -49.00
CA LEU A 28 42.88 16.22 -48.24
C LEU A 28 41.42 15.96 -48.69
N GLY A 29 40.89 14.77 -48.43
CA GLY A 29 41.64 13.64 -47.91
C GLY A 29 42.52 13.03 -48.97
N GLU A 30 42.17 13.34 -50.21
CA GLU A 30 43.08 13.24 -51.34
C GLU A 30 43.14 14.63 -52.01
N ASP A 31 44.30 15.27 -52.15
CA ASP A 31 45.68 14.75 -51.93
C ASP A 31 45.86 13.59 -52.90
N ILE A 32 45.20 13.73 -54.05
CA ILE A 32 45.13 12.70 -55.09
C ILE A 32 46.48 12.28 -55.69
N ASP A 33 47.45 13.18 -55.94
CA ASP A 33 47.35 14.64 -56.00
C ASP A 33 46.55 15.19 -57.19
N ILE A 34 45.74 16.22 -56.97
CA ILE A 34 45.07 16.91 -58.08
C ILE A 34 46.14 17.36 -59.07
N ILE A 35 47.09 18.17 -58.61
CA ILE A 35 48.13 18.69 -59.51
C ILE A 35 49.50 18.69 -58.86
N PHE A 36 49.74 19.65 -57.97
CA PHE A 36 51.02 19.85 -57.28
C PHE A 36 50.81 20.80 -56.11
N ASN A 37 51.89 21.22 -55.48
CA ASN A 37 51.87 22.25 -54.46
C ASN A 37 51.28 23.48 -55.16
N LEU A 38 50.50 24.28 -54.45
CA LEU A 38 49.87 25.46 -55.05
C LEU A 38 50.80 26.54 -55.54
N GLU A 39 51.91 26.78 -54.86
CA GLU A 39 52.78 27.85 -55.33
C GLU A 39 53.41 27.65 -56.72
N LYS A 40 53.93 26.47 -57.06
CA LYS A 40 54.44 26.33 -58.43
C LYS A 40 53.31 26.39 -59.48
N THR A 41 52.18 25.79 -59.11
CA THR A 41 50.90 25.75 -59.84
C THR A 41 50.08 27.04 -59.99
N PHE A 42 50.18 27.89 -58.98
CA PHE A 42 49.50 29.19 -58.93
C PHE A 42 49.82 30.24 -59.98
N THR A 43 48.73 30.76 -60.54
CA THR A 43 48.70 31.77 -61.59
C THR A 43 47.49 32.68 -61.42
N GLU A 44 47.53 33.85 -62.08
CA GLU A 44 46.44 34.83 -62.07
C GLU A 44 45.20 34.22 -62.75
N PRO A 45 44.06 34.12 -62.03
CA PRO A 45 42.76 33.59 -62.49
C PRO A 45 41.92 34.33 -63.54
N ILE A 46 41.68 33.66 -64.66
CA ILE A 46 40.82 34.21 -65.71
C ILE A 46 39.40 34.41 -65.15
N MET A 47 38.95 35.65 -64.97
CA MET A 47 37.58 35.82 -64.48
C MET A 47 36.93 36.92 -65.29
N TRP A 48 35.60 36.90 -65.34
CA TRP A 48 34.88 37.92 -66.09
C TRP A 48 33.70 38.50 -65.34
N LYS A 49 33.69 39.81 -65.10
CA LYS A 49 32.58 40.41 -64.39
C LYS A 49 31.35 40.26 -65.29
N LYS A 50 30.18 40.04 -64.70
CA LYS A 50 28.99 39.79 -65.49
C LYS A 50 27.90 40.83 -65.22
N ASP A 51 26.96 40.93 -66.16
CA ASP A 51 25.88 41.90 -66.05
C ASP A 51 24.67 41.18 -65.47
N HIS A 52 23.59 41.91 -65.27
CA HIS A 52 22.41 41.33 -64.66
C HIS A 52 21.65 40.58 -65.75
N ARG A 53 21.95 40.93 -66.99
CA ARG A 53 21.39 40.28 -68.18
C ARG A 53 21.76 38.79 -68.29
N HIS A 54 22.87 38.42 -67.65
CA HIS A 54 23.43 37.05 -67.58
C HIS A 54 24.48 36.78 -68.66
N HIS A 55 25.38 37.74 -68.86
CA HIS A 55 26.47 37.60 -69.81
C HIS A 55 27.68 38.39 -69.31
N ARG A 56 28.87 38.03 -69.78
CA ARG A 56 30.10 38.66 -69.32
C ARG A 56 30.24 40.12 -69.74
N VAL A 57 30.89 40.91 -68.89
CA VAL A 57 31.03 42.35 -69.10
C VAL A 57 32.47 42.84 -69.31
N GLU A 58 33.38 42.38 -68.45
CA GLU A 58 34.79 42.68 -68.63
C GLU A 58 35.70 41.56 -68.14
N GLN A 59 36.94 41.57 -68.60
CA GLN A 59 37.95 40.60 -68.16
C GLN A 59 38.85 41.05 -67.03
N LEU A 60 38.67 40.40 -65.89
CA LEU A 60 39.42 40.69 -64.68
C LEU A 60 40.34 39.52 -64.31
N THR A 61 41.39 39.90 -63.60
CA THR A 61 42.23 38.97 -62.88
C THR A 61 42.17 39.50 -61.47
N LEU A 62 42.70 38.78 -60.49
CA LEU A 62 42.67 39.32 -59.14
C LEU A 62 43.55 40.54 -59.05
N GLY A 63 44.67 40.50 -59.76
CA GLY A 63 45.65 41.58 -59.75
C GLY A 63 45.05 42.91 -60.18
N SER A 64 44.09 42.86 -61.09
CA SER A 64 43.35 44.05 -61.51
C SER A 64 42.02 44.20 -60.76
N LEU A 65 41.66 43.18 -60.01
CA LEU A 65 40.47 43.22 -59.16
C LEU A 65 40.75 43.89 -57.82
N LEU A 66 42.03 44.08 -57.50
CA LEU A 66 42.45 44.49 -56.15
C LEU A 66 41.88 45.83 -55.69
N GLU A 67 41.88 46.83 -56.55
CA GLU A 67 41.35 48.15 -56.21
C GLU A 67 39.91 48.30 -56.68
N ALA A 68 39.53 47.52 -57.69
CA ALA A 68 38.17 47.57 -58.22
C ALA A 68 37.21 46.72 -57.38
N LEU A 69 37.74 46.09 -56.35
CA LEU A 69 36.98 45.12 -55.56
C LEU A 69 35.81 45.77 -54.81
N LYS A 70 34.69 45.06 -54.77
CA LYS A 70 33.54 45.43 -53.96
C LYS A 70 33.00 44.20 -53.22
N SER A 71 32.08 44.43 -52.29
CA SER A 71 31.56 43.37 -51.45
C SER A 71 30.04 43.50 -51.25
N PRO A 72 29.34 42.37 -51.13
CA PRO A 72 29.80 40.98 -51.25
C PRO A 72 30.12 40.53 -52.68
N CYS A 73 30.90 39.47 -52.82
CA CYS A 73 31.14 38.85 -54.13
C CYS A 73 30.03 37.88 -54.50
N LEU A 74 29.48 38.02 -55.72
CA LEU A 74 28.66 36.96 -56.29
C LEU A 74 29.50 36.23 -57.31
N ILE A 75 30.81 36.45 -57.20
CA ILE A 75 31.77 35.91 -58.14
C ILE A 75 31.70 34.40 -58.17
N GLU A 76 31.63 33.85 -59.38
CA GLU A 76 31.40 32.43 -59.57
C GLU A 76 32.23 31.87 -60.69
N GLY A 77 32.23 30.55 -60.80
CA GLY A 77 33.02 29.86 -61.81
C GLY A 77 32.58 28.42 -61.85
N GLU A 78 32.99 27.69 -62.88
CA GLU A 78 32.50 26.34 -63.06
C GLU A 78 33.15 25.43 -62.03
N SER A 79 32.39 24.44 -61.57
CA SER A 79 32.81 23.57 -60.48
C SER A 79 34.07 22.75 -60.74
N GLY A 80 34.81 22.54 -59.66
CA GLY A 80 36.01 21.72 -59.64
C GLY A 80 36.74 22.18 -58.40
N LYS A 81 37.96 22.64 -58.57
CA LYS A 81 38.78 23.02 -57.43
C LYS A 81 38.44 24.48 -57.21
N GLY A 82 38.22 25.18 -58.33
CA GLY A 82 37.61 26.49 -58.34
C GLY A 82 38.46 27.58 -57.73
N LYS A 83 37.97 28.08 -56.60
CA LYS A 83 38.64 29.13 -55.84
C LYS A 83 39.88 28.51 -55.22
N SER A 84 39.87 27.18 -55.17
CA SER A 84 40.95 26.37 -54.62
C SER A 84 41.60 26.96 -53.37
N THR A 85 42.93 27.07 -53.35
CA THR A 85 43.61 27.65 -52.19
C THR A 85 44.28 28.94 -52.68
N LEU A 86 44.05 29.19 -53.96
CA LEU A 86 44.60 30.30 -54.73
C LEU A 86 44.20 31.71 -54.21
N LEU A 87 43.02 31.80 -53.57
CA LEU A 87 42.53 33.07 -52.99
C LEU A 87 43.15 33.21 -51.59
N GLN A 88 43.56 32.04 -51.10
CA GLN A 88 44.05 31.80 -49.76
C GLN A 88 45.45 32.32 -50.01
N ARG A 89 45.96 32.06 -51.21
CA ARG A 89 47.33 32.41 -51.50
C ARG A 89 47.27 33.89 -51.91
N ILE A 90 46.05 34.40 -52.08
CA ILE A 90 45.90 35.77 -52.56
C ILE A 90 46.08 36.56 -51.25
N ALA A 91 45.52 35.97 -50.19
CA ALA A 91 45.72 36.46 -48.83
C ALA A 91 47.19 36.35 -48.51
N MET A 92 47.80 35.28 -49.02
CA MET A 92 49.19 35.00 -48.72
C MET A 92 49.98 36.09 -49.45
N LEU A 93 49.33 36.75 -50.41
CA LEU A 93 49.97 37.80 -51.19
C LEU A 93 49.88 39.04 -50.31
N TRP A 94 48.74 39.19 -49.62
CA TRP A 94 48.61 40.24 -48.60
C TRP A 94 49.67 40.05 -47.51
N ALA A 95 50.22 38.84 -47.44
CA ALA A 95 51.17 38.48 -46.39
C ALA A 95 52.52 38.12 -46.99
N SER A 96 52.74 38.63 -48.20
CA SER A 96 53.96 38.42 -48.97
C SER A 96 54.38 39.79 -49.47
N GLY A 97 53.80 40.83 -48.88
CA GLY A 97 54.16 42.20 -49.20
C GLY A 97 53.49 42.65 -50.49
N GLY A 98 52.36 42.03 -50.81
CA GLY A 98 51.67 42.26 -52.07
C GLY A 98 51.18 43.68 -52.26
N CYS A 99 50.53 43.94 -53.40
CA CYS A 99 50.02 45.26 -53.73
C CYS A 99 49.19 45.87 -52.59
N ARG A 100 49.25 47.20 -52.50
CA ARG A 100 48.52 47.99 -51.51
C ARG A 100 47.05 47.64 -51.24
N ALA A 101 46.29 47.30 -52.28
CA ALA A 101 44.89 46.94 -52.06
C ALA A 101 44.67 45.57 -51.43
N LEU A 102 45.75 44.88 -51.08
CA LEU A 102 45.66 43.58 -50.43
C LEU A 102 45.92 43.91 -48.98
N LYS A 103 46.62 45.01 -48.77
CA LYS A 103 46.87 45.55 -47.45
C LYS A 103 45.86 46.64 -47.11
N GLY A 104 44.76 46.64 -47.85
CA GLY A 104 43.74 47.66 -47.69
C GLY A 104 42.86 47.11 -46.59
N PHE A 105 43.31 45.97 -46.06
CA PHE A 105 42.61 45.23 -45.02
C PHE A 105 43.59 44.83 -43.92
N ARG A 106 43.39 45.34 -42.71
CA ARG A 106 44.38 45.18 -41.65
C ARG A 106 44.42 43.72 -41.20
N LEU A 107 43.27 43.07 -41.33
CA LEU A 107 43.06 41.67 -41.00
C LEU A 107 42.33 40.88 -42.09
N VAL A 108 42.75 39.66 -42.34
CA VAL A 108 42.15 38.87 -43.40
C VAL A 108 41.84 37.53 -42.73
N PHE A 109 40.58 37.11 -42.81
CA PHE A 109 40.19 35.79 -42.35
C PHE A 109 39.52 34.81 -43.32
N PHE A 110 40.24 33.73 -43.57
CA PHE A 110 39.75 32.63 -44.36
C PHE A 110 38.49 32.10 -43.67
N ILE A 111 37.39 31.91 -44.39
CA ILE A 111 36.20 31.38 -43.73
C ILE A 111 35.72 30.07 -44.37
N HIS A 112 35.27 29.13 -43.53
CA HIS A 112 34.79 27.82 -43.97
C HIS A 112 33.27 27.55 -43.89
N LEU A 113 32.63 27.68 -45.05
CA LEU A 113 31.19 27.42 -45.28
C LEU A 113 30.98 25.93 -45.05
N ARG A 114 31.96 25.15 -45.50
CA ARG A 114 31.97 23.70 -45.39
C ARG A 114 31.92 23.15 -43.95
N SER A 115 32.50 23.82 -42.95
CA SER A 115 32.38 23.28 -41.59
C SER A 115 32.11 24.36 -40.55
N ALA A 116 31.19 24.10 -39.61
CA ALA A 116 30.82 25.10 -38.62
C ALA A 116 30.36 24.50 -37.29
N ARG A 117 30.62 25.25 -36.21
CA ARG A 117 30.54 24.77 -34.83
C ARG A 117 30.24 25.96 -33.93
N GLY A 118 29.25 25.84 -33.05
CA GLY A 118 29.04 26.87 -32.04
C GLY A 118 30.12 26.87 -30.97
N GLY A 119 30.42 28.04 -30.41
CA GLY A 119 29.94 29.32 -30.93
C GLY A 119 30.52 29.61 -32.31
N LEU A 120 29.76 30.29 -33.14
CA LEU A 120 29.95 30.21 -34.59
C LEU A 120 31.24 30.93 -34.99
N PHE A 121 31.60 31.97 -34.26
CA PHE A 121 32.86 32.65 -34.51
C PHE A 121 34.00 31.68 -34.20
N GLU A 122 33.80 30.80 -33.23
CA GLU A 122 34.85 29.86 -32.87
C GLU A 122 35.06 28.83 -33.99
N THR A 123 34.22 28.87 -35.02
CA THR A 123 34.47 28.02 -36.19
C THR A 123 35.85 28.41 -36.67
N LEU A 124 36.12 29.71 -36.62
CA LEU A 124 37.34 30.24 -37.15
C LEU A 124 38.42 29.83 -36.17
N TYR A 125 38.06 29.82 -34.89
CA TYR A 125 38.97 29.36 -33.84
C TYR A 125 39.13 27.86 -34.09
N ASP A 126 38.05 27.15 -34.42
CA ASP A 126 38.15 25.73 -34.75
C ASP A 126 38.83 25.50 -36.11
N GLN A 127 39.18 26.58 -36.80
CA GLN A 127 39.83 26.51 -38.12
C GLN A 127 41.14 27.30 -38.11
N LEU A 128 41.03 28.63 -38.07
CA LEU A 128 42.18 29.54 -38.07
C LEU A 128 42.95 29.38 -36.77
N LEU A 129 42.19 29.18 -35.69
CA LEU A 129 42.73 29.04 -34.34
C LEU A 129 43.45 30.25 -33.70
N ASN A 130 43.79 31.28 -34.43
CA ASN A 130 44.50 32.38 -33.77
C ASN A 130 43.62 33.34 -32.92
N ILE A 131 42.39 32.90 -32.64
CA ILE A 131 41.40 33.65 -31.84
C ILE A 131 41.75 33.86 -30.36
N PRO A 132 42.12 35.08 -29.94
CA PRO A 132 42.43 35.26 -28.50
C PRO A 132 41.27 34.90 -27.56
N ASP A 133 41.60 34.39 -26.38
CA ASP A 133 40.65 34.04 -25.30
C ASP A 133 39.76 35.11 -24.63
N PHE A 134 40.21 36.36 -24.55
CA PHE A 134 39.40 37.44 -23.96
C PHE A 134 38.16 37.78 -24.78
N ILE A 135 38.35 37.85 -26.08
CA ILE A 135 37.30 38.17 -27.03
C ILE A 135 36.05 37.29 -27.20
N SER A 136 35.01 37.63 -26.42
CA SER A 136 33.72 36.95 -26.51
C SER A 136 33.22 37.21 -27.94
N LYS A 137 32.14 36.54 -28.37
CA LYS A 137 31.58 36.82 -29.71
C LYS A 137 31.05 38.27 -29.90
N PRO A 138 30.34 38.85 -28.90
CA PRO A 138 29.89 40.24 -29.02
C PRO A 138 31.11 41.15 -29.13
N THR A 139 32.09 40.86 -28.26
CA THR A 139 33.34 41.57 -28.18
C THR A 139 33.99 41.44 -29.55
N PHE A 140 33.97 40.24 -30.12
CA PHE A 140 34.55 40.01 -31.44
C PHE A 140 33.86 40.81 -32.57
N LYS A 141 32.54 40.98 -32.49
CA LYS A 141 31.84 41.77 -33.52
C LYS A 141 32.15 43.29 -33.36
N ALA A 142 32.20 43.72 -32.10
CA ALA A 142 32.51 45.10 -31.70
C ALA A 142 33.91 45.48 -32.11
N LEU A 143 34.81 44.52 -31.89
CA LEU A 143 36.21 44.61 -32.25
C LEU A 143 36.30 44.76 -33.75
N LEU A 144 35.76 43.78 -34.49
CA LEU A 144 35.78 43.86 -35.94
C LEU A 144 35.25 45.20 -36.43
N LEU A 145 34.29 45.80 -35.72
CA LEU A 145 33.71 47.01 -36.27
C LEU A 145 34.51 48.22 -35.82
N LYS A 146 35.45 48.04 -34.91
CA LYS A 146 36.28 49.16 -34.47
C LYS A 146 36.95 49.83 -35.68
N LEU A 147 37.10 49.04 -36.75
CA LEU A 147 37.83 49.40 -37.96
C LEU A 147 36.97 49.68 -39.23
N HIS A 148 35.94 48.85 -39.46
CA HIS A 148 34.95 49.05 -40.53
C HIS A 148 35.30 48.94 -42.03
N LYS A 149 36.32 48.17 -42.40
CA LYS A 149 36.83 48.09 -43.79
C LYS A 149 38.21 47.47 -43.77
N GLU A 150 38.67 47.10 -42.60
CA GLU A 150 40.05 46.72 -42.46
C GLU A 150 40.15 45.24 -42.22
N VAL A 151 39.11 44.54 -42.64
CA VAL A 151 39.12 43.09 -42.63
C VAL A 151 38.47 42.53 -43.91
N LEU A 152 39.10 41.51 -44.49
CA LEU A 152 38.54 40.80 -45.64
C LEU A 152 38.27 39.36 -45.25
N PHE A 153 37.22 38.74 -45.76
CA PHE A 153 36.99 37.32 -45.49
C PHE A 153 36.68 36.45 -46.69
N LEU A 154 37.37 35.31 -46.80
CA LEU A 154 37.05 34.44 -47.93
C LEU A 154 36.09 33.35 -47.48
N LEU A 155 35.00 33.09 -48.20
CA LEU A 155 34.04 32.13 -47.65
C LEU A 155 34.48 30.91 -48.45
N ASP A 156 34.79 29.79 -47.80
CA ASP A 156 35.05 28.52 -48.49
C ASP A 156 34.10 27.29 -48.41
N GLY A 157 33.34 26.94 -49.45
CA GLY A 157 32.33 25.90 -49.31
C GLY A 157 30.85 26.07 -49.61
N TYR A 158 30.55 26.60 -50.79
CA TYR A 158 29.16 26.80 -51.18
C TYR A 158 28.20 25.64 -51.49
N ASN A 159 28.67 24.49 -51.95
CA ASN A 159 27.73 23.39 -52.23
C ASN A 159 27.77 22.55 -50.98
N GLU A 160 28.98 22.48 -50.43
CA GLU A 160 29.28 21.77 -49.20
C GLU A 160 28.36 22.28 -48.11
N PHE A 161 27.89 23.51 -48.29
CA PHE A 161 27.00 24.15 -47.33
C PHE A 161 25.72 23.34 -47.17
N HIS A 162 25.20 23.33 -45.95
CA HIS A 162 24.03 22.53 -45.62
C HIS A 162 23.12 23.37 -44.71
N PRO A 163 21.95 22.82 -44.33
CA PRO A 163 21.10 23.57 -43.39
C PRO A 163 21.65 23.70 -41.97
N GLN A 164 22.28 22.65 -41.43
CA GLN A 164 22.90 22.77 -40.12
C GLN A 164 23.93 23.92 -40.07
N ASN A 165 23.85 24.73 -39.00
CA ASN A 165 24.78 25.82 -38.72
C ASN A 165 24.64 26.99 -39.70
N CYS A 166 23.49 27.02 -40.37
CA CYS A 166 23.08 28.01 -41.36
C CYS A 166 23.01 29.49 -40.89
N PRO A 167 22.53 29.75 -39.65
CA PRO A 167 22.55 31.18 -39.31
C PRO A 167 23.90 31.84 -39.01
N GLU A 168 23.86 33.17 -39.13
CA GLU A 168 25.01 34.06 -39.16
C GLU A 168 26.03 33.59 -40.19
N ILE A 169 25.51 33.24 -41.36
CA ILE A 169 26.32 32.92 -42.54
C ILE A 169 26.03 33.97 -43.61
N GLU A 170 24.78 34.42 -43.62
CA GLU A 170 24.27 35.36 -44.62
C GLU A 170 24.47 36.73 -43.98
N ALA A 171 24.77 36.72 -42.69
CA ALA A 171 24.93 37.94 -41.92
C ALA A 171 26.22 38.62 -42.34
N LEU A 172 27.24 37.85 -42.72
CA LEU A 172 28.47 38.47 -43.19
C LEU A 172 28.21 39.15 -44.52
N ILE A 173 27.36 38.51 -45.34
CA ILE A 173 27.07 38.98 -46.70
C ILE A 173 25.91 40.01 -46.82
N LYS A 174 24.74 39.65 -46.31
CA LYS A 174 23.55 40.52 -46.35
C LYS A 174 23.62 41.64 -45.32
N GLU A 175 23.99 41.28 -44.09
CA GLU A 175 24.28 42.26 -43.07
C GLU A 175 25.75 42.65 -43.17
N ASN A 176 26.20 42.99 -44.38
CA ASN A 176 27.57 43.46 -44.62
C ASN A 176 27.57 44.98 -44.63
N HIS A 177 26.39 45.53 -44.85
CA HIS A 177 26.21 46.97 -44.87
C HIS A 177 26.37 47.52 -43.45
N ARG A 178 26.25 46.64 -42.47
CA ARG A 178 26.54 46.98 -41.08
C ARG A 178 27.65 46.15 -40.41
N PHE A 179 28.42 45.44 -41.21
CA PHE A 179 29.45 44.53 -40.72
C PHE A 179 30.71 45.23 -41.19
N LYS A 180 30.47 46.20 -42.07
CA LYS A 180 31.49 47.05 -42.68
C LYS A 180 32.76 46.45 -43.24
N ASN A 181 33.02 45.16 -43.07
CA ASN A 181 34.26 44.71 -43.69
C ASN A 181 33.91 44.19 -45.07
N MET A 182 34.90 44.08 -45.95
CA MET A 182 34.64 43.48 -47.25
C MET A 182 34.67 41.96 -47.13
N VAL A 183 34.22 41.26 -48.17
CA VAL A 183 34.27 39.80 -48.15
C VAL A 183 34.03 39.13 -49.50
N ILE A 184 34.72 38.02 -49.75
CA ILE A 184 34.62 37.31 -51.02
C ILE A 184 33.74 36.11 -50.70
N VAL A 185 32.58 36.03 -51.35
CA VAL A 185 31.58 35.01 -51.08
C VAL A 185 31.62 33.80 -52.02
N THR A 186 32.02 32.65 -51.49
CA THR A 186 32.21 31.45 -52.30
C THR A 186 30.93 31.03 -52.97
N THR A 187 31.08 30.59 -54.21
CA THR A 187 29.95 30.09 -54.95
C THR A 187 30.36 28.90 -55.80
N THR A 188 29.36 28.11 -56.14
CA THR A 188 29.52 26.91 -56.96
C THR A 188 28.53 27.48 -57.94
N THR A 189 28.22 26.95 -59.11
CA THR A 189 27.21 27.81 -59.70
C THR A 189 25.81 27.25 -59.57
N GLU A 190 25.66 26.02 -59.08
CA GLU A 190 24.34 25.42 -59.20
C GLU A 190 23.48 26.36 -58.33
N CYS A 191 24.07 26.54 -57.14
CA CYS A 191 23.67 27.33 -55.97
C CYS A 191 23.54 28.87 -55.99
N LEU A 192 24.34 29.53 -56.82
CA LEU A 192 24.49 31.01 -56.82
C LEU A 192 23.22 31.83 -56.62
N ARG A 193 22.09 31.34 -57.11
CA ARG A 193 20.86 32.13 -57.16
C ARG A 193 20.27 32.30 -55.75
N HIS A 194 21.02 31.84 -54.75
CA HIS A 194 20.71 31.93 -53.33
C HIS A 194 21.31 33.19 -52.75
N ILE A 195 22.14 33.85 -53.55
CA ILE A 195 22.75 35.12 -53.15
C ILE A 195 22.89 36.08 -54.31
N ARG A 196 22.19 35.82 -55.40
CA ARG A 196 22.18 36.69 -56.56
C ARG A 196 21.58 38.08 -56.23
N HIS A 197 21.22 38.28 -54.97
CA HIS A 197 20.60 39.53 -54.54
C HIS A 197 21.31 40.13 -53.32
N VAL A 198 22.53 39.69 -53.05
CA VAL A 198 23.29 40.17 -51.90
C VAL A 198 24.61 40.90 -52.18
N GLY A 199 25.36 40.36 -53.13
CA GLY A 199 26.63 40.89 -53.61
C GLY A 199 26.85 42.03 -54.59
N ALA A 200 27.60 43.02 -54.14
CA ALA A 200 27.81 44.24 -54.91
C ALA A 200 28.86 43.97 -55.99
N LEU A 201 29.50 42.80 -55.94
CA LEU A 201 30.48 42.40 -56.94
C LEU A 201 30.06 41.05 -57.52
N THR A 202 30.53 40.73 -58.72
CA THR A 202 30.16 39.48 -59.40
C THR A 202 31.05 39.20 -60.61
N ALA A 203 31.63 38.01 -60.66
CA ALA A 203 32.52 37.66 -61.76
C ALA A 203 32.45 36.17 -62.08
N GLU A 204 32.79 35.83 -63.33
CA GLU A 204 32.70 34.46 -63.79
C GLU A 204 34.10 33.97 -64.12
N VAL A 205 34.53 32.90 -63.45
CA VAL A 205 35.84 32.34 -63.73
C VAL A 205 35.87 31.79 -65.15
N GLY A 206 36.51 32.53 -66.04
CA GLY A 206 36.65 32.14 -67.42
C GLY A 206 37.58 30.95 -67.50
N ASP A 207 37.42 30.14 -68.54
CA ASP A 207 38.29 29.00 -68.70
C ASP A 207 39.70 29.53 -68.87
N MET A 208 40.65 28.85 -68.24
CA MET A 208 42.06 29.20 -68.33
C MET A 208 42.62 28.95 -69.73
N THR A 209 43.69 29.65 -70.07
CA THR A 209 44.39 29.42 -71.34
C THR A 209 44.95 28.01 -71.35
N GLU A 210 44.97 27.36 -72.52
CA GLU A 210 45.57 26.03 -72.59
C GLU A 210 47.05 26.14 -72.28
N ASP A 211 47.69 27.12 -72.89
CA ASP A 211 49.11 27.37 -72.71
C ASP A 211 49.45 27.64 -71.25
N SER A 212 48.68 28.52 -70.62
CA SER A 212 48.90 28.86 -69.22
C SER A 212 48.73 27.64 -68.33
N ALA A 213 47.80 26.77 -68.73
CA ALA A 213 47.51 25.58 -67.96
C ALA A 213 48.65 24.58 -68.04
N LYS A 214 49.68 24.90 -68.82
CA LYS A 214 50.69 23.89 -69.06
C LYS A 214 51.70 24.18 -67.99
N ASP A 215 51.39 25.23 -67.23
CA ASP A 215 52.32 25.73 -66.24
C ASP A 215 51.93 24.85 -65.08
N LEU A 216 50.75 24.25 -65.21
CA LEU A 216 50.30 23.31 -64.21
C LEU A 216 51.12 22.04 -64.46
N ILE A 217 51.07 21.54 -65.71
CA ILE A 217 51.62 20.21 -66.05
C ILE A 217 53.08 20.09 -65.59
N GLU A 218 53.78 21.18 -65.83
CA GLU A 218 55.19 21.43 -65.56
C GLU A 218 55.67 21.10 -64.16
N ALA A 219 54.83 21.38 -63.16
CA ALA A 219 55.23 21.18 -61.78
C ALA A 219 55.51 19.74 -61.39
N VAL A 220 54.80 18.75 -61.92
CA VAL A 220 55.20 17.39 -61.58
C VAL A 220 56.09 16.76 -62.64
N LEU A 221 55.67 16.88 -63.91
CA LEU A 221 56.42 16.37 -65.05
C LEU A 221 57.81 16.97 -65.30
N VAL A 222 58.68 16.18 -65.93
CA VAL A 222 60.02 16.60 -66.31
C VAL A 222 59.73 17.60 -67.45
N PRO A 223 60.66 18.52 -67.79
CA PRO A 223 60.17 19.42 -68.86
C PRO A 223 60.06 18.78 -70.26
N ASP A 224 60.81 17.72 -70.50
CA ASP A 224 60.71 17.06 -71.79
C ASP A 224 59.48 16.19 -71.78
N GLN A 225 59.10 15.73 -70.59
CA GLN A 225 57.92 14.90 -70.43
C GLN A 225 56.72 15.80 -70.75
N VAL A 226 56.87 17.09 -70.45
CA VAL A 226 55.77 18.02 -70.67
C VAL A 226 55.76 18.25 -72.17
N GLU A 227 56.93 18.33 -72.79
CA GLU A 227 56.94 18.55 -74.24
C GLU A 227 56.33 17.36 -74.98
N ARG A 228 56.53 16.17 -74.43
CA ARG A 228 55.97 14.94 -74.99
C ARG A 228 54.46 15.04 -74.94
N LEU A 229 53.94 15.49 -73.80
CA LEU A 229 52.50 15.74 -73.71
C LEU A 229 52.07 16.84 -74.70
N TRP A 230 52.91 17.85 -74.87
CA TRP A 230 52.64 18.94 -75.81
C TRP A 230 52.53 18.45 -77.24
N ALA A 231 53.25 17.39 -77.57
CA ALA A 231 53.06 16.70 -78.83
C ALA A 231 51.76 15.92 -78.77
N GLN A 232 51.47 15.37 -77.60
CA GLN A 232 50.28 14.54 -77.43
C GLN A 232 48.95 15.27 -77.56
N ILE A 233 48.86 16.55 -77.21
CA ILE A 233 47.56 17.17 -77.41
C ILE A 233 47.42 17.67 -78.85
N GLN A 234 48.48 17.48 -79.65
CA GLN A 234 48.44 17.86 -81.05
C GLN A 234 47.71 16.78 -81.84
N GLU A 235 47.60 15.62 -81.21
CA GLU A 235 46.87 14.46 -81.72
C GLU A 235 45.55 14.87 -82.37
N SER A 236 44.87 15.81 -81.71
CA SER A 236 43.52 16.22 -82.09
C SER A 236 43.26 17.58 -81.47
N ARG A 237 42.43 18.38 -82.11
CA ARG A 237 42.12 19.72 -81.59
C ARG A 237 41.27 19.62 -80.34
N CYS A 238 40.43 18.58 -80.27
CA CYS A 238 39.64 18.31 -79.09
C CYS A 238 40.54 17.97 -77.90
N LEU A 239 41.64 17.26 -78.16
CA LEU A 239 42.64 16.99 -77.13
C LEU A 239 43.42 18.27 -76.78
N ARG A 240 43.73 19.06 -77.81
CA ARG A 240 44.51 20.28 -77.65
C ARG A 240 43.78 21.30 -76.79
N ASN A 241 42.46 21.33 -76.88
CA ASN A 241 41.68 22.34 -76.16
C ASN A 241 41.27 21.86 -74.76
N LEU A 242 41.64 20.63 -74.41
CA LEU A 242 41.29 20.09 -73.10
C LEU A 242 41.98 20.91 -72.00
N MET A 243 43.18 21.38 -72.31
CA MET A 243 43.95 22.22 -71.40
C MET A 243 43.31 23.56 -71.01
N LYS A 244 42.11 23.85 -71.50
CA LYS A 244 41.44 25.11 -71.13
C LYS A 244 41.23 25.12 -69.61
N THR A 245 40.83 23.97 -69.09
CA THR A 245 40.57 23.83 -67.67
C THR A 245 41.70 23.02 -67.02
N PRO A 246 42.00 23.32 -65.76
CA PRO A 246 43.01 22.65 -64.95
C PRO A 246 42.62 21.19 -64.65
N LEU A 247 41.31 20.91 -64.62
CA LEU A 247 40.79 19.56 -64.40
C LEU A 247 41.19 18.53 -65.48
N PHE A 248 41.10 18.89 -66.76
CA PHE A 248 41.52 18.00 -67.85
C PHE A 248 43.00 17.71 -67.72
N VAL A 249 43.72 18.75 -67.33
CA VAL A 249 45.15 18.64 -67.07
C VAL A 249 45.34 17.62 -65.96
N VAL A 250 44.51 17.69 -64.92
CA VAL A 250 44.60 16.74 -63.79
C VAL A 250 44.33 15.31 -64.25
N ILE A 251 43.41 15.20 -65.20
CA ILE A 251 43.04 13.94 -65.85
C ILE A 251 44.19 13.29 -66.59
N THR A 252 45.04 14.10 -67.24
CA THR A 252 46.22 13.51 -67.85
C THR A 252 47.45 13.51 -66.92
N CYS A 253 47.39 14.26 -65.83
CA CYS A 253 48.51 14.36 -64.89
C CYS A 253 48.57 13.12 -64.01
N ALA A 254 47.40 12.56 -63.72
CA ALA A 254 47.29 11.34 -62.90
C ALA A 254 47.92 10.12 -63.58
N ILE A 255 48.35 10.26 -64.82
CA ILE A 255 48.74 9.10 -65.63
C ILE A 255 50.27 8.97 -65.73
N GLN A 256 50.98 10.08 -65.48
CA GLN A 256 52.44 10.12 -65.63
C GLN A 256 53.23 9.28 -64.62
N MET A 257 52.57 8.80 -63.57
CA MET A 257 53.26 8.08 -62.49
C MET A 257 53.95 6.80 -62.97
N GLY A 258 53.41 6.18 -64.01
CA GLY A 258 54.02 5.01 -64.60
C GLY A 258 54.72 5.20 -65.94
N ARG A 259 54.59 6.38 -66.53
CA ARG A 259 55.01 6.58 -67.93
C ARG A 259 55.82 7.84 -68.20
N GLN A 260 56.78 7.72 -69.11
CA GLN A 260 57.56 8.87 -69.59
C GLN A 260 56.81 9.66 -70.67
N GLU A 261 56.07 8.96 -71.52
CA GLU A 261 55.09 9.60 -72.41
C GLU A 261 53.90 8.67 -72.58
N PHE A 262 52.71 9.25 -72.65
CA PHE A 262 51.50 8.46 -72.72
C PHE A 262 50.38 9.09 -73.53
N GLN A 263 49.43 8.26 -73.88
CA GLN A 263 48.12 8.68 -74.36
C GLN A 263 47.12 7.71 -73.75
N ALA A 264 45.84 7.90 -74.02
CA ALA A 264 44.82 6.98 -73.50
C ALA A 264 44.44 5.74 -74.36
N HIS A 265 44.51 5.77 -75.71
CA HIS A 265 44.91 6.90 -76.54
C HIS A 265 43.73 7.76 -76.87
N THR A 266 42.54 7.25 -76.56
CA THR A 266 41.34 7.97 -76.93
C THR A 266 41.15 9.17 -76.03
N GLN A 267 40.60 10.24 -76.59
CA GLN A 267 40.38 11.43 -75.79
C GLN A 267 39.31 11.13 -74.74
N THR A 268 38.40 10.23 -75.10
CA THR A 268 37.37 9.64 -74.22
C THR A 268 37.82 8.70 -73.08
N MET A 269 38.86 7.90 -73.29
CA MET A 269 39.31 6.97 -72.25
C MET A 269 39.99 7.75 -71.12
N LEU A 270 40.48 8.91 -71.47
CA LEU A 270 41.05 9.89 -70.56
C LEU A 270 39.93 10.35 -69.62
N PHE A 271 38.84 10.68 -70.30
CA PHE A 271 37.56 11.19 -69.85
C PHE A 271 36.83 10.24 -68.84
N GLN A 272 36.96 8.94 -69.08
CA GLN A 272 36.35 7.88 -68.23
C GLN A 272 36.91 7.80 -66.81
N THR A 273 38.21 7.96 -66.67
CA THR A 273 38.86 7.98 -65.36
C THR A 273 38.24 9.10 -64.53
N PHE A 274 38.05 10.25 -65.17
CA PHE A 274 37.46 11.43 -64.56
C PHE A 274 36.03 11.04 -64.10
N TYR A 275 35.26 10.34 -64.96
CA TYR A 275 33.88 9.95 -64.56
C TYR A 275 33.93 9.10 -63.28
N ASP A 276 34.79 8.09 -63.27
CA ASP A 276 34.94 7.22 -62.09
C ASP A 276 35.30 8.06 -60.86
N LEU A 277 36.12 9.09 -61.03
CA LEU A 277 36.52 9.99 -59.94
C LEU A 277 35.27 10.69 -59.42
N LEU A 278 34.39 11.05 -60.35
CA LEU A 278 33.11 11.68 -60.08
C LEU A 278 32.31 10.72 -59.18
N ILE A 279 32.30 9.43 -59.52
CA ILE A 279 31.61 8.41 -58.72
C ILE A 279 32.25 8.39 -57.31
N GLN A 280 33.57 8.49 -57.27
CA GLN A 280 34.43 8.46 -56.05
C GLN A 280 34.07 9.55 -55.04
N LYS A 281 33.84 10.73 -55.58
CA LYS A 281 33.53 11.95 -54.85
C LYS A 281 32.14 11.82 -54.25
N ASN A 282 31.21 11.27 -54.99
CA ASN A 282 29.83 11.29 -54.60
C ASN A 282 29.43 10.04 -53.85
N SER A 283 30.34 9.11 -53.57
CA SER A 283 29.82 7.94 -52.88
C SER A 283 29.22 8.37 -51.53
N HIS A 284 29.83 9.34 -50.83
CA HIS A 284 29.27 9.69 -49.52
C HIS A 284 27.95 10.41 -49.82
N ARG A 285 27.93 10.98 -51.03
CA ARG A 285 26.85 11.78 -51.63
C ARG A 285 25.98 10.96 -52.57
N TYR A 286 25.29 9.97 -52.04
CA TYR A 286 24.48 9.15 -52.91
C TYR A 286 23.15 9.87 -53.06
N ARG A 287 22.82 10.63 -52.02
CA ARG A 287 21.60 11.44 -51.98
C ARG A 287 20.36 10.72 -52.51
N GLY A 288 20.02 9.58 -51.91
CA GLY A 288 19.01 8.71 -52.44
C GLY A 288 19.58 7.55 -53.22
N GLY A 289 18.73 6.60 -53.57
CA GLY A 289 19.17 5.39 -54.26
C GLY A 289 19.85 4.50 -53.24
N ALA A 290 20.31 3.33 -53.67
CA ALA A 290 20.90 2.39 -52.73
C ALA A 290 22.39 2.31 -52.99
N SER A 291 23.20 2.38 -51.93
CA SER A 291 24.64 2.22 -52.06
C SER A 291 25.20 3.21 -53.07
N GLY A 292 25.91 2.69 -54.07
CA GLY A 292 26.34 3.49 -55.20
C GLY A 292 25.36 3.60 -56.35
N ASP A 293 24.17 3.01 -56.22
CA ASP A 293 23.26 2.92 -57.35
C ASP A 293 22.62 4.26 -57.71
N PHE A 294 23.08 5.34 -57.10
CA PHE A 294 22.64 6.66 -57.52
C PHE A 294 23.28 6.89 -58.89
N ALA A 295 24.45 6.29 -59.07
CA ALA A 295 25.14 6.13 -60.36
C ALA A 295 24.22 5.61 -61.48
N ARG A 296 23.30 4.75 -61.06
CA ARG A 296 22.31 4.08 -61.90
C ARG A 296 21.39 5.13 -62.52
N SER A 297 21.21 6.24 -61.82
CA SER A 297 20.39 7.33 -62.31
C SER A 297 21.05 7.91 -63.57
N LEU A 298 22.38 8.04 -63.63
CA LEU A 298 22.96 8.57 -64.87
C LEU A 298 22.61 7.54 -65.96
N ASP A 299 22.71 6.26 -65.62
CA ASP A 299 22.31 5.16 -66.51
C ASP A 299 20.81 5.27 -66.81
N TYR A 300 20.01 5.66 -65.81
CA TYR A 300 18.57 5.82 -66.01
C TYR A 300 18.42 6.85 -67.12
N CYS A 301 19.24 7.89 -67.08
CA CYS A 301 19.20 8.91 -68.14
C CYS A 301 20.29 8.56 -69.16
N GLY A 302 20.68 7.28 -69.20
CA GLY A 302 21.72 6.84 -70.12
C GLY A 302 21.39 7.06 -71.59
N ASP A 303 20.16 6.75 -71.96
CA ASP A 303 19.67 6.96 -73.33
C ASP A 303 19.56 8.46 -73.64
N LEU A 304 19.73 9.26 -72.58
CA LEU A 304 19.74 10.73 -72.55
C LEU A 304 21.18 11.13 -72.83
N ALA A 305 22.08 10.43 -72.14
CA ALA A 305 23.53 10.61 -72.25
C ALA A 305 23.78 10.27 -73.71
N LEU A 306 23.06 9.26 -74.17
CA LEU A 306 23.12 8.73 -75.53
C LEU A 306 22.73 9.96 -76.36
N GLU A 307 21.59 10.55 -76.02
CA GLU A 307 21.10 11.78 -76.68
C GLU A 307 22.06 12.97 -76.64
N GLY A 308 22.92 13.12 -75.64
CA GLY A 308 23.78 14.29 -75.74
C GLY A 308 24.57 14.20 -77.04
N VAL A 309 25.22 13.08 -77.36
CA VAL A 309 25.90 13.01 -78.65
C VAL A 309 24.78 13.10 -79.71
N PHE A 310 23.71 12.34 -79.46
CA PHE A 310 22.58 12.21 -80.38
C PHE A 310 21.64 13.40 -80.58
N ALA A 311 21.25 14.13 -79.54
CA ALA A 311 20.36 15.28 -79.81
C ALA A 311 21.09 16.56 -80.16
N HIS A 312 22.26 16.42 -80.79
CA HIS A 312 23.14 17.54 -81.17
C HIS A 312 23.51 18.50 -80.06
N LYS A 313 23.10 18.19 -78.84
CA LYS A 313 23.36 19.07 -77.73
C LYS A 313 23.62 18.28 -76.46
N PHE A 314 24.49 18.80 -75.61
CA PHE A 314 24.68 18.19 -74.31
C PHE A 314 23.72 18.82 -73.32
N ASP A 315 22.76 19.62 -73.79
CA ASP A 315 21.89 20.22 -72.79
C ASP A 315 20.50 19.57 -72.73
N PHE A 316 20.06 19.32 -71.50
CA PHE A 316 18.77 18.68 -71.21
C PHE A 316 17.92 19.43 -70.19
N GLU A 317 16.64 19.09 -70.11
CA GLU A 317 15.81 19.69 -69.08
C GLU A 317 15.34 18.48 -68.29
N PRO A 318 15.49 18.51 -66.96
CA PRO A 318 15.13 17.32 -66.20
C PRO A 318 13.63 17.08 -66.24
N GLU A 319 13.25 15.81 -66.25
CA GLU A 319 11.87 15.39 -66.50
C GLU A 319 10.90 15.87 -65.42
N HIS A 320 9.72 16.31 -65.85
CA HIS A 320 8.72 16.83 -64.94
C HIS A 320 8.11 15.72 -64.08
N GLY A 321 8.09 15.95 -62.76
CA GLY A 321 7.75 14.92 -61.79
C GLY A 321 8.95 14.31 -61.09
N SER A 322 8.77 13.12 -60.54
CA SER A 322 9.73 12.50 -59.63
C SER A 322 11.10 12.26 -60.28
N SER A 323 11.15 12.30 -61.60
CA SER A 323 12.42 12.09 -62.29
C SER A 323 13.27 13.36 -62.33
N MET A 324 12.89 14.38 -61.57
CA MET A 324 13.61 15.64 -61.74
C MET A 324 14.88 15.46 -60.92
N ASN A 325 15.00 14.24 -60.41
CA ASN A 325 15.98 13.92 -59.41
C ASN A 325 17.16 13.53 -60.23
N GLU A 326 16.93 13.51 -61.55
CA GLU A 326 17.97 13.18 -62.50
C GLU A 326 18.98 14.29 -62.34
N ASP A 327 18.52 15.51 -62.08
CA ASP A 327 19.48 16.61 -61.95
C ASP A 327 20.35 16.42 -60.68
N VAL A 328 20.24 15.22 -60.09
CA VAL A 328 21.24 14.64 -59.19
C VAL A 328 22.62 14.80 -59.80
N LEU A 329 22.69 14.66 -61.12
CA LEU A 329 23.96 14.77 -61.82
C LEU A 329 24.51 16.19 -61.73
N VAL A 330 23.63 17.19 -61.60
CA VAL A 330 24.14 18.54 -61.40
C VAL A 330 24.78 18.55 -60.03
N THR A 331 24.13 17.88 -59.08
CA THR A 331 24.68 17.74 -57.74
C THR A 331 25.99 16.96 -57.85
N ILE A 332 26.02 15.91 -58.70
CA ILE A 332 27.23 15.13 -58.92
C ILE A 332 28.31 15.84 -59.72
N GLY A 333 27.91 16.68 -60.66
CA GLY A 333 28.82 17.48 -61.45
C GLY A 333 29.02 16.87 -62.82
N LEU A 334 28.26 15.82 -63.10
CA LEU A 334 28.26 15.17 -64.40
C LEU A 334 27.56 16.09 -65.36
N LEU A 335 26.52 16.72 -64.82
CA LEU A 335 25.71 17.72 -65.48
C LEU A 335 25.64 19.06 -64.72
N CYS A 336 26.75 19.74 -64.40
CA CYS A 336 26.55 20.97 -63.62
C CYS A 336 25.85 22.01 -64.50
N LYS A 337 24.94 22.76 -63.89
CA LYS A 337 24.25 23.87 -64.56
C LYS A 337 24.39 25.37 -64.23
N TYR A 338 24.31 26.18 -65.29
CA TYR A 338 24.50 27.65 -65.28
C TYR A 338 23.23 28.29 -64.71
N THR A 339 23.25 29.14 -63.68
CA THR A 339 21.98 29.79 -63.33
C THR A 339 21.57 30.78 -64.44
N ALA A 340 20.27 30.80 -64.76
CA ALA A 340 19.70 31.61 -65.85
C ALA A 340 18.17 31.51 -65.87
N GLN A 341 17.50 32.50 -66.46
CA GLN A 341 16.04 32.47 -66.51
C GLN A 341 15.50 31.49 -67.55
N ARG A 342 14.73 30.53 -67.04
CA ARG A 342 14.12 29.41 -67.76
C ARG A 342 15.22 28.38 -68.00
N LEU A 343 16.05 28.27 -66.99
CA LEU A 343 17.21 27.39 -66.95
C LEU A 343 16.96 25.90 -67.11
N LYS A 344 17.77 25.29 -67.97
CA LYS A 344 17.80 23.84 -68.06
C LYS A 344 19.24 23.31 -68.13
N PRO A 345 19.50 22.20 -67.42
CA PRO A 345 20.72 21.44 -67.20
C PRO A 345 21.59 21.29 -68.45
N THR A 346 22.88 21.02 -68.24
CA THR A 346 23.87 20.78 -69.30
C THR A 346 24.88 19.90 -68.61
N TYR A 347 25.73 19.20 -69.36
CA TYR A 347 26.83 18.48 -68.72
C TYR A 347 28.11 19.23 -68.38
N LYS A 348 28.27 20.44 -68.89
CA LYS A 348 29.54 21.13 -68.71
C LYS A 348 29.84 21.21 -67.21
N PHE A 349 31.06 20.84 -66.84
CA PHE A 349 31.60 21.16 -65.54
C PHE A 349 32.66 22.19 -65.82
N PHE A 350 32.60 22.68 -67.06
CA PHE A 350 33.74 23.04 -67.92
C PHE A 350 33.61 22.01 -69.05
N HIS A 351 33.31 22.45 -70.27
CA HIS A 351 33.32 21.58 -71.46
C HIS A 351 32.27 20.47 -71.44
N LYS A 352 31.05 20.74 -71.91
CA LYS A 352 29.99 19.73 -71.90
C LYS A 352 30.26 18.53 -72.83
N SER A 353 31.09 18.75 -73.84
CA SER A 353 31.44 17.69 -74.77
C SER A 353 32.14 16.53 -74.06
N PHE A 354 32.50 16.78 -72.82
CA PHE A 354 33.19 15.80 -72.01
C PHE A 354 32.34 14.53 -71.88
N GLN A 355 31.03 14.73 -71.82
CA GLN A 355 30.04 13.64 -71.79
C GLN A 355 29.94 12.71 -73.03
N GLU A 356 30.74 12.96 -74.05
CA GLU A 356 30.70 12.11 -75.25
C GLU A 356 31.03 10.63 -75.04
N TYR A 357 31.98 10.33 -74.17
CA TYR A 357 32.33 8.94 -73.87
C TYR A 357 31.15 8.22 -73.26
N THR A 358 30.44 8.84 -72.32
CA THR A 358 29.33 8.15 -71.68
C THR A 358 28.29 7.77 -72.74
N ALA A 359 28.07 8.64 -73.73
CA ALA A 359 27.12 8.29 -74.76
C ALA A 359 27.62 7.07 -75.53
N GLY A 360 28.92 7.02 -75.76
CA GLY A 360 29.52 5.89 -76.44
C GLY A 360 29.41 4.69 -75.50
N ARG A 361 29.66 4.94 -74.22
CA ARG A 361 29.56 3.95 -73.15
C ARG A 361 28.18 3.31 -72.98
N ARG A 362 27.13 4.12 -73.12
CA ARG A 362 25.78 3.62 -73.02
C ARG A 362 25.62 2.62 -74.15
N LEU A 363 26.15 2.96 -75.32
CA LEU A 363 26.02 2.09 -76.49
C LEU A 363 26.73 0.79 -76.10
N SER A 364 27.90 0.92 -75.48
CA SER A 364 28.66 -0.25 -75.04
C SER A 364 27.85 -1.05 -74.02
N SER A 365 27.17 -0.34 -73.13
CA SER A 365 26.35 -0.99 -72.11
C SER A 365 25.28 -1.79 -72.82
N LEU A 366 24.86 -1.29 -73.98
CA LEU A 366 23.90 -1.98 -74.82
C LEU A 366 24.58 -3.19 -75.47
N LEU A 367 25.80 -3.00 -76.00
CA LEU A 367 26.52 -4.08 -76.69
C LEU A 367 26.95 -5.24 -75.78
N THR A 368 27.33 -4.91 -74.55
CA THR A 368 27.77 -5.92 -73.58
C THR A 368 26.60 -6.42 -72.74
N SER A 369 25.40 -6.10 -73.19
CA SER A 369 24.21 -6.38 -72.41
C SER A 369 23.78 -7.84 -72.51
N LYS A 370 22.99 -8.25 -71.53
CA LYS A 370 22.60 -9.64 -71.31
C LYS A 370 21.96 -10.32 -72.52
N GLU A 371 21.48 -9.53 -73.47
CA GLU A 371 20.83 -10.10 -74.64
C GLU A 371 21.09 -9.34 -75.95
N PRO A 372 21.09 -10.08 -77.06
CA PRO A 372 21.18 -9.59 -78.45
C PRO A 372 20.24 -8.44 -78.81
N GLU A 373 19.00 -8.42 -78.32
CA GLU A 373 18.07 -7.33 -78.62
C GLU A 373 18.52 -5.96 -78.09
N GLU A 374 19.09 -5.93 -76.88
CA GLU A 374 19.61 -4.67 -76.35
C GLU A 374 20.78 -4.24 -77.21
N VAL A 375 21.59 -5.19 -77.64
CA VAL A 375 22.73 -4.91 -78.51
C VAL A 375 22.24 -4.33 -79.85
N SER A 376 21.20 -4.92 -80.43
CA SER A 376 20.59 -4.44 -81.67
C SER A 376 19.94 -3.07 -81.47
N LYS A 377 19.50 -2.83 -80.24
CA LYS A 377 18.99 -1.53 -79.84
C LYS A 377 20.16 -0.56 -79.93
N GLY A 378 21.32 -1.02 -79.45
CA GLY A 378 22.55 -0.27 -79.55
C GLY A 378 22.89 -0.10 -81.02
N ASN A 379 22.65 -1.16 -81.78
CA ASN A 379 22.83 -1.18 -83.23
C ASN A 379 21.87 -0.21 -83.91
N SER A 380 20.66 -0.07 -83.37
CA SER A 380 19.65 0.79 -83.98
C SER A 380 20.05 2.26 -83.84
N TYR A 381 20.99 2.49 -82.93
CA TYR A 381 21.58 3.79 -82.69
C TYR A 381 22.60 4.05 -83.82
N LEU A 382 22.83 3.04 -84.66
CA LEU A 382 23.71 3.13 -85.83
C LEU A 382 22.85 3.32 -87.07
N ASN A 383 21.55 3.47 -86.86
CA ASN A 383 20.62 3.62 -87.96
C ASN A 383 20.38 5.12 -87.93
N LYS A 384 21.13 5.74 -87.03
CA LYS A 384 21.03 7.14 -86.68
C LYS A 384 22.14 7.88 -87.41
N MET A 385 23.17 7.12 -87.82
CA MET A 385 24.43 7.67 -88.28
C MET A 385 24.81 7.27 -89.71
N VAL A 386 25.27 8.25 -90.49
CA VAL A 386 25.71 8.05 -91.87
C VAL A 386 27.21 8.19 -92.15
N SER A 387 27.92 7.08 -92.29
CA SER A 387 29.38 7.08 -92.51
C SER A 387 30.31 7.91 -91.61
N ILE A 388 31.55 8.14 -92.08
CA ILE A 388 32.53 8.92 -91.32
C ILE A 388 31.95 10.32 -91.32
N SER A 389 31.37 10.68 -92.47
CA SER A 389 30.72 11.95 -92.78
C SER A 389 30.67 12.87 -91.58
N ASP A 390 30.00 12.34 -90.58
CA ASP A 390 29.63 13.00 -89.34
C ASP A 390 30.81 13.33 -88.43
N ILE A 391 32.03 13.25 -88.94
CA ILE A 391 33.20 13.78 -88.24
C ILE A 391 33.02 15.26 -87.91
N THR A 392 32.11 15.90 -88.64
CA THR A 392 31.77 17.31 -88.43
C THR A 392 30.90 17.53 -87.20
N SER A 393 30.34 16.44 -86.66
CA SER A 393 29.38 16.58 -85.57
C SER A 393 29.47 15.44 -84.59
N LEU A 394 28.63 15.50 -83.57
CA LEU A 394 28.77 14.60 -82.42
C LEU A 394 28.73 13.10 -82.72
N TYR A 395 28.16 12.64 -83.83
CA TYR A 395 28.24 11.19 -83.96
C TYR A 395 29.49 10.75 -84.75
N GLY A 396 30.35 11.67 -85.20
CA GLY A 396 31.47 11.22 -86.01
C GLY A 396 32.44 10.29 -85.31
N ASN A 397 32.81 10.84 -84.15
CA ASN A 397 33.70 10.38 -83.07
C ASN A 397 33.07 9.31 -82.17
N LEU A 398 31.75 9.30 -82.21
CA LEU A 398 30.86 8.43 -81.47
C LEU A 398 31.25 6.97 -81.66
N LEU A 399 31.63 6.54 -82.86
CA LEU A 399 31.90 5.11 -82.98
C LEU A 399 33.19 4.79 -82.23
N LEU A 400 34.05 5.78 -82.13
CA LEU A 400 35.29 5.73 -81.39
C LEU A 400 34.97 5.47 -79.92
N TYR A 401 33.97 6.22 -79.45
CA TYR A 401 33.55 6.18 -78.06
C TYR A 401 32.85 4.85 -77.83
N THR A 402 32.19 4.34 -78.85
CA THR A 402 31.59 3.02 -78.76
C THR A 402 32.70 1.98 -78.56
N CYS A 403 33.73 2.08 -79.41
CA CYS A 403 34.88 1.16 -79.36
C CYS A 403 35.86 1.19 -78.17
N GLY A 404 36.14 2.36 -77.60
CA GLY A 404 37.06 2.45 -76.46
C GLY A 404 36.39 1.71 -75.32
N SER A 405 35.07 1.72 -75.43
CA SER A 405 34.11 1.15 -74.51
C SER A 405 34.09 -0.38 -74.61
N SER A 406 34.16 -0.94 -75.82
CA SER A 406 34.03 -2.40 -76.00
C SER A 406 34.95 -2.99 -77.08
N THR A 407 35.27 -4.27 -76.91
CA THR A 407 36.16 -5.06 -77.78
C THR A 407 35.71 -5.67 -79.12
N GLU A 408 35.24 -6.90 -79.00
CA GLU A 408 34.68 -7.77 -80.05
C GLU A 408 33.45 -7.16 -80.69
N ALA A 409 32.70 -6.45 -79.87
CA ALA A 409 31.45 -5.81 -80.23
C ALA A 409 31.70 -4.78 -81.33
N THR A 410 32.80 -4.06 -81.34
CA THR A 410 33.03 -3.15 -82.45
C THR A 410 33.12 -3.83 -83.84
N ARG A 411 33.10 -5.16 -83.91
CA ARG A 411 32.92 -5.83 -85.21
C ARG A 411 31.55 -5.49 -85.80
N ALA A 412 30.58 -5.34 -84.90
CA ALA A 412 29.23 -4.87 -85.21
C ALA A 412 29.33 -3.46 -85.78
N VAL A 413 30.26 -2.69 -85.23
CA VAL A 413 30.52 -1.31 -85.65
C VAL A 413 31.09 -1.47 -87.05
N MET A 414 31.98 -2.43 -87.25
CA MET A 414 32.62 -2.57 -88.54
C MET A 414 31.57 -2.96 -89.56
N ARG A 415 30.50 -3.63 -89.11
CA ARG A 415 29.46 -3.98 -90.05
C ARG A 415 28.80 -2.73 -90.64
N HIS A 416 28.54 -1.70 -89.83
CA HIS A 416 27.96 -0.49 -90.41
C HIS A 416 28.96 0.23 -91.29
N LEU A 417 30.25 0.00 -91.06
CA LEU A 417 31.25 0.61 -91.90
C LEU A 417 31.19 0.00 -93.30
N ALA A 418 30.45 -1.10 -93.42
CA ALA A 418 30.35 -1.77 -94.71
C ALA A 418 29.00 -1.35 -95.32
N MET A 419 28.21 -0.60 -94.54
CA MET A 419 26.82 -0.29 -94.87
C MET A 419 26.84 1.15 -95.33
N VAL A 420 28.08 1.65 -95.47
CA VAL A 420 28.40 3.00 -95.92
C VAL A 420 28.47 3.05 -97.44
N TYR A 421 27.59 3.83 -98.05
CA TYR A 421 27.46 3.87 -99.50
C TYR A 421 27.49 5.33 -99.93
N GLN A 422 27.66 6.18 -98.92
CA GLN A 422 27.52 7.61 -99.10
C GLN A 422 28.88 8.20 -99.43
N HIS A 423 29.93 7.46 -99.07
CA HIS A 423 31.32 7.85 -99.30
C HIS A 423 31.71 9.05 -98.45
N GLY A 424 31.02 9.21 -97.33
CA GLY A 424 31.15 10.40 -96.50
C GLY A 424 30.30 11.57 -96.95
N SER A 425 30.93 12.72 -97.14
CA SER A 425 30.26 13.85 -97.78
C SER A 425 31.24 14.62 -98.70
N LEU A 426 30.75 15.06 -99.84
CA LEU A 426 31.61 15.71 -100.83
C LEU A 426 31.70 17.22 -100.67
N GLN A 427 30.92 17.78 -99.76
CA GLN A 427 30.83 19.24 -99.63
C GLN A 427 32.13 19.79 -99.02
N GLY A 428 32.65 20.85 -99.62
CA GLY A 428 33.85 21.49 -99.13
C GLY A 428 35.16 20.81 -99.48
N LEU A 429 35.08 19.76 -100.29
CA LEU A 429 36.25 18.95 -100.64
C LEU A 429 36.39 18.80 -102.14
N SER A 430 37.63 18.72 -102.61
CA SER A 430 37.89 18.68 -104.05
C SER A 430 39.19 17.97 -104.42
N VAL A 431 39.10 17.04 -105.37
CA VAL A 431 40.23 16.25 -105.87
C VAL A 431 41.40 17.14 -106.34
N THR A 432 41.16 18.44 -106.36
CA THR A 432 42.19 19.39 -106.75
C THR A 432 42.65 20.26 -105.57
N LYS A 433 42.58 19.72 -104.37
CA LYS A 433 43.00 20.45 -103.18
C LYS A 433 44.28 19.82 -102.65
N ARG A 434 44.43 18.52 -102.87
CA ARG A 434 45.62 17.80 -102.40
C ARG A 434 46.90 18.26 -103.13
N PRO A 435 46.90 18.26 -104.49
CA PRO A 435 48.10 18.78 -105.16
C PRO A 435 48.30 20.30 -105.02
N LEU A 436 47.21 21.03 -104.80
CA LEU A 436 47.17 22.51 -104.70
C LEU A 436 47.25 23.17 -106.07
N TRP A 437 46.69 22.53 -107.09
CA TRP A 437 46.83 23.03 -108.46
C TRP A 437 45.48 23.24 -109.15
N ARG A 438 45.47 24.15 -110.12
CA ARG A 438 44.32 24.30 -111.02
C ARG A 438 44.67 23.78 -112.41
N GLN A 439 45.57 22.80 -112.47
CA GLN A 439 46.08 22.33 -113.75
C GLN A 439 46.43 20.84 -113.77
N GLU A 440 46.41 20.28 -114.97
CA GLU A 440 46.56 18.84 -115.20
C GLU A 440 47.71 18.21 -114.43
N SEP A 441 47.46 17.01 -113.92
CA SEP A 441 48.42 16.23 -113.14
CB SEP A 441 47.85 15.94 -111.75
OG SEP A 441 46.57 15.35 -111.87
C SEP A 441 48.72 14.90 -113.85
O SEP A 441 48.35 14.72 -115.00
P SEP A 441 45.53 16.04 -110.85
O1P SEP A 441 44.02 15.77 -111.36
O2P SEP A 441 45.80 17.63 -110.82
O3P SEP A 441 45.72 15.41 -109.39
N ILE A 442 49.41 13.99 -113.17
CA ILE A 442 49.61 12.64 -113.70
C ILE A 442 48.30 11.88 -113.51
N GLN A 443 47.63 12.20 -112.42
CA GLN A 443 46.33 11.62 -112.11
C GLN A 443 45.34 12.09 -113.17
N SER A 444 45.56 13.29 -113.68
CA SER A 444 44.72 13.86 -114.72
C SER A 444 44.92 13.16 -116.06
N LEU A 445 46.14 12.71 -116.31
CA LEU A 445 46.41 11.91 -117.50
C LEU A 445 45.66 10.58 -117.44
N ARG A 446 45.37 10.12 -116.22
CA ARG A 446 44.66 8.85 -116.07
C ARG A 446 43.17 9.02 -116.41
N ASN A 447 42.70 10.27 -116.46
CA ASN A 447 41.29 10.57 -116.72
C ASN A 447 40.98 11.64 -117.79
N THR A 448 39.78 11.57 -118.34
CA THR A 448 39.29 12.51 -119.36
C THR A 448 38.76 13.85 -118.83
N THR A 449 38.43 13.93 -117.54
CA THR A 449 38.05 15.21 -116.91
C THR A 449 39.04 15.79 -115.90
N GLU A 450 38.70 16.96 -115.36
CA GLU A 450 39.57 17.65 -114.41
C GLU A 450 39.39 16.99 -113.06
N GLN A 451 38.22 16.41 -112.83
CA GLN A 451 37.89 15.79 -111.56
C GLN A 451 37.35 14.37 -111.74
N ASP A 452 37.29 13.62 -110.64
CA ASP A 452 36.61 12.32 -110.57
C ASP A 452 36.71 11.73 -109.16
N VAL A 453 37.87 11.90 -108.52
CA VAL A 453 38.10 11.37 -107.18
C VAL A 453 37.12 12.08 -106.27
N LEU A 454 36.88 13.36 -106.56
CA LEU A 454 35.91 14.23 -105.90
C LEU A 454 34.58 13.55 -105.55
N LYS A 455 34.11 12.71 -106.46
CA LYS A 455 32.83 12.03 -106.34
C LYS A 455 32.93 11.15 -105.10
N ALA A 456 34.06 10.48 -104.95
CA ALA A 456 34.24 9.54 -103.87
C ALA A 456 35.46 10.10 -103.10
N ILE A 457 35.50 11.43 -102.98
CA ILE A 457 36.65 12.14 -102.37
C ILE A 457 37.08 11.63 -100.99
N ASN A 458 36.11 11.25 -100.18
CA ASN A 458 36.43 10.81 -98.84
C ASN A 458 36.74 9.34 -98.74
N VAL A 459 37.23 8.73 -99.83
CA VAL A 459 37.59 7.33 -99.76
C VAL A 459 38.77 7.09 -98.81
N ASN A 460 39.70 8.04 -98.74
CA ASN A 460 40.81 7.95 -97.80
C ASN A 460 40.52 8.67 -96.47
N SER A 461 39.45 9.44 -96.44
CA SER A 461 39.03 10.22 -95.26
C SER A 461 38.63 9.14 -94.27
N PHE A 462 38.05 8.10 -94.86
CA PHE A 462 37.59 6.88 -94.20
C PHE A 462 38.74 6.21 -93.51
N VAL A 463 39.87 6.16 -94.20
CA VAL A 463 41.06 5.52 -93.67
C VAL A 463 41.61 6.18 -92.40
N GLU A 464 41.64 7.51 -92.32
CA GLU A 464 42.10 8.13 -91.09
C GLU A 464 41.23 7.76 -89.86
N CYS A 465 39.91 7.76 -90.09
CA CYS A 465 38.93 7.31 -89.10
C CYS A 465 39.24 5.87 -88.73
N GLY A 466 39.50 5.09 -89.78
CA GLY A 466 39.80 3.69 -89.66
C GLY A 466 41.03 3.34 -88.85
N ILE A 467 42.12 4.08 -89.02
CA ILE A 467 43.32 3.80 -88.23
C ILE A 467 43.02 4.11 -86.77
N ASN A 468 42.27 5.19 -86.56
CA ASN A 468 41.86 5.50 -85.19
C ASN A 468 40.97 4.39 -84.58
N LEU A 469 39.99 3.91 -85.35
CA LEU A 469 39.09 2.81 -84.96
C LEU A 469 39.79 1.48 -84.69
N PHE A 470 40.80 1.21 -85.50
CA PHE A 470 41.62 -0.01 -85.41
C PHE A 470 42.32 0.05 -84.07
N SER A 471 42.85 1.24 -83.81
CA SER A 471 43.58 1.60 -82.61
C SER A 471 42.73 1.58 -81.32
N GLU A 472 41.50 2.06 -81.40
CA GLU A 472 40.58 2.16 -80.27
C GLU A 472 40.07 0.91 -79.54
N SER A 473 39.94 -0.23 -80.18
CA SER A 473 39.46 -1.39 -79.44
C SER A 473 40.71 -2.24 -79.42
N MET A 474 41.76 -1.64 -79.97
CA MET A 474 43.10 -2.22 -80.05
C MET A 474 42.87 -3.47 -80.87
N SER A 475 42.16 -3.29 -81.99
CA SER A 475 41.38 -4.36 -82.61
C SER A 475 42.17 -5.48 -83.27
N LYS A 476 43.49 -5.48 -83.09
CA LYS A 476 44.44 -6.39 -83.76
C LYS A 476 43.98 -7.06 -85.07
N SER A 477 44.52 -8.24 -85.30
CA SER A 477 44.18 -9.04 -86.48
C SER A 477 42.72 -9.53 -86.48
N ASP A 478 42.00 -9.30 -85.39
CA ASP A 478 40.61 -9.76 -85.30
C ASP A 478 39.65 -9.06 -86.27
N LEU A 479 39.80 -7.75 -86.40
CA LEU A 479 38.97 -6.93 -87.28
C LEU A 479 39.51 -6.75 -88.71
N SER A 480 40.55 -7.51 -89.07
CA SER A 480 41.18 -7.42 -90.40
C SER A 480 40.47 -7.80 -91.71
N GLN A 481 39.60 -8.80 -91.71
CA GLN A 481 38.84 -9.15 -92.92
C GLN A 481 37.95 -7.98 -93.32
N GLU A 482 37.48 -7.32 -92.28
CA GLU A 482 36.66 -6.15 -92.40
C GLU A 482 37.53 -5.04 -92.92
N PHE A 483 38.72 -4.79 -92.37
CA PHE A 483 39.34 -3.58 -92.85
C PHE A 483 39.91 -3.87 -94.23
N GLU A 484 40.07 -5.14 -94.64
CA GLU A 484 40.70 -5.33 -95.98
C GLU A 484 39.60 -4.89 -96.87
N ALA A 485 38.37 -5.31 -96.53
CA ALA A 485 37.19 -4.93 -97.33
C ALA A 485 36.71 -3.48 -97.23
N PHE A 486 37.08 -2.78 -96.17
CA PHE A 486 36.54 -1.45 -95.89
C PHE A 486 37.24 -0.32 -96.67
N PHE A 487 38.54 -0.49 -96.93
CA PHE A 487 39.30 0.53 -97.63
C PHE A 487 39.53 0.14 -99.08
N GLN A 488 38.81 -0.90 -99.49
CA GLN A 488 38.91 -1.46 -100.84
C GLN A 488 38.28 -0.58 -101.91
N GLY A 489 38.90 -0.54 -103.09
CA GLY A 489 38.38 0.23 -104.20
C GLY A 489 38.68 1.69 -104.00
N LYS A 490 39.66 1.96 -103.14
CA LYS A 490 39.98 3.33 -102.76
C LYS A 490 41.46 3.67 -102.88
N SER A 491 41.73 4.97 -103.04
CA SER A 491 43.09 5.52 -103.12
C SER A 491 43.38 6.64 -102.11
N LEU A 492 44.57 6.61 -101.54
CA LEU A 492 45.06 7.64 -100.60
C LEU A 492 46.10 8.57 -101.22
N TYR A 493 45.90 9.89 -101.10
CA TYR A 493 46.92 10.79 -101.62
C TYR A 493 47.41 11.79 -100.57
N ILE A 494 48.73 11.74 -100.36
CA ILE A 494 49.55 12.63 -99.51
C ILE A 494 50.41 13.71 -100.20
N ASN A 495 50.36 14.95 -99.73
CA ASN A 495 51.41 15.93 -100.05
C ASN A 495 52.61 15.85 -99.09
N SER A 496 53.82 16.05 -99.61
CA SER A 496 55.06 16.06 -98.79
C SER A 496 55.08 17.20 -97.77
N GLU A 497 54.44 18.30 -98.13
CA GLU A 497 54.35 19.50 -97.30
C GLU A 497 53.46 19.22 -96.10
N ASN A 498 52.42 18.42 -96.32
CA ASN A 498 51.51 18.02 -95.26
C ASN A 498 51.49 16.50 -95.06
N ILE A 499 52.62 15.97 -94.59
CA ILE A 499 52.76 14.56 -94.24
C ILE A 499 52.39 14.32 -92.78
N PRO A 500 51.29 13.60 -92.55
CA PRO A 500 50.92 13.19 -91.20
C PRO A 500 51.92 12.19 -90.60
N ASP A 501 51.94 12.13 -89.28
CA ASP A 501 52.76 11.22 -88.49
C ASP A 501 52.01 9.91 -88.24
N TYR A 502 50.68 10.01 -88.25
CA TYR A 502 49.78 8.90 -87.99
C TYR A 502 49.71 7.83 -89.08
N LEU A 503 50.25 8.06 -90.29
CA LEU A 503 50.19 6.93 -91.20
C LEU A 503 50.98 5.67 -90.77
N PHE A 504 52.19 5.74 -90.22
CA PHE A 504 52.77 4.47 -89.74
C PHE A 504 51.96 3.85 -88.55
N ASP A 505 50.92 4.52 -88.04
CA ASP A 505 50.06 4.00 -86.93
C ASP A 505 49.24 2.73 -87.18
N PHE A 506 48.68 2.64 -88.39
CA PHE A 506 47.83 1.53 -88.85
C PHE A 506 48.70 0.29 -88.86
N PHE A 507 49.92 0.51 -89.29
CA PHE A 507 50.94 -0.50 -89.45
C PHE A 507 51.32 -1.17 -88.13
N GLU A 508 50.45 -1.06 -87.12
CA GLU A 508 50.72 -1.64 -85.81
C GLU A 508 50.69 -3.15 -85.92
N TYR A 509 49.55 -3.67 -86.35
CA TYR A 509 49.31 -5.10 -86.36
C TYR A 509 49.00 -5.49 -87.78
N LEU A 510 48.62 -4.48 -88.57
CA LEU A 510 48.19 -4.89 -89.89
C LEU A 510 48.78 -4.01 -91.00
N PRO A 511 50.13 -4.00 -91.19
CA PRO A 511 50.61 -3.15 -92.29
C PRO A 511 50.31 -3.65 -93.72
N ASN A 512 50.18 -4.96 -93.80
CA ASN A 512 49.89 -5.69 -95.02
C ASN A 512 48.55 -5.37 -95.65
N CYS A 513 47.54 -5.11 -94.82
CA CYS A 513 46.23 -4.81 -95.36
C CYS A 513 46.23 -3.46 -96.08
N ALA A 514 47.41 -2.86 -96.17
CA ALA A 514 47.61 -1.61 -96.90
C ALA A 514 47.25 -1.88 -98.35
N SER A 515 47.51 -3.11 -98.80
CA SER A 515 47.20 -3.52 -100.17
C SER A 515 45.73 -3.85 -100.42
N ALA A 516 44.86 -3.41 -99.52
CA ALA A 516 43.44 -3.34 -99.87
C ALA A 516 43.25 -2.11 -100.76
N LEU A 517 43.91 -1.02 -100.38
CA LEU A 517 43.90 0.25 -101.12
C LEU A 517 44.54 0.03 -102.49
N ASP A 518 44.18 0.86 -103.47
CA ASP A 518 44.88 0.80 -104.75
C ASP A 518 46.20 1.57 -104.83
N PHE A 519 46.11 2.89 -104.93
CA PHE A 519 47.29 3.77 -104.89
C PHE A 519 47.46 4.82 -103.79
N VAL A 520 48.68 4.89 -103.28
CA VAL A 520 49.03 5.80 -102.18
C VAL A 520 49.74 6.83 -103.05
N LYS A 521 49.30 8.08 -103.00
CA LYS A 521 49.86 9.07 -103.90
C LYS A 521 50.58 10.16 -103.13
N LEU A 522 51.78 10.43 -103.64
CA LEU A 522 52.71 11.38 -103.06
C LEU A 522 53.18 12.54 -103.93
N ASP A 523 53.11 13.74 -103.38
CA ASP A 523 53.57 14.92 -104.10
C ASP A 523 54.78 15.40 -103.34
N PHE A 524 55.88 15.58 -104.07
CA PHE A 524 57.15 15.95 -103.47
C PHE A 524 57.59 17.27 -104.07
N TYR A 525 57.57 18.33 -103.25
CA TYR A 525 58.11 19.62 -103.64
C TYR A 525 59.40 20.08 -102.96
N GLU A 526 59.84 21.26 -103.36
CA GLU A 526 61.06 21.91 -102.88
C GLU A 526 62.36 21.17 -103.16
N ARG A 527 62.57 20.03 -102.50
CA ARG A 527 63.79 19.28 -102.69
C ARG A 527 63.48 17.79 -102.79
N ALA A 528 64.35 17.06 -103.48
CA ALA A 528 64.17 15.63 -103.61
C ALA A 528 64.33 14.94 -102.26
N THR A 529 64.97 15.62 -101.31
CA THR A 529 65.18 15.09 -99.96
C THR A 529 63.89 14.68 -99.29
N PRO A 553 63.09 11.60 -100.37
CA PRO A 553 62.25 11.67 -99.16
C PRO A 553 62.46 10.50 -98.20
N PRO A 554 63.42 10.63 -97.27
CA PRO A 554 63.69 9.54 -96.31
C PRO A 554 62.49 9.25 -95.42
N ARG A 555 61.74 10.30 -95.10
CA ARG A 555 60.56 10.15 -94.25
C ARG A 555 59.44 9.36 -94.94
N ALA A 556 59.32 9.54 -96.25
CA ALA A 556 58.33 8.82 -97.06
C ALA A 556 58.62 7.33 -97.19
N VAL A 557 59.87 7.00 -97.47
CA VAL A 557 60.25 5.60 -97.73
C VAL A 557 60.02 4.75 -96.49
N SER A 558 60.39 5.31 -95.33
CA SER A 558 60.31 4.62 -94.04
C SER A 558 58.99 3.86 -93.91
N LEU A 559 57.97 4.41 -94.56
CA LEU A 559 56.65 3.80 -94.65
C LEU A 559 56.65 2.53 -95.51
N PHE A 560 57.40 2.57 -96.62
CA PHE A 560 57.43 1.46 -97.57
C PHE A 560 58.45 0.40 -97.19
N PHE A 561 59.29 0.71 -96.21
CA PHE A 561 60.05 -0.34 -95.52
C PHE A 561 59.14 -1.21 -94.66
N ASN A 562 58.02 -0.68 -94.23
CA ASN A 562 57.13 -1.41 -93.35
C ASN A 562 56.08 -2.24 -94.08
N TRP A 563 55.93 -2.01 -95.37
CA TRP A 563 54.91 -2.72 -96.12
C TRP A 563 55.42 -3.71 -97.18
N LYS A 564 54.66 -4.79 -97.37
CA LYS A 564 54.98 -5.86 -98.32
C LYS A 564 54.82 -5.48 -99.79
N GLN A 565 55.79 -5.88 -100.61
CA GLN A 565 55.71 -5.75 -102.06
C GLN A 565 54.62 -6.68 -102.63
N GLU A 566 54.05 -6.36 -103.80
CA GLU A 566 54.14 -5.04 -104.44
C GLU A 566 52.81 -4.30 -104.60
N PHE A 567 52.84 -2.99 -104.34
CA PHE A 567 51.68 -2.14 -104.55
C PHE A 567 51.33 -2.24 -106.03
N LYS A 568 50.06 -2.18 -106.37
CA LYS A 568 49.73 -2.23 -107.79
C LYS A 568 50.24 -0.99 -108.54
N THR A 569 49.56 0.14 -108.32
CA THR A 569 50.00 1.43 -108.86
C THR A 569 50.37 2.47 -107.78
N LEU A 570 51.57 3.01 -107.88
CA LEU A 570 52.16 4.04 -106.99
C LEU A 570 52.41 5.41 -107.66
N GLU A 571 51.70 6.47 -107.29
CA GLU A 571 51.92 7.67 -108.10
C GLU A 571 52.44 8.91 -107.35
N VAL A 572 53.39 9.52 -108.06
CA VAL A 572 54.12 10.75 -107.70
C VAL A 572 54.10 12.00 -108.63
N THR A 573 53.73 13.11 -108.02
CA THR A 573 53.57 14.48 -108.54
C THR A 573 54.71 15.41 -108.05
N LEU A 574 55.47 16.02 -108.96
CA LEU A 574 56.68 16.75 -108.57
C LEU A 574 56.29 18.21 -108.77
N ARG A 575 56.42 18.98 -107.69
CA ARG A 575 56.23 20.45 -107.68
C ARG A 575 57.38 21.35 -107.21
N ASP A 576 57.47 22.53 -107.83
CA ASP A 576 58.45 23.58 -107.52
C ASP A 576 59.76 23.07 -106.97
N ILE A 577 60.45 22.27 -107.77
CA ILE A 577 61.75 21.77 -107.38
C ILE A 577 62.82 22.57 -108.10
N ASN A 578 63.82 23.01 -107.34
CA ASN A 578 64.95 23.75 -107.88
C ASN A 578 66.20 23.10 -107.29
N LYS A 579 65.96 21.95 -106.66
CA LYS A 579 66.97 21.13 -106.02
C LYS A 579 66.69 19.68 -106.34
N LEU A 580 67.09 19.23 -107.52
CA LEU A 580 66.87 17.84 -107.89
C LEU A 580 68.06 17.02 -107.46
N ASN A 581 68.25 16.88 -106.15
CA ASN A 581 69.39 16.12 -105.65
C ASN A 581 69.23 14.72 -106.16
N LYS A 582 70.07 14.41 -107.15
CA LYS A 582 70.06 13.14 -107.85
C LYS A 582 70.31 11.97 -106.87
N GLN A 583 70.76 12.34 -105.67
CA GLN A 583 70.89 11.44 -104.52
C GLN A 583 69.56 11.03 -103.87
N ASP A 584 68.58 11.94 -103.87
CA ASP A 584 67.33 11.73 -103.14
C ASP A 584 66.22 11.20 -104.06
N ILE A 585 66.60 11.08 -105.32
CA ILE A 585 65.83 10.55 -106.45
C ILE A 585 65.61 9.10 -106.04
N LYS A 586 66.69 8.54 -105.52
CA LYS A 586 66.82 7.17 -105.07
C LYS A 586 65.81 6.87 -103.97
N TYR A 587 65.56 7.80 -103.05
CA TYR A 587 64.62 7.55 -101.97
C TYR A 587 63.27 7.34 -102.68
N LEU A 588 63.03 8.16 -103.69
CA LEU A 588 61.85 8.02 -104.52
C LEU A 588 61.92 6.64 -105.17
N GLY A 589 63.13 6.18 -105.47
CA GLY A 589 63.34 4.84 -106.02
C GLY A 589 62.83 3.79 -105.05
N LYS A 590 63.12 3.94 -103.77
CA LYS A 590 62.68 3.00 -102.73
C LYS A 590 61.15 3.00 -102.74
N ILE A 591 60.56 4.18 -102.88
CA ILE A 591 59.10 4.29 -102.94
C ILE A 591 58.61 3.58 -104.20
N PHE A 592 59.34 3.77 -105.29
CA PHE A 592 58.99 3.18 -106.57
C PHE A 592 59.07 1.67 -106.64
N SER A 593 59.95 1.04 -105.86
CA SER A 593 60.05 -0.41 -105.96
C SER A 593 58.88 -1.11 -105.30
N SER A 594 58.07 -0.34 -104.55
CA SER A 594 56.92 -0.91 -103.88
C SER A 594 55.82 -1.28 -104.86
N ALA A 595 55.81 -0.61 -106.01
CA ALA A 595 54.75 -0.79 -106.99
C ALA A 595 55.06 -1.48 -108.30
N THR A 596 54.08 -2.23 -108.80
CA THR A 596 54.16 -2.82 -110.12
C THR A 596 54.12 -1.68 -111.14
N ASN A 597 53.29 -0.67 -110.86
CA ASN A 597 53.14 0.50 -111.74
C ASN A 597 53.42 1.82 -111.01
N LEU A 598 54.24 2.65 -111.64
CA LEU A 598 54.57 4.01 -111.22
C LEU A 598 54.17 5.19 -112.11
N ARG A 599 53.47 6.19 -111.59
CA ARG A 599 52.96 7.22 -112.51
C ARG A 599 53.59 8.53 -112.00
N LEU A 600 54.25 9.27 -112.91
CA LEU A 600 54.83 10.61 -112.65
C LEU A 600 54.49 11.88 -113.43
N HIS A 601 54.09 12.94 -112.72
CA HIS A 601 53.81 14.25 -113.35
C HIS A 601 54.85 15.27 -112.86
N ILE A 602 55.68 15.82 -113.75
CA ILE A 602 56.77 16.65 -113.32
C ILE A 602 56.46 18.06 -113.78
N LYS A 603 56.21 18.87 -112.73
CA LYS A 603 55.57 20.18 -112.79
C LYS A 603 56.30 21.27 -112.03
N ARG A 604 56.82 22.24 -112.77
CA ARG A 604 57.58 23.37 -112.22
C ARG A 604 58.91 22.94 -111.63
N CYS A 605 59.45 21.84 -112.14
CA CYS A 605 60.71 21.33 -111.62
C CYS A 605 61.86 21.83 -112.47
N ALA A 606 62.26 23.08 -112.24
CA ALA A 606 63.30 23.72 -113.03
C ALA A 606 64.66 23.03 -112.86
N ALA A 607 64.79 22.21 -111.81
CA ALA A 607 66.00 21.42 -111.60
C ALA A 607 65.98 20.10 -112.38
N MET A 608 64.83 19.82 -113.00
CA MET A 608 64.60 18.62 -113.80
C MET A 608 64.84 18.85 -115.30
N ALA A 609 65.94 18.33 -115.83
CA ALA A 609 66.23 18.48 -117.25
C ALA A 609 66.44 17.09 -117.88
N GLY A 610 67.66 16.76 -118.27
CA GLY A 610 67.92 15.43 -118.82
C GLY A 610 67.90 14.45 -117.65
N ARG A 611 67.78 15.04 -116.47
CA ARG A 611 67.96 14.37 -115.20
C ARG A 611 66.79 13.44 -114.91
N LEU A 612 65.78 13.48 -115.79
CA LEU A 612 64.67 12.53 -115.73
C LEU A 612 65.24 11.11 -115.84
N SER A 613 66.41 11.01 -116.46
CA SER A 613 67.15 9.74 -116.54
C SER A 613 67.25 9.06 -115.16
N SER A 614 67.49 9.86 -114.13
CA SER A 614 67.71 9.39 -112.76
C SER A 614 66.38 8.87 -112.26
N VAL A 615 65.33 9.58 -112.64
CA VAL A 615 63.96 9.26 -112.30
C VAL A 615 63.62 7.91 -112.90
N LEU A 616 64.13 7.61 -114.10
CA LEU A 616 63.74 6.38 -114.79
C LEU A 616 64.60 5.19 -114.40
N ARG A 617 65.91 5.37 -114.33
CA ARG A 617 66.82 4.26 -114.02
C ARG A 617 66.33 3.50 -112.78
N THR A 618 65.68 4.23 -111.88
CA THR A 618 65.21 3.68 -110.60
C THR A 618 63.79 3.13 -110.72
N CYS A 619 63.12 3.47 -111.81
CA CYS A 619 61.77 2.98 -112.07
C CYS A 619 61.73 1.53 -112.51
N LYS A 620 60.96 0.72 -111.80
CA LYS A 620 60.68 -0.64 -112.24
C LYS A 620 59.91 -0.57 -113.54
N ASN A 621 59.01 0.40 -113.59
CA ASN A 621 58.04 0.50 -114.68
C ASN A 621 57.39 1.87 -114.70
N MET A 622 57.77 2.68 -115.67
CA MET A 622 57.17 4.01 -115.87
C MET A 622 55.82 3.84 -116.52
N HIS A 623 54.79 3.58 -115.72
CA HIS A 623 53.49 3.16 -116.25
C HIS A 623 52.77 4.30 -116.99
N THR A 624 53.01 5.54 -116.57
CA THR A 624 52.38 6.71 -117.20
C THR A 624 53.24 7.98 -117.04
N LEU A 625 53.52 8.69 -118.15
CA LEU A 625 54.27 9.95 -118.01
C LEU A 625 53.61 11.21 -118.62
N MET A 626 53.42 12.21 -117.77
CA MET A 626 52.91 13.55 -118.11
C MET A 626 53.86 14.70 -117.72
N VAL A 627 54.18 15.62 -118.64
CA VAL A 627 55.21 16.63 -118.32
C VAL A 627 54.72 18.04 -118.73
N GLU A 628 54.64 18.92 -117.72
CA GLU A 628 54.22 20.31 -117.92
C GLU A 628 54.91 21.32 -117.00
N ALA A 629 55.17 22.52 -117.53
CA ALA A 629 55.78 23.63 -116.81
C ALA A 629 57.17 23.28 -116.28
N SER A 630 57.86 22.40 -116.98
CA SER A 630 59.20 21.99 -116.58
C SER A 630 60.10 21.89 -117.82
N PRO A 631 61.43 21.89 -117.61
CA PRO A 631 62.39 21.81 -118.73
C PRO A 631 62.27 20.52 -119.54
N LEU A 632 62.17 20.67 -120.87
CA LEU A 632 61.86 19.56 -121.76
C LEU A 632 62.57 19.55 -123.10
N THR A 633 63.26 18.46 -123.44
CA THR A 633 63.88 18.49 -124.76
C THR A 633 63.19 17.33 -125.48
N THR A 634 63.40 17.18 -126.78
CA THR A 634 62.75 16.11 -127.55
C THR A 634 63.26 14.70 -127.26
N ASP A 635 64.51 14.62 -126.85
CA ASP A 635 65.20 13.39 -126.48
C ASP A 635 64.58 12.63 -125.33
N ASP A 636 63.95 13.33 -124.39
CA ASP A 636 63.34 12.64 -123.25
C ASP A 636 62.25 11.66 -123.74
N GLU A 637 61.92 11.73 -125.04
CA GLU A 637 60.93 10.87 -125.71
C GLU A 637 61.30 9.40 -125.54
N GLN A 638 62.59 9.15 -125.66
CA GLN A 638 63.21 7.84 -125.53
C GLN A 638 62.93 7.22 -124.17
N TYR A 639 62.93 8.00 -123.09
CA TYR A 639 62.63 7.40 -121.78
C TYR A 639 61.21 6.85 -121.84
N ILE A 640 60.35 7.57 -122.54
CA ILE A 640 58.95 7.19 -122.71
C ILE A 640 58.94 5.83 -123.42
N THR A 641 59.80 5.70 -124.43
CA THR A 641 59.94 4.48 -125.22
C THR A 641 60.70 3.33 -124.56
N SER A 642 61.44 3.60 -123.49
CA SER A 642 62.17 2.51 -122.85
C SER A 642 61.18 1.58 -122.17
N VAL A 643 60.08 2.15 -121.69
CA VAL A 643 59.04 1.41 -121.02
C VAL A 643 57.89 0.90 -121.89
N THR A 644 57.81 -0.41 -122.07
CA THR A 644 56.89 -1.05 -123.01
C THR A 644 55.56 -1.21 -122.25
N GLY A 645 55.66 -1.04 -120.94
CA GLY A 645 54.58 -1.19 -119.98
C GLY A 645 53.60 -0.02 -119.93
N LEU A 646 53.83 0.98 -120.78
CA LEU A 646 53.07 2.23 -120.78
C LEU A 646 51.61 2.09 -121.20
N GLN A 647 50.72 2.45 -120.28
CA GLN A 647 49.28 2.47 -120.52
C GLN A 647 48.76 3.85 -120.97
N ASN A 648 49.21 4.91 -120.28
CA ASN A 648 48.74 6.27 -120.52
C ASN A 648 49.86 7.26 -120.85
N LEU A 649 49.79 7.96 -121.98
CA LEU A 649 50.82 8.97 -122.25
C LEU A 649 50.38 10.35 -122.79
N SER A 650 50.65 11.40 -122.01
CA SER A 650 50.41 12.79 -122.40
C SER A 650 51.66 13.66 -122.25
N ILE A 651 51.83 14.62 -123.15
CA ILE A 651 52.70 15.77 -122.89
C ILE A 651 52.04 16.99 -123.52
N HIS A 652 51.70 17.98 -122.70
CA HIS A 652 50.88 19.10 -123.18
C HIS A 652 51.64 20.41 -123.25
N ARG A 653 52.96 20.37 -123.18
CA ARG A 653 53.75 21.60 -123.32
C ARG A 653 54.94 21.52 -124.28
N LEU A 654 54.92 20.58 -125.24
CA LEU A 654 55.86 20.61 -126.37
C LEU A 654 55.85 21.98 -127.04
N HIS A 655 54.74 22.27 -127.71
CA HIS A 655 54.47 23.50 -128.43
C HIS A 655 55.33 23.52 -129.72
N THR A 656 56.09 22.44 -129.90
CA THR A 656 56.97 22.18 -131.05
C THR A 656 56.65 20.90 -131.83
N GLN A 657 56.67 20.98 -133.16
CA GLN A 657 56.35 19.81 -133.99
C GLN A 657 57.36 18.71 -133.70
N GLN A 658 56.87 17.46 -133.72
CA GLN A 658 57.67 16.30 -133.37
C GLN A 658 58.43 15.87 -134.62
N LEU A 659 59.72 15.64 -134.44
CA LEU A 659 60.62 15.21 -135.51
C LEU A 659 60.24 13.96 -136.30
N PRO A 660 61.00 13.69 -137.39
CA PRO A 660 60.92 12.48 -138.23
C PRO A 660 61.08 11.17 -137.45
N GLY A 661 62.06 11.14 -136.56
CA GLY A 661 62.31 9.96 -135.76
C GLY A 661 61.63 10.03 -134.41
N GLY A 662 60.59 10.84 -134.35
CA GLY A 662 59.90 11.19 -133.11
C GLY A 662 59.31 10.02 -132.35
N LEU A 663 58.67 10.32 -131.24
CA LEU A 663 58.11 9.29 -130.35
C LEU A 663 56.90 8.63 -130.99
N ILE A 664 56.28 9.36 -131.93
CA ILE A 664 55.11 8.89 -132.65
C ILE A 664 55.26 7.54 -133.36
N ASP A 665 56.49 7.13 -133.67
CA ASP A 665 56.68 5.84 -134.33
C ASP A 665 57.34 4.82 -133.39
N SER A 666 57.23 5.09 -132.09
CA SER A 666 57.64 4.11 -131.09
C SER A 666 56.40 3.59 -130.38
N LEU A 667 55.24 3.88 -130.96
CA LEU A 667 54.00 3.24 -130.55
C LEU A 667 54.10 1.74 -130.79
N GLY A 668 55.10 1.34 -131.57
CA GLY A 668 55.22 -0.04 -131.99
C GLY A 668 55.79 -0.76 -130.78
N ASN A 669 56.23 0.05 -129.81
CA ASN A 669 56.83 -0.46 -128.59
C ASN A 669 55.80 -0.28 -127.50
N LEU A 670 55.00 0.78 -127.56
CA LEU A 670 54.05 0.84 -126.48
C LEU A 670 52.82 0.17 -127.07
N LYS A 671 52.64 -1.11 -126.76
CA LYS A 671 51.52 -1.86 -127.29
C LYS A 671 50.41 -1.84 -126.28
N ASN A 672 50.81 -1.47 -125.07
CA ASN A 672 49.90 -1.54 -123.95
C ASN A 672 49.23 -0.22 -123.69
N LEU A 673 49.48 0.76 -124.54
CA LEU A 673 48.95 2.08 -124.28
C LEU A 673 47.48 1.92 -124.51
N GLU A 674 46.65 2.08 -123.48
CA GLU A 674 45.23 2.00 -123.74
C GLU A 674 44.68 3.40 -123.86
N ARG A 675 45.47 4.38 -123.42
CA ARG A 675 45.07 5.78 -123.48
C ARG A 675 46.17 6.77 -123.84
N LEU A 676 45.86 7.59 -124.85
CA LEU A 676 46.75 8.64 -125.32
C LEU A 676 45.96 9.94 -125.41
N ILE A 677 46.50 10.97 -124.78
CA ILE A 677 45.91 12.31 -124.85
C ILE A 677 47.03 13.30 -125.18
N LEU A 678 46.90 13.93 -126.33
CA LEU A 678 47.86 14.92 -126.78
C LEU A 678 47.11 16.24 -126.89
N ASP A 679 47.51 17.21 -126.08
CA ASP A 679 46.80 18.47 -126.04
C ASP A 679 47.71 19.66 -126.28
N ASP A 680 47.22 20.44 -127.23
CA ASP A 680 47.79 21.67 -127.76
C ASP A 680 49.18 21.38 -128.28
N ILE A 681 49.32 20.30 -129.04
CA ILE A 681 50.61 20.01 -129.66
C ILE A 681 50.77 20.55 -131.07
N ARG A 682 51.88 21.23 -131.30
CA ARG A 682 52.30 21.68 -132.61
C ARG A 682 52.88 20.50 -133.39
N MET A 683 52.38 20.17 -134.58
CA MET A 683 52.89 18.97 -135.25
C MET A 683 52.88 19.07 -136.77
N ASN A 684 53.65 18.17 -137.37
CA ASN A 684 53.67 18.00 -138.81
C ASN A 684 52.71 16.92 -139.26
N GLU A 685 51.95 17.27 -140.28
CA GLU A 685 50.91 16.43 -140.85
C GLU A 685 51.52 15.09 -141.29
N GLU A 686 52.69 15.15 -141.91
CA GLU A 686 53.37 13.96 -142.37
C GLU A 686 53.77 13.13 -141.15
N ASP A 687 54.18 13.83 -140.08
CA ASP A 687 54.50 13.22 -138.79
C ASP A 687 53.24 12.55 -138.21
N ALA A 688 52.09 13.19 -138.44
CA ALA A 688 50.80 12.64 -138.01
C ALA A 688 50.59 11.32 -138.76
N LYS A 689 50.93 11.29 -140.03
CA LYS A 689 50.86 10.04 -140.83
C LYS A 689 51.78 8.97 -140.22
N ASN A 690 52.96 9.39 -139.79
CA ASN A 690 53.90 8.49 -139.13
C ASN A 690 53.26 7.95 -137.82
N LEU A 691 52.53 8.83 -137.15
CA LEU A 691 51.75 8.57 -135.93
C LEU A 691 50.71 7.50 -136.25
N ALA A 692 50.17 7.63 -137.45
CA ALA A 692 49.18 6.74 -138.07
C ALA A 692 49.78 5.34 -138.17
N GLU A 693 51.03 5.25 -138.60
CA GLU A 693 51.75 3.96 -138.74
C GLU A 693 51.78 3.25 -137.38
N GLY A 694 51.83 4.03 -136.31
CA GLY A 694 51.86 3.60 -134.93
C GLY A 694 50.57 2.92 -134.46
N LEU A 695 49.42 3.39 -134.92
CA LEU A 695 48.12 2.85 -134.50
C LEU A 695 47.86 1.37 -134.79
N ARG A 696 48.56 0.75 -135.73
CA ARG A 696 48.35 -0.69 -135.95
C ARG A 696 48.71 -1.44 -134.68
N SER A 697 49.67 -0.91 -133.93
CA SER A 697 50.15 -1.62 -132.75
C SER A 697 49.28 -1.16 -131.58
N LEU A 698 48.45 -0.15 -131.86
CA LEU A 698 47.55 0.42 -130.86
C LEU A 698 46.14 -0.15 -130.92
N LYS A 699 46.04 -1.47 -130.96
CA LYS A 699 44.77 -2.17 -131.13
C LYS A 699 44.33 -2.55 -129.73
N LYS A 700 45.23 -2.34 -128.79
CA LYS A 700 45.02 -2.72 -127.41
C LYS A 700 44.57 -1.47 -126.65
N MET A 701 44.52 -0.38 -127.40
CA MET A 701 44.18 0.96 -126.90
C MET A 701 42.68 1.16 -126.79
N ARG A 702 42.21 1.71 -125.67
CA ARG A 702 40.79 1.98 -125.47
C ARG A 702 40.42 3.43 -125.76
N LEU A 703 41.45 4.27 -125.88
CA LEU A 703 41.25 5.71 -125.98
C LEU A 703 42.29 6.43 -126.82
N LEU A 704 41.82 7.24 -127.76
CA LEU A 704 42.75 8.08 -128.50
C LEU A 704 42.08 9.44 -128.62
N HIS A 705 42.76 10.46 -128.09
CA HIS A 705 42.36 11.85 -128.23
C HIS A 705 43.44 12.72 -128.81
N LEU A 706 43.20 13.31 -129.97
CA LEU A 706 44.14 14.31 -130.45
C LEU A 706 43.41 15.66 -130.62
N THR A 707 43.75 16.62 -129.76
CA THR A 707 43.02 17.88 -129.63
C THR A 707 43.96 19.07 -129.64
N HIS A 708 43.48 20.19 -130.20
CA HIS A 708 44.20 21.46 -130.19
C HIS A 708 45.54 21.32 -130.90
N LEU A 709 45.54 20.45 -131.91
CA LEU A 709 46.68 20.21 -132.78
C LEU A 709 46.67 21.22 -133.91
N SER A 710 47.73 22.03 -133.99
CA SER A 710 47.83 23.08 -135.00
C SER A 710 48.85 22.63 -136.01
N ASP A 711 48.75 23.07 -137.27
CA ASP A 711 49.80 22.68 -138.22
C ASP A 711 49.61 21.21 -138.56
N ILE A 712 48.48 20.65 -138.14
CA ILE A 712 48.20 19.25 -138.38
C ILE A 712 47.70 19.04 -139.80
N GLY A 713 47.13 20.06 -140.43
CA GLY A 713 46.60 19.89 -141.77
C GLY A 713 45.85 18.61 -142.02
N GLU A 714 46.13 17.99 -143.17
CA GLU A 714 45.47 16.73 -143.51
C GLU A 714 46.13 15.55 -142.81
N GLY A 715 47.01 15.82 -141.85
CA GLY A 715 47.73 14.75 -141.20
C GLY A 715 46.69 13.98 -140.41
N MET A 716 45.67 14.71 -139.98
CA MET A 716 44.62 14.12 -139.19
C MET A 716 43.75 13.19 -140.02
N ASP A 717 43.63 13.55 -141.30
CA ASP A 717 42.97 12.76 -142.33
C ASP A 717 43.64 11.40 -142.42
N TYR A 718 44.97 11.47 -142.36
CA TYR A 718 45.90 10.35 -142.43
C TYR A 718 45.75 9.48 -141.19
N ILE A 719 45.62 10.11 -140.03
CA ILE A 719 45.52 9.38 -138.76
C ILE A 719 44.22 8.59 -138.91
N VAL A 720 43.17 9.27 -139.36
CA VAL A 720 41.87 8.66 -139.60
C VAL A 720 42.03 7.51 -140.60
N LYS A 721 42.86 7.70 -141.62
CA LYS A 721 43.13 6.65 -142.60
C LYS A 721 43.65 5.42 -141.85
N SER A 722 44.59 5.63 -140.94
CA SER A 722 45.21 4.57 -140.12
C SER A 722 44.14 3.86 -139.28
N LEU A 723 43.13 4.65 -138.91
CA LEU A 723 41.98 4.19 -138.12
C LEU A 723 41.21 3.24 -139.02
N SER A 724 40.96 3.61 -140.28
CA SER A 724 40.00 2.86 -141.05
C SER A 724 40.72 1.81 -141.89
N GLU A 725 42.05 1.82 -141.76
CA GLU A 725 42.96 0.92 -142.44
C GLU A 725 42.63 -0.49 -141.99
N GLU A 726 42.41 -0.60 -140.68
CA GLU A 726 42.29 -1.85 -139.96
C GLU A 726 41.36 -1.68 -138.75
N SER A 727 40.79 -2.78 -138.28
CA SER A 727 39.97 -2.77 -137.07
C SER A 727 40.78 -2.34 -135.85
N CYS A 728 40.09 -1.87 -134.82
CA CYS A 728 40.72 -1.51 -133.55
C CYS A 728 39.82 -1.93 -132.39
N ASP A 729 40.37 -2.01 -131.19
CA ASP A 729 39.57 -2.30 -130.01
C ASP A 729 39.21 -1.00 -129.29
N LEU A 730 39.52 0.12 -129.94
CA LEU A 730 39.30 1.44 -129.36
C LEU A 730 37.87 1.63 -128.88
N GLN A 731 37.74 2.26 -127.73
CA GLN A 731 36.45 2.54 -127.14
C GLN A 731 36.16 4.04 -127.23
N GLU A 732 37.22 4.83 -127.45
CA GLU A 732 37.13 6.30 -127.49
C GLU A 732 38.08 6.91 -128.55
N MET A 733 37.52 7.73 -129.43
CA MET A 733 38.28 8.53 -130.43
C MET A 733 37.77 9.99 -130.44
N LYS A 734 38.64 10.92 -130.04
CA LYS A 734 38.41 12.39 -130.07
C LYS A 734 39.23 13.14 -131.15
N LEU A 735 38.49 13.65 -132.14
CA LEU A 735 39.05 14.48 -133.21
C LEU A 735 38.75 16.00 -133.18
N VAL A 736 38.52 16.54 -131.97
CA VAL A 736 38.12 17.94 -131.74
C VAL A 736 39.27 18.98 -131.82
N ALA A 737 39.06 20.09 -132.52
CA ALA A 737 39.99 21.24 -132.54
C ALA A 737 41.31 20.86 -133.21
N CYS A 738 41.15 20.05 -134.25
CA CYS A 738 42.14 19.70 -135.23
C CYS A 738 41.50 19.96 -136.58
N CYS A 739 42.26 19.94 -137.68
CA CYS A 739 41.63 20.30 -138.94
C CYS A 739 41.03 19.07 -139.61
N LEU A 740 39.70 19.06 -139.52
CA LEU A 740 38.82 18.01 -140.03
C LEU A 740 38.12 18.29 -141.36
N THR A 741 38.07 17.27 -142.21
CA THR A 741 37.43 17.40 -143.52
C THR A 741 36.18 16.50 -143.58
N ALA A 742 35.22 16.81 -144.44
CA ALA A 742 34.03 15.96 -144.58
C ALA A 742 34.45 14.59 -145.11
N ASN A 743 35.55 14.63 -145.85
CA ASN A 743 36.24 13.46 -146.40
C ASN A 743 36.77 12.54 -145.32
N SER A 744 37.34 13.12 -144.27
CA SER A 744 37.90 12.35 -143.16
C SER A 744 36.76 11.62 -142.45
N VAL A 745 35.60 12.27 -142.39
CA VAL A 745 34.41 11.67 -141.80
C VAL A 745 33.94 10.53 -142.70
N LYS A 746 34.09 10.71 -144.01
CA LYS A 746 33.75 9.68 -144.99
C LYS A 746 34.66 8.45 -144.78
N VAL A 747 35.95 8.72 -144.59
CA VAL A 747 36.95 7.70 -144.31
C VAL A 747 36.57 6.96 -143.01
N LEU A 748 36.13 7.72 -142.01
CA LEU A 748 35.69 7.20 -140.70
C LEU A 748 34.52 6.25 -140.91
N ALA A 749 33.67 6.64 -141.85
CA ALA A 749 32.47 5.96 -142.28
C ALA A 749 32.79 4.60 -142.91
N GLN A 750 33.80 4.56 -143.78
CA GLN A 750 34.09 3.34 -144.52
C GLN A 750 34.44 2.15 -143.60
N ASN A 751 35.23 2.38 -142.55
CA ASN A 751 35.64 1.31 -141.64
C ASN A 751 34.81 1.27 -140.36
N LEU A 752 33.79 2.11 -140.27
CA LEU A 752 33.04 2.25 -139.03
C LEU A 752 32.47 0.94 -138.48
N HIS A 753 32.20 -0.06 -139.32
CA HIS A 753 31.68 -1.25 -138.70
C HIS A 753 32.75 -1.93 -137.82
N ASN A 754 34.02 -1.66 -138.10
CA ASN A 754 35.12 -2.14 -137.27
C ASN A 754 35.30 -1.22 -136.06
N LEU A 755 34.83 0.02 -136.22
CA LEU A 755 34.90 1.06 -135.20
C LEU A 755 33.69 0.98 -134.30
N ILE A 756 32.94 -0.11 -134.45
CA ILE A 756 31.78 -0.40 -133.63
C ILE A 756 32.21 -0.60 -132.17
N LYS A 757 33.48 -0.92 -132.01
CA LYS A 757 34.09 -1.18 -130.73
C LYS A 757 34.03 0.09 -129.87
N LEU A 758 34.02 1.23 -130.55
CA LEU A 758 33.96 2.54 -129.91
C LEU A 758 32.65 2.83 -129.22
N SER A 759 32.76 3.29 -127.97
CA SER A 759 31.64 3.96 -127.33
C SER A 759 31.79 5.43 -127.71
N ILE A 760 32.99 5.80 -128.12
CA ILE A 760 33.27 7.18 -128.50
C ILE A 760 34.12 7.43 -129.75
N LEU A 761 33.49 8.12 -130.70
CA LEU A 761 34.07 8.60 -131.95
C LEU A 761 33.65 10.05 -131.73
N ASP A 762 34.61 10.95 -131.49
CA ASP A 762 34.28 12.37 -131.36
C ASP A 762 34.83 13.37 -132.37
N ILE A 763 33.95 13.79 -133.27
CA ILE A 763 34.26 14.88 -134.18
C ILE A 763 33.59 16.23 -133.81
N SER A 764 32.91 16.31 -132.66
CA SER A 764 32.06 17.49 -132.40
C SER A 764 32.89 18.78 -132.24
N GLU A 765 32.21 19.93 -132.28
CA GLU A 765 32.89 21.23 -132.18
C GLU A 765 33.79 21.41 -133.39
N ASN A 766 33.40 20.77 -134.48
CA ASN A 766 34.13 20.85 -135.72
C ASN A 766 33.38 21.28 -136.96
N TYR A 767 34.07 22.12 -137.69
CA TYR A 767 33.65 22.62 -138.97
C TYR A 767 34.39 21.71 -139.90
N LEU A 768 33.66 21.18 -140.87
CA LEU A 768 34.23 20.31 -141.88
C LEU A 768 34.37 21.32 -142.98
N GLU A 769 35.11 21.02 -144.04
CA GLU A 769 35.41 22.11 -144.94
C GLU A 769 34.14 22.51 -145.68
N LYS A 770 33.71 21.66 -146.60
CA LYS A 770 32.53 21.85 -147.43
C LYS A 770 31.38 20.89 -147.17
N ASP A 771 30.12 21.30 -147.36
CA ASP A 771 29.03 20.37 -147.06
C ASP A 771 29.03 19.60 -145.74
N GLY A 772 29.47 20.24 -144.67
CA GLY A 772 29.67 19.65 -143.36
C GLY A 772 28.36 19.06 -142.87
N ASN A 773 27.27 19.79 -142.98
CA ASN A 773 25.99 19.27 -142.52
C ASN A 773 25.58 18.04 -143.34
N GLU A 774 25.96 17.97 -144.62
CA GLU A 774 25.68 16.79 -145.46
C GLU A 774 26.34 15.48 -144.96
N ALA A 775 27.15 15.60 -143.90
CA ALA A 775 27.90 14.52 -143.23
C ALA A 775 26.85 13.57 -142.65
N LEU A 776 25.78 14.17 -142.19
CA LEU A 776 24.65 13.54 -141.55
C LEU A 776 24.02 12.51 -142.49
N GLN A 777 23.94 12.76 -143.80
CA GLN A 777 23.35 11.70 -144.62
C GLN A 777 24.18 10.42 -144.56
N GLU A 778 25.50 10.57 -144.48
CA GLU A 778 26.41 9.43 -144.31
C GLU A 778 26.12 8.69 -143.01
N LEU A 779 25.78 9.49 -142.00
CA LEU A 779 25.43 9.00 -140.68
C LEU A 779 24.14 8.20 -140.75
N ILE A 780 23.13 8.65 -141.50
CA ILE A 780 21.88 7.88 -141.48
C ILE A 780 22.22 6.45 -141.93
N GLY A 781 23.15 6.32 -142.88
CA GLY A 781 23.54 5.00 -143.35
C GLY A 781 24.25 4.17 -142.29
N ARG A 782 24.92 4.87 -141.38
CA ARG A 782 25.75 4.28 -140.33
C ARG A 782 25.10 4.10 -138.95
N LEU A 783 23.82 4.39 -138.79
CA LEU A 783 23.17 4.25 -137.48
C LEU A 783 23.12 2.85 -136.86
N GLY A 784 23.22 1.81 -137.68
CA GLY A 784 23.22 0.45 -137.18
C GLY A 784 24.41 0.21 -136.28
N VAL A 785 25.48 0.94 -136.55
CA VAL A 785 26.68 0.87 -135.73
C VAL A 785 26.87 2.14 -134.90
N LEU A 786 26.19 3.22 -135.28
CA LEU A 786 26.21 4.46 -134.48
C LEU A 786 25.41 4.31 -133.20
N GLY A 787 24.52 3.33 -133.15
CA GLY A 787 23.82 3.02 -131.93
C GLY A 787 24.75 2.54 -130.82
N GLU A 788 25.91 2.00 -131.21
CA GLU A 788 26.91 1.48 -130.27
C GLU A 788 27.73 2.55 -129.57
N LEU A 789 27.69 3.78 -130.07
CA LEU A 789 28.29 4.89 -129.36
C LEU A 789 27.45 5.19 -128.13
N THR A 790 28.10 5.63 -127.05
CA THR A 790 27.38 5.91 -125.83
C THR A 790 26.83 7.32 -125.84
N THR A 791 27.21 8.11 -126.85
CA THR A 791 26.81 9.51 -126.91
C THR A 791 26.70 10.08 -128.33
N LEU A 792 26.04 11.22 -128.44
CA LEU A 792 25.86 11.92 -129.70
C LEU A 792 26.89 12.99 -130.06
N MET A 793 27.62 12.80 -131.16
CA MET A 793 28.55 13.84 -131.59
C MET A 793 28.20 14.24 -133.01
N LEU A 794 27.86 15.52 -133.21
CA LEU A 794 27.31 15.87 -134.50
C LEU A 794 28.35 16.65 -135.30
N PRO A 795 28.31 16.56 -136.64
CA PRO A 795 29.22 17.44 -137.38
C PRO A 795 28.52 18.78 -137.59
N TRP A 796 29.21 19.93 -137.56
CA TRP A 796 28.47 21.17 -137.73
C TRP A 796 29.17 21.97 -138.80
N CYS A 797 28.46 22.94 -139.35
CA CYS A 797 29.05 23.81 -140.35
C CYS A 797 28.17 25.04 -140.41
N TRP A 798 28.44 25.93 -141.35
CA TRP A 798 27.56 27.07 -141.55
C TRP A 798 26.25 26.58 -142.18
N ASP A 799 25.14 26.95 -141.54
CA ASP A 799 23.78 26.59 -141.99
C ASP A 799 23.47 25.10 -141.78
N VAL A 800 24.19 24.51 -140.82
CA VAL A 800 24.11 23.11 -140.45
C VAL A 800 22.68 22.68 -140.07
N HIS A 801 21.93 23.60 -139.49
CA HIS A 801 20.58 23.34 -138.95
C HIS A 801 19.57 22.90 -140.01
N THR A 802 19.82 23.29 -141.25
CA THR A 802 19.02 22.93 -142.42
C THR A 802 19.08 21.42 -142.66
N SER A 803 20.04 20.78 -141.99
CA SER A 803 20.30 19.35 -142.01
C SER A 803 19.49 18.56 -140.95
N LEU A 804 18.66 19.25 -140.17
CA LEU A 804 17.89 18.64 -139.09
C LEU A 804 16.86 17.55 -139.52
N PRO A 805 16.11 17.74 -140.61
CA PRO A 805 15.21 16.63 -141.00
C PRO A 805 16.03 15.37 -141.26
N LYS A 806 17.22 15.55 -141.81
CA LYS A 806 18.13 14.47 -142.18
C LYS A 806 18.51 13.76 -140.88
N LEU A 807 18.67 14.59 -139.86
CA LEU A 807 19.02 14.25 -138.49
C LEU A 807 17.87 13.47 -137.82
N LEU A 808 16.62 13.77 -138.18
CA LEU A 808 15.47 13.15 -137.53
C LEU A 808 15.39 11.61 -137.68
N LYS A 809 15.81 11.06 -138.81
CA LYS A 809 15.85 9.59 -138.94
C LYS A 809 16.84 9.06 -137.89
N GLN A 810 17.90 9.83 -137.67
CA GLN A 810 18.96 9.57 -136.71
C GLN A 810 18.50 9.64 -135.26
N LEU A 811 17.47 10.45 -134.97
CA LEU A 811 17.03 10.62 -133.59
C LEU A 811 16.13 9.52 -133.03
N GLU A 812 15.72 8.56 -133.87
CA GLU A 812 15.14 7.33 -133.32
C GLU A 812 16.26 6.59 -132.58
N GLY A 813 17.49 7.04 -132.84
CA GLY A 813 18.67 6.53 -132.20
C GLY A 813 19.00 7.24 -130.90
N THR A 814 18.12 8.13 -130.44
CA THR A 814 18.35 8.80 -129.16
C THR A 814 18.52 7.90 -127.93
N PRO A 815 18.10 6.62 -127.99
CA PRO A 815 18.32 5.92 -126.70
C PRO A 815 19.74 5.50 -126.24
N GLY A 816 20.78 5.32 -127.05
CA GLY A 816 21.99 4.85 -126.38
C GLY A 816 22.91 6.02 -126.13
N LEU A 817 22.26 7.18 -126.20
CA LEU A 817 22.80 8.53 -126.02
C LEU A 817 23.15 8.91 -124.57
N ALA A 818 24.38 9.27 -124.26
CA ALA A 818 24.64 9.58 -122.86
C ALA A 818 24.19 11.04 -122.75
N LYS A 819 24.56 11.85 -123.74
CA LYS A 819 24.22 13.28 -123.76
C LYS A 819 23.50 13.55 -125.09
N LEU A 820 22.73 14.63 -125.16
CA LEU A 820 22.09 15.01 -126.41
C LEU A 820 22.41 16.47 -126.74
N GLY A 821 22.82 16.71 -127.97
CA GLY A 821 22.86 18.07 -128.44
C GLY A 821 22.63 18.37 -129.91
N LEU A 822 22.34 19.64 -130.16
CA LEU A 822 22.46 20.22 -131.48
C LEU A 822 23.58 21.23 -131.36
N LYS A 823 24.72 20.79 -130.83
CA LYS A 823 25.82 21.71 -130.54
C LYS A 823 26.49 22.33 -131.77
N ASN A 824 26.83 23.59 -131.60
CA ASN A 824 27.26 24.53 -132.63
C ASN A 824 26.40 24.47 -133.89
N TRP A 825 25.16 23.99 -133.74
CA TRP A 825 24.18 24.07 -134.79
C TRP A 825 23.61 25.47 -134.84
N ARG A 826 23.67 26.16 -135.97
CA ARG A 826 23.23 27.54 -135.96
C ARG A 826 21.73 27.46 -136.30
N LEU A 827 20.96 26.99 -135.31
CA LEU A 827 19.49 26.76 -135.37
C LEU A 827 18.47 27.89 -135.30
N ARG A 828 17.36 27.69 -136.02
CA ARG A 828 16.25 28.65 -136.05
C ARG A 828 15.79 28.86 -134.62
N ASP A 829 15.41 30.09 -134.28
CA ASP A 829 15.01 30.35 -132.91
C ASP A 829 13.80 29.49 -132.50
N GLU A 830 12.90 29.25 -133.45
CA GLU A 830 11.71 28.40 -133.26
C GLU A 830 12.00 26.92 -133.04
N GLU A 831 12.93 26.43 -133.85
CA GLU A 831 13.44 25.06 -133.85
C GLU A 831 13.63 24.31 -132.52
N ILE A 832 14.04 25.03 -131.48
CA ILE A 832 14.28 24.37 -130.22
C ILE A 832 12.97 23.80 -129.67
N LYS A 833 11.84 24.49 -129.85
CA LYS A 833 10.58 23.85 -129.43
C LYS A 833 10.21 22.75 -130.44
N SER A 834 10.53 22.97 -131.71
CA SER A 834 10.27 22.01 -132.80
C SER A 834 10.90 20.63 -132.55
N LEU A 835 12.16 20.65 -132.14
CA LEU A 835 12.92 19.43 -131.81
C LEU A 835 12.24 18.82 -130.59
N GLY A 836 11.73 19.73 -129.78
CA GLY A 836 11.00 19.47 -128.55
C GLY A 836 9.75 18.69 -128.93
N GLU A 837 9.09 19.08 -130.00
CA GLU A 837 7.91 18.33 -130.40
C GLU A 837 8.26 16.88 -130.73
N PHE A 838 9.36 16.63 -131.43
CA PHE A 838 9.80 15.24 -131.70
C PHE A 838 9.99 14.57 -130.33
N LEU A 839 10.56 15.36 -129.43
CA LEU A 839 10.96 15.01 -128.06
C LEU A 839 9.70 14.68 -127.27
N GLU A 840 8.58 15.29 -127.63
CA GLU A 840 7.32 15.00 -126.97
C GLU A 840 7.00 13.60 -127.46
N MET A 841 7.11 13.39 -128.76
CA MET A 841 6.81 12.11 -129.39
C MET A 841 7.88 11.03 -129.06
N ASN A 842 8.83 11.37 -128.17
CA ASN A 842 9.95 10.49 -127.84
C ASN A 842 10.07 9.92 -126.41
N PRO A 843 9.83 8.61 -126.25
CA PRO A 843 9.58 7.97 -124.96
C PRO A 843 10.86 7.89 -124.11
N LEU A 844 12.01 8.18 -124.71
CA LEU A 844 13.29 8.23 -123.99
C LEU A 844 13.24 9.19 -122.81
N ARG A 845 13.98 8.86 -121.76
CA ARG A 845 13.96 9.61 -120.51
C ARG A 845 15.32 9.60 -119.81
N ASP A 846 15.45 10.42 -118.76
CA ASP A 846 16.67 10.45 -117.92
C ASP A 846 18.01 11.03 -118.38
N LEU A 847 18.13 11.67 -119.53
CA LEU A 847 19.48 11.89 -120.06
C LEU A 847 20.25 12.81 -119.11
N GLN A 848 21.58 12.76 -119.18
CA GLN A 848 22.41 13.49 -118.21
C GLN A 848 22.74 14.93 -118.52
N GLN A 849 22.97 15.23 -119.78
CA GLN A 849 23.27 16.61 -120.19
C GLN A 849 22.82 16.93 -121.59
N LEU A 850 22.40 18.17 -121.79
CA LEU A 850 21.86 18.55 -123.06
C LEU A 850 22.88 19.62 -123.24
N ASP A 851 23.63 19.42 -124.31
CA ASP A 851 24.69 20.32 -124.68
C ASP A 851 24.21 20.91 -125.96
N LEU A 852 23.81 22.16 -125.88
CA LEU A 852 23.59 22.90 -127.08
C LEU A 852 24.58 24.02 -127.10
N ALA A 853 25.61 23.85 -127.94
CA ALA A 853 26.63 24.86 -128.01
C ALA A 853 25.85 25.95 -128.72
N GLY A 854 26.29 27.19 -128.55
CA GLY A 854 25.54 28.31 -129.07
C GLY A 854 24.91 28.26 -130.43
N HIS A 855 23.58 28.18 -130.43
CA HIS A 855 22.81 28.17 -131.65
C HIS A 855 22.36 29.62 -131.76
N CYS A 856 21.79 30.00 -132.88
CA CYS A 856 21.08 31.28 -133.00
C CYS A 856 19.78 31.45 -132.20
N VAL A 857 19.46 30.56 -131.28
CA VAL A 857 18.21 30.77 -130.54
C VAL A 857 18.24 31.75 -129.36
N SER A 858 17.31 32.69 -129.47
CA SER A 858 16.97 33.77 -128.56
C SER A 858 16.20 33.30 -127.32
N SER A 859 16.18 34.18 -126.31
CA SER A 859 15.47 33.97 -125.05
C SER A 859 14.01 33.73 -125.36
N ASP A 860 13.49 34.45 -126.34
CA ASP A 860 12.11 34.27 -126.78
C ASP A 860 11.92 32.85 -127.33
N GLY A 861 12.92 32.34 -128.03
CA GLY A 861 12.96 30.99 -128.61
C GLY A 861 12.90 29.92 -127.54
N TRP A 862 13.70 30.21 -126.53
CA TRP A 862 13.82 29.43 -125.32
C TRP A 862 12.44 29.45 -124.65
N LEU A 863 11.72 30.57 -124.75
CA LEU A 863 10.38 30.70 -124.14
C LEU A 863 9.40 29.68 -124.71
N TYR A 864 9.51 29.47 -126.01
CA TYR A 864 8.75 28.43 -126.70
C TYR A 864 9.20 27.12 -126.09
N PHE A 865 10.52 27.00 -125.92
CA PHE A 865 11.11 25.74 -125.47
C PHE A 865 10.72 25.33 -124.05
N MET A 866 10.39 26.28 -123.19
CA MET A 866 10.06 25.95 -121.81
C MET A 866 8.86 25.01 -121.84
N ASN A 867 8.04 25.17 -122.87
CA ASN A 867 6.85 24.36 -123.06
C ASN A 867 7.20 22.89 -123.27
N VAL A 868 8.47 22.61 -123.50
CA VAL A 868 8.95 21.24 -123.63
C VAL A 868 9.91 20.85 -122.52
N PHE A 869 10.68 21.83 -122.05
CA PHE A 869 11.67 21.58 -121.00
C PHE A 869 11.13 21.10 -119.67
N GLU A 870 9.91 21.50 -119.33
CA GLU A 870 9.37 21.05 -118.06
C GLU A 870 9.24 19.53 -118.01
N ASN A 871 8.84 18.89 -119.11
CA ASN A 871 8.52 17.46 -119.01
C ASN A 871 9.79 16.59 -119.14
N LEU A 872 10.91 17.24 -119.46
CA LEU A 872 12.25 16.62 -119.48
C LEU A 872 12.94 16.86 -118.16
N LYS A 873 12.17 16.75 -117.08
CA LYS A 873 12.64 17.09 -115.75
C LYS A 873 13.63 16.06 -115.26
N GLN A 874 13.70 14.95 -115.99
CA GLN A 874 14.56 13.84 -115.67
C GLN A 874 16.00 14.16 -116.06
N LEU A 875 16.19 15.27 -116.77
CA LEU A 875 17.50 15.69 -117.23
C LEU A 875 18.46 16.10 -116.09
N VAL A 876 19.66 15.52 -116.09
CA VAL A 876 20.63 15.70 -115.00
C VAL A 876 21.40 17.04 -115.11
N PHE A 877 21.84 17.38 -116.32
CA PHE A 877 22.66 18.57 -116.57
C PHE A 877 22.22 19.20 -117.87
N PHE A 878 22.49 20.49 -118.01
CA PHE A 878 22.01 21.24 -119.15
C PHE A 878 22.81 22.53 -119.33
N ASP A 879 23.11 22.89 -120.57
CA ASP A 879 23.63 24.24 -120.75
C ASP A 879 22.97 24.77 -122.00
N PHE A 880 22.59 26.05 -121.93
CA PHE A 880 21.91 26.68 -123.04
C PHE A 880 22.79 27.85 -123.44
N SER A 881 23.44 27.70 -124.58
CA SER A 881 24.17 28.78 -125.22
C SER A 881 23.56 29.39 -126.48
N THR A 882 24.01 30.61 -126.77
CA THR A 882 23.53 31.44 -127.87
C THR A 882 24.67 32.42 -128.12
N GLU A 883 24.84 32.94 -129.33
CA GLU A 883 26.01 33.76 -129.58
C GLU A 883 25.78 35.25 -129.34
N GLU A 884 24.51 35.64 -129.16
CA GLU A 884 24.17 37.04 -128.89
C GLU A 884 22.82 37.20 -128.17
N PHE A 885 22.76 36.82 -126.90
CA PHE A 885 21.50 36.62 -126.19
C PHE A 885 20.69 37.90 -126.02
N LEU A 886 19.37 37.79 -126.02
CA LEU A 886 18.50 38.92 -125.73
C LEU A 886 18.67 39.30 -124.26
N PRO A 887 18.66 40.62 -123.96
CA PRO A 887 18.80 41.10 -122.57
C PRO A 887 17.72 40.71 -121.55
N ASP A 888 16.58 40.18 -122.00
CA ASP A 888 15.45 39.92 -121.10
C ASP A 888 15.55 38.71 -120.17
N ALA A 889 15.29 38.93 -118.89
CA ALA A 889 15.20 37.86 -117.90
C ALA A 889 13.78 37.28 -117.73
N ALA A 890 12.86 37.66 -118.61
CA ALA A 890 11.50 37.12 -118.65
C ALA A 890 11.55 35.60 -118.79
N LEU A 891 12.57 35.18 -119.53
CA LEU A 891 12.89 33.77 -119.70
C LEU A 891 13.25 33.08 -118.40
N VAL A 892 14.02 33.71 -117.53
CA VAL A 892 14.44 33.05 -116.30
C VAL A 892 13.16 32.85 -115.49
N ARG A 893 12.28 33.84 -115.54
CA ARG A 893 10.98 33.79 -114.86
C ARG A 893 10.18 32.54 -115.35
N LYS A 894 10.09 32.39 -116.67
CA LYS A 894 9.42 31.24 -117.28
C LYS A 894 10.16 29.95 -116.85
N LEU A 895 11.45 30.13 -116.59
CA LEU A 895 12.39 29.11 -116.17
C LEU A 895 11.87 28.67 -114.82
N SER A 896 11.57 29.64 -113.95
CA SER A 896 11.04 29.41 -112.61
C SER A 896 9.77 28.59 -112.76
N GLN A 897 8.95 28.89 -113.77
CA GLN A 897 7.73 28.08 -113.92
C GLN A 897 8.16 26.62 -114.16
N VAL A 898 9.15 26.45 -115.03
CA VAL A 898 9.76 25.14 -115.34
C VAL A 898 10.51 24.45 -114.16
N LEU A 899 11.18 25.25 -113.35
CA LEU A 899 11.96 24.87 -112.18
C LEU A 899 11.22 24.13 -111.07
N SER A 900 9.94 24.43 -110.86
CA SER A 900 9.13 23.66 -109.93
C SER A 900 8.98 22.26 -110.53
N LYS A 901 8.85 22.26 -111.85
CA LYS A 901 8.65 21.08 -112.71
C LYS A 901 9.88 20.19 -112.79
N LEU A 902 11.07 20.74 -112.54
CA LEU A 902 12.30 19.94 -112.61
C LEU A 902 12.82 19.28 -111.33
N THR A 903 13.50 18.14 -111.52
CA THR A 903 13.86 17.22 -110.44
C THR A 903 15.35 16.88 -110.29
N LEU A 904 15.88 16.08 -111.20
CA LEU A 904 17.23 15.52 -111.04
C LEU A 904 18.35 16.45 -111.45
N LEU A 905 18.09 17.75 -111.47
CA LEU A 905 19.05 18.68 -112.03
C LEU A 905 19.97 19.12 -110.92
N GLN A 906 21.26 19.15 -111.20
CA GLN A 906 22.21 19.49 -110.16
C GLN A 906 22.68 20.91 -110.36
N GLU A 907 22.90 21.31 -111.61
CA GLU A 907 23.27 22.68 -111.91
C GLU A 907 22.80 23.24 -113.24
N VAL A 908 22.53 24.55 -113.22
CA VAL A 908 22.07 25.32 -114.37
C VAL A 908 23.35 25.89 -115.00
N LYS A 909 23.48 25.83 -116.32
CA LYS A 909 24.63 26.45 -116.98
C LYS A 909 24.27 27.48 -118.05
N LEU A 910 24.85 28.67 -117.91
CA LEU A 910 24.48 29.85 -118.69
C LEU A 910 25.50 30.32 -119.74
N THR A 911 26.34 29.39 -120.22
CA THR A 911 27.40 29.69 -121.18
C THR A 911 27.06 30.69 -122.29
N GLY A 912 27.59 31.91 -122.18
CA GLY A 912 27.43 32.90 -123.24
C GLY A 912 26.31 33.93 -123.15
N TRP A 913 25.40 33.78 -122.19
CA TRP A 913 24.30 34.74 -122.05
C TRP A 913 24.76 36.03 -121.36
N GLU A 914 24.97 37.06 -122.18
CA GLU A 914 25.26 38.45 -121.76
C GLU A 914 24.20 39.25 -120.98
N PHE A 915 23.11 38.62 -120.55
CA PHE A 915 22.08 39.34 -119.78
C PHE A 915 22.15 39.37 -118.24
N ASP A 916 21.55 40.41 -117.67
CA ASP A 916 21.25 40.51 -116.24
C ASP A 916 20.01 39.68 -115.93
N ASP A 917 19.96 39.04 -114.75
CA ASP A 917 18.78 38.26 -114.41
C ASP A 917 17.72 39.03 -113.61
N TYR A 918 18.00 40.29 -113.29
CA TYR A 918 17.18 41.11 -112.38
C TYR A 918 16.73 40.37 -111.13
N ASP A 919 15.66 40.90 -110.52
CA ASP A 919 15.11 40.48 -109.23
C ASP A 919 14.58 39.04 -109.35
N ILE A 920 14.75 38.48 -110.54
CA ILE A 920 14.32 37.14 -110.91
C ILE A 920 15.42 36.19 -110.45
N SER A 921 16.54 36.75 -110.03
CA SER A 921 17.70 35.96 -109.70
C SER A 921 17.49 35.56 -108.25
N ALA A 922 16.39 36.08 -107.71
CA ALA A 922 15.99 35.78 -106.35
C ALA A 922 15.47 34.35 -106.46
N ILE A 923 14.86 34.06 -107.61
CA ILE A 923 14.31 32.76 -107.93
C ILE A 923 15.04 32.10 -109.11
N LYS A 924 16.30 32.50 -109.30
CA LYS A 924 17.12 32.04 -110.42
C LYS A 924 17.13 30.51 -110.55
N GLY A 925 17.24 29.81 -109.44
CA GLY A 925 17.18 28.37 -109.46
C GLY A 925 17.00 27.74 -108.09
N THR A 926 16.63 26.47 -108.09
CA THR A 926 16.59 25.67 -106.88
C THR A 926 17.80 24.74 -106.92
N PHE A 927 18.68 25.02 -107.89
CA PHE A 927 19.94 24.31 -108.01
C PHE A 927 21.11 25.31 -108.07
N LYS A 928 22.31 24.78 -108.27
CA LYS A 928 23.53 25.60 -108.28
C LYS A 928 23.53 26.47 -109.53
N LEU A 929 24.29 27.57 -109.54
CA LEU A 929 24.49 28.31 -110.78
C LEU A 929 25.83 28.92 -111.14
N VAL A 930 26.17 28.76 -112.42
CA VAL A 930 27.39 29.29 -113.02
C VAL A 930 26.96 30.24 -114.14
N THR A 931 27.64 31.39 -114.27
CA THR A 931 27.30 32.30 -115.37
C THR A 931 27.72 31.69 -116.70
N ALA A 932 28.51 30.62 -116.61
CA ALA A 932 28.98 29.89 -117.78
C ALA A 932 28.47 28.46 -117.77
N VAL B 1 21.15 54.10 -25.70
CA VAL B 1 20.73 54.80 -26.90
C VAL B 1 19.79 55.96 -26.54
N THR B 2 19.96 57.09 -27.22
CA THR B 2 19.11 58.25 -27.04
C THR B 2 18.69 58.79 -28.41
N GLU B 3 17.98 59.90 -28.43
CA GLU B 3 17.50 60.48 -29.69
C GLU B 3 18.55 61.28 -30.46
N GLU B 4 19.64 61.67 -29.79
CA GLU B 4 20.69 62.44 -30.46
C GLU B 4 21.41 61.61 -31.51
N ASP B 5 21.28 60.29 -31.41
CA ASP B 5 21.86 59.39 -32.39
C ASP B 5 20.86 58.99 -33.47
N LEU B 6 19.73 59.70 -33.53
CA LEU B 6 18.76 59.46 -34.61
C LEU B 6 19.26 60.10 -35.90
N ASN B 7 20.36 60.85 -35.79
CA ASN B 7 21.07 61.34 -36.98
C ASN B 7 22.16 60.34 -37.38
N VAL B 8 22.26 59.26 -36.60
CA VAL B 8 23.11 58.14 -36.96
C VAL B 8 22.25 57.08 -37.64
N LEU B 9 21.22 56.63 -36.93
CA LEU B 9 20.35 55.57 -37.41
C LEU B 9 19.70 55.95 -38.73
N ALA B 10 19.39 57.24 -38.89
CA ALA B 10 18.75 57.70 -40.10
C ALA B 10 19.64 57.38 -41.28
N GLN B 11 20.93 57.66 -41.15
CA GLN B 11 21.88 57.36 -42.22
C GLN B 11 21.86 55.86 -42.51
N ASN B 12 21.79 55.06 -41.44
CA ASN B 12 21.74 53.62 -41.58
C ASN B 12 20.49 53.20 -42.34
N LEU B 13 19.38 53.90 -42.10
CA LEU B 13 18.14 53.61 -42.81
C LEU B 13 18.34 53.87 -44.29
N LYS B 14 19.11 54.91 -44.60
CA LYS B 14 19.41 55.27 -45.98
C LYS B 14 20.25 54.20 -46.67
N ASP B 15 20.93 53.37 -45.87
CA ASP B 15 21.68 52.25 -46.42
C ASP B 15 20.96 50.93 -46.24
N LEU B 16 19.75 50.98 -45.69
CA LEU B 16 18.94 49.78 -45.60
C LEU B 16 18.41 49.48 -46.99
N TYR B 17 18.07 50.55 -47.70
CA TYR B 17 17.52 50.50 -49.05
C TYR B 17 18.64 50.56 -50.08
N ASN B 18 19.84 50.88 -49.60
CA ASN B 18 21.02 50.81 -50.46
C ASN B 18 21.54 49.38 -50.49
N SER B 19 20.78 48.53 -51.16
CA SER B 19 21.19 47.15 -51.43
C SER B 19 20.44 46.63 -52.66
N PRO B 20 21.05 45.67 -53.38
CA PRO B 20 20.44 45.12 -54.59
C PRO B 20 19.09 44.48 -54.34
N ALA B 21 18.85 43.95 -53.14
CA ALA B 21 17.60 43.26 -52.84
C ALA B 21 16.44 44.22 -53.07
N PHE B 22 16.66 45.47 -52.68
CA PHE B 22 15.72 46.54 -52.96
C PHE B 22 15.73 46.89 -54.44
N LEU B 23 16.91 46.82 -55.05
CA LEU B 23 17.07 47.25 -56.43
C LEU B 23 17.02 46.14 -57.50
N ASN B 24 17.15 44.88 -57.13
CA ASN B 24 17.12 43.80 -58.14
C ASN B 24 15.73 43.24 -58.15
N PHE B 25 15.19 42.89 -59.31
CA PHE B 25 13.82 42.41 -59.19
C PHE B 25 13.54 40.93 -59.34
N TYR B 26 12.24 40.69 -59.46
CA TYR B 26 11.52 40.03 -58.39
C TYR B 26 12.43 39.39 -57.36
N PRO B 27 12.47 40.01 -56.17
CA PRO B 27 13.29 39.62 -55.04
C PRO B 27 12.77 38.33 -54.41
N LEU B 28 13.06 37.19 -55.04
CA LEU B 28 12.95 35.86 -54.42
C LEU B 28 11.50 35.36 -54.29
N GLY B 29 11.30 34.04 -54.20
CA GLY B 29 12.35 33.05 -54.40
C GLY B 29 12.71 32.92 -55.86
N GLU B 30 11.79 33.39 -56.70
CA GLU B 30 12.07 33.76 -58.06
C GLU B 30 11.63 35.22 -58.25
N ASP B 31 12.50 36.16 -58.66
CA ASP B 31 13.87 35.97 -59.19
C ASP B 31 13.74 35.12 -60.45
N ILE B 32 12.60 35.33 -61.11
CA ILE B 32 12.19 34.57 -62.29
C ILE B 32 13.15 34.62 -63.50
N ASP B 33 13.76 35.77 -63.84
CA ASP B 33 13.45 37.14 -63.41
C ASP B 33 12.13 37.70 -63.95
N ILE B 34 11.40 38.43 -63.11
CA ILE B 34 10.20 39.14 -63.57
C ILE B 34 10.62 40.05 -64.73
N ILE B 35 11.56 40.95 -64.48
CA ILE B 35 11.98 41.90 -65.52
C ILE B 35 13.49 42.11 -65.54
N PHE B 36 13.98 42.88 -64.58
CA PHE B 36 15.40 43.25 -64.46
C PHE B 36 15.64 43.85 -63.08
N ASN B 37 16.83 44.39 -62.86
CA ASN B 37 17.15 45.14 -61.65
C ASN B 37 16.14 46.30 -61.65
N LEU B 38 15.69 46.70 -60.47
CA LEU B 38 14.71 47.78 -60.37
C LEU B 38 15.16 49.15 -60.85
N GLU B 39 16.42 49.51 -60.65
CA GLU B 39 16.83 50.84 -61.09
C GLU B 39 16.76 51.10 -62.61
N LYS B 40 17.19 50.19 -63.47
CA LYS B 40 17.03 50.47 -64.90
C LYS B 40 15.54 50.47 -65.31
N THR B 41 14.80 49.55 -64.72
CA THR B 41 13.35 49.34 -64.83
C THR B 41 12.39 50.37 -64.22
N PHE B 42 12.84 51.00 -63.14
CA PHE B 42 12.09 52.04 -62.43
C PHE B 42 11.76 53.34 -63.14
N THR B 43 10.47 53.67 -63.02
CA THR B 43 9.83 54.84 -63.61
C THR B 43 8.72 55.37 -62.69
N GLU B 44 8.30 56.60 -62.92
CA GLU B 44 7.23 57.26 -62.17
C GLU B 44 5.90 56.52 -62.42
N PRO B 45 5.26 55.98 -61.37
CA PRO B 45 3.97 55.25 -61.38
C PRO B 45 2.66 55.97 -61.72
N ILE B 46 2.01 55.50 -62.78
CA ILE B 46 0.70 56.04 -63.17
C ILE B 46 -0.31 55.75 -62.05
N MET B 47 -0.78 56.77 -61.33
CA MET B 47 -1.77 56.48 -60.29
C MET B 47 -2.87 57.52 -60.38
N TRP B 48 -4.05 57.20 -59.88
CA TRP B 48 -5.16 58.13 -59.92
C TRP B 48 -5.92 58.21 -58.61
N LYS B 49 -5.98 59.40 -58.00
CA LYS B 49 -6.71 59.55 -56.75
C LYS B 49 -8.18 59.28 -57.06
N LYS B 50 -8.89 58.65 -56.15
CA LYS B 50 -10.28 58.29 -56.40
C LYS B 50 -11.24 58.94 -55.42
N ASP B 51 -12.52 59.00 -55.80
CA ASP B 51 -13.54 59.62 -54.97
C ASP B 51 -14.22 58.51 -54.19
N HIS B 52 -15.18 58.90 -53.35
CA HIS B 52 -15.85 57.92 -52.51
C HIS B 52 -16.92 57.24 -53.37
N ARG B 53 -17.29 57.92 -54.46
CA ARG B 53 -18.24 57.40 -55.44
C ARG B 53 -17.78 56.12 -56.13
N HIS B 54 -16.46 55.91 -56.16
CA HIS B 54 -15.76 54.74 -56.73
C HIS B 54 -15.31 54.98 -58.18
N HIS B 55 -14.75 56.16 -58.43
CA HIS B 55 -14.21 56.50 -59.74
C HIS B 55 -13.02 57.45 -59.58
N ARG B 56 -12.15 57.50 -60.58
CA ARG B 56 -10.94 58.31 -60.50
C ARG B 56 -11.20 59.82 -60.48
N VAL B 57 -10.34 60.54 -59.77
CA VAL B 57 -10.50 61.98 -59.58
C VAL B 57 -9.40 62.85 -60.21
N GLU B 58 -8.15 62.46 -59.98
CA GLU B 58 -7.03 63.13 -60.63
C GLU B 58 -5.86 62.20 -60.92
N GLN B 59 -4.99 62.62 -61.83
CA GLN B 59 -3.78 61.86 -62.17
C GLN B 59 -2.52 62.27 -61.43
N LEU B 60 -2.07 61.37 -60.57
CA LEU B 60 -0.88 61.58 -59.75
C LEU B 60 0.24 60.63 -60.15
N THR B 61 1.45 61.10 -59.87
CA THR B 61 2.64 60.28 -59.88
C THR B 61 3.17 60.48 -58.48
N LEU B 62 4.18 59.72 -58.07
CA LEU B 62 4.72 59.93 -56.73
C LEU B 62 5.37 61.29 -56.65
N GLY B 63 6.02 61.69 -57.74
CA GLY B 63 6.75 62.94 -57.80
C GLY B 63 5.86 64.15 -57.52
N SER B 64 4.59 64.05 -57.93
CA SER B 64 3.60 65.08 -57.63
C SER B 64 2.77 64.73 -56.40
N LEU B 65 2.93 63.51 -55.90
CA LEU B 65 2.28 63.07 -54.67
C LEU B 65 3.07 63.50 -53.43
N LEU B 66 4.31 63.92 -53.62
CA LEU B 66 5.24 64.13 -52.52
C LEU B 66 4.80 65.16 -51.47
N GLU B 67 4.27 66.29 -51.93
CA GLU B 67 3.79 67.33 -51.01
C GLU B 67 2.29 67.21 -50.78
N ALA B 68 1.58 66.60 -51.72
CA ALA B 68 0.14 66.40 -51.60
C ALA B 68 -0.20 65.19 -50.74
N LEU B 69 0.83 64.51 -50.26
CA LEU B 69 0.65 63.24 -49.55
C LEU B 69 -0.10 63.40 -48.24
N LYS B 70 -0.98 62.43 -47.96
CA LYS B 70 -1.66 62.31 -46.68
C LYS B 70 -1.62 60.87 -46.19
N SER B 71 -2.03 60.67 -44.93
CA SER B 71 -1.96 59.36 -44.32
C SER B 71 -3.20 59.05 -43.48
N PRO B 72 -3.61 57.78 -43.43
CA PRO B 72 -3.08 56.60 -44.15
C PRO B 72 -3.42 56.57 -45.64
N CYS B 73 -2.66 55.78 -46.40
CA CYS B 73 -2.98 55.54 -47.81
C CYS B 73 -4.02 54.42 -47.97
N LEU B 74 -5.06 54.67 -48.74
CA LEU B 74 -5.92 53.59 -49.22
C LEU B 74 -5.57 53.32 -50.66
N ILE B 75 -4.41 53.84 -51.04
CA ILE B 75 -3.92 53.77 -52.41
C ILE B 75 -3.80 52.33 -52.86
N GLU B 76 -4.35 52.05 -54.03
CA GLU B 76 -4.47 50.69 -54.53
C GLU B 76 -4.18 50.61 -56.01
N GLY B 77 -4.07 49.38 -56.51
CA GLY B 77 -3.74 49.14 -57.90
C GLY B 77 -3.98 47.68 -58.19
N GLU B 78 -4.00 47.31 -59.46
CA GLU B 78 -4.35 45.94 -59.83
C GLU B 78 -3.17 45.04 -59.49
N SER B 79 -3.50 43.82 -59.07
CA SER B 79 -2.51 42.86 -58.57
C SER B 79 -1.42 42.46 -59.56
N GLY B 80 -0.25 42.22 -59.00
CA GLY B 80 0.92 41.75 -59.73
C GLY B 80 2.07 42.09 -58.82
N LYS B 81 3.01 42.89 -59.33
CA LYS B 81 4.21 43.19 -58.58
C LYS B 81 3.82 44.45 -57.81
N GLY B 82 3.02 45.29 -58.48
CA GLY B 82 2.31 46.38 -57.84
C GLY B 82 3.20 47.48 -57.33
N LYS B 83 3.24 47.60 -56.00
CA LYS B 83 4.04 48.60 -55.31
C LYS B 83 5.49 48.19 -55.48
N SER B 84 5.68 46.92 -55.82
CA SER B 84 6.98 46.32 -56.05
C SER B 84 8.07 46.77 -55.06
N THR B 85 9.22 47.21 -55.56
CA THR B 85 10.27 47.69 -54.67
C THR B 85 10.47 49.18 -54.98
N LEU B 86 9.64 49.63 -55.90
CA LEU B 86 9.62 50.97 -56.47
C LEU B 86 9.33 52.10 -55.42
N LEU B 87 8.59 51.76 -54.36
CA LEU B 87 8.26 52.71 -53.28
C LEU B 87 9.44 52.69 -52.29
N GLN B 88 10.17 51.59 -52.39
CA GLN B 88 11.27 51.21 -51.51
C GLN B 88 12.30 52.10 -52.15
N ARG B 89 12.22 52.23 -53.47
CA ARG B 89 13.24 52.98 -54.18
C ARG B 89 12.80 54.43 -54.05
N ILE B 90 11.60 54.66 -53.55
CA ILE B 90 11.07 56.02 -53.48
C ILE B 90 11.73 56.53 -52.19
N ALA B 91 11.81 55.61 -51.23
CA ALA B 91 12.55 55.82 -49.99
C ALA B 91 14.00 56.03 -50.37
N MET B 92 14.44 55.27 -51.37
CA MET B 92 15.83 55.30 -51.78
C MET B 92 16.04 56.67 -52.39
N LEU B 93 14.94 57.33 -52.76
CA LEU B 93 15.00 58.66 -53.37
C LEU B 93 15.17 59.62 -52.21
N TRP B 94 14.48 59.34 -51.10
CA TRP B 94 14.70 60.07 -49.85
C TRP B 94 16.17 59.93 -49.40
N ALA B 95 16.84 58.92 -49.94
CA ALA B 95 18.20 58.59 -49.54
C ALA B 95 19.16 58.72 -50.73
N SER B 96 18.72 59.50 -51.70
CA SER B 96 19.46 59.77 -52.93
C SER B 96 19.42 61.29 -53.12
N GLY B 97 19.05 62.00 -52.05
CA GLY B 97 19.03 63.45 -52.07
C GLY B 97 17.80 63.97 -52.77
N GLY B 98 16.73 63.17 -52.76
CA GLY B 98 15.52 63.49 -53.49
C GLY B 98 14.80 64.74 -53.02
N CYS B 99 13.68 65.06 -53.66
CA CYS B 99 12.91 66.25 -53.32
C CYS B 99 12.63 66.38 -51.82
N ARG B 100 12.57 67.62 -51.36
CA ARG B 100 12.27 67.99 -49.98
C ARG B 100 11.16 67.23 -49.25
N ALA B 101 10.05 66.94 -49.94
CA ALA B 101 8.98 66.20 -49.27
C ALA B 101 9.25 64.71 -49.05
N LEU B 102 10.45 64.26 -49.40
CA LEU B 102 10.84 62.87 -49.19
C LEU B 102 11.70 62.94 -47.95
N LYS B 103 12.27 64.12 -47.74
CA LYS B 103 13.03 64.42 -46.55
C LYS B 103 12.17 65.11 -45.51
N GLY B 104 10.86 64.99 -45.68
CA GLY B 104 9.90 65.67 -44.83
C GLY B 104 9.72 64.70 -43.68
N PHE B 105 10.50 63.62 -43.74
CA PHE B 105 10.48 62.53 -42.80
C PHE B 105 11.90 62.16 -42.37
N ARG B 106 12.23 62.35 -41.10
CA ARG B 106 13.60 62.22 -40.64
C ARG B 106 14.04 60.75 -40.71
N LEU B 107 13.04 59.88 -40.54
CA LEU B 107 13.20 58.43 -40.59
C LEU B 107 12.16 57.74 -41.46
N VAL B 108 12.57 56.73 -42.23
CA VAL B 108 11.65 56.06 -43.13
C VAL B 108 11.86 54.58 -42.82
N PHE B 109 10.77 53.88 -42.51
CA PHE B 109 10.81 52.44 -42.34
C PHE B 109 9.90 51.55 -43.20
N PHE B 110 10.56 50.76 -44.03
CA PHE B 110 9.90 49.77 -44.84
C PHE B 110 9.19 48.80 -43.89
N ILE B 111 7.92 48.49 -44.11
CA ILE B 111 7.24 47.56 -43.22
C ILE B 111 6.70 46.34 -43.97
N HIS B 112 6.81 45.17 -43.35
CA HIS B 112 6.37 43.90 -43.91
C HIS B 112 5.11 43.24 -43.31
N LEU B 113 3.97 43.45 -43.99
CA LEU B 113 2.65 42.89 -43.67
C LEU B 113 2.77 41.37 -43.85
N ARG B 114 3.52 40.98 -44.87
CA ARG B 114 3.76 39.59 -45.22
C ARG B 114 4.46 38.76 -44.12
N SER B 115 5.34 39.33 -43.30
CA SER B 115 5.94 38.50 -42.24
C SER B 115 6.05 39.24 -40.91
N ALA B 116 5.71 38.56 -39.81
CA ALA B 116 5.72 39.21 -38.49
C ALA B 116 6.03 38.24 -37.34
N ARG B 117 6.64 38.79 -36.30
CA ARG B 117 7.29 38.02 -35.22
C ARG B 117 7.28 38.88 -33.96
N GLY B 118 6.85 38.33 -32.83
CA GLY B 118 7.00 39.04 -31.58
C GLY B 118 8.44 39.09 -31.09
N GLY B 119 8.81 40.14 -30.38
CA GLY B 119 8.00 41.34 -30.25
C GLY B 119 7.82 42.06 -31.58
N LEU B 120 6.67 42.68 -31.79
CA LEU B 120 6.18 42.97 -33.13
C LEU B 120 7.03 44.05 -33.80
N PHE B 121 7.56 44.97 -33.00
CA PHE B 121 8.46 45.98 -33.52
C PHE B 121 9.72 45.28 -34.02
N GLU B 122 10.10 44.19 -33.37
CA GLU B 122 11.32 43.49 -33.78
C GLU B 122 11.11 42.82 -35.13
N THR B 123 9.89 42.85 -35.68
CA THR B 123 9.67 42.36 -37.03
C THR B 123 10.61 43.17 -37.90
N LEU B 124 10.70 44.46 -37.58
CA LEU B 124 11.46 45.39 -38.38
C LEU B 124 12.91 45.06 -38.10
N TYR B 125 13.19 44.69 -36.85
CA TYR B 125 14.53 44.26 -36.48
C TYR B 125 14.76 42.93 -37.21
N ASP B 126 13.75 42.07 -37.25
CA ASP B 126 13.87 40.82 -38.00
C ASP B 126 13.85 41.06 -39.52
N GLN B 127 13.71 42.32 -39.93
CA GLN B 127 13.67 42.68 -41.35
C GLN B 127 14.72 43.76 -41.66
N LEU B 128 14.47 44.98 -41.16
CA LEU B 128 15.36 46.14 -41.38
C LEU B 128 16.65 45.90 -40.62
N LEU B 129 16.52 45.29 -39.44
CA LEU B 129 17.64 45.01 -38.53
C LEU B 129 18.41 46.19 -37.92
N ASN B 130 18.24 47.42 -38.39
CA ASN B 130 19.03 48.49 -37.78
C ASN B 130 18.52 48.99 -36.40
N ILE B 131 17.64 48.22 -35.78
CA ILE B 131 17.04 48.51 -34.46
C ILE B 131 18.02 48.48 -33.27
N PRO B 132 18.37 49.64 -32.69
CA PRO B 132 19.29 49.58 -31.54
C PRO B 132 18.76 48.74 -30.34
N ASP B 133 19.68 48.11 -29.62
CA ASP B 133 19.38 47.31 -28.41
C ASP B 133 18.78 47.96 -27.15
N PHE B 134 19.05 49.23 -26.88
CA PHE B 134 18.46 49.91 -25.72
C PHE B 134 16.96 50.11 -25.80
N ILE B 135 16.51 50.49 -26.98
CA ILE B 135 15.11 50.73 -27.27
C ILE B 135 14.06 49.62 -27.15
N SER B 136 13.46 49.52 -25.97
CA SER B 136 12.37 48.57 -25.72
C SER B 136 11.23 48.98 -26.65
N LYS B 137 10.18 48.18 -26.79
CA LYS B 137 9.04 48.59 -27.61
C LYS B 137 8.29 49.86 -27.12
N PRO B 138 8.07 50.03 -25.79
CA PRO B 138 7.44 51.26 -25.29
C PRO B 138 8.33 52.43 -25.62
N THR B 139 9.62 52.22 -25.36
CA THR B 139 10.68 53.20 -25.60
C THR B 139 10.62 53.52 -27.08
N PHE B 140 10.49 52.50 -27.93
CA PHE B 140 10.42 52.71 -29.37
C PHE B 140 9.18 53.53 -29.81
N LYS B 141 8.03 53.34 -29.16
CA LYS B 141 6.84 54.14 -29.51
C LYS B 141 7.00 55.61 -29.04
N ALA B 142 7.57 55.76 -27.84
CA ALA B 142 7.84 57.06 -27.21
C ALA B 142 8.84 57.86 -28.04
N LEU B 143 9.85 57.13 -28.50
CA LEU B 143 10.89 57.65 -29.36
C LEU B 143 10.26 58.12 -30.65
N LEU B 144 9.56 57.22 -31.35
CA LEU B 144 8.90 57.60 -32.59
C LEU B 144 8.03 58.84 -32.38
N LEU B 145 7.45 59.01 -31.19
CA LEU B 145 6.53 60.12 -31.07
C LEU B 145 7.28 61.38 -30.65
N LYS B 146 8.55 61.25 -30.29
CA LYS B 146 9.34 62.44 -29.93
C LYS B 146 9.28 63.49 -31.05
N LEU B 147 9.01 63.00 -32.26
CA LEU B 147 9.03 63.78 -33.50
C LEU B 147 7.67 64.09 -34.15
N HIS B 148 6.76 63.11 -34.17
CA HIS B 148 5.36 63.27 -34.62
C HIS B 148 4.99 63.57 -36.08
N LYS B 149 5.80 63.18 -37.06
CA LYS B 149 5.62 63.52 -38.49
C LYS B 149 6.92 63.28 -39.24
N GLU B 150 7.91 62.79 -38.52
CA GLU B 150 9.24 62.76 -39.08
C GLU B 150 9.63 61.33 -39.37
N VAL B 151 8.60 60.49 -39.52
CA VAL B 151 8.81 59.13 -39.95
C VAL B 151 7.72 58.71 -40.94
N LEU B 152 8.12 58.02 -42.00
CA LEU B 152 7.19 57.45 -42.99
C LEU B 152 7.34 55.94 -42.97
N PHE B 153 6.25 55.20 -43.16
CA PHE B 153 6.35 53.74 -43.26
C PHE B 153 5.64 53.09 -44.43
N LEU B 154 6.34 52.22 -45.15
CA LEU B 154 5.65 51.56 -46.26
C LEU B 154 5.16 50.18 -45.80
N LEU B 155 3.91 49.81 -46.05
CA LEU B 155 3.43 48.55 -45.47
C LEU B 155 3.60 47.68 -46.71
N ASP B 156 4.33 46.57 -46.61
CA ASP B 156 4.39 45.58 -47.69
C ASP B 156 3.76 44.16 -47.60
N GLY B 157 2.66 43.87 -48.29
CA GLY B 157 1.96 42.59 -48.07
C GLY B 157 0.51 42.45 -47.67
N TYR B 158 -0.37 43.11 -48.40
CA TYR B 158 -1.78 43.04 -48.09
C TYR B 158 -2.63 41.77 -48.32
N ASN B 159 -2.29 40.90 -49.26
CA ASN B 159 -3.10 39.69 -49.45
C ASN B 159 -2.38 38.63 -48.63
N GLU B 160 -1.05 38.75 -48.69
CA GLU B 160 -0.11 37.90 -47.96
C GLU B 160 -0.48 37.92 -46.49
N PHE B 161 -1.15 39.00 -46.08
CA PHE B 161 -1.55 39.19 -44.70
C PHE B 161 -2.49 38.06 -44.27
N HIS B 162 -2.38 37.66 -43.01
CA HIS B 162 -3.15 36.55 -42.48
C HIS B 162 -3.63 36.91 -41.08
N PRO B 163 -4.41 36.02 -40.44
CA PRO B 163 -4.80 36.33 -39.05
C PRO B 163 -3.68 36.28 -38.02
N GLN B 164 -2.75 35.34 -38.12
CA GLN B 164 -1.60 35.34 -37.22
C GLN B 164 -0.82 36.66 -37.25
N ASN B 165 -0.51 37.18 -36.07
CA ASN B 165 0.30 38.39 -35.87
C ASN B 165 -0.44 39.67 -36.30
N CYS B 166 -1.76 39.54 -36.40
CA CYS B 166 -2.70 40.60 -36.79
C CYS B 166 -2.73 41.86 -35.90
N PRO B 167 -2.62 41.73 -34.57
CA PRO B 167 -2.61 43.01 -33.85
C PRO B 167 -1.38 43.92 -33.94
N GLU B 168 -1.65 45.18 -33.63
CA GLU B 168 -0.77 46.32 -33.87
C GLU B 168 -0.29 46.36 -35.31
N ILE B 169 -1.25 46.13 -36.21
CA ILE B 169 -1.05 46.28 -37.65
C ILE B 169 -1.93 47.42 -38.13
N GLU B 170 -3.09 47.54 -37.49
CA GLU B 170 -4.12 48.51 -37.85
C GLU B 170 -3.84 49.72 -36.98
N ALA B 171 -2.96 49.53 -36.00
CA ALA B 171 -2.61 50.55 -35.03
C ALA B 171 -1.77 51.62 -35.72
N LEU B 172 -0.96 51.21 -36.70
CA LEU B 172 -0.18 52.21 -37.43
C LEU B 172 -1.12 53.06 -38.26
N ILE B 173 -2.16 52.42 -38.80
CA ILE B 173 -3.11 53.08 -39.70
C ILE B 173 -4.32 53.78 -39.02
N LYS B 174 -5.06 53.04 -38.21
CA LYS B 174 -6.22 53.58 -37.49
C LYS B 174 -5.83 54.43 -36.30
N GLU B 175 -4.89 53.92 -35.50
CA GLU B 175 -4.28 54.72 -34.45
C GLU B 175 -3.10 55.47 -35.03
N ASN B 176 -3.31 56.17 -36.15
CA ASN B 176 -2.28 57.00 -36.77
C ASN B 176 -2.47 58.43 -36.33
N HIS B 177 -3.68 58.70 -35.87
CA HIS B 177 -4.03 60.02 -35.37
C HIS B 177 -3.32 60.28 -34.05
N ARG B 178 -2.84 59.21 -33.42
CA ARG B 178 -1.99 59.32 -32.24
C ARG B 178 -0.60 58.67 -32.37
N PHE B 179 -0.21 58.36 -33.60
CA PHE B 179 1.05 57.65 -33.88
C PHE B 179 1.84 58.74 -34.60
N LYS B 180 1.09 59.77 -34.95
CA LYS B 180 1.59 60.95 -35.64
C LYS B 180 2.52 60.83 -36.83
N ASN B 181 3.00 59.65 -37.19
CA ASN B 181 3.85 59.66 -38.35
C ASN B 181 2.97 59.38 -39.56
N MET B 182 3.44 59.69 -40.76
CA MET B 182 2.69 59.34 -41.95
C MET B 182 2.96 57.89 -42.32
N VAL B 183 2.17 57.34 -43.23
CA VAL B 183 2.41 55.97 -43.68
C VAL B 183 1.66 55.56 -44.94
N ILE B 184 2.29 54.74 -45.77
CA ILE B 184 1.70 54.31 -47.04
C ILE B 184 1.24 52.87 -46.76
N VAL B 185 -0.07 52.66 -46.86
CA VAL B 185 -0.68 51.38 -46.54
C VAL B 185 -0.94 50.45 -47.72
N THR B 186 -0.19 49.36 -47.77
CA THR B 186 -0.25 48.45 -48.91
C THR B 186 -1.62 47.86 -49.09
N THR B 187 -2.01 47.73 -50.35
CA THR B 187 -3.28 47.14 -50.67
C THR B 187 -3.17 46.30 -51.92
N THR B 188 -4.09 45.37 -52.05
CA THR B 188 -4.19 44.46 -53.18
C THR B 188 -5.58 44.95 -53.43
N THR B 189 -6.33 44.62 -54.49
CA THR B 189 -7.60 45.29 -54.31
C THR B 189 -8.69 44.40 -53.78
N GLU B 190 -8.43 43.09 -53.68
CA GLU B 190 -9.58 42.22 -53.42
C GLU B 190 -10.03 42.71 -52.03
N CYS B 191 -9.00 42.78 -51.20
CA CYS B 191 -8.91 43.18 -49.79
C CYS B 191 -9.22 44.59 -49.29
N LEU B 192 -8.99 45.60 -50.13
CA LEU B 192 -9.05 47.03 -49.75
C LEU B 192 -10.18 47.45 -48.80
N ARG B 193 -11.33 46.81 -48.91
CA ARG B 193 -12.53 47.25 -48.20
C ARG B 193 -12.41 46.96 -46.69
N HIS B 194 -11.24 46.51 -46.30
CA HIS B 194 -10.87 46.22 -44.91
C HIS B 194 -10.22 47.44 -44.28
N ILE B 195 -9.95 48.45 -45.11
CA ILE B 195 -9.41 49.70 -44.63
C ILE B 195 -9.94 50.90 -45.40
N ARG B 196 -11.03 50.70 -46.13
CA ARG B 196 -11.68 51.77 -46.86
C ARG B 196 -12.24 52.85 -45.91
N HIS B 197 -11.99 52.69 -44.61
CA HIS B 197 -12.49 53.63 -43.61
C HIS B 197 -11.39 54.11 -42.67
N VAL B 198 -10.13 53.93 -43.09
CA VAL B 198 -9.00 54.36 -42.26
C VAL B 198 -8.06 55.43 -42.83
N GLY B 199 -7.78 55.31 -44.12
CA GLY B 199 -6.97 56.23 -44.89
C GLY B 199 -7.36 57.56 -45.48
N ALA B 200 -6.62 58.60 -45.10
CA ALA B 200 -6.95 59.96 -45.49
C ALA B 200 -6.50 60.20 -46.94
N LEU B 201 -5.77 59.23 -47.49
CA LEU B 201 -5.33 59.33 -48.89
C LEU B 201 -5.79 58.06 -49.62
N THR B 202 -5.90 58.13 -50.95
CA THR B 202 -6.37 57.01 -51.75
C THR B 202 -6.13 57.22 -53.24
N ALA B 203 -5.49 56.24 -53.89
CA ALA B 203 -5.19 56.37 -55.30
C ALA B 203 -5.20 55.02 -56.00
N GLU B 204 -5.44 55.05 -57.31
CA GLU B 204 -5.55 53.82 -58.08
C GLU B 204 -4.42 53.78 -59.09
N VAL B 205 -3.59 52.73 -59.02
CA VAL B 205 -2.49 52.60 -59.97
C VAL B 205 -3.07 52.39 -61.36
N GLY B 206 -3.01 53.44 -62.17
CA GLY B 206 -3.49 53.39 -63.53
C GLY B 206 -2.56 52.52 -64.34
N ASP B 207 -3.08 51.93 -65.42
CA ASP B 207 -2.24 51.10 -66.26
C ASP B 207 -1.16 52.00 -66.84
N MET B 208 0.06 51.46 -66.88
CA MET B 208 1.21 52.16 -67.43
C MET B 208 1.08 52.36 -68.94
N THR B 209 1.77 53.36 -69.48
CA THR B 209 1.83 53.60 -70.91
C THR B 209 2.48 52.39 -71.59
N GLU B 210 2.05 52.04 -72.80
CA GLU B 210 2.70 50.94 -73.51
C GLU B 210 4.14 51.35 -73.81
N ASP B 211 4.28 52.58 -74.30
CA ASP B 211 5.59 53.13 -74.66
C ASP B 211 6.52 53.17 -73.46
N SER B 212 6.02 53.66 -72.34
CA SER B 212 6.83 53.75 -71.12
C SER B 212 7.25 52.36 -70.66
N ALA B 213 6.36 51.40 -70.88
CA ALA B 213 6.62 50.03 -70.45
C ALA B 213 7.70 49.38 -71.30
N LYS B 214 8.20 50.12 -72.29
CA LYS B 214 9.10 49.47 -73.22
C LYS B 214 10.45 49.76 -72.64
N ASP B 215 10.41 50.51 -71.54
CA ASP B 215 11.61 51.01 -70.92
C ASP B 215 11.92 49.85 -70.02
N LEU B 216 10.91 49.01 -69.83
CA LEU B 216 11.10 47.79 -69.07
C LEU B 216 11.87 46.85 -70.01
N ILE B 217 11.31 46.63 -71.21
CA ILE B 217 11.80 45.59 -72.13
C ILE B 217 13.31 45.74 -72.38
N GLU B 218 13.67 47.01 -72.54
CA GLU B 218 15.00 47.53 -72.82
C GLU B 218 16.11 47.05 -71.90
N ALA B 219 15.81 46.89 -70.62
CA ALA B 219 16.82 46.51 -69.65
C ALA B 219 17.44 45.13 -69.87
N VAL B 220 16.69 44.13 -70.34
CA VAL B 220 17.38 42.87 -70.61
C VAL B 220 17.73 42.72 -72.09
N LEU B 221 16.77 43.01 -72.96
CA LEU B 221 16.96 42.96 -74.41
C LEU B 221 17.99 43.93 -75.02
N VAL B 222 18.55 43.53 -76.15
CA VAL B 222 19.50 44.35 -76.91
C VAL B 222 18.59 45.45 -77.47
N PRO B 223 19.12 46.62 -77.86
CA PRO B 223 18.09 47.58 -78.31
C PRO B 223 17.41 47.25 -79.66
N ASP B 224 18.09 46.48 -80.50
CA ASP B 224 17.49 46.11 -81.78
C ASP B 224 16.53 44.97 -81.52
N GLN B 225 16.81 44.20 -80.46
CA GLN B 225 15.95 43.08 -80.10
C GLN B 225 14.64 43.69 -79.61
N VAL B 226 14.75 44.89 -79.01
CA VAL B 226 13.56 45.54 -78.49
C VAL B 226 12.82 46.07 -79.68
N GLU B 227 13.55 46.56 -80.69
CA GLU B 227 12.85 47.09 -81.87
C GLU B 227 12.13 45.96 -82.61
N ARG B 228 12.72 44.76 -82.57
CA ARG B 228 12.12 43.59 -83.20
C ARG B 228 10.80 43.29 -82.51
N LEU B 229 10.83 43.35 -81.18
CA LEU B 229 9.58 43.20 -80.43
C LEU B 229 8.61 44.34 -80.77
N TRP B 230 9.13 45.55 -80.96
CA TRP B 230 8.31 46.70 -81.32
C TRP B 230 7.60 46.51 -82.65
N ALA B 231 8.23 45.77 -83.56
CA ALA B 231 7.57 45.33 -84.77
C ALA B 231 6.55 44.26 -84.42
N GLN B 232 6.91 43.41 -83.46
CA GLN B 232 6.05 42.30 -83.07
C GLN B 232 4.74 42.67 -82.41
N ILE B 233 4.66 43.79 -81.68
CA ILE B 233 3.35 44.10 -81.13
C ILE B 233 2.50 44.84 -82.16
N GLN B 234 3.07 45.10 -83.34
CA GLN B 234 2.33 45.73 -84.42
C GLN B 234 1.46 44.70 -85.13
N GLU B 235 1.81 43.44 -84.89
CA GLU B 235 1.08 42.26 -85.38
C GLU B 235 -0.42 42.46 -85.26
N SER B 236 -0.84 43.04 -84.14
CA SER B 236 -2.25 43.17 -83.78
C SER B 236 -2.36 44.25 -82.72
N ARG B 237 -3.49 44.95 -82.69
CA ARG B 237 -3.69 46.02 -81.73
C ARG B 237 -3.84 45.45 -80.32
N CYS B 238 -4.41 44.25 -80.23
CA CYS B 238 -4.51 43.54 -78.97
C CYS B 238 -3.13 43.19 -78.42
N LEU B 239 -2.20 42.85 -79.32
CA LEU B 239 -0.81 42.64 -78.93
C LEU B 239 -0.14 43.95 -78.56
N ARG B 240 -0.44 44.99 -79.33
CA ARG B 240 0.17 46.31 -79.15
C ARG B 240 -0.20 46.92 -77.80
N ASN B 241 -1.42 46.63 -77.32
CA ASN B 241 -1.88 47.23 -76.07
C ASN B 241 -1.54 46.39 -74.85
N LEU B 242 -0.88 45.25 -75.07
CA LEU B 242 -0.50 44.37 -73.96
C LEU B 242 0.49 45.09 -73.05
N MET B 243 1.34 45.90 -73.67
CA MET B 243 2.33 46.69 -72.95
C MET B 243 1.78 47.72 -71.96
N LYS B 244 0.46 47.79 -71.79
CA LYS B 244 -0.10 48.73 -70.81
C LYS B 244 0.40 48.37 -69.43
N THR B 245 0.45 47.07 -69.16
CA THR B 245 0.90 46.58 -67.88
C THR B 245 2.29 45.97 -68.02
N PRO B 246 3.11 46.06 -66.97
CA PRO B 246 4.46 45.49 -66.91
C PRO B 246 4.44 43.96 -66.92
N LEU B 247 3.35 43.37 -66.43
CA LEU B 247 3.16 41.91 -66.45
C LEU B 247 3.15 41.27 -67.84
N PHE B 248 2.43 41.85 -68.80
CA PHE B 248 2.39 41.34 -70.18
C PHE B 248 3.80 41.41 -70.76
N VAL B 249 4.48 42.49 -70.41
CA VAL B 249 5.86 42.70 -70.82
C VAL B 249 6.67 41.54 -70.24
N VAL B 250 6.43 41.18 -68.98
CA VAL B 250 7.15 40.08 -68.34
C VAL B 250 6.89 38.75 -69.06
N ILE B 251 5.65 38.62 -69.53
CA ILE B 251 5.19 37.47 -70.31
C ILE B 251 5.93 37.31 -71.62
N THR B 252 6.27 38.41 -72.27
CA THR B 252 7.10 38.28 -73.47
C THR B 252 8.61 38.39 -73.18
N CYS B 253 8.97 38.86 -71.99
CA CYS B 253 10.37 39.04 -71.61
C CYS B 253 10.99 37.69 -71.27
N ALA B 254 10.18 36.81 -70.69
CA ALA B 254 10.62 35.46 -70.31
C ALA B 254 11.01 34.61 -71.52
N ILE B 255 10.79 35.11 -72.72
CA ILE B 255 10.91 34.28 -73.92
C ILE B 255 12.22 34.57 -74.69
N GLN B 256 12.81 35.73 -74.43
CA GLN B 256 14.01 36.17 -75.15
C GLN B 256 15.29 35.37 -74.86
N MET B 257 15.26 34.52 -73.84
CA MET B 257 16.45 33.79 -73.41
C MET B 257 17.00 32.86 -74.49
N GLY B 258 16.12 32.35 -75.35
CA GLY B 258 16.54 31.53 -76.46
C GLY B 258 16.50 32.16 -77.84
N ARG B 259 15.97 33.38 -77.94
CA ARG B 259 15.66 33.95 -79.25
C ARG B 259 16.07 35.42 -79.45
N GLN B 260 16.49 35.74 -80.66
CA GLN B 260 16.80 37.11 -81.04
C GLN B 260 15.55 37.90 -81.43
N GLU B 261 14.59 37.23 -82.06
CA GLU B 261 13.24 37.78 -82.23
C GLU B 261 12.25 36.64 -82.16
N PHE B 262 11.08 36.91 -81.56
CA PHE B 262 10.10 35.86 -81.36
C PHE B 262 8.67 36.36 -81.40
N GLN B 263 7.77 35.40 -81.57
CA GLN B 263 6.35 35.56 -81.31
C GLN B 263 5.88 34.27 -80.67
N ALA B 264 4.61 34.19 -80.31
CA ALA B 264 4.08 32.96 -79.72
C ALA B 264 3.51 31.87 -80.68
N HIS B 265 2.94 32.19 -81.85
CA HIS B 265 2.76 33.54 -82.39
C HIS B 265 1.46 34.13 -81.93
N THR B 266 0.63 33.29 -81.33
CA THR B 266 -0.69 33.74 -80.93
C THR B 266 -0.60 34.64 -79.73
N GLN B 267 -1.48 35.63 -79.65
CA GLN B 267 -1.45 36.53 -78.52
C GLN B 267 -1.85 35.75 -77.26
N THR B 268 -2.70 34.75 -77.46
CA THR B 268 -3.12 33.75 -76.47
C THR B 268 -2.07 32.73 -75.96
N MET B 269 -1.16 32.28 -76.80
CA MET B 269 -0.16 31.29 -76.37
C MET B 269 0.86 31.96 -75.45
N LEU B 270 0.97 33.27 -75.60
CA LEU B 270 1.78 34.14 -74.75
C LEU B 270 1.17 34.09 -73.35
N PHE B 271 -0.14 34.28 -73.39
CA PHE B 271 -1.12 34.34 -72.30
C PHE B 271 -1.17 33.05 -71.44
N GLN B 272 -1.00 31.90 -72.09
CA GLN B 272 -1.00 30.57 -71.42
C GLN B 272 0.16 30.32 -70.46
N THR B 273 1.35 30.78 -70.82
CA THR B 273 2.52 30.68 -69.95
C THR B 273 2.22 31.41 -68.66
N PHE B 274 1.60 32.58 -68.78
CA PHE B 274 1.23 33.42 -67.65
C PHE B 274 0.24 32.60 -66.80
N TYR B 275 -0.75 31.93 -67.42
CA TYR B 275 -1.72 31.13 -66.63
C TYR B 275 -0.97 30.06 -65.80
N ASP B 276 -0.08 29.32 -66.45
CA ASP B 276 0.71 28.29 -65.76
C ASP B 276 1.48 28.91 -64.59
N LEU B 277 2.00 30.14 -64.78
CA LEU B 277 2.75 30.86 -63.73
C LEU B 277 1.79 31.10 -62.56
N LEU B 278 0.55 31.41 -62.89
CA LEU B 278 -0.53 31.62 -61.93
C LEU B 278 -0.69 30.33 -61.12
N ILE B 279 -0.69 29.18 -61.80
CA ILE B 279 -0.78 27.87 -61.14
C ILE B 279 0.42 27.72 -60.18
N GLN B 280 1.60 28.13 -60.67
CA GLN B 280 2.91 28.05 -59.99
C GLN B 280 2.93 28.78 -58.64
N LYS B 281 2.32 29.96 -58.65
CA LYS B 281 2.24 30.88 -57.52
C LYS B 281 1.32 30.28 -56.48
N ASN B 282 0.22 29.69 -56.91
CA ASN B 282 -0.81 29.27 -55.99
C ASN B 282 -0.64 27.84 -55.55
N SER B 283 0.41 27.13 -55.97
CA SER B 283 0.42 25.74 -55.52
C SER B 283 0.46 25.72 -53.98
N HIS B 284 1.20 26.63 -53.33
CA HIS B 284 1.28 26.55 -51.87
C HIS B 284 -0.12 26.97 -51.37
N ARG B 285 -0.77 27.75 -52.23
CA ARG B 285 -2.08 28.37 -52.06
C ARG B 285 -3.17 27.57 -52.74
N TYR B 286 -3.41 26.35 -52.32
CA TYR B 286 -4.43 25.56 -52.98
C TYR B 286 -5.74 25.94 -52.33
N ARG B 287 -5.66 26.36 -51.08
CA ARG B 287 -6.81 26.79 -50.29
C ARG B 287 -8.05 25.91 -50.46
N GLY B 288 -7.91 24.63 -50.14
CA GLY B 288 -8.94 23.66 -50.44
C GLY B 288 -8.65 22.88 -51.71
N GLY B 289 -9.44 21.84 -51.95
CA GLY B 289 -9.22 20.96 -53.07
C GLY B 289 -8.03 20.07 -52.75
N ALA B 290 -7.68 19.16 -53.66
CA ALA B 290 -6.60 18.23 -53.38
C ALA B 290 -5.41 18.59 -54.25
N SER B 291 -4.22 18.63 -53.64
CA SER B 291 -2.99 18.87 -54.40
C SER B 291 -3.11 20.17 -55.21
N GLY B 292 -2.87 20.06 -56.51
CA GLY B 292 -3.13 21.16 -57.42
C GLY B 292 -4.54 21.26 -57.97
N ASP B 293 -5.44 20.38 -57.54
CA ASP B 293 -6.76 20.30 -58.17
C ASP B 293 -7.66 21.49 -57.81
N PHE B 294 -7.11 22.49 -57.15
CA PHE B 294 -7.86 23.72 -56.92
C PHE B 294 -7.97 24.39 -58.30
N ALA B 295 -6.95 24.14 -59.12
CA ALA B 295 -6.93 24.44 -60.57
C ALA B 295 -8.18 23.95 -61.30
N ARG B 296 -8.68 22.82 -60.82
CA ARG B 296 -9.85 22.11 -61.33
C ARG B 296 -11.08 23.00 -61.17
N SER B 297 -11.06 23.86 -60.16
CA SER B 297 -12.15 24.79 -59.92
C SER B 297 -12.23 25.77 -61.09
N LEU B 298 -11.11 26.25 -61.65
CA LEU B 298 -11.26 27.14 -62.80
C LEU B 298 -11.92 26.32 -63.90
N ASP B 299 -11.52 25.07 -64.05
CA ASP B 299 -12.15 24.11 -64.97
C ASP B 299 -13.62 23.89 -64.58
N TYR B 300 -13.89 23.85 -63.27
CA TYR B 300 -15.27 23.68 -62.81
C TYR B 300 -16.05 24.86 -63.39
N CYS B 301 -15.45 26.04 -63.37
CA CYS B 301 -16.11 27.21 -63.96
C CYS B 301 -15.58 27.37 -65.39
N GLY B 302 -15.09 26.27 -65.97
CA GLY B 302 -14.56 26.31 -67.33
C GLY B 302 -15.55 26.74 -68.39
N ASP B 303 -16.77 26.21 -68.30
CA ASP B 303 -17.86 26.58 -69.19
C ASP B 303 -18.29 28.04 -68.97
N LEU B 304 -17.75 28.61 -67.89
CA LEU B 304 -17.92 30.00 -67.42
C LEU B 304 -16.84 30.80 -68.14
N ALA B 305 -15.64 30.22 -68.12
CA ALA B 305 -14.45 30.77 -68.76
C ALA B 305 -14.87 30.82 -70.22
N LEU B 306 -15.58 29.79 -70.63
CA LEU B 306 -16.09 29.59 -71.98
C LEU B 306 -16.97 30.82 -72.16
N GLU B 307 -17.89 31.03 -71.22
CA GLU B 307 -18.78 32.19 -71.22
C GLU B 307 -18.08 33.55 -71.21
N GLY B 308 -16.88 33.71 -70.68
CA GLY B 308 -16.32 35.05 -70.77
C GLY B 308 -16.23 35.44 -72.24
N VAL B 309 -15.67 34.61 -73.10
CA VAL B 309 -15.66 34.98 -74.52
C VAL B 309 -17.14 35.01 -74.94
N PHE B 310 -17.87 33.97 -74.52
CA PHE B 310 -19.26 33.77 -74.87
C PHE B 310 -20.34 34.69 -74.31
N ALA B 311 -20.29 35.08 -73.03
CA ALA B 311 -21.35 35.97 -72.55
C ALA B 311 -21.02 37.46 -72.76
N HIS B 312 -20.28 37.74 -73.84
CA HIS B 312 -19.83 39.10 -74.19
C HIS B 312 -19.12 39.86 -73.10
N LYS B 313 -18.88 39.22 -71.97
CA LYS B 313 -18.23 39.88 -70.85
C LYS B 313 -17.32 38.93 -70.11
N PHE B 314 -16.23 39.45 -69.58
CA PHE B 314 -15.38 38.66 -68.72
C PHE B 314 -15.83 38.80 -67.29
N ASP B 315 -16.99 39.41 -67.06
CA ASP B 315 -17.38 39.55 -65.66
C ASP B 315 -18.47 38.58 -65.22
N PHE B 316 -18.26 37.97 -64.05
CA PHE B 316 -19.16 36.98 -63.48
C PHE B 316 -19.53 37.26 -62.03
N GLU B 317 -20.58 36.61 -61.52
CA GLU B 317 -20.90 36.74 -60.11
C GLU B 317 -20.80 35.32 -59.60
N PRO B 318 -20.04 35.10 -58.53
CA PRO B 318 -19.85 33.73 -58.07
C PRO B 318 -21.15 33.13 -57.56
N GLU B 319 -21.33 31.84 -57.79
CA GLU B 319 -22.59 31.15 -57.58
C GLU B 319 -23.00 31.14 -56.10
N HIS B 320 -24.29 31.34 -55.85
CA HIS B 320 -24.81 31.39 -54.49
C HIS B 320 -24.80 30.01 -53.83
N GLY B 321 -24.24 29.94 -52.63
CA GLY B 321 -23.95 28.68 -51.98
C GLY B 321 -22.49 28.26 -52.03
N SER B 322 -22.25 26.96 -51.84
CA SER B 322 -20.89 26.44 -51.66
C SER B 322 -19.97 26.69 -52.84
N SER B 323 -20.54 27.02 -54.00
CA SER B 323 -19.73 27.29 -55.18
C SER B 323 -19.17 28.70 -55.18
N MET B 324 -19.27 29.42 -54.05
CA MET B 324 -18.89 30.82 -54.11
C MET B 324 -17.38 30.79 -54.00
N ASN B 325 -16.87 29.57 -53.97
CA ASN B 325 -15.51 29.30 -53.61
C ASN B 325 -14.82 29.40 -54.93
N GLU B 326 -15.63 29.60 -55.96
CA GLU B 326 -15.11 29.74 -57.32
C GLU B 326 -14.29 31.01 -57.25
N ASP B 327 -14.73 32.01 -56.47
CA ASP B 327 -13.97 33.26 -56.43
C ASP B 327 -12.61 33.02 -55.75
N VAL B 328 -12.25 31.74 -55.56
CA VAL B 328 -10.89 31.24 -55.38
C VAL B 328 -9.99 31.88 -56.43
N LEU B 329 -10.51 32.04 -57.63
CA LEU B 329 -9.75 32.60 -58.71
C LEU B 329 -9.41 34.07 -58.45
N VAL B 330 -10.25 34.76 -57.66
CA VAL B 330 -9.88 36.13 -57.30
C VAL B 330 -8.68 36.01 -56.38
N THR B 331 -8.72 35.01 -55.50
CA THR B 331 -7.61 34.74 -54.61
C THR B 331 -6.40 34.35 -55.49
N ILE B 332 -6.65 33.55 -56.54
CA ILE B 332 -5.59 33.16 -57.47
C ILE B 332 -5.10 34.27 -58.40
N GLY B 333 -6.00 35.16 -58.77
CA GLY B 333 -5.68 36.32 -59.60
C GLY B 333 -6.06 36.08 -61.03
N LEU B 334 -6.71 34.95 -61.27
CA LEU B 334 -7.24 34.61 -62.59
C LEU B 334 -8.42 35.51 -62.86
N LEU B 335 -9.15 35.73 -61.77
CA LEU B 335 -10.29 36.61 -61.69
C LEU B 335 -10.18 37.70 -60.62
N CYS B 336 -9.15 38.55 -60.60
CA CYS B 336 -9.12 39.49 -59.47
C CYS B 336 -10.27 40.48 -59.61
N LYS B 337 -10.89 40.84 -58.50
CA LYS B 337 -11.95 41.86 -58.46
C LYS B 337 -11.87 43.25 -57.77
N TYR B 338 -12.53 44.21 -58.41
CA TYR B 338 -12.55 45.64 -58.04
C TYR B 338 -13.49 45.81 -56.83
N THR B 339 -13.09 46.40 -55.70
CA THR B 339 -14.13 46.62 -54.68
C THR B 339 -15.12 47.69 -55.16
N ALA B 340 -16.41 47.46 -54.89
CA ALA B 340 -17.53 48.30 -55.35
C ALA B 340 -18.87 47.82 -54.77
N GLN B 341 -19.85 48.71 -54.69
CA GLN B 341 -21.15 48.34 -54.15
C GLN B 341 -21.98 47.49 -55.11
N ARG B 342 -22.30 46.28 -54.64
CA ARG B 342 -23.02 45.22 -55.36
C ARG B 342 -22.04 44.58 -56.32
N LEU B 343 -20.81 44.47 -55.83
CA LEU B 343 -19.67 43.92 -56.54
C LEU B 343 -19.77 42.49 -57.03
N LYS B 344 -19.39 42.29 -58.28
CA LYS B 344 -19.21 40.95 -58.82
C LYS B 344 -17.92 40.83 -59.63
N PRO B 345 -17.23 39.69 -59.45
CA PRO B 345 -15.96 39.23 -60.01
C PRO B 345 -15.75 39.57 -61.48
N THR B 346 -14.48 39.60 -61.91
CA THR B 346 -14.09 39.84 -63.31
C THR B 346 -12.77 39.12 -63.40
N TYR B 347 -12.28 38.83 -64.60
CA TYR B 347 -10.92 38.29 -64.72
C TYR B 347 -9.74 39.25 -64.73
N LYS B 348 -10.00 40.55 -64.87
CA LYS B 348 -8.89 41.48 -65.03
C LYS B 348 -7.94 41.32 -63.84
N PHE B 349 -6.65 41.17 -64.14
CA PHE B 349 -5.61 41.36 -63.14
C PHE B 349 -4.95 42.66 -63.51
N PHE B 350 -5.64 43.37 -64.40
CA PHE B 350 -5.09 44.16 -65.51
C PHE B 350 -5.60 43.40 -66.74
N HIS B 351 -6.49 43.99 -67.53
CA HIS B 351 -6.92 43.43 -68.82
C HIS B 351 -7.69 42.11 -68.71
N LYS B 352 -9.00 42.16 -68.51
CA LYS B 352 -9.80 40.93 -68.38
C LYS B 352 -9.84 40.07 -69.65
N SER B 353 -9.62 40.70 -70.80
CA SER B 353 -9.61 39.97 -72.06
C SER B 353 -8.51 38.91 -72.09
N PHE B 354 -7.65 38.97 -71.09
CA PHE B 354 -6.55 38.05 -70.98
C PHE B 354 -7.07 36.61 -70.89
N GLN B 355 -8.22 36.46 -70.25
CA GLN B 355 -8.93 35.17 -70.15
C GLN B 355 -9.47 34.53 -71.44
N GLU B 356 -9.28 35.19 -72.58
CA GLU B 356 -9.76 34.63 -73.85
C GLU B 356 -9.18 33.27 -74.26
N TYR B 357 -7.91 33.04 -74.00
CA TYR B 357 -7.28 31.76 -74.30
C TYR B 357 -7.94 30.65 -73.50
N THR B 358 -8.20 30.86 -72.21
CA THR B 358 -8.79 29.79 -71.41
C THR B 358 -10.14 29.39 -72.00
N ALA B 359 -10.90 30.36 -72.50
CA ALA B 359 -12.17 30.01 -73.11
C ALA B 359 -11.93 29.15 -74.34
N GLY B 360 -10.90 29.48 -75.09
CA GLY B 360 -10.54 28.70 -76.25
C GLY B 360 -10.05 27.34 -75.77
N ARG B 361 -9.27 27.38 -74.69
CA ARG B 361 -8.73 26.19 -74.03
C ARG B 361 -9.78 25.21 -73.51
N ARG B 362 -10.85 25.72 -72.96
CA ARG B 362 -11.94 24.89 -72.45
C ARG B 362 -12.47 24.15 -73.67
N LEU B 363 -12.60 24.85 -74.79
CA LEU B 363 -13.13 24.25 -76.00
C LEU B 363 -12.17 23.11 -76.35
N SER B 364 -10.88 23.39 -76.27
CA SER B 364 -9.85 22.39 -76.55
C SER B 364 -9.99 21.22 -75.59
N SER B 365 -10.27 21.53 -74.32
CA SER B 365 -10.42 20.50 -73.30
C SER B 365 -11.59 19.62 -73.71
N LEU B 366 -12.55 20.23 -74.40
CA LEU B 366 -13.69 19.51 -74.92
C LEU B 366 -13.25 18.68 -76.13
N LEU B 367 -12.47 19.28 -77.03
CA LEU B 367 -12.01 18.58 -78.25
C LEU B 367 -11.06 17.41 -77.98
N THR B 368 -10.19 17.54 -76.99
CA THR B 368 -9.22 16.50 -76.64
C THR B 368 -9.79 15.56 -75.60
N SER B 369 -11.10 15.65 -75.38
CA SER B 369 -11.75 14.92 -74.31
C SER B 369 -11.97 13.45 -74.66
N LYS B 370 -12.15 12.67 -73.61
CA LYS B 370 -12.22 11.21 -73.68
C LYS B 370 -13.25 10.66 -74.66
N GLU B 371 -14.22 11.49 -75.05
CA GLU B 371 -15.27 11.04 -75.95
C GLU B 371 -15.73 12.09 -76.94
N PRO B 372 -16.16 11.63 -78.14
CA PRO B 372 -16.78 12.40 -79.21
C PRO B 372 -17.92 13.33 -78.78
N GLU B 373 -18.79 12.93 -77.86
CA GLU B 373 -19.89 13.80 -77.40
C GLU B 373 -19.41 15.09 -76.71
N GLU B 374 -18.36 15.02 -75.90
CA GLU B 374 -17.82 16.22 -75.27
C GLU B 374 -17.25 17.11 -76.38
N VAL B 375 -16.62 16.49 -77.36
CA VAL B 375 -16.06 17.23 -78.49
C VAL B 375 -17.18 17.94 -79.27
N SER B 376 -18.30 17.25 -79.52
CA SER B 376 -19.48 17.81 -80.19
C SER B 376 -20.12 18.89 -79.33
N LYS B 377 -19.96 18.75 -78.02
CA LYS B 377 -20.40 19.77 -77.08
C LYS B 377 -19.54 20.99 -77.33
N GLY B 378 -18.24 20.75 -77.54
CA GLY B 378 -17.30 21.79 -77.92
C GLY B 378 -17.71 22.35 -79.26
N ASN B 379 -18.13 21.44 -80.15
CA ASN B 379 -18.65 21.77 -81.48
C ASN B 379 -19.93 22.60 -81.36
N SER B 380 -20.76 22.31 -80.35
CA SER B 380 -22.05 23.00 -80.21
C SER B 380 -21.82 24.45 -79.81
N TYR B 381 -20.60 24.71 -79.34
CA TYR B 381 -20.13 26.04 -79.00
C TYR B 381 -19.80 26.79 -80.31
N LEU B 382 -19.86 26.05 -81.42
CA LEU B 382 -19.65 26.62 -82.76
C LEU B 382 -21.00 26.84 -83.42
N ASN B 383 -22.06 26.63 -82.66
CA ASN B 383 -23.41 26.75 -83.17
C ASN B 383 -23.80 28.11 -82.61
N LYS B 384 -22.81 28.68 -81.95
CA LYS B 384 -22.91 29.91 -81.18
C LYS B 384 -22.37 31.05 -82.05
N MET B 385 -21.57 30.67 -83.05
CA MET B 385 -20.74 31.61 -83.80
C MET B 385 -21.03 31.63 -85.32
N VAL B 386 -21.12 32.83 -85.88
CA VAL B 386 -21.35 33.03 -87.30
C VAL B 386 -20.18 33.61 -88.12
N SER B 387 -19.48 32.76 -88.87
CA SER B 387 -18.31 33.19 -89.66
C SER B 387 -17.18 34.02 -89.02
N ILE B 388 -16.34 34.63 -89.86
CA ILE B 388 -15.22 35.46 -89.39
C ILE B 388 -15.91 36.64 -88.71
N SER B 389 -17.00 37.07 -89.36
CA SER B 389 -17.88 38.18 -88.97
C SER B 389 -17.48 38.78 -87.65
N ASP B 390 -17.54 37.90 -86.66
CA ASP B 390 -17.37 38.16 -85.25
C ASP B 390 -15.95 38.59 -84.86
N ILE B 391 -15.12 38.92 -85.83
CA ILE B 391 -13.82 39.57 -85.55
C ILE B 391 -14.02 40.86 -84.74
N THR B 392 -15.25 41.38 -84.79
CA THR B 392 -15.63 42.58 -84.05
C THR B 392 -15.85 42.31 -82.57
N SER B 393 -15.95 41.04 -82.20
CA SER B 393 -16.31 40.69 -80.83
C SER B 393 -15.61 39.43 -80.37
N LEU B 394 -15.88 39.06 -79.12
CA LEU B 394 -15.11 38.01 -78.46
C LEU B 394 -15.09 36.64 -79.16
N TYR B 395 -16.04 36.29 -80.02
CA TYR B 395 -15.85 34.96 -80.60
C TYR B 395 -15.06 35.03 -81.92
N GLY B 396 -14.63 36.22 -82.38
CA GLY B 396 -13.98 36.24 -83.68
C GLY B 396 -12.69 35.47 -83.76
N ASN B 397 -11.89 35.83 -82.75
CA ASN B 397 -10.55 35.40 -82.33
C ASN B 397 -10.55 34.04 -81.62
N LEU B 398 -11.71 33.70 -81.11
CA LEU B 398 -12.04 32.50 -80.37
C LEU B 398 -11.61 31.26 -81.13
N LEU B 399 -11.77 31.20 -82.45
CA LEU B 399 -11.40 29.94 -83.09
C LEU B 399 -9.89 29.81 -83.09
N LEU B 400 -9.21 30.94 -83.05
CA LEU B 400 -7.77 31.04 -82.94
C LEU B 400 -7.35 30.41 -81.62
N TYR B 401 -8.09 30.76 -80.58
CA TYR B 401 -7.81 30.32 -79.23
C TYR B 401 -8.14 28.85 -79.14
N THR B 402 -9.13 28.42 -79.91
CA THR B 402 -9.45 27.01 -79.97
C THR B 402 -8.25 26.25 -80.57
N CYS B 403 -7.75 26.77 -81.70
CA CYS B 403 -6.61 26.20 -82.41
C CYS B 403 -5.20 26.22 -81.78
N GLY B 404 -4.82 27.27 -81.06
CA GLY B 404 -3.51 27.35 -80.41
C GLY B 404 -3.47 26.24 -79.39
N SER B 405 -4.68 25.94 -78.93
CA SER B 405 -5.02 24.97 -77.91
C SER B 405 -4.88 23.53 -78.46
N SER B 406 -5.31 23.28 -79.70
CA SER B 406 -5.32 21.92 -80.24
C SER B 406 -4.95 21.82 -81.73
N THR B 407 -4.42 20.65 -82.10
CA THR B 407 -3.94 20.31 -83.45
C THR B 407 -4.88 19.90 -84.61
N GLU B 408 -5.09 18.59 -84.68
CA GLU B 408 -5.95 17.86 -85.61
C GLU B 408 -7.40 18.26 -85.47
N ALA B 409 -7.76 18.57 -84.25
CA ALA B 409 -9.11 18.95 -83.84
C ALA B 409 -9.55 20.19 -84.57
N THR B 410 -8.67 21.16 -84.82
CA THR B 410 -9.12 22.31 -85.60
C THR B 410 -9.58 21.99 -87.04
N ARG B 411 -9.47 20.73 -87.49
CA ARG B 411 -10.14 20.34 -88.74
C ARG B 411 -11.66 20.44 -88.57
N ALA B 412 -12.11 20.15 -87.36
CA ALA B 412 -13.50 20.32 -86.93
C ALA B 412 -13.86 21.79 -87.03
N VAL B 413 -12.89 22.64 -86.71
CA VAL B 413 -13.03 24.09 -86.77
C VAL B 413 -13.17 24.38 -88.25
N MET B 414 -12.35 23.75 -89.07
CA MET B 414 -12.37 24.04 -90.50
C MET B 414 -13.72 23.63 -91.05
N ARG B 415 -14.36 22.63 -90.43
CA ARG B 415 -15.67 22.23 -90.91
C ARG B 415 -16.68 23.37 -90.77
N HIS B 416 -16.65 24.11 -89.66
CA HIS B 416 -17.60 25.23 -89.55
C HIS B 416 -17.22 26.35 -90.50
N LEU B 417 -15.95 26.40 -90.91
CA LEU B 417 -15.55 27.41 -91.86
C LEU B 417 -16.18 27.11 -93.21
N ALA B 418 -16.73 25.92 -93.35
CA ALA B 418 -17.35 25.52 -94.61
C ALA B 418 -18.85 25.71 -94.46
N MET B 419 -19.27 26.06 -93.25
CA MET B 419 -20.69 26.07 -92.85
C MET B 419 -21.07 27.54 -92.82
N VAL B 420 -20.13 28.34 -93.30
CA VAL B 420 -20.23 29.79 -93.41
C VAL B 420 -20.87 30.18 -94.74
N TYR B 421 -22.02 30.83 -94.66
CA TYR B 421 -22.82 31.14 -95.85
C TYR B 421 -23.18 32.61 -95.78
N GLN B 422 -22.69 33.25 -94.73
CA GLN B 422 -23.07 34.61 -94.39
C GLN B 422 -22.10 35.57 -95.07
N HIS B 423 -20.92 35.06 -95.40
CA HIS B 423 -19.87 35.83 -96.06
C HIS B 423 -19.27 36.88 -95.14
N GLY B 424 -19.38 36.63 -93.84
CA GLY B 424 -19.04 37.60 -92.81
C GLY B 424 -20.14 38.59 -92.50
N SER B 425 -19.83 39.88 -92.58
CA SER B 425 -20.85 40.91 -92.52
C SER B 425 -20.52 42.07 -93.47
N LEU B 426 -21.55 42.62 -94.12
CA LEU B 426 -21.33 43.65 -95.13
C LEU B 426 -21.38 45.07 -94.57
N GLN B 427 -21.71 45.21 -93.29
CA GLN B 427 -21.91 46.54 -92.72
C GLN B 427 -20.57 47.25 -92.56
N GLY B 428 -20.53 48.51 -92.97
CA GLY B 428 -19.32 49.32 -92.84
C GLY B 428 -18.25 49.07 -93.89
N LEU B 429 -18.56 48.22 -94.88
CA LEU B 429 -17.59 47.84 -95.89
C LEU B 429 -18.15 48.04 -97.29
N SER B 430 -17.28 48.37 -98.24
CA SER B 430 -17.71 48.70 -99.59
C SER B 430 -16.66 48.44 -100.66
N VAL B 431 -17.05 47.74 -101.72
CA VAL B 431 -16.20 47.39 -102.86
C VAL B 431 -15.51 48.62 -103.47
N THR B 432 -15.90 49.80 -103.00
CA THR B 432 -15.30 51.03 -103.47
C THR B 432 -14.46 51.72 -102.39
N LYS B 433 -13.89 50.93 -101.49
CA LYS B 433 -13.07 51.49 -100.42
C LYS B 433 -11.61 51.09 -100.67
N ARG B 434 -11.41 49.95 -101.33
CA ARG B 434 -10.06 49.46 -101.62
C ARG B 434 -9.35 50.38 -102.64
N PRO B 435 -9.98 50.66 -103.81
CA PRO B 435 -9.31 51.60 -104.73
C PRO B 435 -9.26 53.05 -104.22
N LEU B 436 -10.21 53.43 -103.38
CA LEU B 436 -10.39 54.79 -102.82
C LEU B 436 -11.04 55.74 -103.83
N TRP B 437 -11.93 55.19 -104.67
CA TRP B 437 -12.50 55.99 -105.76
C TRP B 437 -14.03 56.00 -105.73
N ARG B 438 -14.62 57.05 -106.29
CA ARG B 438 -16.05 57.10 -106.54
C ARG B 438 -16.32 56.99 -108.03
N GLN B 439 -15.45 56.30 -108.76
CA GLN B 439 -15.54 56.26 -110.21
C GLN B 439 -15.05 54.95 -110.81
N GLU B 440 -15.55 54.66 -112.01
CA GLU B 440 -15.34 53.39 -112.70
C GLU B 440 -13.89 52.92 -112.70
N SEP B 441 -13.72 51.61 -112.52
CA SEP B 441 -12.41 50.95 -112.49
CB SEP B 441 -12.23 50.25 -111.15
OG SEP B 441 -13.33 49.39 -110.89
C SEP B 441 -12.30 49.93 -113.62
O SEP B 441 -13.15 49.91 -114.52
P SEP B 441 -13.86 49.57 -109.38
O1P SEP B 441 -15.37 49.05 -109.28
O2P SEP B 441 -13.80 51.13 -108.98
O3P SEP B 441 -12.93 48.72 -108.39
N ILE B 442 -11.26 49.09 -113.60
CA ILE B 442 -11.17 47.98 -114.54
C ILE B 442 -12.13 46.89 -114.06
N GLN B 443 -12.25 46.80 -112.75
CA GLN B 443 -13.16 45.86 -112.13
C GLN B 443 -14.59 46.28 -112.49
N SER B 444 -14.79 47.58 -112.65
CA SER B 444 -16.09 48.13 -113.04
C SER B 444 -16.44 47.79 -114.48
N LEU B 445 -15.43 47.73 -115.33
CA LEU B 445 -15.64 47.29 -116.71
C LEU B 445 -16.10 45.83 -116.74
N ARG B 446 -15.73 45.07 -115.72
CA ARG B 446 -16.11 43.66 -115.69
C ARG B 446 -17.61 43.51 -115.31
N ASN B 447 -18.20 44.59 -114.78
CA ASN B 447 -19.60 44.58 -114.33
C ASN B 447 -20.50 45.73 -114.79
N THR B 448 -21.81 45.49 -114.79
CA THR B 448 -22.82 46.46 -115.19
C THR B 448 -23.22 47.48 -114.11
N THR B 449 -22.91 47.21 -112.84
CA THR B 449 -23.11 48.18 -111.76
C THR B 449 -21.85 48.77 -111.13
N GLU B 450 -22.05 49.68 -110.17
CA GLU B 450 -20.93 50.34 -109.50
C GLU B 450 -20.37 49.38 -108.46
N GLN B 451 -21.23 48.49 -107.96
CA GLN B 451 -20.83 47.56 -106.91
C GLN B 451 -21.22 46.12 -107.28
N ASP B 452 -20.67 45.17 -106.53
CA ASP B 452 -21.05 43.76 -106.59
C ASP B 452 -20.24 42.93 -105.59
N VAL B 453 -18.95 43.24 -105.48
CA VAL B 453 -18.05 42.51 -104.57
C VAL B 453 -18.58 42.74 -103.16
N LEU B 454 -19.08 43.97 -102.94
CA LEU B 454 -19.74 44.40 -101.70
C LEU B 454 -20.66 43.35 -101.06
N LYS B 455 -21.38 42.64 -101.90
CA LYS B 455 -22.36 41.65 -101.48
C LYS B 455 -21.58 40.58 -100.72
N ALA B 456 -20.43 40.19 -101.25
CA ALA B 456 -19.65 39.11 -100.68
C ALA B 456 -18.30 39.79 -100.36
N ILE B 457 -18.38 41.04 -99.87
CA ILE B 457 -17.17 41.86 -99.61
C ILE B 457 -16.10 41.20 -98.76
N ASN B 458 -16.51 40.43 -97.77
CA ASN B 458 -15.54 39.81 -96.88
C ASN B 458 -15.04 38.48 -97.38
N VAL B 459 -15.04 38.26 -98.69
CA VAL B 459 -14.52 37.00 -99.21
C VAL B 459 -13.02 36.88 -98.95
N ASN B 460 -12.30 37.99 -98.98
CA ASN B 460 -10.87 37.98 -98.66
C ASN B 460 -10.60 38.32 -97.18
N SER B 461 -11.63 38.77 -96.48
CA SER B 461 -11.53 39.15 -95.06
C SER B 461 -11.29 37.82 -94.37
N PHE B 462 -11.93 36.82 -94.94
CA PHE B 462 -11.87 35.42 -94.56
C PHE B 462 -10.46 34.92 -94.64
N VAL B 463 -9.78 35.30 -95.71
CA VAL B 463 -8.42 34.89 -95.95
C VAL B 463 -7.44 35.38 -94.89
N GLU B 464 -7.54 36.62 -94.43
CA GLU B 464 -6.64 37.08 -93.36
C GLU B 464 -6.78 36.23 -92.07
N CYS B 465 -8.04 35.95 -91.71
CA CYS B 465 -8.37 35.07 -90.60
C CYS B 465 -7.75 33.73 -90.84
N GLY B 466 -7.91 33.26 -92.09
CA GLY B 466 -7.41 31.99 -92.54
C GLY B 466 -5.91 31.80 -92.45
N ILE B 467 -5.13 32.81 -92.82
CA ILE B 467 -3.68 32.68 -92.72
C ILE B 467 -3.31 32.59 -91.25
N ASN B 468 -4.00 33.38 -90.43
CA ASN B 468 -3.76 33.28 -88.99
C ASN B 468 -4.11 31.87 -88.44
N LEU B 469 -5.27 31.34 -88.84
CA LEU B 469 -5.73 30.00 -88.46
C LEU B 469 -4.83 28.85 -88.91
N PHE B 470 -4.29 29.01 -90.12
CA PHE B 470 -3.37 28.07 -90.74
C PHE B 470 -2.14 28.01 -89.86
N SER B 471 -1.70 29.21 -89.51
CA SER B 471 -0.55 29.48 -88.65
C SER B 471 -0.69 28.97 -87.21
N GLU B 472 -1.87 29.13 -86.63
CA GLU B 472 -2.16 28.76 -85.25
C GLU B 472 -2.11 27.30 -84.77
N SER B 473 -2.38 26.33 -85.62
CA SER B 473 -2.30 24.96 -85.13
C SER B 473 -1.08 24.46 -85.89
N MET B 474 -0.49 25.41 -86.61
CA MET B 474 0.70 25.21 -87.41
C MET B 474 0.29 24.15 -88.41
N SER B 475 -0.88 24.37 -89.01
CA SER B 475 -1.71 23.30 -89.55
C SER B 475 -1.19 22.58 -90.78
N LYS B 476 0.05 22.87 -91.17
CA LYS B 476 0.69 22.40 -92.41
C LYS B 476 -0.23 21.92 -93.54
N SER B 477 0.28 20.99 -94.33
CA SER B 477 -0.46 20.39 -95.44
C SER B 477 -1.67 19.56 -94.99
N ASP B 478 -1.83 19.37 -93.68
CA ASP B 478 -2.94 18.57 -93.17
C ASP B 478 -4.33 19.20 -93.40
N LEU B 479 -4.42 20.50 -93.18
CA LEU B 479 -5.66 21.25 -93.34
C LEU B 479 -5.87 21.86 -94.74
N SER B 480 -5.04 21.48 -95.71
CA SER B 480 -5.12 22.00 -97.09
C SER B 480 -6.30 21.74 -98.03
N GLN B 481 -6.94 20.57 -97.98
CA GLN B 481 -8.12 20.31 -98.80
C GLN B 481 -9.24 21.28 -98.44
N GLU B 482 -9.25 21.57 -97.14
CA GLU B 482 -10.17 22.49 -96.55
C GLU B 482 -9.79 23.86 -97.03
N PHE B 483 -8.52 24.29 -96.97
CA PHE B 483 -8.36 25.68 -97.27
C PHE B 483 -8.47 25.84 -98.78
N GLU B 484 -8.35 24.77 -99.58
CA GLU B 484 -8.40 25.03 -101.05
C GLU B 484 -9.84 25.36 -101.24
N ALA B 485 -10.70 24.59 -100.55
CA ALA B 485 -12.16 24.82 -100.64
C ALA B 485 -12.73 26.04 -99.91
N PHE B 486 -11.99 26.58 -98.95
CA PHE B 486 -12.50 27.64 -98.08
C PHE B 486 -12.41 29.03 -98.71
N PHE B 487 -11.36 29.26 -99.51
CA PHE B 487 -11.15 30.57 -100.12
C PHE B 487 -11.58 30.55 -101.58
N GLN B 488 -12.27 29.47 -101.95
CA GLN B 488 -12.74 29.26 -103.32
C GLN B 488 -13.90 30.16 -103.71
N GLY B 489 -13.91 30.60 -104.98
CA GLY B 489 -14.98 31.43 -105.48
C GLY B 489 -14.81 32.85 -105.00
N LYS B 490 -13.59 33.17 -104.58
CA LYS B 490 -13.31 34.46 -103.97
C LYS B 490 -12.12 35.19 -104.58
N SER B 491 -12.11 36.51 -104.43
CA SER B 491 -11.04 37.38 -104.91
C SER B 491 -10.46 38.31 -103.82
N LEU B 492 -9.14 38.47 -103.83
CA LEU B 492 -8.41 39.36 -102.91
C LEU B 492 -7.91 40.63 -103.58
N TYR B 493 -8.19 41.79 -103.02
CA TYR B 493 -7.66 43.01 -103.62
C TYR B 493 -6.87 43.86 -102.61
N ILE B 494 -5.60 44.10 -102.98
CA ILE B 494 -4.61 44.96 -102.33
C ILE B 494 -4.31 46.34 -102.94
N ASN B 495 -4.31 47.41 -102.14
CA ASN B 495 -3.67 48.66 -102.56
C ASN B 495 -2.15 48.68 -102.25
N SER B 496 -1.35 49.29 -103.14
CA SER B 496 0.10 49.43 -102.94
C SER B 496 0.45 50.31 -101.74
N GLU B 497 -0.42 51.26 -101.45
CA GLU B 497 -0.27 52.19 -100.33
C GLU B 497 -0.45 51.45 -99.01
N ASN B 498 -1.36 50.48 -99.02
CA ASN B 498 -1.62 49.65 -97.85
C ASN B 498 -1.34 48.18 -98.14
N ILE B 499 -0.07 47.87 -98.35
CA ILE B 499 0.40 46.49 -98.53
C ILE B 499 0.79 45.86 -97.20
N PRO B 500 0.02 44.85 -96.77
CA PRO B 500 0.39 44.09 -95.58
C PRO B 500 1.67 43.27 -95.78
N ASP B 501 2.31 42.94 -94.66
CA ASP B 501 3.51 42.12 -94.60
C ASP B 501 3.13 40.64 -94.48
N TYR B 502 1.96 40.40 -93.90
CA TYR B 502 1.42 39.07 -93.64
C TYR B 502 1.00 38.28 -94.88
N LEU B 503 0.88 38.87 -96.06
CA LEU B 503 0.55 37.98 -97.17
C LEU B 503 1.60 36.90 -97.50
N PHE B 504 2.91 37.16 -97.50
CA PHE B 504 3.80 36.00 -97.71
C PHE B 504 3.73 34.95 -96.55
N ASP B 505 2.97 35.23 -95.47
CA ASP B 505 2.80 34.29 -94.32
C ASP B 505 2.13 32.93 -94.59
N PHE B 506 1.09 32.96 -95.41
CA PHE B 506 0.27 31.79 -95.80
C PHE B 506 1.18 30.85 -96.53
N PHE B 507 2.03 31.46 -97.35
CA PHE B 507 2.98 30.79 -98.21
C PHE B 507 4.02 29.98 -97.44
N GLU B 508 3.71 29.65 -96.18
CA GLU B 508 4.63 28.89 -95.33
C GLU B 508 4.74 27.48 -95.87
N TYR B 509 3.61 26.80 -95.93
CA TYR B 509 3.58 25.38 -96.26
C TYR B 509 2.70 25.25 -97.48
N LEU B 510 1.87 26.27 -97.69
CA LEU B 510 0.93 26.05 -98.77
C LEU B 510 0.82 27.26 -99.72
N PRO B 511 1.91 27.64 -100.42
CA PRO B 511 1.71 28.80 -101.31
C PRO B 511 0.85 28.55 -102.57
N ASN B 512 0.86 27.30 -102.97
CA ASN B 512 0.14 26.80 -104.13
C ASN B 512 -1.37 26.89 -104.02
N CYS B 513 -1.90 26.70 -102.82
CA CYS B 513 -3.34 26.78 -102.65
C CYS B 513 -3.85 28.20 -102.86
N ALA B 514 -2.93 29.09 -103.24
CA ALA B 514 -3.26 30.48 -103.57
C ALA B 514 -4.22 30.44 -104.75
N SER B 515 -4.04 29.44 -105.62
CA SER B 515 -4.90 29.25 -106.79
C SER B 515 -6.26 28.64 -106.49
N ALA B 516 -6.67 28.63 -105.24
CA ALA B 516 -8.07 28.42 -104.92
C ALA B 516 -8.81 29.71 -105.24
N LEU B 517 -8.20 30.84 -104.86
CA LEU B 517 -8.71 32.19 -105.11
C LEU B 517 -8.77 32.44 -106.61
N ASP B 518 -9.65 33.34 -107.06
CA ASP B 518 -9.63 33.73 -108.47
C ASP B 518 -8.60 34.79 -108.84
N PHE B 519 -8.89 36.04 -108.49
CA PHE B 519 -7.95 37.16 -108.69
C PHE B 519 -7.43 37.96 -107.49
N VAL B 520 -6.13 38.23 -107.53
CA VAL B 520 -5.43 38.95 -106.46
C VAL B 520 -5.34 40.28 -107.19
N LYS B 521 -5.87 41.34 -106.59
CA LYS B 521 -5.93 42.60 -107.30
C LYS B 521 -5.08 43.66 -106.61
N LEU B 522 -4.30 44.31 -107.45
CA LEU B 522 -3.34 45.32 -107.05
C LEU B 522 -3.49 46.72 -107.65
N ASP B 523 -3.44 47.73 -106.79
CA ASP B 523 -3.53 49.10 -107.24
C ASP B 523 -2.18 49.71 -106.94
N PHE B 524 -1.58 50.31 -107.97
CA PHE B 524 -0.22 50.85 -107.86
C PHE B 524 -0.29 52.34 -108.15
N TYR B 525 -0.07 53.15 -107.13
CA TYR B 525 0.06 54.60 -107.30
C TYR B 525 1.44 55.20 -107.11
N GLU B 526 1.49 56.52 -107.28
CA GLU B 526 2.70 57.33 -107.17
C GLU B 526 3.80 57.01 -108.17
N ARG B 527 4.44 55.86 -108.03
CA ARG B 527 5.52 55.49 -108.93
C ARG B 527 5.39 54.03 -109.33
N ALA B 528 5.93 53.71 -110.50
CA ALA B 528 5.89 52.33 -110.99
C ALA B 528 6.76 51.43 -110.10
N THR B 529 7.66 52.04 -109.33
CA THR B 529 8.55 51.31 -108.42
C THR B 529 7.78 50.46 -107.43
N PRO B 553 6.98 47.58 -108.95
CA PRO B 553 6.80 47.18 -107.55
C PRO B 553 7.58 45.92 -107.16
N PRO B 554 8.84 46.07 -106.72
CA PRO B 554 9.66 44.92 -106.34
C PRO B 554 9.06 44.16 -105.17
N ARG B 555 8.41 44.88 -104.26
CA ARG B 555 7.79 44.28 -103.09
C ARG B 555 6.59 43.40 -103.46
N ALA B 556 5.85 43.82 -104.49
CA ALA B 556 4.70 43.06 -104.99
C ALA B 556 5.08 41.75 -105.67
N VAL B 557 6.10 41.80 -106.54
CA VAL B 557 6.49 40.64 -107.33
C VAL B 557 6.97 39.52 -106.42
N SER B 558 7.77 39.89 -105.41
CA SER B 558 8.38 38.96 -104.47
C SER B 558 7.39 37.87 -104.05
N LEU B 559 6.12 38.27 -104.01
CA LEU B 559 5.00 37.38 -103.74
C LEU B 559 4.77 36.37 -104.86
N PHE B 560 4.91 36.82 -106.11
CA PHE B 560 4.63 35.98 -107.27
C PHE B 560 5.84 35.16 -107.69
N PHE B 561 6.99 35.45 -107.09
CA PHE B 561 8.10 34.51 -107.14
C PHE B 561 7.83 33.27 -106.29
N ASN B 562 6.97 33.41 -105.29
CA ASN B 562 6.70 32.31 -104.39
C ASN B 562 5.55 31.41 -104.83
N TRP B 563 4.78 31.86 -105.82
CA TRP B 563 3.63 31.09 -106.25
C TRP B 563 3.71 30.51 -107.67
N LYS B 564 3.10 29.34 -107.84
CA LYS B 564 3.06 28.61 -109.11
C LYS B 564 2.20 29.24 -110.20
N GLN B 565 2.72 29.27 -111.42
CA GLN B 565 1.96 29.67 -112.60
C GLN B 565 0.87 28.66 -112.92
N GLU B 566 -0.23 29.07 -113.60
CA GLU B 566 -0.63 30.46 -113.79
C GLU B 566 -1.95 30.86 -113.15
N PHE B 567 -1.96 32.05 -112.55
CA PHE B 567 -3.19 32.62 -111.99
C PHE B 567 -4.17 32.74 -113.14
N LYS B 568 -5.46 32.55 -112.90
CA LYS B 568 -6.40 32.71 -114.00
C LYS B 568 -6.46 34.17 -114.47
N THR B 569 -7.09 35.02 -113.67
CA THR B 569 -7.12 36.47 -113.93
C THR B 569 -6.44 37.32 -112.83
N LEU B 570 -5.50 38.16 -113.26
CA LEU B 570 -4.72 39.08 -112.42
C LEU B 570 -4.97 40.57 -112.69
N GLU B 571 -5.55 41.32 -111.76
CA GLU B 571 -5.89 42.69 -112.18
C GLU B 571 -5.26 43.83 -111.38
N VAL B 572 -4.83 44.80 -112.18
CA VAL B 572 -4.19 46.05 -111.82
C VAL B 572 -4.79 47.43 -112.23
N THR B 573 -4.97 48.26 -111.21
CA THR B 573 -5.54 49.63 -111.19
C THR B 573 -4.43 50.68 -110.96
N LEU B 574 -4.26 51.64 -111.86
CA LEU B 574 -3.12 52.55 -111.81
C LEU B 574 -3.75 53.89 -111.39
N ARG B 575 -3.24 54.42 -110.27
CA ARG B 575 -3.58 55.75 -109.75
C ARG B 575 -2.47 56.79 -109.54
N ASP B 576 -2.84 58.06 -109.75
CA ASP B 576 -1.97 59.23 -109.58
C ASP B 576 -0.49 58.97 -109.80
N ILE B 577 -0.16 58.55 -111.01
CA ILE B 577 1.24 58.32 -111.36
C ILE B 577 1.73 59.51 -112.19
N ASN B 578 2.90 60.01 -111.81
CA ASN B 578 3.55 61.10 -112.52
C ASN B 578 4.99 60.67 -112.72
N LYS B 579 5.21 59.39 -112.43
CA LYS B 579 6.52 58.75 -112.55
C LYS B 579 6.31 57.37 -113.14
N LEU B 580 6.17 57.29 -114.45
CA LEU B 580 5.99 56.00 -115.10
C LEU B 580 7.33 55.43 -115.47
N ASN B 581 8.12 55.07 -114.46
CA ASN B 581 9.45 54.55 -114.74
C ASN B 581 9.25 53.28 -115.53
N LYS B 582 9.57 53.41 -116.82
CA LYS B 582 9.40 52.35 -117.80
C LYS B 582 10.22 51.11 -117.40
N GLN B 583 11.12 51.32 -116.45
CA GLN B 583 11.90 50.25 -115.80
C GLN B 583 11.09 49.40 -114.81
N ASP B 584 10.11 50.02 -114.13
CA ASP B 584 9.38 49.35 -113.04
C ASP B 584 8.06 48.75 -113.54
N ILE B 585 7.80 49.01 -114.82
CA ILE B 585 6.68 48.55 -115.64
C ILE B 585 6.86 47.04 -115.63
N LYS B 586 8.12 46.67 -115.80
CA LYS B 586 8.63 45.31 -115.88
C LYS B 586 8.29 44.54 -114.60
N TYR B 587 8.37 45.17 -113.44
CA TYR B 587 8.09 44.47 -112.18
C TYR B 587 6.61 44.08 -112.31
N LEU B 588 5.82 45.01 -112.82
CA LEU B 588 4.41 44.75 -113.10
C LEU B 588 4.35 43.61 -114.09
N GLY B 589 5.33 43.53 -114.99
CA GLY B 589 5.44 42.44 -115.96
C GLY B 589 5.57 41.11 -115.23
N LYS B 590 6.41 41.06 -114.20
CA LYS B 590 6.62 39.84 -113.41
C LYS B 590 5.28 39.46 -112.79
N ILE B 591 4.55 40.46 -112.31
CA ILE B 591 3.23 40.20 -111.72
C ILE B 591 2.30 39.68 -112.81
N PHE B 592 2.40 40.27 -114.00
CA PHE B 592 1.58 39.90 -115.13
C PHE B 592 1.82 38.50 -115.69
N SER B 593 3.04 37.97 -115.56
CA SER B 593 3.26 36.64 -116.14
C SER B 593 2.63 35.55 -115.29
N SER B 594 2.17 35.92 -114.09
CA SER B 594 1.55 34.94 -113.21
C SER B 594 0.17 34.53 -113.71
N ALA B 595 -0.45 35.40 -114.49
CA ALA B 595 -1.82 35.17 -114.94
C ALA B 595 -2.07 34.87 -116.41
N THR B 596 -3.06 34.02 -116.66
CA THR B 596 -3.52 33.76 -118.01
C THR B 596 -4.19 35.05 -118.52
N ASN B 597 -4.91 35.73 -117.63
CA ASN B 597 -5.60 36.98 -117.97
C ASN B 597 -5.19 38.15 -117.06
N LEU B 598 -4.87 39.27 -117.70
CA LEU B 598 -4.55 40.55 -117.06
C LEU B 598 -5.46 41.75 -117.30
N ARG B 599 -5.96 42.42 -116.25
CA ARG B 599 -6.98 43.45 -116.54
C ARG B 599 -6.36 44.74 -115.97
N LEU B 600 -6.30 45.79 -116.79
CA LEU B 600 -5.85 47.15 -116.41
C LEU B 600 -6.68 48.43 -116.56
N HIS B 601 -6.83 49.18 -115.46
CA HIS B 601 -7.53 50.49 -115.50
C HIS B 601 -6.53 51.61 -115.20
N ILE B 602 -6.29 52.51 -116.13
CA ILE B 602 -5.24 53.49 -115.95
C ILE B 602 -5.91 54.85 -115.80
N LYS B 603 -5.74 55.32 -114.56
CA LYS B 603 -6.50 56.40 -113.95
C LYS B 603 -5.64 57.46 -113.27
N ARG B 604 -5.66 58.67 -113.83
CA ARG B 604 -4.88 59.80 -113.32
C ARG B 604 -3.39 59.61 -113.49
N CYS B 605 -3.01 58.82 -114.48
CA CYS B 605 -1.61 58.55 -114.71
C CYS B 605 -1.07 59.49 -115.77
N ALA B 606 -0.77 60.71 -115.36
CA ALA B 606 -0.29 61.74 -116.27
C ALA B 606 1.07 61.39 -116.89
N ALA B 607 1.77 60.43 -116.31
CA ALA B 607 3.03 59.95 -116.85
C ALA B 607 2.81 58.86 -117.91
N MET B 608 1.57 58.44 -118.05
CA MET B 608 1.14 57.41 -119.01
C MET B 608 0.62 58.01 -120.32
N ALA B 609 1.41 57.91 -121.39
CA ALA B 609 0.99 58.42 -122.70
C ALA B 609 1.06 57.29 -123.73
N GLY B 610 1.98 57.37 -124.69
CA GLY B 610 2.13 56.29 -125.65
C GLY B 610 2.78 55.12 -124.94
N ARG B 611 3.14 55.39 -123.69
CA ARG B 611 3.98 54.55 -122.88
C ARG B 611 3.21 53.30 -122.43
N LEU B 612 1.92 53.27 -122.76
CA LEU B 612 1.09 52.09 -122.53
C LEU B 612 1.71 50.92 -123.29
N SER B 613 2.47 51.24 -124.34
CA SER B 613 3.23 50.25 -125.09
C SER B 613 4.06 49.34 -124.16
N SER B 614 4.65 49.94 -123.14
CA SER B 614 5.54 49.26 -122.18
C SER B 614 4.68 48.32 -121.35
N VAL B 615 3.49 48.82 -121.04
CA VAL B 615 2.48 48.10 -120.28
C VAL B 615 2.08 46.85 -121.07
N LEU B 616 2.00 46.96 -122.39
CA LEU B 616 1.49 45.85 -123.19
C LEU B 616 2.59 44.85 -123.58
N ARG B 617 3.75 45.34 -124.01
CA ARG B 617 4.83 44.45 -124.45
C ARG B 617 5.09 43.35 -123.41
N THR B 618 4.84 43.68 -122.14
CA THR B 618 5.08 42.79 -121.01
C THR B 618 3.87 41.93 -120.70
N CYS B 619 2.72 42.31 -121.25
CA CYS B 619 1.48 41.56 -121.07
C CYS B 619 1.43 40.27 -121.88
N LYS B 620 1.20 39.17 -121.18
CA LYS B 620 0.93 37.90 -121.86
C LYS B 620 -0.37 38.06 -122.63
N ASN B 621 -1.32 38.77 -122.01
CA ASN B 621 -2.68 38.82 -122.52
C ASN B 621 -3.44 39.97 -121.84
N MET B 622 -3.66 41.05 -122.60
CA MET B 622 -4.44 42.18 -122.13
C MET B 622 -5.92 41.82 -122.18
N HIS B 623 -6.41 41.15 -121.14
CA HIS B 623 -7.73 40.54 -121.20
C HIS B 623 -8.86 41.59 -121.18
N THR B 624 -8.62 42.74 -120.55
CA THR B 624 -9.61 43.81 -120.49
C THR B 624 -8.95 45.19 -120.32
N LEU B 625 -9.30 46.17 -121.16
CA LEU B 625 -8.75 47.52 -120.98
C LEU B 625 -9.77 48.68 -120.85
N MET B 626 -9.68 49.39 -119.74
CA MET B 626 -10.45 50.61 -119.42
C MET B 626 -9.59 51.84 -119.13
N VAL B 627 -9.84 52.99 -119.77
CA VAL B 627 -8.94 54.13 -119.63
C VAL B 627 -9.73 55.42 -119.34
N GLU B 628 -9.45 56.03 -118.18
CA GLU B 628 -10.08 57.28 -117.76
C GLU B 628 -9.17 58.22 -116.96
N ALA B 629 -9.36 59.52 -117.15
CA ALA B 629 -8.62 60.57 -116.44
C ALA B 629 -7.12 60.48 -116.67
N SER B 630 -6.73 59.96 -117.83
CA SER B 630 -5.32 59.83 -118.15
C SER B 630 -5.10 60.22 -119.62
N PRO B 631 -3.83 60.51 -119.99
CA PRO B 631 -3.49 60.91 -121.38
C PRO B 631 -3.83 59.83 -122.41
N LEU B 632 -4.54 60.24 -123.46
CA LEU B 632 -5.09 59.30 -124.43
C LEU B 632 -5.09 59.75 -125.88
N THR B 633 -4.51 58.97 -126.79
CA THR B 633 -4.57 59.42 -128.17
C THR B 633 -5.36 58.30 -128.85
N THR B 634 -5.77 58.50 -130.11
CA THR B 634 -6.55 57.48 -130.82
C THR B 634 -5.80 56.22 -131.21
N ASP B 635 -4.50 56.37 -131.40
CA ASP B 635 -3.56 55.31 -131.73
C ASP B 635 -3.47 54.18 -130.72
N ASP B 636 -3.68 54.48 -129.44
CA ASP B 636 -3.59 53.44 -128.42
C ASP B 636 -4.65 52.34 -128.68
N GLU B 637 -5.55 52.60 -129.65
CA GLU B 637 -6.62 51.69 -130.07
C GLU B 637 -6.02 50.35 -130.51
N GLN B 638 -4.92 50.47 -131.23
CA GLN B 638 -4.15 49.37 -131.77
C GLN B 638 -3.68 48.41 -130.67
N TYR B 639 -3.28 48.92 -129.51
CA TYR B 639 -2.85 48.00 -128.44
C TYR B 639 -4.05 47.14 -128.08
N ILE B 640 -5.23 47.76 -128.10
CA ILE B 640 -6.49 47.07 -127.78
C ILE B 640 -6.65 45.94 -128.79
N THR B 641 -6.34 46.25 -130.05
CA THR B 641 -6.45 45.30 -131.17
C THR B 641 -5.30 44.26 -131.26
N SER B 642 -4.20 44.47 -130.56
CA SER B 642 -3.12 43.50 -130.64
C SER B 642 -3.55 42.22 -129.93
N VAL B 643 -4.37 42.39 -128.89
CA VAL B 643 -4.87 41.28 -128.10
C VAL B 643 -6.22 40.70 -128.54
N THR B 644 -6.20 39.47 -129.07
CA THR B 644 -7.37 38.84 -129.68
C THR B 644 -8.16 38.20 -128.52
N GLY B 645 -7.48 38.10 -127.38
CA GLY B 645 -7.96 37.49 -126.15
C GLY B 645 -8.94 38.34 -125.37
N LEU B 646 -9.27 39.52 -125.89
CA LEU B 646 -10.09 40.50 -125.19
C LEU B 646 -11.55 40.09 -124.99
N GLN B 647 -11.95 40.03 -123.73
CA GLN B 647 -13.32 39.74 -123.33
C GLN B 647 -14.16 40.99 -123.09
N ASN B 648 -13.59 41.95 -122.37
CA ASN B 648 -14.29 43.18 -121.96
C ASN B 648 -13.58 44.47 -122.42
N LEU B 649 -14.26 45.36 -123.14
CA LEU B 649 -13.61 46.62 -123.50
C LEU B 649 -14.43 47.93 -123.36
N SER B 650 -13.97 48.82 -122.48
CA SER B 650 -14.54 50.16 -122.30
C SER B 650 -13.48 51.26 -122.43
N ILE B 651 -13.87 52.40 -122.98
CA ILE B 651 -13.15 53.65 -122.77
C ILE B 651 -14.17 54.77 -122.67
N HIS B 652 -14.22 55.45 -121.53
CA HIS B 652 -15.30 56.40 -121.27
C HIS B 652 -14.84 57.84 -121.25
N ARG B 653 -13.64 58.13 -121.75
CA ARG B 653 -13.17 59.51 -121.82
C ARG B 653 -12.58 59.94 -123.16
N LEU B 654 -12.91 59.25 -124.25
CA LEU B 654 -12.62 59.76 -125.60
C LEU B 654 -13.11 61.19 -125.77
N HIS B 655 -14.44 61.32 -125.80
CA HIS B 655 -15.18 62.57 -125.94
C HIS B 655 -15.03 63.08 -127.39
N THR B 656 -14.30 62.28 -128.18
CA THR B 656 -14.03 62.50 -129.61
C THR B 656 -14.51 61.38 -130.53
N GLN B 657 -15.12 61.73 -131.67
CA GLN B 657 -15.64 60.72 -132.60
C GLN B 657 -14.47 59.87 -133.10
N GLN B 658 -14.75 58.58 -133.29
CA GLN B 658 -13.73 57.61 -133.67
C GLN B 658 -13.60 57.65 -135.18
N LEU B 659 -12.35 57.73 -135.64
CA LEU B 659 -12.02 57.78 -137.06
C LEU B 659 -12.56 56.66 -137.96
N PRO B 660 -12.36 56.83 -139.29
CA PRO B 660 -12.66 55.84 -140.34
C PRO B 660 -12.00 54.49 -140.14
N GLY B 661 -10.72 54.51 -139.78
CA GLY B 661 -9.96 53.29 -139.56
C GLY B 661 -9.95 52.91 -138.09
N GLY B 662 -10.94 53.40 -137.36
CA GLY B 662 -11.01 53.28 -135.92
C GLY B 662 -11.03 51.87 -135.37
N LEU B 663 -11.11 51.76 -134.05
CA LEU B 663 -11.04 50.46 -133.37
C LEU B 663 -12.33 49.67 -133.62
N ILE B 664 -13.39 50.40 -133.94
CA ILE B 664 -14.70 49.82 -134.23
C ILE B 664 -14.72 48.72 -135.31
N ASP B 665 -13.73 48.71 -136.21
CA ASP B 665 -13.71 47.68 -137.25
C ASP B 665 -12.57 46.68 -137.01
N SER B 666 -12.08 46.64 -135.78
CA SER B 666 -11.13 45.60 -135.38
C SER B 666 -11.82 44.65 -134.41
N LEU B 667 -13.15 44.76 -134.35
CA LEU B 667 -13.95 43.76 -133.67
C LEU B 667 -13.79 42.41 -134.37
N GLY B 668 -13.23 42.44 -135.58
CA GLY B 668 -13.13 41.26 -136.40
C GLY B 668 -11.99 40.48 -135.81
N ASN B 669 -11.25 41.15 -134.92
CA ASN B 669 -10.10 40.56 -134.27
C ASN B 669 -10.50 40.23 -132.86
N LEU B 670 -11.36 41.06 -132.25
CA LEU B 670 -11.71 40.64 -130.93
C LEU B 670 -12.97 39.83 -131.12
N LYS B 671 -12.82 38.51 -131.16
CA LYS B 671 -13.95 37.63 -131.39
C LYS B 671 -14.45 37.16 -130.06
N ASN B 672 -13.59 37.35 -129.06
CA ASN B 672 -13.86 36.82 -127.75
C ASN B 672 -14.50 37.85 -126.84
N LEU B 673 -14.80 39.02 -127.39
CA LEU B 673 -15.30 40.08 -126.55
C LEU B 673 -16.69 39.60 -126.19
N GLU B 674 -16.95 39.33 -124.92
CA GLU B 674 -18.30 38.95 -124.57
C GLU B 674 -19.03 40.16 -124.03
N ARG B 675 -18.25 41.19 -123.69
CA ARG B 675 -18.81 42.42 -123.14
C ARG B 675 -18.15 43.72 -123.61
N LEU B 676 -18.98 44.62 -124.10
CA LEU B 676 -18.58 45.93 -124.56
C LEU B 676 -19.46 46.99 -123.92
N ILE B 677 -18.84 47.98 -123.29
CA ILE B 677 -19.55 49.09 -122.70
C ILE B 677 -18.87 50.37 -123.15
N LEU B 678 -19.59 51.18 -123.89
CA LEU B 678 -19.09 52.46 -124.37
C LEU B 678 -19.96 53.53 -123.76
N ASP B 679 -19.35 54.39 -122.94
CA ASP B 679 -20.13 55.39 -122.22
C ASP B 679 -19.60 56.79 -122.46
N ASP B 680 -20.57 57.61 -122.83
CA ASP B 680 -20.47 59.02 -123.15
C ASP B 680 -19.45 59.20 -124.26
N ILE B 681 -19.55 58.38 -125.29
CA ILE B 681 -18.67 58.57 -126.45
C ILE B 681 -19.25 59.40 -127.57
N ARG B 682 -18.48 60.37 -128.02
CA ARG B 682 -18.79 61.19 -129.18
C ARG B 682 -18.49 60.38 -130.45
N MET B 683 -19.43 60.19 -131.36
CA MET B 683 -19.14 59.33 -132.52
C MET B 683 -19.87 59.74 -133.79
N ASN B 684 -19.37 59.21 -134.89
CA ASN B 684 -19.99 59.36 -136.19
C ASN B 684 -20.91 58.19 -136.50
N GLU B 685 -22.09 58.55 -136.96
CA GLU B 685 -23.15 57.62 -137.27
C GLU B 685 -22.66 56.59 -138.30
N GLU B 686 -21.93 57.07 -139.30
CA GLU B 686 -21.39 56.23 -140.34
C GLU B 686 -20.36 55.28 -139.70
N ASP B 687 -19.60 55.81 -138.75
CA ASP B 687 -18.64 55.04 -137.95
C ASP B 687 -19.39 53.99 -137.13
N ALA B 688 -20.58 54.34 -136.66
CA ALA B 688 -21.44 53.41 -135.93
C ALA B 688 -21.81 52.27 -136.88
N LYS B 689 -22.09 52.58 -138.13
CA LYS B 689 -22.37 51.57 -139.16
C LYS B 689 -21.14 50.65 -139.34
N ASN B 690 -19.96 51.25 -139.32
CA ASN B 690 -18.71 50.50 -139.42
C ASN B 690 -18.58 49.56 -138.20
N LEU B 691 -19.04 50.05 -137.05
CA LEU B 691 -19.11 49.36 -135.76
C LEU B 691 -20.04 48.16 -135.93
N ALA B 692 -21.10 48.40 -136.70
CA ALA B 692 -22.13 47.45 -137.09
C ALA B 692 -21.47 46.28 -137.84
N GLU B 693 -20.57 46.60 -138.76
CA GLU B 693 -19.83 45.60 -139.56
C GLU B 693 -19.08 44.65 -138.62
N GLY B 694 -18.65 45.17 -137.49
CA GLY B 694 -17.93 44.49 -136.44
C GLY B 694 -18.75 43.41 -135.72
N LEU B 695 -20.02 43.67 -135.49
CA LEU B 695 -20.89 42.75 -134.75
C LEU B 695 -21.06 41.34 -135.34
N ARG B 696 -20.81 41.13 -136.63
CA ARG B 696 -20.92 39.76 -137.16
C ARG B 696 -19.90 38.88 -136.44
N SER B 697 -18.79 39.45 -136.04
CA SER B 697 -17.73 38.67 -135.44
C SER B 697 -18.01 38.63 -133.94
N LEU B 698 -18.99 39.43 -133.53
CA LEU B 698 -19.39 39.54 -132.13
C LEU B 698 -20.58 38.66 -131.76
N LYS B 699 -20.51 37.39 -132.17
CA LYS B 699 -21.61 36.45 -132.00
C LYS B 699 -21.31 35.69 -130.72
N LYS B 700 -20.10 35.91 -130.22
CA LYS B 700 -19.59 35.21 -129.06
C LYS B 700 -19.80 36.11 -127.85
N MET B 701 -20.33 37.30 -128.14
CA MET B 701 -20.56 38.36 -127.18
C MET B 701 -21.86 38.15 -126.39
N ARG B 702 -21.80 38.32 -125.07
CA ARG B 702 -23.00 38.17 -124.24
C ARG B 702 -23.64 39.51 -123.90
N LEU B 703 -22.91 40.59 -124.17
CA LEU B 703 -23.30 41.93 -123.73
C LEU B 703 -22.88 43.05 -124.68
N LEU B 704 -23.84 43.90 -125.05
CA LEU B 704 -23.47 45.08 -125.80
C LEU B 704 -24.29 46.21 -125.22
N HIS B 705 -23.58 47.23 -124.74
CA HIS B 705 -24.18 48.47 -124.27
C HIS B 705 -23.61 49.69 -124.97
N LEU B 706 -24.43 50.44 -125.68
CA LEU B 706 -23.98 51.73 -126.17
C LEU B 706 -24.85 52.85 -125.62
N THR B 707 -24.29 53.65 -124.72
CA THR B 707 -25.04 54.63 -123.93
C THR B 707 -24.37 56.00 -123.96
N HIS B 708 -25.18 57.05 -123.92
CA HIS B 708 -24.71 58.44 -123.82
C HIS B 708 -23.86 58.78 -125.04
N LEU B 709 -24.22 58.18 -126.16
CA LEU B 709 -23.59 58.42 -127.45
C LEU B 709 -24.25 59.62 -128.12
N SER B 710 -23.47 60.65 -128.38
CA SER B 710 -23.99 61.89 -128.96
C SER B 710 -23.51 61.93 -130.39
N ASP B 711 -24.24 62.59 -131.30
CA ASP B 711 -23.71 62.68 -132.67
C ASP B 711 -23.84 61.32 -133.33
N ILE B 712 -24.56 60.42 -132.67
CA ILE B 712 -24.75 59.07 -133.18
C ILE B 712 -25.81 59.05 -134.25
N GLY B 713 -26.74 60.00 -134.25
CA GLY B 713 -27.81 59.99 -135.24
C GLY B 713 -28.42 58.65 -135.53
N GLU B 714 -28.62 58.37 -136.82
CA GLU B 714 -29.20 57.10 -137.22
C GLU B 714 -28.14 55.99 -137.25
N GLY B 715 -26.97 56.27 -136.71
CA GLY B 715 -25.89 55.30 -136.77
C GLY B 715 -26.34 54.15 -135.90
N MET B 716 -27.12 54.50 -134.88
CA MET B 716 -27.60 53.50 -133.94
C MET B 716 -28.63 52.58 -134.58
N ASP B 717 -29.37 53.16 -135.52
CA ASP B 717 -30.32 52.46 -136.38
C ASP B 717 -29.61 51.37 -137.15
N TYR B 718 -28.42 51.75 -137.62
CA TYR B 718 -27.49 50.94 -138.40
C TYR B 718 -26.95 49.82 -137.53
N ILE B 719 -26.60 50.14 -136.29
CA ILE B 719 -25.99 49.16 -135.38
C ILE B 719 -27.10 48.12 -135.21
N VAL B 720 -28.32 48.60 -134.97
CA VAL B 720 -29.48 47.74 -134.81
C VAL B 720 -29.66 46.90 -136.08
N LYS B 721 -29.45 47.50 -137.25
CA LYS B 721 -29.53 46.79 -138.52
C LYS B 721 -28.57 45.60 -138.46
N SER B 722 -27.33 45.84 -137.99
CA SER B 722 -26.28 44.82 -137.87
C SER B 722 -26.74 43.72 -136.92
N LEU B 723 -27.55 44.12 -135.95
CA LEU B 723 -28.13 43.23 -134.94
C LEU B 723 -29.10 42.33 -135.68
N SER B 724 -29.95 42.88 -136.54
CA SER B 724 -31.05 42.09 -137.04
C SER B 724 -30.68 41.46 -138.37
N GLU B 725 -29.46 41.78 -138.80
CA GLU B 725 -28.86 41.31 -140.04
C GLU B 725 -28.76 39.79 -139.93
N GLU B 726 -28.33 39.36 -138.75
CA GLU B 726 -27.93 37.99 -138.46
C GLU B 726 -28.20 37.67 -136.98
N SER B 727 -28.35 36.38 -136.67
CA SER B 727 -28.50 35.93 -135.30
C SER B 727 -27.28 36.27 -134.45
N CYS B 728 -27.46 36.35 -133.14
CA CYS B 728 -26.37 36.57 -132.21
C CYS B 728 -26.56 35.71 -130.96
N ASP B 729 -25.51 35.51 -130.18
CA ASP B 729 -25.63 34.77 -128.93
C ASP B 729 -25.78 35.77 -127.77
N LEU B 730 -25.94 37.04 -128.11
CA LEU B 730 -26.04 38.12 -127.12
C LEU B 730 -27.09 37.84 -126.06
N GLN B 731 -26.75 38.15 -124.82
CA GLN B 731 -27.65 37.97 -123.71
C GLN B 731 -28.14 39.34 -123.21
N GLU B 732 -27.41 40.39 -123.61
CA GLU B 732 -27.69 41.76 -123.17
C GLU B 732 -27.43 42.81 -124.27
N MET B 733 -28.44 43.63 -124.56
CA MET B 733 -28.35 44.78 -125.48
C MET B 733 -28.98 46.04 -124.84
N LYS B 734 -28.16 47.05 -124.57
CA LYS B 734 -28.56 48.39 -124.07
C LYS B 734 -28.45 49.52 -125.10
N LEU B 735 -29.61 50.03 -125.50
CA LEU B 735 -29.74 51.18 -126.40
C LEU B 735 -30.18 52.53 -125.79
N VAL B 736 -29.89 52.73 -124.50
CA VAL B 736 -30.31 53.91 -123.71
C VAL B 736 -29.47 55.19 -123.93
N ALA B 737 -30.13 56.34 -124.12
CA ALA B 737 -29.46 57.66 -124.18
C ALA B 737 -28.58 57.77 -125.41
N CYS B 738 -29.10 57.19 -126.47
CA CYS B 738 -28.64 57.32 -127.84
C CYS B 738 -29.87 57.69 -128.65
N CYS B 739 -29.71 58.10 -129.91
CA CYS B 739 -30.89 58.53 -130.64
C CYS B 739 -31.58 57.36 -131.32
N LEU B 740 -32.69 57.01 -130.71
CA LEU B 740 -33.56 55.90 -131.11
C LEU B 740 -34.83 56.27 -131.87
N THR B 741 -35.15 55.47 -132.88
CA THR B 741 -36.33 55.71 -133.71
C THR B 741 -37.33 54.56 -133.52
N ALA B 742 -38.62 54.79 -133.77
CA ALA B 742 -39.62 53.72 -133.65
C ALA B 742 -39.31 52.64 -134.70
N ASN B 743 -38.69 53.11 -135.77
CA ASN B 743 -38.20 52.29 -136.89
C ASN B 743 -37.11 51.33 -136.46
N SER B 744 -36.20 51.80 -135.62
CA SER B 744 -35.10 50.98 -135.13
C SER B 744 -35.67 49.86 -134.25
N VAL B 745 -36.74 50.16 -133.54
CA VAL B 745 -37.43 49.17 -132.71
C VAL B 745 -38.11 48.17 -133.64
N LYS B 746 -38.63 48.66 -134.76
CA LYS B 746 -39.24 47.79 -135.78
C LYS B 746 -38.19 46.83 -136.35
N VAL B 747 -37.01 47.36 -136.64
CA VAL B 747 -35.86 46.59 -137.12
C VAL B 747 -35.50 45.52 -136.07
N LEU B 748 -35.52 45.93 -134.80
CA LEU B 748 -35.23 45.04 -133.65
C LEU B 748 -36.23 43.89 -133.63
N ALA B 749 -37.46 44.25 -133.97
CA ALA B 749 -38.62 43.38 -134.05
C ALA B 749 -38.46 42.33 -135.14
N GLN B 750 -37.98 42.73 -136.31
CA GLN B 750 -37.90 41.80 -137.43
C GLN B 750 -37.02 40.57 -137.15
N ASN B 751 -35.87 40.76 -136.51
CA ASN B 751 -34.95 39.65 -136.21
C ASN B 751 -35.07 39.15 -134.78
N LEU B 752 -36.04 39.67 -134.03
CA LEU B 752 -36.13 39.34 -132.61
C LEU B 752 -36.21 37.85 -132.29
N HIS B 753 -36.70 37.01 -133.20
CA HIS B 753 -36.72 35.62 -132.82
C HIS B 753 -35.30 35.07 -132.70
N ASN B 754 -34.33 35.71 -133.39
CA ASN B 754 -32.93 35.35 -133.28
C ASN B 754 -32.32 36.02 -132.04
N LEU B 755 -32.97 37.09 -131.61
CA LEU B 755 -32.56 37.88 -130.45
C LEU B 755 -33.20 37.31 -129.20
N ILE B 756 -33.78 36.12 -129.35
CA ILE B 756 -34.38 35.38 -128.25
C ILE B 756 -33.31 35.00 -127.23
N LYS B 757 -32.07 34.99 -127.72
CA LYS B 757 -30.89 34.62 -126.94
C LYS B 757 -30.72 35.62 -125.80
N LEU B 758 -31.19 36.84 -126.03
CA LEU B 758 -31.12 37.94 -125.07
C LEU B 758 -31.98 37.72 -123.83
N SER B 759 -31.37 37.93 -122.68
CA SER B 759 -32.13 38.15 -121.47
C SER B 759 -32.37 39.64 -121.40
N ILE B 760 -31.55 40.39 -122.15
CA ILE B 760 -31.67 41.85 -122.17
C ILE B 760 -31.54 42.56 -123.53
N LEU B 761 -32.61 43.25 -123.87
CA LEU B 761 -32.75 44.11 -125.03
C LEU B 761 -33.20 45.34 -124.23
N ASP B 762 -32.37 46.37 -124.17
CA ASP B 762 -32.78 47.60 -123.48
C ASP B 762 -32.90 48.90 -124.27
N ILE B 763 -34.14 49.27 -124.55
CA ILE B 763 -34.43 50.56 -125.13
C ILE B 763 -35.01 51.58 -124.14
N SER B 764 -35.09 51.26 -122.84
CA SER B 764 -35.86 52.11 -121.92
C SER B 764 -35.24 53.49 -121.72
N GLU B 765 -35.99 54.42 -121.13
CA GLU B 765 -35.52 55.80 -120.94
C GLU B 765 -35.32 56.44 -122.29
N ASN B 766 -36.09 55.98 -123.26
CA ASN B 766 -36.03 56.51 -124.61
C ASN B 766 -37.33 56.97 -125.22
N TYR B 767 -37.17 58.10 -125.89
CA TYR B 767 -38.19 58.73 -126.67
C TYR B 767 -37.85 58.25 -128.06
N LEU B 768 -38.88 57.77 -128.74
CA LEU B 768 -38.75 57.31 -130.10
C LEU B 768 -39.26 58.53 -130.81
N GLU B 769 -39.08 58.66 -132.11
CA GLU B 769 -39.36 59.94 -132.68
C GLU B 769 -40.87 60.16 -132.67
N LYS B 770 -41.56 59.44 -133.54
CA LYS B 770 -43.02 59.50 -133.71
C LYS B 770 -43.78 58.25 -133.29
N ASP B 771 -45.02 58.37 -132.82
CA ASP B 771 -45.71 57.15 -132.39
C ASP B 771 -45.00 56.14 -131.49
N GLY B 772 -44.20 56.63 -130.56
CA GLY B 772 -43.33 55.85 -129.70
C GLY B 772 -44.18 54.87 -128.92
N ASN B 773 -45.28 55.30 -128.33
CA ASN B 773 -46.13 54.39 -127.56
C ASN B 773 -46.71 53.29 -128.48
N GLU B 774 -46.96 53.59 -129.75
CA GLU B 774 -47.45 52.59 -130.72
C GLU B 774 -46.46 51.41 -130.95
N ALA B 775 -45.28 51.51 -130.35
CA ALA B 775 -44.18 50.53 -130.40
C ALA B 775 -44.69 49.26 -129.75
N LEU B 776 -45.49 49.46 -128.74
CA LEU B 776 -46.11 48.43 -127.92
C LEU B 776 -46.97 47.50 -128.76
N GLN B 777 -47.67 47.99 -129.78
CA GLN B 777 -48.44 47.02 -130.57
C GLN B 777 -47.51 46.00 -131.24
N GLU B 778 -46.34 46.45 -131.67
CA GLU B 778 -45.32 45.58 -132.25
C GLU B 778 -44.88 44.54 -131.22
N LEU B 779 -44.79 45.00 -129.99
CA LEU B 779 -44.43 44.16 -128.85
C LEU B 779 -45.50 43.10 -128.62
N ILE B 780 -46.77 43.42 -128.72
CA ILE B 780 -47.76 42.38 -128.42
C ILE B 780 -47.49 41.21 -129.37
N GLY B 781 -47.11 41.52 -130.61
CA GLY B 781 -46.81 40.47 -131.58
C GLY B 781 -45.59 39.64 -131.20
N ARG B 782 -44.67 40.29 -130.49
CA ARG B 782 -43.38 39.70 -130.10
C ARG B 782 -43.27 39.08 -128.70
N LEU B 783 -44.36 39.00 -127.95
CA LEU B 783 -44.31 38.42 -126.61
C LEU B 783 -43.88 36.97 -126.48
N GLY B 784 -44.05 36.18 -127.53
CA GLY B 784 -43.64 34.80 -127.51
C GLY B 784 -42.14 34.67 -127.30
N VAL B 785 -41.42 35.69 -127.75
CA VAL B 785 -39.98 35.75 -127.57
C VAL B 785 -39.60 36.83 -126.54
N LEU B 786 -40.52 37.76 -126.27
CA LEU B 786 -40.29 38.76 -125.22
C LEU B 786 -40.36 38.16 -123.83
N GLY B 787 -40.99 36.99 -123.72
CA GLY B 787 -41.00 36.25 -122.47
C GLY B 787 -39.60 35.82 -122.05
N GLU B 788 -38.70 35.68 -123.03
CA GLU B 788 -37.33 35.23 -122.78
C GLU B 788 -36.41 36.31 -122.20
N LEU B 789 -36.84 37.55 -122.24
CA LEU B 789 -36.14 38.62 -121.54
C LEU B 789 -36.33 38.43 -120.05
N THR B 790 -35.32 38.78 -119.26
CA THR B 790 -35.41 38.60 -117.83
C THR B 790 -36.09 39.80 -117.19
N THR B 791 -36.33 40.85 -117.97
CA THR B 791 -36.87 42.09 -117.43
C THR B 791 -37.70 42.89 -118.43
N LEU B 792 -38.48 43.83 -117.91
CA LEU B 792 -39.32 44.72 -118.71
C LEU B 792 -38.72 46.06 -119.12
N MET B 793 -38.56 46.30 -120.42
CA MET B 793 -38.09 47.60 -120.87
C MET B 793 -39.12 48.19 -121.82
N LEU B 794 -39.67 49.35 -121.47
CA LEU B 794 -40.79 49.82 -122.25
C LEU B 794 -40.36 50.99 -123.13
N PRO B 795 -41.00 51.18 -124.29
CA PRO B 795 -40.66 52.39 -125.03
C PRO B 795 -41.54 53.53 -124.52
N TRP B 796 -41.07 54.77 -124.44
CA TRP B 796 -41.97 55.79 -123.90
C TRP B 796 -41.96 56.96 -124.87
N CYS B 797 -42.96 57.82 -124.76
CA CYS B 797 -43.02 58.99 -125.59
C CYS B 797 -43.98 59.95 -124.92
N TRP B 798 -44.29 61.05 -125.57
CA TRP B 798 -45.30 61.95 -125.04
C TRP B 798 -46.67 61.29 -125.17
N ASP B 799 -47.40 61.22 -124.06
CA ASP B 799 -48.75 60.65 -124.00
C ASP B 799 -48.73 59.11 -124.13
N VAL B 800 -47.58 58.54 -123.79
CA VAL B 800 -47.29 57.11 -123.85
C VAL B 800 -48.31 56.26 -123.08
N HIS B 801 -48.83 56.82 -121.98
CA HIS B 801 -49.72 56.12 -121.04
C HIS B 801 -51.05 55.67 -121.66
N THR B 802 -51.45 56.38 -122.72
CA THR B 802 -52.65 56.08 -123.50
C THR B 802 -52.51 54.72 -124.18
N SER B 803 -51.28 54.21 -124.19
CA SER B 803 -50.88 52.92 -124.76
C SER B 803 -50.99 51.76 -123.75
N LEU B 804 -51.44 52.04 -122.53
CA LEU B 804 -51.54 51.04 -121.46
C LEU B 804 -52.48 49.84 -121.74
N PRO B 805 -53.69 50.06 -122.30
CA PRO B 805 -54.52 48.88 -122.61
C PRO B 805 -53.76 47.93 -123.56
N LYS B 806 -52.99 48.52 -124.47
CA LYS B 806 -52.22 47.80 -125.49
C LYS B 806 -51.19 46.97 -124.73
N LEU B 807 -50.69 47.58 -123.67
CA LEU B 807 -49.70 47.05 -122.74
C LEU B 807 -50.29 45.89 -121.92
N LEU B 808 -51.59 45.93 -121.63
CA LEU B 808 -52.23 44.90 -120.78
C LEU B 808 -52.17 43.47 -121.34
N LYS B 809 -52.25 43.29 -122.65
CA LYS B 809 -52.09 41.96 -123.23
C LYS B 809 -50.66 41.47 -122.89
N GLN B 810 -49.74 42.43 -122.91
CA GLN B 810 -48.33 42.23 -122.60
C GLN B 810 -48.06 41.89 -121.13
N LEU B 811 -48.92 42.33 -120.22
CA LEU B 811 -48.69 42.09 -118.80
C LEU B 811 -49.07 40.70 -118.29
N GLU B 812 -49.70 39.87 -119.12
CA GLU B 812 -49.80 38.44 -118.79
C GLU B 812 -48.39 37.87 -118.84
N GLY B 813 -47.49 38.66 -119.42
CA GLY B 813 -46.08 38.34 -119.52
C GLY B 813 -45.28 38.82 -118.32
N THR B 814 -45.96 39.34 -117.30
CA THR B 814 -45.25 39.77 -116.09
C THR B 814 -44.40 38.70 -115.37
N PRO B 815 -44.64 37.40 -115.63
CA PRO B 815 -43.76 36.53 -114.83
C PRO B 815 -42.23 36.39 -115.14
N GLY B 816 -41.68 36.64 -116.33
CA GLY B 816 -40.25 36.36 -116.40
C GLY B 816 -39.48 37.65 -116.20
N LEU B 817 -40.23 38.60 -115.66
CA LEU B 817 -39.85 39.97 -115.31
C LEU B 817 -38.93 40.10 -114.09
N ALA B 818 -37.74 40.69 -114.22
CA ALA B 818 -36.89 40.76 -113.03
C ALA B 818 -37.43 41.99 -112.31
N LYS B 819 -37.67 43.06 -113.07
CA LYS B 819 -38.16 44.32 -112.52
C LYS B 819 -39.45 44.69 -113.28
N LEU B 820 -40.30 45.53 -112.69
CA LEU B 820 -41.49 46.00 -113.40
C LEU B 820 -41.55 47.52 -113.37
N GLY B 821 -41.79 48.12 -114.52
CA GLY B 821 -42.16 49.51 -114.53
C GLY B 821 -43.08 50.04 -115.62
N LEU B 822 -43.61 51.22 -115.33
CA LEU B 822 -44.19 52.07 -116.34
C LEU B 822 -43.29 53.30 -116.39
N LYS B 823 -41.99 53.05 -116.53
CA LYS B 823 -41.01 54.13 -116.46
C LYS B 823 -41.08 55.14 -117.62
N ASN B 824 -40.86 56.38 -117.23
CA ASN B 824 -41.09 57.60 -118.01
C ASN B 824 -42.41 57.58 -118.76
N TRP B 825 -43.36 56.79 -118.26
CA TRP B 825 -44.73 56.85 -118.73
C TRP B 825 -45.43 58.03 -118.13
N ARG B 826 -45.98 58.94 -118.90
CA ARG B 826 -46.55 60.13 -118.30
C ARG B 826 -48.01 59.74 -118.00
N LEU B 827 -48.17 58.89 -116.97
CA LEU B 827 -49.45 58.33 -116.49
C LEU B 827 -50.45 59.14 -115.66
N ARG B 828 -51.73 58.81 -115.88
CA ARG B 828 -52.84 59.44 -115.16
C ARG B 828 -52.61 59.24 -113.68
N ASP B 829 -52.95 60.22 -112.86
CA ASP B 829 -52.69 60.08 -111.43
C ASP B 829 -53.45 58.87 -110.84
N GLU B 830 -54.65 58.63 -111.36
CA GLU B 830 -55.49 57.48 -110.96
C GLU B 830 -54.94 56.10 -111.34
N GLU B 831 -54.44 56.05 -112.57
CA GLU B 831 -53.82 54.88 -113.20
C GLU B 831 -52.94 53.95 -112.35
N ILE B 832 -52.19 54.50 -111.42
CA ILE B 832 -51.30 53.68 -110.63
C ILE B 832 -52.13 52.69 -109.79
N LYS B 833 -53.28 53.10 -109.26
CA LYS B 833 -54.11 52.09 -108.57
C LYS B 833 -54.77 51.17 -109.63
N SER B 834 -55.11 51.73 -110.78
CA SER B 834 -55.71 50.98 -111.90
C SER B 834 -54.87 49.79 -112.36
N LEU B 835 -53.57 50.03 -112.53
CA LEU B 835 -52.61 49.00 -112.92
C LEU B 835 -52.54 48.00 -111.78
N GLY B 836 -52.73 48.56 -110.59
CA GLY B 836 -52.78 47.86 -109.32
C GLY B 836 -53.93 46.89 -109.37
N GLU B 837 -55.08 47.33 -109.89
CA GLU B 837 -56.20 46.41 -109.98
C GLU B 837 -55.86 45.19 -110.83
N PHE B 838 -55.18 45.39 -111.97
CA PHE B 838 -54.74 44.24 -112.80
C PHE B 838 -53.85 43.37 -111.90
N LEU B 839 -53.02 44.07 -111.12
CA LEU B 839 -52.00 43.54 -110.23
C LEU B 839 -52.69 42.75 -109.13
N GLU B 840 -53.92 43.13 -108.79
CA GLU B 840 -54.69 42.39 -107.78
C GLU B 840 -55.01 41.09 -108.50
N MET B 841 -55.50 41.20 -109.73
CA MET B 841 -55.88 40.04 -110.54
C MET B 841 -54.64 39.22 -111.00
N ASN B 842 -53.45 39.59 -110.54
CA ASN B 842 -52.20 38.97 -110.99
C ASN B 842 -51.36 38.17 -109.97
N PRO B 843 -51.32 36.84 -110.14
CA PRO B 843 -50.87 35.90 -109.11
C PRO B 843 -49.34 35.95 -108.93
N LEU B 844 -48.65 36.65 -109.84
CA LEU B 844 -47.20 36.86 -109.74
C LEU B 844 -46.81 37.52 -108.40
N ARG B 845 -45.62 37.16 -107.91
CA ARG B 845 -45.16 37.60 -106.60
C ARG B 845 -43.64 37.78 -106.56
N ASP B 846 -43.15 38.37 -105.47
CA ASP B 846 -41.69 38.53 -105.24
C ASP B 846 -40.81 39.51 -106.01
N LEU B 847 -41.33 40.39 -106.86
CA LEU B 847 -40.41 41.05 -107.79
C LEU B 847 -39.41 41.91 -107.02
N GLN B 848 -38.28 42.21 -107.64
CA GLN B 848 -37.19 42.90 -106.94
C GLN B 848 -37.24 44.41 -106.91
N GLN B 849 -37.66 45.03 -108.00
CA GLN B 849 -37.76 46.48 -108.06
C GLN B 849 -38.85 46.98 -108.98
N LEU B 850 -39.48 48.07 -108.59
CA LEU B 850 -40.60 48.57 -109.35
C LEU B 850 -39.91 49.88 -109.61
N ASP B 851 -39.72 50.10 -110.88
CA ASP B 851 -39.09 51.29 -111.38
C ASP B 851 -40.18 52.00 -112.10
N LEU B 852 -40.65 53.07 -111.50
CA LEU B 852 -41.51 53.97 -112.21
C LEU B 852 -40.80 55.28 -112.31
N ALA B 853 -40.26 55.55 -113.49
CA ALA B 853 -39.53 56.78 -113.68
C ALA B 853 -40.68 57.76 -113.63
N GLY B 854 -40.37 59.00 -113.29
CA GLY B 854 -41.42 59.98 -113.10
C GLY B 854 -42.60 60.07 -114.03
N HIS B 855 -43.75 59.65 -113.49
CA HIS B 855 -45.00 59.71 -114.23
C HIS B 855 -45.62 60.99 -113.71
N CYS B 856 -46.70 61.45 -114.32
CA CYS B 856 -47.53 62.49 -113.74
C CYS B 856 -48.33 62.17 -112.46
N VAL B 857 -48.06 61.04 -111.81
CA VAL B 857 -48.83 60.77 -110.60
C VAL B 857 -48.39 61.46 -109.30
N SER B 858 -49.37 62.14 -108.73
CA SER B 858 -49.39 62.88 -107.47
C SER B 858 -49.42 61.99 -106.23
N SER B 859 -49.09 62.59 -105.10
CA SER B 859 -49.09 61.96 -103.78
C SER B 859 -50.49 61.42 -103.51
N ASP B 860 -51.49 62.18 -103.93
CA ASP B 860 -52.88 61.76 -103.79
C ASP B 860 -53.12 60.48 -104.62
N GLY B 861 -52.49 60.40 -105.78
CA GLY B 861 -52.56 59.27 -106.70
C GLY B 861 -51.99 58.01 -106.08
N TRP B 862 -50.85 58.27 -105.44
CA TRP B 862 -50.08 57.31 -104.70
C TRP B 862 -50.97 56.84 -103.55
N LEU B 863 -51.80 57.73 -103.00
CA LEU B 863 -52.70 57.40 -101.88
C LEU B 863 -53.70 56.31 -102.28
N TYR B 864 -54.18 56.40 -103.50
CA TYR B 864 -55.03 55.39 -104.10
C TYR B 864 -54.19 54.13 -104.16
N PHE B 865 -52.94 54.31 -104.58
CA PHE B 865 -52.05 53.17 -104.83
C PHE B 865 -51.68 52.39 -103.57
N MET B 866 -51.69 53.03 -102.41
CA MET B 866 -51.29 52.33 -101.18
C MET B 866 -52.23 51.15 -101.00
N ASN B 867 -53.46 51.32 -101.49
CA ASN B 867 -54.48 50.30 -101.42
C ASN B 867 -54.09 49.03 -102.17
N VAL B 868 -53.03 49.14 -102.98
CA VAL B 868 -52.49 47.99 -103.71
C VAL B 868 -51.09 47.63 -103.26
N PHE B 869 -50.32 48.64 -102.88
CA PHE B 869 -48.93 48.44 -102.47
C PHE B 869 -48.73 47.57 -101.25
N GLU B 870 -49.70 47.57 -100.33
CA GLU B 870 -49.52 46.75 -99.15
C GLU B 870 -49.41 45.26 -99.51
N ASN B 871 -50.19 44.78 -100.48
CA ASN B 871 -50.24 43.34 -100.70
C ASN B 871 -49.08 42.86 -101.59
N LEU B 872 -48.33 43.82 -102.15
CA LEU B 872 -47.09 43.59 -102.89
C LEU B 872 -45.90 43.70 -101.96
N LYS B 873 -46.06 43.17 -100.77
CA LYS B 873 -45.07 43.35 -99.71
C LYS B 873 -43.84 42.50 -100.01
N GLN B 874 -43.98 41.64 -101.00
CA GLN B 874 -42.93 40.72 -101.42
C GLN B 874 -41.90 41.48 -102.25
N LEU B 875 -42.20 42.72 -102.59
CA LEU B 875 -41.31 43.55 -103.41
C LEU B 875 -40.01 43.93 -102.70
N VAL B 876 -38.88 43.68 -103.37
CA VAL B 876 -37.54 43.88 -102.78
C VAL B 876 -37.08 45.34 -102.79
N PHE B 877 -37.32 46.03 -103.90
CA PHE B 877 -36.86 47.43 -104.09
C PHE B 877 -37.93 48.18 -104.85
N PHE B 878 -37.94 49.50 -104.68
CA PHE B 878 -38.99 50.33 -105.25
C PHE B 878 -38.54 51.78 -105.34
N ASP B 879 -38.89 52.46 -106.42
CA ASP B 879 -38.69 53.90 -106.39
C ASP B 879 -39.93 54.50 -107.02
N PHE B 880 -40.39 55.61 -106.42
CA PHE B 880 -41.58 56.26 -106.90
C PHE B 880 -41.15 57.67 -107.26
N SER B 881 -41.09 57.93 -108.55
CA SER B 881 -40.88 59.27 -109.08
C SER B 881 -42.09 59.96 -109.73
N THR B 882 -41.99 61.29 -109.80
CA THR B 882 -43.03 62.18 -110.30
C THR B 882 -42.26 63.44 -110.68
N GLU B 883 -42.76 64.23 -111.64
CA GLU B 883 -41.95 65.36 -112.09
C GLU B 883 -42.24 66.66 -111.34
N GLU B 884 -43.30 66.68 -110.54
CA GLU B 884 -43.66 67.85 -109.75
C GLU B 884 -44.53 67.52 -108.52
N PHE B 885 -43.93 66.87 -107.53
CA PHE B 885 -44.69 66.21 -106.45
C PHE B 885 -45.48 67.19 -105.58
N LEU B 886 -46.62 66.75 -105.07
CA LEU B 886 -47.39 67.53 -104.12
C LEU B 886 -46.60 67.63 -102.80
N PRO B 887 -46.65 68.80 -102.15
CA PRO B 887 -45.94 69.01 -100.88
C PRO B 887 -46.36 68.15 -99.67
N ASP B 888 -47.50 67.46 -99.74
CA ASP B 888 -48.04 66.75 -98.58
C ASP B 888 -47.37 65.42 -98.19
N ALA B 889 -47.01 65.30 -96.92
CA ALA B 889 -46.50 64.05 -96.35
C ALA B 889 -47.58 63.11 -95.80
N ALA B 890 -48.85 63.43 -96.06
CA ALA B 890 -49.99 62.58 -95.69
C ALA B 890 -49.82 61.19 -96.28
N LEU B 891 -49.21 61.20 -97.47
CA LEU B 891 -48.83 59.99 -98.18
C LEU B 891 -47.83 59.15 -97.43
N VAL B 892 -46.82 59.77 -96.80
CA VAL B 892 -45.80 58.99 -96.12
C VAL B 892 -46.52 58.31 -94.94
N ARG B 893 -47.45 59.02 -94.33
CA ARG B 893 -48.26 58.51 -93.23
C ARG B 893 -49.02 57.24 -93.69
N LYS B 894 -49.70 57.35 -94.83
CA LYS B 894 -50.41 56.22 -95.43
C LYS B 894 -49.41 55.09 -95.75
N LEU B 895 -48.19 55.54 -96.01
CA LEU B 895 -47.03 54.72 -96.34
C LEU B 895 -46.79 53.89 -95.10
N SER B 896 -46.79 54.54 -93.94
CA SER B 896 -46.59 53.90 -92.63
C SER B 896 -47.68 52.85 -92.48
N GLN B 897 -48.90 53.14 -92.92
CA GLN B 897 -49.93 52.10 -92.79
C GLN B 897 -49.48 50.88 -93.62
N VAL B 898 -49.00 51.14 -94.83
CA VAL B 898 -48.43 50.13 -95.74
C VAL B 898 -47.14 49.41 -95.24
N LEU B 899 -46.28 50.17 -94.58
CA LEU B 899 -45.00 49.76 -94.01
C LEU B 899 -45.04 48.64 -92.97
N SER B 900 -46.10 48.57 -92.19
CA SER B 900 -46.28 47.43 -91.27
C SER B 900 -46.51 46.20 -92.15
N LYS B 901 -47.24 46.44 -93.24
CA LYS B 901 -47.67 45.47 -94.24
C LYS B 901 -46.51 44.94 -95.09
N LEU B 902 -45.42 45.71 -95.21
CA LEU B 902 -44.27 45.28 -96.02
C LEU B 902 -43.14 44.52 -95.32
N THR B 903 -42.48 43.65 -96.11
CA THR B 903 -41.55 42.65 -95.61
C THR B 903 -40.13 42.67 -96.20
N LEU B 904 -39.98 42.24 -97.44
CA LEU B 904 -38.65 42.01 -98.02
C LEU B 904 -37.97 43.26 -98.56
N LEU B 905 -38.39 44.43 -98.07
CA LEU B 905 -37.93 45.67 -98.67
C LEU B 905 -36.66 46.06 -97.97
N GLN B 906 -35.67 46.48 -98.73
CA GLN B 906 -34.40 46.83 -98.13
C GLN B 906 -34.26 48.34 -98.07
N GLU B 907 -34.71 49.02 -99.12
CA GLU B 907 -34.68 50.48 -99.11
C GLU B 907 -35.80 51.17 -99.88
N VAL B 908 -36.20 52.34 -99.37
CA VAL B 908 -37.23 53.19 -99.92
C VAL B 908 -36.47 54.18 -100.82
N LYS B 909 -36.96 54.42 -102.03
CA LYS B 909 -36.35 55.44 -102.89
C LYS B 909 -37.30 56.55 -103.35
N LEU B 910 -36.87 57.79 -103.11
CA LEU B 910 -37.72 58.98 -103.28
C LEU B 910 -37.37 59.90 -104.46
N THR B 911 -36.75 59.34 -105.49
CA THR B 911 -36.28 60.09 -106.67
C THR B 911 -37.24 61.18 -107.17
N GLY B 912 -36.88 62.45 -106.94
CA GLY B 912 -37.64 63.56 -107.48
C GLY B 912 -38.71 64.23 -106.63
N TRP B 913 -39.03 63.67 -105.47
CA TRP B 913 -40.06 64.26 -104.62
C TRP B 913 -39.51 65.46 -103.82
N GLU B 914 -39.83 66.66 -104.30
CA GLU B 914 -39.56 67.95 -103.64
C GLU B 914 -40.24 68.27 -102.30
N PHE B 915 -40.91 67.32 -101.67
CA PHE B 915 -41.55 67.58 -100.37
C PHE B 915 -40.76 67.30 -99.06
N ASP B 916 -41.17 68.01 -98.00
CA ASP B 916 -40.77 67.73 -96.62
C ASP B 916 -41.60 66.57 -96.09
N ASP B 917 -41.03 65.70 -95.25
CA ASP B 917 -41.80 64.59 -94.70
C ASP B 917 -42.45 64.89 -93.35
N TYR B 918 -42.21 66.08 -92.80
CA TYR B 918 -42.62 66.45 -91.44
C TYR B 918 -42.33 65.38 -90.41
N ASP B 919 -43.05 65.50 -89.28
CA ASP B 919 -42.88 64.68 -88.08
C ASP B 919 -43.22 63.21 -88.38
N ILE B 920 -43.56 62.97 -89.65
CA ILE B 920 -43.93 61.67 -90.20
C ILE B 920 -42.63 60.96 -90.54
N SER B 921 -41.53 61.68 -90.46
CA SER B 921 -40.25 61.15 -90.91
C SER B 921 -39.70 60.43 -89.70
N ALA B 922 -40.48 60.52 -88.62
CA ALA B 922 -40.17 59.85 -87.38
C ALA B 922 -40.49 58.39 -87.69
N ILE B 923 -41.53 58.22 -88.52
CA ILE B 923 -41.98 56.91 -88.96
C ILE B 923 -41.80 56.72 -90.46
N LYS B 924 -40.85 57.46 -91.03
CA LYS B 924 -40.59 57.46 -92.46
C LYS B 924 -40.44 56.05 -93.05
N GLY B 925 -39.74 55.17 -92.33
CA GLY B 925 -39.62 53.80 -92.77
C GLY B 925 -39.05 52.88 -91.71
N THR B 926 -39.22 51.58 -91.95
CA THR B 926 -38.58 50.57 -91.12
C THR B 926 -37.43 50.00 -91.95
N PHE B 927 -37.14 50.69 -93.04
CA PHE B 927 -36.00 50.36 -93.89
C PHE B 927 -35.14 51.60 -94.12
N LYS B 928 -34.10 51.45 -94.95
CA LYS B 928 -33.15 52.54 -95.21
C LYS B 928 -33.86 53.62 -96.03
N LEU B 929 -33.32 54.84 -96.02
CA LEU B 929 -33.83 55.86 -96.94
C LEU B 929 -32.89 56.85 -97.62
N VAL B 930 -33.17 57.05 -98.91
CA VAL B 930 -32.46 57.98 -99.78
C VAL B 930 -33.47 59.01 -100.26
N THR B 931 -33.10 60.30 -100.31
CA THR B 931 -34.02 61.30 -100.84
C THR B 931 -34.19 61.11 -102.34
N ALA B 932 -33.32 60.29 -102.92
CA ALA B 932 -33.35 59.96 -104.34
C ALA B 932 -33.61 58.47 -104.55
N VAL C 1 -0.28 61.78 -14.80
CA VAL C 1 -1.30 62.58 -15.43
C VAL C 1 -2.10 63.37 -14.40
N THR C 2 -2.41 64.63 -14.73
CA THR C 2 -3.22 65.48 -13.87
C THR C 2 -4.29 66.16 -14.72
N GLU C 3 -5.06 67.06 -14.11
CA GLU C 3 -6.14 67.74 -14.82
C GLU C 3 -5.68 68.92 -15.68
N GLU C 4 -4.47 69.41 -15.44
CA GLU C 4 -3.96 70.54 -16.22
C GLU C 4 -3.70 70.16 -17.67
N ASP C 5 -3.61 68.86 -17.92
CA ASP C 5 -3.44 68.34 -19.28
C ASP C 5 -4.77 67.94 -19.90
N LEU C 6 -5.88 68.35 -19.27
CA LEU C 6 -7.20 68.11 -19.87
C LEU C 6 -7.44 69.11 -21.00
N ASN C 7 -6.53 70.07 -21.15
CA ASN C 7 -6.52 70.94 -22.31
C ASN C 7 -5.62 70.36 -23.40
N VAL C 8 -5.04 69.20 -23.10
CA VAL C 8 -4.31 68.42 -24.09
C VAL C 8 -5.24 67.35 -24.64
N LEU C 9 -5.77 66.52 -23.73
CA LEU C 9 -6.63 65.40 -24.10
C LEU C 9 -7.84 65.87 -24.86
N ALA C 10 -8.35 67.04 -24.48
CA ALA C 10 -9.54 67.59 -25.12
C ALA C 10 -9.28 67.75 -26.60
N GLN C 11 -8.11 68.30 -26.94
CA GLN C 11 -7.74 68.47 -28.34
C GLN C 11 -7.71 67.11 -29.03
N ASN C 12 -7.17 66.12 -28.31
CA ASN C 12 -7.10 64.76 -28.84
C ASN C 12 -8.50 64.22 -29.10
N LEU C 13 -9.44 64.56 -28.22
CA LEU C 13 -10.82 64.13 -28.41
C LEU C 13 -11.36 64.72 -29.69
N LYS C 14 -10.97 65.96 -29.97
CA LYS C 14 -11.39 66.67 -31.17
C LYS C 14 -10.85 65.99 -32.43
N ASP C 15 -9.78 65.23 -32.27
CA ASP C 15 -9.23 64.46 -33.39
C ASP C 15 -9.61 63.00 -33.32
N LEU C 16 -10.42 62.63 -32.34
CA LEU C 16 -10.93 61.28 -32.29
C LEU C 16 -12.02 61.15 -33.35
N TYR C 17 -12.76 62.23 -33.50
CA TYR C 17 -13.88 62.32 -34.44
C TYR C 17 -13.38 62.87 -35.77
N ASN C 18 -12.15 63.38 -35.77
CA ASN C 18 -11.50 63.77 -37.02
C ASN C 18 -10.89 62.56 -37.69
N SER C 19 -11.76 61.69 -38.20
CA SER C 19 -11.35 60.55 -39.00
C SER C 19 -12.51 60.13 -39.91
N PRO C 20 -12.19 59.53 -41.06
CA PRO C 20 -13.22 59.11 -42.02
C PRO C 20 -14.21 58.11 -41.43
N ALA C 21 -13.78 57.30 -40.46
CA ALA C 21 -14.65 56.28 -39.88
C ALA C 21 -15.90 56.94 -39.32
N PHE C 22 -15.69 58.10 -38.71
CA PHE C 22 -16.78 58.93 -38.23
C PHE C 22 -17.50 59.59 -39.40
N LEU C 23 -16.74 59.93 -40.45
CA LEU C 23 -17.30 60.66 -41.57
C LEU C 23 -17.69 59.83 -42.81
N ASN C 24 -17.25 58.58 -42.91
CA ASN C 24 -17.61 57.77 -44.08
C ASN C 24 -18.76 56.90 -43.68
N PHE C 25 -19.74 56.68 -44.56
CA PHE C 25 -20.81 55.86 -44.04
C PHE C 25 -20.95 54.43 -44.49
N TYR C 26 -22.12 53.90 -44.13
CA TYR C 26 -22.16 52.87 -43.10
C TYR C 26 -20.80 52.29 -42.79
N PRO C 27 -20.30 52.64 -41.60
CA PRO C 27 -19.00 52.22 -41.07
C PRO C 27 -18.99 50.74 -40.69
N LEU C 28 -18.89 49.87 -41.70
CA LEU C 28 -18.53 48.46 -41.52
C LEU C 28 -19.68 47.60 -40.95
N GLY C 29 -19.64 46.28 -41.18
CA GLY C 29 -18.69 45.64 -42.08
C GLY C 29 -19.04 45.92 -43.53
N GLU C 30 -20.30 46.29 -43.72
CA GLU C 30 -20.73 47.01 -44.91
C GLU C 30 -21.39 48.32 -44.45
N ASP C 31 -20.93 49.51 -44.89
CA ASP C 31 -19.96 49.76 -45.97
C ASP C 31 -20.56 49.19 -47.25
N ILE C 32 -21.89 49.25 -47.29
CA ILE C 32 -22.70 48.67 -48.36
C ILE C 32 -22.43 49.21 -49.78
N ASP C 33 -22.20 50.52 -49.99
CA ASP C 33 -22.43 51.66 -49.08
C ASP C 33 -23.92 51.97 -48.83
N ILE C 34 -24.27 52.31 -47.58
CA ILE C 34 -25.62 52.78 -47.28
C ILE C 34 -25.90 53.99 -48.18
N ILE C 35 -25.07 55.02 -48.09
CA ILE C 35 -25.31 56.23 -48.88
C ILE C 35 -24.01 56.80 -49.46
N PHE C 36 -23.24 57.47 -48.60
CA PHE C 36 -21.99 58.12 -48.97
C PHE C 36 -21.21 58.47 -47.71
N ASN C 37 -20.13 59.24 -47.85
CA ASN C 37 -19.39 59.77 -46.73
C ASN C 37 -20.42 60.62 -45.97
N LEU C 38 -20.31 60.65 -44.65
CA LEU C 38 -21.26 61.41 -43.82
C LEU C 38 -21.26 62.91 -44.02
N GLU C 39 -20.11 63.52 -44.26
CA GLU C 39 -20.13 64.97 -44.42
C GLU C 39 -20.93 65.52 -45.62
N LYS C 40 -20.83 64.94 -46.81
CA LYS C 40 -21.67 65.47 -47.89
C LYS C 40 -23.17 65.18 -47.63
N THR C 41 -23.43 64.00 -47.07
CA THR C 41 -24.73 63.47 -46.64
C THR C 41 -25.41 64.09 -45.41
N PHE C 42 -24.59 64.56 -44.48
CA PHE C 42 -25.05 65.21 -43.26
C PHE C 42 -25.83 66.51 -43.35
N THR C 43 -26.95 66.49 -42.60
CA THR C 43 -27.94 67.55 -42.50
C THR C 43 -28.54 67.58 -41.09
N GLU C 44 -29.17 68.71 -40.74
CA GLU C 44 -29.85 68.91 -39.46
C GLU C 44 -31.04 67.92 -39.35
N PRO C 45 -31.03 67.05 -38.33
CA PRO C 45 -32.09 66.04 -38.03
C PRO C 45 -33.48 66.46 -37.57
N ILE C 46 -34.49 66.09 -38.34
CA ILE C 46 -35.88 66.34 -37.98
C ILE C 46 -36.20 65.59 -36.68
N MET C 47 -36.41 66.28 -35.57
CA MET C 47 -36.76 65.56 -34.35
C MET C 47 -37.89 66.29 -33.66
N TRP C 48 -38.66 65.58 -32.84
CA TRP C 48 -39.76 66.20 -32.14
C TRP C 48 -39.83 65.83 -30.67
N LYS C 49 -39.76 66.81 -29.78
CA LYS C 49 -39.83 66.50 -28.34
C LYS C 49 -41.23 65.95 -28.09
N LYS C 50 -41.36 64.99 -27.19
CA LYS C 50 -42.64 64.36 -26.94
C LYS C 50 -43.10 64.54 -25.51
N ASP C 51 -44.40 64.36 -25.29
CA ASP C 51 -44.99 64.52 -23.97
C ASP C 51 -45.09 63.14 -23.34
N HIS C 52 -45.58 63.09 -22.11
CA HIS C 52 -45.67 61.83 -21.40
C HIS C 52 -46.91 61.11 -21.89
N ARG C 53 -47.82 61.88 -22.47
CA ARG C 53 -49.05 61.36 -23.08
C ARG C 53 -48.81 60.41 -24.25
N HIS C 54 -47.63 60.54 -24.88
CA HIS C 54 -47.14 59.72 -26.00
C HIS C 54 -47.45 60.36 -27.37
N HIS C 55 -47.23 61.66 -27.47
CA HIS C 55 -47.40 62.39 -28.72
C HIS C 55 -46.40 63.55 -28.79
N ARG C 56 -46.12 64.03 -30.00
CA ARG C 56 -45.12 65.07 -30.20
C ARG C 56 -45.53 66.42 -29.62
N VAL C 57 -44.54 67.18 -29.15
CA VAL C 57 -44.77 68.46 -28.50
C VAL C 57 -44.21 69.68 -29.23
N GLU C 58 -42.96 69.58 -29.67
CA GLU C 58 -42.37 70.63 -30.49
C GLU C 58 -41.35 70.09 -31.50
N GLN C 59 -41.07 70.89 -32.52
CA GLN C 59 -40.08 70.54 -33.53
C GLN C 59 -38.68 71.09 -33.29
N LEU C 60 -37.77 70.18 -33.01
CA LEU C 60 -36.37 70.49 -32.74
C LEU C 60 -35.46 69.96 -33.83
N THR C 61 -34.33 70.64 -33.95
CA THR C 61 -33.18 70.16 -34.69
C THR C 61 -32.09 70.19 -33.65
N LEU C 62 -30.92 69.64 -33.94
CA LEU C 62 -29.86 69.68 -32.95
C LEU C 62 -29.41 71.12 -32.76
N GLY C 63 -29.40 71.89 -33.84
CA GLY C 63 -28.96 73.27 -33.82
C GLY C 63 -29.76 74.12 -32.85
N SER C 64 -31.04 73.80 -32.71
CA SER C 64 -31.90 74.47 -31.73
C SER C 64 -32.01 73.68 -30.44
N LEU C 65 -31.48 72.46 -30.43
CA LEU C 65 -31.43 71.62 -29.24
C LEU C 65 -30.22 71.97 -28.37
N LEU C 66 -29.28 72.72 -28.92
CA LEU C 66 -27.96 72.92 -28.30
C LEU C 66 -28.00 73.56 -26.91
N GLU C 67 -28.81 74.59 -26.74
CA GLU C 67 -28.94 75.27 -25.46
C GLU C 67 -30.13 74.74 -24.66
N ALA C 68 -31.11 74.18 -25.36
CA ALA C 68 -32.29 73.62 -24.72
C ALA C 68 -32.04 72.21 -24.20
N LEU C 69 -30.83 71.70 -24.41
CA LEU C 69 -30.50 70.33 -24.11
C LEU C 69 -30.56 70.01 -22.62
N LYS C 70 -31.08 68.83 -22.30
CA LYS C 70 -31.06 68.28 -20.95
C LYS C 70 -30.63 66.82 -20.97
N SER C 71 -30.36 66.27 -19.79
CA SER C 71 -29.85 64.92 -19.68
C SER C 71 -30.52 64.15 -18.53
N PRO C 72 -30.69 62.83 -18.70
CA PRO C 72 -30.42 61.99 -19.87
C PRO C 72 -31.40 62.20 -21.04
N CYS C 73 -30.99 61.80 -22.24
CA CYS C 73 -31.89 61.78 -23.39
C CYS C 73 -32.73 60.50 -23.43
N LEU C 74 -34.04 60.64 -23.59
CA LEU C 74 -34.87 59.49 -23.96
C LEU C 74 -35.21 59.64 -25.43
N ILE C 75 -34.43 60.49 -26.08
CA ILE C 75 -34.64 60.83 -27.48
C ILE C 75 -34.56 59.58 -28.34
N GLU C 76 -35.55 59.43 -29.21
CA GLU C 76 -35.71 58.21 -29.99
C GLU C 76 -36.15 58.51 -31.41
N GLY C 77 -36.11 57.48 -32.25
CA GLY C 77 -36.46 57.62 -33.65
C GLY C 77 -36.61 56.25 -34.24
N GLU C 78 -37.17 56.16 -35.43
CA GLU C 78 -37.48 54.86 -36.01
C GLU C 78 -36.17 54.22 -36.47
N SER C 79 -36.10 52.90 -36.34
CA SER C 79 -34.89 52.13 -36.60
C SER C 79 -34.35 52.22 -38.02
N GLY C 80 -33.02 52.17 -38.11
CA GLY C 80 -32.29 52.16 -39.36
C GLY C 80 -30.90 52.59 -38.95
N LYS C 81 -30.41 53.67 -39.55
CA LYS C 81 -29.05 54.11 -39.30
C LYS C 81 -29.19 55.04 -38.11
N GLY C 82 -30.31 55.77 -38.10
CA GLY C 82 -30.77 56.50 -36.93
C GLY C 82 -29.89 57.65 -36.52
N LYS C 83 -29.25 57.50 -35.37
CA LYS C 83 -28.37 58.50 -34.81
C LYS C 83 -27.11 58.51 -35.68
N SER C 84 -26.95 57.42 -36.42
CA SER C 84 -25.84 57.22 -37.34
C SER C 84 -24.48 57.70 -36.81
N THR C 85 -23.76 58.52 -37.59
CA THR C 85 -22.48 59.04 -37.11
C THR C 85 -22.65 60.56 -37.02
N LEU C 86 -23.86 60.98 -37.34
CA LEU C 86 -24.31 62.37 -37.42
C LEU C 86 -24.22 63.13 -36.06
N LEU C 87 -24.34 62.41 -34.94
CA LEU C 87 -24.24 63.00 -33.59
C LEU C 87 -22.75 63.07 -33.25
N GLN C 88 -22.01 62.23 -33.95
CA GLN C 88 -20.59 61.95 -33.76
C GLN C 88 -20.09 63.20 -34.47
N ARG C 89 -20.79 63.57 -35.55
CA ARG C 89 -20.32 64.67 -36.35
C ARG C 89 -20.83 65.92 -35.63
N ILE C 90 -21.68 65.72 -34.62
CA ILE C 90 -22.30 66.87 -33.95
C ILE C 90 -21.17 67.24 -32.97
N ALA C 91 -20.54 66.19 -32.45
CA ALA C 91 -19.34 66.32 -31.62
C ALA C 91 -18.27 66.96 -32.49
N MET C 92 -18.25 66.55 -33.75
CA MET C 92 -17.23 67.00 -34.67
C MET C 92 -17.50 68.50 -34.87
N LEU C 93 -18.72 68.92 -34.54
CA LEU C 93 -19.12 70.32 -34.70
C LEU C 93 -18.55 71.03 -33.48
N TRP C 94 -18.60 70.36 -32.33
CA TRP C 94 -17.92 70.85 -31.12
C TRP C 94 -16.42 70.99 -31.40
N ALA C 95 -15.95 70.30 -32.44
CA ALA C 95 -14.52 70.25 -32.74
C ALA C 95 -14.26 70.84 -34.12
N SER C 96 -15.19 71.70 -34.55
CA SER C 96 -15.15 72.39 -35.83
C SER C 96 -15.47 73.85 -35.53
N GLY C 97 -15.39 74.21 -34.25
CA GLY C 97 -15.59 75.57 -33.83
C GLY C 97 -17.07 75.92 -33.76
N GLY C 98 -17.89 74.89 -33.54
CA GLY C 98 -19.34 75.04 -33.58
C GLY C 98 -19.90 75.96 -32.51
N CYS C 99 -21.22 76.12 -32.50
CA CYS C 99 -21.89 76.99 -31.53
C CYS C 99 -21.45 76.72 -30.09
N ARG C 100 -21.46 77.79 -29.30
CA ARG C 100 -21.11 77.77 -27.88
C ARG C 100 -21.66 76.63 -27.02
N ALA C 101 -22.91 76.22 -27.24
CA ALA C 101 -23.45 75.12 -26.43
C ALA C 101 -22.91 73.74 -26.80
N LEU C 102 -21.97 73.68 -27.73
CA LEU C 102 -21.36 72.41 -28.13
C LEU C 102 -20.03 72.43 -27.40
N LYS C 103 -19.58 73.65 -27.10
CA LYS C 103 -18.40 73.87 -26.30
C LYS C 103 -18.76 74.10 -24.84
N GLY C 104 -19.98 73.70 -24.49
CA GLY C 104 -20.49 73.92 -23.16
C GLY C 104 -20.00 72.72 -22.38
N PHE C 105 -19.21 71.91 -23.08
CA PHE C 105 -18.65 70.68 -22.57
C PHE C 105 -17.16 70.58 -22.90
N ARG C 106 -16.31 70.58 -21.89
CA ARG C 106 -14.87 70.70 -22.11
C ARG C 106 -14.34 69.43 -22.77
N LEU C 107 -15.03 68.33 -22.48
CA LEU C 107 -14.73 67.01 -23.03
C LEU C 107 -15.96 66.27 -23.55
N VAL C 108 -15.82 65.58 -24.68
CA VAL C 108 -16.97 64.90 -25.27
C VAL C 108 -16.46 63.49 -25.53
N PHE C 109 -17.18 62.50 -25.01
CA PHE C 109 -16.88 61.11 -25.32
C PHE C 109 -17.96 60.23 -25.94
N PHE C 110 -17.67 59.82 -27.17
CA PHE C 110 -18.51 58.87 -27.89
C PHE C 110 -18.56 57.59 -27.06
N ILE C 111 -19.74 57.03 -26.81
CA ILE C 111 -19.79 55.79 -26.04
C ILE C 111 -20.47 54.66 -26.82
N HIS C 112 -19.92 53.45 -26.69
CA HIS C 112 -20.43 52.26 -27.37
C HIS C 112 -21.17 51.19 -26.52
N LEU C 113 -22.50 51.25 -26.57
CA LEU C 113 -23.44 50.33 -25.92
C LEU C 113 -23.23 48.97 -26.56
N ARG C 114 -23.00 49.00 -27.88
CA ARG C 114 -22.77 47.81 -28.68
C ARG C 114 -21.54 46.97 -28.28
N SER C 115 -20.45 47.55 -27.77
CA SER C 115 -19.34 46.69 -27.35
C SER C 115 -18.71 47.15 -26.04
N ALA C 116 -18.41 46.19 -25.15
CA ALA C 116 -17.87 46.53 -23.82
C ALA C 116 -16.94 45.45 -23.25
N ARG C 117 -15.98 45.90 -22.45
CA ARG C 117 -14.84 45.12 -22.01
C ARG C 117 -14.35 45.66 -20.67
N GLY C 118 -14.14 44.80 -19.69
CA GLY C 118 -13.52 45.25 -18.46
C GLY C 118 -12.04 45.54 -18.62
N GLY C 119 -11.51 46.50 -17.85
CA GLY C 119 -12.32 47.40 -17.05
C GLY C 119 -13.18 48.31 -17.90
N LEU C 120 -14.36 48.66 -17.42
CA LEU C 120 -15.45 49.09 -18.29
C LEU C 120 -15.15 50.45 -18.90
N PHE C 121 -14.44 51.29 -18.15
CA PHE C 121 -14.02 52.59 -18.68
C PHE C 121 -13.06 52.34 -19.83
N GLU C 122 -12.28 51.27 -19.75
CA GLU C 122 -11.32 50.99 -20.82
C GLU C 122 -12.04 50.58 -22.10
N THR C 123 -13.37 50.42 -22.04
CA THR C 123 -14.13 50.19 -23.27
C THR C 123 -13.82 51.37 -24.16
N LEU C 124 -13.75 52.54 -23.54
CA LEU C 124 -13.57 53.78 -24.27
C LEU C 124 -12.13 53.76 -24.73
N TYR C 125 -11.25 53.22 -23.88
CA TYR C 125 -9.86 53.07 -24.24
C TYR C 125 -9.83 52.02 -25.36
N ASP C 126 -10.62 50.96 -25.23
CA ASP C 126 -10.71 49.97 -26.31
C ASP C 126 -11.47 50.50 -27.53
N GLN C 127 -11.94 51.73 -27.45
CA GLN C 127 -12.68 52.37 -28.55
C GLN C 127 -12.04 53.72 -28.92
N LEU C 128 -12.19 54.71 -28.04
CA LEU C 128 -11.65 56.06 -28.25
C LEU C 128 -10.14 56.00 -28.19
N LEU C 129 -9.62 55.14 -27.31
CA LEU C 129 -8.19 54.98 -27.08
C LEU C 129 -7.37 56.15 -26.52
N ASN C 130 -7.90 57.37 -26.48
CA ASN C 130 -7.06 58.45 -25.96
C ASN C 130 -6.92 58.51 -24.41
N ILE C 131 -7.31 57.43 -23.75
CA ILE C 131 -7.25 57.28 -22.29
C ILE C 131 -5.85 57.25 -21.68
N PRO C 132 -5.41 58.32 -20.97
CA PRO C 132 -4.05 58.25 -20.38
C PRO C 132 -3.87 57.08 -19.39
N ASP C 133 -2.64 56.56 -19.33
CA ASP C 133 -2.24 55.47 -18.40
C ASP C 133 -2.25 55.67 -16.87
N PHE C 134 -2.06 56.90 -16.38
CA PHE C 134 -2.12 57.15 -14.93
C PHE C 134 -3.50 56.98 -14.33
N ILE C 135 -4.49 57.48 -15.05
CA ILE C 135 -5.88 57.42 -14.64
C ILE C 135 -6.61 56.09 -14.43
N SER C 136 -6.57 55.59 -13.20
CA SER C 136 -7.28 54.38 -12.81
C SER C 136 -8.77 54.69 -13.03
N LYS C 137 -9.65 53.69 -12.94
CA LYS C 137 -11.10 53.96 -13.05
C LYS C 137 -11.68 54.89 -11.95
N PRO C 138 -11.28 54.71 -10.66
CA PRO C 138 -11.75 55.62 -9.60
C PRO C 138 -11.27 57.02 -9.91
N THR C 139 -9.99 57.08 -10.28
CA THR C 139 -9.30 58.32 -10.63
C THR C 139 -10.08 58.91 -11.79
N PHE C 140 -10.46 58.10 -12.76
CA PHE C 140 -11.22 58.58 -13.92
C PHE C 140 -12.61 59.13 -13.54
N LYS C 141 -13.30 58.53 -12.56
CA LYS C 141 -14.59 59.07 -12.13
C LYS C 141 -14.43 60.41 -11.36
N ALA C 142 -13.39 60.45 -10.52
CA ALA C 142 -13.02 61.61 -9.70
C ALA C 142 -12.64 62.78 -10.59
N LEU C 143 -11.87 62.44 -11.62
CA LEU C 143 -11.42 63.36 -12.64
C LEU C 143 -12.64 63.92 -13.35
N LEU C 144 -13.46 63.04 -13.93
CA LEU C 144 -14.67 63.50 -14.60
C LEU C 144 -15.49 64.41 -13.70
N LEU C 145 -15.46 64.18 -12.38
CA LEU C 145 -16.35 64.98 -11.56
C LEU C 145 -15.66 66.28 -11.15
N LYS C 146 -14.36 66.39 -11.40
CA LYS C 146 -13.66 67.62 -11.06
C LYS C 146 -14.36 68.84 -11.68
N LEU C 147 -15.09 68.57 -12.76
CA LEU C 147 -15.74 69.57 -13.61
C LEU C 147 -17.29 69.66 -13.50
N HIS C 148 -17.97 68.51 -13.44
CA HIS C 148 -19.42 68.41 -13.20
C HIS C 148 -20.47 68.92 -14.22
N LYS C 149 -20.16 68.94 -15.52
CA LYS C 149 -21.03 69.52 -16.56
C LYS C 149 -20.21 69.76 -17.81
N GLU C 150 -18.94 69.40 -17.76
CA GLU C 150 -18.04 69.81 -18.81
C GLU C 150 -17.66 68.61 -19.63
N VAL C 151 -18.51 67.60 -19.57
CA VAL C 151 -18.36 66.45 -20.44
C VAL C 151 -19.73 65.99 -20.98
N LEU C 152 -19.78 65.67 -22.26
CA LEU C 152 -20.98 65.09 -22.88
C LEU C 152 -20.65 63.69 -23.38
N PHE C 153 -21.61 62.77 -23.32
CA PHE C 153 -21.37 61.43 -23.88
C PHE C 153 -22.46 60.89 -24.78
N LEU C 154 -22.08 60.38 -25.95
CA LEU C 154 -23.11 59.80 -26.81
C LEU C 154 -23.15 58.29 -26.62
N LEU C 155 -24.33 57.68 -26.42
CA LEU C 155 -24.30 56.26 -26.12
C LEU C 155 -24.63 55.73 -27.50
N ASP C 156 -23.81 54.84 -28.04
CA ASP C 156 -24.12 54.14 -29.30
C ASP C 156 -24.46 52.63 -29.38
N GLY C 157 -25.71 52.21 -29.61
CA GLY C 157 -26.05 50.80 -29.50
C GLY C 157 -27.11 50.22 -28.60
N TYR C 158 -28.31 50.77 -28.67
CA TYR C 158 -29.41 50.29 -27.84
C TYR C 158 -30.09 48.93 -28.06
N ASN C 159 -30.11 48.39 -29.27
CA ASN C 159 -30.76 47.08 -29.44
C ASN C 159 -29.61 46.09 -29.37
N GLU C 160 -28.50 46.55 -29.93
CA GLU C 160 -27.23 45.83 -29.95
C GLU C 160 -26.87 45.45 -28.52
N PHE C 161 -27.40 46.22 -27.57
CA PHE C 161 -27.13 46.01 -26.15
C PHE C 161 -27.61 44.62 -25.74
N HIS C 162 -26.89 44.01 -24.81
CA HIS C 162 -27.16 42.65 -24.37
C HIS C 162 -26.98 42.58 -22.86
N PRO C 163 -27.25 41.42 -22.24
CA PRO C 163 -26.99 41.31 -20.80
C PRO C 163 -25.52 41.34 -20.39
N GLN C 164 -24.64 40.70 -21.15
CA GLN C 164 -23.20 40.79 -20.84
C GLN C 164 -22.72 42.24 -20.80
N ASN C 165 -21.94 42.57 -19.76
CA ASN C 165 -21.30 43.87 -19.56
C ASN C 165 -22.31 44.99 -19.25
N CYS C 166 -23.49 44.56 -18.83
CA CYS C 166 -24.64 45.40 -18.46
C CYS C 166 -24.41 46.42 -17.31
N PRO C 167 -23.67 46.05 -16.25
CA PRO C 167 -23.49 47.11 -15.25
C PRO C 167 -22.57 48.29 -15.57
N GLU C 168 -22.82 49.36 -14.82
CA GLU C 168 -22.30 50.70 -15.04
C GLU C 168 -22.56 51.15 -16.48
N ILE C 169 -23.79 50.89 -16.93
CA ILE C 169 -24.30 51.38 -18.20
C ILE C 169 -25.46 52.35 -17.90
N GLU C 170 -26.17 52.04 -16.84
CA GLU C 170 -27.37 52.77 -16.43
C GLU C 170 -26.87 53.81 -15.44
N ALA C 171 -25.62 53.63 -15.02
CA ALA C 171 -25.00 54.49 -14.02
C ALA C 171 -24.71 55.85 -14.65
N LEU C 172 -24.41 55.87 -15.95
CA LEU C 172 -24.18 57.16 -16.60
C LEU C 172 -25.51 57.91 -16.68
N ILE C 173 -26.59 57.16 -16.91
CA ILE C 173 -27.93 57.73 -17.09
C ILE C 173 -28.75 57.95 -15.80
N LYS C 174 -28.93 56.90 -15.01
CA LYS C 174 -29.68 56.98 -13.75
C LYS C 174 -28.89 57.64 -12.64
N GLU C 175 -27.64 57.21 -12.49
CA GLU C 175 -26.71 57.90 -11.59
C GLU C 175 -26.04 59.03 -12.36
N ASN C 176 -26.83 59.87 -13.04
CA ASN C 176 -26.32 61.03 -13.75
C ASN C 176 -26.47 62.25 -12.87
N HIS C 177 -27.35 62.11 -11.89
CA HIS C 177 -27.59 63.18 -10.92
C HIS C 177 -26.39 63.33 -10.01
N ARG C 178 -25.54 62.30 -9.98
CA ARG C 178 -24.26 62.37 -9.29
C ARG C 178 -23.02 62.13 -10.16
N PHE C 179 -23.20 62.18 -11.48
CA PHE C 179 -22.15 61.88 -12.44
C PHE C 179 -21.93 63.24 -13.07
N LYS C 180 -22.88 64.12 -12.77
CA LYS C 180 -22.91 65.50 -13.20
C LYS C 180 -22.63 65.86 -14.66
N ASN C 181 -22.23 64.93 -15.51
CA ASN C 181 -22.02 65.39 -16.87
C ASN C 181 -23.33 65.16 -17.62
N MET C 182 -23.51 65.83 -18.75
CA MET C 182 -24.68 65.55 -19.57
C MET C 182 -24.43 64.33 -20.42
N VAL C 183 -25.48 63.81 -21.06
CA VAL C 183 -25.30 62.65 -21.95
C VAL C 183 -26.49 62.34 -22.84
N ILE C 184 -26.21 61.89 -24.07
CA ILE C 184 -27.27 61.61 -25.03
C ILE C 184 -27.38 60.08 -25.03
N VAL C 185 -28.54 59.58 -24.64
CA VAL C 185 -28.76 58.14 -24.48
C VAL C 185 -29.42 57.44 -25.67
N THR C 186 -28.65 56.60 -26.35
CA THR C 186 -29.12 55.96 -27.57
C THR C 186 -30.33 55.11 -27.33
N THR C 187 -31.24 55.15 -28.29
CA THR C 187 -32.43 54.35 -28.22
C THR C 187 -32.81 53.83 -29.60
N THR C 188 -33.56 52.76 -29.59
CA THR C 188 -34.05 52.11 -30.80
C THR C 188 -35.46 52.28 -30.29
N THR C 189 -36.56 52.00 -30.98
CA THR C 189 -37.67 52.29 -30.12
C THR C 189 -38.28 51.06 -29.48
N GLU C 190 -37.82 49.87 -29.88
CA GLU C 190 -38.61 48.71 -29.43
C GLU C 190 -38.43 48.76 -27.91
N CYS C 191 -37.13 48.92 -27.61
CA CYS C 191 -36.45 49.02 -26.31
C CYS C 191 -36.66 50.18 -25.32
N LEU C 192 -36.98 51.37 -25.85
CA LEU C 192 -37.04 52.62 -25.06
C LEU C 192 -37.64 52.56 -23.67
N ARG C 193 -38.62 51.68 -23.47
CA ARG C 193 -39.40 51.65 -22.23
C ARG C 193 -38.56 51.10 -21.07
N HIS C 194 -37.28 50.88 -21.35
CA HIS C 194 -36.27 50.41 -20.39
C HIS C 194 -35.57 51.59 -19.75
N ILE C 195 -35.85 52.77 -20.29
CA ILE C 195 -35.31 54.01 -19.73
C ILE C 195 -36.28 55.17 -19.82
N ARG C 196 -37.55 54.86 -20.05
CA ARG C 196 -38.61 55.87 -20.09
C ARG C 196 -38.78 56.55 -18.71
N HIS C 197 -37.94 56.19 -17.75
CA HIS C 197 -38.03 56.75 -16.41
C HIS C 197 -36.69 57.29 -15.92
N VAL C 198 -35.76 57.51 -16.83
CA VAL C 198 -34.44 58.02 -16.48
C VAL C 198 -34.01 59.38 -17.03
N GLY C 199 -34.35 59.61 -18.30
CA GLY C 199 -34.11 60.84 -19.03
C GLY C 199 -34.91 62.13 -18.96
N ALA C 200 -34.21 63.21 -18.64
CA ALA C 200 -34.85 64.50 -18.43
C ALA C 200 -35.16 65.13 -19.79
N LEU C 201 -34.66 64.53 -20.87
CA LEU C 201 -34.93 65.01 -22.22
C LEU C 201 -35.52 63.85 -23.03
N THR C 202 -36.24 64.16 -24.10
CA THR C 202 -36.89 63.14 -24.94
C THR C 202 -37.39 63.72 -26.26
N ALA C 203 -37.01 63.09 -27.37
CA ALA C 203 -37.42 63.58 -28.68
C ALA C 203 -37.58 62.44 -29.68
N GLU C 204 -38.40 62.68 -30.69
CA GLU C 204 -38.72 61.66 -31.67
C GLU C 204 -38.19 62.09 -33.02
N VAL C 205 -37.29 61.30 -33.61
CA VAL C 205 -36.77 61.64 -34.93
C VAL C 205 -37.88 61.59 -35.95
N GLY C 206 -38.34 62.76 -36.35
CA GLY C 206 -39.39 62.87 -37.34
C GLY C 206 -38.84 62.46 -38.68
N ASP C 207 -39.71 62.00 -39.57
CA ASP C 207 -39.28 61.58 -40.89
C ASP C 207 -38.70 62.83 -41.57
N MET C 208 -37.60 62.63 -42.27
CA MET C 208 -36.93 63.69 -43.00
C MET C 208 -37.77 64.16 -44.20
N THR C 209 -37.54 65.39 -44.65
CA THR C 209 -38.20 65.92 -45.84
C THR C 209 -37.78 65.09 -47.05
N GLU C 210 -38.67 64.90 -48.01
CA GLU C 210 -38.30 64.17 -49.21
C GLU C 210 -37.23 64.97 -49.95
N ASP C 211 -37.49 66.27 -50.07
CA ASP C 211 -36.59 67.18 -50.75
C ASP C 211 -35.21 67.20 -50.10
N SER C 212 -35.18 67.32 -48.78
CA SER C 212 -33.92 67.34 -48.05
C SER C 212 -33.17 66.03 -48.23
N ALA C 213 -33.92 64.95 -48.34
CA ALA C 213 -33.33 63.63 -48.49
C ALA C 213 -32.69 63.47 -49.85
N LYS C 214 -32.81 64.49 -50.70
CA LYS C 214 -32.37 64.28 -52.06
C LYS C 214 -30.95 64.79 -52.03
N ASP C 215 -30.58 65.26 -50.84
CA ASP C 215 -29.29 65.89 -50.66
C ASP C 215 -28.45 64.68 -50.37
N LEU C 216 -29.15 63.59 -50.03
CA LEU C 216 -28.47 62.34 -49.82
C LEU C 216 -28.13 61.83 -51.22
N ILE C 217 -29.14 61.73 -52.09
CA ILE C 217 -29.01 61.06 -53.40
C ILE C 217 -27.82 61.63 -54.18
N GLU C 218 -27.74 62.95 -54.10
CA GLU C 218 -26.77 63.83 -54.74
C GLU C 218 -25.31 63.45 -54.55
N ALA C 219 -24.96 62.97 -53.36
CA ALA C 219 -23.58 62.65 -53.07
C ALA C 219 -22.97 61.55 -53.92
N VAL C 220 -23.70 60.51 -54.31
CA VAL C 220 -23.07 59.54 -55.20
C VAL C 220 -23.43 59.80 -56.66
N LEU C 221 -24.71 60.02 -56.93
CA LEU C 221 -25.21 60.31 -58.28
C LEU C 221 -24.72 61.61 -58.93
N VAL C 222 -24.70 61.61 -60.26
CA VAL C 222 -24.33 62.77 -61.06
C VAL C 222 -25.53 63.71 -60.84
N PRO C 223 -25.40 65.04 -61.05
CA PRO C 223 -26.63 65.77 -60.72
C PRO C 223 -27.80 65.58 -61.70
N ASP C 224 -27.50 65.19 -62.94
CA ASP C 224 -28.57 64.95 -63.90
C ASP C 224 -29.15 63.58 -63.61
N GLN C 225 -28.33 62.71 -63.05
CA GLN C 225 -28.75 61.36 -62.71
C GLN C 225 -29.76 61.52 -61.56
N VAL C 226 -29.54 62.55 -60.75
CA VAL C 226 -30.41 62.76 -59.61
C VAL C 226 -31.69 63.33 -60.17
N GLU C 227 -31.58 64.19 -61.19
CA GLU C 227 -32.80 64.77 -61.76
C GLU C 227 -33.64 63.67 -62.44
N ARG C 228 -32.96 62.67 -63.01
CA ARG C 228 -33.62 61.54 -63.64
C ARG C 228 -34.41 60.79 -62.59
N LEU C 229 -33.79 60.58 -61.44
CA LEU C 229 -34.52 59.98 -60.32
C LEU C 229 -35.67 60.88 -59.87
N TRP C 230 -35.45 62.19 -59.90
CA TRP C 230 -36.49 63.15 -59.53
C TRP C 230 -37.70 63.08 -60.44
N ALA C 231 -37.47 62.71 -61.69
CA ALA C 231 -38.57 62.39 -62.59
C ALA C 231 -39.16 61.05 -62.18
N GLN C 232 -38.29 60.14 -61.76
CA GLN C 232 -38.72 58.80 -61.40
C GLN C 232 -39.61 58.69 -60.18
N ILE C 233 -39.49 59.57 -59.19
CA ILE C 233 -40.42 59.43 -58.08
C ILE C 233 -41.73 60.14 -58.39
N GLN C 234 -41.81 60.76 -59.57
CA GLN C 234 -43.04 61.42 -60.00
C GLN C 234 -43.99 60.37 -60.55
N GLU C 235 -43.43 59.21 -60.87
CA GLU C 235 -44.14 58.02 -61.34
C GLU C 235 -45.43 57.81 -60.55
N SER C 236 -45.34 58.02 -59.24
CA SER C 236 -46.43 57.73 -58.32
C SER C 236 -46.17 58.50 -57.03
N ARG C 237 -47.24 58.87 -56.33
CA ARG C 237 -47.09 59.64 -55.10
C ARG C 237 -46.50 58.76 -54.00
N CYS C 238 -46.81 57.47 -54.05
CA CYS C 238 -46.22 56.51 -53.13
C CYS C 238 -44.71 56.41 -53.34
N LEU C 239 -44.28 56.50 -54.59
CA LEU C 239 -42.84 56.56 -54.88
C LEU C 239 -42.25 57.90 -54.47
N ARG C 240 -43.01 58.98 -54.69
CA ARG C 240 -42.55 60.33 -54.40
C ARG C 240 -42.32 60.53 -52.90
N ASN C 241 -43.13 59.87 -52.08
CA ASN C 241 -43.04 60.05 -50.64
C ASN C 241 -42.06 59.09 -49.98
N LEU C 242 -41.44 58.22 -50.76
CA LEU C 242 -40.49 57.24 -50.23
C LEU C 242 -39.28 57.98 -49.65
N MET C 243 -38.92 59.09 -50.30
CA MET C 243 -37.83 59.94 -49.86
C MET C 243 -37.98 60.56 -48.46
N LYS C 244 -39.06 60.28 -47.74
CA LYS C 244 -39.22 60.83 -46.39
C LYS C 244 -38.09 60.31 -45.52
N THR C 245 -37.76 59.04 -45.69
CA THR C 245 -36.70 58.42 -44.92
C THR C 245 -35.48 58.21 -45.81
N PRO C 246 -34.27 58.28 -45.21
CA PRO C 246 -33.00 58.07 -45.88
C PRO C 246 -32.83 56.62 -46.34
N LEU C 247 -33.48 55.68 -45.65
CA LEU C 247 -33.46 54.27 -46.02
C LEU C 247 -34.05 53.94 -47.40
N PHE C 248 -35.20 54.52 -47.74
CA PHE C 248 -35.80 54.31 -49.07
C PHE C 248 -34.86 54.84 -50.14
N VAL C 249 -34.23 55.97 -49.80
CA VAL C 249 -33.24 56.58 -50.66
C VAL C 249 -32.11 55.57 -50.84
N VAL C 250 -31.69 54.91 -49.76
CA VAL C 250 -30.62 53.91 -49.85
C VAL C 250 -31.01 52.73 -50.74
N ILE C 251 -32.31 52.40 -50.68
CA ILE C 251 -32.93 51.36 -51.49
C ILE C 251 -32.86 51.66 -52.98
N THR C 252 -33.01 52.93 -53.36
CA THR C 252 -32.83 53.26 -54.77
C THR C 252 -31.39 53.68 -55.11
N CYS C 253 -30.57 53.96 -54.10
CA CYS C 253 -29.20 54.40 -54.30
C CYS C 253 -28.31 53.20 -54.65
N ALA C 254 -28.65 52.05 -54.09
CA ALA C 254 -27.92 50.81 -54.34
C ALA C 254 -28.02 50.34 -55.80
N ILE C 255 -28.85 51.01 -56.60
CA ILE C 255 -29.20 50.51 -57.93
C ILE C 255 -28.45 51.26 -59.04
N GLN C 256 -27.95 52.45 -58.71
CA GLN C 256 -27.28 53.31 -59.70
C GLN C 256 -25.93 52.81 -60.22
N MET C 257 -25.38 51.79 -59.58
CA MET C 257 -24.04 51.30 -59.92
C MET C 257 -23.94 50.77 -61.36
N GLY C 258 -25.05 50.26 -61.87
CA GLY C 258 -25.09 49.82 -63.26
C GLY C 258 -25.86 50.70 -64.23
N ARG C 259 -26.52 51.73 -63.74
CA ARG C 259 -27.47 52.48 -64.57
C ARG C 259 -27.38 54.00 -64.47
N GLN C 260 -27.62 54.66 -65.60
CA GLN C 260 -27.70 56.12 -65.65
C GLN C 260 -29.09 56.63 -65.23
N GLU C 261 -30.13 55.89 -65.58
CA GLU C 261 -31.45 56.12 -64.99
C GLU C 261 -32.15 54.78 -64.86
N PHE C 262 -32.92 54.63 -63.79
CA PHE C 262 -33.56 53.35 -63.52
C PHE C 262 -34.91 53.47 -62.81
N GLN C 263 -35.64 52.37 -62.86
CA GLN C 263 -36.80 52.14 -62.01
C GLN C 263 -36.74 50.66 -61.64
N ALA C 264 -37.67 50.19 -60.83
CA ALA C 264 -37.72 48.77 -60.47
C ALA C 264 -38.52 47.80 -61.39
N HIS C 265 -39.61 48.21 -62.06
CA HIS C 265 -40.18 49.55 -62.06
C HIS C 265 -41.19 49.69 -60.94
N THR C 266 -41.53 48.57 -60.33
CA THR C 266 -42.55 48.58 -59.30
C THR C 266 -42.02 49.21 -58.04
N GLN C 267 -42.88 49.91 -57.32
CA GLN C 267 -42.45 50.54 -56.09
C GLN C 267 -42.12 49.44 -55.07
N THR C 268 -42.82 48.32 -55.19
CA THR C 268 -42.60 47.07 -54.45
C THR C 268 -41.32 46.26 -54.75
N MET C 269 -40.86 46.23 -56.00
CA MET C 269 -39.66 45.45 -56.33
C MET C 269 -38.41 46.15 -55.77
N LEU C 270 -38.55 47.44 -55.54
CA LEU C 270 -37.56 48.28 -54.90
C LEU C 270 -37.44 47.80 -53.45
N PHE C 271 -38.63 47.67 -52.87
CA PHE C 271 -38.98 47.26 -51.53
C PHE C 271 -38.46 45.84 -51.15
N GLN C 272 -38.47 44.92 -52.11
CA GLN C 272 -38.00 43.53 -51.94
C GLN C 272 -36.50 43.39 -51.65
N THR C 273 -35.69 44.19 -52.33
CA THR C 273 -34.24 44.20 -52.11
C THR C 273 -33.99 44.55 -50.64
N PHE C 274 -34.73 45.53 -50.15
CA PHE C 274 -34.65 46.01 -48.77
C PHE C 274 -35.02 44.80 -47.86
N TYR C 275 -36.08 44.05 -48.20
CA TYR C 275 -36.47 42.89 -47.34
C TYR C 275 -35.30 41.90 -47.26
N ASP C 276 -34.72 41.55 -48.41
CA ASP C 276 -33.58 40.63 -48.45
C ASP C 276 -32.43 41.17 -47.58
N LEU C 277 -32.22 42.49 -47.58
CA LEU C 277 -31.16 43.14 -46.79
C LEU C 277 -31.49 42.88 -45.31
N LEU C 278 -32.77 42.94 -44.99
CA LEU C 278 -33.31 42.68 -43.66
C LEU C 278 -32.91 41.24 -43.28
N ILE C 279 -33.07 40.30 -44.20
CA ILE C 279 -32.68 38.90 -43.98
C ILE C 279 -31.16 38.85 -43.71
N GLN C 280 -30.41 39.63 -44.48
CA GLN C 280 -28.93 39.74 -44.47
C GLN C 280 -28.38 40.16 -43.10
N LYS C 281 -29.07 41.12 -42.51
CA LYS C 281 -28.73 41.75 -41.23
C LYS C 281 -28.98 40.73 -40.12
N ASN C 282 -30.05 39.99 -40.22
CA ASN C 282 -30.48 39.15 -39.12
C ASN C 282 -29.95 37.74 -39.25
N SER C 283 -29.14 37.41 -40.25
CA SER C 283 -28.74 36.02 -40.28
C SER C 283 -27.99 35.68 -38.98
N HIS C 284 -27.16 36.59 -38.46
CA HIS C 284 -26.39 36.24 -37.25
C HIS C 284 -27.43 36.18 -36.12
N ARG C 285 -28.51 36.94 -36.37
CA ARG C 285 -29.66 37.16 -35.48
C ARG C 285 -30.84 36.28 -35.86
N TYR C 286 -30.68 34.98 -35.75
CA TYR C 286 -31.78 34.11 -36.14
C TYR C 286 -32.68 34.02 -34.92
N ARG C 287 -32.07 34.17 -33.75
CA ARG C 287 -32.78 34.14 -32.48
C ARG C 287 -33.83 33.04 -32.37
N GLY C 288 -33.39 31.79 -32.52
CA GLY C 288 -34.32 30.67 -32.65
C GLY C 288 -34.56 30.27 -34.09
N GLY C 289 -35.22 29.14 -34.27
CA GLY C 289 -35.44 28.60 -35.60
C GLY C 289 -34.14 27.99 -36.08
N ALA C 290 -34.14 27.40 -37.27
CA ALA C 290 -32.95 26.72 -37.76
C ALA C 290 -32.36 27.54 -38.89
N SER C 291 -31.04 27.75 -38.84
CA SER C 291 -30.35 28.43 -39.94
C SER C 291 -30.99 29.80 -40.19
N GLY C 292 -31.38 30.03 -41.44
CA GLY C 292 -32.15 31.20 -41.80
C GLY C 292 -33.66 31.06 -41.66
N ASP C 293 -34.14 29.91 -41.18
CA ASP C 293 -35.58 29.64 -41.19
C ASP C 293 -36.35 30.47 -40.17
N PHE C 294 -35.68 31.41 -39.53
CA PHE C 294 -36.39 32.35 -38.66
C PHE C 294 -37.22 33.23 -39.59
N ALA C 295 -36.68 33.42 -40.80
CA ALA C 295 -37.36 34.01 -41.96
C ALA C 295 -38.73 33.39 -42.21
N ARG C 296 -38.81 32.10 -41.94
CA ARG C 296 -40.00 31.24 -42.09
C ARG C 296 -41.11 31.75 -41.18
N SER C 297 -40.72 32.36 -40.07
CA SER C 297 -41.68 32.92 -39.14
C SER C 297 -42.42 34.08 -39.82
N LEU C 298 -41.76 34.91 -40.62
CA LEU C 298 -42.53 35.97 -41.29
C LEU C 298 -43.54 35.25 -42.21
N ASP C 299 -43.08 34.19 -42.87
CA ASP C 299 -43.94 33.34 -43.68
C ASP C 299 -45.02 32.68 -42.80
N TYR C 300 -44.65 32.30 -41.58
CA TYR C 300 -45.62 31.71 -40.65
C TYR C 300 -46.72 32.75 -40.48
N CYS C 301 -46.34 34.02 -40.36
CA CYS C 301 -47.34 35.07 -40.25
C CYS C 301 -47.56 35.66 -41.66
N GLY C 302 -47.27 34.86 -42.69
CA GLY C 302 -47.42 35.31 -44.06
C GLY C 302 -48.85 35.69 -44.43
N ASP C 303 -49.80 34.87 -44.01
CA ASP C 303 -51.23 35.14 -44.23
C ASP C 303 -51.68 36.37 -43.41
N LEU C 304 -50.79 36.81 -42.53
CA LEU C 304 -50.88 37.99 -41.64
C LEU C 304 -50.38 39.16 -42.48
N ALA C 305 -49.24 38.91 -43.14
CA ALA C 305 -48.57 39.86 -44.01
C ALA C 305 -49.62 40.11 -45.08
N LEU C 306 -50.30 39.02 -45.45
CA LEU C 306 -51.35 39.00 -46.46
C LEU C 306 -52.36 39.98 -45.88
N GLU C 307 -52.75 39.76 -44.63
CA GLU C 307 -53.69 40.65 -43.92
C GLU C 307 -53.24 42.10 -43.80
N GLY C 308 -51.96 42.44 -43.79
CA GLY C 308 -51.67 43.86 -43.70
C GLY C 308 -52.33 44.56 -44.88
N VAL C 309 -52.14 44.09 -46.11
CA VAL C 309 -52.84 44.74 -47.22
C VAL C 309 -54.34 44.50 -46.96
N PHE C 310 -54.64 43.24 -46.60
CA PHE C 310 -56.01 42.77 -46.39
C PHE C 310 -56.80 43.27 -45.18
N ALA C 311 -56.21 43.37 -43.99
CA ALA C 311 -57.03 43.86 -42.87
C ALA C 311 -57.04 45.39 -42.75
N HIS C 312 -56.92 46.07 -43.90
CA HIS C 312 -56.87 47.54 -43.98
C HIS C 312 -55.82 48.21 -43.11
N LYS C 313 -55.00 47.43 -42.43
CA LYS C 313 -54.00 47.98 -41.54
C LYS C 313 -52.74 47.15 -41.56
N PHE C 314 -51.60 47.81 -41.40
CA PHE C 314 -50.36 47.08 -41.26
C PHE C 314 -50.10 46.82 -39.80
N ASP C 315 -51.10 47.06 -38.92
CA ASP C 315 -50.80 46.80 -37.53
C ASP C 315 -51.43 45.52 -36.99
N PHE C 316 -50.62 44.76 -36.26
CA PHE C 316 -51.02 43.47 -35.67
C PHE C 316 -50.71 43.34 -34.18
N GLU C 317 -51.30 42.36 -33.52
CA GLU C 317 -50.95 42.11 -32.13
C GLU C 317 -50.44 40.69 -32.16
N PRO C 318 -49.25 40.44 -31.60
CA PRO C 318 -48.70 39.10 -31.71
C PRO C 318 -49.53 38.11 -30.90
N GLU C 319 -49.62 36.88 -31.42
CA GLU C 319 -50.54 35.88 -30.90
C GLU C 319 -50.22 35.46 -29.47
N HIS C 320 -51.25 35.29 -28.66
CA HIS C 320 -51.09 34.92 -27.26
C HIS C 320 -50.59 33.48 -27.11
N GLY C 321 -49.54 33.30 -26.32
CA GLY C 321 -48.81 32.05 -26.26
C GLY C 321 -47.51 32.02 -27.04
N SER C 322 -47.04 30.81 -27.37
CA SER C 322 -45.71 30.61 -27.93
C SER C 322 -45.48 31.32 -29.25
N SER C 323 -46.57 31.74 -29.90
CA SER C 323 -46.43 32.42 -31.18
C SER C 323 -46.12 33.91 -30.99
N MET C 324 -45.78 34.32 -29.77
CA MET C 324 -45.65 35.76 -29.56
C MET C 324 -44.26 36.09 -30.10
N ASN C 325 -43.65 35.05 -30.65
CA ASN C 325 -42.25 35.05 -30.98
C ASN C 325 -42.27 35.59 -32.38
N GLU C 326 -43.50 35.80 -32.87
CA GLU C 326 -43.69 36.34 -34.20
C GLU C 326 -43.10 37.73 -34.11
N ASP C 327 -43.26 38.40 -32.97
CA ASP C 327 -42.72 39.76 -32.87
C ASP C 327 -41.18 39.74 -32.92
N VAL C 328 -40.63 38.57 -33.28
CA VAL C 328 -39.29 38.41 -33.84
C VAL C 328 -39.06 39.43 -34.92
N LEU C 329 -40.10 39.71 -35.69
CA LEU C 329 -40.00 40.66 -36.78
C LEU C 329 -39.77 42.08 -36.25
N VAL C 330 -40.22 42.37 -35.03
CA VAL C 330 -39.91 43.67 -34.46
C VAL C 330 -38.41 43.67 -34.19
N THR C 331 -37.91 42.53 -33.72
CA THR C 331 -36.49 42.36 -33.50
C THR C 331 -35.79 42.47 -34.87
N ILE C 332 -36.40 41.87 -35.91
CA ILE C 332 -35.85 41.96 -37.27
C ILE C 332 -36.00 43.33 -37.94
N GLY C 333 -37.07 44.02 -37.62
CA GLY C 333 -37.31 45.36 -38.12
C GLY C 333 -38.30 45.35 -39.27
N LEU C 334 -38.84 44.16 -39.53
CA LEU C 334 -39.86 43.99 -40.55
C LEU C 334 -41.13 44.60 -40.02
N LEU C 335 -41.30 44.40 -38.72
CA LEU C 335 -42.38 44.94 -37.93
C LEU C 335 -41.91 45.77 -36.72
N CYS C 336 -41.11 46.83 -36.88
CA CYS C 336 -40.67 47.49 -35.64
C CYS C 336 -41.88 48.19 -35.00
N LYS C 337 -41.94 48.13 -33.66
CA LYS C 337 -42.97 48.83 -32.89
C LYS C 337 -42.76 50.02 -31.92
N TYR C 338 -43.76 50.90 -31.91
CA TYR C 338 -43.79 52.17 -31.16
C TYR C 338 -44.06 51.85 -29.68
N THR C 339 -43.27 52.27 -28.70
CA THR C 339 -43.73 52.01 -27.33
C THR C 339 -44.96 52.88 -27.01
N ALA C 340 -45.93 52.27 -26.32
CA ALA C 340 -47.22 52.90 -25.99
C ALA C 340 -48.07 52.00 -25.09
N GLN C 341 -49.01 52.58 -24.35
CA GLN C 341 -49.86 51.80 -23.45
C GLN C 341 -50.93 50.98 -24.19
N ARG C 342 -50.83 49.67 -24.01
CA ARG C 342 -51.67 48.64 -24.64
C ARG C 342 -51.18 48.47 -26.08
N LEU C 343 -49.85 48.56 -26.19
CA LEU C 343 -49.12 48.48 -27.43
C LEU C 343 -49.25 47.19 -28.23
N LYS C 344 -49.47 47.36 -29.53
CA LYS C 344 -49.40 46.25 -30.46
C LYS C 344 -48.63 46.62 -31.74
N PRO C 345 -47.80 45.68 -32.21
CA PRO C 345 -46.88 45.67 -33.35
C PRO C 345 -47.43 46.35 -34.60
N THR C 346 -46.53 46.78 -35.48
CA THR C 346 -46.85 47.39 -36.77
C THR C 346 -45.65 47.06 -37.61
N TYR C 347 -45.74 47.15 -38.94
CA TYR C 347 -44.55 47.00 -39.77
C TYR C 347 -43.64 48.20 -39.98
N LYS C 348 -44.09 49.39 -39.61
CA LYS C 348 -43.31 50.58 -39.93
C LYS C 348 -41.91 50.42 -39.35
N PHE C 349 -40.90 50.67 -40.18
CA PHE C 349 -39.55 50.88 -39.71
C PHE C 349 -39.30 52.36 -39.91
N PHE C 350 -40.41 53.04 -40.17
CA PHE C 350 -40.54 54.16 -41.12
C PHE C 350 -41.46 53.58 -42.20
N HIS C 351 -42.69 54.08 -42.32
CA HIS C 351 -43.59 53.70 -43.44
C HIS C 351 -44.05 52.24 -43.41
N LYS C 352 -45.12 51.92 -42.68
CA LYS C 352 -45.60 50.55 -42.60
C LYS C 352 -46.13 49.98 -43.93
N SER C 353 -46.54 50.87 -44.83
CA SER C 353 -47.02 50.45 -46.13
C SER C 353 -45.95 49.73 -46.93
N PHE C 354 -44.73 49.78 -46.41
CA PHE C 354 -43.59 49.15 -47.04
C PHE C 354 -43.83 47.65 -47.18
N GLN C 355 -44.52 47.09 -46.19
CA GLN C 355 -44.93 45.67 -46.19
C GLN C 355 -45.93 45.19 -47.27
N GLU C 356 -46.36 46.10 -48.14
CA GLU C 356 -47.31 45.71 -49.19
C GLU C 356 -46.82 44.66 -50.19
N TYR C 357 -45.55 44.70 -50.56
CA TYR C 357 -44.98 43.70 -51.45
C TYR C 357 -45.05 42.33 -50.83
N THR C 358 -44.71 42.20 -49.55
CA THR C 358 -44.71 40.87 -48.94
C THR C 358 -46.11 40.29 -49.00
N ALA C 359 -47.14 41.12 -48.83
CA ALA C 359 -48.49 40.59 -48.93
C ALA C 359 -48.76 40.10 -50.34
N GLY C 360 -48.24 40.82 -51.32
CA GLY C 360 -48.37 40.41 -52.70
C GLY C 360 -47.54 39.15 -52.88
N ARG C 361 -46.36 39.15 -52.27
CA ARG C 361 -45.43 38.03 -52.28
C ARG C 361 -45.98 36.72 -51.70
N ARG C 362 -46.73 36.84 -50.61
CA ARG C 362 -47.34 35.68 -49.98
C ARG C 362 -48.29 35.10 -51.02
N LEU C 363 -49.01 35.96 -51.74
CA LEU C 363 -49.97 35.51 -52.73
C LEU C 363 -49.13 34.75 -53.76
N SER C 364 -47.99 35.32 -54.15
CA SER C 364 -47.11 34.68 -55.11
C SER C 364 -46.63 33.34 -54.57
N SER C 365 -46.32 33.29 -53.28
CA SER C 365 -45.85 32.07 -52.64
C SER C 365 -46.96 31.03 -52.77
N LEU C 366 -48.20 31.52 -52.78
CA LEU C 366 -49.35 30.66 -52.97
C LEU C 366 -49.42 30.24 -54.44
N LEU C 367 -49.22 31.18 -55.37
CA LEU C 367 -49.30 30.89 -56.80
C LEU C 367 -48.20 29.95 -57.32
N THR C 368 -46.99 30.10 -56.79
CA THR C 368 -45.86 29.27 -57.20
C THR C 368 -45.74 28.03 -56.34
N SER C 369 -46.80 27.75 -55.59
CA SER C 369 -46.78 26.68 -54.62
C SER C 369 -46.96 25.30 -55.25
N LYS C 370 -46.52 24.29 -54.52
CA LYS C 370 -46.42 22.91 -54.97
C LYS C 370 -47.72 22.35 -55.56
N GLU C 371 -48.85 22.97 -55.24
CA GLU C 371 -50.14 22.47 -55.72
C GLU C 371 -51.15 23.56 -56.07
N PRO C 372 -52.01 23.27 -57.05
CA PRO C 372 -53.16 24.06 -57.49
C PRO C 372 -54.08 24.58 -56.38
N GLU C 373 -54.35 23.79 -55.34
CA GLU C 373 -55.21 24.25 -54.23
C GLU C 373 -54.64 25.43 -53.45
N GLU C 374 -53.33 25.45 -53.21
CA GLU C 374 -52.71 26.61 -52.54
C GLU C 374 -52.84 27.81 -53.46
N VAL C 375 -52.67 27.59 -54.75
CA VAL C 375 -52.81 28.66 -55.74
C VAL C 375 -54.24 29.23 -55.73
N SER C 376 -55.24 28.33 -55.69
CA SER C 376 -56.65 28.72 -55.62
C SER C 376 -56.95 29.40 -54.29
N LYS C 377 -56.20 29.04 -53.27
CA LYS C 377 -56.26 29.71 -51.98
C LYS C 377 -55.78 31.13 -52.19
N GLY C 378 -54.72 31.26 -52.98
CA GLY C 378 -54.19 32.56 -53.38
C GLY C 378 -55.26 33.26 -54.21
N ASN C 379 -55.92 32.48 -55.06
CA ASN C 379 -57.03 32.94 -55.88
C ASN C 379 -58.20 33.38 -55.01
N SER C 380 -58.43 32.70 -53.89
CA SER C 380 -59.56 33.00 -53.02
C SER C 380 -59.36 34.36 -52.34
N TYR C 381 -58.12 34.80 -52.37
CA TYR C 381 -57.71 36.10 -51.88
C TYR C 381 -58.12 37.16 -52.91
N LEU C 382 -58.60 36.69 -54.07
CA LEU C 382 -59.11 37.55 -55.14
C LEU C 382 -60.63 37.56 -55.09
N ASN C 383 -61.17 36.93 -54.05
CA ASN C 383 -62.62 36.84 -53.90
C ASN C 383 -62.86 37.90 -52.84
N LYS C 384 -61.76 38.56 -52.52
CA LYS C 384 -61.65 39.53 -51.46
C LYS C 384 -61.72 40.92 -52.09
N MET C 385 -61.44 40.97 -53.39
CA MET C 385 -61.19 42.22 -54.11
C MET C 385 -62.14 42.48 -55.28
N VAL C 386 -62.63 43.72 -55.37
CA VAL C 386 -63.52 44.14 -56.44
C VAL C 386 -62.95 45.15 -57.45
N SER C 387 -62.58 44.68 -58.64
CA SER C 387 -61.98 45.53 -59.68
C SER C 387 -60.80 46.46 -59.35
N ILE C 388 -60.54 47.42 -60.24
CA ILE C 388 -59.44 48.38 -60.05
C ILE C 388 -59.88 49.19 -58.84
N SER C 389 -61.19 49.46 -58.81
CA SER C 389 -61.91 50.22 -57.78
C SER C 389 -61.02 50.62 -56.63
N ASP C 390 -60.50 49.56 -56.02
CA ASP C 390 -59.73 49.57 -54.80
C ASP C 390 -58.36 50.22 -54.93
N ILE C 391 -58.12 50.96 -56.01
CA ILE C 391 -56.94 51.83 -56.11
C ILE C 391 -56.89 52.83 -54.94
N THR C 392 -58.06 53.04 -54.33
CA THR C 392 -58.21 53.92 -53.19
C THR C 392 -57.67 53.30 -51.89
N SER C 393 -57.43 52.00 -51.91
CA SER C 393 -57.06 51.30 -50.68
C SER C 393 -56.07 50.17 -50.95
N LEU C 394 -55.68 49.50 -49.88
CA LEU C 394 -54.57 48.55 -49.95
C LEU C 394 -54.70 47.42 -50.96
N TYR C 395 -55.91 47.02 -51.40
CA TYR C 395 -55.83 45.94 -52.38
C TYR C 395 -55.76 46.48 -53.82
N GLY C 396 -55.76 47.79 -54.04
CA GLY C 396 -55.79 48.25 -55.43
C GLY C 396 -54.60 47.85 -56.26
N ASN C 397 -53.48 48.18 -55.62
CA ASN C 397 -52.05 48.01 -55.94
C ASN C 397 -51.54 46.58 -55.72
N LEU C 398 -52.28 45.87 -54.89
CA LEU C 398 -52.07 44.50 -54.49
C LEU C 398 -51.90 43.58 -55.69
N LEU C 399 -52.64 43.77 -56.78
CA LEU C 399 -52.46 42.80 -57.86
C LEU C 399 -51.11 43.04 -58.53
N LEU C 400 -50.66 44.27 -58.43
CA LEU C 400 -49.35 44.70 -58.91
C LEU C 400 -48.28 43.94 -58.14
N TYR C 401 -48.50 43.87 -56.83
CA TYR C 401 -47.56 43.25 -55.91
C TYR C 401 -47.63 41.75 -56.14
N THR C 402 -48.79 41.26 -56.51
CA THR C 402 -48.93 39.85 -56.85
C THR C 402 -48.06 39.56 -58.09
N CYS C 403 -48.22 40.41 -59.11
CA CYS C 403 -47.47 40.30 -60.37
C CYS C 403 -45.94 40.54 -60.40
N GLY C 404 -45.42 41.47 -59.62
CA GLY C 404 -43.97 41.74 -59.59
C GLY C 404 -43.33 40.48 -59.06
N SER C 405 -44.13 39.81 -58.25
CA SER C 405 -43.83 38.59 -57.52
C SER C 405 -43.78 37.38 -58.47
N SER C 406 -44.71 37.30 -59.44
CA SER C 406 -44.80 36.10 -60.30
C SER C 406 -45.14 36.41 -61.77
N THR C 407 -44.71 35.52 -62.66
CA THR C 407 -44.88 35.60 -64.12
C THR C 407 -46.18 35.22 -64.84
N GLU C 408 -46.23 33.94 -65.20
CA GLU C 408 -47.33 33.23 -65.87
C GLU C 408 -48.59 33.22 -65.03
N ALA C 409 -48.38 33.17 -63.73
CA ALA C 409 -49.41 33.11 -62.72
C ALA C 409 -50.29 34.34 -62.79
N THR C 410 -49.76 35.53 -63.08
CA THR C 410 -50.67 36.67 -63.23
C THR C 410 -51.71 36.54 -64.37
N ARG C 411 -51.66 35.47 -65.17
CA ARG C 411 -52.78 35.19 -66.08
C ARG C 411 -54.04 34.88 -65.28
N ALA C 412 -53.83 34.24 -64.14
CA ALA C 412 -54.87 33.96 -63.15
C ALA C 412 -55.42 35.29 -62.64
N VAL C 413 -54.52 36.27 -62.52
CA VAL C 413 -54.86 37.62 -62.08
C VAL C 413 -55.71 38.17 -63.21
N MET C 414 -55.30 37.94 -64.45
CA MET C 414 -56.01 38.52 -65.57
C MET C 414 -57.40 37.90 -65.62
N ARG C 415 -57.54 36.68 -65.12
CA ARG C 415 -58.86 36.07 -65.11
C ARG C 415 -59.82 36.87 -64.22
N HIS C 416 -59.38 37.35 -63.06
CA HIS C 416 -60.29 38.16 -62.25
C HIS C 416 -60.55 39.50 -62.89
N LEU C 417 -59.64 39.95 -63.74
CA LEU C 417 -59.85 41.20 -64.43
C LEU C 417 -61.00 41.05 -65.43
N ALA C 418 -61.40 39.80 -65.67
CA ALA C 418 -62.47 39.55 -66.61
C ALA C 418 -63.74 39.31 -65.81
N MET C 419 -63.59 39.30 -64.48
CA MET C 419 -64.65 38.86 -63.56
C MET C 419 -65.16 40.16 -62.93
N VAL C 420 -64.65 41.26 -63.49
CA VAL C 420 -64.97 42.63 -63.12
C VAL C 420 -66.21 43.11 -63.89
N TYR C 421 -67.27 43.43 -63.15
CA TYR C 421 -68.55 43.76 -63.75
C TYR C 421 -69.03 45.06 -63.10
N GLN C 422 -68.18 45.57 -62.21
CA GLN C 422 -68.52 46.68 -61.36
C GLN C 422 -68.12 47.98 -62.05
N HIS C 423 -67.17 47.85 -62.99
CA HIS C 423 -66.65 48.97 -63.76
C HIS C 423 -65.84 49.93 -62.89
N GLY C 424 -65.30 49.39 -61.81
CA GLY C 424 -64.64 50.18 -60.78
C GLY C 424 -65.59 50.78 -59.76
N SER C 425 -65.51 52.10 -59.57
CA SER C 425 -66.51 52.80 -58.79
C SER C 425 -66.81 54.18 -59.41
N LEU C 426 -68.08 54.59 -59.37
CA LEU C 426 -68.50 55.82 -60.03
C LEU C 426 -68.45 57.03 -59.11
N GLN C 427 -68.17 56.82 -57.83
CA GLN C 427 -68.24 57.91 -56.86
C GLN C 427 -67.08 58.88 -57.07
N GLY C 428 -67.39 60.18 -57.06
CA GLY C 428 -66.39 61.21 -57.21
C GLY C 428 -65.90 61.45 -58.63
N LEU C 429 -66.52 60.79 -59.60
CA LEU C 429 -66.09 60.87 -61.00
C LEU C 429 -67.26 61.21 -61.90
N SER C 430 -66.98 61.94 -62.98
CA SER C 430 -68.03 62.43 -63.86
C SER C 430 -67.57 62.67 -65.31
N VAL C 431 -68.33 62.13 -66.26
CA VAL C 431 -68.06 62.24 -67.70
C VAL C 431 -67.91 63.70 -68.14
N THR C 432 -68.17 64.62 -67.23
CA THR C 432 -68.01 66.03 -67.51
C THR C 432 -66.88 66.67 -66.72
N LYS C 433 -65.85 65.88 -66.42
CA LYS C 433 -64.70 66.38 -65.68
C LYS C 433 -63.50 66.42 -66.62
N ARG C 434 -63.49 65.52 -67.60
CA ARG C 434 -62.38 65.46 -68.57
C ARG C 434 -62.35 66.71 -69.46
N PRO C 435 -63.46 67.07 -70.12
CA PRO C 435 -63.43 68.31 -70.92
C PRO C 435 -63.34 69.60 -70.07
N LEU C 436 -63.81 69.54 -68.83
CA LEU C 436 -63.89 70.67 -67.88
C LEU C 436 -65.05 71.61 -68.19
N TRP C 437 -66.14 71.06 -68.72
CA TRP C 437 -67.26 71.89 -69.17
C TRP C 437 -68.59 71.52 -68.51
N ARG C 438 -69.49 72.49 -68.44
CA ARG C 438 -70.87 72.24 -68.05
C ARG C 438 -71.79 72.37 -69.25
N GLN C 439 -71.28 72.08 -70.44
CA GLN C 439 -72.02 72.32 -71.67
C GLN C 439 -71.70 71.33 -72.77
N GLU C 440 -72.66 71.18 -73.68
CA GLU C 440 -72.65 70.17 -74.73
C GLU C 440 -71.32 70.08 -75.49
N SEP C 441 -70.92 68.85 -75.79
CA SEP C 441 -69.67 68.54 -76.49
CB SEP C 441 -68.80 67.64 -75.63
OG SEP C 441 -69.54 66.51 -75.21
C SEP C 441 -69.98 67.83 -77.82
O SEP C 441 -71.13 67.79 -78.24
P SEP C 441 -69.33 66.24 -73.63
O1P SEP C 441 -70.54 65.34 -73.07
O2P SEP C 441 -69.29 67.64 -72.85
O3P SEP C 441 -67.94 65.45 -73.42
N ILE C 442 -68.96 67.30 -78.48
CA ILE C 442 -69.17 66.47 -79.66
C ILE C 442 -69.65 65.10 -79.18
N GLN C 443 -69.13 64.70 -78.02
CA GLN C 443 -69.53 63.46 -77.39
C GLN C 443 -71.00 63.58 -76.98
N SER C 444 -71.41 64.80 -76.65
CA SER C 444 -72.79 65.08 -76.28
C SER C 444 -73.74 64.97 -77.48
N LEU C 445 -73.24 65.34 -78.65
CA LEU C 445 -74.01 65.16 -79.88
C LEU C 445 -74.24 63.67 -80.15
N ARG C 446 -73.34 62.83 -79.65
CA ARG C 446 -73.48 61.39 -79.88
C ARG C 446 -74.60 60.80 -78.98
N ASN C 447 -75.01 61.56 -77.95
CA ASN C 447 -76.03 61.11 -76.99
C ASN C 447 -77.18 62.09 -76.67
N THR C 448 -78.29 61.53 -76.21
CA THR C 448 -79.48 62.28 -75.83
C THR C 448 -79.46 62.93 -74.44
N THR C 449 -78.57 62.48 -73.56
CA THR C 449 -78.36 63.14 -72.26
C THR C 449 -77.04 63.87 -72.06
N GLU C 450 -76.88 64.48 -70.88
CA GLU C 450 -75.67 65.24 -70.58
C GLU C 450 -74.58 64.27 -70.19
N GLN C 451 -74.98 63.10 -69.67
CA GLN C 451 -74.04 62.10 -69.22
C GLN C 451 -74.36 60.72 -69.80
N ASP C 452 -73.40 59.79 -69.66
CA ASP C 452 -73.59 58.38 -69.97
C ASP C 452 -72.31 57.58 -69.70
N VAL C 453 -71.16 58.17 -70.04
CA VAL C 453 -69.86 57.52 -69.85
C VAL C 453 -69.71 57.32 -68.35
N LEU C 454 -70.20 58.30 -67.59
CA LEU C 454 -70.25 58.29 -66.12
C LEU C 454 -70.63 56.94 -65.50
N LYS C 455 -71.56 56.26 -66.13
CA LYS C 455 -72.09 54.99 -65.66
C LYS C 455 -70.92 54.02 -65.66
N ALA C 456 -70.12 54.05 -66.69
CA ALA C 456 -69.03 53.10 -66.85
C ALA C 456 -67.78 54.01 -66.93
N ILE C 457 -67.78 55.07 -66.11
CA ILE C 457 -66.71 56.08 -66.15
C ILE C 457 -65.29 55.55 -66.05
N ASN C 458 -65.09 54.51 -65.26
CA ASN C 458 -63.76 53.98 -65.07
C ASN C 458 -63.37 52.94 -66.10
N VAL C 459 -63.96 53.02 -67.29
CA VAL C 459 -63.57 52.07 -68.33
C VAL C 459 -62.13 52.25 -68.76
N ASN C 460 -61.66 53.51 -68.77
CA ASN C 460 -60.25 53.78 -69.08
C ASN C 460 -59.36 53.85 -67.83
N SER C 461 -60.00 53.88 -66.66
CA SER C 461 -59.31 53.96 -65.37
C SER C 461 -58.60 52.63 -65.26
N PHE C 462 -59.31 51.63 -65.79
CA PHE C 462 -58.90 50.24 -65.90
C PHE C 462 -57.64 50.14 -66.70
N VAL C 463 -57.59 50.89 -67.79
CA VAL C 463 -56.45 50.89 -68.68
C VAL C 463 -55.16 51.37 -68.03
N GLU C 464 -55.19 52.43 -67.23
CA GLU C 464 -53.97 52.86 -66.55
C GLU C 464 -53.38 51.75 -65.63
N CYS C 465 -54.28 51.11 -64.89
CA CYS C 465 -53.96 49.96 -64.05
C CYS C 465 -53.35 48.89 -64.92
N GLY C 466 -54.01 48.67 -66.05
CA GLY C 466 -53.62 47.68 -67.03
C GLY C 466 -52.24 47.85 -67.63
N ILE C 467 -51.86 49.08 -67.97
CA ILE C 467 -50.52 49.29 -68.53
C ILE C 467 -49.50 49.00 -67.44
N ASN C 468 -49.83 49.41 -66.21
CA ASN C 468 -48.94 49.07 -65.10
C ASN C 468 -48.81 47.54 -64.90
N LEU C 469 -49.94 46.83 -64.93
CA LEU C 469 -50.00 45.36 -64.81
C LEU C 469 -49.27 44.60 -65.91
N PHE C 470 -49.38 45.14 -67.13
CA PHE C 470 -48.75 44.60 -68.32
C PHE C 470 -47.26 44.66 -68.09
N SER C 471 -46.86 45.84 -67.61
CA SER C 471 -45.49 46.20 -67.27
C SER C 471 -44.88 45.38 -66.12
N GLU C 472 -45.66 45.13 -65.08
CA GLU C 472 -45.22 44.40 -63.89
C GLU C 472 -44.77 42.94 -63.93
N SER C 473 -45.28 42.13 -64.85
CA SER C 473 -44.81 40.75 -64.87
C SER C 473 -44.03 40.73 -66.16
N MET C 474 -43.97 41.93 -66.75
CA MET C 474 -43.27 42.20 -67.98
C MET C 474 -43.96 41.30 -68.99
N SER C 475 -45.29 41.35 -68.97
CA SER C 475 -46.13 40.25 -69.40
C SER C 475 -46.16 39.95 -70.89
N LYS C 476 -45.29 40.61 -71.65
CA LYS C 476 -45.26 40.57 -73.12
C LYS C 476 -46.53 40.13 -73.86
N SER C 477 -46.33 39.54 -75.02
CA SER C 477 -47.41 39.02 -75.85
C SER C 477 -48.16 37.84 -75.21
N ASP C 478 -47.67 37.36 -74.07
CA ASP C 478 -48.31 36.22 -73.41
C ASP C 478 -49.70 36.51 -72.85
N LEU C 479 -49.84 37.68 -72.23
CA LEU C 479 -51.11 38.11 -71.63
C LEU C 479 -52.01 38.94 -72.57
N SER C 480 -51.69 38.97 -73.86
CA SER C 480 -52.47 39.73 -74.85
C SER C 480 -53.91 39.40 -75.26
N GLN C 481 -54.29 38.13 -75.28
CA GLN C 481 -55.69 37.76 -75.59
C GLN C 481 -56.61 38.32 -74.52
N GLU C 482 -56.05 38.32 -73.33
CA GLU C 482 -56.71 38.84 -72.16
C GLU C 482 -56.77 40.33 -72.32
N PHE C 483 -55.69 41.04 -72.66
CA PHE C 483 -55.87 42.46 -72.57
C PHE C 483 -56.68 42.90 -73.79
N GLU C 484 -56.82 42.08 -74.84
CA GLU C 484 -57.57 42.63 -76.01
C GLU C 484 -58.96 42.62 -75.48
N ALA C 485 -59.30 41.53 -74.76
CA ALA C 485 -60.64 41.40 -74.16
C ALA C 485 -60.96 42.28 -72.95
N PHE C 486 -59.94 42.76 -72.25
CA PHE C 486 -60.12 43.47 -70.98
C PHE C 486 -60.49 44.94 -71.15
N PHE C 487 -59.98 45.57 -72.20
CA PHE C 487 -60.25 46.99 -72.42
C PHE C 487 -61.30 47.17 -73.52
N GLN C 488 -61.94 46.07 -73.86
CA GLN C 488 -62.96 46.02 -74.91
C GLN C 488 -64.27 46.68 -74.50
N GLY C 489 -64.93 47.35 -75.45
CA GLY C 489 -66.21 47.97 -75.19
C GLY C 489 -66.01 49.26 -74.43
N LYS C 490 -64.78 49.78 -74.48
CA LYS C 490 -64.42 50.94 -73.69
C LYS C 490 -63.75 52.05 -74.49
N SER C 491 -63.85 53.28 -73.97
CA SER C 491 -63.23 54.46 -74.56
C SER C 491 -62.33 55.26 -73.59
N LEU C 492 -61.20 55.73 -74.10
CA LEU C 492 -60.26 56.57 -73.35
C LEU C 492 -60.29 58.04 -73.77
N TYR C 493 -60.41 58.94 -72.81
CA TYR C 493 -60.38 60.35 -73.18
C TYR C 493 -59.32 61.15 -72.39
N ILE C 494 -58.42 61.76 -73.17
CA ILE C 494 -57.35 62.69 -72.75
C ILE C 494 -57.57 64.20 -73.00
N ASN C 495 -57.31 65.04 -72.00
CA ASN C 495 -57.10 66.47 -72.26
C ASN C 495 -55.63 66.80 -72.61
N SER C 496 -55.43 67.75 -73.52
CA SER C 496 -54.08 68.21 -73.92
C SER C 496 -53.32 68.87 -72.75
N GLU C 497 -54.08 69.50 -71.87
CA GLU C 497 -53.54 70.18 -70.70
C GLU C 497 -52.99 69.16 -69.71
N ASN C 498 -53.67 68.03 -69.62
CA ASN C 498 -53.24 66.93 -68.76
C ASN C 498 -52.95 65.67 -69.55
N ILE C 499 -51.89 65.73 -70.37
CA ILE C 499 -51.39 64.58 -71.12
C ILE C 499 -50.36 63.80 -70.32
N PRO C 500 -50.70 62.57 -69.93
CA PRO C 500 -49.72 61.68 -69.29
C PRO C 500 -48.60 61.27 -70.22
N ASP C 501 -47.47 60.89 -69.63
CA ASP C 501 -46.29 60.40 -70.32
C ASP C 501 -46.37 58.87 -70.50
N TYR C 502 -47.10 58.24 -69.58
CA TYR C 502 -47.29 56.79 -69.54
C TYR C 502 -48.13 56.19 -70.66
N LEU C 503 -48.87 56.98 -71.45
CA LEU C 503 -49.55 56.28 -72.54
C LEU C 503 -48.66 55.59 -73.57
N PHE C 504 -47.54 56.15 -74.04
CA PHE C 504 -46.71 55.32 -74.93
C PHE C 504 -46.10 54.07 -74.21
N ASP C 505 -46.30 53.92 -72.89
CA ASP C 505 -45.80 52.75 -72.11
C ASP C 505 -46.34 51.36 -72.46
N PHE C 506 -47.63 51.29 -72.73
CA PHE C 506 -48.38 50.07 -73.07
C PHE C 506 -47.80 49.55 -74.37
N PHE C 507 -47.52 50.51 -75.24
CA PHE C 507 -47.00 50.29 -76.57
C PHE C 507 -45.63 49.61 -76.57
N GLU C 508 -45.28 48.96 -75.47
CA GLU C 508 -43.97 48.31 -75.33
C GLU C 508 -43.95 47.11 -76.27
N TYR C 509 -44.88 46.20 -76.05
CA TYR C 509 -44.89 44.92 -76.74
C TYR C 509 -46.21 44.82 -77.47
N LEU C 510 -47.16 45.63 -77.01
CA LEU C 510 -48.47 45.41 -77.61
C LEU C 510 -49.15 46.73 -78.01
N PRO C 511 -48.58 47.50 -78.96
CA PRO C 511 -49.31 48.75 -79.30
C PRO C 511 -50.62 48.55 -80.09
N ASN C 512 -50.64 47.46 -80.82
CA ASN C 512 -51.75 47.04 -81.67
C ASN C 512 -53.03 46.73 -80.92
N CYS C 513 -52.91 46.17 -79.73
CA CYS C 513 -54.11 45.85 -78.96
C CYS C 513 -54.83 47.12 -78.50
N ALA C 514 -54.32 48.27 -78.95
CA ALA C 514 -54.93 49.57 -78.69
C ALA C 514 -56.32 49.54 -79.32
N SER C 515 -56.44 48.82 -80.44
CA SER C 515 -57.71 48.67 -81.14
C SER C 515 -58.68 47.69 -80.51
N ALA C 516 -58.45 47.32 -79.26
CA ALA C 516 -59.52 46.72 -78.47
C ALA C 516 -60.47 47.82 -78.05
N LEU C 517 -59.90 48.95 -77.63
CA LEU C 517 -60.63 50.16 -77.25
C LEU C 517 -61.42 50.69 -78.44
N ASP C 518 -62.50 51.42 -78.20
CA ASP C 518 -63.19 52.09 -79.30
C ASP C 518 -62.60 53.43 -79.73
N PHE C 519 -62.86 54.47 -78.94
CA PHE C 519 -62.26 55.79 -79.16
C PHE C 519 -61.35 56.43 -78.12
N VAL C 520 -60.26 57.03 -78.60
CA VAL C 520 -59.25 57.65 -77.77
C VAL C 520 -59.67 59.08 -78.03
N LYS C 521 -59.97 59.83 -76.98
CA LYS C 521 -60.53 61.17 -77.20
C LYS C 521 -59.60 62.22 -76.64
N LEU C 522 -59.39 63.22 -77.49
CA LEU C 522 -58.48 64.32 -77.24
C LEU C 522 -59.07 65.73 -77.28
N ASP C 523 -58.76 66.52 -76.26
CA ASP C 523 -59.22 67.90 -76.20
C ASP C 523 -57.97 68.74 -76.33
N PHE C 524 -58.00 69.67 -77.29
CA PHE C 524 -56.84 70.50 -77.60
C PHE C 524 -57.22 71.95 -77.38
N TYR C 525 -56.64 72.56 -76.35
CA TYR C 525 -56.80 73.99 -76.11
C TYR C 525 -55.57 74.86 -76.34
N GLU C 526 -55.78 76.17 -76.13
CA GLU C 526 -54.76 77.21 -76.28
C GLU C 526 -54.22 77.39 -77.70
N ARG C 527 -53.46 76.42 -78.18
CA ARG C 527 -52.89 76.52 -79.51
C ARG C 527 -53.00 75.20 -80.24
N ALA C 528 -53.03 75.26 -81.57
CA ALA C 528 -53.11 74.06 -82.38
C ALA C 528 -51.83 73.23 -82.23
N THR C 529 -50.76 73.88 -81.77
CA THR C 529 -49.47 73.21 -81.58
C THR C 529 -49.57 72.01 -80.66
N PRO C 553 -50.61 69.40 -82.49
CA PRO C 553 -50.07 68.69 -81.33
C PRO C 553 -49.05 67.61 -81.69
N PRO C 554 -47.77 67.97 -81.78
CA PRO C 554 -46.72 67.01 -82.14
C PRO C 554 -46.60 65.89 -81.10
N ARG C 555 -46.85 66.23 -79.84
CA ARG C 555 -46.76 65.25 -78.76
C ARG C 555 -47.87 64.20 -78.85
N ALA C 556 -49.06 64.63 -79.29
CA ALA C 556 -50.20 63.74 -79.48
C ALA C 556 -50.02 62.73 -80.61
N VAL C 557 -49.54 63.21 -81.75
CA VAL C 557 -49.42 62.37 -82.95
C VAL C 557 -48.43 61.24 -82.70
N SER C 558 -47.31 61.58 -82.05
CA SER C 558 -46.21 60.65 -81.78
C SER C 558 -46.75 59.29 -81.32
N LEU C 559 -47.90 59.35 -80.65
CA LEU C 559 -48.63 58.17 -80.21
C LEU C 559 -49.24 57.39 -81.38
N PHE C 560 -49.76 58.11 -82.38
CA PHE C 560 -50.43 57.50 -83.51
C PHE C 560 -49.47 57.10 -84.61
N PHE C 561 -48.22 57.54 -84.49
CA PHE C 561 -47.14 56.93 -85.26
C PHE C 561 -46.83 55.52 -84.79
N ASN C 562 -47.13 55.23 -83.53
CA ASN C 562 -46.81 53.92 -82.98
C ASN C 562 -47.92 52.89 -83.15
N TRP C 563 -49.10 53.34 -83.54
CA TRP C 563 -50.22 52.40 -83.68
C TRP C 563 -50.73 52.17 -85.10
N LYS C 564 -51.20 50.95 -85.34
CA LYS C 564 -51.72 50.51 -86.63
C LYS C 564 -53.07 51.13 -87.02
N GLN C 565 -53.19 51.53 -88.28
CA GLN C 565 -54.46 51.97 -88.86
C GLN C 565 -55.44 50.81 -88.99
N GLU C 566 -56.75 51.07 -89.00
CA GLU C 566 -57.37 52.32 -88.58
C GLU C 566 -58.27 52.25 -87.36
N PHE C 567 -58.17 53.25 -86.48
CA PHE C 567 -59.05 53.36 -85.32
C PHE C 567 -60.46 53.47 -85.88
N LYS C 568 -61.46 52.93 -85.18
CA LYS C 568 -62.81 53.08 -85.70
C LYS C 568 -63.27 54.54 -85.65
N THR C 569 -63.56 55.02 -84.44
CA THR C 569 -63.89 56.44 -84.22
C THR C 569 -62.89 57.19 -83.31
N LEU C 570 -62.37 58.29 -83.81
CA LEU C 570 -61.40 59.19 -83.15
C LEU C 570 -61.94 60.60 -82.83
N GLU C 571 -62.12 60.97 -81.57
CA GLU C 571 -62.78 62.26 -81.37
C GLU C 571 -62.00 63.34 -80.62
N VAL C 572 -62.12 64.52 -81.20
CA VAL C 572 -61.54 65.80 -80.78
C VAL C 572 -62.44 67.04 -80.47
N THR C 573 -62.23 67.56 -79.27
CA THR C 573 -62.88 68.71 -78.61
C THR C 573 -61.94 69.94 -78.57
N LEU C 574 -62.33 71.09 -79.13
CA LEU C 574 -61.43 72.21 -79.28
C LEU C 574 -61.95 73.23 -78.26
N ARG C 575 -61.04 73.63 -77.36
CA ARG C 575 -61.28 74.70 -76.37
C ARG C 575 -60.33 75.91 -76.35
N ASP C 576 -60.91 77.07 -76.00
CA ASP C 576 -60.22 78.36 -75.86
C ASP C 576 -58.99 78.52 -76.74
N ILE C 577 -59.22 78.45 -78.05
CA ILE C 577 -58.13 78.65 -78.99
C ILE C 577 -58.22 80.07 -79.55
N ASN C 578 -57.09 80.75 -79.56
CA ASN C 578 -56.99 82.09 -80.12
C ASN C 578 -55.76 82.09 -81.02
N LYS C 579 -55.27 80.87 -81.24
CA LYS C 579 -54.10 80.61 -82.07
C LYS C 579 -54.39 79.37 -82.90
N LEU C 580 -55.11 79.54 -84.00
CA LEU C 580 -55.42 78.41 -84.86
C LEU C 580 -54.34 78.27 -85.91
N ASN C 581 -53.13 77.92 -85.48
CA ASN C 581 -52.02 77.81 -86.42
C ASN C 581 -52.41 76.72 -87.40
N LYS C 582 -52.75 77.20 -88.60
CA LYS C 582 -53.22 76.35 -89.69
C LYS C 582 -52.16 75.30 -90.06
N GLN C 583 -50.94 75.52 -89.54
CA GLN C 583 -49.83 74.57 -89.61
C GLN C 583 -49.98 73.35 -88.68
N ASP C 584 -50.59 73.56 -87.51
CA ASP C 584 -50.64 72.52 -86.48
C ASP C 584 -51.96 71.73 -86.53
N ILE C 585 -52.81 72.18 -87.46
CA ILE C 585 -54.11 71.63 -87.83
C ILE C 585 -53.76 70.25 -88.35
N LYS C 586 -52.69 70.25 -89.12
CA LYS C 586 -52.11 69.10 -89.80
C LYS C 586 -51.71 68.03 -88.80
N TYR C 587 -51.18 68.40 -87.64
CA TYR C 587 -50.76 67.40 -86.65
C TYR C 587 -52.06 66.69 -86.25
N LEU C 588 -53.11 67.49 -86.10
CA LEU C 588 -54.44 66.95 -85.83
C LEU C 588 -54.80 66.06 -87.00
N GLY C 589 -54.36 66.42 -88.20
CA GLY C 589 -54.58 65.61 -89.40
C GLY C 589 -53.96 64.24 -89.22
N LYS C 590 -52.73 64.18 -88.70
CA LYS C 590 -52.03 62.92 -88.47
C LYS C 590 -52.86 62.09 -87.50
N ILE C 591 -53.41 62.76 -86.48
CA ILE C 591 -54.26 62.07 -85.50
C ILE C 591 -55.51 61.57 -86.22
N PHE C 592 -56.06 62.41 -87.10
CA PHE C 592 -57.25 62.08 -87.85
C PHE C 592 -57.13 60.93 -88.84
N SER C 593 -55.94 60.70 -89.39
CA SER C 593 -55.84 59.62 -90.37
C SER C 593 -55.86 58.26 -89.70
N SER C 594 -55.75 58.25 -88.38
CA SER C 594 -55.76 56.98 -87.65
C SER C 594 -57.14 56.36 -87.64
N ALA C 595 -58.16 57.19 -87.78
CA ALA C 595 -59.55 56.73 -87.68
C ALA C 595 -60.41 56.69 -88.93
N THR C 596 -61.28 55.70 -88.98
CA THR C 596 -62.29 55.61 -90.03
C THR C 596 -63.27 56.78 -89.81
N ASN C 597 -63.58 57.06 -88.54
CA ASN C 597 -64.50 58.14 -88.18
C ASN C 597 -63.86 59.16 -87.22
N LEU C 598 -64.02 60.43 -87.57
CA LEU C 598 -63.61 61.58 -86.76
C LEU C 598 -64.68 62.55 -86.24
N ARG C 599 -64.71 62.84 -84.94
CA ARG C 599 -65.86 63.63 -84.45
C ARG C 599 -65.21 64.88 -83.83
N LEU C 600 -65.67 66.05 -84.26
CA LEU C 600 -65.27 67.38 -83.72
C LEU C 600 -66.23 68.42 -83.12
N HIS C 601 -65.95 68.86 -81.89
CA HIS C 601 -66.74 69.93 -81.24
C HIS C 601 -65.86 71.17 -81.06
N ILE C 602 -66.20 72.29 -81.70
CA ILE C 602 -65.33 73.44 -81.70
C ILE C 602 -66.01 74.52 -80.88
N LYS C 603 -65.35 74.75 -79.75
CA LYS C 603 -65.87 75.47 -78.59
C LYS C 603 -64.93 76.54 -78.03
N ARG C 604 -65.35 77.79 -78.15
CA ARG C 604 -64.58 78.95 -77.70
C ARG C 604 -63.33 79.17 -78.53
N CYS C 605 -63.36 78.72 -79.77
CA CYS C 605 -62.21 78.87 -80.63
C CYS C 605 -62.34 80.10 -81.49
N ALA C 606 -62.04 81.25 -80.90
CA ALA C 606 -62.18 82.53 -81.57
C ALA C 606 -61.24 82.67 -82.77
N ALA C 607 -60.22 81.82 -82.83
CA ALA C 607 -59.31 81.78 -83.98
C ALA C 607 -59.86 80.91 -85.12
N MET C 608 -60.97 80.23 -84.85
CA MET C 608 -61.65 79.35 -85.80
C MET C 608 -62.80 80.06 -86.54
N ALA C 609 -62.59 80.39 -87.82
CA ALA C 609 -63.63 81.04 -88.61
C ALA C 609 -63.91 80.20 -89.86
N GLY C 610 -63.56 80.70 -91.04
CA GLY C 610 -63.75 79.93 -92.26
C GLY C 610 -62.70 78.82 -92.26
N ARG C 611 -61.83 78.92 -91.26
CA ARG C 611 -60.60 78.15 -91.16
C ARG C 611 -60.91 76.69 -90.83
N LEU C 612 -62.19 76.41 -90.58
CA LEU C 612 -62.67 75.04 -90.39
C LEU C 612 -62.33 74.24 -91.64
N SER C 613 -62.19 74.95 -92.76
CA SER C 613 -61.74 74.36 -94.03
C SER C 613 -60.47 73.51 -93.84
N SER C 614 -59.55 74.01 -93.02
CA SER C 614 -58.25 73.38 -92.78
C SER C 614 -58.50 72.12 -91.98
N VAL C 615 -59.46 72.22 -91.07
CA VAL C 615 -59.90 71.14 -90.21
C VAL C 615 -60.45 70.03 -91.10
N LEU C 616 -61.16 70.38 -92.17
CA LEU C 616 -61.83 69.36 -92.98
C LEU C 616 -60.93 68.77 -94.05
N ARG C 617 -60.17 69.61 -94.76
CA ARG C 617 -59.32 69.13 -95.86
C ARG C 617 -58.47 67.93 -95.40
N THR C 618 -58.14 67.92 -94.11
CA THR C 618 -57.29 66.90 -93.50
C THR C 618 -58.10 65.71 -92.98
N CYS C 619 -59.41 65.92 -92.87
CA CYS C 619 -60.32 64.87 -92.42
C CYS C 619 -60.57 63.80 -93.47
N LYS C 620 -60.31 62.54 -93.11
CA LYS C 620 -60.70 61.43 -93.95
C LYS C 620 -62.22 61.42 -94.04
N ASN C 621 -62.85 61.71 -92.90
CA ASN C 621 -64.28 61.55 -92.76
C ASN C 621 -64.79 62.31 -91.52
N MET C 622 -65.47 63.43 -91.77
CA MET C 622 -66.08 64.21 -90.69
C MET C 622 -67.34 63.52 -90.24
N HIS C 623 -67.21 62.54 -89.34
CA HIS C 623 -68.32 61.66 -89.02
C HIS C 623 -69.43 62.36 -88.23
N THR C 624 -69.06 63.38 -87.44
CA THR C 624 -70.04 64.14 -86.66
C THR C 624 -69.56 65.57 -86.38
N LEU C 625 -70.38 66.59 -86.67
CA LEU C 625 -69.99 67.96 -86.33
C LEU C 625 -70.97 68.78 -85.46
N MET C 626 -70.46 69.25 -84.33
CA MET C 626 -71.14 70.14 -83.37
C MET C 626 -70.40 71.47 -83.12
N VAL C 627 -71.07 72.62 -83.23
CA VAL C 627 -70.36 73.89 -83.13
C VAL C 627 -71.08 74.87 -82.17
N GLU C 628 -70.37 75.27 -81.11
CA GLU C 628 -70.89 76.20 -80.12
C GLU C 628 -69.83 77.14 -79.52
N ALA C 629 -70.26 78.37 -79.22
CA ALA C 629 -69.42 79.40 -78.60
C ALA C 629 -68.19 79.74 -79.46
N SER C 630 -68.32 79.58 -80.77
CA SER C 630 -67.22 79.87 -81.68
C SER C 630 -67.76 80.61 -82.91
N PRO C 631 -66.86 81.27 -83.68
CA PRO C 631 -67.26 82.01 -84.88
C PRO C 631 -67.90 81.13 -85.95
N LEU C 632 -69.06 81.55 -86.45
CA LEU C 632 -69.87 80.73 -87.32
C LEU C 632 -70.60 81.46 -88.44
N THR C 633 -70.42 81.06 -89.70
CA THR C 633 -71.18 81.75 -90.72
C THR C 633 -72.04 80.64 -91.32
N THR C 634 -73.01 80.99 -92.17
CA THR C 634 -73.91 79.98 -92.75
C THR C 634 -73.25 79.05 -93.78
N ASP C 635 -72.23 79.56 -94.43
CA ASP C 635 -71.44 78.85 -95.42
C ASP C 635 -70.73 77.59 -94.92
N ASP C 636 -70.36 77.57 -93.65
CA ASP C 636 -69.68 76.38 -93.12
C ASP C 636 -70.60 75.14 -93.23
N GLU C 637 -71.86 75.36 -93.61
CA GLU C 637 -72.87 74.32 -93.80
C GLU C 637 -72.39 73.29 -94.84
N GLN C 638 -71.78 73.83 -95.87
CA GLN C 638 -71.22 73.08 -96.98
C GLN C 638 -70.17 72.07 -96.51
N TYR C 639 -69.33 72.41 -95.53
CA TYR C 639 -68.35 71.42 -95.06
C TYR C 639 -69.13 70.23 -94.51
N ILE C 640 -70.25 70.53 -93.85
CA ILE C 640 -71.11 69.51 -93.26
C ILE C 640 -71.59 68.61 -94.40
N THR C 641 -71.95 69.24 -95.52
CA THR C 641 -72.42 68.54 -96.72
C THR C 641 -71.34 67.85 -97.58
N SER C 642 -70.08 68.20 -97.37
CA SER C 642 -69.04 67.55 -98.18
C SER C 642 -68.93 66.08 -97.76
N VAL C 643 -69.18 65.83 -96.48
CA VAL C 643 -69.11 64.49 -95.92
C VAL C 643 -70.43 63.70 -95.91
N THR C 644 -70.50 62.66 -96.74
CA THR C 644 -71.73 61.89 -96.96
C THR C 644 -71.80 60.85 -95.84
N GLY C 645 -70.66 60.69 -95.17
CA GLY C 645 -70.44 59.74 -94.09
C GLY C 645 -71.04 60.13 -92.75
N LEU C 646 -71.72 61.28 -92.72
CA LEU C 646 -72.24 61.86 -91.48
C LEU C 646 -73.37 61.07 -90.84
N GLN C 647 -73.12 60.65 -89.59
CA GLN C 647 -74.11 59.95 -88.78
C GLN C 647 -74.89 60.89 -87.85
N ASN C 648 -74.17 61.79 -87.18
CA ASN C 648 -74.76 62.70 -86.18
C ASN C 648 -74.50 64.18 -86.47
N LEU C 649 -75.55 65.01 -86.56
CA LEU C 649 -75.30 66.43 -86.75
C LEU C 649 -76.12 67.45 -85.91
N SER C 650 -75.42 68.21 -85.08
CA SER C 650 -76.00 69.31 -84.30
C SER C 650 -75.28 70.64 -84.52
N ILE C 651 -76.03 71.74 -84.48
CA ILE C 651 -75.44 73.05 -84.23
C ILE C 651 -76.44 73.84 -83.39
N HIS C 652 -76.04 74.23 -82.19
CA HIS C 652 -76.98 74.82 -81.24
C HIS C 652 -76.74 76.29 -80.98
N ARG C 653 -75.96 76.96 -81.82
CA ARG C 653 -75.77 78.39 -81.67
C ARG C 653 -75.92 79.23 -82.94
N LEU C 654 -76.64 78.73 -83.95
CA LEU C 654 -77.07 79.55 -85.08
C LEU C 654 -77.76 80.82 -84.59
N HIS C 655 -78.96 80.62 -84.02
CA HIS C 655 -79.83 81.66 -83.47
C HIS C 655 -80.43 82.47 -84.63
N THR C 656 -80.07 82.07 -85.85
CA THR C 656 -80.52 82.63 -87.13
C THR C 656 -81.23 81.64 -88.06
N GLN C 657 -82.34 82.06 -88.67
CA GLN C 657 -83.09 81.18 -89.56
C GLN C 657 -82.20 80.76 -90.72
N GLN C 658 -82.37 79.51 -91.16
CA GLN C 658 -81.54 78.92 -92.19
C GLN C 658 -82.13 79.31 -93.53
N LEU C 659 -81.24 79.78 -94.42
CA LEU C 659 -81.63 80.20 -95.77
C LEU C 659 -82.37 79.20 -96.66
N PRO C 660 -82.84 79.68 -97.83
CA PRO C 660 -83.48 78.89 -98.90
C PRO C 660 -82.62 77.73 -99.41
N GLY C 661 -81.34 78.00 -99.62
CA GLY C 661 -80.43 76.98 -100.10
C GLY C 661 -79.68 76.32 -98.96
N GLY C 662 -80.28 76.38 -97.77
CA GLY C 662 -79.64 75.96 -96.54
C GLY C 662 -79.23 74.51 -96.49
N LEU C 663 -78.68 74.10 -95.35
CA LEU C 663 -78.14 72.76 -95.17
C LEU C 663 -79.28 71.75 -95.09
N ILE C 664 -80.45 72.24 -94.71
CA ILE C 664 -81.66 71.43 -94.59
C ILE C 664 -82.03 70.61 -95.84
N ASP C 665 -81.59 71.03 -97.02
CA ASP C 665 -81.92 70.27 -98.23
C ASP C 665 -80.69 69.56 -98.79
N SER C 666 -79.68 69.38 -97.95
CA SER C 666 -78.54 68.55 -98.30
C SER C 666 -78.56 67.28 -97.47
N LEU C 667 -79.71 67.04 -96.83
CA LEU C 667 -79.98 65.75 -96.21
C LEU C 667 -79.99 64.67 -97.28
N GLY C 668 -80.07 65.09 -98.55
CA GLY C 668 -80.21 64.17 -99.65
C GLY C 668 -78.84 63.58 -99.84
N ASN C 669 -77.86 64.21 -99.19
CA ASN C 669 -76.48 63.81 -99.27
C ASN C 669 -76.13 63.10 -97.99
N LEU C 670 -76.70 63.54 -96.86
CA LEU C 670 -76.34 62.79 -95.70
C LEU C 670 -77.44 61.75 -95.59
N LYS C 671 -77.16 60.55 -96.08
CA LYS C 671 -78.15 59.47 -96.07
C LYS C 671 -77.90 58.63 -94.86
N ASN C 672 -76.71 58.82 -94.30
CA ASN C 672 -76.26 57.98 -93.21
C ASN C 672 -76.53 58.61 -91.87
N LEU C 673 -77.20 59.75 -91.86
CA LEU C 673 -77.38 60.46 -90.62
C LEU C 673 -78.37 59.58 -89.88
N GLU C 674 -77.98 59.00 -88.76
CA GLU C 674 -78.95 58.24 -88.01
C GLU C 674 -79.49 59.09 -86.88
N ARG C 675 -78.78 60.19 -86.61
CA ARG C 675 -79.17 61.10 -85.54
C ARG C 675 -78.96 62.59 -85.83
N LEU C 676 -80.05 63.34 -85.64
CA LEU C 676 -80.06 64.79 -85.81
C LEU C 676 -80.67 65.43 -84.59
N ILE C 677 -79.96 66.38 -84.01
CA ILE C 677 -80.45 67.14 -82.88
C ILE C 677 -80.21 68.61 -83.16
N LEU C 678 -81.30 69.37 -83.26
CA LEU C 678 -81.25 70.79 -83.51
C LEU C 678 -81.86 71.46 -82.29
N ASP C 679 -81.06 72.25 -81.59
CA ASP C 679 -81.52 72.87 -80.36
C ASP C 679 -81.35 74.37 -80.37
N ASP C 680 -82.47 74.98 -80.05
CA ASP C 680 -82.72 76.41 -79.93
C ASP C 680 -82.36 77.07 -81.25
N ILE C 681 -82.83 76.48 -82.35
CA ILE C 681 -82.62 77.10 -83.65
C ILE C 681 -83.76 77.99 -84.13
N ARG C 682 -83.41 79.19 -84.54
CA ARG C 682 -84.32 80.13 -85.18
C ARG C 682 -84.55 79.70 -86.63
N MET C 683 -85.78 79.48 -87.08
CA MET C 683 -85.95 78.98 -88.45
C MET C 683 -87.23 79.44 -89.12
N ASN C 684 -87.24 79.30 -90.44
CA ASN C 684 -88.40 79.56 -91.25
C ASN C 684 -89.21 78.29 -91.49
N GLU C 685 -90.50 78.43 -91.29
CA GLU C 685 -91.47 77.35 -91.39
C GLU C 685 -91.38 76.71 -92.78
N GLU C 686 -91.27 77.57 -93.80
CA GLU C 686 -91.17 77.11 -95.18
C GLU C 686 -89.85 76.33 -95.32
N ASP C 687 -88.80 76.82 -94.66
CA ASP C 687 -87.49 76.17 -94.61
C ASP C 687 -87.64 74.82 -93.91
N ALA C 688 -88.51 74.76 -92.91
CA ALA C 688 -88.82 73.51 -92.19
C ALA C 688 -89.43 72.53 -93.20
N LYS C 689 -90.30 73.03 -94.06
CA LYS C 689 -90.89 72.21 -95.13
C LYS C 689 -89.78 71.68 -96.07
N ASN C 690 -88.82 72.54 -96.37
CA ASN C 690 -87.67 72.16 -97.18
C ASN C 690 -86.88 71.05 -96.48
N LEU C 691 -86.81 71.16 -95.14
CA LEU C 691 -86.17 70.22 -94.21
C LEU C 691 -86.91 68.89 -94.33
N ALA C 692 -88.23 69.02 -94.49
CA ALA C 692 -89.20 67.94 -94.67
C ALA C 692 -88.83 67.16 -95.94
N GLU C 693 -88.50 67.88 -97.01
CA GLU C 693 -88.10 67.28 -98.30
C GLU C 693 -86.89 66.35 -98.09
N GLY C 694 -86.05 66.74 -97.14
CA GLY C 694 -84.84 66.03 -96.74
C GLY C 694 -85.08 64.67 -96.10
N LEU C 695 -86.13 64.55 -95.29
CA LEU C 695 -86.44 63.30 -94.58
C LEU C 695 -86.67 62.05 -95.42
N ARG C 696 -87.04 62.19 -96.70
CA ARG C 696 -87.20 60.99 -97.52
C ARG C 696 -85.86 60.25 -97.59
N SER C 697 -84.77 60.98 -97.53
CA SER C 697 -83.45 60.37 -97.68
C SER C 697 -83.01 59.95 -96.28
N LEU C 698 -83.78 60.39 -95.29
CA LEU C 698 -83.49 60.10 -93.89
C LEU C 698 -84.26 58.90 -93.34
N LYS C 699 -84.22 57.80 -94.09
CA LYS C 699 -84.98 56.60 -93.76
C LYS C 699 -84.03 55.69 -93.03
N LYS C 700 -82.77 56.09 -93.03
CA LYS C 700 -81.69 55.31 -92.44
C LYS C 700 -81.42 55.86 -91.05
N MET C 701 -82.18 56.92 -90.73
CA MET C 701 -82.06 57.67 -89.49
C MET C 701 -82.81 56.98 -88.35
N ARG C 702 -82.17 56.88 -87.18
CA ARG C 702 -82.80 56.27 -86.01
C ARG C 702 -83.38 57.31 -85.05
N LEU C 703 -83.00 58.57 -85.27
CA LEU C 703 -83.32 59.65 -84.34
C LEU C 703 -83.53 61.01 -84.99
N LEU C 704 -84.64 61.66 -84.66
CA LEU C 704 -84.83 63.02 -85.12
C LEU C 704 -85.41 63.77 -83.94
N HIS C 705 -84.69 64.81 -83.51
CA HIS C 705 -85.16 65.74 -82.49
C HIS C 705 -85.14 67.18 -82.96
N LEU C 706 -86.28 67.84 -83.02
CA LEU C 706 -86.27 69.26 -83.24
C LEU C 706 -86.93 69.99 -82.07
N THR C 707 -86.11 70.72 -81.30
CA THR C 707 -86.52 71.29 -80.02
C THR C 707 -86.13 72.76 -79.92
N HIS C 708 -86.95 73.54 -79.22
CA HIS C 708 -86.68 74.95 -78.93
C HIS C 708 -86.54 75.74 -80.23
N LEU C 709 -87.30 75.31 -81.22
CA LEU C 709 -87.38 75.97 -82.52
C LEU C 709 -88.42 77.07 -82.46
N SER C 710 -87.98 78.30 -82.71
CA SER C 710 -88.87 79.46 -82.63
C SER C 710 -89.11 79.92 -84.05
N ASP C 711 -90.26 80.55 -84.33
CA ASP C 711 -90.45 81.05 -85.69
C ASP C 711 -90.69 79.86 -86.61
N ILE C 712 -90.91 78.70 -86.01
CA ILE C 712 -91.14 77.49 -86.78
C ILE C 712 -92.57 77.42 -87.27
N GLY C 713 -93.50 78.10 -86.60
CA GLY C 713 -94.89 78.03 -87.01
C GLY C 713 -95.40 76.67 -87.40
N GLU C 714 -96.14 76.62 -88.51
CA GLU C 714 -96.66 75.36 -88.99
C GLU C 714 -95.62 74.58 -89.79
N GLY C 715 -94.36 75.02 -89.73
CA GLY C 715 -93.33 74.38 -90.51
C GLY C 715 -93.17 72.99 -89.92
N MET C 716 -93.43 72.92 -88.62
CA MET C 716 -93.29 71.66 -87.90
C MET C 716 -94.37 70.68 -88.30
N ASP C 717 -95.53 71.24 -88.63
CA ASP C 717 -96.67 70.52 -89.18
C ASP C 717 -96.27 69.82 -90.46
N TYR C 718 -95.50 70.57 -91.25
CA TYR C 718 -94.94 70.19 -92.54
C TYR C 718 -93.92 69.09 -92.36
N ILE C 719 -93.07 69.22 -91.34
CA ILE C 719 -92.00 68.25 -91.09
C ILE C 719 -92.76 66.96 -90.79
N VAL C 720 -93.78 67.06 -89.95
CA VAL C 720 -94.62 65.93 -89.58
C VAL C 720 -95.26 65.35 -90.85
N LYS C 721 -95.68 66.21 -91.76
CA LYS C 721 -96.26 65.80 -93.04
C LYS C 721 -95.23 64.89 -93.74
N SER C 722 -93.98 65.33 -93.78
CA SER C 722 -92.86 64.59 -94.40
C SER C 722 -92.68 63.24 -93.73
N LEU C 723 -92.99 63.21 -92.44
CA LEU C 723 -92.92 62.02 -91.59
C LEU C 723 -94.00 61.09 -92.09
N SER C 724 -95.21 61.57 -92.32
CA SER C 724 -96.31 60.66 -92.52
C SER C 724 -96.53 60.43 -94.01
N GLU C 725 -95.71 61.12 -94.79
CA GLU C 725 -95.69 61.08 -96.24
C GLU C 725 -95.37 59.64 -96.66
N GLU C 726 -94.38 59.11 -95.94
CA GLU C 726 -93.72 57.84 -96.25
C GLU C 726 -93.23 57.16 -94.98
N SER C 727 -93.06 55.84 -95.02
CA SER C 727 -92.49 55.10 -93.91
C SER C 727 -91.07 55.55 -93.60
N CYS C 728 -90.64 55.29 -92.36
CA CYS C 728 -89.26 55.58 -91.95
C CYS C 728 -88.75 54.46 -91.04
N ASP C 729 -87.43 54.37 -90.88
CA ASP C 729 -86.87 53.39 -89.96
C ASP C 729 -86.58 54.05 -88.61
N LEU C 730 -87.05 55.29 -88.45
CA LEU C 730 -86.80 56.07 -87.25
C LEU C 730 -87.20 55.33 -85.98
N GLN C 731 -86.36 55.45 -84.97
CA GLN C 731 -86.61 54.83 -83.68
C GLN C 731 -86.99 55.90 -82.65
N GLU C 732 -86.66 57.15 -82.97
CA GLU C 732 -86.88 58.30 -82.08
C GLU C 732 -87.29 59.58 -82.83
N MET C 733 -88.42 60.17 -82.41
CA MET C 733 -88.91 61.47 -82.90
C MET C 733 -89.33 62.37 -81.71
N LYS C 734 -88.60 63.48 -81.53
CA LYS C 734 -88.89 64.54 -80.53
C LYS C 734 -89.42 65.86 -81.12
N LEU C 735 -90.69 66.13 -80.83
CA LEU C 735 -91.35 67.38 -81.22
C LEU C 735 -91.63 68.42 -80.11
N VAL C 736 -90.80 68.41 -79.06
CA VAL C 736 -90.95 69.26 -77.86
C VAL C 736 -90.48 70.73 -78.02
N ALA C 737 -91.29 71.69 -77.56
CA ALA C 737 -90.90 73.12 -77.49
C ALA C 737 -90.72 73.69 -78.89
N CYS C 738 -91.59 73.24 -79.76
CA CYS C 738 -91.84 73.76 -81.09
C CYS C 738 -93.34 73.98 -81.17
N CYS C 739 -93.83 74.66 -82.20
CA CYS C 739 -95.26 74.94 -82.20
C CYS C 739 -96.04 73.80 -82.86
N LEU C 740 -96.69 73.06 -81.97
CA LEU C 740 -97.49 71.88 -82.28
C LEU C 740 -99.01 72.08 -82.31
N THR C 741 -99.66 71.45 -83.28
CA THR C 741 -101.11 71.56 -83.43
C THR C 741 -101.75 70.18 -83.19
N ALA C 742 -103.02 70.13 -82.81
CA ALA C 742 -103.71 68.85 -82.62
C ALA C 742 -103.79 68.12 -83.96
N ASN C 743 -103.81 68.94 -85.00
CA ASN C 743 -103.80 68.52 -86.40
C ASN C 743 -102.52 67.79 -86.77
N SER C 744 -101.39 68.28 -86.29
CA SER C 744 -100.09 67.67 -86.56
C SER C 744 -100.04 66.29 -85.91
N VAL C 745 -100.69 66.17 -84.76
CA VAL C 745 -100.78 64.89 -84.06
C VAL C 745 -101.69 63.96 -84.87
N LYS C 746 -102.72 64.53 -85.48
CA LYS C 746 -103.63 63.78 -86.36
C LYS C 746 -102.84 63.24 -87.56
N VAL C 747 -102.01 64.10 -88.15
CA VAL C 747 -101.13 63.75 -89.26
C VAL C 747 -100.19 62.60 -88.82
N LEU C 748 -99.67 62.72 -87.61
CA LEU C 748 -98.77 61.72 -87.00
C LEU C 748 -99.49 60.37 -86.91
N ALA C 749 -100.76 60.49 -86.59
CA ALA C 749 -101.72 59.40 -86.43
C ALA C 749 -101.96 58.67 -87.75
N GLN C 750 -102.12 59.41 -88.84
CA GLN C 750 -102.46 58.78 -90.12
C GLN C 750 -101.40 57.77 -90.60
N ASN C 751 -100.12 58.10 -90.47
CA ASN C 751 -99.03 57.22 -90.92
C ASN C 751 -98.41 56.41 -89.79
N LEU C 752 -98.98 56.51 -88.58
CA LEU C 752 -98.36 55.89 -87.43
C LEU C 752 -98.09 54.39 -87.56
N HIS C 753 -98.84 53.66 -88.39
CA HIS C 753 -98.50 52.25 -88.46
C HIS C 753 -97.12 52.06 -89.12
N ASN C 754 -96.69 53.05 -89.93
CA ASN C 754 -95.36 53.04 -90.52
C ASN C 754 -94.32 53.55 -89.50
N LEU C 755 -94.84 54.33 -88.54
CA LEU C 755 -94.04 54.93 -87.48
C LEU C 755 -93.95 53.97 -86.31
N ILE C 756 -94.37 52.73 -86.55
CA ILE C 756 -94.29 51.66 -85.57
C ILE C 756 -92.83 51.35 -85.26
N LYS C 757 -91.97 51.75 -86.19
CA LYS C 757 -90.54 51.53 -86.12
C LYS C 757 -89.98 52.28 -84.91
N LEU C 758 -90.66 53.37 -84.55
CA LEU C 758 -90.28 54.22 -83.43
C LEU C 758 -90.43 53.55 -82.08
N SER C 759 -89.38 53.65 -81.27
CA SER C 759 -89.51 53.42 -79.85
C SER C 759 -89.88 54.77 -79.25
N ILE C 760 -89.61 55.83 -80.01
CA ILE C 760 -89.90 57.18 -79.55
C ILE C 760 -90.51 58.17 -80.56
N LEU C 761 -91.69 58.64 -80.20
CA LEU C 761 -92.47 59.66 -80.89
C LEU C 761 -92.65 60.54 -79.65
N ASP C 762 -92.02 61.71 -79.63
CA ASP C 762 -92.21 62.63 -78.51
C ASP C 762 -92.84 63.99 -78.75
N ILE C 763 -94.12 64.10 -78.37
CA ILE C 763 -94.80 65.37 -78.36
C ILE C 763 -94.98 65.99 -76.96
N SER C 764 -94.40 65.39 -75.92
CA SER C 764 -94.75 65.81 -74.55
C SER C 764 -94.30 67.23 -74.23
N GLU C 765 -94.79 67.80 -73.13
CA GLU C 765 -94.46 69.19 -72.74
C GLU C 765 -95.00 70.12 -73.81
N ASN C 766 -96.07 69.70 -74.46
CA ASN C 766 -96.70 70.49 -75.49
C ASN C 766 -98.19 70.74 -75.35
N TYR C 767 -98.50 71.99 -75.66
CA TYR C 767 -99.84 72.49 -75.71
C TYR C 767 -100.13 72.41 -77.18
N LEU C 768 -101.29 71.84 -77.49
CA LEU C 768 -101.75 71.73 -78.85
C LEU C 768 -102.68 72.90 -78.88
N GLU C 769 -103.13 73.33 -80.05
CA GLU C 769 -103.82 74.60 -80.03
C GLU C 769 -105.17 74.43 -79.34
N LYS C 770 -106.09 73.76 -80.01
CA LYS C 770 -107.45 73.51 -79.53
C LYS C 770 -107.76 72.03 -79.24
N ASP C 771 -108.64 71.74 -78.28
CA ASP C 771 -108.90 70.33 -77.98
C ASP C 771 -107.73 69.37 -77.80
N GLY C 772 -106.65 69.83 -77.18
CA GLY C 772 -105.40 69.13 -77.04
C GLY C 772 -105.64 67.83 -76.30
N ASN C 773 -106.40 67.84 -75.22
CA ASN C 773 -106.66 66.61 -74.48
C ASN C 773 -107.46 65.62 -75.35
N GLU C 774 -108.31 66.11 -76.26
CA GLU C 774 -109.06 65.24 -77.18
C GLU C 774 -108.15 64.42 -78.15
N ALA C 775 -106.85 64.68 -78.08
CA ALA C 775 -105.78 64.03 -78.87
C ALA C 775 -105.77 62.56 -78.48
N LEU C 776 -106.03 62.35 -77.21
CA LEU C 776 -106.06 61.05 -76.56
C LEU C 776 -107.09 60.14 -77.20
N GLN C 777 -108.24 60.63 -77.65
CA GLN C 777 -109.16 59.69 -78.29
C GLN C 777 -108.53 59.10 -79.56
N GLU C 778 -107.77 59.91 -80.28
CA GLU C 778 -107.02 59.44 -81.46
C GLU C 778 -106.03 58.36 -81.07
N LEU C 779 -105.44 58.55 -79.90
CA LEU C 779 -104.49 57.61 -79.32
C LEU C 779 -105.17 56.31 -79.00
N ILE C 780 -106.39 56.31 -78.45
CA ILE C 780 -106.97 55.02 -78.09
C ILE C 780 -107.04 54.19 -79.38
N GLY C 781 -107.32 54.82 -80.52
CA GLY C 781 -107.38 54.11 -81.77
C GLY C 781 -106.03 53.54 -82.21
N ARG C 782 -104.97 54.23 -81.79
CA ARG C 782 -103.59 53.91 -82.15
C ARG C 782 -102.76 53.06 -81.18
N LEU C 783 -103.36 52.56 -80.11
CA LEU C 783 -102.61 51.75 -79.14
C LEU C 783 -101.99 50.45 -79.64
N GLY C 784 -102.53 49.89 -80.72
CA GLY C 784 -101.99 48.67 -81.27
C GLY C 784 -100.57 48.87 -81.75
N VAL C 785 -100.27 50.11 -82.14
CA VAL C 785 -98.93 50.49 -82.56
C VAL C 785 -98.25 51.39 -81.52
N LEU C 786 -99.04 51.99 -80.63
CA LEU C 786 -98.48 52.77 -79.52
C LEU C 786 -97.83 51.89 -78.47
N GLY C 787 -98.18 50.61 -78.46
CA GLY C 787 -97.51 49.66 -77.60
C GLY C 787 -96.04 49.50 -77.95
N GLU C 788 -95.69 49.78 -79.20
CA GLU C 788 -94.31 49.66 -79.69
C GLU C 788 -93.37 50.78 -79.26
N LEU C 789 -93.93 51.86 -78.74
CA LEU C 789 -93.11 52.90 -78.12
C LEU C 789 -92.56 52.36 -76.81
N THR C 790 -91.36 52.78 -76.44
CA THR C 790 -90.75 52.28 -75.23
C THR C 790 -91.20 53.13 -74.04
N THR C 791 -91.90 54.22 -74.31
CA THR C 791 -92.29 55.15 -73.25
C THR C 791 -93.59 55.92 -73.53
N LEU C 792 -94.14 56.50 -72.47
CA LEU C 792 -95.36 57.29 -72.55
C LEU C 792 -95.20 58.80 -72.76
N MET C 793 -95.69 59.33 -73.87
CA MET C 793 -95.65 60.77 -74.05
C MET C 793 -97.07 61.28 -74.28
N LEU C 794 -97.53 62.17 -73.40
CA LEU C 794 -98.94 62.50 -73.47
C LEU C 794 -99.12 63.90 -74.06
N PRO C 795 -100.24 64.15 -74.73
CA PRO C 795 -100.44 65.54 -75.16
C PRO C 795 -101.12 66.30 -74.02
N TRP C 796 -100.83 67.57 -73.77
CA TRP C 796 -101.50 68.21 -72.64
C TRP C 796 -102.08 69.52 -73.13
N CYS C 797 -103.01 70.06 -72.36
CA CYS C 797 -103.61 71.32 -72.71
C CYS C 797 -104.24 71.86 -71.44
N TRP C 798 -104.97 72.96 -71.54
CA TRP C 798 -105.72 73.45 -70.40
C TRP C 798 -106.90 72.52 -70.15
N ASP C 799 -107.01 72.04 -68.90
CA ASP C 799 -108.09 71.15 -68.46
C ASP C 799 -107.95 69.73 -69.05
N VAL C 800 -106.71 69.39 -69.39
CA VAL C 800 -106.30 68.12 -69.99
C VAL C 800 -106.73 66.91 -69.15
N HIS C 801 -106.73 67.08 -67.84
CA HIS C 801 -106.99 66.02 -66.86
C HIS C 801 -108.39 65.40 -66.98
N THR C 802 -109.32 66.17 -67.52
CA THR C 802 -110.70 65.76 -67.77
C THR C 802 -110.73 64.65 -68.83
N SER C 803 -109.59 64.47 -69.50
CA SER C 803 -109.33 63.47 -70.53
C SER C 803 -108.81 62.14 -69.97
N LEU C 804 -108.68 62.03 -68.65
CA LEU C 804 -108.14 60.84 -67.98
C LEU C 804 -108.95 59.53 -68.19
N PRO C 805 -110.29 59.55 -68.10
CA PRO C 805 -111.01 58.29 -68.38
C PRO C 805 -110.68 57.79 -69.79
N LYS C 806 -110.49 58.72 -70.71
CA LYS C 806 -110.20 58.44 -72.12
C LYS C 806 -108.85 57.75 -72.14
N LEU C 807 -107.99 58.23 -71.26
CA LEU C 807 -106.62 57.79 -71.02
C LEU C 807 -106.61 56.36 -70.42
N LEU C 808 -107.62 56.02 -69.61
CA LEU C 808 -107.65 54.72 -68.93
C LEU C 808 -107.69 53.50 -69.86
N LYS C 809 -108.33 53.58 -71.01
CA LYS C 809 -108.30 52.47 -71.97
C LYS C 809 -106.83 52.30 -72.42
N GLN C 810 -106.15 53.43 -72.53
CA GLN C 810 -104.74 53.54 -72.90
C GLN C 810 -103.79 52.96 -71.85
N LEU C 811 -104.18 52.98 -70.58
CA LEU C 811 -103.28 52.51 -69.52
C LEU C 811 -103.20 51.00 -69.34
N GLU C 812 -104.04 50.24 -70.03
CA GLU C 812 -103.78 48.79 -70.14
C GLU C 812 -102.50 48.61 -70.93
N GLY C 813 -102.08 49.70 -71.58
CA GLY C 813 -100.85 49.75 -72.34
C GLY C 813 -99.66 50.16 -71.50
N THR C 814 -99.85 50.28 -70.18
CA THR C 814 -98.71 50.61 -69.31
C THR C 814 -97.50 49.65 -69.36
N PRO C 815 -97.65 48.41 -69.88
CA PRO C 815 -96.40 47.64 -69.81
C PRO C 815 -95.20 47.95 -70.74
N GLY C 816 -95.29 48.58 -71.92
CA GLY C 816 -94.04 48.67 -72.66
C GLY C 816 -93.44 50.05 -72.43
N LEU C 817 -93.96 50.64 -71.36
CA LEU C 817 -93.65 51.96 -70.81
C LEU C 817 -92.28 52.06 -70.11
N ALA C 818 -91.38 52.94 -70.54
CA ALA C 818 -90.09 52.96 -69.84
C ALA C 818 -90.39 53.86 -68.63
N LYS C 819 -91.09 54.96 -68.87
CA LYS C 819 -91.42 55.93 -67.82
C LYS C 819 -92.94 56.10 -67.83
N LEU C 820 -93.52 56.57 -66.72
CA LEU C 820 -94.95 56.87 -66.70
C LEU C 820 -95.18 58.29 -66.21
N GLY C 821 -96.00 59.03 -66.92
CA GLY C 821 -96.51 60.27 -66.36
C GLY C 821 -97.88 60.77 -66.74
N LEU C 822 -98.37 61.69 -65.93
CA LEU C 822 -99.45 62.56 -66.31
C LEU C 822 -98.84 63.95 -66.36
N LYS C 823 -97.74 64.07 -67.10
CA LYS C 823 -96.98 65.32 -67.13
C LYS C 823 -97.71 66.50 -67.78
N ASN C 824 -97.49 67.66 -67.17
CA ASN C 824 -98.21 68.91 -67.38
C ASN C 824 -99.71 68.72 -67.49
N TRP C 825 -100.21 67.65 -66.91
CA TRP C 825 -101.64 67.44 -66.73
C TRP C 825 -102.12 68.27 -65.56
N ARG C 826 -103.08 69.15 -65.74
CA ARG C 826 -103.44 70.02 -64.62
C ARG C 826 -104.54 69.23 -63.88
N LEU C 827 -104.09 68.17 -63.18
CA LEU C 827 -104.92 67.22 -62.40
C LEU C 827 -105.51 67.56 -61.04
N ARG C 828 -106.70 66.99 -60.78
CA ARG C 828 -107.41 67.16 -59.52
C ARG C 828 -106.49 66.71 -58.40
N ASP C 829 -106.53 67.40 -57.27
CA ASP C 829 -105.63 67.03 -56.19
C ASP C 829 -105.86 65.57 -55.72
N GLU C 830 -107.13 65.15 -55.74
CA GLU C 830 -107.53 63.78 -55.39
C GLU C 830 -107.05 62.68 -56.36
N GLU C 831 -107.18 63.01 -57.64
CA GLU C 831 -106.77 62.20 -58.79
C GLU C 831 -105.51 61.36 -58.70
N ILE C 832 -104.48 61.86 -58.04
CA ILE C 832 -103.23 61.14 -57.97
C ILE C 832 -103.43 59.84 -57.20
N LYS C 833 -104.25 59.82 -56.15
CA LYS C 833 -104.52 58.52 -55.51
C LYS C 833 -105.48 57.71 -56.42
N SER C 834 -106.38 58.40 -57.11
CA SER C 834 -107.34 57.77 -58.04
C SER C 834 -106.67 56.94 -59.14
N LEU C 835 -105.64 57.52 -59.75
CA LEU C 835 -104.85 56.88 -60.79
C LEU C 835 -104.13 55.71 -60.13
N GLY C 836 -103.82 55.94 -58.86
CA GLY C 836 -103.17 55.01 -57.96
C GLY C 836 -104.09 53.82 -57.81
N GLU C 837 -105.38 54.05 -57.66
CA GLU C 837 -106.30 52.93 -57.54
C GLU C 837 -106.24 52.03 -58.78
N PHE C 838 -106.20 52.61 -59.99
CA PHE C 838 -106.06 51.81 -61.22
C PHE C 838 -104.74 51.02 -61.08
N LEU C 839 -103.76 51.73 -60.53
CA LEU C 839 -102.38 51.30 -60.35
C LEU C 839 -102.36 50.15 -59.35
N GLU C 840 -103.33 50.14 -58.43
CA GLU C 840 -103.44 49.03 -57.48
C GLU C 840 -103.90 47.87 -58.35
N MET C 841 -104.91 48.11 -59.17
CA MET C 841 -105.47 47.08 -60.05
C MET C 841 -104.51 46.71 -61.20
N ASN C 842 -103.29 47.26 -61.19
CA ASN C 842 -102.32 47.07 -62.28
C ASN C 842 -101.02 46.31 -61.98
N PRO C 843 -100.89 45.09 -62.54
CA PRO C 843 -99.89 44.10 -62.13
C PRO C 843 -98.47 44.50 -62.59
N LEU C 844 -98.38 45.51 -63.45
CA LEU C 844 -97.09 46.05 -63.89
C LEU C 844 -96.21 46.49 -62.72
N ARG C 845 -94.90 46.34 -62.88
CA ARG C 845 -93.95 46.60 -61.82
C ARG C 845 -92.62 47.14 -62.36
N ASP C 846 -91.75 47.60 -61.45
CA ASP C 846 -90.40 48.05 -61.82
C ASP C 846 -90.10 49.36 -62.55
N LEU C 847 -91.06 50.24 -62.81
CA LEU C 847 -90.78 51.28 -63.80
C LEU C 847 -89.65 52.19 -63.28
N GLN C 848 -88.98 52.88 -64.20
CA GLN C 848 -87.79 53.66 -63.85
C GLN C 848 -88.00 55.08 -63.35
N GLN C 849 -88.96 55.78 -63.93
CA GLN C 849 -89.26 57.14 -63.51
C GLN C 849 -90.70 57.53 -63.70
N LEU C 850 -91.22 58.34 -62.78
CA LEU C 850 -92.60 58.68 -62.82
C LEU C 850 -92.29 60.14 -62.93
N ASP C 851 -92.75 60.67 -64.06
CA ASP C 851 -92.58 62.05 -64.39
C ASP C 851 -93.97 62.61 -64.35
N LEU C 852 -94.22 63.37 -63.31
CA LEU C 852 -95.42 64.16 -63.31
C LEU C 852 -95.01 65.60 -63.30
N ALA C 853 -95.12 66.23 -64.47
CA ALA C 853 -94.72 67.62 -64.56
C ALA C 853 -95.83 68.25 -63.75
N GLY C 854 -95.57 69.44 -63.21
CA GLY C 854 -96.51 70.06 -62.32
C GLY C 854 -97.99 70.04 -62.61
N HIS C 855 -98.70 69.26 -61.79
CA HIS C 855 -100.14 69.16 -61.90
C HIS C 855 -100.60 70.10 -60.80
N CYS C 856 -101.89 70.40 -60.76
CA CYS C 856 -102.48 71.07 -59.59
C CYS C 856 -102.54 70.30 -58.27
N VAL C 857 -101.87 69.16 -58.15
CA VAL C 857 -101.94 68.46 -56.86
C VAL C 857 -101.04 68.95 -55.72
N SER C 858 -101.72 69.23 -54.63
CA SER C 858 -101.24 69.67 -53.32
C SER C 858 -100.58 68.57 -52.50
N SER C 859 -99.84 68.99 -51.48
CA SER C 859 -99.15 68.11 -50.54
C SER C 859 -100.18 67.20 -49.88
N ASP C 860 -101.35 67.76 -49.61
CA ASP C 860 -102.44 66.99 -49.04
C ASP C 860 -102.88 65.89 -50.03
N GLY C 861 -102.87 66.21 -51.31
CA GLY C 861 -103.21 65.31 -52.41
C GLY C 861 -102.26 64.13 -52.50
N TRP C 862 -101.01 64.52 -52.34
CA TRP C 862 -99.85 63.66 -52.30
C TRP C 862 -100.05 62.75 -51.08
N LEU C 863 -100.62 63.27 -50.00
CA LEU C 863 -100.85 62.50 -48.77
C LEU C 863 -101.77 61.31 -49.01
N TYR C 864 -102.78 61.54 -49.85
CA TYR C 864 -103.66 60.48 -50.30
C TYR C 864 -102.79 59.51 -51.07
N PHE C 865 -101.93 60.09 -51.90
CA PHE C 865 -101.12 59.27 -52.82
C PHE C 865 -100.11 58.37 -52.13
N MET C 866 -99.66 58.73 -50.93
CA MET C 866 -98.65 57.92 -50.24
C MET C 866 -99.23 56.52 -50.05
N ASN C 867 -100.56 56.48 -49.92
CA ASN C 867 -101.30 55.24 -49.73
C ASN C 867 -101.14 54.30 -50.93
N VAL C 868 -100.61 54.83 -52.03
CA VAL C 868 -100.33 54.02 -53.21
C VAL C 868 -98.85 53.94 -53.52
N PHE C 869 -98.12 55.01 -53.20
CA PHE C 869 -96.70 55.09 -53.48
C PHE C 869 -95.84 54.05 -52.78
N GLU C 870 -96.25 53.62 -51.59
CA GLU C 870 -95.44 52.63 -50.90
C GLU C 870 -95.33 51.33 -51.69
N ASN C 871 -96.41 50.90 -52.34
CA ASN C 871 -96.37 49.56 -52.94
C ASN C 871 -95.71 49.59 -54.33
N LEU C 872 -95.43 50.79 -54.83
CA LEU C 872 -94.66 51.02 -56.06
C LEU C 872 -93.20 51.23 -55.72
N LYS C 873 -92.71 50.45 -54.78
CA LYS C 873 -91.38 50.63 -54.23
C LYS C 873 -90.33 50.20 -55.24
N GLN C 874 -90.81 49.55 -56.30
CA GLN C 874 -89.98 49.03 -57.36
C GLN C 874 -89.55 50.17 -58.29
N LEU C 875 -90.13 51.35 -58.08
CA LEU C 875 -89.84 52.52 -58.90
C LEU C 875 -88.41 53.06 -58.72
N VAL C 876 -87.70 53.23 -59.84
CA VAL C 876 -86.29 53.63 -59.83
C VAL C 876 -86.08 55.13 -59.59
N PHE C 877 -86.88 55.97 -60.25
CA PHE C 877 -86.74 57.43 -60.19
C PHE C 877 -88.14 58.04 -60.17
N PHE C 878 -88.23 59.25 -59.63
CA PHE C 878 -89.51 59.89 -59.43
C PHE C 878 -89.34 61.40 -59.28
N ASP C 879 -90.24 62.18 -59.85
CA ASP C 879 -90.24 63.58 -59.49
C ASP C 879 -91.69 63.99 -59.33
N PHE C 880 -91.95 64.79 -58.30
CA PHE C 880 -93.30 65.21 -58.03
C PHE C 880 -93.27 66.72 -58.10
N SER C 881 -93.85 67.26 -59.16
CA SER C 881 -94.09 68.68 -59.30
C SER C 881 -95.53 69.18 -59.15
N THR C 882 -95.63 70.47 -58.86
CA THR C 882 -96.89 71.17 -58.59
C THR C 882 -96.56 72.63 -58.87
N GLU C 883 -97.53 73.45 -59.25
CA GLU C 883 -97.18 74.81 -59.64
C GLU C 883 -97.25 75.81 -58.48
N GLU C 884 -97.81 75.40 -57.35
CA GLU C 884 -97.91 76.26 -56.17
C GLU C 884 -98.06 75.48 -54.86
N PHE C 885 -96.99 74.80 -54.44
CA PHE C 885 -97.06 73.78 -53.40
C PHE C 885 -97.48 74.32 -52.04
N LEU C 886 -98.18 73.51 -51.26
CA LEU C 886 -98.52 73.87 -49.88
C LEU C 886 -97.24 73.88 -49.04
N PRO C 887 -97.11 74.84 -48.12
CA PRO C 887 -95.92 74.96 -47.25
C PRO C 887 -95.63 73.78 -46.30
N ASP C 888 -96.56 72.87 -46.09
CA ASP C 888 -96.41 71.81 -45.08
C ASP C 888 -95.47 70.64 -45.42
N ALA C 889 -94.56 70.35 -44.50
CA ALA C 889 -93.68 69.18 -44.60
C ALA C 889 -94.26 67.91 -43.96
N ALA C 890 -95.53 67.96 -43.56
CA ALA C 890 -96.26 66.80 -43.02
C ALA C 890 -96.20 65.64 -44.02
N LEU C 891 -96.23 66.05 -45.28
CA LEU C 891 -96.07 65.14 -46.41
C LEU C 891 -94.73 64.44 -46.43
N VAL C 892 -93.64 65.14 -46.13
CA VAL C 892 -92.32 64.51 -46.19
C VAL C 892 -92.33 63.44 -45.09
N ARG C 893 -92.94 63.77 -43.96
CA ARG C 893 -93.08 62.85 -42.83
C ARG C 893 -93.80 61.55 -43.28
N LYS C 894 -94.92 61.74 -43.95
CA LYS C 894 -95.69 60.62 -44.51
C LYS C 894 -94.82 59.87 -45.53
N LEU C 895 -93.92 60.64 -46.14
CA LEU C 895 -92.96 60.21 -47.14
C LEU C 895 -92.08 59.23 -46.42
N SER C 896 -91.61 59.60 -45.23
CA SER C 896 -90.75 58.78 -44.38
C SER C 896 -91.50 57.49 -44.10
N GLN C 897 -92.81 57.54 -43.90
CA GLN C 897 -93.53 56.28 -43.66
C GLN C 897 -93.36 55.42 -44.92
N VAL C 898 -93.54 56.03 -46.08
CA VAL C 898 -93.34 55.40 -47.40
C VAL C 898 -91.88 54.94 -47.72
N LEU C 899 -90.92 55.73 -47.29
CA LEU C 899 -89.47 55.55 -47.45
C LEU C 899 -88.89 54.25 -46.87
N SER C 900 -89.44 53.76 -45.77
CA SER C 900 -89.03 52.46 -45.26
C SER C 900 -89.49 51.41 -46.28
N LYS C 901 -90.66 51.68 -46.84
CA LYS C 901 -91.38 50.86 -47.82
C LYS C 901 -90.69 50.84 -49.19
N LEU C 902 -89.88 51.85 -49.51
CA LEU C 902 -89.21 51.89 -50.82
C LEU C 902 -87.79 51.30 -50.90
N THR C 903 -87.48 50.81 -52.11
CA THR C 903 -86.30 50.00 -52.36
C THR C 903 -85.33 50.49 -53.45
N LEU C 904 -85.73 50.37 -54.72
CA LEU C 904 -84.81 50.60 -55.84
C LEU C 904 -84.62 52.06 -56.20
N LEU C 905 -84.91 52.96 -55.27
CA LEU C 905 -84.94 54.37 -55.60
C LEU C 905 -83.54 54.92 -55.40
N GLN C 906 -83.08 55.71 -56.36
CA GLN C 906 -81.74 56.23 -56.25
C GLN C 906 -81.78 57.69 -55.82
N GLU C 907 -82.74 58.44 -56.33
CA GLU C 907 -82.91 59.82 -55.89
C GLU C 907 -84.33 60.36 -55.90
N VAL C 908 -84.58 61.26 -54.94
CA VAL C 908 -85.86 61.93 -54.73
C VAL C 908 -85.74 63.24 -55.53
N LYS C 909 -86.76 63.61 -56.29
CA LYS C 909 -86.74 64.90 -56.98
C LYS C 909 -87.94 65.81 -56.66
N LEU C 910 -87.61 67.03 -56.26
CA LEU C 910 -88.57 67.99 -55.70
C LEU C 910 -88.93 69.19 -56.59
N THR C 911 -88.80 69.03 -57.91
CA THR C 911 -89.04 70.11 -58.89
C THR C 911 -90.25 71.00 -58.61
N GLY C 912 -89.98 72.24 -58.17
CA GLY C 912 -91.05 73.21 -57.99
C GLY C 912 -91.66 73.41 -56.61
N TRP C 913 -91.34 72.55 -55.65
CA TRP C 913 -91.92 72.69 -54.31
C TRP C 913 -91.21 73.79 -53.50
N GLU C 914 -91.87 74.95 -53.43
CA GLU C 914 -91.49 76.10 -52.59
C GLU C 914 -91.50 75.96 -51.05
N PHE C 915 -91.67 74.75 -50.52
CA PHE C 915 -91.66 74.58 -49.06
C PHE C 915 -90.34 74.23 -48.34
N ASP C 916 -90.28 74.59 -47.06
CA ASP C 916 -89.25 74.13 -46.12
C ASP C 916 -89.59 72.71 -45.65
N ASP C 917 -88.58 71.87 -45.43
CA ASP C 917 -88.87 70.51 -44.97
C ASP C 917 -88.85 70.34 -43.45
N TYR C 918 -88.53 71.41 -42.73
CA TYR C 918 -88.31 71.39 -41.27
C TYR C 918 -87.43 70.22 -40.81
N ASP C 919 -87.56 69.93 -39.52
CA ASP C 919 -86.75 68.95 -38.80
C ASP C 919 -86.99 67.54 -39.36
N ILE C 920 -87.85 67.49 -40.37
CA ILE C 920 -88.27 66.29 -41.08
C ILE C 920 -87.20 66.00 -42.12
N SER C 921 -86.28 66.95 -42.30
CA SER C 921 -85.31 66.86 -43.37
C SER C 921 -84.18 66.05 -42.77
N ALA C 922 -84.37 65.72 -41.49
CA ALA C 922 -83.43 64.90 -40.75
C ALA C 922 -83.68 63.51 -41.32
N ILE C 923 -84.94 63.26 -41.65
CA ILE C 923 -85.39 62.00 -42.24
C ILE C 923 -85.90 62.18 -43.65
N LYS C 924 -85.42 63.22 -44.32
CA LYS C 924 -85.86 63.59 -45.66
C LYS C 924 -85.83 62.41 -46.64
N GLY C 925 -84.77 61.62 -46.58
CA GLY C 925 -84.69 60.43 -47.41
C GLY C 925 -83.59 59.47 -47.01
N THR C 926 -83.68 58.26 -47.53
CA THR C 926 -82.61 57.28 -47.39
C THR C 926 -81.92 57.21 -48.74
N PHE C 927 -82.26 58.15 -49.60
CA PHE C 927 -81.62 58.30 -50.90
C PHE C 927 -81.12 59.74 -51.09
N LYS C 928 -80.58 60.03 -52.27
CA LYS C 928 -80.00 61.34 -52.57
C LYS C 928 -81.13 62.36 -52.66
N LEU C 929 -80.83 63.65 -52.51
CA LEU C 929 -81.82 64.67 -52.79
C LEU C 929 -81.45 66.00 -53.46
N VAL C 930 -82.31 66.38 -54.40
CA VAL C 930 -82.20 67.62 -55.17
C VAL C 930 -83.46 68.44 -54.86
N THR C 931 -83.31 69.76 -54.68
CA THR C 931 -84.49 70.59 -54.44
C THR C 931 -85.32 70.68 -55.73
N ALA C 932 -84.72 70.23 -56.83
CA ALA C 932 -85.37 70.21 -58.13
C ALA C 932 -85.50 68.79 -58.64
N VAL D 1 -14.93 61.47 5.75
CA VAL D 1 -16.22 62.13 5.87
C VAL D 1 -16.54 62.45 7.33
N THR D 2 -17.13 63.63 7.55
CA THR D 2 -17.54 64.05 8.87
C THR D 2 -18.96 64.62 8.79
N GLU D 3 -19.47 65.14 9.90
CA GLU D 3 -20.83 65.67 9.94
C GLU D 3 -20.97 67.08 9.36
N GLU D 4 -19.86 67.80 9.21
CA GLU D 4 -19.91 69.16 8.66
C GLU D 4 -20.32 69.16 7.20
N ASP D 5 -20.19 68.01 6.56
CA ASP D 5 -20.61 67.84 5.17
C ASP D 5 -22.02 67.26 5.06
N LEU D 6 -22.75 67.24 6.18
CA LEU D 6 -24.15 66.82 6.14
C LEU D 6 -25.02 67.94 5.57
N ASN D 7 -24.41 69.10 5.35
CA ASN D 7 -25.05 70.17 4.61
C ASN D 7 -24.69 70.07 3.12
N VAL D 8 -23.91 69.04 2.80
CA VAL D 8 -23.62 68.70 1.41
C VAL D 8 -24.56 67.57 1.01
N LEU D 9 -24.50 66.47 1.76
CA LEU D 9 -25.28 65.28 1.45
C LEU D 9 -26.77 65.58 1.46
N ALA D 10 -27.18 66.48 2.34
CA ALA D 10 -28.58 66.84 2.45
C ALA D 10 -29.06 67.36 1.10
N GLN D 11 -28.26 68.24 0.50
CA GLN D 11 -28.63 68.78 -0.80
C GLN D 11 -28.73 67.65 -1.81
N ASN D 12 -27.81 66.70 -1.72
CA ASN D 12 -27.82 65.55 -2.61
C ASN D 12 -29.09 64.73 -2.41
N LEU D 13 -29.56 64.64 -1.17
CA LEU D 13 -30.80 63.94 -0.89
C LEU D 13 -31.95 64.63 -1.58
N LYS D 14 -31.88 65.96 -1.62
CA LYS D 14 -32.90 66.77 -2.26
C LYS D 14 -32.93 66.53 -3.77
N ASP D 15 -31.82 66.03 -4.31
CA ASP D 15 -31.76 65.68 -5.73
C ASP D 15 -31.88 64.19 -5.95
N LEU D 16 -32.09 63.43 -4.88
CA LEU D 16 -32.34 62.02 -5.02
C LEU D 16 -33.77 61.84 -5.53
N TYR D 17 -34.64 62.72 -5.02
CA TYR D 17 -36.06 62.72 -5.34
C TYR D 17 -36.31 63.64 -6.53
N ASN D 18 -35.30 64.43 -6.89
CA ASN D 18 -35.37 65.23 -8.10
C ASN D 18 -34.98 64.36 -9.30
N SER D 19 -35.87 63.44 -9.63
CA SER D 19 -35.75 62.63 -10.84
C SER D 19 -37.13 62.13 -11.27
N PRO D 20 -37.31 61.87 -12.57
CA PRO D 20 -38.60 61.43 -13.09
C PRO D 20 -39.07 60.12 -12.47
N ALA D 21 -38.15 59.25 -12.06
CA ALA D 21 -38.51 57.95 -11.50
C ALA D 21 -39.42 58.16 -10.30
N PHE D 22 -39.10 59.18 -9.51
CA PHE D 22 -39.93 59.60 -8.40
C PHE D 22 -41.20 60.28 -8.92
N LEU D 23 -41.06 61.01 -10.03
CA LEU D 23 -42.17 61.80 -10.56
C LEU D 23 -42.98 61.17 -11.69
N ASN D 24 -42.48 60.13 -12.34
CA ASN D 24 -43.24 59.51 -13.44
C ASN D 24 -43.96 58.32 -12.88
N PHE D 25 -45.18 58.04 -13.30
CA PHE D 25 -45.79 56.90 -12.65
C PHE D 25 -45.94 55.60 -13.41
N TYR D 26 -46.72 54.74 -12.76
CA TYR D 26 -46.15 53.54 -12.17
C TYR D 26 -44.74 53.26 -12.64
N PRO D 27 -43.79 53.46 -11.71
CA PRO D 27 -42.36 53.28 -11.92
C PRO D 27 -41.99 51.81 -12.04
N LEU D 28 -42.26 51.21 -13.21
CA LEU D 28 -41.68 49.93 -13.62
C LEU D 28 -42.31 48.71 -12.92
N GLY D 29 -42.23 47.52 -13.52
CA GLY D 29 -41.72 47.35 -14.89
C GLY D 29 -42.75 47.82 -15.90
N GLU D 30 -43.98 47.91 -15.43
CA GLU D 30 -45.01 48.72 -16.06
C GLU D 30 -45.54 49.71 -15.00
N ASP D 31 -45.49 51.03 -15.21
CA ASP D 31 -45.17 51.75 -16.47
C ASP D 31 -46.22 51.33 -17.50
N ILE D 32 -47.41 51.06 -16.96
CA ILE D 32 -48.55 50.53 -17.71
C ILE D 32 -49.04 51.41 -18.89
N ASP D 33 -49.10 52.74 -18.77
CA ASP D 33 -49.02 53.57 -17.56
C ASP D 33 -50.25 53.44 -16.63
N ILE D 34 -50.01 53.43 -15.32
CA ILE D 34 -51.12 53.47 -14.36
C ILE D 34 -51.93 54.73 -14.65
N ILE D 35 -51.30 55.90 -14.62
CA ILE D 35 -52.03 57.15 -14.83
C ILE D 35 -51.23 58.13 -15.69
N PHE D 36 -50.24 58.76 -15.08
CA PHE D 36 -49.41 59.79 -15.72
C PHE D 36 -48.18 60.04 -14.86
N ASN D 37 -47.39 61.05 -15.20
CA ASN D 37 -46.29 61.52 -14.39
C ASN D 37 -46.93 61.90 -13.05
N LEU D 38 -46.23 61.68 -11.94
CA LEU D 38 -46.78 61.99 -10.62
C LEU D 38 -47.06 63.45 -10.34
N GLU D 39 -46.24 64.37 -10.84
CA GLU D 39 -46.52 65.76 -10.54
C GLU D 39 -47.83 66.34 -11.07
N LYS D 40 -48.24 66.06 -12.32
CA LYS D 40 -49.55 66.57 -12.74
C LYS D 40 -50.70 65.89 -11.99
N THR D 41 -50.52 64.59 -11.75
CA THR D 41 -51.39 63.67 -10.99
C THR D 41 -51.50 63.84 -9.47
N PHE D 42 -50.40 64.30 -8.87
CA PHE D 42 -50.31 64.54 -7.43
C PHE D 42 -51.21 65.60 -6.79
N THR D 43 -51.83 65.14 -5.71
CA THR D 43 -52.79 65.88 -4.88
C THR D 43 -52.66 65.47 -3.42
N GLU D 44 -53.20 66.30 -2.52
CA GLU D 44 -53.21 66.06 -1.08
C GLU D 44 -54.08 64.81 -0.79
N PRO D 45 -53.50 63.77 -0.17
CA PRO D 45 -54.14 62.49 0.22
C PRO D 45 -55.21 62.45 1.33
N ILE D 46 -56.41 62.01 0.96
CA ILE D 46 -57.48 61.82 1.94
C ILE D 46 -57.07 60.77 2.96
N MET D 47 -56.82 61.14 4.21
CA MET D 47 -56.46 60.11 5.19
C MET D 47 -57.23 60.39 6.47
N TRP D 48 -57.42 59.35 7.28
CA TRP D 48 -58.15 59.52 8.52
C TRP D 48 -57.48 58.84 9.71
N LYS D 49 -57.12 59.60 10.74
CA LYS D 49 -56.47 59.00 11.90
C LYS D 49 -57.51 58.08 12.54
N LYS D 50 -57.08 56.95 13.08
CA LYS D 50 -58.02 55.99 13.64
C LYS D 50 -57.77 55.73 15.12
N ASP D 51 -58.79 55.20 15.79
CA ASP D 51 -58.71 54.93 17.21
C ASP D 51 -58.33 53.47 17.39
N HIS D 52 -58.18 53.05 18.63
CA HIS D 52 -57.77 51.69 18.90
C HIS D 52 -58.99 50.79 18.78
N ARG D 53 -60.16 51.42 18.89
CA ARG D 53 -61.46 50.75 18.73
C ARG D 53 -61.66 50.15 17.34
N HIS D 54 -60.95 50.70 16.35
CA HIS D 54 -60.93 50.29 14.92
C HIS D 54 -61.92 51.09 14.08
N HIS D 55 -61.94 52.41 14.29
CA HIS D 55 -62.77 53.31 13.50
C HIS D 55 -62.07 54.67 13.37
N ARG D 56 -62.44 55.44 12.35
CA ARG D 56 -61.79 56.72 12.08
C ARG D 56 -62.05 57.78 13.15
N VAL D 57 -61.06 58.64 13.36
CA VAL D 57 -61.12 59.66 14.40
C VAL D 57 -61.12 61.11 13.91
N GLU D 58 -60.23 61.42 12.98
CA GLU D 58 -60.22 62.72 12.34
C GLU D 58 -59.74 62.67 10.90
N GLN D 59 -60.06 63.72 10.14
CA GLN D 59 -59.61 63.84 8.75
C GLN D 59 -58.35 64.66 8.53
N LEU D 60 -57.30 63.95 8.13
CA LEU D 60 -56.01 64.54 7.88
C LEU D 60 -55.64 64.50 6.40
N THR D 61 -54.79 65.44 6.03
CA THR D 61 -54.08 65.43 4.78
C THR D 61 -52.64 65.50 5.23
N LEU D 62 -51.67 65.33 4.33
CA LEU D 62 -50.29 65.43 4.75
C LEU D 62 -49.99 66.86 5.17
N GLY D 63 -50.59 67.82 4.46
CA GLY D 63 -50.35 69.22 4.71
C GLY D 63 -50.71 69.63 6.12
N SER D 64 -51.74 68.98 6.68
CA SER D 64 -52.11 69.21 8.08
C SER D 64 -51.51 68.16 9.01
N LEU D 65 -50.89 67.13 8.42
CA LEU D 65 -50.19 66.11 9.18
C LEU D 65 -48.75 66.55 9.54
N LEU D 66 -48.28 67.61 8.89
CA LEU D 66 -46.86 68.00 8.93
C LEU D 66 -46.33 68.30 10.33
N GLU D 67 -47.11 69.04 11.13
CA GLU D 67 -46.70 69.38 12.49
C GLU D 67 -47.30 68.41 13.50
N ALA D 68 -48.41 67.79 13.14
CA ALA D 68 -49.09 66.84 14.01
C ALA D 68 -48.44 65.45 13.94
N LEU D 69 -47.42 65.33 13.10
CA LEU D 69 -46.82 64.04 12.81
C LEU D 69 -46.13 63.41 14.03
N LYS D 70 -46.30 62.10 14.17
CA LYS D 70 -45.58 61.31 15.15
C LYS D 70 -45.02 60.03 14.53
N SER D 71 -44.18 59.34 15.27
CA SER D 71 -43.50 58.16 14.75
C SER D 71 -43.45 57.03 15.78
N PRO D 72 -43.51 55.77 15.32
CA PRO D 72 -43.72 55.29 13.95
C PRO D 72 -45.15 55.48 13.41
N CYS D 73 -45.30 55.46 12.09
CA CYS D 73 -46.62 55.46 11.46
C CYS D 73 -47.22 54.04 11.40
N LEU D 74 -48.46 53.89 11.85
CA LEU D 74 -49.21 52.68 11.54
C LEU D 74 -50.21 53.03 10.45
N ILE D 75 -49.94 54.17 9.82
CA ILE D 75 -50.81 54.74 8.80
C ILE D 75 -50.98 53.75 7.66
N GLU D 76 -52.24 53.54 7.28
CA GLU D 76 -52.59 52.51 6.32
C GLU D 76 -53.67 52.99 5.36
N GLY D 77 -53.91 52.20 4.32
CA GLY D 77 -54.87 52.54 3.30
C GLY D 77 -55.11 51.32 2.44
N GLU D 78 -56.15 51.34 1.63
CA GLU D 78 -56.51 50.16 0.87
C GLU D 78 -55.51 49.97 -0.27
N SER D 79 -55.23 48.71 -0.58
CA SER D 79 -54.18 48.34 -1.52
C SER D 79 -54.39 48.85 -2.95
N GLY D 80 -53.25 49.16 -3.58
CA GLY D 80 -53.19 49.58 -4.97
C GLY D 80 -51.83 50.25 -5.07
N LYS D 81 -51.83 51.52 -5.45
CA LYS D 81 -50.58 52.21 -5.68
C LYS D 81 -50.26 52.82 -4.31
N GLY D 82 -51.32 53.23 -3.62
CA GLY D 82 -51.27 53.56 -2.21
C GLY D 82 -50.47 54.79 -1.89
N LYS D 83 -49.35 54.56 -1.21
CA LYS D 83 -48.44 55.60 -0.79
C LYS D 83 -47.74 56.11 -2.05
N SER D 84 -47.81 55.27 -3.09
CA SER D 84 -47.24 55.55 -4.40
C SER D 84 -45.87 56.23 -4.36
N THR D 85 -45.70 57.33 -5.08
CA THR D 85 -44.42 58.05 -5.05
C THR D 85 -44.71 59.42 -4.45
N LEU D 86 -45.98 59.59 -4.09
CA LEU D 86 -46.59 60.80 -3.56
C LEU D 86 -45.97 61.27 -2.20
N LEU D 87 -45.46 60.33 -1.41
CA LEU D 87 -44.82 60.63 -0.11
C LEU D 87 -43.36 60.99 -0.41
N GLN D 88 -42.94 60.53 -1.57
CA GLN D 88 -41.58 60.58 -2.09
C GLN D 88 -41.63 62.02 -2.53
N ARG D 89 -42.78 62.43 -3.05
CA ARG D 89 -42.89 63.76 -3.61
C ARG D 89 -43.16 64.66 -2.41
N ILE D 90 -43.41 64.05 -1.25
CA ILE D 90 -43.77 64.84 -0.07
C ILE D 90 -42.38 65.27 0.42
N ALA D 91 -41.45 64.33 0.29
CA ALA D 91 -40.04 64.58 0.54
C ALA D 91 -39.57 65.62 -0.46
N MET D 92 -40.11 65.51 -1.67
CA MET D 92 -39.69 66.37 -2.75
C MET D 92 -40.21 67.77 -2.37
N LEU D 93 -41.18 67.80 -1.45
CA LEU D 93 -41.78 69.06 -1.01
C LEU D 93 -40.81 69.62 0.01
N TRP D 94 -40.23 68.73 0.83
CA TRP D 94 -39.13 69.11 1.72
C TRP D 94 -37.96 69.67 0.91
N ALA D 95 -37.95 69.35 -0.38
CA ALA D 95 -36.84 69.72 -1.25
C ALA D 95 -37.32 70.63 -2.37
N SER D 96 -38.45 71.29 -2.10
CA SER D 96 -39.09 72.22 -3.01
C SER D 96 -39.42 73.46 -2.19
N GLY D 97 -38.79 73.56 -1.01
CA GLY D 97 -38.95 74.72 -0.16
C GLY D 97 -40.25 74.66 0.62
N GLY D 98 -40.74 73.44 0.84
CA GLY D 98 -42.05 73.23 1.45
C GLY D 98 -42.15 73.74 2.88
N CYS D 99 -43.33 73.56 3.48
CA CYS D 99 -43.57 74.02 4.85
C CYS D 99 -42.48 73.58 5.82
N ARG D 100 -42.26 74.42 6.83
CA ARG D 100 -41.29 74.19 7.90
C ARG D 100 -41.22 72.79 8.52
N ALA D 101 -42.36 72.14 8.73
CA ALA D 101 -42.32 70.80 9.32
C ALA D 101 -41.85 69.69 8.37
N LEU D 102 -41.45 70.07 7.16
CA LEU D 102 -40.95 69.12 6.19
C LEU D 102 -39.45 69.30 6.27
N LYS D 103 -39.06 70.50 6.71
CA LYS D 103 -37.68 70.84 6.98
C LYS D 103 -37.35 70.66 8.44
N GLY D 104 -38.20 69.91 9.13
CA GLY D 104 -38.06 69.72 10.56
C GLY D 104 -37.12 68.53 10.67
N PHE D 105 -36.65 68.12 9.50
CA PHE D 105 -35.76 66.97 9.33
C PHE D 105 -34.60 67.33 8.40
N ARG D 106 -33.38 67.32 8.92
CA ARG D 106 -32.24 67.84 8.17
C ARG D 106 -31.94 66.91 7.00
N LEU D 107 -32.25 65.64 7.20
CA LEU D 107 -32.07 64.58 6.22
C LEU D 107 -33.31 63.68 6.06
N VAL D 108 -33.63 63.29 4.84
CA VAL D 108 -34.82 62.50 4.59
C VAL D 108 -34.32 61.34 3.74
N PHE D 109 -34.57 60.12 4.18
CA PHE D 109 -34.28 58.94 3.39
C PHE D 109 -35.41 57.96 3.04
N PHE D 110 -35.68 57.90 1.73
CA PHE D 110 -36.63 56.96 1.18
C PHE D 110 -36.13 55.55 1.54
N ILE D 111 -36.97 54.68 2.08
CA ILE D 111 -36.50 53.33 2.39
C ILE D 111 -37.31 52.26 1.66
N HIS D 112 -36.62 51.22 1.20
CA HIS D 112 -37.23 50.10 0.47
C HIS D 112 -37.34 48.74 1.18
N LEU D 113 -38.54 48.49 1.70
CA LEU D 113 -38.95 47.23 2.39
C LEU D 113 -38.90 46.13 1.33
N ARG D 114 -39.31 46.49 0.12
CA ARG D 114 -39.34 45.59 -1.03
C ARG D 114 -37.96 45.02 -1.43
N SER D 115 -36.85 45.73 -1.27
CA SER D 115 -35.57 45.10 -1.64
C SER D 115 -34.46 45.42 -0.62
N ALA D 116 -33.66 44.41 -0.27
CA ALA D 116 -32.62 44.58 0.75
C ALA D 116 -31.41 43.67 0.54
N ARG D 117 -30.25 44.17 0.96
CA ARG D 117 -28.93 43.61 0.62
C ARG D 117 -27.96 43.97 1.73
N GLY D 118 -27.21 43.00 2.25
CA GLY D 118 -26.14 43.32 3.18
C GLY D 118 -24.95 44.01 2.50
N GLY D 119 -24.27 44.88 3.23
CA GLY D 119 -24.71 45.37 4.53
C GLY D 119 -25.97 46.19 4.42
N LEU D 120 -26.82 46.12 5.43
CA LEU D 120 -28.24 46.45 5.26
C LEU D 120 -28.44 47.94 5.03
N PHE D 121 -27.57 48.76 5.62
CA PHE D 121 -27.62 50.19 5.38
C PHE D 121 -27.27 50.44 3.91
N GLU D 122 -26.42 49.60 3.33
CA GLU D 122 -26.05 49.79 1.94
C GLU D 122 -27.22 49.50 1.02
N THR D 123 -28.34 49.00 1.56
CA THR D 123 -29.54 48.84 0.76
C THR D 123 -29.83 50.23 0.22
N LEU D 124 -29.63 51.23 1.07
CA LEU D 124 -29.97 52.59 0.73
C LEU D 124 -28.92 53.03 -0.26
N TYR D 125 -27.70 52.55 -0.06
CA TYR D 125 -26.62 52.83 -0.99
C TYR D 125 -26.99 52.09 -2.27
N ASP D 126 -27.48 50.85 -2.15
CA ASP D 126 -27.94 50.11 -3.33
C ASP D 126 -29.24 50.69 -3.92
N GLN D 127 -29.77 51.73 -3.27
CA GLN D 127 -31.01 52.37 -3.73
C GLN D 127 -30.79 53.89 -3.91
N LEU D 128 -30.64 54.60 -2.80
CA LEU D 128 -30.43 56.06 -2.80
C LEU D 128 -29.07 56.37 -3.40
N LEU D 129 -28.10 55.50 -3.10
CA LEU D 129 -26.72 55.65 -3.55
C LEU D 129 -25.89 56.84 -3.07
N ASN D 130 -26.49 57.85 -2.45
CA ASN D 130 -25.66 58.99 -2.03
C ASN D 130 -24.81 58.75 -0.74
N ILE D 131 -24.71 57.49 -0.33
CA ILE D 131 -23.96 57.07 0.87
C ILE D 131 -22.43 57.25 0.80
N PRO D 132 -21.86 58.22 1.54
CA PRO D 132 -20.39 58.37 1.48
C PRO D 132 -19.61 57.11 1.90
N ASP D 133 -18.45 56.89 1.28
CA ASP D 133 -17.53 55.79 1.59
C ASP D 133 -16.86 55.64 2.97
N PHE D 134 -16.61 56.74 3.68
CA PHE D 134 -16.02 56.68 5.03
C PHE D 134 -16.92 56.05 6.07
N ILE D 135 -18.19 56.42 6.00
CA ILE D 135 -19.21 55.93 6.92
C ILE D 135 -19.59 54.45 7.00
N SER D 136 -18.91 53.74 7.90
CA SER D 136 -19.20 52.33 8.16
C SER D 136 -20.65 52.29 8.69
N LYS D 137 -21.25 51.12 8.83
CA LYS D 137 -22.60 51.04 9.42
C LYS D 137 -22.71 51.54 10.88
N PRO D 138 -21.74 51.21 11.77
CA PRO D 138 -21.78 51.72 13.14
C PRO D 138 -21.68 53.24 13.10
N THR D 139 -20.74 53.69 12.27
CA THR D 139 -20.45 55.11 12.05
C THR D 139 -21.75 55.72 11.56
N PHE D 140 -22.43 55.05 10.62
CA PHE D 140 -23.70 55.56 10.09
C PHE D 140 -24.81 55.66 11.16
N LYS D 141 -24.87 54.72 12.11
CA LYS D 141 -25.88 54.82 13.17
C LYS D 141 -25.55 55.96 14.18
N ALA D 142 -24.26 56.09 14.47
CA ALA D 142 -23.69 57.11 15.36
C ALA D 142 -23.92 58.49 14.80
N LEU D 143 -23.69 58.57 13.49
CA LEU D 143 -23.89 59.77 12.70
C LEU D 143 -25.35 60.14 12.77
N LEU D 144 -26.23 59.23 12.34
CA LEU D 144 -27.65 59.51 12.40
C LEU D 144 -28.07 59.98 13.79
N LEU D 145 -27.41 59.50 14.84
CA LEU D 145 -27.90 59.86 16.15
C LEU D 145 -27.26 61.17 16.61
N LYS D 146 -26.26 61.65 15.88
CA LYS D 146 -25.65 62.92 16.25
C LYS D 146 -26.70 64.04 16.36
N LEU D 147 -27.81 63.82 15.66
CA LEU D 147 -28.91 64.78 15.50
C LEU D 147 -30.22 64.46 16.27
N HIS D 148 -30.63 63.19 16.26
CA HIS D 148 -31.79 62.69 17.04
C HIS D 148 -33.24 63.12 16.75
N LYS D 149 -33.58 63.49 15.51
CA LYS D 149 -34.90 64.04 15.14
C LYS D 149 -34.80 64.74 13.80
N GLU D 150 -33.62 64.69 13.21
CA GLU D 150 -33.36 65.53 12.07
C GLU D 150 -33.26 64.66 10.83
N VAL D 151 -33.85 63.48 10.93
CA VAL D 151 -33.98 62.60 9.78
C VAL D 151 -35.38 61.95 9.76
N LEU D 152 -35.98 61.89 8.57
CA LEU D 152 -37.25 61.19 8.37
C LEU D 152 -37.02 60.04 7.39
N PHE D 153 -37.70 58.92 7.56
CA PHE D 153 -37.59 57.83 6.59
C PHE D 153 -38.89 57.23 6.09
N LEU D 154 -39.05 57.10 4.79
CA LEU D 154 -40.27 56.47 4.30
C LEU D 154 -40.04 54.99 4.03
N LEU D 155 -40.88 54.08 4.50
CA LEU D 155 -40.54 52.68 4.34
C LEU D 155 -41.40 52.39 3.12
N ASP D 156 -40.83 51.86 2.05
CA ASP D 156 -41.60 51.37 0.89
C ASP D 156 -41.74 49.88 0.51
N GLY D 157 -42.89 49.23 0.70
CA GLY D 157 -42.96 47.78 0.52
C GLY D 157 -43.41 46.78 1.57
N TYR D 158 -44.55 47.03 2.17
CA TYR D 158 -45.06 46.13 3.19
C TYR D 158 -45.60 44.73 2.88
N ASN D 159 -46.11 44.45 1.68
CA ASN D 159 -46.60 43.09 1.41
C ASN D 159 -45.42 42.43 0.71
N GLU D 160 -44.77 43.25 -0.10
CA GLU D 160 -43.57 42.87 -0.85
C GLU D 160 -42.55 42.31 0.11
N PHE D 161 -42.65 42.72 1.38
CA PHE D 161 -41.75 42.28 2.42
C PHE D 161 -41.80 40.77 2.57
N HIS D 162 -40.65 40.18 2.87
CA HIS D 162 -40.52 38.73 2.97
C HIS D 162 -39.65 38.40 4.17
N PRO D 163 -39.46 37.10 4.46
CA PRO D 163 -38.54 36.76 5.57
C PRO D 163 -37.06 37.06 5.32
N GLN D 164 -36.56 36.84 4.11
CA GLN D 164 -35.18 37.21 3.81
C GLN D 164 -34.91 38.70 4.07
N ASN D 165 -33.79 38.98 4.75
CA ASN D 165 -33.30 40.33 5.04
C ASN D 165 -34.18 41.08 6.06
N CYS D 166 -34.97 40.29 6.78
CA CYS D 166 -35.90 40.73 7.82
C CYS D 166 -35.30 41.50 9.03
N PRO D 167 -34.10 41.11 9.52
CA PRO D 167 -33.62 41.95 10.62
C PRO D 167 -33.12 43.37 10.31
N GLU D 168 -33.12 44.15 11.39
CA GLU D 168 -32.94 45.60 11.38
C GLU D 168 -33.89 46.26 10.38
N ILE D 169 -35.14 45.80 10.43
CA ILE D 169 -36.25 46.41 9.69
C ILE D 169 -37.23 46.97 10.71
N GLU D 170 -37.34 46.29 11.83
CA GLU D 170 -38.28 46.60 12.89
C GLU D 170 -37.52 47.50 13.85
N ALA D 171 -36.20 47.55 13.64
CA ALA D 171 -35.30 48.31 14.50
C ALA D 171 -35.52 49.80 14.24
N LEU D 172 -35.86 50.16 13.01
CA LEU D 172 -36.12 51.57 12.73
C LEU D 172 -37.42 51.97 13.44
N ILE D 173 -38.38 51.04 13.47
CA ILE D 173 -39.71 51.29 14.04
C ILE D 173 -39.86 51.03 15.56
N LYS D 174 -39.51 49.82 16.00
CA LYS D 174 -39.60 49.45 17.40
C LYS D 174 -38.46 50.03 18.24
N GLU D 175 -37.25 49.92 17.72
CA GLU D 175 -36.10 50.61 18.31
C GLU D 175 -36.01 52.00 17.71
N ASN D 176 -37.13 52.73 17.70
CA ASN D 176 -37.16 54.12 17.23
C ASN D 176 -37.02 55.05 18.41
N HIS D 177 -37.33 54.50 19.58
CA HIS D 177 -37.23 55.24 20.83
C HIS D 177 -35.76 55.49 21.15
N ARG D 178 -34.88 54.72 20.52
CA ARG D 178 -33.44 54.95 20.60
C ARG D 178 -32.74 55.21 19.27
N PHE D 179 -33.52 55.50 18.23
CA PHE D 179 -33.00 55.68 16.88
C PHE D 179 -33.26 57.15 16.65
N LYS D 180 -34.07 57.68 17.57
CA LYS D 180 -34.48 59.07 17.61
C LYS D 180 -34.96 59.79 16.36
N ASN D 181 -34.89 59.19 15.18
CA ASN D 181 -35.39 59.96 14.07
C ASN D 181 -36.85 59.57 13.89
N MET D 182 -37.63 60.39 13.19
CA MET D 182 -39.00 60.01 12.89
C MET D 182 -39.02 59.10 11.69
N VAL D 183 -40.17 58.47 11.41
CA VAL D 183 -40.27 57.62 10.24
C VAL D 183 -41.71 57.21 9.87
N ILE D 184 -41.99 57.11 8.57
CA ILE D 184 -43.32 56.78 8.09
C ILE D 184 -43.22 55.31 7.69
N VAL D 185 -43.99 54.46 8.35
CA VAL D 185 -43.93 53.01 8.15
C VAL D 185 -44.97 52.44 7.19
N THR D 186 -44.51 51.98 6.04
CA THR D 186 -45.41 51.51 4.99
C THR D 186 -46.25 50.35 5.44
N THR D 187 -47.50 50.37 5.01
CA THR D 187 -48.40 49.29 5.32
C THR D 187 -49.31 49.01 4.15
N THR D 188 -49.84 47.79 4.14
CA THR D 188 -50.74 47.31 3.11
C THR D 188 -51.76 47.02 4.18
N THR D 189 -53.01 46.63 3.96
CA THR D 189 -53.63 46.45 5.25
C THR D 189 -53.69 45.01 5.69
N GLU D 190 -53.33 44.07 4.80
CA GLU D 190 -53.67 42.69 5.15
C GLU D 190 -52.80 42.47 6.41
N CYS D 191 -51.55 42.87 6.19
CA CYS D 191 -50.36 42.87 7.05
C CYS D 191 -50.24 43.71 8.33
N LEU D 192 -50.91 44.86 8.37
CA LEU D 192 -50.75 45.86 9.43
C LEU D 192 -50.62 45.37 10.86
N ARG D 193 -51.27 44.25 11.18
CA ARG D 193 -51.38 43.78 12.56
C ARG D 193 -50.03 43.22 13.05
N HIS D 194 -49.01 43.38 12.21
CA HIS D 194 -47.63 42.99 12.48
C HIS D 194 -46.87 44.15 13.08
N ILE D 195 -47.51 45.31 13.09
CA ILE D 195 -46.93 46.50 13.71
C ILE D 195 -47.97 47.37 14.40
N ARG D 196 -49.15 46.81 14.62
CA ARG D 196 -50.22 47.52 15.33
C ARG D 196 -49.81 47.83 16.79
N HIS D 197 -48.59 47.49 17.15
CA HIS D 197 -48.11 47.73 18.52
C HIS D 197 -46.77 48.46 18.54
N VAL D 198 -46.42 49.10 17.43
CA VAL D 198 -45.16 49.83 17.34
C VAL D 198 -45.21 51.34 17.10
N GLY D 199 -46.13 51.73 16.22
CA GLY D 199 -46.42 53.11 15.86
C GLY D 199 -47.24 54.12 16.63
N ALA D 200 -46.62 55.25 16.95
CA ALA D 200 -47.25 56.26 17.77
C ALA D 200 -48.23 57.07 16.91
N LEU D 201 -48.22 56.84 15.60
CA LEU D 201 -49.15 57.51 14.70
C LEU D 201 -49.89 56.44 13.89
N THR D 202 -51.06 56.78 13.36
CA THR D 202 -51.89 55.84 12.61
C THR D 202 -53.02 56.53 11.86
N ALA D 203 -53.12 56.26 10.55
CA ALA D 203 -54.15 56.89 9.75
C ALA D 203 -54.62 55.99 8.63
N GLU D 204 -55.84 56.22 8.15
CA GLU D 204 -56.44 55.37 7.14
C GLU D 204 -56.65 56.21 5.88
N VAL D 205 -56.05 55.80 4.77
CA VAL D 205 -56.24 56.52 3.52
C VAL D 205 -57.70 56.41 3.09
N GLY D 206 -58.43 57.49 3.28
CA GLY D 206 -59.83 57.55 2.90
C GLY D 206 -59.91 57.56 1.40
N ASP D 207 -61.04 57.10 0.86
CA ASP D 207 -61.22 57.10 -0.57
C ASP D 207 -61.17 58.55 -1.03
N MET D 208 -60.52 58.79 -2.16
CA MET D 208 -60.41 60.11 -2.75
C MET D 208 -61.76 60.59 -3.29
N THR D 209 -61.92 61.91 -3.39
CA THR D 209 -63.11 62.50 -4.00
C THR D 209 -63.21 62.06 -5.45
N GLU D 210 -64.42 61.86 -5.96
CA GLU D 210 -64.56 61.52 -7.38
C GLU D 210 -64.08 62.69 -8.21
N ASP D 211 -64.52 63.88 -7.82
CA ASP D 211 -64.16 65.11 -8.52
C ASP D 211 -62.65 65.34 -8.52
N SER D 212 -62.02 65.18 -7.36
CA SER D 212 -60.58 65.36 -7.23
C SER D 212 -59.85 64.35 -8.10
N ALA D 213 -60.42 63.15 -8.20
CA ALA D 213 -59.80 62.09 -8.97
C ALA D 213 -59.86 62.37 -10.46
N LYS D 214 -60.48 63.49 -10.84
CA LYS D 214 -60.71 63.70 -12.25
C LYS D 214 -59.52 64.50 -12.66
N ASP D 215 -58.70 64.79 -11.65
CA ASP D 215 -57.57 65.68 -11.84
C ASP D 215 -56.54 64.67 -12.30
N LEU D 216 -56.85 63.40 -12.03
CA LEU D 216 -56.01 62.34 -12.51
C LEU D 216 -56.29 62.24 -14.01
N ILE D 217 -57.57 62.08 -14.36
CA ILE D 217 -57.98 61.74 -15.74
C ILE D 217 -57.38 62.73 -16.74
N GLU D 218 -57.43 63.99 -16.32
CA GLU D 218 -56.99 65.20 -17.00
C GLU D 218 -55.57 65.16 -17.56
N ALA D 219 -54.67 64.54 -16.83
CA ALA D 219 -53.27 64.52 -17.24
C ALA D 219 -52.99 63.81 -18.56
N VAL D 220 -53.69 62.73 -18.89
CA VAL D 220 -53.43 62.15 -20.21
C VAL D 220 -54.46 62.62 -21.24
N LEU D 221 -55.73 62.55 -20.88
CA LEU D 221 -56.84 62.99 -21.74
C LEU D 221 -56.88 64.48 -22.12
N VAL D 222 -57.47 64.75 -23.27
CA VAL D 222 -57.66 66.12 -23.76
C VAL D 222 -58.73 66.67 -22.80
N PRO D 223 -58.88 68.00 -22.64
CA PRO D 223 -59.90 68.31 -21.63
C PRO D 223 -61.36 68.05 -22.05
N ASP D 224 -61.62 68.01 -23.34
CA ASP D 224 -62.98 67.72 -23.80
C ASP D 224 -63.18 66.23 -23.72
N GLN D 225 -62.09 65.49 -23.85
CA GLN D 225 -62.14 64.03 -23.77
C GLN D 225 -62.50 63.70 -22.33
N VAL D 226 -62.06 64.55 -21.40
CA VAL D 226 -62.32 64.31 -20.00
C VAL D 226 -63.77 64.64 -19.78
N GLU D 227 -64.25 65.69 -20.45
CA GLU D 227 -65.66 66.05 -20.26
C GLU D 227 -66.57 64.95 -20.83
N ARG D 228 -66.12 64.30 -21.89
CA ARG D 228 -66.86 63.19 -22.51
C ARG D 228 -66.97 62.08 -21.49
N LEU D 229 -65.85 61.78 -20.83
CA LEU D 229 -65.89 60.80 -19.74
C LEU D 229 -66.80 61.28 -18.61
N TRP D 230 -66.79 62.58 -18.33
CA TRP D 230 -67.65 63.16 -17.30
C TRP D 230 -69.12 62.97 -17.60
N ALA D 231 -69.47 62.95 -18.88
CA ALA D 231 -70.80 62.56 -19.29
C ALA D 231 -70.97 61.06 -19.10
N GLN D 232 -69.89 60.32 -19.37
CA GLN D 232 -69.93 58.87 -19.28
C GLN D 232 -70.13 58.30 -17.89
N ILE D 233 -69.67 58.96 -16.83
CA ILE D 233 -69.95 58.37 -15.53
C ILE D 233 -71.34 58.77 -15.04
N GLN D 234 -72.03 59.58 -15.83
CA GLN D 234 -73.39 59.98 -15.50
C GLN D 234 -74.36 58.87 -15.89
N GLU D 235 -73.85 57.99 -16.75
CA GLU D 235 -74.55 56.79 -17.21
C GLU D 235 -75.28 56.11 -16.06
N SER D 236 -74.63 56.05 -14.91
CA SER D 236 -75.11 55.31 -13.76
C SER D 236 -74.38 55.84 -12.53
N ARG D 237 -75.04 55.78 -11.37
CA ARG D 237 -74.44 56.28 -10.14
C ARG D 237 -73.29 55.38 -9.70
N CYS D 238 -73.42 54.09 -10.00
CA CYS D 238 -72.35 53.13 -9.74
C CYS D 238 -71.12 53.44 -10.57
N LEU D 239 -71.33 53.91 -11.80
CA LEU D 239 -70.23 54.38 -12.63
C LEU D 239 -69.68 55.71 -12.12
N ARG D 240 -70.59 56.58 -11.69
CA ARG D 240 -70.22 57.91 -11.21
C ARG D 240 -69.34 57.85 -9.96
N ASN D 241 -69.59 56.85 -9.11
CA ASN D 241 -68.86 56.75 -7.86
C ASN D 241 -67.56 55.94 -7.98
N LEU D 242 -67.29 55.43 -9.18
CA LEU D 242 -66.08 54.64 -9.40
C LEU D 242 -64.85 55.51 -9.18
N MET D 243 -64.97 56.78 -9.56
CA MET D 243 -63.91 57.76 -9.38
C MET D 243 -63.47 58.03 -7.94
N LYS D 244 -64.06 57.34 -6.95
CA LYS D 244 -63.63 57.54 -5.57
C LYS D 244 -62.17 57.15 -5.44
N THR D 245 -61.80 56.06 -6.09
CA THR D 245 -60.43 55.58 -6.05
C THR D 245 -59.75 55.88 -7.39
N PRO D 246 -58.44 56.11 -7.35
CA PRO D 246 -57.59 56.36 -8.52
C PRO D 246 -57.48 55.12 -9.42
N LEU D 247 -57.61 53.93 -8.83
CA LEU D 247 -57.58 52.67 -9.58
C LEU D 247 -58.70 52.51 -10.62
N PHE D 248 -59.95 52.85 -10.27
CA PHE D 248 -61.06 52.77 -11.22
C PHE D 248 -60.81 53.74 -12.37
N VAL D 249 -60.24 54.88 -12.01
CA VAL D 249 -59.85 55.89 -12.97
C VAL D 249 -58.81 55.25 -13.90
N VAL D 250 -57.86 54.50 -13.35
CA VAL D 250 -56.83 53.84 -14.15
C VAL D 250 -57.45 52.82 -15.11
N ILE D 251 -58.51 52.17 -14.62
CA ILE D 251 -59.30 51.20 -15.37
C ILE D 251 -59.97 51.81 -16.59
N THR D 252 -60.44 53.05 -16.47
CA THR D 252 -60.97 53.70 -17.67
C THR D 252 -59.93 54.53 -18.43
N CYS D 253 -58.78 54.79 -17.81
CA CYS D 253 -57.72 55.58 -18.43
C CYS D 253 -56.97 54.74 -19.46
N ALA D 254 -56.85 53.45 -19.17
CA ALA D 254 -56.17 52.50 -20.06
C ALA D 254 -56.89 52.34 -21.42
N ILE D 255 -58.06 52.94 -21.56
CA ILE D 255 -58.92 52.65 -22.70
C ILE D 255 -58.88 53.78 -23.75
N GLN D 256 -58.45 54.97 -23.33
CA GLN D 256 -58.43 56.15 -24.19
C GLN D 256 -57.43 56.12 -25.35
N MET D 257 -56.50 55.16 -25.33
CA MET D 257 -55.43 55.10 -26.33
C MET D 257 -55.96 54.92 -27.75
N GLY D 258 -57.10 54.27 -27.89
CA GLY D 258 -57.73 54.13 -29.20
C GLY D 258 -58.95 54.97 -29.46
N ARG D 259 -59.45 55.69 -28.45
CA ARG D 259 -60.76 56.33 -28.55
C ARG D 259 -60.83 57.77 -28.04
N GLN D 260 -61.64 58.58 -28.73
CA GLN D 260 -61.91 59.95 -28.30
C GLN D 260 -62.99 60.01 -27.21
N GLU D 261 -63.98 59.11 -27.29
CA GLU D 261 -64.90 58.88 -26.18
C GLU D 261 -65.28 57.42 -26.17
N PHE D 262 -65.43 56.85 -24.98
CA PHE D 262 -65.71 55.43 -24.85
C PHE D 262 -66.57 55.07 -23.66
N GLN D 263 -67.11 53.85 -23.72
CA GLN D 263 -67.68 53.17 -22.58
C GLN D 263 -67.28 51.70 -22.73
N ALA D 264 -67.66 50.86 -21.78
CA ALA D 264 -67.35 49.44 -21.88
C ALA D 264 -68.36 48.52 -22.62
N HIS D 265 -69.68 48.77 -22.63
CA HIS D 265 -70.35 49.90 -21.99
C HIS D 265 -70.72 49.55 -20.56
N THR D 266 -70.60 48.27 -20.24
CA THR D 266 -71.01 47.82 -18.93
C THR D 266 -70.04 48.28 -17.88
N GLN D 267 -70.55 48.58 -16.69
CA GLN D 267 -69.67 49.03 -15.63
C GLN D 267 -68.78 47.86 -15.21
N THR D 268 -69.31 46.65 -15.36
CA THR D 268 -68.61 45.36 -15.19
C THR D 268 -67.52 44.97 -16.21
N MET D 269 -67.70 45.33 -17.49
CA MET D 269 -66.71 44.96 -18.50
C MET D 269 -65.44 45.79 -18.33
N LEU D 270 -65.63 46.95 -17.69
CA LEU D 270 -64.56 47.86 -17.29
C LEU D 270 -63.72 47.13 -16.24
N PHE D 271 -64.48 46.59 -15.30
CA PHE D 271 -64.11 45.82 -14.11
C PHE D 271 -63.29 44.54 -14.43
N GLN D 272 -63.63 43.87 -15.53
CA GLN D 272 -62.96 42.64 -15.98
C GLN D 272 -61.50 42.80 -16.41
N THR D 273 -61.21 43.91 -17.08
CA THR D 273 -59.84 44.23 -17.49
C THR D 273 -58.98 44.32 -16.22
N PHE D 274 -59.53 44.96 -15.20
CA PHE D 274 -58.87 45.14 -13.91
C PHE D 274 -58.62 43.72 -13.34
N TYR D 275 -59.61 42.81 -13.40
CA TYR D 275 -59.40 41.44 -12.86
C TYR D 275 -58.21 40.78 -13.57
N ASP D 276 -58.19 40.83 -14.90
CA ASP D 276 -57.11 40.24 -15.68
C ASP D 276 -55.75 40.86 -15.25
N LEU D 277 -55.74 42.16 -14.95
CA LEU D 277 -54.54 42.88 -14.50
C LEU D 277 -54.09 42.25 -13.18
N LEU D 278 -55.07 41.92 -12.35
CA LEU D 278 -54.89 41.25 -11.07
C LEU D 278 -54.18 39.91 -11.33
N ILE D 279 -54.63 39.18 -12.34
CA ILE D 279 -54.01 37.90 -12.72
C ILE D 279 -52.55 38.17 -13.14
N GLN D 280 -52.36 39.26 -13.88
CA GLN D 280 -51.07 39.73 -14.44
C GLN D 280 -50.00 39.98 -13.37
N LYS D 281 -50.44 40.59 -12.29
CA LYS D 281 -49.63 41.00 -11.14
C LYS D 281 -49.21 39.75 -10.40
N ASN D 282 -50.10 38.79 -10.26
CA ASN D 282 -49.86 37.67 -9.39
C ASN D 282 -49.28 36.49 -10.13
N SER D 283 -48.98 36.59 -11.43
CA SER D 283 -48.47 35.38 -12.03
C SER D 283 -47.16 34.97 -11.32
N HIS D 284 -46.31 35.94 -10.95
CA HIS D 284 -45.04 35.54 -10.33
C HIS D 284 -45.41 34.99 -8.95
N ARG D 285 -46.56 35.49 -8.49
CA ARG D 285 -47.20 35.23 -7.19
C ARG D 285 -48.29 34.19 -7.28
N TYR D 286 -47.94 32.97 -7.64
CA TYR D 286 -48.97 31.96 -7.78
C TYR D 286 -49.18 31.39 -6.39
N ARG D 287 -48.13 31.44 -5.59
CA ARG D 287 -48.15 30.97 -4.20
C ARG D 287 -48.87 29.65 -4.00
N GLY D 288 -48.41 28.61 -4.70
CA GLY D 288 -49.13 27.36 -4.74
C GLY D 288 -49.96 27.22 -6.01
N GLY D 289 -50.49 26.02 -6.23
CA GLY D 289 -51.23 25.73 -7.44
C GLY D 289 -50.24 25.56 -8.57
N ALA D 290 -50.72 25.27 -9.77
CA ALA D 290 -49.81 25.02 -10.89
C ALA D 290 -49.93 26.18 -11.86
N SER D 291 -48.79 26.69 -12.32
CA SER D 291 -48.77 27.73 -13.33
C SER D 291 -49.62 28.92 -12.89
N GLY D 292 -50.57 29.29 -13.73
CA GLY D 292 -51.57 30.28 -13.36
C GLY D 292 -52.80 29.76 -12.65
N ASP D 293 -52.86 28.45 -12.38
CA ASP D 293 -54.09 27.84 -11.89
C ASP D 293 -54.39 28.21 -10.43
N PHE D 294 -53.63 29.15 -9.88
CA PHE D 294 -53.96 29.67 -8.56
C PHE D 294 -55.24 30.51 -8.76
N ALA D 295 -55.35 31.07 -9.96
CA ALA D 295 -56.56 31.71 -10.51
C ALA D 295 -57.81 30.83 -10.34
N ARG D 296 -57.58 29.53 -10.45
CA ARG D 296 -58.58 28.46 -10.35
C ARG D 296 -59.20 28.48 -8.95
N SER D 297 -58.42 28.91 -7.98
CA SER D 297 -58.89 29.01 -6.60
C SER D 297 -60.00 30.06 -6.55
N LEU D 298 -59.90 31.19 -7.26
CA LEU D 298 -61.02 32.14 -7.20
C LEU D 298 -62.24 31.40 -7.79
N ASP D 299 -62.02 30.65 -8.86
CA ASP D 299 -63.04 29.78 -9.46
C ASP D 299 -63.49 28.73 -8.45
N TYR D 300 -62.55 28.20 -7.66
CA TYR D 300 -62.89 27.20 -6.64
C TYR D 300 -63.90 27.89 -5.73
N CYS D 301 -63.68 29.16 -5.41
CA CYS D 301 -64.63 29.88 -4.59
C CYS D 301 -65.55 30.68 -5.53
N GLY D 302 -65.67 30.20 -6.77
CA GLY D 302 -66.52 30.87 -7.75
C GLY D 302 -67.98 30.97 -7.37
N ASP D 303 -68.52 29.87 -6.85
CA ASP D 303 -69.90 29.81 -6.37
C ASP D 303 -70.08 30.69 -5.12
N LEU D 304 -68.94 31.16 -4.60
CA LEU D 304 -68.76 32.05 -3.44
C LEU D 304 -68.85 33.47 -4.03
N ALA D 305 -68.13 33.65 -5.13
CA ALA D 305 -68.07 34.89 -5.88
C ALA D 305 -69.52 35.09 -6.30
N LEU D 306 -70.16 33.97 -6.64
CA LEU D 306 -71.54 33.90 -7.08
C LEU D 306 -72.28 34.46 -5.87
N GLU D 307 -72.01 33.90 -4.70
CA GLU D 307 -72.61 34.35 -3.44
C GLU D 307 -72.35 35.81 -3.09
N GLY D 308 -71.25 36.44 -3.51
CA GLY D 308 -71.14 37.85 -3.14
C GLY D 308 -72.36 38.58 -3.67
N VAL D 309 -72.71 38.46 -4.94
CA VAL D 309 -73.92 39.12 -5.41
C VAL D 309 -75.07 38.46 -4.65
N PHE D 310 -75.02 37.13 -4.58
CA PHE D 310 -76.06 36.30 -3.97
C PHE D 310 -76.26 36.32 -2.46
N ALA D 311 -75.19 36.33 -1.66
CA ALA D 311 -75.45 36.36 -0.20
C ALA D 311 -75.60 37.78 0.36
N HIS D 312 -76.10 38.68 -0.47
CA HIS D 312 -76.29 40.10 -0.13
C HIS D 312 -75.06 40.82 0.39
N LYS D 313 -73.92 40.14 0.40
CA LYS D 313 -72.70 40.72 0.92
C LYS D 313 -71.50 40.26 0.12
N PHE D 314 -70.51 41.12 -0.01
CA PHE D 314 -69.26 40.71 -0.62
C PHE D 314 -68.32 40.22 0.45
N ASP D 315 -68.83 40.02 1.68
CA ASP D 315 -67.88 39.56 2.68
C ASP D 315 -68.02 38.08 3.03
N PHE D 316 -66.87 37.40 3.10
CA PHE D 316 -66.79 35.96 3.39
C PHE D 316 -65.80 35.61 4.50
N GLU D 317 -65.89 34.40 5.02
CA GLU D 317 -64.91 33.96 5.99
C GLU D 317 -64.29 32.74 5.33
N PRO D 318 -62.96 32.70 5.24
CA PRO D 318 -62.36 31.57 4.52
C PRO D 318 -62.58 30.27 5.27
N GLU D 319 -62.75 29.20 4.50
CA GLU D 319 -63.19 27.91 5.02
C GLU D 319 -62.18 27.29 5.99
N HIS D 320 -62.69 26.70 7.07
CA HIS D 320 -61.84 26.10 8.10
C HIS D 320 -61.17 24.83 7.60
N GLY D 321 -59.85 24.76 7.78
CA GLY D 321 -59.02 23.74 7.16
C GLY D 321 -58.24 24.20 5.94
N SER D 322 -57.84 23.24 5.11
CA SER D 322 -56.90 23.49 4.02
C SER D 322 -57.41 24.49 2.99
N SER D 323 -58.71 24.75 3.00
CA SER D 323 -59.28 25.70 2.06
C SER D 323 -59.10 27.15 2.53
N MET D 324 -58.29 27.38 3.55
CA MET D 324 -58.26 28.72 4.12
C MET D 324 -57.34 29.48 3.18
N ASN D 325 -56.93 28.77 2.13
CA ASN D 325 -55.86 29.18 1.28
C ASN D 325 -56.60 29.98 0.25
N GLU D 326 -57.92 29.98 0.39
CA GLU D 326 -58.78 30.72 -0.50
C GLU D 326 -58.40 32.17 -0.27
N ASP D 327 -58.08 32.52 0.99
CA ASP D 327 -57.74 33.92 1.25
C ASP D 327 -56.42 34.29 0.56
N VAL D 328 -55.95 33.40 -0.33
CA VAL D 328 -55.01 33.69 -1.41
C VAL D 328 -55.45 34.95 -2.13
N LEU D 329 -56.76 35.11 -2.28
CA LEU D 329 -57.30 36.26 -2.96
C LEU D 329 -57.03 37.54 -2.19
N VAL D 330 -56.89 37.46 -0.87
CA VAL D 330 -56.51 38.65 -0.11
C VAL D 330 -55.08 38.95 -0.51
N THR D 331 -54.28 37.91 -0.65
CA THR D 331 -52.91 38.05 -1.10
C THR D 331 -52.94 38.61 -2.53
N ILE D 332 -53.88 38.12 -3.35
CA ILE D 332 -54.05 38.61 -4.73
C ILE D 332 -54.66 40.01 -4.83
N GLY D 333 -55.55 40.34 -3.90
CA GLY D 333 -56.15 41.65 -3.84
C GLY D 333 -57.55 41.64 -4.43
N LEU D 334 -58.00 40.44 -4.78
CA LEU D 334 -59.35 40.24 -5.29
C LEU D 334 -60.30 40.38 -4.12
N LEU D 335 -59.80 39.89 -2.99
CA LEU D 335 -60.45 39.96 -1.70
C LEU D 335 -59.58 40.61 -0.61
N CYS D 336 -59.09 41.85 -0.76
CA CYS D 336 -58.22 42.32 0.32
C CYS D 336 -59.06 42.54 1.57
N LYS D 337 -58.48 42.21 2.74
CA LYS D 337 -59.12 42.44 4.02
C LYS D 337 -58.63 43.43 5.13
N TYR D 338 -59.61 44.01 5.82
CA TYR D 338 -59.45 45.05 6.84
C TYR D 338 -58.97 44.37 8.14
N THR D 339 -57.86 44.75 8.78
CA THR D 339 -57.59 44.11 10.08
C THR D 339 -58.64 44.56 11.12
N ALA D 340 -59.09 43.60 11.94
CA ALA D 340 -60.14 43.81 12.94
C ALA D 340 -60.35 42.56 13.80
N GLN D 341 -60.91 42.72 15.00
CA GLN D 341 -61.12 41.58 15.89
C GLN D 341 -62.31 40.71 15.45
N ARG D 342 -61.97 39.45 15.17
CA ARG D 342 -62.86 38.39 14.67
C ARG D 342 -63.08 38.66 13.19
N LEU D 343 -61.99 39.09 12.57
CA LEU D 343 -61.92 39.46 11.17
C LEU D 343 -62.24 38.38 10.15
N LYS D 344 -63.06 38.75 9.17
CA LYS D 344 -63.29 37.91 8.02
C LYS D 344 -63.26 38.71 6.72
N PRO D 345 -62.63 38.13 5.67
CA PRO D 345 -62.35 38.59 4.32
C PRO D 345 -63.50 39.36 3.67
N THR D 346 -63.18 40.16 2.67
CA THR D 346 -64.15 40.94 1.87
C THR D 346 -63.44 41.09 0.55
N TYR D 347 -64.15 41.44 -0.52
CA TYR D 347 -63.47 41.76 -1.78
C TYR D 347 -62.92 43.16 -1.97
N LYS D 348 -63.30 44.11 -1.11
CA LYS D 348 -62.92 45.49 -1.36
C LYS D 348 -61.40 45.56 -1.49
N PHE D 349 -60.93 46.22 -2.55
CA PHE D 349 -59.55 46.66 -2.63
C PHE D 349 -59.61 48.16 -2.47
N PHE D 350 -60.80 48.58 -2.04
CA PHE D 350 -61.49 49.81 -2.45
C PHE D 350 -62.73 49.25 -3.18
N HIS D 351 -63.93 49.45 -2.63
CA HIS D 351 -65.19 49.10 -3.32
C HIS D 351 -65.38 47.60 -3.55
N LYS D 352 -65.95 46.89 -2.58
CA LYS D 352 -66.16 45.44 -2.72
C LYS D 352 -67.16 45.05 -3.81
N SER D 353 -68.06 45.98 -4.14
CA SER D 353 -69.03 45.74 -5.19
C SER D 353 -68.37 45.48 -6.54
N PHE D 354 -67.08 45.73 -6.58
CA PHE D 354 -66.29 45.54 -7.78
C PHE D 354 -66.37 44.10 -8.25
N GLN D 355 -66.45 43.18 -7.27
CA GLN D 355 -66.62 41.75 -7.53
C GLN D 355 -67.95 41.28 -8.19
N GLU D 356 -68.84 42.20 -8.48
CA GLU D 356 -70.12 41.83 -9.11
C GLU D 356 -70.03 41.15 -10.49
N TYR D 357 -69.09 41.58 -11.32
CA TYR D 357 -68.89 40.97 -12.62
C TYR D 357 -68.47 39.52 -12.47
N THR D 358 -67.56 39.21 -11.55
CA THR D 358 -67.11 37.83 -11.41
C THR D 358 -68.30 36.94 -11.05
N ALA D 359 -69.22 37.44 -10.24
CA ALA D 359 -70.39 36.63 -9.92
C ALA D 359 -71.21 36.39 -11.17
N GLY D 360 -71.31 37.41 -12.01
CA GLY D 360 -72.02 37.28 -13.27
C GLY D 360 -71.21 36.33 -14.15
N ARG D 361 -69.90 36.49 -14.12
CA ARG D 361 -68.93 35.65 -14.84
C ARG D 361 -68.98 34.17 -14.50
N ARG D 362 -69.15 33.86 -13.21
CA ARG D 362 -69.25 32.49 -12.76
C ARG D 362 -70.48 31.91 -13.44
N LEU D 363 -71.55 32.70 -13.50
CA LEU D 363 -72.80 32.24 -14.09
C LEU D 363 -72.46 31.95 -15.56
N SER D 364 -71.71 32.85 -16.19
CA SER D 364 -71.30 32.66 -17.57
C SER D 364 -70.46 31.40 -17.71
N SER D 365 -69.58 31.17 -16.74
CA SER D 365 -68.72 29.99 -16.75
C SER D 365 -69.63 28.77 -16.71
N LEU D 366 -70.77 28.92 -16.06
CA LEU D 366 -71.77 27.86 -16.00
C LEU D 366 -72.45 27.75 -17.37
N LEU D 367 -72.84 28.89 -17.96
CA LEU D 367 -73.54 28.89 -19.25
C LEU D 367 -72.70 28.38 -20.43
N THR D 368 -71.41 28.71 -20.43
CA THR D 368 -70.49 28.29 -21.50
C THR D 368 -69.84 26.96 -21.18
N SER D 369 -70.39 26.29 -20.18
CA SER D 369 -69.78 25.06 -19.66
C SER D 369 -70.06 23.86 -20.55
N LYS D 370 -69.20 22.86 -20.39
CA LYS D 370 -69.15 21.67 -21.24
C LYS D 370 -70.50 20.94 -21.37
N GLU D 371 -71.41 21.18 -20.45
CA GLU D 371 -72.70 20.49 -20.48
C GLU D 371 -73.89 21.34 -20.03
N PRO D 372 -75.06 21.06 -20.61
CA PRO D 372 -76.37 21.63 -20.28
C PRO D 372 -76.72 21.65 -18.78
N GLU D 373 -76.38 20.62 -18.01
CA GLU D 373 -76.67 20.61 -16.57
C GLU D 373 -75.96 21.71 -15.78
N GLU D 374 -74.71 22.01 -16.11
CA GLU D 374 -74.00 23.10 -15.44
C GLU D 374 -74.69 24.40 -15.82
N VAL D 375 -75.12 24.51 -17.07
CA VAL D 375 -75.82 25.68 -17.55
C VAL D 375 -77.15 25.86 -16.78
N SER D 376 -77.89 24.77 -16.60
CA SER D 376 -79.14 24.77 -15.82
C SER D 376 -78.88 25.07 -14.36
N LYS D 377 -77.69 24.69 -13.90
CA LYS D 377 -77.23 25.04 -12.57
C LYS D 377 -77.09 26.56 -12.53
N GLY D 378 -76.54 27.10 -13.61
CA GLY D 378 -76.43 28.54 -13.79
C GLY D 378 -77.84 29.11 -13.84
N ASN D 379 -78.71 28.39 -14.53
CA ASN D 379 -80.13 28.73 -14.64
C ASN D 379 -80.81 28.68 -13.27
N SER D 380 -80.40 27.74 -12.43
CA SER D 380 -81.02 27.56 -11.11
C SER D 380 -80.70 28.75 -10.21
N TYR D 381 -79.69 29.49 -10.63
CA TYR D 381 -79.26 30.71 -9.97
C TYR D 381 -80.24 31.83 -10.38
N LEU D 382 -81.14 31.51 -11.32
CA LEU D 382 -82.20 32.42 -11.77
C LEU D 382 -83.51 32.05 -11.09
N ASN D 383 -83.42 31.10 -10.16
CA ASN D 383 -84.59 30.62 -9.47
C ASN D 383 -84.46 31.34 -8.14
N LYS D 384 -83.42 32.18 -8.12
CA LYS D 384 -82.96 32.91 -6.96
C LYS D 384 -83.48 34.33 -7.06
N MET D 385 -83.85 34.71 -8.28
CA MET D 385 -84.12 36.11 -8.63
C MET D 385 -85.53 36.36 -9.17
N VAL D 386 -86.15 37.43 -8.67
CA VAL D 386 -87.49 37.84 -9.09
C VAL D 386 -87.59 39.15 -9.90
N SER D 387 -87.76 39.04 -11.22
CA SER D 387 -87.82 40.22 -12.11
C SER D 387 -86.76 41.31 -12.04
N ILE D 388 -87.07 42.48 -12.63
CA ILE D 388 -86.14 43.62 -12.63
C ILE D 388 -86.05 44.01 -11.17
N SER D 389 -87.22 43.95 -10.52
CA SER D 389 -87.47 44.27 -9.11
C SER D 389 -86.21 44.62 -8.37
N ASP D 390 -85.34 43.62 -8.38
CA ASP D 390 -84.09 43.57 -7.64
C ASP D 390 -83.03 44.55 -8.13
N ILE D 391 -83.42 45.53 -8.93
CA ILE D 391 -82.54 46.66 -9.25
C ILE D 391 -82.09 47.38 -7.97
N THR D 392 -82.85 47.17 -6.90
CA THR D 392 -82.56 47.72 -5.59
C THR D 392 -81.41 47.01 -4.88
N SER D 393 -81.04 45.83 -5.39
CA SER D 393 -80.06 45.01 -4.70
C SER D 393 -79.18 44.24 -5.67
N LEU D 394 -78.25 43.48 -5.11
CA LEU D 394 -77.19 42.87 -5.90
C LEU D 394 -77.63 41.98 -7.06
N TYR D 395 -78.84 41.40 -7.07
CA TYR D 395 -79.09 40.59 -8.25
C TYR D 395 -79.77 41.42 -9.37
N GLY D 396 -80.04 42.71 -9.17
CA GLY D 396 -80.77 43.43 -10.21
C GLY D 396 -80.06 43.51 -11.53
N ASN D 397 -78.81 43.97 -11.35
CA ASN D 397 -77.70 44.23 -12.27
C ASN D 397 -76.97 42.96 -12.72
N LEU D 398 -77.16 41.93 -11.91
CA LEU D 398 -76.60 40.60 -12.06
C LEU D 398 -76.89 40.04 -13.44
N LEU D 399 -78.07 40.24 -14.01
CA LEU D 399 -78.30 39.59 -15.31
C LEU D 399 -77.46 40.30 -16.36
N LEU D 400 -77.16 41.56 -16.11
CA LEU D 400 -76.30 42.39 -16.92
C LEU D 400 -74.90 41.76 -16.93
N TYR D 401 -74.48 41.38 -15.74
CA TYR D 401 -73.15 40.83 -15.53
C TYR D 401 -73.13 39.44 -16.13
N THR D 402 -74.26 38.76 -16.11
CA THR D 402 -74.36 37.47 -16.78
C THR D 402 -74.14 37.68 -18.29
N CYS D 403 -74.85 38.65 -18.85
CA CYS D 403 -74.78 38.99 -20.27
C CYS D 403 -73.48 39.60 -20.87
N GLY D 404 -72.78 40.45 -20.13
CA GLY D 404 -71.54 41.05 -20.62
C GLY D 404 -70.56 39.92 -20.81
N SER D 405 -70.80 38.91 -19.98
CA SER D 405 -70.05 37.68 -19.84
C SER D 405 -70.30 36.73 -21.04
N SER D 406 -71.55 36.64 -21.51
CA SER D 406 -71.88 35.66 -22.58
C SER D 406 -72.90 36.18 -23.60
N THR D 407 -72.81 35.62 -24.81
CA THR D 407 -73.67 35.97 -25.97
C THR D 407 -75.10 35.43 -26.16
N GLU D 408 -75.14 34.29 -26.83
CA GLU D 408 -76.33 33.48 -27.17
C GLU D 408 -77.05 32.99 -25.92
N ALA D 409 -76.24 32.72 -24.91
CA ALA D 409 -76.66 32.20 -23.63
C ALA D 409 -77.63 33.16 -22.96
N THR D 410 -77.45 34.47 -23.08
CA THR D 410 -78.46 35.36 -22.49
C THR D 410 -79.87 35.22 -23.07
N ARG D 411 -80.07 34.39 -24.10
CA ARG D 411 -81.44 34.03 -24.52
C ARG D 411 -82.14 33.26 -23.39
N ALA D 412 -81.34 32.47 -22.68
CA ALA D 412 -81.76 31.76 -21.48
C ALA D 412 -82.17 32.77 -20.42
N VAL D 413 -81.45 33.88 -20.40
CA VAL D 413 -81.71 34.99 -19.47
C VAL D 413 -83.05 35.54 -19.93
N MET D 414 -83.24 35.68 -21.24
CA MET D 414 -84.46 36.28 -21.74
C MET D 414 -85.62 35.36 -21.39
N ARG D 415 -85.35 34.06 -21.26
CA ARG D 415 -86.43 33.16 -20.88
C ARG D 415 -86.96 33.50 -19.48
N HIS D 416 -86.09 33.81 -18.53
CA HIS D 416 -86.62 34.18 -17.21
C HIS D 416 -87.31 35.53 -17.26
N LEU D 417 -86.96 36.35 -18.24
CA LEU D 417 -87.63 37.64 -18.37
C LEU D 417 -89.08 37.41 -18.79
N ALA D 418 -89.38 36.19 -19.21
CA ALA D 418 -90.73 35.87 -19.65
C ALA D 418 -91.44 35.17 -18.49
N MET D 419 -90.68 34.91 -17.42
CA MET D 419 -91.13 34.06 -16.32
C MET D 419 -91.44 35.02 -15.18
N VAL D 420 -91.40 36.30 -15.55
CA VAL D 420 -91.69 37.44 -14.69
C VAL D 420 -93.18 37.75 -14.69
N TYR D 421 -93.80 37.64 -13.53
CA TYR D 421 -95.25 37.76 -13.41
C TYR D 421 -95.53 38.73 -12.28
N GLN D 422 -94.44 39.24 -11.71
CA GLN D 422 -94.49 40.04 -10.50
C GLN D 422 -94.62 41.51 -10.88
N HIS D 423 -94.20 41.81 -12.10
CA HIS D 423 -94.26 43.16 -12.66
C HIS D 423 -93.26 44.09 -11.98
N GLY D 424 -92.21 43.49 -11.42
CA GLY D 424 -91.26 44.19 -10.57
C GLY D 424 -91.69 44.30 -9.12
N SER D 425 -91.70 45.53 -8.60
CA SER D 425 -92.30 45.79 -7.31
C SER D 425 -93.02 47.14 -7.29
N LEU D 426 -94.16 47.21 -6.63
CA LEU D 426 -94.99 48.41 -6.64
C LEU D 426 -94.67 49.38 -5.51
N GLN D 427 -93.81 48.98 -4.59
CA GLN D 427 -93.56 49.79 -3.41
C GLN D 427 -92.75 51.04 -3.78
N GLY D 428 -93.19 52.18 -3.25
CA GLY D 428 -92.51 53.45 -3.50
C GLY D 428 -92.77 54.09 -4.84
N LEU D 429 -93.69 53.51 -5.62
CA LEU D 429 -93.98 53.98 -6.97
C LEU D 429 -95.47 54.22 -7.16
N SER D 430 -95.82 55.19 -7.99
CA SER D 430 -97.21 55.58 -8.17
C SER D 430 -97.51 56.21 -9.53
N VAL D 431 -98.55 55.72 -10.19
CA VAL D 431 -99.00 56.19 -11.51
C VAL D 431 -99.25 57.70 -11.52
N THR D 432 -99.17 58.32 -10.36
CA THR D 432 -99.35 59.75 -10.24
C THR D 432 -98.06 60.47 -9.84
N LYS D 433 -96.92 59.91 -10.25
CA LYS D 433 -95.63 60.52 -9.93
C LYS D 433 -95.02 61.05 -11.23
N ARG D 434 -95.35 60.41 -12.34
CA ARG D 434 -94.83 60.82 -13.65
C ARG D 434 -95.37 62.21 -14.07
N PRO D 435 -96.71 62.40 -14.07
CA PRO D 435 -97.20 63.76 -14.39
C PRO D 435 -96.89 64.81 -13.31
N LEU D 436 -96.73 64.38 -12.07
CA LEU D 436 -96.49 65.23 -10.89
C LEU D 436 -97.78 65.90 -10.40
N TRP D 437 -98.90 65.22 -10.55
CA TRP D 437 -100.19 65.83 -10.23
C TRP D 437 -101.01 65.01 -9.23
N ARG D 438 -101.88 65.69 -8.50
CA ARG D 438 -102.88 65.02 -7.67
C ARG D 438 -104.26 65.18 -8.28
N GLN D 439 -104.33 65.28 -9.60
CA GLN D 439 -105.59 65.58 -10.28
C GLN D 439 -105.69 64.95 -11.66
N GLU D 440 -106.94 64.76 -12.08
CA GLU D 440 -107.30 64.03 -13.30
C GLU D 440 -106.47 64.43 -14.52
N SEP D 441 -106.10 63.43 -15.32
CA SEP D 441 -105.30 63.59 -16.53
CB SEP D 441 -104.01 62.78 -16.41
OG SEP D 441 -104.33 61.43 -16.08
C SEP D 441 -106.10 63.12 -17.75
O SEP D 441 -107.30 62.89 -17.65
P SEP D 441 -103.37 60.90 -14.90
O1P SEP D 441 -104.06 59.63 -14.19
O2P SEP D 441 -103.15 62.07 -13.82
O3P SEP D 441 -101.96 60.45 -15.52
N ILE D 442 -105.43 63.00 -18.90
CA ILE D 442 -106.08 62.41 -20.08
C ILE D 442 -106.09 60.91 -19.87
N GLN D 443 -105.06 60.41 -19.21
CA GLN D 443 -104.94 59.00 -18.87
C GLN D 443 -106.05 58.67 -17.88
N SER D 444 -106.42 59.65 -17.06
CA SER D 444 -107.50 59.49 -16.09
C SER D 444 -108.86 59.41 -16.76
N LEU D 445 -109.02 60.13 -17.86
CA LEU D 445 -110.25 60.02 -18.65
C LEU D 445 -110.39 58.60 -19.23
N ARG D 446 -109.27 57.93 -19.42
CA ARG D 446 -109.31 56.58 -19.98
C ARG D 446 -109.79 55.57 -18.92
N ASN D 447 -109.78 55.98 -17.65
CA ASN D 447 -110.15 55.10 -16.53
C ASN D 447 -111.15 55.67 -15.50
N THR D 448 -111.83 54.77 -14.80
CA THR D 448 -112.80 55.10 -13.76
C THR D 448 -112.21 55.43 -12.38
N THR D 449 -110.96 55.04 -12.12
CA THR D 449 -110.26 55.44 -10.89
C THR D 449 -109.09 56.42 -11.06
N GLU D 450 -108.48 56.80 -9.93
CA GLU D 450 -107.38 57.75 -9.93
C GLU D 450 -106.12 57.01 -10.35
N GLN D 451 -106.08 55.71 -10.08
CA GLN D 451 -104.92 54.90 -10.39
C GLN D 451 -105.30 53.64 -11.16
N ASP D 452 -104.28 52.97 -11.71
CA ASP D 452 -104.41 51.64 -12.32
C ASP D 452 -103.06 51.16 -12.85
N VAL D 453 -102.29 52.06 -13.45
CA VAL D 453 -100.98 51.72 -14.02
C VAL D 453 -100.12 51.26 -12.85
N LEU D 454 -100.32 51.91 -11.71
CA LEU D 454 -99.68 51.59 -10.43
C LEU D 454 -99.54 50.09 -10.13
N LYS D 455 -100.58 49.34 -10.50
CA LYS D 455 -100.67 47.90 -10.24
C LYS D 455 -99.52 47.27 -11.01
N ALA D 456 -99.29 47.72 -12.24
CA ALA D 456 -98.29 47.12 -13.10
C ALA D 456 -97.36 48.31 -13.42
N ILE D 457 -97.11 49.15 -12.40
CA ILE D 457 -96.32 50.38 -12.56
C ILE D 457 -94.95 50.20 -13.24
N ASN D 458 -94.28 49.10 -12.94
CA ASN D 458 -92.96 48.89 -13.49
C ASN D 458 -92.97 48.23 -14.84
N VAL D 459 -94.05 48.39 -15.61
CA VAL D 459 -94.08 47.80 -16.94
C VAL D 459 -93.04 48.44 -17.86
N ASN D 460 -92.78 49.73 -17.68
CA ASN D 460 -91.73 50.41 -18.45
C ASN D 460 -90.38 50.43 -17.72
N SER D 461 -90.39 50.05 -16.44
CA SER D 461 -89.20 50.04 -15.59
C SER D 461 -88.36 48.93 -16.20
N PHE D 462 -89.10 47.92 -16.66
CA PHE D 462 -88.63 46.73 -17.32
C PHE D 462 -87.88 47.11 -18.58
N VAL D 463 -88.44 48.06 -19.31
CA VAL D 463 -87.86 48.52 -20.55
C VAL D 463 -86.48 49.17 -20.38
N GLU D 464 -86.27 49.99 -19.36
CA GLU D 464 -84.93 50.56 -19.15
C GLU D 464 -83.85 49.46 -18.93
N CYS D 465 -84.22 48.48 -18.11
CA CYS D 465 -83.39 47.30 -17.87
C CYS D 465 -83.13 46.62 -19.19
N GLY D 466 -84.20 46.48 -19.96
CA GLY D 466 -84.20 45.85 -21.26
C GLY D 466 -83.29 46.48 -22.29
N ILE D 467 -83.27 47.80 -22.38
CA ILE D 467 -82.39 48.44 -23.34
C ILE D 467 -80.95 48.19 -22.92
N ASN D 468 -80.71 48.25 -21.61
CA ASN D 468 -79.37 47.91 -21.13
C ASN D 468 -78.98 46.45 -21.46
N LEU D 469 -79.89 45.51 -21.22
CA LEU D 469 -79.70 44.08 -21.53
C LEU D 469 -79.48 43.77 -23.01
N PHE D 470 -80.20 44.50 -23.85
CA PHE D 470 -80.14 44.40 -25.31
C PHE D 470 -78.74 44.78 -25.70
N SER D 471 -78.31 45.88 -25.11
CA SER D 471 -76.99 46.50 -25.27
C SER D 471 -75.82 45.65 -24.78
N GLU D 472 -76.00 44.99 -23.64
CA GLU D 472 -74.96 44.17 -23.01
C GLU D 472 -74.40 42.90 -23.67
N SER D 473 -75.17 42.20 -24.49
CA SER D 473 -74.60 41.01 -25.11
C SER D 473 -74.52 41.46 -26.55
N MET D 474 -74.89 42.73 -26.73
CA MET D 474 -74.88 43.42 -28.00
C MET D 474 -75.85 42.60 -28.84
N SER D 475 -77.01 42.32 -28.25
CA SER D 475 -77.81 41.16 -28.61
C SER D 475 -78.49 41.17 -29.96
N LYS D 476 -78.17 42.18 -30.79
CA LYS D 476 -78.81 42.45 -32.08
C LYS D 476 -80.21 41.88 -32.31
N SER D 477 -80.51 41.61 -33.58
CA SER D 477 -81.77 41.02 -33.99
C SER D 477 -81.99 39.60 -33.47
N ASP D 478 -80.97 39.02 -32.84
CA ASP D 478 -81.07 37.64 -32.35
C ASP D 478 -82.07 37.46 -31.21
N LEU D 479 -82.06 38.39 -30.27
CA LEU D 479 -82.93 38.37 -29.10
C LEU D 479 -84.27 39.12 -29.28
N SER D 480 -84.59 39.51 -30.53
CA SER D 480 -85.83 40.25 -30.82
C SER D 480 -87.24 39.65 -30.68
N GLN D 481 -87.43 38.36 -30.92
CA GLN D 481 -88.74 37.73 -30.72
C GLN D 481 -89.13 37.80 -29.25
N GLU D 482 -88.08 37.70 -28.45
CA GLU D 482 -88.18 37.78 -27.01
C GLU D 482 -88.49 39.21 -26.69
N PHE D 483 -87.79 40.22 -27.22
CA PHE D 483 -88.09 41.51 -26.65
C PHE D 483 -89.42 41.98 -27.23
N GLU D 484 -89.93 41.38 -28.32
CA GLU D 484 -91.20 41.96 -28.85
C GLU D 484 -92.17 41.49 -27.81
N ALA D 485 -92.00 40.23 -27.38
CA ALA D 485 -92.87 39.66 -26.35
C ALA D 485 -92.69 40.15 -24.91
N PHE D 486 -91.55 40.72 -24.59
CA PHE D 486 -91.20 41.07 -23.21
C PHE D 486 -91.80 42.41 -22.77
N PHE D 487 -91.91 43.36 -23.69
CA PHE D 487 -92.42 44.67 -23.35
C PHE D 487 -93.88 44.82 -23.80
N GLN D 488 -94.47 43.68 -24.16
CA GLN D 488 -95.84 43.61 -24.66
C GLN D 488 -96.88 43.82 -23.55
N GLY D 489 -97.98 44.49 -23.91
CA GLY D 489 -99.06 44.71 -22.97
C GLY D 489 -98.70 45.82 -22.01
N LYS D 490 -97.71 46.62 -22.40
CA LYS D 490 -97.17 47.65 -21.53
C LYS D 490 -97.10 49.03 -22.18
N SER D 491 -97.09 50.05 -21.32
CA SER D 491 -96.99 51.46 -21.73
C SER D 491 -95.85 52.23 -21.03
N LEU D 492 -95.15 53.06 -21.80
CA LEU D 492 -94.08 53.93 -21.30
C LEU D 492 -94.48 55.40 -21.20
N TYR D 493 -94.26 56.02 -20.05
CA TYR D 493 -94.59 57.45 -19.97
C TYR D 493 -93.39 58.30 -19.49
N ILE D 494 -93.04 59.26 -20.35
CA ILE D 494 -92.03 60.32 -20.16
C ILE D 494 -92.52 61.74 -19.84
N ASN D 495 -91.94 62.39 -18.83
CA ASN D 495 -92.05 63.85 -18.71
C ASN D 495 -90.98 64.61 -19.53
N SER D 496 -91.34 65.75 -20.12
CA SER D 496 -90.40 66.59 -20.87
C SER D 496 -89.28 67.16 -20.00
N GLU D 497 -89.61 67.39 -18.73
CA GLU D 497 -88.68 67.92 -17.74
C GLU D 497 -87.61 66.89 -17.42
N ASN D 498 -88.01 65.63 -17.41
CA ASN D 498 -87.10 64.51 -17.16
C ASN D 498 -87.06 63.55 -18.35
N ILE D 499 -86.51 64.04 -19.46
CA ILE D 499 -86.28 63.24 -20.66
C ILE D 499 -84.91 62.59 -20.64
N PRO D 500 -84.87 61.25 -20.53
CA PRO D 500 -83.61 60.53 -20.64
C PRO D 500 -83.00 60.61 -22.03
N ASP D 501 -81.70 60.41 -22.10
CA ASP D 501 -80.92 60.38 -23.34
C ASP D 501 -80.88 58.95 -23.90
N TYR D 502 -81.02 57.98 -23.01
CA TYR D 502 -80.96 56.55 -23.32
C TYR D 502 -82.16 56.01 -24.12
N LEU D 503 -83.27 56.73 -24.26
CA LEU D 503 -84.28 56.13 -25.12
C LEU D 503 -83.89 55.92 -26.58
N PHE D 504 -83.21 56.83 -27.28
CA PHE D 504 -82.80 56.43 -28.63
C PHE D 504 -81.77 55.25 -28.64
N ASP D 505 -81.30 54.78 -27.47
CA ASP D 505 -80.35 53.64 -27.36
C ASP D 505 -80.81 52.25 -27.85
N PHE D 506 -82.07 51.93 -27.56
CA PHE D 506 -82.72 50.66 -27.91
C PHE D 506 -82.76 50.58 -29.42
N PHE D 507 -83.03 51.74 -30.00
CA PHE D 507 -83.17 51.93 -31.43
C PHE D 507 -81.89 51.63 -32.20
N GLU D 508 -80.98 50.88 -31.58
CA GLU D 508 -79.70 50.55 -32.21
C GLU D 508 -79.96 49.61 -33.38
N TYR D 509 -80.57 48.48 -33.07
CA TYR D 509 -80.73 47.41 -34.05
C TYR D 509 -82.22 47.14 -34.15
N LEU D 510 -82.94 47.57 -33.12
CA LEU D 510 -84.33 47.17 -33.17
C LEU D 510 -85.27 48.34 -32.84
N PRO D 511 -85.32 49.41 -33.66
CA PRO D 511 -86.26 50.47 -33.28
C PRO D 511 -87.77 50.13 -33.48
N ASN D 512 -87.99 49.24 -34.42
CA ASN D 512 -89.30 48.75 -34.81
C ASN D 512 -90.03 47.99 -33.72
N CYS D 513 -89.30 47.24 -32.91
CA CYS D 513 -89.95 46.48 -31.86
C CYS D 513 -90.53 47.42 -30.79
N ALA D 514 -90.43 48.71 -31.05
CA ALA D 514 -91.01 49.73 -30.18
C ALA D 514 -92.52 49.49 -30.16
N SER D 515 -93.05 49.02 -31.28
CA SER D 515 -94.48 48.71 -31.40
C SER D 515 -94.92 47.41 -30.75
N ALA D 516 -94.08 46.87 -29.87
CA ALA D 516 -94.57 45.86 -28.95
C ALA D 516 -95.35 46.58 -27.85
N LEU D 517 -94.80 47.70 -27.40
CA LEU D 517 -95.41 48.59 -26.40
C LEU D 517 -96.73 49.15 -26.94
N ASP D 518 -97.66 49.51 -26.06
CA ASP D 518 -98.86 50.20 -26.53
C ASP D 518 -98.71 51.71 -26.75
N PHE D 519 -98.69 52.47 -25.66
CA PHE D 519 -98.45 53.92 -25.69
C PHE D 519 -97.24 54.53 -24.99
N VAL D 520 -96.58 55.46 -25.68
CA VAL D 520 -95.39 56.12 -25.19
C VAL D 520 -96.06 57.43 -24.81
N LYS D 521 -95.94 57.85 -23.55
CA LYS D 521 -96.69 59.01 -23.12
C LYS D 521 -95.75 60.13 -22.71
N LEU D 522 -96.07 61.30 -23.24
CA LEU D 522 -95.32 62.52 -23.06
C LEU D 522 -96.02 63.72 -22.44
N ASP D 523 -95.38 64.33 -21.46
CA ASP D 523 -95.93 65.51 -20.81
C ASP D 523 -95.00 66.63 -21.19
N PHE D 524 -95.58 67.71 -21.71
CA PHE D 524 -94.82 68.83 -22.22
C PHE D 524 -95.23 70.07 -21.44
N TYR D 525 -94.33 70.57 -20.61
CA TYR D 525 -94.53 71.85 -19.92
C TYR D 525 -93.67 73.03 -20.36
N GLU D 526 -93.92 74.16 -19.71
CA GLU D 526 -93.23 75.43 -19.95
C GLU D 526 -93.45 76.03 -21.34
N ARG D 527 -92.88 75.40 -22.36
CA ARG D 527 -93.01 75.92 -23.70
C ARG D 527 -93.29 74.79 -24.68
N ALA D 528 -93.93 75.12 -25.79
CA ALA D 528 -94.23 74.13 -26.81
C ALA D 528 -92.94 73.63 -27.46
N THR D 529 -91.87 74.40 -27.33
CA THR D 529 -90.56 74.06 -27.89
C THR D 529 -90.07 72.70 -27.40
N PRO D 553 -91.51 70.35 -29.32
CA PRO D 553 -90.41 69.57 -28.77
C PRO D 553 -89.54 68.88 -29.82
N PRO D 554 -88.50 69.57 -30.32
CA PRO D 554 -87.63 68.99 -31.35
C PRO D 554 -86.91 67.74 -30.84
N ARG D 555 -86.57 67.74 -29.56
CA ARG D 555 -85.87 66.62 -28.95
C ARG D 555 -86.74 65.37 -28.87
N ALA D 556 -88.05 65.56 -28.64
CA ALA D 556 -89.02 64.48 -28.60
C ALA D 556 -89.27 63.81 -29.95
N VAL D 557 -89.44 64.61 -30.99
CA VAL D 557 -89.78 64.11 -32.31
C VAL D 557 -88.66 63.23 -32.84
N SER D 558 -87.41 63.69 -32.65
CA SER D 558 -86.22 63.02 -33.15
C SER D 558 -86.30 61.50 -32.94
N LEU D 559 -87.00 61.13 -31.87
CA LEU D 559 -87.30 59.76 -31.53
C LEU D 559 -88.27 59.11 -32.52
N PHE D 560 -89.28 59.87 -32.94
CA PHE D 560 -90.32 59.35 -33.83
C PHE D 560 -89.94 59.45 -35.30
N PHE D 561 -88.84 60.15 -35.58
CA PHE D 561 -88.18 60.00 -36.87
C PHE D 561 -87.51 58.64 -37.01
N ASN D 562 -87.16 58.03 -35.89
CA ASN D 562 -86.44 56.76 -35.93
C ASN D 562 -87.36 55.55 -35.93
N TRP D 563 -88.65 55.75 -35.64
CA TRP D 563 -89.57 54.63 -35.57
C TRP D 563 -90.65 54.58 -36.66
N LYS D 564 -91.02 53.35 -37.03
CA LYS D 564 -92.02 53.08 -38.06
C LYS D 564 -93.47 53.40 -37.65
N GLN D 565 -94.21 54.03 -38.56
CA GLN D 565 -95.64 54.25 -38.40
C GLN D 565 -96.41 52.93 -38.46
N GLU D 566 -97.59 52.85 -37.84
CA GLU D 566 -98.10 53.80 -36.85
C GLU D 566 -98.32 53.25 -35.44
N PHE D 567 -97.94 54.04 -34.43
CA PHE D 567 -98.19 53.69 -33.04
C PHE D 567 -99.70 53.56 -32.90
N LYS D 568 -100.19 52.66 -32.06
CA LYS D 568 -101.63 52.57 -31.89
C LYS D 568 -102.18 53.83 -31.22
N THR D 569 -101.94 53.97 -29.92
CA THR D 569 -102.30 55.17 -29.18
C THR D 569 -101.10 55.94 -28.58
N LEU D 570 -101.01 57.23 -28.91
CA LEU D 570 -99.97 58.18 -28.46
C LEU D 570 -100.48 59.31 -27.55
N GLU D 571 -100.09 59.35 -26.28
CA GLU D 571 -100.75 60.37 -25.46
C GLU D 571 -99.84 61.42 -24.81
N VAL D 572 -100.37 62.64 -24.91
CA VAL D 572 -99.82 63.90 -24.40
C VAL D 572 -100.63 64.78 -23.40
N THR D 573 -99.95 65.08 -22.30
CA THR D 573 -100.36 65.87 -21.12
C THR D 573 -99.67 67.26 -21.09
N LEU D 574 -100.41 68.36 -21.08
CA LEU D 574 -99.84 69.69 -21.25
C LEU D 574 -99.95 70.30 -19.86
N ARG D 575 -98.78 70.71 -19.34
CA ARG D 575 -98.66 71.46 -18.07
C ARG D 575 -97.98 72.84 -18.08
N ASP D 576 -98.47 73.72 -17.20
CA ASP D 576 -97.96 75.09 -16.97
C ASP D 576 -97.32 75.72 -18.20
N ILE D 577 -98.11 75.88 -19.25
CA ILE D 577 -97.62 76.53 -20.45
C ILE D 577 -98.15 77.96 -20.47
N ASN D 578 -97.25 78.89 -20.76
CA ASN D 578 -97.59 80.30 -20.88
C ASN D 578 -96.94 80.79 -22.15
N LYS D 579 -96.45 79.81 -22.91
CA LYS D 579 -95.78 80.01 -24.18
C LYS D 579 -96.26 78.94 -25.16
N LEU D 580 -97.43 79.16 -25.74
CA LEU D 580 -97.95 78.20 -26.70
C LEU D 580 -97.48 78.56 -28.10
N ASN D 581 -96.18 78.43 -28.32
CA ASN D 581 -95.63 78.79 -29.62
C ASN D 581 -96.29 77.88 -30.62
N LYS D 582 -97.20 78.48 -31.37
CA LYS D 582 -98.01 77.80 -32.37
C LYS D 582 -97.13 77.14 -33.44
N GLN D 583 -95.86 77.54 -33.44
CA GLN D 583 -94.79 76.94 -34.24
C GLN D 583 -94.33 75.55 -33.74
N ASP D 584 -94.34 75.35 -32.42
CA ASP D 584 -93.78 74.14 -31.82
C ASP D 584 -94.86 73.08 -31.56
N ILE D 585 -96.09 73.48 -31.86
CA ILE D 585 -97.34 72.72 -31.80
C ILE D 585 -97.10 71.61 -32.80
N LYS D 586 -96.52 72.03 -33.92
CA LYS D 586 -96.19 71.23 -35.09
C LYS D 586 -95.23 70.10 -34.71
N TYR D 587 -94.27 70.35 -33.82
CA TYR D 587 -93.31 69.30 -33.44
C TYR D 587 -94.19 68.22 -32.78
N LEU D 588 -95.13 68.69 -31.97
CA LEU D 588 -96.10 67.80 -31.34
C LEU D 588 -96.86 67.11 -32.46
N GLY D 589 -97.08 67.81 -33.57
CA GLY D 589 -97.72 67.24 -34.75
C GLY D 589 -96.92 66.06 -35.28
N LYS D 590 -95.60 66.19 -35.34
CA LYS D 590 -94.72 65.12 -35.81
C LYS D 590 -94.88 63.93 -34.88
N ILE D 591 -94.97 64.22 -33.58
CA ILE D 591 -95.18 63.16 -32.59
C ILE D 591 -96.55 62.52 -32.84
N PHE D 592 -97.53 63.36 -33.12
CA PHE D 592 -98.90 62.92 -33.37
C PHE D 592 -99.10 62.06 -34.61
N SER D 593 -98.28 62.26 -35.65
CA SER D 593 -98.52 61.46 -36.85
C SER D 593 -98.06 60.03 -36.67
N SER D 594 -97.33 59.77 -35.58
CA SER D 594 -96.84 58.42 -35.33
C SER D 594 -97.97 57.49 -34.93
N ALA D 595 -99.05 58.04 -34.39
CA ALA D 595 -100.15 57.25 -33.86
C ALA D 595 -101.48 57.26 -34.59
N THR D 596 -102.15 56.10 -34.57
CA THR D 596 -103.50 56.00 -35.08
C THR D 596 -104.41 56.81 -34.13
N ASN D 597 -104.12 56.74 -32.84
CA ASN D 597 -104.90 57.46 -31.81
C ASN D 597 -104.02 58.39 -30.96
N LEU D 598 -104.48 59.62 -30.81
CA LEU D 598 -103.90 60.65 -29.95
C LEU D 598 -104.70 61.19 -28.77
N ARG D 599 -104.17 61.18 -27.54
CA ARG D 599 -105.03 61.54 -26.42
C ARG D 599 -104.34 62.76 -25.78
N LEU D 600 -105.10 63.85 -25.61
CA LEU D 600 -104.66 65.08 -24.91
C LEU D 600 -105.35 65.71 -23.70
N HIS D 601 -104.59 65.94 -22.62
CA HIS D 601 -105.12 66.63 -21.42
C HIS D 601 -104.43 67.97 -21.25
N ILE D 602 -105.16 69.08 -21.33
CA ILE D 602 -104.53 70.39 -21.35
C ILE D 602 -104.89 71.06 -20.04
N LYS D 603 -103.80 71.22 -19.27
CA LYS D 603 -103.81 71.52 -17.84
C LYS D 603 -102.88 72.65 -17.44
N ARG D 604 -103.45 73.76 -16.99
CA ARG D 604 -102.72 74.96 -16.58
C ARG D 604 -102.03 75.65 -17.75
N CYS D 605 -102.58 75.46 -18.94
CA CYS D 605 -101.98 76.06 -20.12
C CYS D 605 -102.66 77.38 -20.43
N ALA D 606 -102.27 78.42 -19.69
CA ALA D 606 -102.86 79.74 -19.83
C ALA D 606 -102.61 80.35 -21.22
N ALA D 607 -101.65 79.81 -21.95
CA ALA D 607 -101.39 80.23 -23.32
C ALA D 607 -102.28 79.52 -24.34
N MET D 608 -103.04 78.54 -23.85
CA MET D 608 -103.98 77.75 -24.64
C MET D 608 -105.40 78.29 -24.59
N ALA D 609 -105.86 78.91 -25.68
CA ALA D 609 -107.23 79.44 -25.73
C ALA D 609 -107.95 78.83 -26.95
N GLY D 610 -108.25 79.64 -27.96
CA GLY D 610 -108.88 79.11 -29.15
C GLY D 610 -107.82 78.34 -29.92
N ARG D 611 -106.61 78.42 -29.39
CA ARG D 611 -105.41 77.98 -30.04
C ARG D 611 -105.34 76.45 -30.06
N LEU D 612 -106.30 75.82 -29.40
CA LEU D 612 -106.46 74.37 -29.46
C LEU D 612 -106.64 73.96 -30.91
N SER D 613 -107.14 74.89 -31.72
CA SER D 613 -107.25 74.70 -33.17
C SER D 613 -105.94 74.18 -33.78
N SER D 614 -104.82 74.71 -33.30
CA SER D 614 -103.48 74.39 -33.82
C SER D 614 -103.18 72.96 -33.41
N VAL D 615 -103.61 72.64 -32.21
CA VAL D 615 -103.45 71.32 -31.61
C VAL D 615 -104.21 70.32 -32.47
N LEU D 616 -105.37 70.70 -33.00
CA LEU D 616 -106.21 69.74 -33.72
C LEU D 616 -105.84 69.63 -35.19
N ARG D 617 -105.62 70.76 -35.86
CA ARG D 617 -105.32 70.74 -37.30
C ARG D 617 -104.21 69.72 -37.61
N THR D 618 -103.32 69.52 -36.64
CA THR D 618 -102.16 68.65 -36.77
C THR D 618 -102.49 67.21 -36.34
N CYS D 619 -103.61 67.06 -35.65
CA CYS D 619 -104.06 65.74 -35.19
C CYS D 619 -104.64 64.89 -36.31
N LYS D 620 -104.09 63.70 -36.49
CA LYS D 620 -104.68 62.72 -37.38
C LYS D 620 -106.05 62.35 -36.82
N ASN D 621 -106.11 62.24 -35.50
CA ASN D 621 -107.27 61.70 -34.82
C ASN D 621 -107.24 62.03 -33.34
N MET D 622 -108.08 62.98 -32.93
CA MET D 622 -108.21 63.34 -31.52
C MET D 622 -109.02 62.28 -30.81
N HIS D 623 -108.37 61.21 -30.39
CA HIS D 623 -109.07 60.02 -29.92
C HIS D 623 -109.77 60.25 -28.56
N THR D 624 -109.22 61.13 -27.73
CA THR D 624 -109.80 61.45 -26.43
C THR D 624 -109.43 62.86 -25.96
N LEU D 625 -110.42 63.68 -25.57
CA LEU D 625 -110.09 65.01 -25.04
C LEU D 625 -110.64 65.36 -23.63
N MET D 626 -109.73 65.69 -22.73
CA MET D 626 -109.98 66.18 -21.36
C MET D 626 -109.39 67.55 -21.06
N VAL D 627 -110.17 68.50 -20.53
CA VAL D 627 -109.66 69.87 -20.36
C VAL D 627 -109.97 70.41 -18.96
N GLU D 628 -108.90 70.74 -18.22
CA GLU D 628 -109.02 71.30 -16.86
C GLU D 628 -107.94 72.32 -16.50
N ALA D 629 -108.32 73.32 -15.71
CA ALA D 629 -107.43 74.37 -15.23
C ALA D 629 -106.80 75.17 -16.36
N SER D 630 -107.49 75.27 -17.47
CA SER D 630 -106.99 76.00 -18.63
C SER D 630 -108.13 76.82 -19.24
N PRO D 631 -107.79 77.83 -20.08
CA PRO D 631 -108.79 78.68 -20.73
C PRO D 631 -109.74 77.92 -21.65
N LEU D 632 -111.04 78.13 -21.47
CA LEU D 632 -112.06 77.33 -22.14
C LEU D 632 -113.30 78.07 -22.58
N THR D 633 -113.68 78.00 -23.85
CA THR D 633 -114.91 78.69 -24.21
C THR D 633 -115.80 77.54 -24.70
N THR D 634 -117.09 77.81 -24.92
CA THR D 634 -118.02 76.76 -25.36
C THR D 634 -117.81 76.25 -26.78
N ASP D 635 -117.28 77.12 -27.61
CA ASP D 635 -116.96 76.85 -29.01
C ASP D 635 -115.95 75.73 -29.24
N ASP D 636 -115.03 75.53 -28.31
CA ASP D 636 -114.04 74.48 -28.49
C ASP D 636 -114.74 73.10 -28.58
N GLU D 637 -116.05 73.08 -28.32
CA GLU D 637 -116.89 71.87 -28.37
C GLU D 637 -116.83 71.24 -29.76
N GLN D 638 -116.83 72.11 -30.74
CA GLN D 638 -116.76 71.78 -32.15
C GLN D 638 -115.50 70.98 -32.49
N TYR D 639 -114.35 71.30 -31.89
CA TYR D 639 -113.15 70.51 -32.19
C TYR D 639 -113.43 69.08 -31.73
N ILE D 640 -114.14 68.95 -30.63
CA ILE D 640 -114.49 67.65 -30.06
C ILE D 640 -115.32 66.91 -31.12
N THR D 641 -116.24 67.65 -31.74
CA THR D 641 -117.13 67.13 -32.78
C THR D 641 -116.50 66.92 -34.17
N SER D 642 -115.33 67.52 -34.42
CA SER D 642 -114.72 67.33 -35.74
C SER D 642 -114.24 65.88 -35.86
N VAL D 643 -113.84 65.31 -34.73
CA VAL D 643 -113.35 63.94 -34.67
C VAL D 643 -114.40 62.87 -34.36
N THR D 644 -114.71 62.04 -35.35
CA THR D 644 -115.79 61.06 -35.26
C THR D 644 -115.20 59.81 -34.57
N GLY D 645 -113.87 59.81 -34.52
CA GLY D 645 -113.05 58.74 -33.97
C GLY D 645 -113.01 58.69 -32.45
N LEU D 646 -113.73 59.60 -31.80
CA LEU D 646 -113.68 59.76 -30.34
C LEU D 646 -114.27 58.60 -29.55
N GLN D 647 -113.42 58.01 -28.72
CA GLN D 647 -113.82 56.93 -27.81
C GLN D 647 -114.18 57.43 -26.41
N ASN D 648 -113.37 58.33 -25.87
CA ASN D 648 -113.52 58.82 -24.49
C ASN D 648 -113.62 60.35 -24.41
N LEU D 649 -114.69 60.89 -23.81
CA LEU D 649 -114.74 62.34 -23.64
C LEU D 649 -115.19 62.91 -22.28
N SER D 650 -114.29 63.66 -21.63
CA SER D 650 -114.57 64.38 -20.38
C SER D 650 -114.21 65.86 -20.48
N ILE D 651 -114.99 66.71 -19.83
CA ILE D 651 -114.53 68.04 -19.45
C ILE D 651 -115.11 68.37 -18.09
N HIS D 652 -114.24 68.58 -17.09
CA HIS D 652 -114.70 68.71 -15.72
C HIS D 652 -114.56 70.11 -15.15
N ARG D 653 -114.35 71.11 -16.00
CA ARG D 653 -114.28 72.48 -15.52
C ARG D 653 -115.13 73.50 -16.30
N LEU D 654 -116.15 73.06 -17.03
CA LEU D 654 -117.17 73.96 -17.57
C LEU D 654 -117.71 74.90 -16.49
N HIS D 655 -118.46 74.30 -15.56
CA HIS D 655 -119.09 74.95 -14.42
C HIS D 655 -120.27 75.81 -14.92
N THR D 656 -120.47 75.77 -16.24
CA THR D 656 -121.53 76.46 -16.99
C THR D 656 -122.47 75.54 -17.79
N GLN D 657 -123.77 75.79 -17.73
CA GLN D 657 -124.73 74.96 -18.44
C GLN D 657 -124.44 75.02 -19.94
N GLN D 658 -124.64 73.89 -20.61
CA GLN D 658 -124.32 73.75 -22.02
C GLN D 658 -125.50 74.26 -22.82
N LEU D 659 -125.21 75.10 -23.81
CA LEU D 659 -126.22 75.69 -24.68
C LEU D 659 -127.17 74.75 -25.43
N PRO D 660 -128.18 75.33 -26.10
CA PRO D 660 -129.14 74.65 -27.00
C PRO D 660 -128.48 73.87 -28.13
N GLY D 661 -127.48 74.48 -28.78
CA GLY D 661 -126.77 73.84 -29.86
C GLY D 661 -125.51 73.16 -29.38
N GLY D 662 -125.49 72.82 -28.10
CA GLY D 662 -124.30 72.33 -27.43
C GLY D 662 -123.73 71.04 -27.99
N LEU D 663 -122.66 70.56 -27.36
CA LEU D 663 -121.95 69.38 -27.84
C LEU D 663 -122.78 68.13 -27.59
N ILE D 664 -123.69 68.22 -26.63
CA ILE D 664 -124.59 67.13 -26.26
C ILE D 664 -125.39 66.53 -27.42
N ASP D 665 -125.60 67.28 -28.50
CA ASP D 665 -126.37 66.74 -29.64
C ASP D 665 -125.47 66.48 -30.84
N SER D 666 -124.16 66.38 -30.58
CA SER D 666 -123.22 65.96 -31.60
C SER D 666 -122.70 64.58 -31.26
N LEU D 667 -123.37 63.93 -30.30
CA LEU D 667 -123.15 62.52 -30.04
C LEU D 667 -123.52 61.71 -31.29
N GLY D 668 -124.24 62.35 -32.21
CA GLY D 668 -124.76 61.67 -33.38
C GLY D 668 -123.57 61.50 -34.29
N ASN D 669 -122.50 62.20 -33.95
CA ASN D 669 -121.27 62.18 -34.71
C ASN D 669 -120.28 61.33 -33.96
N LEU D 670 -120.32 61.36 -32.63
CA LEU D 670 -119.36 60.51 -32.00
C LEU D 670 -120.14 59.23 -31.76
N LYS D 671 -119.97 58.26 -32.66
CA LYS D 671 -120.69 56.99 -32.55
C LYS D 671 -119.81 56.00 -31.87
N ASN D 672 -118.53 56.36 -31.82
CA ASN D 672 -117.53 55.46 -31.32
C ASN D 672 -117.21 55.69 -29.87
N LEU D 673 -117.94 56.61 -29.25
CA LEU D 673 -117.61 56.98 -27.89
C LEU D 673 -118.01 55.76 -27.10
N GLU D 674 -117.07 55.07 -26.48
CA GLU D 674 -117.49 53.94 -25.66
C GLU D 674 -117.54 54.39 -24.21
N ARG D 675 -116.93 55.54 -23.94
CA ARG D 675 -116.89 56.10 -22.59
C ARG D 675 -117.03 57.61 -22.49
N LEU D 676 -117.99 58.01 -21.65
CA LEU D 676 -118.26 59.41 -21.36
C LEU D 676 -118.31 59.61 -19.86
N ILE D 677 -117.54 60.57 -19.37
CA ILE D 677 -117.53 60.94 -17.96
C ILE D 677 -117.65 62.45 -17.87
N LEU D 678 -118.74 62.90 -17.28
CA LEU D 678 -118.99 64.32 -17.09
C LEU D 678 -119.04 64.55 -15.60
N ASP D 679 -118.11 65.35 -15.10
CA ASP D 679 -118.02 65.56 -13.65
C ASP D 679 -118.06 67.02 -13.28
N ASP D 680 -118.98 67.26 -12.37
CA ASP D 680 -119.32 68.53 -11.74
C ASP D 680 -119.71 69.52 -12.82
N ILE D 681 -120.55 69.07 -13.76
CA ILE D 681 -121.04 69.98 -14.77
C ILE D 681 -122.38 70.65 -14.45
N ARG D 682 -122.42 71.95 -14.60
CA ARG D 682 -123.63 72.74 -14.49
C ARG D 682 -124.45 72.59 -15.75
N MET D 683 -125.72 72.16 -15.71
CA MET D 683 -126.44 71.93 -16.96
C MET D 683 -127.94 72.20 -16.86
N ASN D 684 -128.53 72.33 -18.04
CA ASN D 684 -129.96 72.46 -18.18
C ASN D 684 -130.62 71.12 -18.43
N GLU D 685 -131.68 70.89 -17.67
CA GLU D 685 -132.43 69.64 -17.69
C GLU D 685 -132.92 69.36 -19.11
N GLU D 686 -133.41 70.40 -19.78
CA GLU D 686 -133.91 70.27 -21.14
C GLU D 686 -132.73 69.89 -22.05
N ASP D 687 -131.57 70.48 -21.76
CA ASP D 687 -130.30 70.18 -22.44
C ASP D 687 -129.94 68.71 -22.20
N ALA D 688 -130.22 68.23 -20.99
CA ALA D 688 -130.00 66.83 -20.62
C ALA D 688 -130.88 65.97 -21.51
N LYS D 689 -132.12 66.40 -21.76
CA LYS D 689 -133.03 65.70 -22.67
C LYS D 689 -132.42 65.67 -24.09
N ASN D 690 -131.83 66.79 -24.50
CA ASN D 690 -131.16 66.87 -25.80
C ASN D 690 -129.99 65.87 -25.83
N LEU D 691 -129.32 65.73 -24.69
CA LEU D 691 -128.21 64.80 -24.43
C LEU D 691 -128.75 63.37 -24.63
N ALA D 692 -129.99 63.21 -24.17
CA ALA D 692 -130.79 61.98 -24.26
C ALA D 692 -130.96 61.60 -25.73
N GLU D 693 -131.26 62.59 -26.57
CA GLU D 693 -131.44 62.39 -28.02
C GLU D 693 -130.16 61.77 -28.62
N GLY D 694 -129.03 62.14 -28.04
CA GLY D 694 -127.69 61.69 -28.40
C GLY D 694 -127.44 60.21 -28.15
N LEU D 695 -127.97 59.66 -27.06
CA LEU D 695 -127.74 58.26 -26.69
C LEU D 695 -128.20 57.19 -27.70
N ARG D 696 -129.12 57.50 -28.60
CA ARG D 696 -129.49 56.49 -29.60
C ARG D 696 -128.26 56.13 -30.43
N SER D 697 -127.36 57.09 -30.61
CA SER D 697 -126.21 56.87 -31.47
C SER D 697 -125.12 56.29 -30.58
N LEU D 698 -125.38 56.31 -29.27
CA LEU D 698 -124.44 55.81 -28.28
C LEU D 698 -124.70 54.37 -27.85
N LYS D 699 -124.88 53.50 -28.83
CA LYS D 699 -125.24 52.10 -28.60
C LYS D 699 -123.95 51.33 -28.63
N LYS D 700 -122.90 52.03 -29.03
CA LYS D 700 -121.59 51.43 -29.21
C LYS D 700 -120.78 51.73 -27.96
N MET D 701 -121.42 52.47 -27.06
CA MET D 701 -120.84 52.94 -25.81
C MET D 701 -120.87 51.87 -24.72
N ARG D 702 -119.74 51.70 -24.01
CA ARG D 702 -119.68 50.72 -22.93
C ARG D 702 -119.88 51.36 -21.55
N LEU D 703 -119.80 52.69 -21.52
CA LEU D 703 -119.78 53.44 -20.27
C LEU D 703 -120.43 54.80 -20.34
N LEU D 704 -121.34 55.08 -19.41
CA LEU D 704 -121.89 56.42 -19.31
C LEU D 704 -121.95 56.74 -17.83
N HIS D 705 -121.25 57.81 -17.45
CA HIS D 705 -121.31 58.36 -16.10
C HIS D 705 -121.69 59.83 -16.09
N LEU D 706 -122.80 60.17 -15.46
CA LEU D 706 -123.07 61.58 -15.24
C LEU D 706 -123.19 61.87 -13.74
N THR D 707 -122.21 62.59 -13.20
CA THR D 707 -122.05 62.76 -11.76
C THR D 707 -121.84 64.23 -11.40
N HIS D 708 -122.34 64.62 -10.22
CA HIS D 708 -122.13 65.96 -9.67
C HIS D 708 -122.71 67.01 -10.61
N LEU D 709 -123.79 66.62 -11.28
CA LEU D 709 -124.55 67.50 -12.17
C LEU D 709 -125.58 68.27 -11.36
N SER D 710 -125.47 69.59 -11.38
CA SER D 710 -126.35 70.46 -10.61
C SER D 710 -127.27 71.12 -11.59
N ASP D 711 -128.50 71.50 -11.16
CA ASP D 711 -129.36 72.21 -12.11
C ASP D 711 -129.85 71.22 -13.15
N ILE D 712 -129.62 69.94 -12.89
CA ILE D 712 -130.01 68.90 -13.81
C ILE D 712 -131.49 68.58 -13.66
N GLY D 713 -132.08 68.85 -12.50
CA GLY D 713 -133.49 68.53 -12.30
C GLY D 713 -133.94 67.20 -12.83
N GLU D 714 -135.11 67.20 -13.49
CA GLU D 714 -135.63 65.98 -14.07
C GLU D 714 -134.98 65.65 -15.41
N GLY D 715 -133.91 66.38 -15.75
CA GLY D 715 -133.29 66.19 -17.04
C GLY D 715 -132.69 64.80 -17.01
N MET D 716 -132.30 64.39 -15.81
CA MET D 716 -131.69 63.09 -15.62
C MET D 716 -132.70 61.97 -15.82
N ASP D 717 -133.94 62.28 -15.45
CA ASP D 717 -135.11 61.43 -15.67
C ASP D 717 -135.26 61.13 -17.14
N TYR D 718 -135.04 62.20 -17.90
CA TYR D 718 -135.11 62.26 -19.36
C TYR D 718 -133.99 61.43 -19.96
N ILE D 719 -132.80 61.54 -19.40
CA ILE D 719 -131.62 60.84 -19.92
C ILE D 719 -131.98 59.37 -19.73
N VAL D 720 -132.48 59.04 -18.54
CA VAL D 720 -132.91 57.68 -18.23
C VAL D 720 -133.99 57.24 -19.22
N LYS D 721 -134.90 58.15 -19.57
CA LYS D 721 -135.94 57.86 -20.56
C LYS D 721 -135.26 57.42 -21.85
N SER D 722 -134.23 58.14 -22.28
CA SER D 722 -133.46 57.85 -23.49
C SER D 722 -132.81 56.47 -23.40
N LEU D 723 -132.47 56.11 -22.17
CA LEU D 723 -131.87 54.82 -21.83
C LEU D 723 -132.93 53.77 -22.08
N SER D 724 -134.16 53.98 -21.63
CA SER D 724 -135.11 52.89 -21.62
C SER D 724 -135.96 52.94 -22.88
N GLU D 725 -135.69 53.96 -23.68
CA GLU D 725 -136.35 54.21 -24.95
C GLU D 725 -136.07 53.03 -25.87
N GLU D 726 -134.81 52.60 -25.83
CA GLU D 726 -134.22 51.64 -26.74
C GLU D 726 -133.11 50.85 -26.05
N SER D 727 -132.81 49.65 -26.56
CA SER D 727 -131.70 48.86 -26.06
C SER D 727 -130.36 49.57 -26.23
N CYS D 728 -129.37 49.18 -25.43
CA CYS D 728 -128.02 49.70 -25.56
C CYS D 728 -127.01 48.58 -25.33
N ASP D 729 -125.77 48.79 -25.76
CA ASP D 729 -124.71 47.81 -25.50
C ASP D 729 -123.92 48.22 -24.26
N LEU D 730 -124.42 49.24 -23.56
CA LEU D 730 -123.74 49.79 -22.39
C LEU D 730 -123.41 48.73 -21.36
N GLN D 731 -122.21 48.85 -20.80
CA GLN D 731 -121.75 47.93 -19.78
C GLN D 731 -121.74 48.63 -18.42
N GLU D 732 -121.76 49.97 -18.46
CA GLU D 732 -121.67 50.81 -17.26
C GLU D 732 -122.55 52.07 -17.34
N MET D 733 -123.42 52.27 -16.34
CA MET D 733 -124.24 53.48 -16.17
C MET D 733 -124.16 53.98 -14.71
N LYS D 734 -123.59 55.17 -14.52
CA LYS D 734 -123.51 55.90 -13.23
C LYS D 734 -124.41 57.13 -13.13
N LEU D 735 -125.42 57.02 -12.27
CA LEU D 735 -126.35 58.12 -11.95
C LEU D 735 -126.20 58.80 -10.57
N VAL D 736 -124.99 58.78 -10.02
CA VAL D 736 -124.66 59.30 -8.67
C VAL D 736 -124.51 60.84 -8.56
N ALA D 737 -125.12 61.45 -7.55
CA ALA D 737 -124.93 62.88 -7.23
C ALA D 737 -125.49 63.76 -8.34
N CYS D 738 -126.61 63.30 -8.86
CA CYS D 738 -127.51 64.00 -9.74
C CYS D 738 -128.89 63.86 -9.13
N CYS D 739 -129.89 64.60 -9.60
CA CYS D 739 -131.18 64.51 -8.93
C CYS D 739 -132.03 63.38 -9.51
N LEU D 740 -132.08 62.33 -8.69
CA LEU D 740 -132.78 61.08 -8.98
C LEU D 740 -134.14 60.89 -8.32
N THR D 741 -135.10 60.35 -9.07
CA THR D 741 -136.44 60.12 -8.57
C THR D 741 -136.72 58.61 -8.51
N ALA D 742 -137.65 58.17 -7.67
CA ALA D 742 -138.00 56.74 -7.59
C ALA D 742 -138.61 56.32 -8.93
N ASN D 743 -139.21 57.31 -9.57
CA ASN D 743 -139.80 57.20 -10.91
C ASN D 743 -138.76 56.90 -11.98
N SER D 744 -137.60 57.55 -11.89
CA SER D 744 -136.52 57.35 -12.84
C SER D 744 -136.00 55.92 -12.71
N VAL D 745 -136.01 55.40 -11.49
CA VAL D 745 -135.61 54.02 -11.23
C VAL D 745 -136.66 53.09 -11.83
N LYS D 746 -137.92 53.50 -11.76
CA LYS D 746 -139.03 52.75 -12.36
C LYS D 746 -138.84 52.68 -13.88
N VAL D 747 -138.49 53.82 -14.47
CA VAL D 747 -138.20 53.94 -15.89
C VAL D 747 -137.03 53.00 -16.25
N LEU D 748 -136.01 52.98 -15.39
CA LEU D 748 -134.82 52.13 -15.54
C LEU D 748 -135.24 50.67 -15.57
N ALA D 749 -136.21 50.39 -14.72
CA ALA D 749 -136.84 49.09 -14.52
C ALA D 749 -137.56 48.61 -15.77
N GLN D 750 -138.31 49.50 -16.42
CA GLN D 750 -139.13 49.08 -17.56
C GLN D 750 -138.30 48.50 -18.72
N ASN D 751 -137.16 49.10 -19.04
CA ASN D 751 -136.30 48.63 -20.14
C ASN D 751 -135.13 47.78 -19.67
N LEU D 752 -135.08 47.49 -18.37
CA LEU D 752 -133.92 46.80 -17.81
C LEU D 752 -133.56 45.48 -18.49
N HIS D 753 -134.51 44.78 -19.11
CA HIS D 753 -134.07 43.55 -19.73
C HIS D 753 -133.15 43.86 -20.92
N ASN D 754 -133.26 45.05 -21.50
CA ASN D 754 -132.37 45.50 -22.56
C ASN D 754 -131.05 46.02 -21.96
N LEU D 755 -131.16 46.43 -20.69
CA LEU D 755 -130.04 46.97 -19.93
C LEU D 755 -129.29 45.85 -19.25
N ILE D 756 -129.62 44.63 -19.65
CA ILE D 756 -128.95 43.42 -19.16
C ILE D 756 -127.50 43.43 -19.59
N LYS D 757 -127.22 44.20 -20.63
CA LYS D 757 -125.91 44.34 -21.23
C LYS D 757 -124.95 44.94 -20.20
N LEU D 758 -125.52 45.72 -19.28
CA LEU D 758 -124.77 46.39 -18.22
C LEU D 758 -124.19 45.44 -17.19
N SER D 759 -122.91 45.63 -16.90
CA SER D 759 -122.33 45.08 -15.70
C SER D 759 -122.55 46.14 -14.63
N ILE D 760 -122.79 47.37 -15.08
CA ILE D 760 -123.01 48.49 -14.15
C ILE D 760 -124.13 49.48 -14.48
N LEU D 761 -125.07 49.55 -13.54
CA LEU D 761 -126.19 50.47 -13.50
C LEU D 761 -125.88 51.00 -12.11
N ASP D 762 -125.47 52.25 -12.00
CA ASP D 762 -125.23 52.85 -10.68
C ASP D 762 -126.07 54.03 -10.22
N ILE D 763 -127.02 53.74 -9.34
CA ILE D 763 -127.78 54.77 -8.66
C ILE D 763 -127.36 55.02 -7.21
N SER D 764 -126.28 54.38 -6.73
CA SER D 764 -126.02 54.40 -5.27
C SER D 764 -125.64 55.80 -4.77
N GLU D 765 -125.64 55.99 -3.45
CA GLU D 765 -125.35 57.30 -2.84
C GLU D 765 -126.43 58.27 -3.25
N ASN D 766 -127.61 57.74 -3.49
CA ASN D 766 -128.76 58.54 -3.88
C ASN D 766 -130.01 58.39 -3.08
N TYR D 767 -130.59 59.54 -2.84
CA TYR D 767 -131.86 59.71 -2.17
C TYR D 767 -132.78 59.87 -3.35
N LEU D 768 -133.87 59.11 -3.30
CA LEU D 768 -134.89 59.17 -4.31
C LEU D 768 -135.87 60.06 -3.60
N GLU D 769 -136.87 60.60 -4.28
CA GLU D 769 -137.61 61.63 -3.62
C GLU D 769 -138.45 60.99 -2.51
N LYS D 770 -139.49 60.26 -2.90
CA LYS D 770 -140.43 59.58 -2.01
C LYS D 770 -140.37 58.06 -2.06
N ASP D 771 -140.67 57.36 -0.97
CA ASP D 771 -140.57 55.90 -1.02
C ASP D 771 -139.34 55.23 -1.64
N GLY D 772 -138.17 55.82 -1.42
CA GLY D 772 -136.92 55.44 -2.02
C GLY D 772 -136.62 53.98 -1.67
N ASN D 773 -136.79 53.58 -0.42
CA ASN D 773 -136.52 52.21 -0.04
C ASN D 773 -137.49 51.25 -0.75
N GLU D 774 -138.71 51.69 -1.03
CA GLU D 774 -139.70 50.88 -1.78
C GLU D 774 -139.25 50.52 -3.22
N ALA D 775 -138.11 51.07 -3.63
CA ALA D 775 -137.47 50.89 -4.95
C ALA D 775 -137.09 49.42 -5.06
N LEU D 776 -136.70 48.89 -3.93
CA LEU D 776 -136.25 47.52 -3.74
C LEU D 776 -137.34 46.53 -4.13
N GLN D 777 -138.62 46.82 -3.89
CA GLN D 777 -139.61 45.83 -4.34
C GLN D 777 -139.57 45.69 -5.87
N GLU D 778 -139.34 46.79 -6.57
CA GLU D 778 -139.18 46.79 -8.03
C GLU D 778 -137.99 45.92 -8.42
N LEU D 779 -136.96 46.00 -7.61
CA LEU D 779 -135.73 45.23 -7.79
C LEU D 779 -136.01 43.75 -7.61
N ILE D 780 -136.83 43.34 -6.64
CA ILE D 780 -137.01 41.92 -6.47
C ILE D 780 -137.56 41.37 -7.81
N GLY D 781 -138.42 42.14 -8.47
CA GLY D 781 -138.96 41.71 -9.75
C GLY D 781 -137.91 41.61 -10.84
N ARG D 782 -136.88 42.42 -10.72
CA ARG D 782 -135.80 42.55 -11.69
C ARG D 782 -134.51 41.74 -11.46
N LEU D 783 -134.47 40.89 -10.43
CA LEU D 783 -133.26 40.11 -10.15
C LEU D 783 -132.79 39.14 -11.23
N GLY D 784 -133.69 38.70 -12.09
CA GLY D 784 -133.32 37.79 -13.17
C GLY D 784 -132.32 38.44 -14.10
N VAL D 785 -132.40 39.77 -14.20
CA VAL D 785 -131.47 40.54 -15.00
C VAL D 785 -130.51 41.34 -14.12
N LEU D 786 -130.86 41.53 -12.84
CA LEU D 786 -129.95 42.18 -11.90
C LEU D 786 -128.78 41.28 -11.52
N GLY D 787 -128.92 39.99 -11.75
CA GLY D 787 -127.82 39.07 -11.57
C GLY D 787 -126.67 39.36 -12.53
N GLU D 788 -126.98 39.98 -13.66
CA GLU D 788 -125.99 40.29 -14.69
C GLU D 788 -125.10 41.49 -14.38
N LEU D 789 -125.48 42.28 -13.37
CA LEU D 789 -124.61 43.34 -12.87
C LEU D 789 -123.45 42.69 -12.13
N THR D 790 -122.28 43.30 -12.20
CA THR D 790 -121.12 42.74 -11.55
C THR D 790 -121.06 43.17 -10.09
N THR D 791 -121.95 44.10 -9.70
CA THR D 791 -121.90 44.65 -8.35
C THR D 791 -123.27 45.11 -7.83
N LEU D 792 -123.34 45.31 -6.52
CA LEU D 792 -124.55 45.77 -5.84
C LEU D 792 -124.68 47.29 -5.64
N MET D 793 -125.71 47.89 -6.23
CA MET D 793 -125.94 49.32 -5.98
C MET D 793 -127.34 49.49 -5.43
N LEU D 794 -127.46 50.03 -4.23
CA LEU D 794 -128.76 50.00 -3.60
C LEU D 794 -129.37 51.41 -3.61
N PRO D 795 -130.71 51.51 -3.65
CA PRO D 795 -131.25 52.86 -3.52
C PRO D 795 -131.40 53.17 -2.03
N TRP D 796 -131.20 54.41 -1.56
CA TRP D 796 -131.33 54.61 -0.12
C TRP D 796 -132.24 55.80 0.09
N CYS D 797 -132.76 55.91 1.30
CA CYS D 797 -133.61 57.05 1.62
C CYS D 797 -133.65 57.13 3.13
N TRP D 798 -134.46 58.01 3.67
CA TRP D 798 -134.65 58.06 5.11
C TRP D 798 -135.45 56.82 5.54
N ASP D 799 -134.91 56.09 6.51
CA ASP D 799 -135.54 54.89 7.07
C ASP D 799 -135.50 53.71 6.09
N VAL D 800 -134.54 53.76 5.18
CA VAL D 800 -134.30 52.79 4.12
C VAL D 800 -134.13 51.35 4.66
N HIS D 801 -133.53 51.25 5.84
CA HIS D 801 -133.18 49.97 6.47
C HIS D 801 -134.38 49.06 6.76
N THR D 802 -135.55 49.68 6.91
CA THR D 802 -136.83 49.00 7.14
C THR D 802 -137.20 48.16 5.91
N SER D 803 -136.49 48.41 4.82
CA SER D 803 -136.62 47.75 3.53
C SER D 803 -135.73 46.49 3.40
N LEU D 804 -134.99 46.16 4.45
CA LEU D 804 -134.06 45.02 4.44
C LEU D 804 -134.69 43.62 4.21
N PRO D 805 -135.83 43.29 4.85
CA PRO D 805 -136.44 41.98 4.53
C PRO D 805 -136.73 41.88 3.03
N LYS D 806 -137.12 43.01 2.43
CA LYS D 806 -137.49 43.11 1.03
C LYS D 806 -136.23 42.78 0.24
N LEU D 807 -135.12 43.27 0.78
CA LEU D 807 -133.76 43.14 0.28
C LEU D 807 -133.29 41.67 0.38
N LEU D 808 -133.76 40.93 1.39
CA LEU D 808 -133.30 39.55 1.60
C LEU D 808 -133.61 38.58 0.45
N LYS D 809 -134.72 38.74 -0.25
CA LYS D 809 -134.99 37.89 -1.42
C LYS D 809 -133.89 38.18 -2.46
N GLN D 810 -133.50 39.45 -2.50
CA GLN D 810 -132.45 39.98 -3.38
C GLN D 810 -131.05 39.45 -3.04
N LEU D 811 -130.80 39.10 -1.78
CA LEU D 811 -129.47 38.67 -1.38
C LEU D 811 -129.12 37.21 -1.70
N GLU D 812 -130.09 36.43 -2.18
CA GLU D 812 -129.72 35.15 -2.80
C GLU D 812 -128.95 35.46 -4.08
N GLY D 813 -129.02 36.72 -4.48
CA GLY D 813 -128.30 37.24 -5.63
C GLY D 813 -126.91 37.74 -5.28
N THR D 814 -126.47 37.54 -4.04
CA THR D 814 -125.12 37.95 -3.65
C THR D 814 -123.97 37.35 -4.49
N PRO D 815 -124.19 36.25 -5.23
CA PRO D 815 -122.97 35.81 -5.92
C PRO D 815 -122.39 36.59 -7.13
N GLY D 816 -123.09 37.41 -7.91
CA GLY D 816 -122.35 37.96 -9.05
C GLY D 816 -121.89 39.36 -8.70
N LEU D 817 -121.92 39.59 -7.39
CA LEU D 817 -121.55 40.78 -6.65
C LEU D 817 -120.05 41.09 -6.58
N ALA D 818 -119.57 42.22 -7.06
CA ALA D 818 -118.12 42.42 -6.98
C ALA D 818 -117.93 42.94 -5.56
N LYS D 819 -118.79 43.85 -5.14
CA LYS D 819 -118.71 44.48 -3.82
C LYS D 819 -120.08 44.26 -3.14
N LEU D 820 -120.12 44.34 -1.81
CA LEU D 820 -121.40 44.26 -1.10
C LEU D 820 -121.55 45.43 -0.17
N GLY D 821 -122.71 46.09 -0.21
CA GLY D 821 -123.04 47.01 0.85
C GLY D 821 -124.48 47.24 1.23
N LEU D 822 -124.65 47.81 2.41
CA LEU D 822 -125.88 48.45 2.79
C LEU D 822 -125.55 49.92 2.91
N LYS D 823 -124.93 50.46 1.85
CA LYS D 823 -124.44 51.85 1.88
C LYS D 823 -125.53 52.92 1.97
N ASN D 824 -125.21 53.94 2.75
CA ASN D 824 -126.10 54.99 3.23
C ASN D 824 -127.44 54.46 3.71
N TRP D 825 -127.47 53.20 4.10
CA TRP D 825 -128.61 52.62 4.79
C TRP D 825 -128.59 53.03 6.23
N ARG D 826 -129.63 53.67 6.75
CA ARG D 826 -129.54 54.17 8.11
C ARG D 826 -130.05 52.99 8.97
N LEU D 827 -129.20 51.96 9.07
CA LEU D 827 -129.44 50.70 9.80
C LEU D 827 -129.36 50.58 11.32
N ARG D 828 -130.22 49.69 11.86
CA ARG D 828 -130.27 49.42 13.30
C ARG D 828 -128.89 49.00 13.74
N ASP D 829 -128.49 49.38 14.93
CA ASP D 829 -127.14 49.04 15.37
C ASP D 829 -126.95 47.51 15.44
N GLU D 830 -128.01 46.80 15.83
CA GLU D 830 -128.03 45.33 15.89
C GLU D 830 -127.93 44.61 14.54
N GLU D 831 -128.67 45.16 13.59
CA GLU D 831 -128.74 44.72 12.19
C GLU D 831 -127.48 44.23 11.48
N ILE D 832 -126.34 44.82 11.78
CA ILE D 832 -125.13 44.44 11.11
C ILE D 832 -124.79 42.98 11.46
N LYS D 833 -125.01 42.54 12.69
CA LYS D 833 -124.79 41.12 12.97
C LYS D 833 -125.94 40.30 12.34
N SER D 834 -127.14 40.87 12.33
CA SER D 834 -128.34 40.24 11.74
C SER D 834 -128.14 39.85 10.27
N LEU D 835 -127.61 40.78 9.49
CA LEU D 835 -127.33 40.58 8.08
C LEU D 835 -126.24 39.51 8.00
N GLY D 836 -125.40 39.55 9.03
CA GLY D 836 -124.30 38.64 9.26
C GLY D 836 -124.89 37.25 9.42
N GLU D 837 -125.99 37.13 10.15
CA GLU D 837 -126.58 35.81 10.29
C GLU D 837 -127.00 35.24 8.94
N PHE D 838 -127.60 36.05 8.07
CA PHE D 838 -127.94 35.58 6.70
C PHE D 838 -126.63 35.14 6.05
N LEU D 839 -125.59 35.92 6.32
CA LEU D 839 -124.24 35.82 5.77
C LEU D 839 -123.63 34.53 6.29
N GLU D 840 -124.05 34.08 7.46
CA GLU D 840 -123.55 32.82 8.01
C GLU D 840 -124.21 31.79 7.11
N MET D 841 -125.51 31.93 6.89
CA MET D 841 -126.29 31.01 6.06
C MET D 841 -125.93 31.14 4.56
N ASN D 842 -124.93 31.95 4.23
CA ASN D 842 -124.56 32.24 2.84
C ASN D 842 -123.19 31.78 2.32
N PRO D 843 -123.19 30.78 1.43
CA PRO D 843 -121.99 30.00 1.07
C PRO D 843 -121.02 30.83 0.21
N LEU D 844 -121.46 31.98 -0.27
CA LEU D 844 -120.61 32.91 -1.03
C LEU D 844 -119.35 33.29 -0.25
N ARG D 845 -118.26 33.51 -0.99
CA ARG D 845 -116.95 33.77 -0.39
C ARG D 845 -116.11 34.72 -1.24
N ASP D 846 -114.99 35.17 -0.68
CA ASP D 846 -114.03 36.02 -1.42
C ASP D 846 -114.27 37.48 -1.78
N LEU D 847 -115.35 38.13 -1.35
CA LEU D 847 -115.69 39.40 -2.01
C LEU D 847 -114.58 40.43 -1.77
N GLN D 848 -114.52 41.44 -2.62
CA GLN D 848 -113.40 42.39 -2.58
C GLN D 848 -113.53 43.58 -1.64
N GLN D 849 -114.73 44.12 -1.53
CA GLN D 849 -114.97 45.25 -0.64
C GLN D 849 -116.37 45.31 -0.09
N LEU D 850 -116.48 45.75 1.15
CA LEU D 850 -117.77 45.75 1.79
C LEU D 850 -117.74 47.23 2.00
N ASP D 851 -118.72 47.84 1.39
CA ASP D 851 -118.90 49.26 1.44
C ASP D 851 -120.17 49.44 2.22
N LEU D 852 -120.01 49.88 3.44
CA LEU D 852 -121.16 50.33 4.17
C LEU D 852 -120.97 51.79 4.45
N ALA D 853 -121.69 52.61 3.68
CA ALA D 853 -121.56 54.04 3.85
C ALA D 853 -122.24 54.20 5.19
N GLY D 854 -121.91 55.27 5.89
CA GLY D 854 -122.40 55.44 7.24
C GLY D 854 -123.83 55.12 7.60
N HIS D 855 -123.97 54.03 8.36
CA HIS D 855 -125.26 53.60 8.83
C HIS D 855 -125.28 54.15 10.25
N CYS D 856 -126.43 54.11 10.92
CA CYS D 856 -126.48 54.34 12.36
C CYS D 856 -125.82 53.33 13.29
N VAL D 857 -125.02 52.39 12.77
CA VAL D 857 -124.41 51.45 13.70
C VAL D 857 -123.15 51.90 14.45
N SER D 858 -123.27 51.77 15.76
CA SER D 858 -122.30 52.03 16.81
C SER D 858 -121.20 50.97 16.92
N SER D 859 -120.12 51.34 17.61
CA SER D 859 -118.97 50.48 17.88
C SER D 859 -119.45 49.23 18.60
N ASP D 860 -120.42 49.41 19.49
CA ASP D 860 -121.02 48.30 20.20
C ASP D 860 -121.72 47.35 19.21
N GLY D 861 -122.35 47.92 18.19
CA GLY D 861 -123.04 47.22 17.12
C GLY D 861 -122.10 46.36 16.30
N TRP D 862 -120.98 47.01 16.03
CA TRP D 862 -119.85 46.47 15.32
C TRP D 862 -119.33 45.30 16.19
N LEU D 863 -119.40 45.44 17.52
CA LEU D 863 -118.93 44.38 18.44
C LEU D 863 -119.70 43.08 18.25
N TYR D 864 -121.00 43.23 18.02
CA TYR D 864 -121.86 42.11 17.69
C TYR D 864 -121.33 41.56 16.37
N PHE D 865 -121.03 42.48 15.47
CA PHE D 865 -120.64 42.11 14.11
C PHE D 865 -119.33 41.35 14.01
N MET D 866 -118.42 41.56 14.95
CA MET D 866 -117.11 40.90 14.88
C MET D 866 -117.36 39.40 14.89
N ASN D 867 -118.45 39.01 15.54
CA ASN D 867 -118.85 37.61 15.64
C ASN D 867 -119.16 37.01 14.26
N VAL D 868 -119.27 37.87 13.25
CA VAL D 868 -119.48 37.42 11.88
C VAL D 868 -118.31 37.78 10.97
N PHE D 869 -117.67 38.90 11.26
CA PHE D 869 -116.55 39.38 10.45
C PHE D 869 -115.34 38.46 10.39
N GLU D 870 -115.10 37.71 11.46
CA GLU D 870 -113.95 36.83 11.43
C GLU D 870 -114.04 35.79 10.31
N ASN D 871 -115.24 35.25 10.06
CA ASN D 871 -115.32 34.12 9.14
C ASN D 871 -115.40 34.59 7.68
N LEU D 872 -115.53 35.90 7.49
CA LEU D 872 -115.46 36.58 6.18
C LEU D 872 -114.05 37.06 5.93
N LYS D 873 -113.08 36.25 6.31
CA LYS D 873 -111.68 36.64 6.28
C LYS D 873 -111.18 36.69 4.85
N GLN D 874 -112.01 36.18 3.95
CA GLN D 874 -111.71 36.12 2.53
C GLN D 874 -111.91 37.50 1.90
N LEU D 875 -112.47 38.43 2.66
CA LEU D 875 -112.75 39.78 2.18
C LEU D 875 -111.48 40.60 1.90
N VAL D 876 -111.40 41.18 0.70
CA VAL D 876 -110.21 41.90 0.25
C VAL D 876 -110.10 43.33 0.82
N PHE D 877 -111.21 44.06 0.82
CA PHE D 877 -111.26 45.46 1.25
C PHE D 877 -112.54 45.68 2.03
N PHE D 878 -112.52 46.69 2.89
CA PHE D 878 -113.64 46.95 3.79
C PHE D 878 -113.60 48.38 4.30
N ASP D 879 -114.76 49.02 4.41
CA ASP D 879 -114.76 50.27 5.14
C ASP D 879 -116.01 50.26 6.00
N PHE D 880 -115.87 50.74 7.23
CA PHE D 880 -116.98 50.75 8.16
C PHE D 880 -117.17 52.20 8.53
N SER D 881 -118.24 52.79 8.02
CA SER D 881 -118.69 54.11 8.42
C SER D 881 -119.95 54.19 9.29
N THR D 882 -120.07 55.32 9.97
CA THR D 882 -121.14 55.62 10.93
C THR D 882 -121.15 57.14 10.99
N GLU D 883 -122.30 57.75 11.31
CA GLU D 883 -122.34 59.21 11.24
C GLU D 883 -121.99 59.91 12.55
N GLU D 884 -121.89 59.13 13.63
CA GLU D 884 -121.53 59.68 14.95
C GLU D 884 -120.96 58.63 15.90
N PHE D 885 -119.74 58.17 15.62
CA PHE D 885 -119.19 56.95 16.24
C PHE D 885 -118.99 57.09 17.74
N LEU D 886 -119.15 55.99 18.48
CA LEU D 886 -118.84 55.96 19.90
C LEU D 886 -117.32 56.11 20.09
N PRO D 887 -116.90 56.86 21.12
CA PRO D 887 -115.48 57.07 21.40
C PRO D 887 -114.62 55.84 21.76
N ASP D 888 -115.24 54.70 22.05
CA ASP D 888 -114.50 53.52 22.54
C ASP D 888 -113.69 52.74 21.51
N ALA D 889 -112.42 52.48 21.84
CA ALA D 889 -111.56 51.61 21.04
C ALA D 889 -111.59 50.13 21.46
N ALA D 890 -112.53 49.78 22.34
CA ALA D 890 -112.77 48.39 22.76
C ALA D 890 -113.05 47.53 21.53
N LEU D 891 -113.70 48.15 20.57
CA LEU D 891 -113.98 47.59 19.27
C LEU D 891 -112.73 47.25 18.49
N VAL D 892 -111.72 48.11 18.51
CA VAL D 892 -110.52 47.86 17.72
C VAL D 892 -109.87 46.63 18.34
N ARG D 893 -109.92 46.54 19.67
CA ARG D 893 -109.40 45.40 20.42
C ARG D 893 -110.08 44.09 19.95
N LYS D 894 -111.41 44.12 19.90
CA LYS D 894 -112.19 42.99 19.41
C LYS D 894 -111.81 42.71 17.94
N LEU D 895 -111.41 43.78 17.28
CA LEU D 895 -110.97 43.83 15.88
C LEU D 895 -109.73 42.97 15.85
N SER D 896 -108.82 43.20 16.79
CA SER D 896 -107.58 42.45 16.92
C SER D 896 -107.94 40.99 17.08
N GLN D 897 -109.00 40.67 17.82
CA GLN D 897 -109.36 39.25 17.94
C GLN D 897 -109.68 38.73 16.53
N VAL D 898 -110.45 39.51 15.79
CA VAL D 898 -110.81 39.24 14.39
C VAL D 898 -109.64 39.23 13.37
N LEU D 899 -108.68 40.13 13.58
CA LEU D 899 -107.47 40.34 12.79
C LEU D 899 -106.54 39.14 12.65
N SER D 900 -106.44 38.31 13.68
CA SER D 900 -105.68 37.07 13.57
C SER D 900 -106.42 36.19 12.56
N LYS D 901 -107.74 36.27 12.65
CA LYS D 901 -108.72 35.52 11.86
C LYS D 901 -108.76 35.94 10.40
N LEU D 902 -108.33 37.17 10.09
CA LEU D 902 -108.34 37.66 8.70
C LEU D 902 -107.08 37.47 7.85
N THR D 903 -107.30 37.33 6.54
CA THR D 903 -106.28 36.89 5.58
C THR D 903 -106.00 37.82 4.40
N LEU D 904 -106.92 37.89 3.44
CA LEU D 904 -106.67 38.57 2.17
C LEU D 904 -106.86 40.07 2.21
N LEU D 905 -106.79 40.66 3.40
CA LEU D 905 -107.15 42.05 3.55
C LEU D 905 -105.91 42.87 3.30
N GLN D 906 -106.05 43.94 2.53
CA GLN D 906 -104.88 44.73 2.21
C GLN D 906 -104.90 46.01 3.04
N GLU D 907 -106.07 46.60 3.22
CA GLU D 907 -106.20 47.77 4.07
C GLU D 907 -107.51 47.94 4.82
N VAL D 908 -107.40 48.52 6.02
CA VAL D 908 -108.50 48.80 6.92
C VAL D 908 -108.93 50.23 6.58
N LYS D 909 -110.23 50.49 6.45
CA LYS D 909 -110.71 51.86 6.24
C LYS D 909 -111.71 52.35 7.28
N LEU D 910 -111.40 53.51 7.86
CA LEU D 910 -112.10 54.06 9.02
C LEU D 910 -112.98 55.30 8.77
N THR D 911 -113.46 55.45 7.53
CA THR D 911 -114.25 56.61 7.10
C THR D 911 -115.29 57.11 8.12
N GLY D 912 -115.01 58.24 8.74
CA GLY D 912 -115.99 58.87 9.63
C GLY D 912 -115.91 58.62 11.13
N TRP D 913 -115.08 57.69 11.57
CA TRP D 913 -114.97 57.39 13.00
C TRP D 913 -114.11 58.44 13.73
N GLU D 914 -114.80 59.36 14.41
CA GLU D 914 -114.23 60.36 15.32
C GLU D 914 -113.51 59.91 16.60
N PHE D 915 -113.24 58.62 16.77
CA PHE D 915 -112.54 58.14 17.97
C PHE D 915 -111.00 58.00 17.94
N ASP D 916 -110.40 58.09 19.12
CA ASP D 916 -109.01 57.71 19.37
C ASP D 916 -108.91 56.19 19.49
N ASP D 917 -107.81 55.58 19.01
CA ASP D 917 -107.68 54.14 19.13
C ASP D 917 -106.92 53.67 20.38
N TYR D 918 -106.44 54.61 21.18
CA TYR D 918 -105.57 54.34 22.33
C TYR D 918 -104.45 53.35 22.01
N ASP D 919 -103.92 52.77 23.09
CA ASP D 919 -102.75 51.90 23.09
C ASP D 919 -103.05 50.62 22.29
N ILE D 920 -104.27 50.58 21.75
CA ILE D 920 -104.81 49.48 20.96
C ILE D 920 -104.32 49.68 19.53
N SER D 921 -103.73 50.85 19.29
CA SER D 921 -103.36 51.22 17.94
C SER D 921 -101.98 50.61 17.74
N ALA D 922 -101.51 49.99 18.82
CA ALA D 922 -100.24 49.29 18.83
C ALA D 922 -100.54 48.03 18.03
N ILE D 923 -101.78 47.55 18.20
CA ILE D 923 -102.28 46.36 17.50
C ILE D 923 -103.41 46.71 16.54
N LYS D 924 -103.44 47.96 16.09
CA LYS D 924 -104.49 48.47 15.22
C LYS D 924 -104.77 47.58 14.02
N GLY D 925 -103.72 47.07 13.39
CA GLY D 925 -103.89 46.14 12.29
C GLY D 925 -102.61 45.43 11.90
N THR D 926 -102.78 44.36 11.12
CA THR D 926 -101.66 43.68 10.51
C THR D 926 -101.66 44.05 9.03
N PHE D 927 -102.48 45.04 8.72
CA PHE D 927 -102.54 45.61 7.38
C PHE D 927 -102.39 47.13 7.44
N LYS D 928 -102.50 47.79 6.29
CA LYS D 928 -102.30 49.23 6.18
C LYS D 928 -103.46 49.94 6.89
N LEU D 929 -103.28 51.20 7.26
CA LEU D 929 -104.42 51.99 7.74
C LEU D 929 -104.57 53.46 7.39
N VAL D 930 -105.80 53.82 7.07
CA VAL D 930 -106.23 55.17 6.73
C VAL D 930 -107.28 55.58 7.76
N THR D 931 -107.24 56.82 8.24
CA THR D 931 -108.26 57.27 9.18
C THR D 931 -109.60 57.42 8.45
N ALA D 932 -109.53 57.37 7.12
CA ALA D 932 -110.70 57.46 6.27
C ALA D 932 -110.88 56.19 5.45
N VAL E 1 -18.16 53.30 29.40
CA VAL E 1 -19.32 53.56 30.24
C VAL E 1 -18.97 53.51 31.72
N THR E 2 -19.53 54.43 32.50
CA THR E 2 -19.32 54.45 33.94
C THR E 2 -20.67 54.65 34.63
N GLU E 3 -20.67 54.79 35.94
CA GLU E 3 -21.91 54.95 36.70
C GLU E 3 -22.49 56.37 36.68
N GLU E 4 -21.67 57.35 36.31
CA GLU E 4 -22.15 58.73 36.27
C GLU E 4 -23.19 58.94 35.17
N ASP E 5 -23.23 58.01 34.21
CA ASP E 5 -24.21 58.05 33.15
C ASP E 5 -25.43 57.17 33.48
N LEU E 6 -25.55 56.74 34.73
CA LEU E 6 -26.74 56.01 35.15
C LEU E 6 -27.90 56.96 35.36
N ASN E 7 -27.62 58.26 35.26
CA ASN E 7 -28.66 59.28 35.20
C ASN E 7 -29.03 59.57 33.74
N VAL E 8 -28.36 58.87 32.83
CA VAL E 8 -28.71 58.89 31.42
C VAL E 8 -29.58 57.68 31.13
N LEU E 9 -29.03 56.50 31.42
CA LEU E 9 -29.71 55.24 31.13
C LEU E 9 -31.05 55.16 31.84
N ALA E 10 -31.12 55.73 33.04
CA ALA E 10 -32.33 55.69 33.81
C ALA E 10 -33.45 56.35 33.02
N GLN E 11 -33.15 57.50 32.42
CA GLN E 11 -34.13 58.20 31.62
C GLN E 11 -34.56 57.30 30.46
N ASN E 12 -33.59 56.61 29.87
CA ASN E 12 -33.86 55.71 28.76
C ASN E 12 -34.79 54.58 29.21
N LEU E 13 -34.60 54.12 30.46
CA LEU E 13 -35.46 53.09 31.00
C LEU E 13 -36.89 53.62 31.08
N LYS E 14 -37.01 54.89 31.43
CA LYS E 14 -38.31 55.54 31.53
C LYS E 14 -39.00 55.62 30.18
N ASP E 15 -38.22 55.53 29.10
CA ASP E 15 -38.79 55.52 27.76
C ASP E 15 -38.81 54.12 27.17
N LEU E 16 -38.40 53.13 27.96
CA LEU E 16 -38.50 51.76 27.51
C LEU E 16 -39.96 51.34 27.62
N TYR E 17 -40.60 51.84 28.67
CA TYR E 17 -41.99 51.58 28.98
C TYR E 17 -42.88 52.63 28.34
N ASN E 18 -42.27 53.69 27.84
CA ASN E 18 -43.00 54.69 27.06
C ASN E 18 -43.09 54.21 25.62
N SER E 19 -43.92 53.19 25.43
CA SER E 19 -44.27 52.71 24.11
C SER E 19 -45.61 51.98 24.16
N PRO E 20 -46.35 51.97 23.04
CA PRO E 20 -47.66 51.33 22.99
C PRO E 20 -47.63 49.84 23.32
N ALA E 21 -46.51 49.17 23.04
CA ALA E 21 -46.41 47.73 23.29
C ALA E 21 -46.67 47.44 24.76
N PHE E 22 -46.16 48.33 25.60
CA PHE E 22 -46.42 48.29 27.03
C PHE E 22 -47.85 48.73 27.31
N LEU E 23 -48.34 49.69 26.52
CA LEU E 23 -49.66 50.27 26.77
C LEU E 23 -50.82 49.72 25.94
N ASN E 24 -50.56 48.98 24.86
CA ASN E 24 -51.65 48.44 24.04
C ASN E 24 -51.87 47.02 24.47
N PHE E 25 -53.11 46.55 24.53
CA PHE E 25 -53.18 45.18 25.01
C PHE E 25 -53.50 44.07 24.02
N TYR E 26 -53.79 42.92 24.64
CA TYR E 26 -52.86 41.81 24.57
C TYR E 26 -51.80 41.99 23.49
N PRO E 27 -50.57 42.22 23.95
CA PRO E 27 -49.39 42.46 23.13
C PRO E 27 -48.93 41.17 22.43
N LEU E 28 -49.64 40.79 21.37
CA LEU E 28 -49.16 39.80 20.39
C LEU E 28 -49.23 38.35 20.90
N GLY E 29 -49.29 37.37 19.98
CA GLY E 29 -49.46 37.61 18.55
C GLY E 29 -50.88 38.02 18.24
N GLU E 30 -51.77 37.69 19.19
CA GLU E 30 -53.06 38.34 19.31
C GLU E 30 -53.15 38.92 20.73
N ASP E 31 -53.38 40.24 20.93
CA ASP E 31 -53.77 41.25 19.93
C ASP E 31 -55.11 40.79 19.36
N ILE E 32 -55.88 40.14 20.22
CA ILE E 32 -57.16 39.52 19.89
C ILE E 32 -58.24 40.48 19.35
N ASP E 33 -58.42 41.70 19.86
CA ASP E 33 -57.89 42.25 21.13
C ASP E 33 -58.51 41.64 22.40
N ILE E 34 -57.69 41.40 23.42
CA ILE E 34 -58.21 40.97 24.72
C ILE E 34 -59.23 42.02 25.18
N ILE E 35 -58.80 43.28 25.30
CA ILE E 35 -59.70 44.33 25.79
C ILE E 35 -59.53 45.63 25.01
N PHE E 36 -58.45 46.35 25.31
CA PHE E 36 -58.15 47.66 24.71
C PHE E 36 -56.70 48.01 25.03
N ASN E 37 -56.30 49.24 24.70
CA ASN E 37 -55.01 49.78 25.09
C ASN E 37 -55.01 49.71 26.61
N LEU E 38 -53.86 49.44 27.22
CA LEU E 38 -53.75 49.33 28.67
C LEU E 38 -54.06 50.59 29.46
N GLU E 39 -53.69 51.76 28.97
CA GLU E 39 -53.97 52.95 29.75
C GLU E 39 -55.44 53.27 30.01
N LYS E 40 -56.33 53.18 29.03
CA LYS E 40 -57.74 53.43 29.36
C LYS E 40 -58.32 52.33 30.29
N THR E 41 -57.89 51.10 30.02
CA THR E 41 -58.18 49.85 30.77
C THR E 41 -57.58 49.67 32.16
N PHE E 42 -56.40 50.24 32.36
CA PHE E 42 -55.68 50.20 33.63
C PHE E 42 -56.31 50.85 34.87
N THR E 43 -56.29 50.03 35.93
CA THR E 43 -56.84 50.33 37.26
C THR E 43 -55.99 49.67 38.34
N GLU E 44 -56.15 50.14 39.58
CA GLU E 44 -55.47 49.60 40.76
C GLU E 44 -55.92 48.15 40.99
N PRO E 45 -55.00 47.17 40.98
CA PRO E 45 -55.21 45.73 41.20
C PRO E 45 -55.62 45.20 42.58
N ILE E 46 -56.80 44.56 42.63
CA ILE E 46 -57.27 43.92 43.85
C ILE E 46 -56.29 42.80 44.25
N MET E 47 -55.53 42.97 45.33
CA MET E 47 -54.63 41.87 45.73
C MET E 47 -54.76 41.67 47.22
N TRP E 48 -54.42 40.48 47.69
CA TRP E 48 -54.49 40.20 49.12
C TRP E 48 -53.26 39.47 49.65
N LYS E 49 -52.57 40.07 50.61
CA LYS E 49 -51.38 39.41 51.17
C LYS E 49 -51.88 38.16 51.88
N LYS E 50 -51.10 37.08 51.82
CA LYS E 50 -51.54 35.82 52.41
C LYS E 50 -50.61 35.34 53.51
N ASP E 51 -51.12 34.44 54.35
CA ASP E 51 -50.36 33.91 55.46
C ASP E 51 -49.75 32.58 55.02
N HIS E 52 -48.99 31.97 55.90
CA HIS E 52 -48.32 30.71 55.55
C HIS E 52 -49.35 29.60 55.70
N ARG E 53 -50.40 29.88 56.46
CA ARG E 53 -51.53 28.96 56.66
C ARG E 53 -52.28 28.63 55.36
N HIS E 54 -52.18 29.53 54.39
CA HIS E 54 -52.79 29.44 53.03
C HIS E 54 -54.15 30.14 52.95
N HIS E 55 -54.23 31.34 53.53
CA HIS E 55 -55.44 32.15 53.46
C HIS E 55 -55.05 33.63 53.47
N ARG E 56 -55.95 34.48 52.98
CA ARG E 56 -55.67 35.91 52.85
C ARG E 56 -55.53 36.63 54.20
N VAL E 57 -54.67 37.64 54.22
CA VAL E 57 -54.37 38.37 55.45
C VAL E 57 -54.79 39.85 55.45
N GLU E 58 -54.47 40.55 54.37
CA GLU E 58 -54.93 41.93 54.21
C GLU E 58 -55.17 42.30 52.75
N GLN E 59 -55.95 43.37 52.54
CA GLN E 59 -56.21 43.88 51.21
C GLN E 59 -55.31 45.01 50.74
N LEU E 60 -54.49 44.69 49.74
CA LEU E 60 -53.54 45.61 49.17
C LEU E 60 -53.90 45.97 47.73
N THR E 61 -53.44 47.15 47.34
CA THR E 61 -53.41 47.58 45.96
C THR E 61 -51.95 47.91 45.78
N LEU E 62 -51.50 48.17 44.55
CA LEU E 62 -50.10 48.52 44.38
C LEU E 62 -49.83 49.86 45.03
N GLY E 63 -50.80 50.76 44.95
CA GLY E 63 -50.66 52.10 45.49
C GLY E 63 -50.38 52.10 46.98
N SER E 64 -50.92 51.12 47.69
CA SER E 64 -50.63 50.95 49.11
C SER E 64 -49.54 49.91 49.35
N LEU E 65 -49.14 49.23 48.28
CA LEU E 65 -48.04 48.26 48.34
C LEU E 65 -46.68 48.96 48.18
N LEU E 66 -46.70 50.22 47.75
CA LEU E 66 -45.49 50.92 47.31
C LEU E 66 -44.41 51.05 48.39
N GLU E 67 -44.80 51.40 49.60
CA GLU E 67 -43.85 51.53 50.71
C GLU E 67 -43.79 50.26 51.55
N ALA E 68 -44.86 49.47 51.51
CA ALA E 68 -44.91 48.23 52.26
C ALA E 68 -44.21 47.09 51.52
N LEU E 69 -43.69 47.39 50.34
CA LEU E 69 -43.13 46.38 49.46
C LEU E 69 -41.88 45.71 50.04
N LYS E 70 -41.80 44.40 49.83
CA LYS E 70 -40.61 43.61 50.15
C LYS E 70 -40.26 42.69 48.99
N SER E 71 -39.08 42.07 49.08
CA SER E 71 -38.58 41.23 48.00
C SER E 71 -37.92 39.97 48.53
N PRO E 72 -38.03 38.85 47.79
CA PRO E 72 -38.79 38.64 46.54
C PRO E 72 -40.31 38.57 46.73
N CYS E 73 -41.06 38.79 45.66
CA CYS E 73 -42.51 38.59 45.66
C CYS E 73 -42.88 37.13 45.43
N LEU E 74 -43.73 36.56 46.29
CA LEU E 74 -44.39 35.31 45.97
C LEU E 74 -45.81 35.62 45.56
N ILE E 75 -46.01 36.89 45.24
CA ILE E 75 -47.32 37.42 44.90
C ILE E 75 -47.88 36.69 43.68
N GLU E 76 -49.13 36.25 43.82
CA GLU E 76 -49.76 35.40 42.83
C GLU E 76 -51.21 35.78 42.60
N GLY E 77 -51.80 35.19 41.56
CA GLY E 77 -53.17 35.48 41.18
C GLY E 77 -53.61 34.46 40.18
N GLU E 78 -54.91 34.39 39.93
CA GLU E 78 -55.44 33.34 39.07
C GLU E 78 -55.05 33.64 37.63
N SER E 79 -54.79 32.58 36.87
CA SER E 79 -54.28 32.68 35.51
C SER E 79 -55.18 33.42 34.52
N GLY E 80 -54.53 34.12 33.59
CA GLY E 80 -55.16 34.83 32.51
C GLY E 80 -54.11 35.81 32.05
N LYS E 81 -54.44 37.09 32.10
CA LYS E 81 -53.54 38.10 31.59
C LYS E 81 -52.70 38.47 32.81
N GLY E 82 -53.37 38.46 33.97
CA GLY E 82 -52.71 38.48 35.26
C GLY E 82 -52.01 39.78 35.57
N LYS E 83 -50.69 39.70 35.63
CA LYS E 83 -49.82 40.83 35.91
C LYS E 83 -49.87 41.73 34.69
N SER E 84 -50.30 41.14 33.58
CA SER E 84 -50.44 41.81 32.30
C SER E 84 -49.32 42.80 31.97
N THR E 85 -49.64 44.03 31.60
CA THR E 85 -48.60 45.02 31.31
C THR E 85 -48.75 46.13 32.37
N LEU E 86 -49.72 45.90 33.24
CA LEU E 86 -50.15 46.79 34.31
C LEU E 86 -49.03 47.10 35.36
N LEU E 87 -48.10 46.17 35.55
CA LEU E 87 -46.97 46.35 36.49
C LEU E 87 -45.88 47.11 35.75
N GLN E 88 -45.99 47.02 34.42
CA GLN E 88 -45.04 47.51 33.43
C GLN E 88 -45.48 48.95 33.50
N ARG E 89 -46.78 49.16 33.66
CA ARG E 89 -47.30 50.50 33.61
C ARG E 89 -47.09 51.04 35.03
N ILE E 90 -46.70 50.17 35.95
CA ILE E 90 -46.56 50.58 37.35
C ILE E 90 -45.18 51.23 37.33
N ALA E 91 -44.30 50.59 36.55
CA ALA E 91 -42.97 51.12 36.25
C ALA E 91 -43.17 52.44 35.50
N MET E 92 -44.19 52.45 34.65
CA MET E 92 -44.43 53.60 33.81
C MET E 92 -44.89 54.70 34.76
N LEU E 93 -45.31 54.30 35.97
CA LEU E 93 -45.79 55.25 36.97
C LEU E 93 -44.53 55.80 37.61
N TRP E 94 -43.54 54.94 37.80
CA TRP E 94 -42.20 55.39 38.24
C TRP E 94 -41.63 56.38 37.22
N ALA E 95 -42.17 56.34 36.01
CA ALA E 95 -41.66 57.15 34.91
C ALA E 95 -42.72 58.13 34.42
N SER E 96 -43.66 58.41 35.32
CA SER E 96 -44.77 59.34 35.07
C SER E 96 -44.82 60.25 36.29
N GLY E 97 -43.75 60.25 37.07
CA GLY E 97 -43.62 61.13 38.21
C GLY E 97 -44.40 60.59 39.40
N GLY E 98 -44.57 59.28 39.44
CA GLY E 98 -45.40 58.63 40.43
C GLY E 98 -44.90 58.78 41.86
N CYS E 99 -45.63 58.19 42.81
CA CYS E 99 -45.26 58.28 44.22
C CYS E 99 -43.79 57.93 44.47
N ARG E 100 -43.24 58.58 45.50
CA ARG E 100 -41.86 58.38 45.95
C ARG E 100 -41.33 56.95 46.05
N ALA E 101 -42.16 56.01 46.51
CA ALA E 101 -41.67 54.62 46.60
C ALA E 101 -41.57 53.89 45.26
N LEU E 102 -41.83 54.59 44.17
CA LEU E 102 -41.71 54.01 42.83
C LEU E 102 -40.38 54.55 42.34
N LYS E 103 -40.00 55.68 42.91
CA LYS E 103 -38.71 56.29 42.66
C LYS E 103 -37.71 55.89 43.74
N GLY E 104 -38.04 54.83 44.46
CA GLY E 104 -37.23 54.39 45.58
C GLY E 104 -36.20 53.48 44.93
N PHE E 105 -36.28 53.44 43.60
CA PHE E 105 -35.45 52.62 42.75
C PHE E 105 -34.91 53.44 41.57
N ARG E 106 -33.59 53.62 41.52
CA ARG E 106 -33.00 54.55 40.55
C ARG E 106 -33.16 53.98 39.14
N LEU E 107 -33.19 52.67 39.07
CA LEU E 107 -33.36 51.90 37.83
C LEU E 107 -34.39 50.79 37.94
N VAL E 108 -35.20 50.60 36.90
CA VAL E 108 -36.26 49.60 36.95
C VAL E 108 -36.06 48.80 35.67
N PHE E 109 -35.93 47.49 35.79
CA PHE E 109 -35.89 46.61 34.63
C PHE E 109 -36.92 45.48 34.51
N PHE E 110 -37.76 45.63 33.49
CA PHE E 110 -38.72 44.62 33.12
C PHE E 110 -37.95 43.34 32.80
N ILE E 111 -38.33 42.19 33.36
CA ILE E 111 -37.59 40.96 33.03
C ILE E 111 -38.51 39.90 32.43
N HIS E 112 -38.00 39.18 31.42
CA HIS E 112 -38.73 38.14 30.71
C HIS E 112 -38.32 36.67 30.98
N LEU E 113 -39.10 36.01 31.85
CA LEU E 113 -38.97 34.59 32.23
C LEU E 113 -39.28 33.78 30.97
N ARG E 114 -40.25 34.27 30.20
CA ARG E 114 -40.69 33.65 28.96
C ARG E 114 -39.61 33.53 27.87
N SER E 115 -38.65 34.45 27.77
CA SER E 115 -37.61 34.24 26.73
C SER E 115 -36.22 34.61 27.24
N ALA E 116 -35.23 33.77 26.91
CA ALA E 116 -33.86 33.98 27.40
C ALA E 116 -32.78 33.47 26.46
N ARG E 117 -31.63 34.14 26.48
CA ARG E 117 -30.57 34.01 25.49
C ARG E 117 -29.24 34.35 26.15
N GLY E 118 -28.22 33.52 25.98
CA GLY E 118 -26.89 33.89 26.44
C GLY E 118 -26.26 34.97 25.58
N GLY E 119 -25.42 35.81 26.17
CA GLY E 119 -25.26 35.90 27.62
C GLY E 119 -26.53 36.39 28.29
N LEU E 120 -26.79 35.90 29.50
CA LEU E 120 -28.16 35.90 30.03
C LEU E 120 -28.63 37.31 30.35
N PHE E 121 -27.70 38.16 30.75
CA PHE E 121 -28.02 39.57 30.99
C PHE E 121 -28.44 40.18 29.66
N GLU E 122 -27.85 39.72 28.56
CA GLU E 122 -28.20 40.29 27.26
C GLU E 122 -29.62 39.91 26.87
N THR E 123 -30.29 39.06 27.65
CA THR E 123 -31.69 38.78 27.41
C THR E 123 -32.37 40.13 27.48
N LEU E 124 -31.93 40.95 28.42
CA LEU E 124 -32.56 42.23 28.68
C LEU E 124 -32.15 43.11 27.52
N TYR E 125 -30.92 42.91 27.05
CA TYR E 125 -30.45 43.64 25.88
C TYR E 125 -31.28 43.10 24.71
N ASP E 126 -31.50 41.79 24.65
CA ASP E 126 -32.36 41.23 23.60
C ASP E 126 -33.84 41.57 23.81
N GLN E 127 -34.14 42.30 24.89
CA GLN E 127 -35.51 42.69 25.21
C GLN E 127 -35.60 44.22 25.41
N LEU E 128 -35.03 44.70 26.52
CA LEU E 128 -35.04 46.13 26.86
C LEU E 128 -34.17 46.88 25.88
N LEU E 129 -33.07 46.24 25.47
CA LEU E 129 -32.09 46.80 24.55
C LEU E 129 -31.29 48.05 24.98
N ASN E 130 -31.66 48.73 26.06
CA ASN E 130 -30.87 49.91 26.42
C ASN E 130 -29.50 49.64 27.11
N ILE E 131 -29.07 48.38 27.05
CA ILE E 131 -27.79 47.92 27.64
C ILE E 131 -26.51 48.48 27.00
N PRO E 132 -25.79 49.39 27.69
CA PRO E 132 -24.55 49.90 27.06
C PRO E 132 -23.51 48.81 26.74
N ASP E 133 -22.75 49.02 25.65
CA ASP E 133 -21.66 48.14 25.21
C ASP E 133 -20.42 47.88 26.08
N PHE E 134 -20.01 48.84 26.90
CA PHE E 134 -18.85 48.65 27.81
C PHE E 134 -19.08 47.61 28.89
N ILE E 135 -20.27 47.66 29.47
CA ILE E 135 -20.67 46.76 30.53
C ILE E 135 -20.78 45.25 30.32
N SER E 136 -19.68 44.56 30.60
CA SER E 136 -19.63 43.09 30.53
C SER E 136 -20.65 42.59 31.57
N LYS E 137 -20.96 41.30 31.60
CA LYS E 137 -21.87 40.78 32.63
C LYS E 137 -21.34 40.91 34.09
N PRO E 138 -20.03 40.65 34.35
CA PRO E 138 -19.50 40.84 35.71
C PRO E 138 -19.61 42.31 36.07
N THR E 139 -19.24 43.15 35.10
CA THR E 139 -19.27 44.60 35.22
C THR E 139 -20.71 44.96 35.51
N PHE E 140 -21.66 44.36 34.79
CA PHE E 140 -23.07 44.64 35.02
C PHE E 140 -23.57 44.24 36.43
N LYS E 141 -23.07 43.13 36.99
CA LYS E 141 -23.46 42.75 38.35
C LYS E 141 -22.86 43.71 39.41
N ALA E 142 -21.59 44.08 39.17
CA ALA E 142 -20.81 45.01 40.01
C ALA E 142 -21.45 46.37 40.02
N LEU E 143 -21.87 46.79 38.83
CA LEU E 143 -22.56 48.04 38.59
C LEU E 143 -23.86 48.01 39.36
N LEU E 144 -24.71 47.02 39.08
CA LEU E 144 -25.97 46.92 39.81
C LEU E 144 -25.75 46.97 41.32
N LEU E 145 -24.61 46.46 41.81
CA LEU E 145 -24.49 46.41 43.25
C LEU E 145 -23.87 47.70 43.76
N LYS E 146 -23.40 48.57 42.87
CA LYS E 146 -22.84 49.84 43.31
C LYS E 146 -23.85 50.61 44.18
N LEU E 147 -25.14 50.27 43.97
CA LEU E 147 -26.28 50.94 44.57
C LEU E 147 -27.04 50.16 45.68
N HIS E 148 -27.25 48.86 45.46
CA HIS E 148 -27.83 47.95 46.46
C HIS E 148 -29.30 48.04 46.94
N LYS E 149 -30.22 48.58 46.13
CA LYS E 149 -31.61 48.84 46.51
C LYS E 149 -32.23 49.81 45.53
N GLU E 150 -31.47 50.18 44.52
CA GLU E 150 -31.88 51.27 43.67
C GLU E 150 -32.26 50.73 42.32
N VAL E 151 -32.59 49.44 42.30
CA VAL E 151 -33.12 48.83 41.10
C VAL E 151 -34.27 47.87 41.46
N LEU E 152 -35.34 47.91 40.68
CA LEU E 152 -36.45 46.97 40.82
C LEU E 152 -36.57 46.15 39.54
N PHE E 153 -36.95 44.88 39.64
CA PHE E 153 -37.17 44.08 38.43
C PHE E 153 -38.46 43.30 38.37
N LEU E 154 -39.19 43.41 37.26
CA LEU E 154 -40.41 42.60 37.17
C LEU E 154 -40.13 41.32 36.40
N LEU E 155 -40.55 40.15 36.88
CA LEU E 155 -40.15 38.94 36.18
C LEU E 155 -41.43 38.70 35.42
N ASP E 156 -41.36 38.57 34.09
CA ASP E 156 -42.52 38.17 33.27
C ASP E 156 -42.63 36.79 32.56
N GLY E 157 -43.46 35.86 33.01
CA GLY E 157 -43.43 34.50 32.45
C GLY E 157 -43.20 33.23 33.24
N TYR E 158 -43.96 33.06 34.30
CA TYR E 158 -43.82 31.87 35.12
C TYR E 158 -44.26 30.47 34.66
N ASN E 159 -45.22 30.33 33.77
CA ASN E 159 -45.60 28.98 33.32
C ASN E 159 -44.82 28.78 32.04
N GLU E 160 -44.72 29.89 31.32
CA GLU E 160 -43.98 30.00 30.07
C GLU E 160 -42.56 29.51 30.30
N PHE E 161 -42.13 29.61 31.56
CA PHE E 161 -40.78 29.21 31.95
C PHE E 161 -40.57 27.73 31.64
N HIS E 162 -39.35 27.39 31.26
CA HIS E 162 -39.01 26.03 30.86
C HIS E 162 -37.64 25.68 31.44
N PRO E 163 -37.17 24.45 31.22
CA PRO E 163 -35.81 24.12 31.69
C PRO E 163 -34.67 24.82 30.95
N GLN E 164 -34.77 24.98 29.64
CA GLN E 164 -33.74 25.74 28.91
C GLN E 164 -33.57 27.15 29.47
N ASN E 165 -32.32 27.55 29.67
CA ASN E 165 -31.92 28.90 30.12
C ASN E 165 -32.31 29.17 31.58
N CYS E 166 -32.56 28.09 32.30
CA CYS E 166 -32.95 28.06 33.71
C CYS E 166 -31.96 28.68 34.72
N PRO E 167 -30.63 28.50 34.53
CA PRO E 167 -29.81 29.20 35.54
C PRO E 167 -29.68 30.71 35.48
N GLU E 168 -29.28 31.25 36.64
CA GLU E 168 -29.32 32.67 36.99
C GLU E 168 -30.70 33.26 36.72
N ILE E 169 -31.71 32.51 37.15
CA ILE E 169 -33.09 32.96 37.15
C ILE E 169 -33.57 33.04 38.60
N GLU E 170 -33.04 32.13 39.41
CA GLU E 170 -33.42 31.97 40.81
C GLU E 170 -32.42 32.81 41.58
N ALA E 171 -31.37 33.23 40.87
CA ALA E 171 -30.27 33.99 41.45
C ALA E 171 -30.77 35.39 41.76
N LEU E 172 -31.69 35.92 40.95
CA LEU E 172 -32.23 37.23 41.25
C LEU E 172 -33.09 37.16 42.51
N ILE E 173 -33.79 36.02 42.66
CA ILE E 173 -34.72 35.83 43.77
C ILE E 173 -34.11 35.22 45.06
N LYS E 174 -33.45 34.07 44.94
CA LYS E 174 -32.82 33.40 46.08
C LYS E 174 -31.52 34.06 46.50
N GLU E 175 -30.68 34.37 45.51
CA GLU E 175 -29.49 35.17 45.74
C GLU E 175 -29.87 36.65 45.61
N ASN E 176 -30.94 37.07 46.28
CA ASN E 176 -31.36 38.46 46.31
C ASN E 176 -30.82 39.13 47.54
N HIS E 177 -30.47 38.29 48.52
CA HIS E 177 -29.89 38.76 49.76
C HIS E 177 -28.49 39.29 49.51
N ARG E 178 -27.91 38.91 48.37
CA ARG E 178 -26.64 39.47 47.91
C ARG E 178 -26.68 40.17 46.55
N PHE E 179 -27.88 40.46 46.06
CA PHE E 179 -28.08 41.03 44.74
C PHE E 179 -28.62 42.41 45.10
N LYS E 180 -28.96 42.52 46.37
CA LYS E 180 -29.46 43.74 47.00
C LYS E 180 -30.57 44.55 46.33
N ASN E 181 -30.97 44.24 45.10
CA ASN E 181 -32.03 45.08 44.58
C ASN E 181 -33.34 44.39 44.92
N MET E 182 -34.45 45.12 44.89
CA MET E 182 -35.75 44.49 45.09
C MET E 182 -36.21 43.87 43.78
N VAL E 183 -37.26 43.04 43.84
CA VAL E 183 -37.79 42.45 42.62
C VAL E 183 -39.17 41.80 42.78
N ILE E 184 -39.99 41.90 41.74
CA ILE E 184 -41.35 41.36 41.79
C ILE E 184 -41.27 40.08 40.95
N VAL E 185 -41.52 38.94 41.59
CA VAL E 185 -41.38 37.63 40.97
C VAL E 185 -42.67 37.03 40.41
N THR E 186 -42.75 36.94 39.08
CA THR E 186 -43.96 36.50 38.41
C THR E 186 -44.34 35.11 38.82
N THR E 187 -45.64 34.90 38.96
CA THR E 187 -46.14 33.59 39.29
C THR E 187 -47.46 33.34 38.56
N THR E 188 -47.77 32.07 38.41
CA THR E 188 -48.98 31.61 37.76
C THR E 188 -49.34 30.86 39.03
N THR E 189 -50.48 30.22 39.23
CA THR E 189 -50.39 29.63 40.54
C THR E 189 -50.06 28.15 40.51
N GLU E 190 -50.05 27.53 39.32
CA GLU E 190 -50.00 26.08 39.37
C GLU E 190 -48.63 25.82 40.02
N CYS E 191 -47.69 26.56 39.42
CA CYS E 191 -46.25 26.68 39.67
C CYS E 191 -45.65 27.23 40.98
N LEU E 192 -46.37 28.14 41.63
CA LEU E 192 -45.87 28.92 42.78
C LEU E 192 -45.02 28.17 43.80
N ARG E 193 -45.30 26.89 44.01
CA ARG E 193 -44.69 26.13 45.10
C ARG E 193 -43.21 25.83 44.80
N HIS E 194 -42.72 26.42 43.71
CA HIS E 194 -41.34 26.33 43.24
C HIS E 194 -40.54 27.48 43.80
N ILE E 195 -41.23 28.43 44.42
CA ILE E 195 -40.59 29.57 45.06
C ILE E 195 -41.30 29.99 46.34
N ARG E 196 -42.16 29.13 46.86
CA ARG E 196 -42.85 29.38 48.12
C ARG E 196 -41.86 29.48 49.30
N HIS E 197 -40.57 29.38 49.00
CA HIS E 197 -39.55 29.44 50.05
C HIS E 197 -38.46 30.46 49.73
N VAL E 198 -38.74 31.38 48.83
CA VAL E 198 -37.77 32.40 48.44
C VAL E 198 -38.13 33.87 48.70
N GLY E 199 -39.38 34.19 48.44
CA GLY E 199 -39.98 35.50 48.65
C GLY E 199 -40.48 36.09 49.96
N ALA E 200 -39.93 37.25 50.31
CA ALA E 200 -40.22 37.88 51.58
C ALA E 200 -41.58 38.59 51.50
N LEU E 201 -42.15 38.65 50.30
CA LEU E 201 -43.48 39.24 50.09
C LEU E 201 -44.36 38.21 49.41
N THR E 202 -45.68 38.36 49.53
CA THR E 202 -46.63 37.41 48.94
C THR E 202 -48.06 37.95 48.97
N ALA E 203 -48.72 37.93 47.82
CA ALA E 203 -50.08 38.45 47.74
C ALA E 203 -50.90 37.71 46.68
N GLU E 204 -52.21 37.73 46.86
CA GLU E 204 -53.11 36.98 45.98
C GLU E 204 -53.99 37.98 45.24
N VAL E 205 -53.93 37.98 43.92
CA VAL E 205 -54.77 38.87 43.13
C VAL E 205 -56.22 38.50 43.33
N GLY E 206 -56.91 39.31 44.12
CA GLY E 206 -58.32 39.09 44.39
C GLY E 206 -59.10 39.40 43.13
N ASP E 207 -60.28 38.79 43.00
CA ASP E 207 -61.10 39.05 41.84
C ASP E 207 -61.46 40.52 41.87
N MET E 208 -61.44 41.14 40.70
CA MET E 208 -61.79 42.54 40.53
C MET E 208 -63.28 42.77 40.78
N THR E 209 -63.64 44.01 41.13
CA THR E 209 -65.04 44.40 41.29
C THR E 209 -65.75 44.26 39.94
N GLU E 210 -67.02 43.88 39.94
CA GLU E 210 -67.75 43.82 38.69
C GLU E 210 -67.87 45.22 38.12
N ASP E 211 -68.22 46.16 38.99
CA ASP E 211 -68.39 47.56 38.61
C ASP E 211 -67.10 48.14 38.05
N SER E 212 -65.99 47.89 38.75
CA SER E 212 -64.69 48.40 38.31
C SER E 212 -64.33 47.81 36.96
N ALA E 213 -64.72 46.56 36.75
CA ALA E 213 -64.40 45.86 35.51
C ALA E 213 -65.18 46.42 34.34
N LYS E 214 -66.04 47.40 34.61
CA LYS E 214 -66.92 47.83 33.55
C LYS E 214 -66.17 48.98 32.95
N ASP E 215 -65.02 49.25 33.56
CA ASP E 215 -64.23 50.40 33.19
C ASP E 215 -63.42 49.80 32.07
N LEU E 216 -63.41 48.47 32.04
CA LEU E 216 -62.76 47.77 30.97
C LEU E 216 -63.70 47.91 29.77
N ILE E 217 -64.96 47.52 29.95
CA ILE E 217 -65.92 47.38 28.84
C ILE E 217 -65.98 48.69 28.02
N GLU E 218 -65.99 49.77 28.78
CA GLU E 218 -66.07 51.16 28.36
C GLU E 218 -65.09 51.61 27.29
N ALA E 219 -63.87 51.09 27.36
CA ALA E 219 -62.84 51.51 26.42
C ALA E 219 -63.11 51.17 24.95
N VAL E 220 -63.74 50.04 24.64
CA VAL E 220 -64.06 49.84 23.23
C VAL E 220 -65.50 50.23 22.90
N LEU E 221 -66.44 49.78 23.72
CA LEU E 221 -67.86 50.10 23.57
C LEU E 221 -68.25 51.58 23.70
N VAL E 222 -69.36 51.94 23.04
CA VAL E 222 -69.92 53.28 23.10
C VAL E 222 -70.47 53.33 24.54
N PRO E 223 -70.71 54.52 25.13
CA PRO E 223 -71.17 54.37 26.52
C PRO E 223 -72.61 53.84 26.68
N ASP E 224 -73.44 54.01 25.66
CA ASP E 224 -74.80 53.50 25.75
C ASP E 224 -74.75 52.01 25.46
N GLN E 225 -73.76 51.60 24.67
CA GLN E 225 -73.58 50.21 24.33
C GLN E 225 -73.19 49.49 25.62
N VAL E 226 -72.48 50.22 26.49
CA VAL E 226 -72.02 49.64 27.73
C VAL E 226 -73.24 49.55 28.62
N GLU E 227 -74.11 50.56 28.55
CA GLU E 227 -75.30 50.51 29.40
C GLU E 227 -76.22 49.37 28.98
N ARG E 228 -76.23 49.08 27.68
CA ARG E 228 -77.02 47.99 27.13
C ARG E 228 -76.51 46.68 27.71
N LEU E 229 -75.18 46.54 27.73
CA LEU E 229 -74.59 45.38 28.39
C LEU E 229 -74.92 45.37 29.88
N TRP E 230 -74.95 46.54 30.51
CA TRP E 230 -75.28 46.67 31.92
C TRP E 230 -76.70 46.19 32.22
N ALA E 231 -77.59 46.34 31.25
CA ALA E 231 -78.91 45.73 31.33
C ALA E 231 -78.77 44.24 31.12
N GLN E 232 -77.85 43.87 30.23
CA GLN E 232 -77.67 42.46 29.88
C GLN E 232 -77.12 41.57 31.00
N ILE E 233 -76.31 42.10 31.91
CA ILE E 233 -75.88 41.19 32.97
C ILE E 233 -76.92 41.13 34.09
N GLN E 234 -77.99 41.89 33.93
CA GLN E 234 -79.08 41.88 34.90
C GLN E 234 -79.97 40.66 34.63
N GLU E 235 -79.81 40.12 33.42
CA GLU E 235 -80.49 38.91 32.96
C GLU E 235 -80.51 37.85 34.05
N SER E 236 -79.39 37.72 34.75
CA SER E 236 -79.18 36.66 35.73
C SER E 236 -78.04 37.08 36.64
N ARG E 237 -78.07 36.63 37.89
CA ARG E 237 -77.03 36.99 38.85
C ARG E 237 -75.71 36.32 38.48
N CYS E 238 -75.80 35.14 37.89
CA CYS E 238 -74.63 34.44 37.40
C CYS E 238 -73.97 35.22 36.26
N LEU E 239 -74.79 35.86 35.42
CA LEU E 239 -74.27 36.75 34.40
C LEU E 239 -73.71 38.04 35.00
N ARG E 240 -74.41 38.56 36.01
CA ARG E 240 -74.04 39.80 36.67
C ARG E 240 -72.69 39.70 37.36
N ASN E 241 -72.38 38.51 37.89
CA ASN E 241 -71.14 38.34 38.63
C ASN E 241 -69.96 37.92 37.75
N LEU E 242 -70.22 37.75 36.46
CA LEU E 242 -69.16 37.35 35.53
C LEU E 242 -68.09 38.44 35.46
N MET E 243 -68.54 39.68 35.57
CA MET E 243 -67.64 40.84 35.58
C MET E 243 -66.62 40.90 36.72
N LYS E 244 -66.59 39.89 37.60
CA LYS E 244 -65.60 39.90 38.68
C LYS E 244 -64.21 39.87 38.07
N THR E 245 -64.06 39.07 37.03
CA THR E 245 -62.78 38.93 36.35
C THR E 245 -62.84 39.66 35.00
N PRO E 246 -61.70 40.20 34.57
CA PRO E 246 -61.54 40.90 33.29
C PRO E 246 -61.69 39.94 32.10
N LEU E 247 -61.39 38.66 32.31
CA LEU E 247 -61.55 37.62 31.27
C LEU E 247 -63.00 37.41 30.80
N PHE E 248 -63.97 37.36 31.71
CA PHE E 248 -65.38 37.21 31.34
C PHE E 248 -65.81 38.41 30.52
N VAL E 249 -65.29 39.56 30.94
CA VAL E 249 -65.52 40.82 30.25
C VAL E 249 -64.96 40.66 28.84
N VAL E 250 -63.78 40.06 28.69
CA VAL E 250 -63.18 39.86 27.37
C VAL E 250 -64.03 38.94 26.50
N ILE E 251 -64.64 37.96 27.18
CA ILE E 251 -65.56 37.01 26.57
C ILE E 251 -66.81 37.68 25.98
N THR E 252 -67.32 38.71 26.64
CA THR E 252 -68.42 39.45 26.03
C THR E 252 -67.96 40.65 25.18
N CYS E 253 -66.71 41.04 25.31
CA CYS E 253 -66.17 42.18 24.58
C CYS E 253 -65.87 41.79 23.14
N ALA E 254 -65.48 40.54 22.95
CA ALA E 254 -65.17 39.99 21.62
C ALA E 254 -66.41 39.95 20.71
N ILE E 255 -67.58 40.26 21.25
CA ILE E 255 -68.83 40.01 20.53
C ILE E 255 -69.43 41.30 19.96
N GLN E 256 -69.00 42.45 20.49
CA GLN E 256 -69.54 43.75 20.09
C GLN E 256 -69.19 44.20 18.67
N MET E 257 -68.26 43.52 18.02
CA MET E 257 -67.77 43.94 16.70
C MET E 257 -68.87 43.94 15.63
N GLY E 258 -69.86 43.07 15.79
CA GLY E 258 -70.99 43.04 14.88
C GLY E 258 -72.31 43.60 15.42
N ARG E 259 -72.35 43.95 16.71
CA ARG E 259 -73.63 44.25 17.35
C ARG E 259 -73.64 45.49 18.25
N GLN E 260 -74.77 46.20 18.24
CA GLN E 260 -74.99 47.33 19.13
C GLN E 260 -75.42 46.89 20.53
N GLU E 261 -76.22 45.83 20.61
CA GLU E 261 -76.47 45.15 21.87
C GLU E 261 -76.62 43.66 21.60
N PHE E 262 -76.14 42.84 22.52
CA PHE E 262 -76.13 41.40 22.32
C PHE E 262 -76.28 40.60 23.60
N GLN E 263 -76.62 39.33 23.40
CA GLN E 263 -76.52 38.30 24.41
C GLN E 263 -76.05 37.05 23.69
N ALA E 264 -75.83 35.97 24.42
CA ALA E 264 -75.43 34.71 23.78
C ALA E 264 -76.54 33.75 23.28
N HIS E 265 -77.73 33.66 23.90
CA HIS E 265 -78.16 34.43 25.06
C HIS E 265 -77.78 33.71 26.33
N THR E 266 -77.36 32.46 26.19
CA THR E 266 -77.07 31.66 27.36
C THR E 266 -75.78 32.12 28.00
N GLN E 267 -75.70 32.03 29.32
CA GLN E 267 -74.50 32.45 29.99
C GLN E 267 -73.37 31.47 29.63
N THR E 268 -73.75 30.23 29.37
CA THR E 268 -72.90 29.15 28.85
C THR E 268 -72.38 29.27 27.40
N MET E 269 -73.17 29.82 26.48
CA MET E 269 -72.73 29.92 25.08
C MET E 269 -71.65 31.00 24.96
N LEU E 270 -71.66 31.90 25.92
CA LEU E 270 -70.65 32.95 26.10
C LEU E 270 -69.33 32.24 26.43
N PHE E 271 -69.49 31.35 27.39
CA PHE E 271 -68.52 30.48 28.05
C PHE E 271 -67.78 29.52 27.05
N GLN E 272 -68.51 29.04 26.04
CA GLN E 272 -67.98 28.13 25.01
C GLN E 272 -66.92 28.74 24.10
N THR E 273 -67.12 30.00 23.71
CA THR E 273 -66.15 30.72 22.90
C THR E 273 -64.81 30.75 23.65
N PHE E 274 -64.90 31.01 24.95
CA PHE E 274 -63.75 31.07 25.84
C PHE E 274 -63.08 29.67 25.81
N TYR E 275 -63.87 28.59 25.88
CA TYR E 275 -63.25 27.23 25.86
C TYR E 275 -62.46 27.04 24.57
N ASP E 276 -63.07 27.38 23.44
CA ASP E 276 -62.40 27.25 22.13
C ASP E 276 -61.10 28.08 22.13
N LEU E 277 -61.12 29.24 22.77
CA LEU E 277 -59.94 30.12 22.86
C LEU E 277 -58.85 29.36 23.63
N LEU E 278 -59.29 28.64 24.65
CA LEU E 278 -58.44 27.79 25.49
C LEU E 278 -57.77 26.75 24.57
N ILE E 279 -58.55 26.15 23.67
CA ILE E 279 -58.02 25.17 22.70
C ILE E 279 -56.97 25.89 21.82
N GLN E 280 -57.28 27.12 21.42
CA GLN E 280 -56.47 28.00 20.54
C GLN E 280 -55.08 28.27 21.10
N LYS E 281 -55.04 28.52 22.39
CA LYS E 281 -53.85 28.86 23.16
C LYS E 281 -52.96 27.64 23.26
N ASN E 282 -53.56 26.48 23.47
CA ASN E 282 -52.80 25.29 23.78
C ASN E 282 -52.49 24.48 22.55
N SER E 283 -52.85 24.92 21.34
CA SER E 283 -52.52 24.01 20.25
C SER E 283 -51.01 23.80 20.20
N HIS E 284 -50.20 24.86 20.45
CA HIS E 284 -48.75 24.66 20.33
C HIS E 284 -48.37 23.77 21.53
N ARG E 285 -49.23 23.86 22.54
CA ARG E 285 -49.14 23.19 23.84
C ARG E 285 -50.01 21.95 23.91
N TYR E 286 -49.72 20.96 23.09
CA TYR E 286 -50.55 19.78 23.09
C TYR E 286 -50.02 18.90 24.21
N ARG E 287 -48.73 19.04 24.48
CA ARG E 287 -48.04 18.30 25.54
C ARG E 287 -48.42 16.83 25.62
N GLY E 288 -48.21 16.10 24.52
CA GLY E 288 -48.70 14.74 24.41
C GLY E 288 -49.99 14.66 23.62
N GLY E 289 -50.41 13.45 23.29
CA GLY E 289 -51.58 13.25 22.47
C GLY E 289 -51.22 13.58 21.04
N ALA E 290 -52.17 13.42 20.12
CA ALA E 290 -51.87 13.65 18.72
C ALA E 290 -52.56 14.91 18.26
N SER E 291 -51.84 15.77 17.55
CA SER E 291 -52.43 16.98 16.98
C SER E 291 -53.12 17.80 18.07
N GLY E 292 -54.39 18.10 17.85
CA GLY E 292 -55.22 18.71 18.87
C GLY E 292 -55.90 17.75 19.83
N ASP E 293 -55.66 16.45 19.70
CA ASP E 293 -56.44 15.47 20.46
C ASP E 293 -56.06 15.45 21.94
N PHE E 294 -55.25 16.39 22.39
CA PHE E 294 -55.01 16.55 23.81
C PHE E 294 -56.31 17.06 24.42
N ALA E 295 -57.04 17.82 23.60
CA ALA E 295 -58.44 18.22 23.82
C ALA E 295 -59.34 17.05 24.22
N ARG E 296 -59.03 15.90 23.65
CA ARG E 296 -59.73 14.63 23.83
C ARG E 296 -59.61 14.19 25.28
N SER E 297 -58.54 14.60 25.94
CA SER E 297 -58.33 14.29 27.34
C SER E 297 -59.41 15.01 28.16
N LEU E 298 -59.79 16.24 27.84
CA LEU E 298 -60.87 16.84 28.64
C LEU E 298 -62.11 15.97 28.42
N ASP E 299 -62.32 15.53 27.18
CA ASP E 299 -63.39 14.59 26.84
C ASP E 299 -63.17 13.26 27.57
N TYR E 300 -61.93 12.84 27.71
CA TYR E 300 -61.62 11.60 28.43
C TYR E 300 -62.17 11.80 29.84
N CYS E 301 -61.98 12.99 30.39
CA CYS E 301 -62.53 13.27 31.72
C CYS E 301 -63.87 13.99 31.52
N GLY E 302 -64.50 13.78 30.37
CA GLY E 302 -65.77 14.41 30.07
C GLY E 302 -66.89 14.06 31.03
N ASP E 303 -66.98 12.77 31.37
CA ASP E 303 -67.96 12.28 32.34
C ASP E 303 -67.63 12.81 33.76
N LEU E 304 -66.47 13.42 33.87
CA LEU E 304 -65.88 14.08 35.05
C LEU E 304 -66.41 15.50 35.01
N ALA E 305 -66.32 16.08 33.82
CA ALA E 305 -66.77 17.44 33.51
C ALA E 305 -68.25 17.35 33.81
N LEU E 306 -68.84 16.21 33.45
CA LEU E 306 -70.25 15.89 33.62
C LEU E 306 -70.41 15.99 35.14
N GLU E 307 -69.55 15.28 35.87
CA GLU E 307 -69.54 15.30 37.33
C GLU E 307 -69.33 16.67 37.96
N GLY E 308 -68.66 17.63 37.33
CA GLY E 308 -68.56 18.90 38.03
C GLY E 308 -69.96 19.42 38.29
N VAL E 309 -70.85 19.46 37.30
CA VAL E 309 -72.21 19.90 37.60
C VAL E 309 -72.79 18.83 38.55
N PHE E 310 -72.53 17.57 38.18
CA PHE E 310 -73.06 16.41 38.88
C PHE E 310 -72.53 16.06 40.27
N ALA E 311 -71.23 16.15 40.53
CA ALA E 311 -70.78 15.82 41.89
C ALA E 311 -70.82 17.01 42.86
N HIS E 312 -71.77 17.91 42.62
CA HIS E 312 -71.95 19.14 43.41
C HIS E 312 -70.72 20.02 43.56
N LYS E 313 -69.64 19.65 42.90
CA LYS E 313 -68.40 20.39 43.01
C LYS E 313 -67.66 20.42 41.69
N PHE E 314 -66.97 21.50 41.43
CA PHE E 314 -66.10 21.55 40.26
C PHE E 314 -64.71 21.09 40.65
N ASP E 315 -64.55 20.53 41.85
CA ASP E 315 -63.21 20.12 42.19
C ASP E 315 -62.97 18.61 42.11
N PHE E 316 -61.86 18.24 41.50
CA PHE E 316 -61.47 16.84 41.28
C PHE E 316 -60.05 16.52 41.71
N GLU E 317 -59.73 15.24 41.84
CA GLU E 317 -58.36 14.87 42.15
C GLU E 317 -57.96 14.00 40.95
N PRO E 318 -56.83 14.31 40.31
CA PRO E 318 -56.51 13.55 39.12
C PRO E 318 -56.19 12.09 39.46
N GLU E 319 -56.56 11.20 38.56
CA GLU E 319 -56.53 9.76 38.80
C GLU E 319 -55.13 9.23 39.03
N HIS E 320 -55.00 8.32 39.99
CA HIS E 320 -53.70 7.74 40.34
C HIS E 320 -53.18 6.82 39.25
N GLY E 321 -51.93 7.04 38.85
CA GLY E 321 -51.36 6.40 37.67
C GLY E 321 -51.31 7.28 36.44
N SER E 322 -51.22 6.65 35.27
CA SER E 322 -50.94 7.35 34.01
C SER E 322 -51.99 8.38 33.64
N SER E 323 -53.16 8.30 34.26
CA SER E 323 -54.22 9.26 33.98
C SER E 323 -54.02 10.57 34.73
N MET E 324 -52.86 10.78 35.36
CA MET E 324 -52.75 11.94 36.22
C MET E 324 -52.46 13.09 35.25
N ASN E 325 -52.51 12.72 33.98
CA ASN E 325 -52.02 13.56 32.92
C ASN E 325 -53.25 14.35 32.57
N GLU E 326 -54.34 13.99 33.25
CA GLU E 326 -55.61 14.67 33.05
C GLU E 326 -55.34 16.07 33.52
N ASP E 327 -54.53 16.23 34.58
CA ASP E 327 -54.29 17.59 35.08
C ASP E 327 -53.49 18.41 34.05
N VAL E 328 -53.39 17.86 32.83
CA VAL E 328 -53.10 18.59 31.59
C VAL E 328 -53.98 19.82 31.53
N LEU E 329 -55.21 19.69 31.99
CA LEU E 329 -56.16 20.79 31.97
C LEU E 329 -55.72 21.91 32.91
N VAL E 330 -54.97 21.58 33.96
CA VAL E 330 -54.44 22.64 34.80
C VAL E 330 -53.41 23.38 33.96
N THR E 331 -52.64 22.61 33.20
CA THR E 331 -51.66 23.18 32.28
C THR E 331 -52.44 24.00 31.23
N ILE E 332 -53.58 23.46 30.77
CA ILE E 332 -54.42 24.19 29.80
C ILE E 332 -55.18 25.37 30.38
N GLY E 333 -55.57 25.27 31.64
CA GLY E 333 -56.24 26.35 32.34
C GLY E 333 -57.74 26.11 32.41
N LEU E 334 -58.15 24.94 31.93
CA LEU E 334 -59.53 24.52 32.00
C LEU E 334 -59.84 24.19 33.44
N LEU E 335 -58.82 23.60 34.06
CA LEU E 335 -58.79 23.24 35.46
C LEU E 335 -57.60 23.85 36.23
N CYS E 336 -57.40 25.17 36.26
CA CYS E 336 -56.19 25.61 36.98
C CYS E 336 -56.37 25.35 38.48
N LYS E 337 -55.30 24.94 39.13
CA LYS E 337 -55.27 24.74 40.58
C LYS E 337 -54.46 25.55 41.61
N TYR E 338 -55.07 25.73 42.79
CA TYR E 338 -54.58 26.52 43.91
C TYR E 338 -53.46 25.74 44.62
N THR E 339 -52.25 26.25 44.83
CA THR E 339 -51.33 25.43 45.64
C THR E 339 -51.82 25.38 47.10
N ALA E 340 -51.71 24.20 47.71
CA ALA E 340 -52.19 23.92 49.07
C ALA E 340 -51.82 22.50 49.53
N GLN E 341 -51.77 22.27 50.83
CA GLN E 341 -51.40 20.96 51.36
C GLN E 341 -52.53 19.92 51.21
N ARG E 342 -52.20 18.88 50.45
CA ARG E 342 -53.08 17.76 50.07
C ARG E 342 -54.00 18.26 48.97
N LEU E 343 -53.39 19.07 48.11
CA LEU E 343 -54.02 19.73 46.99
C LEU E 343 -54.64 18.84 45.93
N LYS E 344 -55.86 19.20 45.54
CA LYS E 344 -56.50 18.58 44.39
C LYS E 344 -57.17 19.62 43.48
N PRO E 345 -57.04 19.44 42.17
CA PRO E 345 -57.48 20.23 41.02
C PRO E 345 -58.89 20.80 41.17
N THR E 346 -59.18 21.86 40.41
CA THR E 346 -60.49 22.51 40.37
C THR E 346 -60.50 23.11 38.98
N TYR E 347 -61.67 23.48 38.45
CA TYR E 347 -61.69 24.21 37.18
C TYR E 347 -61.49 25.72 37.20
N LYS E 348 -61.53 26.34 38.38
CA LYS E 348 -61.49 27.80 38.42
C LYS E 348 -60.23 28.26 37.70
N PHE E 349 -60.40 29.22 36.79
CA PHE E 349 -59.28 29.99 36.27
C PHE E 349 -59.45 31.37 36.89
N PHE E 350 -60.35 31.39 37.87
CA PHE E 350 -61.30 32.46 38.17
C PHE E 350 -62.65 31.78 37.89
N HIS E 351 -63.47 31.56 38.92
CA HIS E 351 -64.85 31.07 38.75
C HIS E 351 -64.94 29.64 38.18
N LYS E 352 -64.89 28.62 39.04
CA LYS E 352 -64.96 27.24 38.58
C LYS E 352 -66.29 26.85 37.94
N SER E 353 -67.35 27.58 38.30
CA SER E 353 -68.67 27.32 37.72
C SER E 353 -68.68 27.52 36.22
N PHE E 354 -67.59 28.08 35.72
CA PHE E 354 -67.45 28.35 34.31
C PHE E 354 -67.55 27.05 33.51
N GLN E 355 -67.05 25.98 34.10
CA GLN E 355 -67.14 24.62 33.54
C GLN E 355 -68.55 23.99 33.37
N GLU E 356 -69.59 24.69 33.77
CA GLU E 356 -70.94 24.16 33.65
C GLU E 356 -71.42 23.84 32.22
N TYR E 357 -71.04 24.65 31.25
CA TYR E 357 -71.38 24.39 29.86
C TYR E 357 -70.77 23.08 29.39
N THR E 358 -69.50 22.83 29.71
CA THR E 358 -68.87 21.60 29.24
C THR E 358 -69.65 20.40 29.77
N ALA E 359 -70.12 20.47 31.00
CA ALA E 359 -70.90 19.34 31.51
C ALA E 359 -72.18 19.19 30.72
N GLY E 360 -72.78 20.30 30.33
CA GLY E 360 -73.97 20.26 29.51
C GLY E 360 -73.56 19.73 28.13
N ARG E 361 -72.40 20.21 27.66
CA ARG E 361 -71.80 19.81 26.39
C ARG E 361 -71.49 18.32 26.27
N ARG E 362 -71.01 17.72 27.35
CA ARG E 362 -70.70 16.30 27.36
C ARG E 362 -72.03 15.60 27.13
N LEU E 363 -73.09 16.09 27.76
CA LEU E 363 -74.40 15.47 27.63
C LEU E 363 -74.75 15.57 26.14
N SER E 364 -74.51 16.74 25.55
CA SER E 364 -74.77 16.95 24.13
C SER E 364 -73.93 15.99 23.29
N SER E 365 -72.69 15.80 23.70
CA SER E 365 -71.79 14.90 22.98
C SER E 365 -72.40 13.51 23.03
N LEU E 366 -73.13 13.23 24.11
CA LEU E 366 -73.84 11.98 24.26
C LEU E 366 -75.06 11.98 23.33
N LEU E 367 -75.81 13.08 23.31
CA LEU E 367 -77.03 13.18 22.49
C LEU E 367 -76.77 13.16 20.98
N THR E 368 -75.69 13.78 20.54
CA THR E 368 -75.34 13.84 19.13
C THR E 368 -74.44 12.68 18.73
N SER E 369 -74.37 11.69 19.61
CA SER E 369 -73.45 10.58 19.44
C SER E 369 -73.94 9.55 18.44
N LYS E 370 -73.00 8.78 17.92
CA LYS E 370 -73.20 7.84 16.82
C LYS E 370 -74.35 6.86 17.04
N GLU E 371 -74.76 6.66 18.29
CA GLU E 371 -75.80 5.70 18.59
C GLU E 371 -76.74 6.13 19.72
N PRO E 372 -78.01 5.67 19.63
CA PRO E 372 -79.07 5.82 20.63
C PRO E 372 -78.68 5.44 22.07
N GLU E 373 -77.89 4.40 22.28
CA GLU E 373 -77.48 4.01 23.64
C GLU E 373 -76.62 5.07 24.35
N GLU E 374 -75.72 5.73 23.64
CA GLU E 374 -74.92 6.80 24.24
C GLU E 374 -75.88 7.94 24.59
N VAL E 375 -76.84 8.19 23.72
CA VAL E 375 -77.83 9.24 23.96
C VAL E 375 -78.65 8.92 25.22
N SER E 376 -79.08 7.67 25.36
CA SER E 376 -79.83 7.19 26.54
C SER E 376 -78.95 7.24 27.78
N LYS E 377 -77.64 7.08 27.58
CA LYS E 377 -76.66 7.24 28.63
C LYS E 377 -76.71 8.70 29.05
N GLY E 378 -76.81 9.58 28.06
CA GLY E 378 -76.98 11.00 28.30
C GLY E 378 -78.30 11.21 29.01
N ASN E 379 -79.31 10.46 28.55
CA ASN E 379 -80.64 10.45 29.15
C ASN E 379 -80.59 9.94 30.59
N SER E 380 -79.71 8.98 30.87
CA SER E 380 -79.63 8.39 32.20
C SER E 380 -79.08 9.40 33.20
N TYR E 381 -78.47 10.44 32.65
CA TYR E 381 -77.95 11.57 33.39
C TYR E 381 -79.14 12.47 33.78
N LEU E 382 -80.32 12.14 33.25
CA LEU E 382 -81.58 12.83 33.57
C LEU E 382 -82.35 12.02 34.59
N ASN E 383 -81.72 10.95 35.07
CA ASN E 383 -82.37 10.05 36.01
C ASN E 383 -81.73 10.51 37.32
N LYS E 384 -80.92 11.54 37.14
CA LYS E 384 -80.06 12.10 38.17
C LYS E 384 -80.74 13.34 38.72
N MET E 385 -81.68 13.87 37.94
CA MET E 385 -82.26 15.19 38.16
C MET E 385 -83.79 15.20 38.36
N VAL E 386 -84.24 15.96 39.36
CA VAL E 386 -85.66 16.10 39.68
C VAL E 386 -86.28 17.48 39.41
N SER E 387 -87.03 17.61 38.31
CA SER E 387 -87.66 18.90 37.92
C SER E 387 -86.82 20.18 37.86
N ILE E 388 -87.51 21.33 37.83
CA ILE E 388 -86.84 22.64 37.79
C ILE E 388 -86.15 22.73 39.13
N SER E 389 -86.85 22.24 40.15
CA SER E 389 -86.46 22.18 41.57
C SER E 389 -85.05 22.68 41.78
N ASP E 390 -84.16 21.95 41.12
CA ASP E 390 -82.73 22.06 41.21
C ASP E 390 -82.15 23.34 40.66
N ILE E 391 -82.98 24.35 40.41
CA ILE E 391 -82.51 25.70 40.12
C ILE E 391 -81.60 26.23 41.24
N THR E 392 -81.74 25.61 42.42
CA THR E 392 -80.95 25.95 43.59
C THR E 392 -79.52 25.40 43.50
N SER E 393 -79.29 24.48 42.57
CA SER E 393 -78.00 23.80 42.51
C SER E 393 -77.58 23.50 41.08
N LEU E 394 -76.41 22.89 40.95
CA LEU E 394 -75.79 22.74 39.65
C LEU E 394 -76.59 22.02 38.57
N TYR E 395 -77.58 21.19 38.89
CA TYR E 395 -78.25 20.60 37.73
C TYR E 395 -79.47 21.45 37.31
N GLY E 396 -79.77 22.56 37.97
CA GLY E 396 -80.99 23.28 37.59
C GLY E 396 -80.99 23.82 36.19
N ASN E 397 -79.88 24.51 35.97
CA ASN E 397 -79.36 25.23 34.79
C ASN E 397 -78.78 24.29 33.72
N LEU E 398 -78.43 23.11 34.18
CA LEU E 398 -77.84 22.01 33.44
C LEU E 398 -78.67 21.70 32.19
N LEU E 399 -79.99 21.72 32.25
CA LEU E 399 -80.71 21.32 31.05
C LEU E 399 -80.56 22.42 30.00
N LEU E 400 -80.34 23.63 30.47
CA LEU E 400 -80.07 24.79 29.65
C LEU E 400 -78.77 24.55 28.89
N TYR E 401 -77.79 24.04 29.62
CA TYR E 401 -76.47 23.80 29.09
C TYR E 401 -76.55 22.62 28.15
N THR E 402 -77.45 21.70 28.43
CA THR E 402 -77.68 20.59 27.51
C THR E 402 -78.22 21.15 26.18
N CYS E 403 -79.23 22.01 26.29
CA CYS E 403 -79.86 22.65 25.14
C CYS E 403 -79.08 23.67 24.27
N GLY E 404 -78.23 24.49 24.86
CA GLY E 404 -77.45 25.48 24.10
C GLY E 404 -76.54 24.68 23.20
N SER E 405 -76.24 23.49 23.72
CA SER E 405 -75.36 22.49 23.16
C SER E 405 -76.02 21.79 21.96
N SER E 406 -77.31 21.48 22.03
CA SER E 406 -77.98 20.71 20.96
C SER E 406 -79.42 21.15 20.66
N THR E 407 -79.84 20.89 19.41
CA THR E 407 -81.16 21.24 18.86
C THR E 407 -82.43 20.44 19.14
N GLU E 408 -82.65 19.48 18.24
CA GLU E 408 -83.73 18.49 18.20
C GLU E 408 -83.72 17.59 19.43
N ALA E 409 -82.51 17.31 19.88
CA ALA E 409 -82.22 16.45 21.01
C ALA E 409 -82.87 16.99 22.27
N THR E 410 -82.94 18.30 22.48
CA THR E 410 -83.65 18.77 23.66
C THR E 410 -85.16 18.40 23.72
N ARG E 411 -85.71 17.79 22.66
CA ARG E 411 -87.05 17.20 22.77
C ARG E 411 -87.04 16.06 23.80
N ALA E 412 -85.91 15.36 23.85
CA ALA E 412 -85.62 14.32 24.83
C ALA E 412 -85.62 14.97 26.21
N VAL E 413 -85.13 16.20 26.27
CA VAL E 413 -85.06 16.98 27.50
C VAL E 413 -86.52 17.27 27.82
N MET E 414 -87.31 17.63 26.81
CA MET E 414 -88.69 18.01 27.08
C MET E 414 -89.42 16.77 27.59
N ARG E 415 -88.97 15.58 27.20
CA ARG E 415 -89.62 14.38 27.71
C ARG E 415 -89.47 14.28 29.22
N HIS E 416 -88.31 14.59 29.78
CA HIS E 416 -88.20 14.54 31.24
C HIS E 416 -88.99 15.65 31.89
N LEU E 417 -89.25 16.72 31.14
CA LEU E 417 -90.06 17.79 31.69
C LEU E 417 -91.51 17.31 31.86
N ALA E 418 -91.80 16.16 31.27
CA ALA E 418 -93.16 15.63 31.35
C ALA E 418 -93.15 14.55 32.43
N MET E 419 -91.96 14.27 32.97
CA MET E 419 -91.72 13.12 33.84
C MET E 419 -91.59 13.72 35.24
N VAL E 420 -91.89 15.02 35.27
CA VAL E 420 -91.88 15.85 36.47
C VAL E 420 -93.23 15.77 37.19
N TYR E 421 -93.22 15.27 38.42
CA TYR E 421 -94.45 15.00 39.16
C TYR E 421 -94.29 15.61 40.53
N GLN E 422 -93.14 16.25 40.73
CA GLN E 422 -92.71 16.74 42.02
C GLN E 422 -93.18 18.18 42.18
N HIS E 423 -93.43 18.82 41.04
CA HIS E 423 -93.91 20.20 40.99
C HIS E 423 -92.83 21.18 41.45
N GLY E 424 -91.59 20.76 41.31
CA GLY E 424 -90.43 21.48 41.85
C GLY E 424 -90.16 21.18 43.31
N SER E 425 -90.07 22.23 44.13
CA SER E 425 -90.04 22.06 45.57
C SER E 425 -90.84 23.16 46.27
N LEU E 426 -91.53 22.80 47.35
CA LEU E 426 -92.42 23.73 48.03
C LEU E 426 -91.74 24.50 49.17
N GLN E 427 -90.50 24.14 49.48
CA GLN E 427 -89.82 24.73 50.63
C GLN E 427 -89.45 26.18 50.35
N GLY E 428 -89.74 27.05 51.32
CA GLY E 428 -89.41 28.46 51.21
C GLY E 428 -90.36 29.29 50.36
N LEU E 429 -91.45 28.67 49.90
CA LEU E 429 -92.38 29.33 48.99
C LEU E 429 -93.81 29.21 49.51
N SER E 430 -94.62 30.23 49.23
CA SER E 430 -95.98 30.29 49.77
C SER E 430 -96.95 31.11 48.92
N VAL E 431 -98.10 30.51 48.62
CA VAL E 431 -99.17 31.12 47.82
C VAL E 431 -99.60 32.49 48.36
N THR E 432 -99.06 32.86 49.51
CA THR E 432 -99.34 34.14 50.12
C THR E 432 -98.12 35.07 50.14
N LYS E 433 -97.24 34.89 49.15
CA LYS E 433 -96.03 35.72 49.06
C LYS E 433 -96.18 36.65 47.86
N ARG E 434 -96.90 36.20 46.84
CA ARG E 434 -97.10 36.98 45.63
C ARG E 434 -97.95 38.25 45.91
N PRO E 435 -99.15 38.10 46.52
CA PRO E 435 -99.90 39.32 46.85
C PRO E 435 -99.26 40.18 47.95
N LEU E 436 -98.48 39.55 48.84
CA LEU E 436 -97.83 40.17 50.00
C LEU E 436 -98.81 40.39 51.15
N TRP E 437 -99.79 39.49 51.28
CA TRP E 437 -100.85 39.68 52.27
C TRP E 437 -100.98 38.49 53.23
N ARG E 438 -101.50 38.78 54.43
CA ARG E 438 -101.90 37.73 55.36
C ARG E 438 -103.41 37.65 55.44
N GLN E 439 -104.10 38.02 54.37
CA GLN E 439 -105.56 38.12 54.40
C GLN E 439 -106.22 37.79 53.06
N GLU E 440 -107.48 37.39 53.16
CA GLU E 440 -108.26 36.87 52.04
C GLU E 440 -108.16 37.71 50.77
N SEP E 441 -108.08 37.02 49.64
CA SEP E 441 -107.96 37.61 48.32
CB SEP E 441 -106.68 37.13 47.64
OG SEP E 441 -106.63 35.73 47.65
C SEP E 441 -109.17 37.23 47.45
O SEP E 441 -110.15 36.69 47.97
P SEP E 441 -105.17 35.21 48.11
O1P SEP E 441 -105.29 33.69 48.64
O2P SEP E 441 -104.63 36.15 49.30
O3P SEP E 441 -104.18 35.26 46.86
N ILE E 442 -109.12 37.52 46.16
CA ILE E 442 -110.15 37.05 45.23
C ILE E 442 -109.88 35.58 44.97
N GLN E 443 -108.59 35.23 44.95
CA GLN E 443 -108.16 33.85 44.78
C GLN E 443 -108.63 33.05 46.00
N SER E 444 -108.70 33.72 47.15
CA SER E 444 -109.16 33.10 48.39
C SER E 444 -110.66 32.83 48.35
N LEU E 445 -111.41 33.70 47.68
CA LEU E 445 -112.84 33.46 47.48
C LEU E 445 -113.05 32.21 46.61
N ARG E 446 -112.07 31.88 45.79
CA ARG E 446 -112.20 30.72 44.92
C ARG E 446 -112.00 29.41 45.73
N ASN E 447 -111.44 29.54 46.93
CA ASN E 447 -111.14 28.37 47.80
C ASN E 447 -111.61 28.46 49.26
N THR E 448 -111.77 27.30 49.88
CA THR E 448 -112.16 27.15 51.28
C THR E 448 -111.05 27.32 52.33
N THR E 449 -109.79 27.21 51.90
CA THR E 449 -108.66 27.51 52.79
C THR E 449 -107.83 28.76 52.46
N GLU E 450 -106.82 29.02 53.29
CA GLU E 450 -105.99 30.21 53.12
C GLU E 450 -104.98 29.90 52.01
N GLN E 451 -104.66 28.63 51.84
CA GLN E 451 -103.67 28.21 50.85
C GLN E 451 -104.20 27.08 49.97
N ASP E 452 -103.49 26.82 48.87
CA ASP E 452 -103.72 25.65 48.02
C ASP E 452 -102.73 25.63 46.85
N VAL E 453 -102.44 26.81 46.28
CA VAL E 453 -101.52 26.93 45.15
C VAL E 453 -100.16 26.47 45.66
N LEU E 454 -99.88 26.79 46.93
CA LEU E 454 -98.68 26.38 47.66
C LEU E 454 -98.24 24.93 47.41
N LYS E 455 -99.23 24.04 47.31
CA LYS E 455 -99.00 22.61 47.14
C LYS E 455 -98.27 22.45 45.81
N ALA E 456 -98.71 23.18 44.80
CA ALA E 456 -98.15 23.05 43.46
C ALA E 456 -97.63 24.47 43.16
N ILE E 457 -97.04 25.11 44.17
CA ILE E 457 -96.58 26.51 44.07
C ILE E 457 -95.68 26.82 42.88
N ASN E 458 -94.81 25.88 42.53
CA ASN E 458 -93.88 26.12 41.44
C ASN E 458 -94.44 25.77 40.08
N VAL E 459 -95.76 25.82 39.92
CA VAL E 459 -96.34 25.53 38.61
C VAL E 459 -95.93 26.58 37.58
N ASN E 460 -95.79 27.83 38.00
CA ASN E 460 -95.32 28.88 37.12
C ASN E 460 -93.79 29.09 37.19
N SER E 461 -93.16 28.47 38.18
CA SER E 461 -91.71 28.57 38.42
C SER E 461 -91.12 27.85 37.22
N PHE E 462 -91.86 26.82 36.84
CA PHE E 462 -91.60 25.94 35.71
C PHE E 462 -91.58 26.75 34.44
N VAL E 463 -92.53 27.66 34.32
CA VAL E 463 -92.66 28.50 33.14
C VAL E 463 -91.45 29.41 32.91
N GLU E 464 -90.90 30.03 33.95
CA GLU E 464 -89.70 30.86 33.74
C GLU E 464 -88.51 30.04 33.16
N CYS E 465 -88.33 28.85 33.72
CA CYS E 465 -87.34 27.89 33.23
C CYS E 465 -87.63 27.58 31.79
N GLY E 466 -88.93 27.34 31.54
CA GLY E 466 -89.44 27.01 30.23
C GLY E 466 -89.21 28.05 29.15
N ILE E 467 -89.40 29.33 29.45
CA ILE E 467 -89.15 30.35 28.46
C ILE E 467 -87.66 30.39 28.15
N ASN E 468 -86.86 30.22 29.20
CA ASN E 468 -85.41 30.13 28.96
C ASN E 468 -85.04 28.93 28.07
N LEU E 469 -85.62 27.76 28.37
CA LEU E 469 -85.41 26.52 27.60
C LEU E 469 -85.87 26.58 26.15
N PHE E 470 -86.98 27.27 25.95
CA PHE E 470 -87.59 27.49 24.64
C PHE E 470 -86.59 28.28 23.82
N SER E 471 -86.08 29.31 24.49
CA SER E 471 -85.09 30.25 23.98
C SER E 471 -83.72 29.62 23.66
N GLU E 472 -83.26 28.72 24.53
CA GLU E 472 -81.96 28.07 24.39
C GLU E 472 -81.62 27.16 23.21
N SER E 473 -82.58 26.46 22.63
CA SER E 473 -82.21 25.62 21.50
C SER E 473 -82.87 26.36 20.37
N MET E 474 -83.44 27.50 20.74
CA MET E 474 -84.12 28.43 19.84
C MET E 474 -85.25 27.58 19.28
N SER E 475 -85.95 26.91 20.18
CA SER E 475 -86.67 25.68 19.86
C SER E 475 -87.91 25.82 18.98
N LYS E 476 -88.13 27.02 18.44
CA LYS E 476 -89.33 27.39 17.68
C LYS E 476 -90.59 26.54 17.89
N SER E 477 -91.41 26.49 16.84
CA SER E 477 -92.64 25.69 16.84
C SER E 477 -92.41 24.19 16.95
N ASP E 478 -91.14 23.76 16.88
CA ASP E 478 -90.83 22.34 16.94
C ASP E 478 -91.15 21.68 18.29
N LEU E 479 -90.81 22.37 19.37
CA LEU E 479 -91.04 21.89 20.73
C LEU E 479 -92.39 22.30 21.35
N SER E 480 -93.30 22.86 20.54
CA SER E 480 -94.62 23.31 21.01
C SER E 480 -95.71 22.36 21.54
N GLN E 481 -95.83 21.15 21.03
CA GLN E 481 -96.80 20.19 21.56
C GLN E 481 -96.46 19.86 23.01
N GLU E 482 -95.16 19.84 23.22
CA GLU E 482 -94.59 19.60 24.52
C GLU E 482 -94.89 20.81 25.37
N PHE E 483 -94.66 22.04 24.92
CA PHE E 483 -94.81 23.08 25.91
C PHE E 483 -96.31 23.30 26.11
N GLU E 484 -97.18 22.85 25.21
CA GLU E 484 -98.62 23.18 25.45
C GLU E 484 -98.92 22.29 26.60
N ALA E 485 -98.41 21.05 26.52
CA ALA E 485 -98.63 20.08 27.60
C ALA E 485 -97.86 20.28 28.91
N PHE E 486 -96.79 21.04 28.88
CA PHE E 486 -95.88 21.18 30.02
C PHE E 486 -96.36 22.21 31.06
N PHE E 487 -97.02 23.26 30.59
CA PHE E 487 -97.48 24.31 31.49
C PHE E 487 -98.97 24.18 31.75
N GLN E 488 -99.52 23.04 31.34
CA GLN E 488 -100.94 22.73 31.46
C GLN E 488 -101.37 22.45 32.90
N GLY E 489 -102.58 22.88 33.25
CA GLY E 489 -103.12 22.63 34.58
C GLY E 489 -102.48 23.56 35.57
N LYS E 490 -101.91 24.66 35.06
CA LYS E 490 -101.17 25.58 35.90
C LYS E 490 -101.58 27.04 35.73
N SER E 491 -101.30 27.83 36.76
CA SER E 491 -101.57 29.27 36.79
C SER E 491 -100.35 30.14 37.14
N LEU E 492 -100.19 31.25 36.44
CA LEU E 492 -99.14 32.23 36.69
C LEU E 492 -99.63 33.50 37.37
N TYR E 493 -98.99 33.92 38.46
CA TYR E 493 -99.41 35.16 39.09
C TYR E 493 -98.25 36.16 39.26
N ILE E 494 -98.46 37.34 38.66
CA ILE E 494 -97.61 38.55 38.72
C ILE E 494 -98.08 39.71 39.62
N ASN E 495 -97.18 40.26 40.44
CA ASN E 495 -97.41 41.58 41.02
C ASN E 495 -96.94 42.74 40.10
N SER E 496 -97.69 43.85 40.09
CA SER E 496 -97.32 45.04 39.29
C SER E 496 -96.00 45.67 39.75
N GLU E 497 -95.73 45.55 41.04
CA GLU E 497 -94.51 46.07 41.66
C GLU E 497 -93.30 45.29 41.19
N ASN E 498 -93.49 43.99 41.00
CA ASN E 498 -92.44 43.12 40.50
C ASN E 498 -92.83 42.46 39.18
N ILE E 499 -92.94 43.29 38.14
CA ILE E 499 -93.19 42.84 36.77
C ILE E 499 -91.89 42.56 36.03
N PRO E 500 -91.63 41.28 35.71
CA PRO E 500 -90.48 40.93 34.88
C PRO E 500 -90.62 41.45 33.44
N ASP E 501 -89.48 41.59 32.79
CA ASP E 501 -89.37 42.01 31.40
C ASP E 501 -89.42 40.80 30.48
N TYR E 502 -89.01 39.66 31.01
CA TYR E 502 -88.93 38.38 30.29
C TYR E 502 -90.28 37.74 29.94
N LEU E 503 -91.39 38.18 30.50
CA LEU E 503 -92.60 37.54 30.00
C LEU E 503 -92.92 37.74 28.52
N PHE E 504 -92.77 38.91 27.90
CA PHE E 504 -92.98 38.92 26.44
C PHE E 504 -91.94 38.05 25.65
N ASP E 505 -90.93 37.48 26.34
CA ASP E 505 -89.90 36.61 25.70
C ASP E 505 -90.36 35.29 25.05
N PHE E 506 -91.28 34.61 25.72
CA PHE E 506 -91.86 33.32 25.32
C PHE E 506 -92.58 33.55 24.02
N PHE E 507 -93.23 34.70 23.97
CA PHE E 507 -94.05 35.14 22.86
C PHE E 507 -93.24 35.34 21.59
N GLU E 508 -92.06 34.73 21.50
CA GLU E 508 -91.20 34.86 20.34
C GLU E 508 -91.85 34.15 19.16
N TYR E 509 -92.10 32.86 19.34
CA TYR E 509 -92.56 32.02 18.25
C TYR E 509 -93.87 31.42 18.69
N LEU E 510 -94.08 31.43 20.00
CA LEU E 510 -95.27 30.72 20.42
C LEU E 510 -96.09 31.52 21.45
N PRO E 511 -96.65 32.69 21.08
CA PRO E 511 -97.44 33.38 22.12
C PRO E 511 -98.79 32.74 22.47
N ASN E 512 -99.32 32.03 21.48
CA ASN E 512 -100.59 31.32 21.54
C ASN E 512 -100.63 30.20 22.55
N CYS E 513 -99.51 29.50 22.72
CA CYS E 513 -99.49 28.40 23.67
C CYS E 513 -99.62 28.92 25.11
N ALA E 514 -99.82 30.23 25.24
CA ALA E 514 -100.05 30.86 26.53
C ALA E 514 -101.33 30.26 27.10
N SER E 515 -102.27 29.92 26.22
CA SER E 515 -103.53 29.30 26.61
C SER E 515 -103.45 27.83 26.97
N ALA E 516 -102.23 27.33 27.21
CA ALA E 516 -102.10 26.06 27.91
C ALA E 516 -102.38 26.33 29.39
N LEU E 517 -101.82 27.43 29.89
CA LEU E 517 -102.00 27.91 31.27
C LEU E 517 -103.48 28.23 31.51
N ASP E 518 -103.93 28.16 32.76
CA ASP E 518 -105.28 28.62 33.05
C ASP E 518 -105.44 30.12 33.26
N PHE E 519 -105.02 30.62 34.42
CA PHE E 519 -105.00 32.06 34.72
C PHE E 519 -103.70 32.79 35.01
N VAL E 520 -103.57 33.97 34.41
CA VAL E 520 -102.37 34.80 34.54
C VAL E 520 -102.96 35.79 35.53
N LYS E 521 -102.31 35.95 36.68
CA LYS E 521 -102.91 36.78 37.72
C LYS E 521 -102.04 37.99 38.00
N LEU E 522 -102.72 39.12 38.04
CA LEU E 522 -102.13 40.43 38.23
C LEU E 522 -102.61 41.26 39.42
N ASP E 523 -101.66 41.78 40.18
CA ASP E 523 -101.99 42.64 41.31
C ASP E 523 -101.49 44.01 40.95
N PHE E 524 -102.39 44.98 41.05
CA PHE E 524 -102.10 46.35 40.63
C PHE E 524 -102.25 47.26 41.85
N TYR E 525 -101.14 47.79 42.33
CA TYR E 525 -101.16 48.80 43.38
C TYR E 525 -100.76 50.22 43.00
N GLU E 526 -100.81 51.09 44.01
CA GLU E 526 -100.48 52.51 43.89
C GLU E 526 -101.40 53.32 42.96
N ARG E 527 -101.29 53.07 41.67
CA ARG E 527 -102.10 53.82 40.71
C ARG E 527 -102.65 52.88 39.64
N ALA E 528 -103.77 53.25 39.07
CA ALA E 528 -104.38 52.46 38.01
C ALA E 528 -103.50 52.44 36.77
N THR E 529 -102.59 53.41 36.67
CA THR E 529 -101.66 53.53 35.55
C THR E 529 -100.84 52.26 35.35
N PRO E 553 -102.70 50.09 33.60
CA PRO E 553 -101.37 49.51 33.39
C PRO E 553 -101.02 49.28 31.92
N PRO E 554 -100.43 50.29 31.26
CA PRO E 554 -100.07 50.17 29.84
C PRO E 554 -99.04 49.06 29.62
N ARG E 555 -98.14 48.88 30.58
CA ARG E 555 -97.11 47.86 30.47
C ARG E 555 -97.69 46.45 30.54
N ALA E 556 -98.74 46.27 31.33
CA ALA E 556 -99.44 44.99 31.45
C ALA E 556 -100.20 44.57 30.19
N VAL E 557 -100.94 45.51 29.61
CA VAL E 557 -101.79 45.22 28.46
C VAL E 557 -100.94 44.78 27.28
N SER E 558 -99.82 45.48 27.06
CA SER E 558 -98.92 45.24 25.94
C SER E 558 -98.70 43.75 25.71
N LEU E 559 -98.77 43.01 26.80
CA LEU E 559 -98.70 41.55 26.81
C LEU E 559 -99.93 40.91 26.17
N PHE E 560 -101.10 41.47 26.45
CA PHE E 560 -102.37 40.90 25.96
C PHE E 560 -102.73 41.40 24.57
N PHE E 561 -101.98 42.38 24.08
CA PHE E 561 -101.99 42.67 22.65
C PHE E 561 -101.30 41.59 21.85
N ASN E 562 -100.38 40.86 22.49
CA ASN E 562 -99.62 39.84 21.78
C ASN E 562 -100.27 38.46 21.80
N TRP E 563 -101.28 38.29 22.63
CA TRP E 563 -101.91 36.98 22.75
C TRP E 563 -103.36 36.89 22.24
N LYS E 564 -103.71 35.72 21.71
CA LYS E 564 -105.03 35.42 21.16
C LYS E 564 -106.15 35.30 22.21
N GLN E 565 -107.30 35.89 21.92
CA GLN E 565 -108.51 35.72 22.71
C GLN E 565 -109.04 34.27 22.60
N GLU E 566 -109.78 33.79 23.60
CA GLU E 566 -109.89 34.36 24.95
C GLU E 566 -109.36 33.49 26.07
N PHE E 567 -108.65 34.12 27.02
CA PHE E 567 -108.18 33.43 28.21
C PHE E 567 -109.42 32.91 28.93
N LYS E 568 -109.34 31.77 29.59
CA LYS E 568 -110.51 31.29 30.29
C LYS E 568 -110.84 32.21 31.48
N THR E 569 -110.04 32.12 32.53
CA THR E 569 -110.17 33.02 33.68
C THR E 569 -108.93 33.91 33.93
N LEU E 570 -109.17 35.23 34.00
CA LEU E 570 -108.17 36.29 34.23
C LEU E 570 -108.33 37.04 35.56
N GLU E 571 -107.41 36.92 36.50
CA GLU E 571 -107.73 37.55 37.79
C GLU E 571 -106.76 38.63 38.28
N VAL E 572 -107.43 39.67 38.78
CA VAL E 572 -106.86 40.89 39.36
C VAL E 572 -107.22 41.33 40.82
N THR E 573 -106.16 41.55 41.58
CA THR E 573 -106.06 41.95 43.00
C THR E 573 -105.63 43.42 43.14
N LEU E 574 -106.41 44.28 43.79
CA LEU E 574 -106.14 45.71 43.79
C LEU E 574 -105.67 45.98 45.22
N ARG E 575 -104.47 46.56 45.31
CA ARG E 575 -103.87 47.03 46.57
C ARG E 575 -103.45 48.50 46.69
N ASP E 576 -103.58 49.03 47.92
CA ASP E 576 -103.20 50.40 48.29
C ASP E 576 -103.28 51.41 47.18
N ILE E 577 -104.49 51.58 46.64
CA ILE E 577 -104.71 52.57 45.60
C ILE E 577 -105.36 53.80 46.22
N ASN E 578 -104.81 54.96 45.89
CA ASN E 578 -105.34 56.23 46.35
C ASN E 578 -105.43 57.12 45.12
N LYS E 579 -105.23 56.48 43.97
CA LYS E 579 -105.27 57.10 42.66
C LYS E 579 -106.00 56.17 41.71
N LEU E 580 -107.33 56.22 41.75
CA LEU E 580 -108.11 55.37 40.86
C LEU E 580 -108.39 56.12 39.57
N ASN E 581 -107.34 56.36 38.80
CA ASN E 581 -107.51 57.11 37.56
C ASN E 581 -108.44 56.29 36.70
N LYS E 582 -109.66 56.80 36.61
CA LYS E 582 -110.75 56.16 35.88
C LYS E 582 -110.39 55.97 34.41
N GLN E 583 -109.33 56.67 34.00
CA GLN E 583 -108.70 56.52 32.69
C GLN E 583 -107.88 55.23 32.52
N ASP E 584 -107.25 54.75 33.60
CA ASP E 584 -106.32 53.62 33.52
C ASP E 584 -107.02 52.30 33.88
N ILE E 585 -108.28 52.44 34.24
CA ILE E 585 -109.25 51.40 34.59
C ILE E 585 -109.37 50.61 33.29
N LYS E 586 -109.43 51.39 32.22
CA LYS E 586 -109.59 50.96 30.84
C LYS E 586 -108.43 50.05 30.44
N TYR E 587 -107.20 50.33 30.87
CA TYR E 587 -106.06 49.50 30.50
C TYR E 587 -106.38 48.13 31.11
N LEU E 588 -106.89 48.17 32.33
CA LEU E 588 -107.33 46.95 33.01
C LEU E 588 -108.43 46.35 32.15
N GLY E 589 -109.23 47.18 31.50
CA GLY E 589 -110.27 46.73 30.58
C GLY E 589 -109.66 45.92 29.45
N LYS E 590 -108.56 46.38 28.89
CA LYS E 590 -107.87 45.69 27.78
C LYS E 590 -107.43 44.33 28.32
N ILE E 591 -106.93 44.31 29.55
CA ILE E 591 -106.52 43.05 30.17
C ILE E 591 -107.76 42.15 30.34
N PHE E 592 -108.85 42.76 30.75
CA PHE E 592 -110.11 42.06 30.97
C PHE E 592 -110.76 41.47 29.73
N SER E 593 -110.55 42.06 28.56
CA SER E 593 -111.21 41.50 27.39
C SER E 593 -110.54 40.22 26.92
N SER E 594 -109.38 39.92 27.48
CA SER E 594 -108.66 38.72 27.10
C SER E 594 -109.34 37.48 27.63
N ALA E 595 -110.10 37.63 28.70
CA ALA E 595 -110.72 36.49 29.39
C ALA E 595 -112.23 36.32 29.31
N THR E 596 -112.66 35.06 29.26
CA THR E 596 -114.07 34.74 29.36
C THR E 596 -114.53 35.08 30.79
N ASN E 597 -113.66 34.81 31.76
CA ASN E 597 -113.96 35.10 33.17
C ASN E 597 -112.91 36.00 33.82
N LEU E 598 -113.40 37.03 34.50
CA LEU E 598 -112.61 37.96 35.31
C LEU E 598 -112.84 38.03 36.82
N ARG E 599 -111.80 37.91 37.65
CA ARG E 599 -112.09 37.79 39.09
C ARG E 599 -111.33 38.99 39.70
N LEU E 600 -112.05 39.79 40.50
CA LEU E 600 -111.50 40.92 41.28
C LEU E 600 -111.61 41.10 42.81
N HIS E 601 -110.47 41.28 43.48
CA HIS E 601 -110.46 41.54 44.93
C HIS E 601 -109.95 42.96 45.19
N ILE E 602 -110.77 43.84 45.75
CA ILE E 602 -110.39 45.24 45.86
C ILE E 602 -110.18 45.52 47.34
N LYS E 603 -108.90 45.77 47.60
CA LYS E 603 -108.27 45.76 48.92
C LYS E 603 -107.41 46.98 49.22
N ARG E 604 -107.85 47.79 50.17
CA ARG E 604 -107.16 49.01 50.57
C ARG E 604 -107.19 50.09 49.50
N CYS E 605 -108.20 50.02 48.65
CA CYS E 605 -108.31 50.99 47.56
C CYS E 605 -109.21 52.13 47.97
N ALA E 606 -108.65 53.06 48.74
CA ALA E 606 -109.41 54.19 49.26
C ALA E 606 -109.92 55.11 48.15
N ALA E 607 -109.34 54.99 46.96
CA ALA E 607 -109.80 55.75 45.79
C ALA E 607 -110.97 55.06 45.09
N MET E 608 -111.27 53.84 45.53
CA MET E 608 -112.37 53.03 44.99
C MET E 608 -113.67 53.18 45.79
N ALA E 609 -114.66 53.87 45.23
CA ALA E 609 -115.95 54.04 45.90
C ALA E 609 -117.06 53.55 44.98
N GLY E 610 -117.90 54.45 44.48
CA GLY E 610 -118.95 54.04 43.55
C GLY E 610 -118.28 53.73 42.22
N ARG E 611 -116.98 54.01 42.20
CA ARG E 611 -116.16 54.02 41.01
C ARG E 611 -115.92 52.59 40.51
N LEU E 612 -116.38 51.61 41.29
CA LEU E 612 -116.36 50.22 40.88
C LEU E 612 -117.15 50.08 39.57
N SER E 613 -118.08 51.02 39.37
CA SER E 613 -118.82 51.11 38.11
C SER E 613 -117.90 51.07 36.89
N SER E 614 -116.76 51.75 36.98
CA SER E 614 -115.79 51.87 35.89
C SER E 614 -115.15 50.52 35.69
N VAL E 615 -114.93 49.86 36.81
CA VAL E 615 -114.34 48.52 36.88
C VAL E 615 -115.28 47.57 36.15
N LEU E 616 -116.60 47.76 36.29
CA LEU E 616 -117.54 46.79 35.73
C LEU E 616 -117.90 47.08 34.28
N ARG E 617 -118.16 48.34 33.93
CA ARG E 617 -118.56 48.70 32.58
C ARG E 617 -117.61 48.07 31.55
N THR E 618 -116.34 47.90 31.96
CA THR E 618 -115.28 47.39 31.09
C THR E 618 -115.18 45.86 31.17
N CYS E 619 -115.82 45.29 32.19
CA CYS E 619 -115.84 43.85 32.38
C CYS E 619 -116.76 43.13 31.40
N LYS E 620 -116.21 42.17 30.67
CA LYS E 620 -117.02 41.28 29.86
C LYS E 620 -117.91 40.48 30.79
N ASN E 621 -117.34 40.09 31.92
CA ASN E 621 -117.97 39.14 32.83
C ASN E 621 -117.29 39.16 34.19
N MET E 622 -117.96 39.75 35.17
CA MET E 622 -117.47 39.78 36.55
C MET E 622 -117.71 38.43 37.17
N HIS E 623 -116.80 37.48 36.95
CA HIS E 623 -117.05 36.08 37.30
C HIS E 623 -117.06 35.86 38.82
N THR E 624 -116.30 36.65 39.56
CA THR E 624 -116.25 36.53 41.02
C THR E 624 -115.88 37.87 41.70
N LEU E 625 -116.67 38.32 42.68
CA LEU E 625 -116.30 39.55 43.40
C LEU E 625 -116.18 39.46 44.93
N MET E 626 -114.99 39.80 45.43
CA MET E 626 -114.65 39.91 46.86
C MET E 626 -114.16 41.30 47.29
N VAL E 627 -114.71 41.90 48.34
CA VAL E 627 -114.37 43.28 48.70
C VAL E 627 -114.04 43.42 50.19
N GLU E 628 -112.81 43.84 50.48
CA GLU E 628 -112.35 44.05 51.85
C GLU E 628 -111.36 45.22 52.01
N ALA E 629 -111.46 45.90 53.16
CA ALA E 629 -110.58 47.02 53.53
C ALA E 629 -110.65 48.17 52.52
N SER E 630 -111.80 48.31 51.87
CA SER E 630 -111.99 49.38 50.89
C SER E 630 -113.38 50.00 51.07
N PRO E 631 -113.60 51.21 50.51
CA PRO E 631 -114.89 51.91 50.63
C PRO E 631 -116.05 51.14 50.00
N LEU E 632 -117.13 50.99 50.75
CA LEU E 632 -118.23 50.12 50.37
C LEU E 632 -119.62 50.61 50.74
N THR E 633 -120.54 50.71 49.77
CA THR E 633 -121.86 51.12 50.17
C THR E 633 -122.73 49.93 49.79
N THR E 634 -123.99 49.91 50.20
CA THR E 634 -124.88 48.78 49.90
C THR E 634 -125.30 48.63 48.43
N ASP E 635 -125.34 49.77 47.76
CA ASP E 635 -125.67 49.89 46.35
C ASP E 635 -124.75 49.12 45.40
N ASP E 636 -123.49 48.96 45.76
CA ASP E 636 -122.56 48.25 44.88
C ASP E 636 -123.05 46.78 44.68
N GLU E 637 -124.07 46.38 45.44
CA GLU E 637 -124.67 45.06 45.39
C GLU E 637 -125.18 44.76 43.98
N GLN E 638 -125.76 45.79 43.39
CA GLN E 638 -126.32 45.78 42.05
C GLN E 638 -125.26 45.41 41.01
N TYR E 639 -124.02 45.87 41.14
CA TYR E 639 -123.00 45.48 40.15
C TYR E 639 -122.86 43.97 40.23
N ILE E 640 -122.95 43.44 41.43
CA ILE E 640 -122.83 42.00 41.69
C ILE E 640 -123.96 41.32 40.90
N THR E 641 -125.14 41.92 40.96
CA THR E 641 -126.34 41.42 40.28
C THR E 641 -126.41 41.67 38.77
N SER E 642 -125.58 42.58 38.24
CA SER E 642 -125.63 42.81 36.81
C SER E 642 -125.09 41.59 36.07
N VAL E 643 -124.14 40.93 36.70
CA VAL E 643 -123.51 39.74 36.14
C VAL E 643 -124.14 38.39 36.53
N THR E 644 -124.78 37.74 35.56
CA THR E 644 -125.55 36.52 35.80
C THR E 644 -124.56 35.35 35.77
N GLY E 645 -123.38 35.66 35.27
CA GLY E 645 -122.26 34.74 35.08
C GLY E 645 -121.52 34.38 36.35
N LEU E 646 -121.95 34.93 37.48
CA LEU E 646 -121.26 34.80 38.77
C LEU E 646 -121.26 33.39 39.34
N GLN E 647 -120.06 32.85 39.53
CA GLN E 647 -119.84 31.55 40.16
C GLN E 647 -119.57 31.64 41.66
N ASN E 648 -118.71 32.58 42.06
CA ASN E 648 -118.27 32.72 43.44
C ASN E 648 -118.53 34.13 44.01
N LEU E 649 -119.23 34.25 45.14
CA LEU E 649 -119.40 35.58 45.73
C LEU E 649 -119.22 35.73 47.26
N SER E 650 -118.23 36.51 47.67
CA SER E 650 -117.98 36.87 49.07
C SER E 650 -117.90 38.38 49.27
N ILE E 651 -118.38 38.85 50.42
CA ILE E 651 -117.97 40.16 50.94
C ILE E 651 -117.88 40.04 52.47
N HIS E 652 -116.69 40.26 53.01
CA HIS E 652 -116.47 39.96 54.42
C HIS E 652 -116.26 41.21 55.27
N ARG E 653 -116.60 42.38 54.75
CA ARG E 653 -116.49 43.60 55.55
C ARG E 653 -117.72 44.52 55.52
N LEU E 654 -118.90 44.00 55.19
CA LEU E 654 -120.16 44.72 55.42
C LEU E 654 -120.25 45.25 56.85
N HIS E 655 -120.40 44.29 57.78
CA HIS E 655 -120.50 44.52 59.21
C HIS E 655 -121.87 45.15 59.52
N THR E 656 -122.65 45.33 58.47
CA THR E 656 -124.02 45.88 58.46
C THR E 656 -125.10 44.95 57.90
N GLN E 657 -126.25 44.85 58.55
CA GLN E 657 -127.32 43.96 58.09
C GLN E 657 -127.76 44.41 56.71
N GLN E 658 -128.11 43.43 55.87
CA GLN E 658 -128.46 43.68 54.48
C GLN E 658 -129.94 44.03 54.44
N LEU E 659 -130.24 45.10 53.72
CA LEU E 659 -131.61 45.59 53.57
C LEU E 659 -132.67 44.63 53.03
N PRO E 660 -133.95 45.06 53.05
CA PRO E 660 -135.11 44.37 52.47
C PRO E 660 -134.97 44.03 50.99
N GLY E 661 -134.47 44.98 50.20
CA GLY E 661 -134.28 44.78 48.79
C GLY E 661 -132.86 44.36 48.47
N GLY E 662 -132.20 43.78 49.47
CA GLY E 662 -130.79 43.46 49.41
C GLY E 662 -130.38 42.49 48.31
N LEU E 663 -129.09 42.17 48.27
CA LEU E 663 -128.54 41.33 47.21
C LEU E 663 -129.00 39.89 47.39
N ILE E 664 -129.36 39.55 48.62
CA ILE E 664 -129.85 38.23 48.98
C ILE E 664 -131.01 37.69 48.14
N ASP E 665 -131.79 38.57 47.52
CA ASP E 665 -132.91 38.11 46.70
C ASP E 665 -132.66 38.35 45.22
N SER E 666 -131.39 38.52 44.87
CA SER E 666 -130.98 38.56 43.46
C SER E 666 -130.19 37.31 43.15
N LEU E 667 -130.25 36.34 44.05
CA LEU E 667 -129.76 35.00 43.76
C LEU E 667 -130.56 34.41 42.61
N GLY E 668 -131.70 35.03 42.30
CA GLY E 668 -132.62 34.49 41.32
C GLY E 668 -131.97 34.82 39.98
N ASN E 669 -130.96 35.67 40.05
CA ASN E 669 -130.25 36.11 38.87
C ASN E 669 -128.92 35.40 38.86
N LEU E 670 -128.33 35.14 40.03
CA LEU E 670 -127.09 34.45 39.91
C LEU E 670 -127.51 32.99 40.06
N LYS E 671 -127.65 32.30 38.93
CA LYS E 671 -128.07 30.91 38.94
C LYS E 671 -126.85 30.04 38.88
N ASN E 672 -125.76 30.69 38.49
CA ASN E 672 -124.54 29.97 38.24
C ASN E 672 -123.61 29.97 39.42
N LEU E 673 -124.08 30.54 40.53
CA LEU E 673 -123.21 30.68 41.67
C LEU E 673 -123.04 29.27 42.15
N GLU E 674 -121.84 28.71 42.11
CA GLU E 674 -121.67 27.38 42.64
C GLU E 674 -121.11 27.48 44.04
N ARG E 675 -120.58 28.66 44.36
CA ARG E 675 -120.00 28.91 45.67
C ARG E 675 -120.26 30.29 46.27
N LEU E 676 -120.75 30.26 47.51
CA LEU E 676 -121.04 31.46 48.28
C LEU E 676 -120.41 31.33 49.65
N ILE E 677 -119.63 32.33 50.04
CA ILE E 677 -119.01 32.38 51.35
C ILE E 677 -119.26 33.76 51.93
N LEU E 678 -120.01 33.80 53.02
CA LEU E 678 -120.31 35.04 53.72
C LEU E 678 -119.70 34.93 55.09
N ASP E 679 -118.75 35.81 55.38
CA ASP E 679 -118.03 35.74 56.64
C ASP E 679 -118.07 37.04 57.42
N ASP E 680 -118.47 36.84 58.66
CA ASP E 680 -118.64 37.82 59.70
C ASP E 680 -119.61 38.89 59.23
N ILE E 681 -120.72 38.45 58.65
CA ILE E 681 -121.75 39.40 58.25
C ILE E 681 -122.85 39.63 59.28
N ARG E 682 -123.12 40.90 59.56
CA ARG E 682 -124.23 41.32 60.39
C ARG E 682 -125.52 41.24 59.58
N MET E 683 -126.55 40.51 60.03
CA MET E 683 -127.73 40.38 59.17
C MET E 683 -129.04 40.24 59.96
N ASN E 684 -130.12 40.46 59.24
CA ASN E 684 -131.46 40.26 59.75
C ASN E 684 -131.98 38.87 59.41
N GLU E 685 -132.53 38.24 60.43
CA GLU E 685 -133.03 36.88 60.35
C GLU E 685 -134.09 36.79 59.25
N GLU E 686 -134.96 37.79 59.18
CA GLU E 686 -136.02 37.84 58.19
C GLU E 686 -135.35 37.96 56.80
N ASP E 687 -134.28 38.74 56.74
CA ASP E 687 -133.46 38.90 55.54
C ASP E 687 -132.83 37.56 55.17
N ALA E 688 -132.46 36.78 56.19
CA ALA E 688 -131.92 35.43 56.00
C ALA E 688 -133.00 34.58 55.33
N LYS E 689 -134.24 34.74 55.77
CA LYS E 689 -135.38 34.04 55.14
C LYS E 689 -135.51 34.46 53.66
N ASN E 690 -135.32 35.74 53.40
CA ASN E 690 -135.34 36.27 52.03
C ASN E 690 -134.21 35.61 51.21
N LEU E 691 -133.08 35.40 51.87
CA LEU E 691 -131.87 34.74 51.37
C LEU E 691 -132.25 33.30 51.00
N ALA E 692 -133.11 32.73 51.85
CA ALA E 692 -133.68 31.40 51.75
C ALA E 692 -134.47 31.31 50.44
N GLU E 693 -135.25 32.34 50.13
CA GLU E 693 -136.06 32.40 48.89
C GLU E 693 -135.14 32.27 47.67
N GLY E 694 -133.92 32.78 47.81
CA GLY E 694 -132.87 32.75 46.82
C GLY E 694 -132.34 31.36 46.47
N LEU E 695 -132.23 30.49 47.47
CA LEU E 695 -131.67 29.14 47.29
C LEU E 695 -132.41 28.23 46.29
N ARG E 696 -133.68 28.48 45.98
CA ARG E 696 -134.34 27.64 44.98
C ARG E 696 -133.60 27.78 43.65
N SER E 697 -133.03 28.95 43.41
CA SER E 697 -132.39 29.20 42.12
C SER E 697 -130.95 28.73 42.26
N LEU E 698 -130.56 28.42 43.50
CA LEU E 698 -129.22 27.97 43.82
C LEU E 698 -129.07 26.46 43.88
N LYS E 699 -129.57 25.79 42.84
CA LYS E 699 -129.61 24.33 42.78
C LYS E 699 -128.39 23.92 41.98
N LYS E 700 -127.74 24.92 41.41
CA LYS E 700 -126.59 24.72 40.54
C LYS E 700 -125.34 24.94 41.37
N MET E 701 -125.58 25.30 42.63
CA MET E 701 -124.55 25.63 43.60
C MET E 701 -123.93 24.39 44.23
N ARG E 702 -122.60 24.35 44.32
CA ARG E 702 -121.92 23.21 44.94
C ARG E 702 -121.53 23.49 46.40
N LEU E 703 -121.62 24.75 46.78
CA LEU E 703 -121.11 25.20 48.07
C LEU E 703 -121.89 26.36 48.70
N LEU E 704 -122.28 26.19 49.96
CA LEU E 704 -122.89 27.30 50.66
C LEU E 704 -122.29 27.29 52.05
N HIS E 705 -121.63 28.40 52.41
CA HIS E 705 -121.13 28.63 53.75
C HIS E 705 -121.63 29.92 54.36
N LEU E 706 -122.36 29.83 55.46
CA LEU E 706 -122.68 31.06 56.19
C LEU E 706 -122.13 30.98 57.61
N THR E 707 -121.10 31.79 57.87
CA THR E 707 -120.31 31.70 59.11
C THR E 707 -120.15 33.07 59.77
N HIS E 708 -120.08 33.07 61.10
CA HIS E 708 -119.82 34.27 61.88
C HIS E 708 -120.90 35.33 61.64
N LEU E 709 -122.10 34.83 61.39
CA LEU E 709 -123.29 35.64 61.20
C LEU E 709 -123.91 35.96 62.55
N SER E 710 -123.99 37.25 62.88
CA SER E 710 -124.51 37.68 64.17
C SER E 710 -125.87 38.28 63.91
N ASP E 711 -126.79 38.26 64.89
CA ASP E 711 -128.07 38.90 64.65
C ASP E 711 -128.87 38.06 63.66
N ILE E 712 -128.38 36.86 63.40
CA ILE E 712 -129.02 35.96 62.46
C ILE E 712 -130.20 35.28 63.11
N GLY E 713 -130.22 35.14 64.44
CA GLY E 713 -131.31 34.45 65.10
C GLY E 713 -131.79 33.18 64.43
N GLU E 714 -133.11 33.03 64.34
CA GLU E 714 -133.69 31.87 63.70
C GLU E 714 -133.70 32.01 62.19
N GLY E 715 -133.01 33.02 61.66
CA GLY E 715 -133.05 33.26 60.24
C GLY E 715 -132.34 32.09 59.61
N MET E 716 -131.39 31.55 60.36
CA MET E 716 -130.59 30.43 59.87
C MET E 716 -131.42 29.16 59.79
N ASP E 717 -132.38 29.07 60.71
CA ASP E 717 -133.40 28.03 60.77
C ASP E 717 -134.18 28.02 59.47
N TYR E 718 -134.49 29.24 59.04
CA TYR E 718 -135.24 29.58 57.83
C TYR E 718 -134.42 29.19 56.60
N ILE E 719 -133.13 29.48 56.62
CA ILE E 719 -132.24 29.21 55.48
C ILE E 719 -132.29 27.69 55.36
N VAL E 720 -132.14 27.01 56.49
CA VAL E 720 -132.19 25.56 56.54
C VAL E 720 -133.55 25.08 56.00
N LYS E 721 -134.62 25.78 56.34
CA LYS E 721 -135.96 25.47 55.84
C LYS E 721 -135.90 25.47 54.31
N SER E 722 -135.30 26.50 53.73
CA SER E 722 -135.15 26.68 52.27
C SER E 722 -134.37 25.51 51.68
N LEU E 723 -133.45 24.99 52.50
CA LEU E 723 -132.60 23.86 52.17
C LEU E 723 -133.51 22.65 52.06
N SER E 724 -134.41 22.45 53.02
CA SER E 724 -135.09 21.18 53.10
C SER E 724 -136.43 21.27 52.38
N GLU E 725 -136.70 22.48 51.88
CA GLU E 725 -137.90 22.81 51.14
C GLU E 725 -137.93 21.95 49.89
N GLU E 726 -136.75 21.85 49.28
CA GLU E 726 -136.54 21.28 47.96
C GLU E 726 -135.14 20.67 47.86
N SER E 727 -134.97 19.72 46.94
CA SER E 727 -133.66 19.13 46.68
C SER E 727 -132.67 20.17 46.18
N CYS E 728 -131.38 19.88 46.34
CA CYS E 728 -130.32 20.74 45.83
C CYS E 728 -129.18 19.88 45.28
N ASP E 729 -128.32 20.47 44.45
CA ASP E 729 -127.16 19.75 43.95
C ASP E 729 -125.94 20.08 44.81
N LEU E 730 -126.18 20.77 45.92
CA LEU E 730 -125.11 21.23 46.81
C LEU E 730 -124.21 20.09 47.24
N GLN E 731 -122.91 20.37 47.27
CA GLN E 731 -121.91 19.39 47.67
C GLN E 731 -121.35 19.79 49.06
N GLU E 732 -121.56 21.06 49.42
CA GLU E 732 -121.03 21.62 50.67
C GLU E 732 -122.00 22.62 51.33
N MET E 733 -122.32 22.38 52.61
CA MET E 733 -123.11 23.30 53.46
C MET E 733 -122.43 23.49 54.83
N LYS E 734 -121.99 24.71 55.11
CA LYS E 734 -121.41 25.15 56.40
C LYS E 734 -122.30 26.07 57.23
N LEU E 735 -122.78 25.54 58.36
CA LEU E 735 -123.59 26.28 59.34
C LEU E 735 -122.90 26.69 60.67
N VAL E 736 -121.57 26.85 60.64
CA VAL E 736 -120.73 27.13 61.82
C VAL E 736 -120.73 28.60 62.30
N ALA E 737 -120.89 28.82 63.61
CA ALA E 737 -120.74 30.15 64.24
C ALA E 737 -121.87 31.08 63.77
N CYS E 738 -123.02 30.48 63.66
CA CYS E 738 -124.32 31.11 63.47
C CYS E 738 -125.22 30.50 64.54
N CYS E 739 -126.41 31.05 64.76
CA CYS E 739 -127.21 30.51 65.84
C CYS E 739 -128.07 29.35 65.36
N LEU E 740 -127.62 28.17 65.76
CA LEU E 740 -128.21 26.88 65.45
C LEU E 740 -129.08 26.23 66.52
N THR E 741 -130.18 25.63 66.10
CA THR E 741 -131.10 24.98 67.03
C THR E 741 -131.13 23.47 66.74
N ALA E 742 -131.50 22.65 67.73
CA ALA E 742 -131.59 21.19 67.51
C ALA E 742 -132.68 20.92 66.48
N ASN E 743 -133.65 21.84 66.48
CA ASN E 743 -134.77 21.88 65.54
C ASN E 743 -134.31 22.07 64.10
N SER E 744 -133.34 22.95 63.89
CA SER E 744 -132.81 23.23 62.57
C SER E 744 -132.11 21.98 62.04
N VAL E 745 -131.48 21.23 62.94
CA VAL E 745 -130.84 19.97 62.58
C VAL E 745 -131.92 18.95 62.22
N LYS E 746 -133.05 19.01 62.93
CA LYS E 746 -134.20 18.15 62.65
C LYS E 746 -134.74 18.45 61.24
N VAL E 747 -134.85 19.74 60.93
CA VAL E 747 -135.27 20.22 59.62
C VAL E 747 -134.29 19.70 58.54
N LEU E 748 -133.00 19.75 58.86
CA LEU E 748 -131.91 19.28 57.98
C LEU E 748 -132.11 17.79 57.70
N ALA E 749 -132.54 17.10 58.75
CA ALA E 749 -132.83 15.68 58.80
C ALA E 749 -133.99 15.31 57.87
N GLN E 750 -135.06 16.10 57.90
CA GLN E 750 -136.25 15.74 57.12
C GLN E 750 -135.98 15.64 55.62
N ASN E 751 -135.21 16.56 55.04
CA ASN E 751 -134.91 16.54 53.61
C ASN E 751 -133.56 15.93 53.28
N LEU E 752 -132.88 15.40 54.28
CA LEU E 752 -131.51 14.92 54.07
C LEU E 752 -131.35 13.90 52.95
N HIS E 753 -132.37 13.14 52.61
CA HIS E 753 -132.12 12.21 51.53
C HIS E 753 -131.91 12.97 50.21
N ASN E 754 -132.43 14.19 50.12
CA ASN E 754 -132.20 15.06 48.97
C ASN E 754 -130.84 15.76 49.09
N LEU E 755 -130.39 15.86 50.34
CA LEU E 755 -129.12 16.48 50.69
C LEU E 755 -128.00 15.46 50.64
N ILE E 756 -128.33 14.30 50.07
CA ILE E 756 -127.37 13.24 49.86
C ILE E 756 -126.28 13.69 48.88
N LYS E 757 -126.63 14.71 48.11
CA LYS E 757 -125.77 15.28 47.10
C LYS E 757 -124.53 15.88 47.76
N LEU E 758 -124.70 16.29 49.01
CA LEU E 758 -123.64 16.88 49.81
C LEU E 758 -122.53 15.91 50.17
N SER E 759 -121.30 16.35 49.95
CA SER E 759 -120.16 15.71 50.58
C SER E 759 -119.98 16.43 51.90
N ILE E 760 -120.56 17.64 51.99
CA ILE E 760 -120.46 18.45 53.19
C ILE E 760 -121.72 19.19 53.68
N LEU E 761 -122.11 18.82 54.90
CA LEU E 761 -123.20 19.41 55.67
C LEU E 761 -122.34 19.69 56.90
N ASP E 762 -122.09 20.97 57.19
CA ASP E 762 -121.35 21.32 58.41
C ASP E 762 -122.02 22.12 59.50
N ILE E 763 -122.40 21.42 60.56
CA ILE E 763 -122.88 22.08 61.76
C ILE E 763 -121.86 22.10 62.93
N SER E 764 -120.62 21.67 62.71
CA SER E 764 -119.71 21.46 63.85
C SER E 764 -119.33 22.77 64.54
N GLU E 765 -118.74 22.67 65.73
CA GLU E 765 -118.36 23.87 66.52
C GLU E 765 -119.62 24.60 66.91
N ASN E 766 -120.70 23.85 67.03
CA ASN E 766 -121.98 24.41 67.40
C ASN E 766 -122.69 23.78 68.58
N TYR E 767 -123.24 24.69 69.36
CA TYR E 767 -124.05 24.40 70.51
C TYR E 767 -125.44 24.56 69.94
N LEU E 768 -126.27 23.56 70.20
CA LEU E 768 -127.65 23.58 69.77
C LEU E 768 -128.29 24.03 71.05
N GLU E 769 -129.54 24.44 71.03
CA GLU E 769 -130.01 25.08 72.23
C GLU E 769 -130.15 24.05 73.33
N LYS E 770 -131.15 23.19 73.20
CA LYS E 770 -131.47 22.12 74.16
C LYS E 770 -131.25 20.70 73.64
N ASP E 771 -130.91 19.75 74.50
CA ASP E 771 -130.67 18.39 73.98
C ASP E 771 -129.80 18.19 72.74
N GLY E 772 -128.74 18.99 72.63
CA GLY E 772 -127.87 19.07 71.47
C GLY E 772 -127.28 17.69 71.22
N ASN E 773 -126.78 17.02 72.24
CA ASN E 773 -126.19 15.70 72.05
C ASN E 773 -127.26 14.70 71.55
N GLU E 774 -128.53 14.88 71.95
CA GLU E 774 -129.63 14.01 71.48
C GLU E 774 -129.86 14.09 69.94
N ALA E 775 -129.12 14.97 69.28
CA ALA E 775 -129.15 15.24 67.83
C ALA E 775 -128.68 13.96 67.14
N LEU E 776 -127.74 13.33 67.79
CA LEU E 776 -127.09 12.09 67.37
C LEU E 776 -128.11 10.98 67.18
N GLN E 777 -129.15 10.88 68.00
CA GLN E 777 -130.10 9.80 67.73
C GLN E 777 -130.76 10.00 66.35
N GLU E 778 -131.02 11.24 65.98
CA GLU E 778 -131.56 11.57 64.67
C GLU E 778 -130.60 11.13 63.57
N LEU E 779 -129.32 11.29 63.87
CA LEU E 779 -128.24 10.91 62.99
C LEU E 779 -128.22 9.40 62.81
N ILE E 780 -128.42 8.61 63.86
CA ILE E 780 -128.32 7.17 63.66
C ILE E 780 -129.36 6.80 62.58
N GLY E 781 -130.51 7.46 62.59
CA GLY E 781 -131.53 7.18 61.58
C GLY E 781 -131.11 7.57 60.18
N ARG E 782 -130.25 8.58 60.11
CA ARG E 782 -129.78 9.16 58.85
C ARG E 782 -128.43 8.66 58.28
N LEU E 783 -127.81 7.66 58.90
CA LEU E 783 -126.53 7.16 58.40
C LEU E 783 -126.49 6.59 56.99
N GLY E 784 -127.63 6.12 56.49
CA GLY E 784 -127.69 5.58 55.15
C GLY E 784 -127.33 6.63 54.12
N VAL E 785 -127.61 7.89 54.46
CA VAL E 785 -127.27 9.02 53.62
C VAL E 785 -126.11 9.83 54.22
N LEU E 786 -125.85 9.65 55.51
CA LEU E 786 -124.70 10.29 56.15
C LEU E 786 -123.38 9.67 55.72
N GLY E 787 -123.45 8.44 55.20
CA GLY E 787 -122.28 7.81 54.62
C GLY E 787 -121.76 8.56 53.40
N GLU E 788 -122.64 9.31 52.74
CA GLU E 788 -122.29 10.07 51.54
C GLU E 788 -121.52 11.36 51.81
N LEU E 789 -121.48 11.80 53.05
CA LEU E 789 -120.62 12.91 53.44
C LEU E 789 -119.18 12.42 53.41
N THR E 790 -118.26 13.32 53.05
CA THR E 790 -116.87 12.93 52.94
C THR E 790 -116.20 13.06 54.31
N THR E 791 -116.90 13.62 55.29
CA THR E 791 -116.31 13.88 56.60
C THR E 791 -117.32 13.88 57.75
N LEU E 792 -116.80 13.77 58.97
CA LEU E 792 -117.60 13.78 60.18
C LEU E 792 -117.82 15.13 60.87
N MET E 793 -119.06 15.58 60.95
CA MET E 793 -119.33 16.81 61.69
C MET E 793 -120.33 16.51 62.80
N LEU E 794 -119.93 16.75 64.04
CA LEU E 794 -120.78 16.28 65.12
C LEU E 794 -121.49 17.46 65.77
N PRO E 795 -122.69 17.23 66.32
CA PRO E 795 -123.29 18.34 67.06
C PRO E 795 -122.77 18.29 68.51
N TRP E 796 -122.52 19.41 69.18
CA TRP E 796 -121.99 19.27 70.54
C TRP E 796 -122.84 20.13 71.45
N CYS E 797 -122.75 19.86 72.74
CA CYS E 797 -123.48 20.65 73.70
C CYS E 797 -122.82 20.41 75.04
N TRP E 798 -123.41 20.94 76.11
CA TRP E 798 -122.91 20.63 77.44
C TRP E 798 -123.25 19.17 77.77
N ASP E 799 -122.23 18.40 78.17
CA ASP E 799 -122.37 17.00 78.55
C ASP E 799 -122.64 16.09 77.34
N VAL E 800 -122.23 16.57 76.18
CA VAL E 800 -122.40 15.93 74.87
C VAL E 800 -121.81 14.51 74.85
N HIS E 801 -120.72 14.30 75.59
CA HIS E 801 -119.97 13.05 75.60
C HIS E 801 -120.77 11.83 76.07
N THR E 802 -121.79 12.09 76.87
CA THR E 802 -122.71 11.09 77.40
C THR E 802 -123.51 10.46 76.25
N SER E 803 -123.44 11.11 75.09
CA SER E 803 -124.07 10.71 73.83
C SER E 803 -123.19 9.77 72.98
N LEU E 804 -122.00 9.42 73.48
CA LEU E 804 -121.05 8.57 72.73
C LEU E 804 -121.54 7.14 72.40
N PRO E 805 -122.20 6.41 73.32
CA PRO E 805 -122.70 5.10 72.91
C PRO E 805 -123.64 5.24 71.71
N LYS E 806 -124.40 6.34 71.68
CA LYS E 806 -125.40 6.62 70.67
C LYS E 806 -124.62 6.79 69.36
N LEU E 807 -123.46 7.41 69.51
CA LEU E 807 -122.49 7.74 68.48
C LEU E 807 -121.84 6.43 67.93
N LEU E 808 -121.69 5.41 68.78
CA LEU E 808 -121.01 4.18 68.36
C LEU E 808 -121.70 3.43 67.21
N LYS E 809 -123.02 3.44 67.12
CA LYS E 809 -123.69 2.81 65.97
C LYS E 809 -123.26 3.57 64.71
N GLN E 810 -123.08 4.88 64.89
CA GLN E 810 -122.65 5.82 63.86
C GLN E 810 -121.20 5.60 63.41
N LEU E 811 -120.35 5.07 64.29
CA LEU E 811 -118.93 4.90 63.95
C LEU E 811 -118.60 3.68 63.09
N GLU E 812 -119.57 2.80 62.85
CA GLU E 812 -119.38 1.80 61.78
C GLU E 812 -119.33 2.56 60.45
N GLY E 813 -119.74 3.83 60.51
CA GLY E 813 -119.71 4.73 59.38
C GLY E 813 -118.40 5.48 59.26
N THR E 814 -117.41 5.13 60.08
CA THR E 814 -116.10 5.77 59.98
C THR E 814 -115.40 5.67 58.61
N PRO E 815 -115.80 4.72 57.73
CA PRO E 815 -114.99 4.76 56.50
C PRO E 815 -115.15 5.89 55.44
N GLY E 816 -116.24 6.65 55.31
CA GLY E 816 -116.19 7.60 54.20
C GLY E 816 -115.78 8.96 54.73
N LEU E 817 -115.23 8.88 55.93
CA LEU E 817 -114.72 9.96 56.78
C LEU E 817 -113.41 10.59 56.29
N ALA E 818 -113.35 11.90 56.01
CA ALA E 818 -112.08 12.42 55.54
C ALA E 818 -111.31 12.66 56.84
N LYS E 819 -111.99 13.23 57.82
CA LYS E 819 -111.38 13.56 59.12
C LYS E 819 -112.24 12.89 60.21
N LEU E 820 -111.67 12.66 61.39
CA LEU E 820 -112.46 12.13 62.50
C LEU E 820 -112.29 13.01 63.72
N GLY E 821 -113.41 13.35 64.36
CA GLY E 821 -113.32 13.92 65.68
C GLY E 821 -114.43 13.70 66.67
N LEU E 822 -114.10 13.96 67.92
CA LEU E 822 -115.09 14.18 68.95
C LEU E 822 -114.93 15.63 69.36
N LYS E 823 -114.95 16.52 68.36
CA LYS E 823 -114.68 17.93 68.60
C LYS E 823 -115.73 18.66 69.44
N ASN E 824 -115.21 19.55 70.27
CA ASN E 824 -115.90 20.22 71.37
C ASN E 824 -116.78 19.29 72.18
N TRP E 825 -116.46 18.00 72.16
CA TRP E 825 -117.07 17.04 73.05
C TRP E 825 -116.44 17.13 74.40
N ARG E 826 -117.19 17.37 75.47
CA ARG E 826 -116.54 17.59 76.75
C ARG E 826 -116.43 16.16 77.35
N LEU E 827 -115.50 15.38 76.79
CA LEU E 827 -115.22 13.96 77.13
C LEU E 827 -114.44 13.56 78.38
N ARG E 828 -114.82 12.40 78.92
CA ARG E 828 -114.17 11.83 80.10
C ARG E 828 -112.70 11.68 79.78
N ASP E 829 -111.83 11.89 80.76
CA ASP E 829 -110.41 11.81 80.49
C ASP E 829 -110.02 10.40 80.01
N GLU E 830 -110.67 9.38 80.56
CA GLU E 830 -110.48 7.97 80.19
C GLU E 830 -110.93 7.60 78.77
N GLU E 831 -112.09 8.13 78.43
CA GLU E 831 -112.75 8.00 77.12
C GLU E 831 -111.91 7.98 75.84
N ILE E 832 -110.85 8.76 75.81
CA ILE E 832 -110.05 8.84 74.60
C ILE E 832 -109.40 7.47 74.34
N LYS E 833 -108.96 6.75 75.36
CA LYS E 833 -108.46 5.40 75.09
C LYS E 833 -109.65 4.47 74.78
N SER E 834 -110.80 4.71 75.44
CA SER E 834 -112.04 3.94 75.24
C SER E 834 -112.51 3.93 73.78
N LEU E 835 -112.52 5.10 73.17
CA LEU E 835 -112.89 5.28 71.77
C LEU E 835 -111.84 4.56 70.94
N GLY E 836 -110.64 4.58 71.48
CA GLY E 836 -109.46 3.94 70.95
C GLY E 836 -109.71 2.45 70.92
N GLU E 837 -110.31 1.91 71.97
CA GLU E 837 -110.60 0.49 71.95
C GLU E 837 -111.53 0.13 70.78
N PHE E 838 -112.57 0.92 70.52
CA PHE E 838 -113.44 0.68 69.35
C PHE E 838 -112.54 0.71 68.11
N LEU E 839 -111.62 1.66 68.15
CA LEU E 839 -110.67 2.01 67.09
C LEU E 839 -109.73 0.84 66.89
N GLU E 840 -109.49 0.06 67.95
CA GLU E 840 -108.65 -1.13 67.84
C GLU E 840 -109.51 -2.08 67.03
N MET E 841 -110.77 -2.21 67.43
CA MET E 841 -111.71 -3.11 66.76
C MET E 841 -112.12 -2.59 65.36
N ASN E 842 -111.50 -1.50 64.90
CA ASN E 842 -111.86 -0.85 63.63
C ASN E 842 -110.85 -0.83 62.48
N PRO E 843 -111.13 -1.59 61.41
CA PRO E 843 -110.15 -1.97 60.38
C PRO E 843 -109.80 -0.77 59.49
N LEU E 844 -110.56 0.33 59.60
CA LEU E 844 -110.28 1.56 58.87
C LEU E 844 -108.87 2.08 59.13
N ARG E 845 -108.28 2.71 58.11
CA ARG E 845 -106.89 3.15 58.16
C ARG E 845 -106.67 4.44 57.36
N ASP E 846 -105.48 5.03 57.52
CA ASP E 846 -105.10 6.23 56.73
C ASP E 846 -105.66 7.62 56.96
N LEU E 847 -106.48 7.88 57.97
CA LEU E 847 -107.24 9.13 57.92
C LEU E 847 -106.29 10.33 57.98
N GLN E 848 -106.76 11.48 57.50
CA GLN E 848 -105.88 12.65 57.37
C GLN E 848 -105.72 13.54 58.58
N GLN E 849 -106.79 13.75 59.33
CA GLN E 849 -106.71 14.56 60.53
C GLN E 849 -107.70 14.16 61.60
N LEU E 850 -107.29 14.29 62.85
CA LEU E 850 -108.10 13.83 63.94
C LEU E 850 -108.17 15.20 64.53
N ASP E 851 -109.40 15.66 64.61
CA ASP E 851 -109.71 16.95 65.15
C ASP E 851 -110.47 16.65 66.39
N LEU E 852 -109.82 16.86 67.52
CA LEU E 852 -110.55 16.84 68.75
C LEU E 852 -110.44 18.21 69.33
N ALA E 853 -111.53 18.97 69.22
CA ALA E 853 -111.52 20.32 69.74
C ALA E 853 -111.51 20.02 71.22
N GLY E 854 -111.02 20.96 72.00
CA GLY E 854 -110.85 20.73 73.42
C GLY E 854 -111.89 19.99 74.22
N HIS E 855 -111.52 18.78 74.61
CA HIS E 855 -112.38 17.95 75.42
C HIS E 855 -111.80 18.17 76.82
N CYS E 856 -112.49 17.71 77.85
CA CYS E 856 -111.91 17.62 79.19
C CYS E 856 -110.76 16.63 79.41
N VAL E 857 -110.18 16.04 78.36
CA VAL E 857 -109.10 15.11 78.62
C VAL E 857 -107.70 15.69 78.88
N SER E 858 -107.18 15.26 80.02
CA SER E 858 -105.88 15.53 80.60
C SER E 858 -104.72 14.78 79.92
N SER E 859 -103.51 15.25 80.18
CA SER E 859 -102.27 14.67 79.68
C SER E 859 -102.20 13.22 80.12
N ASP E 860 -102.65 12.96 81.34
CA ASP E 860 -102.70 11.61 81.87
C ASP E 860 -103.66 10.75 81.03
N GLY E 861 -104.76 11.36 80.58
CA GLY E 861 -105.78 10.74 79.74
C GLY E 861 -105.23 10.32 78.39
N TRP E 862 -104.45 11.27 77.89
CA TRP E 862 -103.72 11.18 76.65
C TRP E 862 -102.72 10.04 76.83
N LEU E 863 -102.18 9.86 78.04
CA LEU E 863 -101.20 8.80 78.33
C LEU E 863 -101.80 7.41 78.10
N TYR E 864 -103.06 7.27 78.48
CA TYR E 864 -103.83 6.07 78.22
C TYR E 864 -103.90 5.95 76.70
N PHE E 865 -104.19 7.10 76.08
CA PHE E 865 -104.43 7.12 74.64
C PHE E 865 -103.23 6.76 73.78
N MET E 866 -102.01 6.98 74.28
CA MET E 866 -100.83 6.69 73.48
C MET E 866 -100.85 5.20 73.14
N ASN E 867 -101.45 4.43 74.03
CA ASN E 867 -101.59 2.99 73.87
C ASN E 867 -102.41 2.63 72.65
N VAL E 868 -103.09 3.62 72.07
CA VAL E 868 -103.86 3.44 70.85
C VAL E 868 -103.29 4.24 69.69
N PHE E 869 -102.74 5.41 70.01
CA PHE E 869 -102.20 6.30 68.99
C PHE E 869 -101.05 5.75 68.17
N GLU E 870 -100.25 4.88 68.76
CA GLU E 870 -99.14 4.34 67.99
C GLU E 870 -99.62 3.56 66.76
N ASN E 871 -100.71 2.81 66.89
CA ASN E 871 -101.06 1.90 65.78
C ASN E 871 -101.87 2.65 64.69
N LEU E 872 -102.25 3.89 64.99
CA LEU E 872 -102.88 4.81 64.03
C LEU E 872 -101.83 5.68 63.37
N LYS E 873 -100.70 5.07 63.05
CA LYS E 873 -99.53 5.78 62.56
C LYS E 873 -99.77 6.26 61.14
N GLN E 874 -100.85 5.75 60.56
CA GLN E 874 -101.23 6.07 59.20
C GLN E 874 -101.87 7.46 59.15
N LEU E 875 -102.13 8.03 60.32
CA LEU E 875 -102.76 9.34 60.42
C LEU E 875 -101.90 10.49 59.90
N VAL E 876 -102.46 11.31 59.01
CA VAL E 876 -101.71 12.39 58.33
C VAL E 876 -101.53 13.64 59.19
N PHE E 877 -102.60 14.05 59.88
CA PHE E 877 -102.61 15.28 60.68
C PHE E 877 -103.40 15.02 61.96
N PHE E 878 -103.11 15.80 62.99
CA PHE E 878 -103.71 15.58 64.29
C PHE E 878 -103.62 16.84 65.15
N ASP E 879 -104.66 17.13 65.91
CA ASP E 879 -104.47 18.16 66.91
C ASP E 879 -105.18 17.67 68.16
N PHE E 880 -104.53 17.90 69.30
CA PHE E 880 -105.08 17.44 70.57
C PHE E 880 -105.26 18.69 71.40
N SER E 881 -106.51 19.08 71.58
CA SER E 881 -106.88 20.15 72.50
C SER E 881 -107.59 19.73 73.79
N THR E 882 -107.51 20.63 74.77
CA THR E 882 -108.05 20.45 76.12
C THR E 882 -108.23 21.87 76.64
N GLU E 883 -109.15 22.10 77.57
CA GLU E 883 -109.41 23.49 77.95
C GLU E 883 -108.57 23.95 79.14
N GLU E 884 -107.90 23.02 79.81
CA GLU E 884 -107.05 23.35 80.96
C GLU E 884 -105.95 22.30 81.22
N PHE E 885 -104.96 22.22 80.34
CA PHE E 885 -104.04 21.08 80.28
C PHE E 885 -103.17 20.94 81.53
N LEU E 886 -102.84 19.72 81.90
CA LEU E 886 -101.90 19.47 82.98
C LEU E 886 -100.51 19.94 82.58
N PRO E 887 -99.76 20.54 83.51
CA PRO E 887 -98.40 21.04 83.22
C PRO E 887 -97.33 20.01 82.81
N ASP E 888 -97.59 18.71 82.97
CA ASP E 888 -96.56 17.69 82.74
C ASP E 888 -96.23 17.35 81.29
N ALA E 889 -94.94 17.36 80.97
CA ALA E 889 -94.44 16.91 79.66
C ALA E 889 -94.10 15.42 79.59
N ALA E 890 -94.46 14.67 80.63
CA ALA E 890 -94.30 13.20 80.68
C ALA E 890 -95.00 12.58 79.49
N LEU E 891 -96.10 13.22 79.13
CA LEU E 891 -96.88 12.87 77.94
C LEU E 891 -96.10 13.02 76.65
N VAL E 892 -95.32 14.10 76.51
CA VAL E 892 -94.60 14.31 75.26
C VAL E 892 -93.59 13.17 75.16
N ARG E 893 -93.00 12.81 76.29
CA ARG E 893 -92.05 11.71 76.39
C ARG E 893 -92.70 10.40 75.87
N LYS E 894 -93.90 10.10 76.39
CA LYS E 894 -94.68 8.94 75.95
C LYS E 894 -94.99 9.08 74.45
N LEU E 895 -95.08 10.33 74.04
CA LEU E 895 -95.35 10.77 72.67
C LEU E 895 -94.17 10.27 71.87
N SER E 896 -92.97 10.51 72.37
CA SER E 896 -91.71 10.09 71.75
C SER E 896 -91.78 8.57 71.60
N GLN E 897 -92.32 7.86 72.59
CA GLN E 897 -92.40 6.41 72.41
C GLN E 897 -93.27 6.13 71.18
N VAL E 898 -94.40 6.83 71.09
CA VAL E 898 -95.33 6.77 69.95
C VAL E 898 -94.77 7.27 68.59
N LEU E 899 -93.95 8.31 68.64
CA LEU E 899 -93.28 8.98 67.52
C LEU E 899 -92.37 8.10 66.66
N SER E 900 -91.71 7.13 67.26
CA SER E 900 -90.94 6.16 66.47
C SER E 900 -91.94 5.35 65.65
N LYS E 901 -93.07 5.08 66.30
CA LYS E 901 -94.20 4.30 65.81
C LYS E 901 -94.96 5.00 64.69
N LEU E 902 -94.89 6.33 64.61
CA LEU E 902 -95.61 7.07 63.56
C LEU E 902 -94.87 7.38 62.26
N THR E 903 -95.67 7.47 61.17
CA THR E 903 -95.15 7.51 59.81
C THR E 903 -95.57 8.70 58.95
N LEU E 904 -96.84 8.72 58.52
CA LEU E 904 -97.30 9.71 57.53
C LEU E 904 -97.64 11.07 58.09
N LEU E 905 -97.10 11.39 59.25
CA LEU E 905 -97.52 12.59 59.94
C LEU E 905 -96.65 13.73 59.46
N GLN E 906 -97.26 14.87 59.17
CA GLN E 906 -96.49 15.98 58.66
C GLN E 906 -96.29 17.00 59.75
N GLU E 907 -97.31 17.23 60.57
CA GLU E 907 -97.16 18.14 61.71
C GLU E 907 -97.98 17.82 62.94
N VAL E 908 -97.41 18.14 64.09
CA VAL E 908 -97.98 17.94 65.41
C VAL E 908 -98.70 19.26 65.72
N LYS E 909 -99.93 19.21 66.23
CA LYS E 909 -100.62 20.44 66.65
C LYS E 909 -101.08 20.45 68.11
N LEU E 910 -100.68 21.50 68.82
CA LEU E 910 -100.83 21.59 70.28
C LEU E 910 -101.86 22.60 70.78
N THR E 911 -102.88 22.89 69.97
CA THR E 911 -103.92 23.88 70.27
C THR E 911 -104.43 23.88 71.72
N GLY E 912 -104.04 24.90 72.49
CA GLY E 912 -104.55 25.06 73.84
C GLY E 912 -103.76 24.53 75.03
N TRP E 913 -102.70 23.76 74.78
CA TRP E 913 -101.91 23.22 75.88
C TRP E 913 -100.95 24.26 76.47
N GLU E 914 -101.35 24.82 77.61
CA GLU E 914 -100.55 25.73 78.44
C GLU E 914 -99.26 25.22 79.11
N PHE E 915 -98.80 24.02 78.77
CA PHE E 915 -97.56 23.49 79.37
C PHE E 915 -96.21 23.75 78.66
N ASP E 916 -95.14 23.72 79.46
CA ASP E 916 -93.76 23.66 78.98
C ASP E 916 -93.41 22.22 78.59
N ASP E 917 -92.61 22.03 77.55
CA ASP E 917 -92.25 20.66 77.15
C ASP E 917 -90.95 20.14 77.78
N TYR E 918 -90.28 20.98 78.56
CA TYR E 918 -88.94 20.70 79.10
C TYR E 918 -87.98 20.12 78.08
N ASP E 919 -86.94 19.48 78.61
CA ASP E 919 -85.80 18.94 77.85
C ASP E 919 -86.28 17.82 76.92
N ILE E 920 -87.60 17.59 76.94
CA ILE E 920 -88.30 16.58 76.16
C ILE E 920 -88.55 17.19 74.80
N SER E 921 -88.31 18.49 74.68
CA SER E 921 -88.66 19.22 73.47
C SER E 921 -87.46 19.02 72.56
N ALA E 922 -86.47 18.32 73.10
CA ALA E 922 -85.27 17.98 72.38
C ALA E 922 -85.74 16.88 71.45
N ILE E 923 -86.69 16.09 71.95
CA ILE E 923 -87.30 14.98 71.21
C ILE E 923 -88.78 15.23 70.96
N LYS E 924 -89.18 16.49 70.95
CA LYS E 924 -90.57 16.90 70.80
C LYS E 924 -91.27 16.23 69.61
N GLY E 925 -90.56 16.15 68.48
CA GLY E 925 -91.11 15.46 67.33
C GLY E 925 -90.08 15.17 66.25
N THR E 926 -90.46 14.28 65.34
CA THR E 926 -89.67 14.04 64.13
C THR E 926 -90.41 14.70 62.99
N PHE E 927 -91.41 15.50 63.35
CA PHE E 927 -92.14 16.31 62.39
C PHE E 927 -92.17 17.77 62.83
N LYS E 928 -92.89 18.60 62.07
CA LYS E 928 -92.94 20.04 62.34
C LYS E 928 -93.73 20.28 63.63
N LEU E 929 -93.55 21.44 64.26
CA LEU E 929 -94.43 21.80 65.37
C LEU E 929 -94.90 23.24 65.57
N VAL E 930 -96.19 23.33 65.91
CA VAL E 930 -96.89 24.57 66.20
C VAL E 930 -97.38 24.50 67.64
N THR E 931 -97.28 25.57 68.41
CA THR E 931 -97.79 25.55 69.78
C THR E 931 -99.32 25.52 69.74
N ALA E 932 -99.87 25.77 68.56
CA ALA E 932 -101.31 25.74 68.34
C ALA E 932 -101.69 24.65 67.33
N VAL F 1 -8.96 39.86 48.63
CA VAL F 1 -9.62 39.65 49.91
C VAL F 1 -8.60 39.37 51.02
N THR F 2 -8.85 39.95 52.19
CA THR F 2 -8.01 39.72 53.37
C THR F 2 -8.90 39.44 54.57
N GLU F 3 -8.30 39.30 55.74
CA GLU F 3 -9.05 38.98 56.95
C GLU F 3 -9.74 40.18 57.60
N GLU F 4 -9.32 41.39 57.23
CA GLU F 4 -9.94 42.60 57.80
C GLU F 4 -11.39 42.76 57.34
N ASP F 5 -11.75 42.07 56.28
CA ASP F 5 -13.11 42.07 55.77
C ASP F 5 -13.91 40.88 56.30
N LEU F 6 -13.37 40.19 57.30
CA LEU F 6 -14.13 39.10 57.92
C LEU F 6 -15.18 39.68 58.88
N ASN F 7 -15.14 41.00 59.06
CA ASN F 7 -16.20 41.72 59.75
C ASN F 7 -17.24 42.21 58.73
N VAL F 8 -16.99 41.90 57.46
CA VAL F 8 -17.97 42.13 56.41
C VAL F 8 -18.71 40.82 56.16
N LEU F 9 -17.94 39.78 55.83
CA LEU F 9 -18.51 38.48 55.48
C LEU F 9 -19.34 37.93 56.62
N ALA F 10 -18.92 38.21 57.85
CA ALA F 10 -19.62 37.70 59.01
C ALA F 10 -21.06 38.22 58.98
N GLN F 11 -21.20 39.51 58.69
CA GLN F 11 -22.53 40.10 58.61
C GLN F 11 -23.34 39.38 57.52
N ASN F 12 -22.67 39.09 56.41
CA ASN F 12 -23.31 38.39 55.31
C ASN F 12 -23.76 37.01 55.74
N LEU F 13 -22.97 36.36 56.60
CA LEU F 13 -23.34 35.05 57.12
C LEU F 13 -24.61 35.17 57.93
N LYS F 14 -24.72 36.28 58.66
CA LYS F 14 -25.89 36.56 59.47
C LYS F 14 -27.15 36.74 58.63
N ASP F 15 -26.95 37.08 57.35
CA ASP F 15 -28.06 37.20 56.42
C ASP F 15 -28.19 35.99 55.51
N LEU F 16 -27.33 34.99 55.72
CA LEU F 16 -27.45 33.76 54.98
C LEU F 16 -28.63 32.99 55.55
N TYR F 17 -28.76 33.09 56.88
CA TYR F 17 -29.80 32.42 57.64
C TYR F 17 -31.02 33.33 57.77
N ASN F 18 -30.84 34.60 57.40
CA ASN F 18 -31.97 35.51 57.33
C ASN F 18 -32.67 35.34 55.99
N SER F 19 -33.35 34.21 55.86
CA SER F 19 -34.21 33.94 54.72
C SER F 19 -35.27 32.91 55.11
N PRO F 20 -36.44 32.95 54.44
CA PRO F 20 -37.53 32.03 54.77
C PRO F 20 -37.15 30.56 54.59
N ALA F 21 -36.22 30.26 53.69
CA ALA F 21 -35.83 28.87 53.43
C ALA F 21 -35.35 28.23 54.72
N PHE F 22 -34.62 29.03 55.50
CA PHE F 22 -34.19 28.63 56.82
C PHE F 22 -35.36 28.63 57.78
N LEU F 23 -36.26 29.58 57.59
CA LEU F 23 -37.38 29.75 58.52
C LEU F 23 -38.72 29.12 58.12
N ASN F 24 -38.90 28.70 56.87
CA ASN F 24 -40.16 28.09 56.46
C ASN F 24 -39.98 26.60 56.50
N PHE F 25 -40.96 25.84 56.93
CA PHE F 25 -40.64 24.42 56.95
C PHE F 25 -41.25 23.50 55.92
N TYR F 26 -41.05 22.23 56.23
CA TYR F 26 -40.14 21.41 55.44
C TYR F 26 -39.74 22.06 54.14
N PRO F 27 -38.47 22.50 54.09
CA PRO F 27 -37.85 23.17 52.96
C PRO F 27 -37.61 22.22 51.79
N LEU F 28 -38.67 21.90 51.06
CA LEU F 28 -38.59 21.29 49.72
C LEU F 28 -38.23 19.79 49.76
N GLY F 29 -38.59 19.04 48.71
CA GLY F 29 -39.43 19.52 47.62
C GLY F 29 -40.87 19.61 48.07
N GLU F 30 -41.16 18.91 49.14
CA GLU F 30 -42.32 19.16 49.98
C GLU F 30 -41.81 19.40 51.41
N ASP F 31 -42.08 20.54 52.06
CA ASP F 31 -43.03 21.61 51.66
C ASP F 31 -44.41 20.97 51.59
N ILE F 32 -44.60 19.98 52.47
CA ILE F 32 -45.79 19.15 52.52
C ILE F 32 -47.11 19.90 52.80
N ASP F 33 -47.18 20.90 53.68
CA ASP F 33 -46.20 21.29 54.71
C ASP F 33 -46.07 20.30 55.87
N ILE F 34 -44.85 20.06 56.35
CA ILE F 34 -44.65 19.26 57.56
C ILE F 34 -45.46 19.91 58.67
N ILE F 35 -45.18 21.17 58.97
CA ILE F 35 -45.88 21.84 60.08
C ILE F 35 -46.26 23.28 59.72
N PHE F 36 -45.27 24.17 59.75
CA PHE F 36 -45.44 25.60 59.50
C PHE F 36 -44.08 26.23 59.28
N ASN F 37 -44.04 27.57 59.20
CA ASN F 37 -42.80 28.31 59.16
C ASN F 37 -42.07 27.93 60.44
N LEU F 38 -40.74 27.84 60.41
CA LEU F 38 -39.97 27.46 61.58
C LEU F 38 -40.02 28.41 62.76
N GLU F 39 -40.08 29.71 62.53
CA GLU F 39 -40.10 30.60 63.67
C GLU F 39 -41.32 30.49 64.59
N LYS F 40 -42.55 30.39 64.10
CA LYS F 40 -43.65 30.21 65.04
C LYS F 40 -43.59 28.84 65.75
N THR F 41 -43.18 27.83 64.98
CA THR F 41 -42.93 26.43 65.37
C THR F 41 -41.74 26.11 66.28
N PHE F 42 -40.68 26.91 66.12
CA PHE F 42 -39.45 26.78 66.91
C PHE F 42 -39.51 26.98 68.42
N THR F 43 -38.90 25.99 69.09
CA THR F 43 -38.79 25.87 70.54
C THR F 43 -37.47 25.22 70.93
N GLU F 44 -37.09 25.38 72.20
CA GLU F 44 -35.86 24.79 72.77
C GLU F 44 -35.97 23.25 72.73
N PRO F 45 -35.05 22.56 72.04
CA PRO F 45 -34.96 21.09 71.89
C PRO F 45 -34.61 20.20 73.10
N ILE F 46 -35.52 19.30 73.44
CA ILE F 46 -35.28 18.32 74.49
C ILE F 46 -34.10 17.42 74.10
N MET F 47 -32.96 17.54 74.76
CA MET F 47 -31.85 16.65 74.40
C MET F 47 -31.23 16.12 75.68
N TRP F 48 -30.56 14.97 75.59
CA TRP F 48 -29.93 14.39 76.77
C TRP F 48 -28.52 13.90 76.51
N LYS F 49 -27.53 14.43 77.22
CA LYS F 49 -26.16 13.99 77.02
C LYS F 49 -26.10 12.53 77.45
N LYS F 50 -25.31 11.72 76.77
CA LYS F 50 -25.26 10.30 77.09
C LYS F 50 -23.87 9.85 77.49
N ASP F 51 -23.81 8.69 78.16
CA ASP F 51 -22.55 8.15 78.65
C ASP F 51 -22.07 7.14 77.62
N HIS F 52 -20.91 6.55 77.88
CA HIS F 52 -20.33 5.62 76.95
C HIS F 52 -21.02 4.27 77.15
N ARG F 53 -21.62 4.11 78.33
CA ARG F 53 -22.40 2.93 78.70
C ARG F 53 -23.62 2.70 77.80
N HIS F 54 -24.10 3.78 77.18
CA HIS F 54 -25.25 3.83 76.23
C HIS F 54 -26.57 4.16 76.94
N HIS F 55 -26.52 5.16 77.82
CA HIS F 55 -27.72 5.65 78.50
C HIS F 55 -27.56 7.14 78.80
N ARG F 56 -28.69 7.82 79.00
CA ARG F 56 -28.68 9.27 79.20
C ARG F 56 -28.03 9.70 80.51
N VAL F 57 -27.39 10.87 80.48
CA VAL F 57 -26.65 11.38 81.63
C VAL F 57 -27.19 12.68 82.23
N GLU F 58 -27.51 13.64 81.38
CA GLU F 58 -28.17 14.87 81.84
C GLU F 58 -29.10 15.46 80.80
N GLN F 59 -30.01 16.32 81.25
CA GLN F 59 -30.93 17.02 80.36
C GLN F 59 -30.50 18.41 79.93
N LEU F 60 -30.21 18.51 78.64
CA LEU F 60 -29.76 19.75 78.02
C LEU F 60 -30.79 20.29 77.04
N THR F 61 -30.73 21.59 76.87
CA THR F 61 -31.39 22.29 75.80
C THR F 61 -30.23 23.01 75.12
N LEU F 62 -30.45 23.62 73.96
CA LEU F 62 -29.35 24.34 73.34
C LEU F 62 -28.97 25.54 74.19
N GLY F 63 -29.98 26.17 74.79
CA GLY F 63 -29.77 27.36 75.59
C GLY F 63 -28.83 27.12 76.75
N SER F 64 -28.86 25.91 77.29
CA SER F 64 -27.91 25.53 78.35
C SER F 64 -26.71 24.77 77.80
N LEU F 65 -26.77 24.44 76.51
CA LEU F 65 -25.66 23.79 75.82
C LEU F 65 -24.63 24.82 75.32
N LEU F 66 -25.02 26.09 75.33
CA LEU F 66 -24.24 27.14 74.66
C LEU F 66 -22.81 27.31 75.17
N GLU F 67 -22.63 27.29 76.49
CA GLU F 67 -21.31 27.42 77.09
C GLU F 67 -20.70 26.06 77.41
N ALA F 68 -21.55 25.06 77.59
CA ALA F 68 -21.10 23.70 77.89
C ALA F 68 -20.69 22.96 76.62
N LEU F 69 -20.82 23.62 75.47
CA LEU F 69 -20.61 22.98 74.17
C LEU F 69 -19.16 22.53 73.97
N LYS F 70 -19.02 21.36 73.36
CA LYS F 70 -17.73 20.85 72.91
C LYS F 70 -17.84 20.29 71.50
N SER F 71 -16.69 19.98 70.90
CA SER F 71 -16.65 19.54 69.51
C SER F 71 -15.66 18.39 69.33
N PRO F 72 -15.96 17.46 68.40
CA PRO F 72 -17.18 17.32 67.58
C PRO F 72 -18.42 16.85 68.36
N CYS F 73 -19.60 17.10 67.80
CA CYS F 73 -20.83 16.54 68.35
C CYS F 73 -21.08 15.12 67.87
N LEU F 74 -21.37 14.20 68.79
CA LEU F 74 -21.92 12.91 68.42
C LEU F 74 -23.40 12.94 68.75
N ILE F 75 -23.90 14.17 68.94
CA ILE F 75 -25.26 14.41 69.34
C ILE F 75 -26.23 13.83 68.32
N GLU F 76 -27.21 13.08 68.82
CA GLU F 76 -28.11 12.33 67.97
C GLU F 76 -29.53 12.37 68.49
N GLY F 77 -30.45 11.88 67.67
CA GLY F 77 -31.87 11.90 68.00
C GLY F 77 -32.60 11.02 67.01
N GLU F 78 -33.84 10.69 67.31
CA GLU F 78 -34.57 9.75 66.48
C GLU F 78 -34.95 10.42 65.17
N SER F 79 -34.93 9.64 64.09
CA SER F 79 -35.13 10.15 62.74
C SER F 79 -36.47 10.83 62.49
N GLY F 80 -36.42 11.84 61.62
CA GLY F 80 -37.58 12.59 61.16
C GLY F 80 -36.99 13.87 60.63
N LYS F 81 -37.42 14.99 61.19
CA LYS F 81 -36.99 16.28 60.68
C LYS F 81 -35.74 16.58 61.49
N GLY F 82 -35.78 16.16 62.76
CA GLY F 82 -34.60 16.08 63.60
C GLY F 82 -34.01 17.42 63.96
N LYS F 83 -32.81 17.65 63.43
CA LYS F 83 -32.07 18.89 63.66
C LYS F 83 -32.80 19.98 62.90
N SER F 84 -33.63 19.54 61.95
CA SER F 84 -34.42 20.41 61.10
C SER F 84 -33.71 21.69 60.64
N THR F 85 -34.32 22.85 60.83
CA THR F 85 -33.67 24.10 60.44
C THR F 85 -33.45 24.90 61.74
N LEU F 86 -33.86 24.26 62.81
CA LEU F 86 -33.86 24.77 64.19
C LEU F 86 -32.44 25.13 64.72
N LEU F 87 -31.41 24.43 64.21
CA LEU F 87 -30.00 24.69 64.61
C LEU F 87 -29.49 25.84 63.74
N GLN F 88 -30.19 25.99 62.63
CA GLN F 88 -29.88 26.90 61.53
C GLN F 88 -30.42 28.14 62.19
N ARG F 89 -31.52 27.98 62.93
CA ARG F 89 -32.16 29.14 63.51
C ARG F 89 -31.39 29.40 64.80
N ILE F 90 -30.50 28.48 65.17
CA ILE F 90 -29.79 28.62 66.43
C ILE F 90 -28.66 29.58 66.03
N ALA F 91 -28.18 29.36 64.81
CA ALA F 91 -27.22 30.25 64.16
C ALA F 91 -27.90 31.59 63.99
N MET F 92 -29.19 31.53 63.68
CA MET F 92 -29.94 32.74 63.40
C MET F 92 -30.04 33.46 64.74
N LEU F 93 -29.81 32.74 65.83
CA LEU F 93 -29.88 33.31 67.17
C LEU F 93 -28.54 34.01 67.37
N TRP F 94 -27.47 33.39 66.87
CA TRP F 94 -26.16 34.05 66.82
C TRP F 94 -26.26 35.35 66.00
N ALA F 95 -27.30 35.43 65.17
CA ALA F 95 -27.46 36.55 64.25
C ALA F 95 -28.74 37.33 64.56
N SER F 96 -29.18 37.18 65.80
CA SER F 96 -30.38 37.82 66.32
C SER F 96 -29.98 38.43 67.68
N GLY F 97 -28.67 38.53 67.89
CA GLY F 97 -28.15 39.15 69.08
C GLY F 97 -28.21 38.21 70.27
N GLY F 98 -28.17 36.90 69.98
CA GLY F 98 -28.34 35.88 71.00
C GLY F 98 -27.27 35.86 72.05
N CYS F 99 -27.39 34.93 73.01
CA CYS F 99 -26.42 34.80 74.10
C CYS F 99 -24.96 34.79 73.61
N ARG F 100 -24.09 35.32 74.44
CA ARG F 100 -22.65 35.38 74.21
C ARG F 100 -21.95 34.13 73.64
N ALA F 101 -22.34 32.94 74.09
CA ALA F 101 -21.71 31.74 73.56
C ALA F 101 -22.14 31.34 72.15
N LEU F 102 -22.97 32.18 71.53
CA LEU F 102 -23.42 31.93 70.16
C LEU F 102 -22.55 32.87 69.34
N LYS F 103 -22.10 33.92 70.02
CA LYS F 103 -21.15 34.87 69.44
C LYS F 103 -19.73 34.51 69.84
N GLY F 104 -19.54 33.27 70.28
CA GLY F 104 -18.26 32.83 70.78
C GLY F 104 -17.55 32.36 69.52
N PHE F 105 -18.23 32.58 68.40
CA PHE F 105 -17.79 32.17 67.08
C PHE F 105 -17.97 33.33 66.09
N ARG F 106 -16.87 33.83 65.54
CA ARG F 106 -16.93 35.06 64.75
C ARG F 106 -17.65 34.78 63.43
N LEU F 107 -17.53 33.54 62.99
CA LEU F 107 -18.16 33.03 61.77
C LEU F 107 -18.87 31.70 61.96
N VAL F 108 -20.04 31.53 61.35
CA VAL F 108 -20.82 30.32 61.53
C VAL F 108 -21.15 29.88 60.11
N PHE F 109 -20.81 28.64 59.77
CA PHE F 109 -21.20 28.07 58.50
C PHE F 109 -22.02 26.76 58.48
N PHE F 110 -23.25 26.91 58.00
CA PHE F 110 -24.13 25.79 57.78
C PHE F 110 -23.44 24.84 56.80
N ILE F 111 -23.37 23.54 57.10
CA ILE F 111 -22.72 22.62 56.15
C ILE F 111 -23.67 21.52 55.70
N HIS F 112 -23.59 21.17 54.41
CA HIS F 112 -24.43 20.15 53.78
C HIS F 112 -23.77 18.80 53.42
N LEU F 113 -23.96 17.82 54.28
CA LEU F 113 -23.49 16.42 54.15
C LEU F 113 -24.25 15.84 52.95
N ARG F 114 -25.51 16.22 52.83
CA ARG F 114 -26.40 15.78 51.77
C ARG F 114 -25.94 16.16 50.35
N SER F 115 -25.27 17.29 50.13
CA SER F 115 -24.82 17.57 48.75
C SER F 115 -23.40 18.15 48.71
N ALA F 116 -22.58 17.67 47.77
CA ALA F 116 -21.18 18.10 47.69
C ALA F 116 -20.61 18.09 46.27
N ARG F 117 -19.68 18.99 46.02
CA ARG F 117 -19.20 19.34 44.69
C ARG F 117 -17.77 19.86 44.81
N GLY F 118 -16.85 19.36 43.99
CA GLY F 118 -15.53 19.95 43.95
C GLY F 118 -15.50 21.31 43.26
N GLY F 119 -14.60 22.18 43.67
CA GLY F 119 -13.80 22.00 44.88
C GLY F 119 -14.67 22.01 46.13
N LEU F 120 -14.27 21.24 47.14
CA LEU F 120 -15.21 20.78 48.16
C LEU F 120 -15.65 21.94 49.05
N PHE F 121 -14.75 22.91 49.25
CA PHE F 121 -15.12 24.09 50.01
C PHE F 121 -16.17 24.86 49.23
N GLU F 122 -16.12 24.79 47.90
CA GLU F 122 -17.10 25.51 47.09
C GLU F 122 -18.48 24.88 47.22
N THR F 123 -18.58 23.74 47.94
CA THR F 123 -19.90 23.19 48.22
C THR F 123 -20.64 24.28 48.96
N LEU F 124 -19.91 24.96 49.84
CA LEU F 124 -20.49 25.97 50.70
C LEU F 124 -20.80 27.14 49.79
N TYR F 125 -19.91 27.37 48.81
CA TYR F 125 -20.13 28.41 47.84
C TYR F 125 -21.33 27.94 47.01
N ASP F 126 -21.39 26.66 46.67
CA ASP F 126 -22.55 26.13 45.95
C ASP F 126 -23.80 26.04 46.85
N GLN F 127 -23.66 26.42 48.11
CA GLN F 127 -24.76 26.39 49.07
C GLN F 127 -24.94 27.77 49.73
N LEU F 128 -23.99 28.14 50.59
CA LEU F 128 -24.01 29.42 51.32
C LEU F 128 -23.81 30.56 50.32
N LEU F 129 -22.95 30.30 49.33
CA LEU F 129 -22.59 31.28 48.31
C LEU F 129 -21.84 32.56 48.71
N ASN F 130 -21.74 32.89 49.99
CA ASN F 130 -21.05 34.13 50.33
C ASN F 130 -19.49 34.06 50.27
N ILE F 131 -18.97 33.00 49.67
CA ILE F 131 -17.53 32.75 49.51
C ILE F 131 -16.77 33.73 48.60
N PRO F 132 -15.94 34.63 49.16
CA PRO F 132 -15.21 35.55 48.26
C PRO F 132 -14.31 34.84 47.22
N ASP F 133 -14.18 35.45 46.04
CA ASP F 133 -13.32 34.98 44.94
C ASP F 133 -11.79 34.87 45.10
N PHE F 134 -11.17 35.71 45.93
CA PHE F 134 -9.71 35.61 46.16
C PHE F 134 -9.28 34.34 46.88
N ILE F 135 -10.06 33.99 47.89
CA ILE F 135 -9.80 32.81 48.71
C ILE F 135 -9.79 31.40 48.12
N SER F 136 -8.61 30.96 47.69
CA SER F 136 -8.42 29.61 47.18
C SER F 136 -8.77 28.66 48.35
N LYS F 137 -8.87 27.35 48.12
CA LYS F 137 -9.11 26.42 49.23
C LYS F 137 -7.98 26.38 50.32
N PRO F 138 -6.69 26.40 49.91
CA PRO F 138 -5.61 26.43 50.92
C PRO F 138 -5.73 27.72 51.71
N THR F 139 -5.95 28.81 50.97
CA THR F 139 -6.12 30.14 51.52
C THR F 139 -7.29 30.07 52.48
N PHE F 140 -8.37 29.41 52.06
CA PHE F 140 -9.55 29.28 52.93
C PHE F 140 -9.26 28.49 54.23
N LYS F 141 -8.43 27.46 54.18
CA LYS F 141 -8.09 26.72 55.41
C LYS F 141 -7.19 27.55 56.34
N ALA F 142 -6.24 28.26 55.72
CA ALA F 142 -5.29 29.15 56.40
C ALA F 142 -6.02 30.30 57.08
N LEU F 143 -6.98 30.83 56.35
CA LEU F 143 -7.86 31.88 56.80
C LEU F 143 -8.63 31.38 58.00
N LEU F 144 -9.38 30.29 57.81
CA LEU F 144 -10.14 29.73 58.92
C LEU F 144 -9.24 29.53 60.15
N LEU F 145 -7.96 29.22 59.94
CA LEU F 145 -7.16 28.91 61.12
C LEU F 145 -6.56 30.18 61.69
N LYS F 146 -6.67 31.30 60.99
CA LYS F 146 -6.14 32.55 61.52
C LYS F 146 -6.73 32.84 62.91
N LEU F 147 -7.89 32.25 63.16
CA LEU F 147 -8.71 32.48 64.34
C LEU F 147 -8.76 31.32 65.38
N HIS F 148 -8.88 30.08 64.90
CA HIS F 148 -8.80 28.87 65.73
C HIS F 148 -9.87 28.50 66.78
N LYS F 149 -11.12 28.95 66.62
CA LYS F 149 -12.20 28.77 67.61
C LYS F 149 -13.33 29.74 67.31
N GLU F 150 -13.18 30.48 66.22
CA GLU F 150 -14.07 31.59 66.00
C GLU F 150 -14.97 31.26 64.83
N VAL F 151 -15.09 29.97 64.57
CA VAL F 151 -16.04 29.50 63.57
C VAL F 151 -16.75 28.23 64.08
N LEU F 152 -18.07 28.18 63.85
CA LEU F 152 -18.86 26.98 64.16
C LEU F 152 -19.45 26.44 62.86
N PHE F 153 -19.57 25.13 62.73
CA PHE F 153 -20.22 24.57 61.54
C PHE F 153 -21.29 23.51 61.80
N LEU F 154 -22.45 23.67 61.17
CA LEU F 154 -23.47 22.63 61.37
C LEU F 154 -23.42 21.64 60.21
N LEU F 155 -23.41 20.34 60.45
CA LEU F 155 -23.23 19.43 59.33
C LEU F 155 -24.69 19.04 59.12
N ASP F 156 -25.22 19.22 57.92
CA ASP F 156 -26.57 18.71 57.57
C ASP F 156 -26.82 17.54 56.60
N GLY F 157 -27.21 16.34 57.05
CA GLY F 157 -27.28 15.19 56.15
C GLY F 157 -26.55 13.88 56.36
N TYR F 158 -26.70 13.31 57.54
CA TYR F 158 -26.04 12.05 57.83
C TYR F 158 -26.46 10.71 57.20
N ASN F 159 -27.71 10.52 56.79
CA ASN F 159 -28.08 9.25 56.17
C ASN F 159 -27.96 9.52 54.69
N GLU F 160 -28.35 10.75 54.35
CA GLU F 160 -28.31 11.28 53.00
C GLU F 160 -26.89 11.12 52.47
N PHE F 161 -25.94 11.07 53.39
CA PHE F 161 -24.53 10.93 53.05
C PHE F 161 -24.29 9.66 52.27
N HIS F 162 -23.36 9.71 51.33
CA HIS F 162 -23.08 8.60 50.43
C HIS F 162 -21.57 8.49 50.26
N PRO F 163 -21.09 7.48 49.51
CA PRO F 163 -19.65 7.40 49.27
C PRO F 163 -19.09 8.50 48.36
N GLN F 164 -19.79 8.90 47.32
CA GLN F 164 -19.33 10.02 46.49
C GLN F 164 -19.10 11.29 47.32
N ASN F 165 -17.97 11.94 47.10
CA ASN F 165 -17.58 13.21 47.72
C ASN F 165 -17.27 13.08 49.21
N CYS F 166 -17.02 11.84 49.62
CA CYS F 166 -16.70 11.42 50.98
C CYS F 166 -15.44 12.05 51.63
N PRO F 167 -14.34 12.25 50.86
CA PRO F 167 -13.25 12.89 51.59
C PRO F 167 -13.35 14.38 51.94
N GLU F 168 -12.53 14.73 52.93
CA GLU F 168 -12.58 15.99 53.66
C GLU F 168 -13.98 16.27 54.18
N ILE F 169 -14.58 15.23 54.75
CA ILE F 169 -15.84 15.31 55.46
C ILE F 169 -15.59 14.97 56.93
N GLU F 170 -14.64 14.07 57.13
CA GLU F 170 -14.30 13.54 58.44
C GLU F 170 -13.17 14.43 58.94
N ALA F 171 -12.64 15.22 58.02
CA ALA F 171 -11.51 16.09 58.30
C ALA F 171 -11.97 17.24 59.19
N LEU F 172 -13.23 17.68 59.02
CA LEU F 172 -13.72 18.73 59.89
C LEU F 172 -13.87 18.17 61.30
N ILE F 173 -14.28 16.91 61.40
CA ILE F 173 -14.55 16.24 62.68
C ILE F 173 -13.34 15.56 63.35
N LYS F 174 -12.68 14.66 62.64
CA LYS F 174 -11.51 13.95 63.15
C LYS F 174 -10.26 14.80 63.17
N GLU F 175 -10.01 15.50 62.06
CA GLU F 175 -8.97 16.52 62.02
C GLU F 175 -9.55 17.85 62.49
N ASN F 176 -10.23 17.83 63.64
CA ASN F 176 -10.77 19.05 64.25
C ASN F 176 -9.79 19.56 65.28
N HIS F 177 -8.93 18.65 65.72
CA HIS F 177 -7.91 18.98 66.70
C HIS F 177 -6.85 19.88 66.06
N ARG F 178 -6.84 19.90 64.72
CA ARG F 178 -6.01 20.84 63.97
C ARG F 178 -6.77 21.77 63.02
N PHE F 179 -8.08 21.85 63.19
CA PHE F 179 -8.95 22.63 62.30
C PHE F 179 -9.42 23.72 63.23
N LYS F 180 -9.14 23.48 64.51
CA LYS F 180 -9.45 24.37 65.62
C LYS F 180 -10.83 25.01 65.74
N ASN F 181 -11.71 24.86 64.76
CA ASN F 181 -12.99 25.50 65.01
C ASN F 181 -13.90 24.46 65.63
N MET F 182 -14.97 24.88 66.29
CA MET F 182 -15.93 23.93 66.80
C MET F 182 -16.87 23.49 65.69
N VAL F 183 -17.66 22.44 65.93
CA VAL F 183 -18.62 22.00 64.92
C VAL F 183 -19.66 21.00 65.43
N ILE F 184 -20.89 21.11 64.92
CA ILE F 184 -21.98 20.26 65.36
C ILE F 184 -22.13 19.24 64.23
N VAL F 185 -21.92 17.96 64.55
CA VAL F 185 -21.92 16.89 63.56
C VAL F 185 -23.23 16.12 63.43
N THR F 186 -23.90 16.29 62.30
CA THR F 186 -25.22 15.72 62.10
C THR F 186 -25.19 14.21 62.19
N THR F 187 -26.24 13.67 62.79
CA THR F 187 -26.36 12.25 62.90
C THR F 187 -27.81 11.83 62.74
N THR F 188 -28.00 10.58 62.37
CA THR F 188 -29.30 9.96 62.17
C THR F 188 -28.93 8.92 63.18
N THR F 189 -29.76 7.99 63.64
CA THR F 189 -28.99 7.18 64.56
C THR F 189 -28.53 5.87 63.96
N GLU F 190 -29.00 5.53 62.74
CA GLU F 190 -28.75 4.16 62.33
C GLU F 190 -27.22 4.12 62.25
N CYS F 191 -26.76 5.18 61.57
CA CYS F 191 -25.39 5.59 61.21
C CYS F 191 -24.34 5.99 62.25
N LEU F 192 -24.79 6.54 63.38
CA LEU F 192 -23.89 7.16 64.39
C LEU F 192 -22.58 6.45 64.71
N ARG F 193 -22.57 5.13 64.62
CA ARG F 193 -21.43 4.33 65.08
C ARG F 193 -20.23 4.48 64.11
N HIS F 194 -20.40 5.37 63.15
CA HIS F 194 -19.39 5.74 62.15
C HIS F 194 -18.58 6.91 62.63
N ILE F 195 -19.02 7.50 63.74
CA ILE F 195 -18.30 8.60 64.36
C ILE F 195 -18.38 8.57 65.88
N ARG F 196 -18.77 7.44 66.43
CA ARG F 196 -18.83 7.24 67.87
C ARG F 196 -17.43 7.33 68.51
N HIS F 197 -16.41 7.62 67.70
CA HIS F 197 -15.04 7.71 68.18
C HIS F 197 -14.36 9.01 67.76
N VAL F 198 -15.16 10.00 67.38
CA VAL F 198 -14.61 11.28 66.94
C VAL F 198 -14.99 12.53 67.75
N GLY F 199 -16.26 12.59 68.15
CA GLY F 199 -16.84 13.63 68.97
C GLY F 199 -16.75 13.80 70.47
N ALA F 200 -16.25 14.96 70.88
CA ALA F 200 -15.99 15.22 72.29
C ALA F 200 -17.31 15.57 72.98
N LEU F 201 -18.38 15.73 72.21
CA LEU F 201 -19.70 16.01 72.77
C LEU F 201 -20.68 14.96 72.23
N THR F 202 -21.80 14.75 72.92
CA THR F 202 -22.77 13.73 72.53
C THR F 202 -24.09 13.89 73.30
N ALA F 203 -25.20 13.94 72.59
CA ALA F 203 -26.49 14.12 73.23
C ALA F 203 -27.60 13.43 72.45
N GLU F 204 -28.67 13.08 73.15
CA GLU F 204 -29.78 12.35 72.55
C GLU F 204 -31.02 13.22 72.57
N VAL F 205 -31.57 13.51 71.40
CA VAL F 205 -32.79 14.31 71.34
C VAL F 205 -33.93 13.55 72.00
N GLY F 206 -34.26 13.98 73.21
CA GLY F 206 -35.34 13.37 73.96
C GLY F 206 -36.66 13.73 73.30
N ASP F 207 -37.67 12.89 73.49
CA ASP F 207 -38.97 13.17 72.91
C ASP F 207 -39.46 14.47 73.51
N MET F 208 -40.06 15.31 72.68
CA MET F 208 -40.62 16.59 73.11
C MET F 208 -41.85 16.39 74.00
N THR F 209 -42.14 17.39 74.82
CA THR F 209 -43.35 17.38 75.65
C THR F 209 -44.58 17.37 74.75
N GLU F 210 -45.64 16.68 75.17
CA GLU F 210 -46.86 16.70 74.37
C GLU F 210 -47.40 18.12 74.34
N ASP F 211 -47.43 18.74 75.52
CA ASP F 211 -47.92 20.10 75.68
C ASP F 211 -47.13 21.08 74.83
N SER F 212 -45.81 20.98 74.89
CA SER F 212 -44.94 21.88 74.13
C SER F 212 -45.17 21.69 72.64
N ALA F 213 -45.45 20.45 72.25
CA ALA F 213 -45.67 20.12 70.85
C ALA F 213 -46.96 20.71 70.34
N LYS F 214 -47.72 21.37 71.21
CA LYS F 214 -49.03 21.77 70.79
C LYS F 214 -48.81 23.17 70.30
N ASP F 215 -47.55 23.58 70.43
CA ASP F 215 -47.18 24.94 70.13
C ASP F 215 -46.91 24.81 68.65
N LEU F 216 -46.74 23.56 68.24
CA LEU F 216 -46.58 23.28 66.83
C LEU F 216 -47.98 23.44 66.23
N ILE F 217 -48.96 22.70 66.79
CA ILE F 217 -50.29 22.58 66.18
C ILE F 217 -50.90 23.96 65.90
N GLU F 218 -50.69 24.83 66.87
CA GLU F 218 -51.13 26.21 66.97
C GLU F 218 -50.83 27.10 65.77
N ALA F 219 -49.66 26.89 65.16
CA ALA F 219 -49.24 27.74 64.05
C ALA F 219 -50.13 27.64 62.81
N VAL F 220 -50.69 26.49 62.46
CA VAL F 220 -51.59 26.52 61.33
C VAL F 220 -53.06 26.60 61.75
N LEU F 221 -53.44 25.77 62.72
CA LEU F 221 -54.79 25.76 63.27
C LEU F 221 -55.27 27.02 63.98
N VAL F 222 -56.58 27.23 63.97
CA VAL F 222 -57.23 28.35 64.67
C VAL F 222 -57.05 27.96 66.15
N PRO F 223 -57.12 28.91 67.10
CA PRO F 223 -56.86 28.36 68.44
C PRO F 223 -57.98 27.47 69.02
N ASP F 224 -59.21 27.64 68.54
CA ASP F 224 -60.29 26.79 69.03
C ASP F 224 -60.19 25.47 68.31
N GLN F 225 -59.63 25.49 67.10
CA GLN F 225 -59.47 24.28 66.32
C GLN F 225 -58.42 23.44 67.06
N VAL F 226 -57.50 24.12 67.73
CA VAL F 226 -56.44 23.42 68.43
C VAL F 226 -57.08 22.86 69.68
N GLU F 227 -58.00 23.61 70.29
CA GLU F 227 -58.64 23.10 71.49
C GLU F 227 -59.50 21.88 71.16
N ARG F 228 -60.08 21.87 69.97
CA ARG F 228 -60.89 20.75 69.50
C ARG F 228 -60.00 19.52 69.40
N LEU F 229 -58.82 19.71 68.82
CA LEU F 229 -57.84 18.62 68.80
C LEU F 229 -57.44 18.22 70.23
N TRP F 230 -57.32 19.19 71.11
CA TRP F 230 -56.97 18.94 72.51
C TRP F 230 -58.01 18.08 73.22
N ALA F 231 -59.26 18.21 72.79
CA ALA F 231 -60.29 17.29 73.24
C ALA F 231 -60.09 15.94 72.55
N GLN F 232 -59.65 16.00 71.29
CA GLN F 232 -59.48 14.80 70.50
C GLN F 232 -58.36 13.86 70.97
N ILE F 233 -57.29 14.36 71.58
CA ILE F 233 -56.31 13.40 72.03
C ILE F 233 -56.69 12.85 73.40
N GLN F 234 -57.80 13.34 73.95
CA GLN F 234 -58.30 12.84 75.22
C GLN F 234 -59.05 11.54 75.01
N GLU F 235 -59.41 11.32 73.75
CA GLU F 235 -60.07 10.10 73.26
C GLU F 235 -59.44 8.85 73.90
N SER F 236 -58.12 8.87 74.00
CA SER F 236 -57.34 7.71 74.44
C SER F 236 -55.97 8.20 74.88
N ARG F 237 -55.36 7.51 75.82
CA ARG F 237 -54.05 7.91 76.32
C ARG F 237 -52.98 7.68 75.27
N CYS F 238 -53.18 6.66 74.44
CA CYS F 238 -52.29 6.39 73.32
C CYS F 238 -52.35 7.53 72.31
N LEU F 239 -53.53 8.11 72.12
CA LEU F 239 -53.67 9.29 71.27
C LEU F 239 -53.07 10.53 71.95
N ARG F 240 -53.28 10.62 73.26
CA ARG F 240 -52.81 11.76 74.04
C ARG F 240 -51.28 11.85 74.05
N ASN F 241 -50.62 10.70 74.02
CA ASN F 241 -49.16 10.69 74.10
C ASN F 241 -48.49 10.76 72.73
N LEU F 242 -49.29 10.81 71.67
CA LEU F 242 -48.75 10.89 70.32
C LEU F 242 -47.97 12.19 70.14
N MET F 243 -48.48 13.24 70.79
CA MET F 243 -47.84 14.55 70.76
C MET F 243 -46.42 14.62 71.34
N LYS F 244 -45.86 13.50 71.79
CA LYS F 244 -44.49 13.52 72.31
C LYS F 244 -43.54 13.97 71.20
N THR F 245 -43.79 13.46 70.00
CA THR F 245 -42.98 13.79 68.84
C THR F 245 -43.74 14.75 67.93
N PRO F 246 -43.02 15.63 67.24
CA PRO F 246 -43.56 16.59 66.28
C PRO F 246 -44.13 15.89 65.03
N LEU F 247 -43.61 14.72 64.71
CA LEU F 247 -44.10 13.91 63.58
C LEU F 247 -45.56 13.45 63.70
N PHE F 248 -45.98 12.96 64.87
CA PHE F 248 -47.37 12.55 65.09
C PHE F 248 -48.28 13.76 64.93
N VAL F 249 -47.77 14.89 65.42
CA VAL F 249 -48.45 16.16 65.29
C VAL F 249 -48.61 16.44 63.80
N VAL F 250 -47.56 16.20 63.01
CA VAL F 250 -47.62 16.44 61.56
C VAL F 250 -48.66 15.52 60.89
N ILE F 251 -48.76 14.31 61.43
CA ILE F 251 -49.74 13.31 61.02
C ILE F 251 -51.17 13.76 61.22
N THR F 252 -51.44 14.47 62.31
CA THR F 252 -52.78 15.02 62.46
C THR F 252 -52.94 16.45 61.90
N CYS F 253 -51.82 17.10 61.60
CA CYS F 253 -51.83 18.48 61.09
C CYS F 253 -52.20 18.47 59.61
N ALA F 254 -51.78 17.42 58.91
CA ALA F 254 -52.07 17.25 57.48
C ALA F 254 -53.57 17.10 57.19
N ILE F 255 -54.38 16.99 58.23
CA ILE F 255 -55.78 16.58 58.06
C ILE F 255 -56.73 17.79 58.19
N GLN F 256 -56.25 18.86 58.82
CA GLN F 256 -57.07 20.05 59.09
C GLN F 256 -57.49 20.86 57.86
N MET F 257 -56.90 20.58 56.70
CA MET F 257 -57.13 21.36 55.50
C MET F 257 -58.59 21.31 55.03
N GLY F 258 -59.27 20.22 55.33
CA GLY F 258 -60.69 20.11 55.00
C GLY F 258 -61.65 20.19 56.17
N ARG F 259 -61.14 20.24 57.39
CA ARG F 259 -61.99 20.08 58.58
C ARG F 259 -61.75 21.07 59.71
N GLN F 260 -62.83 21.45 60.38
CA GLN F 260 -62.75 22.30 61.58
C GLN F 260 -62.43 21.47 62.83
N GLU F 261 -62.95 20.25 62.91
CA GLU F 261 -62.50 19.29 63.91
C GLU F 261 -62.57 17.90 63.30
N PHE F 262 -61.60 17.06 63.65
CA PHE F 262 -61.52 15.74 63.04
C PHE F 262 -60.96 14.67 63.97
N GLN F 263 -61.18 13.43 63.57
CA GLN F 263 -60.48 12.27 64.09
C GLN F 263 -60.25 11.36 62.89
N ALA F 264 -59.59 10.23 63.11
CA ALA F 264 -59.38 9.27 62.02
C ALA F 264 -60.45 8.19 61.77
N HIS F 265 -61.19 7.69 62.77
CA HIS F 265 -61.13 8.06 64.18
C HIS F 265 -60.12 7.22 64.90
N THR F 266 -59.65 6.17 64.23
CA THR F 266 -58.75 5.25 64.86
C THR F 266 -57.39 5.86 65.02
N GLN F 267 -56.69 5.52 66.10
CA GLN F 267 -55.37 6.07 66.32
C GLN F 267 -54.44 5.51 65.25
N THR F 268 -54.73 4.29 64.81
CA THR F 268 -54.10 3.58 63.68
C THR F 268 -54.33 4.12 62.26
N MET F 269 -55.51 4.64 61.95
CA MET F 269 -55.79 5.15 60.61
C MET F 269 -55.04 6.45 60.37
N LEU F 270 -54.71 7.11 61.47
CA LEU F 270 -53.88 8.31 61.51
C LEU F 270 -52.48 7.90 61.05
N PHE F 271 -52.06 6.81 61.67
CA PHE F 271 -50.80 6.10 61.57
C PHE F 271 -50.49 5.57 60.13
N GLN F 272 -51.54 5.14 59.43
CA GLN F 272 -51.44 4.63 58.04
C GLN F 272 -51.01 5.65 56.99
N THR F 273 -51.52 6.88 57.12
CA THR F 273 -51.14 7.97 56.23
C THR F 273 -49.64 8.18 56.34
N PHE F 274 -49.14 8.13 57.57
CA PHE F 274 -47.72 8.29 57.87
C PHE F 274 -46.97 7.14 57.15
N TYR F 275 -47.49 5.90 57.22
CA TYR F 275 -46.79 4.77 56.55
C TYR F 275 -46.68 5.06 55.05
N ASP F 276 -47.78 5.46 54.42
CA ASP F 276 -47.79 5.77 52.99
C ASP F 276 -46.75 6.87 52.69
N LEU F 277 -46.62 7.85 53.60
CA LEU F 277 -45.65 8.95 53.45
C LEU F 277 -44.24 8.34 53.44
N LEU F 278 -44.06 7.33 54.28
CA LEU F 278 -42.82 6.57 54.40
C LEU F 278 -42.53 5.95 53.02
N ILE F 279 -43.56 5.37 52.39
CA ILE F 279 -43.42 4.77 51.05
C ILE F 279 -43.00 5.89 50.07
N GLN F 280 -43.61 7.07 50.22
CA GLN F 280 -43.43 8.27 49.39
C GLN F 280 -41.98 8.77 49.36
N LYS F 281 -41.38 8.74 50.54
CA LYS F 281 -40.01 9.20 50.80
C LYS F 281 -39.05 8.23 50.16
N ASN F 282 -39.32 6.95 50.25
CA ASN F 282 -38.36 5.95 49.86
C ASN F 282 -38.55 5.51 48.42
N SER F 283 -39.49 6.09 47.66
CA SER F 283 -39.60 5.54 46.32
C SER F 283 -38.27 5.73 45.58
N HIS F 284 -37.58 6.87 45.77
CA HIS F 284 -36.35 7.07 45.02
C HIS F 284 -35.34 6.07 45.61
N ARG F 285 -35.63 5.73 46.87
CA ARG F 285 -34.86 4.85 47.76
C ARG F 285 -35.43 3.45 47.81
N TYR F 286 -35.43 2.75 46.69
CA TYR F 286 -36.01 1.42 46.70
C TYR F 286 -34.91 0.49 47.17
N ARG F 287 -33.67 0.89 46.91
CA ARG F 287 -32.49 0.14 47.32
C ARG F 287 -32.60 -1.36 47.10
N GLY F 288 -32.82 -1.77 45.85
CA GLY F 288 -33.14 -3.14 45.56
C GLY F 288 -34.63 -3.38 45.40
N GLY F 289 -34.99 -4.57 44.93
CA GLY F 289 -36.38 -4.88 44.65
C GLY F 289 -36.77 -4.18 43.36
N ALA F 290 -38.00 -4.38 42.92
CA ALA F 290 -38.42 -3.79 41.65
C ALA F 290 -39.41 -2.68 41.93
N SER F 291 -39.21 -1.53 41.27
CA SER F 291 -40.15 -0.41 41.38
C SER F 291 -40.35 -0.03 42.84
N GLY F 292 -41.60 -0.03 43.28
CA GLY F 292 -41.92 0.14 44.67
C GLY F 292 -41.96 -1.13 45.50
N ASP F 293 -41.64 -2.28 44.90
CA ASP F 293 -41.84 -3.56 45.59
C ASP F 293 -40.82 -3.79 46.70
N PHE F 294 -40.03 -2.79 47.03
CA PHE F 294 -39.16 -2.88 48.19
C PHE F 294 -40.09 -2.84 49.41
N ALA F 295 -41.21 -2.14 49.24
CA ALA F 295 -42.38 -2.14 50.12
C ALA F 295 -42.83 -3.56 50.50
N ARG F 296 -42.68 -4.45 49.53
CA ARG F 296 -43.05 -5.87 49.60
C ARG F 296 -42.22 -6.54 50.69
N SER F 297 -41.02 -6.04 50.91
CA SER F 297 -40.15 -6.56 51.94
C SER F 297 -40.81 -6.33 53.30
N LEU F 298 -41.44 -5.19 53.55
CA LEU F 298 -42.08 -5.04 54.87
C LEU F 298 -43.17 -6.13 54.93
N ASP F 299 -43.87 -6.34 53.82
CA ASP F 299 -44.85 -7.43 53.69
C ASP F 299 -44.16 -8.78 53.86
N TYR F 300 -42.94 -8.91 53.32
CA TYR F 300 -42.18 -10.15 53.45
C TYR F 300 -42.03 -10.39 54.94
N CYS F 301 -41.76 -9.33 55.70
CA CYS F 301 -41.66 -9.47 57.15
C CYS F 301 -43.01 -9.08 57.74
N GLY F 302 -44.08 -9.20 56.95
CA GLY F 302 -45.41 -8.86 57.41
C GLY F 302 -45.90 -9.67 58.60
N ASP F 303 -45.66 -10.98 58.55
CA ASP F 303 -46.00 -11.89 59.64
C ASP F 303 -45.13 -11.61 60.88
N LEU F 304 -44.12 -10.76 60.67
CA LEU F 304 -43.15 -10.24 61.64
C LEU F 304 -43.81 -9.00 62.25
N ALA F 305 -44.36 -8.18 61.36
CA ALA F 305 -45.07 -6.95 61.68
C ALA F 305 -46.22 -7.47 62.53
N LEU F 306 -46.75 -8.61 62.13
CA LEU F 306 -47.87 -9.30 62.76
C LEU F 306 -47.31 -9.56 64.15
N GLU F 307 -46.13 -10.18 64.22
CA GLU F 307 -45.44 -10.46 65.48
C GLU F 307 -45.14 -9.23 66.34
N GLY F 308 -44.96 -8.03 65.81
CA GLY F 308 -44.72 -6.95 66.74
C GLY F 308 -45.89 -6.85 67.71
N VAL F 309 -47.13 -6.82 67.23
CA VAL F 309 -48.24 -6.82 68.17
C VAL F 309 -48.17 -8.16 68.92
N PHE F 310 -47.96 -9.22 68.12
CA PHE F 310 -47.95 -10.60 68.61
C PHE F 310 -46.78 -11.09 69.48
N ALA F 311 -45.54 -10.72 69.18
CA ALA F 311 -44.47 -11.21 70.07
C ALA F 311 -44.21 -10.30 71.28
N HIS F 312 -45.27 -9.63 71.73
CA HIS F 312 -45.21 -8.67 72.85
C HIS F 312 -44.17 -7.57 72.73
N LYS F 313 -43.49 -7.51 71.60
CA LYS F 313 -42.45 -6.53 71.40
C LYS F 313 -42.41 -6.05 69.97
N PHE F 314 -42.06 -4.79 69.78
CA PHE F 314 -41.86 -4.29 68.44
C PHE F 314 -40.41 -4.46 68.06
N ASP F 315 -39.63 -5.21 68.86
CA ASP F 315 -38.24 -5.33 68.47
C ASP F 315 -37.89 -6.69 67.85
N PHE F 316 -37.15 -6.63 66.75
CA PHE F 316 -36.74 -7.81 65.99
C PHE F 316 -35.24 -7.87 65.68
N GLU F 317 -34.74 -9.02 65.28
CA GLU F 317 -33.35 -9.10 64.86
C GLU F 317 -33.45 -9.57 63.42
N PRO F 318 -32.80 -8.87 62.48
CA PRO F 318 -32.98 -9.26 61.09
C PRO F 318 -32.35 -10.63 60.83
N GLU F 319 -32.98 -11.38 59.93
CA GLU F 319 -32.67 -12.78 59.71
C GLU F 319 -31.26 -12.99 59.17
N HIS F 320 -30.58 -14.02 59.68
CA HIS F 320 -29.21 -14.31 59.28
C HIS F 320 -29.14 -14.83 57.84
N GLY F 321 -28.27 -14.24 57.04
CA GLY F 321 -28.24 -14.46 55.61
C GLY F 321 -28.88 -13.35 54.78
N SER F 322 -29.26 -13.69 53.55
CA SER F 322 -29.69 -12.70 52.55
C SER F 322 -30.91 -11.90 52.98
N SER F 323 -31.63 -12.39 53.99
CA SER F 323 -32.81 -11.69 54.45
C SER F 323 -32.46 -10.55 55.41
N MET F 324 -31.19 -10.20 55.52
CA MET F 324 -30.82 -9.25 56.56
C MET F 324 -31.18 -7.90 55.97
N ASN F 325 -31.76 -7.99 54.77
CA ASN F 325 -31.93 -6.86 53.91
C ASN F 325 -33.27 -6.33 54.35
N GLU F 326 -33.86 -7.09 55.28
CA GLU F 326 -35.15 -6.72 55.84
C GLU F 326 -34.88 -5.42 56.55
N ASP F 327 -33.69 -5.30 57.17
CA ASP F 327 -33.42 -4.06 57.91
C ASP F 327 -33.31 -2.85 56.92
N VAL F 328 -33.72 -3.10 55.68
CA VAL F 328 -34.13 -2.08 54.71
C VAL F 328 -35.09 -1.12 55.39
N LEU F 329 -35.94 -1.65 56.25
CA LEU F 329 -36.91 -0.84 56.95
C LEU F 329 -36.23 0.14 57.91
N VAL F 330 -35.05 -0.20 58.40
CA VAL F 330 -34.33 0.76 59.23
C VAL F 330 -33.91 1.87 58.29
N THR F 331 -33.49 1.50 57.09
CA THR F 331 -33.13 2.47 56.06
C THR F 331 -34.40 3.27 55.73
N ILE F 332 -35.55 2.59 55.64
CA ILE F 332 -36.83 3.25 55.37
C ILE F 332 -37.38 4.08 56.54
N GLY F 333 -37.12 3.62 57.76
CA GLY F 333 -37.52 4.33 58.95
C GLY F 333 -38.77 3.72 59.56
N LEU F 334 -39.19 2.61 58.98
CA LEU F 334 -40.33 1.86 59.48
C LEU F 334 -39.88 1.16 60.75
N LEU F 335 -38.63 0.74 60.68
CA LEU F 335 -37.91 0.11 61.78
C LEU F 335 -36.59 0.81 62.12
N CYS F 336 -36.56 2.12 62.46
CA CYS F 336 -35.23 2.68 62.70
C CYS F 336 -34.65 2.08 63.98
N LYS F 337 -33.35 1.82 63.98
CA LYS F 337 -32.63 1.33 65.16
C LYS F 337 -31.54 2.09 65.95
N TYR F 338 -31.55 1.86 67.27
CA TYR F 338 -30.69 2.52 68.27
C TYR F 338 -29.29 1.89 68.19
N THR F 339 -28.19 2.63 68.01
CA THR F 339 -26.90 1.91 68.09
C THR F 339 -26.64 1.45 69.53
N ALA F 340 -26.12 0.22 69.66
CA ALA F 340 -25.88 -0.44 70.95
C ALA F 340 -25.15 -1.78 70.76
N GLN F 341 -24.47 -2.26 71.80
CA GLN F 341 -23.74 -3.52 71.70
C GLN F 341 -24.66 -4.74 71.74
N ARG F 342 -24.61 -5.50 70.64
CA ARG F 342 -25.40 -6.70 70.36
C ARG F 342 -26.79 -6.22 69.93
N LEU F 343 -26.75 -5.12 69.19
CA LEU F 343 -27.92 -4.42 68.67
C LEU F 343 -28.83 -5.20 67.75
N LYS F 344 -30.13 -5.09 68.03
CA LYS F 344 -31.14 -5.58 67.12
C LYS F 344 -32.29 -4.58 66.94
N PRO F 345 -32.77 -4.44 65.69
CA PRO F 345 -33.78 -3.58 65.12
C PRO F 345 -35.02 -3.41 66.00
N THR F 346 -35.76 -2.32 65.79
CA THR F 346 -37.02 -2.01 66.48
C THR F 346 -37.76 -1.17 65.46
N TYR F 347 -39.07 -1.00 65.60
CA TYR F 347 -39.77 -0.04 64.75
C TYR F 347 -39.77 1.43 65.13
N LYS F 348 -39.34 1.76 66.34
CA LYS F 348 -39.47 3.14 66.79
C LYS F 348 -38.76 4.05 65.78
N PHE F 349 -39.45 5.10 65.36
CA PHE F 349 -38.81 6.21 64.68
C PHE F 349 -38.85 7.35 65.68
N PHE F 350 -39.17 6.94 66.91
CA PHE F 350 -40.01 7.65 67.88
C PHE F 350 -41.24 6.73 68.00
N HIS F 351 -41.45 6.11 69.16
CA HIS F 351 -42.68 5.34 69.43
C HIS F 351 -42.83 4.09 68.56
N LYS F 352 -42.26 2.96 68.98
CA LYS F 352 -42.36 1.72 68.19
C LYS F 352 -43.78 1.15 68.08
N SER F 353 -44.63 1.51 69.05
CA SER F 353 -46.02 1.05 69.02
C SER F 353 -46.75 1.55 67.80
N PHE F 354 -46.11 2.47 67.08
CA PHE F 354 -46.67 3.05 65.89
C PHE F 354 -46.97 1.96 64.86
N GLN F 355 -46.12 0.94 64.84
CA GLN F 355 -46.29 -0.24 63.99
C GLN F 355 -47.51 -1.16 64.24
N GLU F 356 -48.33 -0.83 65.22
CA GLU F 356 -49.51 -1.65 65.52
C GLU F 356 -50.55 -1.78 64.40
N TYR F 357 -50.78 -0.71 63.65
CA TYR F 357 -51.69 -0.76 62.51
C TYR F 357 -51.21 -1.75 61.47
N THR F 358 -49.92 -1.74 61.15
CA THR F 358 -49.43 -2.64 60.11
C THR F 358 -49.70 -4.08 60.53
N ALA F 359 -49.56 -4.39 61.82
CA ALA F 359 -49.85 -5.76 62.25
C ALA F 359 -51.33 -6.05 62.03
N GLY F 360 -52.17 -5.08 62.29
CA GLY F 360 -53.59 -5.23 62.06
C GLY F 360 -53.80 -5.34 60.54
N ARG F 361 -53.07 -4.51 59.81
CA ARG F 361 -53.08 -4.48 58.34
C ARG F 361 -52.68 -5.79 57.67
N ARG F 362 -51.69 -6.45 58.21
CA ARG F 362 -51.23 -7.72 57.69
C ARG F 362 -52.41 -8.67 57.82
N LEU F 363 -53.12 -8.60 58.95
CA LEU F 363 -54.25 -9.48 59.20
C LEU F 363 -55.25 -9.16 58.10
N SER F 364 -55.46 -7.88 57.84
CA SER F 364 -56.38 -7.44 56.78
C SER F 364 -55.92 -7.97 55.44
N SER F 365 -54.60 -7.94 55.20
CA SER F 365 -54.04 -8.42 53.95
C SER F 365 -54.38 -9.89 53.83
N LEU F 366 -54.48 -10.55 54.98
CA LEU F 366 -54.86 -11.95 55.02
C LEU F 366 -56.37 -12.06 54.74
N LEU F 367 -57.18 -11.20 55.36
CA LEU F 367 -58.64 -11.23 55.20
C LEU F 367 -59.12 -10.88 53.78
N THR F 368 -58.45 -9.93 53.14
CA THR F 368 -58.81 -9.50 51.79
C THR F 368 -58.07 -10.30 50.74
N SER F 369 -57.46 -11.40 51.18
CA SER F 369 -56.60 -12.18 50.31
C SER F 369 -57.37 -13.07 49.35
N LYS F 370 -56.68 -13.46 48.29
CA LYS F 370 -57.26 -14.17 47.15
C LYS F 370 -58.03 -15.44 47.51
N GLU F 371 -57.78 -15.98 48.71
CA GLU F 371 -58.44 -17.21 49.11
C GLU F 371 -58.79 -17.27 50.60
N PRO F 372 -59.88 -17.99 50.92
CA PRO F 372 -60.37 -18.32 52.25
C PRO F 372 -59.30 -18.87 53.22
N GLU F 373 -58.39 -19.72 52.77
CA GLU F 373 -57.34 -20.27 53.64
C GLU F 373 -56.40 -19.20 54.22
N GLU F 374 -56.02 -18.20 53.43
CA GLU F 374 -55.18 -17.12 53.93
C GLU F 374 -55.99 -16.34 54.97
N VAL F 375 -57.28 -16.16 54.69
CA VAL F 375 -58.16 -15.47 55.61
C VAL F 375 -58.26 -16.23 56.95
N SER F 376 -58.41 -17.56 56.88
CA SER F 376 -58.45 -18.44 58.05
C SER F 376 -57.11 -18.43 58.78
N LYS F 377 -56.04 -18.21 58.00
CA LYS F 377 -54.71 -18.05 58.55
C LYS F 377 -54.74 -16.76 59.37
N GLY F 378 -55.40 -15.74 58.82
CA GLY F 378 -55.62 -14.48 59.52
C GLY F 378 -56.48 -14.76 60.74
N ASN F 379 -57.47 -15.63 60.54
CA ASN F 379 -58.36 -16.09 61.60
C ASN F 379 -57.58 -16.86 62.67
N SER F 380 -56.56 -17.61 62.26
CA SER F 380 -55.79 -18.43 63.21
C SER F 380 -54.97 -17.53 64.14
N TYR F 381 -54.83 -16.29 63.71
CA TYR F 381 -54.17 -15.25 64.47
C TYR F 381 -55.15 -14.77 65.57
N LEU F 382 -56.39 -15.26 65.51
CA LEU F 382 -57.42 -14.98 66.50
C LEU F 382 -57.53 -16.16 67.46
N ASN F 383 -56.62 -17.12 67.30
CA ASN F 383 -56.64 -18.31 68.11
C ASN F 383 -55.52 -18.01 69.10
N LYS F 384 -55.01 -16.78 68.91
CA LYS F 384 -53.87 -16.25 69.61
C LYS F 384 -54.36 -15.37 70.74
N MET F 385 -55.61 -14.94 70.62
CA MET F 385 -56.19 -13.86 71.44
C MET F 385 -57.43 -14.28 72.25
N VAL F 386 -57.45 -13.88 73.51
CA VAL F 386 -58.56 -14.17 74.41
C VAL F 386 -59.41 -12.96 74.86
N SER F 387 -60.60 -12.79 74.26
CA SER F 387 -61.49 -11.66 74.57
C SER F 387 -60.95 -10.22 74.56
N ILE F 388 -61.71 -9.30 75.16
CA ILE F 388 -61.32 -7.88 75.22
C ILE F 388 -60.09 -7.89 76.11
N SER F 389 -60.17 -8.74 77.15
CA SER F 389 -59.16 -9.00 78.18
C SER F 389 -57.89 -8.22 77.93
N ASP F 390 -57.32 -8.56 76.78
CA ASP F 390 -56.04 -8.12 76.29
C ASP F 390 -55.95 -6.64 75.96
N ILE F 391 -56.93 -5.84 76.39
CA ILE F 391 -56.83 -4.38 76.34
C ILE F 391 -55.57 -3.90 77.09
N THR F 392 -55.07 -4.76 77.96
CA THR F 392 -53.87 -4.49 78.74
C THR F 392 -52.59 -4.64 77.92
N SER F 393 -52.71 -5.25 76.74
CA SER F 393 -51.52 -5.56 75.96
C SER F 393 -51.78 -5.46 74.47
N LEU F 394 -50.74 -5.71 73.70
CA LEU F 394 -50.77 -5.43 72.26
C LEU F 394 -51.89 -6.08 71.47
N TYR F 395 -52.50 -7.20 71.90
CA TYR F 395 -53.56 -7.67 71.02
C TYR F 395 -54.92 -7.08 71.40
N GLY F 396 -55.03 -6.24 72.43
CA GLY F 396 -56.36 -5.78 72.82
C GLY F 396 -57.09 -4.99 71.77
N ASN F 397 -56.31 -4.01 71.33
CA ASN F 397 -56.49 -2.96 70.31
C ASN F 397 -56.36 -3.47 68.88
N LEU F 398 -55.69 -4.61 68.77
CA LEU F 398 -55.38 -5.34 67.56
C LEU F 398 -56.64 -5.60 66.75
N LEU F 399 -57.77 -5.91 67.35
CA LEU F 399 -58.92 -6.21 66.49
C LEU F 399 -59.41 -4.92 65.86
N LEU F 400 -59.15 -3.82 66.53
CA LEU F 400 -59.44 -2.48 66.06
C LEU F 400 -58.64 -2.23 64.79
N TYR F 401 -57.37 -2.62 64.86
CA TYR F 401 -56.42 -2.41 63.78
C TYR F 401 -56.79 -3.35 62.66
N THR F 402 -57.33 -4.51 63.00
CA THR F 402 -57.81 -5.42 61.98
C THR F 402 -58.97 -4.75 61.22
N CYS F 403 -59.93 -4.20 62.00
CA CYS F 403 -61.09 -3.52 61.44
C CYS F 403 -60.95 -2.19 60.68
N GLY F 404 -60.03 -1.31 61.09
CA GLY F 404 -59.82 -0.03 60.40
C GLY F 404 -59.34 -0.37 59.01
N SER F 405 -58.69 -1.53 58.97
CA SER F 405 -58.05 -2.15 57.83
C SER F 405 -59.10 -2.73 56.86
N SER F 406 -60.17 -3.36 57.37
CA SER F 406 -61.14 -4.04 56.50
C SER F 406 -62.61 -3.91 56.97
N THR F 407 -63.51 -3.99 56.00
CA THR F 407 -64.97 -3.87 56.18
C THR F 407 -65.86 -5.01 56.70
N GLU F 408 -66.34 -5.79 55.74
CA GLU F 408 -67.18 -6.98 55.86
C GLU F 408 -66.49 -8.09 56.64
N ALA F 409 -65.18 -8.14 56.45
CA ALA F 409 -64.29 -9.12 57.04
C ALA F 409 -64.35 -9.04 58.55
N THR F 410 -64.47 -7.85 59.15
CA THR F 410 -64.61 -7.83 60.61
C THR F 410 -65.86 -8.55 61.16
N ARG F 411 -66.75 -9.05 60.30
CA ARG F 411 -67.80 -9.98 60.78
C ARG F 411 -67.17 -11.26 61.32
N ALA F 412 -66.07 -11.65 60.68
CA ALA F 412 -65.23 -12.76 61.11
C ALA F 412 -64.66 -12.44 62.49
N VAL F 413 -64.36 -11.16 62.69
CA VAL F 413 -63.83 -10.66 63.96
C VAL F 413 -64.99 -10.82 64.92
N MET F 414 -66.20 -10.46 64.49
CA MET F 414 -67.33 -10.51 65.40
C MET F 414 -67.57 -11.96 65.78
N ARG F 415 -67.21 -12.89 64.91
CA ARG F 415 -67.40 -14.29 65.25
C ARG F 415 -66.55 -14.67 66.48
N HIS F 416 -65.30 -14.19 66.56
CA HIS F 416 -64.53 -14.53 67.75
C HIS F 416 -65.06 -13.81 68.97
N LEU F 417 -65.78 -12.70 68.75
CA LEU F 417 -66.35 -12.00 69.88
C LEU F 417 -67.48 -12.84 70.48
N ALA F 418 -67.88 -13.88 69.75
CA ALA F 418 -68.96 -14.73 70.23
C ALA F 418 -68.31 -15.99 70.84
N MET F 419 -66.98 -16.07 70.71
CA MET F 419 -66.22 -17.28 71.03
C MET F 419 -65.53 -16.97 72.35
N VAL F 420 -65.94 -15.82 72.90
CA VAL F 420 -65.48 -15.28 74.17
C VAL F 420 -66.31 -15.83 75.32
N TYR F 421 -65.67 -16.57 76.22
CA TYR F 421 -66.37 -17.27 77.29
C TYR F 421 -65.66 -16.94 78.60
N GLN F 422 -64.64 -16.09 78.46
CA GLN F 422 -63.74 -15.78 79.55
C GLN F 422 -64.26 -14.58 80.31
N HIS F 423 -65.09 -13.80 79.62
CA HIS F 423 -65.71 -12.59 80.19
C HIS F 423 -64.67 -11.49 80.43
N GLY F 424 -63.59 -11.56 79.66
CA GLY F 424 -62.43 -10.70 79.87
C GLY F 424 -61.46 -11.22 80.92
N SER F 425 -61.14 -10.37 81.89
CA SER F 425 -60.41 -10.83 83.07
C SER F 425 -60.93 -10.13 84.34
N LEU F 426 -60.99 -10.87 85.44
CA LEU F 426 -61.57 -10.33 86.68
C LEU F 426 -60.54 -9.68 87.59
N GLN F 427 -59.26 -9.77 87.25
CA GLN F 427 -58.21 -9.30 88.13
C GLN F 427 -58.20 -7.78 88.17
N GLY F 428 -58.11 -7.22 89.37
CA GLY F 428 -58.06 -5.78 89.56
C GLY F 428 -59.38 -5.06 89.47
N LEU F 429 -60.47 -5.82 89.34
CA LEU F 429 -61.80 -5.24 89.15
C LEU F 429 -62.80 -5.80 90.15
N SER F 430 -63.76 -4.99 90.54
CA SER F 430 -64.70 -5.38 91.59
C SER F 430 -66.06 -4.67 91.50
N VAL F 431 -67.13 -5.45 91.55
CA VAL F 431 -68.52 -4.98 91.48
C VAL F 431 -68.81 -3.89 92.53
N THR F 432 -67.85 -3.66 93.41
CA THR F 432 -67.98 -2.63 94.43
C THR F 432 -67.02 -1.46 94.20
N LYS F 433 -66.68 -1.20 92.94
CA LYS F 433 -65.77 -0.11 92.61
C LYS F 433 -66.58 0.98 91.91
N ARG F 434 -67.63 0.59 91.20
CA ARG F 434 -68.47 1.54 90.48
C ARG F 434 -69.24 2.47 91.44
N PRO F 435 -69.98 1.91 92.43
CA PRO F 435 -70.64 2.82 93.38
C PRO F 435 -69.68 3.55 94.32
N LEU F 436 -68.51 2.97 94.56
CA LEU F 436 -67.47 3.47 95.49
C LEU F 436 -67.82 3.20 96.95
N TRP F 437 -68.50 2.08 97.20
CA TRP F 437 -68.99 1.79 98.56
C TRP F 437 -68.52 0.44 99.08
N ARG F 438 -68.45 0.33 100.40
CA ARG F 438 -68.23 -0.96 101.06
C ARG F 438 -69.51 -1.42 101.75
N GLN F 439 -70.66 -1.02 101.21
CA GLN F 439 -71.94 -1.29 101.87
C GLN F 439 -73.08 -1.50 100.89
N GLU F 440 -74.10 -2.20 101.38
CA GLU F 440 -75.24 -2.65 100.59
C GLU F 440 -75.85 -1.57 99.70
N SEP F 441 -76.21 -1.98 98.49
CA SEP F 441 -76.81 -1.11 97.48
CB SEP F 441 -75.94 -1.10 96.22
OG SEP F 441 -75.72 -2.43 95.79
C SEP F 441 -78.22 -1.59 97.12
O SEP F 441 -78.77 -2.45 97.81
P SEP F 441 -74.16 -2.66 95.44
O1P SEP F 441 -73.82 -4.22 95.48
O2P SEP F 441 -73.24 -1.87 96.51
O3P SEP F 441 -73.87 -2.10 93.96
N ILE F 442 -78.81 -1.03 96.06
CA ILE F 442 -80.08 -1.54 95.56
C ILE F 442 -79.78 -2.82 94.79
N GLN F 443 -78.62 -2.83 94.14
CA GLN F 443 -78.15 -3.99 93.41
C GLN F 443 -77.90 -5.11 94.41
N SER F 444 -77.50 -4.73 95.63
CA SER F 444 -77.25 -5.69 96.70
C SER F 444 -78.55 -6.31 97.21
N LEU F 445 -79.63 -5.53 97.19
CA LEU F 445 -80.94 -6.07 97.54
C LEU F 445 -81.37 -7.12 96.52
N ARG F 446 -80.86 -7.02 95.30
CA ARG F 446 -81.23 -7.98 94.27
C ARG F 446 -80.51 -9.33 94.50
N ASN F 447 -79.48 -9.33 95.34
CA ASN F 447 -78.67 -10.52 95.61
C ASN F 447 -78.39 -10.86 97.09
N THR F 448 -78.10 -12.14 97.33
CA THR F 448 -77.79 -12.66 98.67
C THR F 448 -76.34 -12.44 99.15
N THR F 449 -75.42 -12.15 98.24
CA THR F 449 -74.05 -11.77 98.62
C THR F 449 -73.64 -10.31 98.36
N GLU F 450 -72.40 -9.99 98.73
CA GLU F 450 -71.90 -8.62 98.60
C GLU F 450 -71.50 -8.43 97.13
N GLN F 451 -71.13 -9.53 96.48
CA GLN F 451 -70.67 -9.48 95.10
C GLN F 451 -71.41 -10.49 94.22
N ASP F 452 -71.26 -10.33 92.90
CA ASP F 452 -71.72 -11.31 91.91
C ASP F 452 -71.39 -10.85 90.49
N VAL F 453 -71.55 -9.54 90.23
CA VAL F 453 -71.28 -8.96 88.92
C VAL F 453 -69.79 -9.18 88.66
N LEU F 454 -69.00 -9.06 89.72
CA LEU F 454 -67.55 -9.32 89.75
C LEU F 454 -67.11 -10.52 88.91
N LYS F 455 -67.90 -11.59 88.97
CA LYS F 455 -67.61 -12.85 88.30
C LYS F 455 -67.57 -12.53 86.81
N ALA F 456 -68.51 -11.75 86.34
CA ALA F 456 -68.63 -11.46 84.92
C ALA F 456 -68.50 -9.92 84.86
N ILE F 457 -67.58 -9.38 85.69
CA ILE F 457 -67.40 -7.92 85.81
C ILE F 457 -67.21 -7.16 84.51
N ASN F 458 -66.50 -7.75 83.57
CA ASN F 458 -66.22 -7.08 82.32
C ASN F 458 -67.30 -7.27 81.28
N VAL F 459 -68.53 -7.52 81.70
CA VAL F 459 -69.61 -7.66 80.73
C VAL F 459 -69.87 -6.35 79.98
N ASN F 460 -69.70 -5.22 80.66
CA ASN F 460 -69.83 -3.92 80.01
C ASN F 460 -68.49 -3.37 79.50
N SER F 461 -67.40 -4.00 79.92
CA SER F 461 -66.05 -3.60 79.55
C SER F 461 -65.99 -3.88 78.05
N PHE F 462 -66.68 -4.97 77.72
CA PHE F 462 -66.87 -5.50 76.39
C PHE F 462 -67.54 -4.46 75.51
N VAL F 463 -68.54 -3.82 76.09
CA VAL F 463 -69.31 -2.80 75.38
C VAL F 463 -68.48 -1.59 74.96
N GLU F 464 -67.59 -1.08 75.80
CA GLU F 464 -66.74 0.04 75.37
C GLU F 464 -65.87 -0.32 74.13
N CYS F 465 -65.29 -1.52 74.18
CA CYS F 465 -64.53 -2.09 73.07
C CYS F 465 -65.43 -2.15 71.86
N GLY F 466 -66.65 -2.64 72.11
CA GLY F 466 -67.66 -2.81 71.10
C GLY F 466 -68.09 -1.55 70.38
N ILE F 467 -68.28 -0.45 71.11
CA ILE F 467 -68.66 0.79 70.44
C ILE F 467 -67.51 1.25 69.57
N ASN F 468 -66.29 1.07 70.08
CA ASN F 468 -65.13 1.40 69.26
C ASN F 468 -65.05 0.53 67.97
N LEU F 469 -65.27 -0.78 68.13
CA LEU F 469 -65.29 -1.74 67.01
C LEU F 469 -66.38 -1.49 65.97
N PHE F 470 -67.54 -1.07 66.47
CA PHE F 470 -68.71 -0.75 65.66
C PHE F 470 -68.31 0.43 64.78
N SER F 471 -67.68 1.38 65.45
CA SER F 471 -67.18 2.62 64.87
C SER F 471 -66.05 2.43 63.85
N GLU F 472 -65.12 1.51 64.13
CA GLU F 472 -63.96 1.25 63.28
C GLU F 472 -64.10 0.71 61.86
N SER F 473 -65.12 -0.06 61.54
CA SER F 473 -65.22 -0.54 60.18
C SER F 473 -66.43 0.24 59.69
N MET F 474 -66.89 1.09 60.59
CA MET F 474 -68.02 1.99 60.37
C MET F 474 -69.16 1.03 60.10
N SER F 475 -69.27 0.03 60.97
CA SER F 475 -69.90 -1.24 60.63
C SER F 475 -71.41 -1.23 60.43
N LYS F 476 -72.00 -0.04 60.41
CA LYS F 476 -73.46 0.18 60.36
C LYS F 476 -74.36 -0.98 60.81
N SER F 477 -75.55 -1.02 60.23
CA SER F 477 -76.54 -2.07 60.51
C SER F 477 -76.09 -3.46 60.06
N ASP F 478 -74.96 -3.55 59.36
CA ASP F 478 -74.48 -4.83 58.86
C ASP F 478 -74.04 -5.81 59.95
N LEU F 479 -73.34 -5.30 60.95
CA LEU F 479 -72.84 -6.09 62.07
C LEU F 479 -73.79 -6.16 63.28
N SER F 480 -75.03 -5.70 63.13
CA SER F 480 -76.02 -5.70 64.21
C SER F 480 -76.62 -6.97 64.84
N GLN F 481 -76.80 -8.04 64.08
CA GLN F 481 -77.28 -9.30 64.66
C GLN F 481 -76.27 -9.83 65.68
N GLU F 482 -75.02 -9.57 65.32
CA GLU F 482 -73.89 -9.92 66.13
C GLU F 482 -73.92 -9.03 67.34
N PHE F 483 -74.08 -7.70 67.22
CA PHE F 483 -73.88 -6.98 68.44
C PHE F 483 -75.12 -7.16 69.30
N GLU F 484 -76.26 -7.63 68.75
CA GLU F 484 -77.44 -7.71 69.65
C GLU F 484 -77.07 -8.88 70.51
N ALA F 485 -76.49 -9.91 69.86
CA ALA F 485 -76.06 -11.10 70.59
C ALA F 485 -74.81 -10.99 71.46
N PHE F 486 -73.97 -10.00 71.20
CA PHE F 486 -72.66 -9.88 71.86
C PHE F 486 -72.73 -9.25 73.24
N PHE F 487 -73.65 -8.31 73.44
CA PHE F 487 -73.77 -7.62 74.71
C PHE F 487 -74.95 -8.16 75.51
N GLN F 488 -75.47 -9.29 75.05
CA GLN F 488 -76.62 -9.96 75.66
C GLN F 488 -76.28 -10.64 76.98
N GLY F 489 -77.24 -10.60 77.92
CA GLY F 489 -77.07 -11.24 79.20
C GLY F 489 -76.17 -10.41 80.08
N LYS F 490 -76.04 -9.13 79.72
CA LYS F 490 -75.10 -8.25 80.41
C LYS F 490 -75.73 -6.93 80.87
N SER F 491 -75.11 -6.33 81.88
CA SER F 491 -75.52 -5.03 82.43
C SER F 491 -74.40 -3.99 82.49
N LEU F 492 -74.73 -2.75 82.16
CA LEU F 492 -73.81 -1.60 82.22
C LEU F 492 -74.08 -0.67 83.40
N TYR F 493 -73.06 -0.34 84.18
CA TYR F 493 -73.30 0.60 85.27
C TYR F 493 -72.34 1.80 85.23
N ILE F 494 -72.94 2.98 85.15
CA ILE F 494 -72.34 4.32 85.21
C ILE F 494 -72.46 5.12 86.52
N ASN F 495 -71.36 5.70 87.02
CA ASN F 495 -71.47 6.77 88.01
C ASN F 495 -71.63 8.17 87.36
N SER F 496 -72.43 9.05 87.98
CA SER F 496 -72.62 10.43 87.51
C SER F 496 -71.34 11.26 87.54
N GLU F 497 -70.48 10.94 88.50
CA GLU F 497 -69.20 11.61 88.69
C GLU F 497 -68.25 11.27 87.55
N ASN F 498 -68.35 10.02 87.08
CA ASN F 498 -67.55 9.56 85.95
C ASN F 498 -68.42 9.12 84.78
N ILE F 499 -69.10 10.10 84.17
CA ILE F 499 -69.91 9.88 82.97
C ILE F 499 -69.08 10.10 81.71
N PRO F 500 -68.84 9.01 80.96
CA PRO F 500 -68.19 9.14 79.66
C PRO F 500 -69.03 9.89 78.64
N ASP F 501 -68.36 10.44 77.64
CA ASP F 501 -68.96 11.15 76.52
C ASP F 501 -69.29 10.19 75.38
N TYR F 502 -68.52 9.11 75.33
CA TYR F 502 -68.63 8.06 74.31
C TYR F 502 -69.88 7.20 74.37
N LEU F 503 -70.67 7.22 75.45
CA LEU F 503 -71.88 6.41 75.34
C LEU F 503 -72.87 6.83 74.24
N PHE F 504 -73.17 8.11 74.00
CA PHE F 504 -74.04 8.37 72.84
C PHE F 504 -73.38 7.97 71.47
N ASP F 505 -72.11 7.54 71.47
CA ASP F 505 -71.40 7.09 70.24
C ASP F 505 -71.92 5.86 69.47
N PHE F 506 -72.33 4.85 70.24
CA PHE F 506 -72.87 3.57 69.75
C PHE F 506 -74.13 3.88 69.00
N PHE F 507 -74.87 4.82 69.57
CA PHE F 507 -76.16 5.27 69.08
C PHE F 507 -76.08 5.92 67.70
N GLU F 508 -75.00 5.65 66.96
CA GLU F 508 -74.80 6.23 65.64
C GLU F 508 -75.84 5.64 64.69
N TYR F 509 -75.80 4.32 64.56
CA TYR F 509 -76.61 3.64 63.57
C TYR F 509 -77.47 2.65 64.32
N LEU F 510 -77.05 2.34 65.54
CA LEU F 510 -77.80 1.29 66.17
C LEU F 510 -78.15 1.63 67.64
N PRO F 511 -78.95 2.68 67.90
CA PRO F 511 -79.25 2.92 69.32
C PRO F 511 -80.21 1.90 69.99
N ASN F 512 -81.02 1.31 69.15
CA ASN F 512 -82.02 0.31 69.53
C ASN F 512 -81.44 -0.97 70.07
N CYS F 513 -80.29 -1.39 69.55
CA CYS F 513 -79.69 -2.62 70.05
C CYS F 513 -79.20 -2.47 71.48
N ALA F 514 -79.48 -1.30 72.07
CA ALA F 514 -79.17 -1.02 73.46
C ALA F 514 -79.94 -2.02 74.30
N SER F 515 -81.14 -2.40 73.83
CA SER F 515 -81.98 -3.38 74.50
C SER F 515 -81.55 -4.83 74.33
N ALA F 516 -80.32 -5.05 73.90
CA ALA F 516 -79.71 -6.36 74.08
C ALA F 516 -79.29 -6.49 75.54
N LEU F 517 -78.72 -5.40 76.06
CA LEU F 517 -78.29 -5.28 77.47
C LEU F 517 -79.52 -5.40 78.38
N ASP F 518 -79.32 -5.83 79.63
CA ASP F 518 -80.42 -5.79 80.57
C ASP F 518 -80.67 -4.45 81.27
N PHE F 519 -79.82 -4.12 82.23
CA PHE F 519 -79.84 -2.82 82.90
C PHE F 519 -78.66 -1.86 82.83
N VAL F 520 -78.96 -0.58 82.62
CA VAL F 520 -77.96 0.47 82.47
C VAL F 520 -78.14 1.06 83.86
N LYS F 521 -77.07 1.13 84.63
CA LYS F 521 -77.22 1.56 86.02
C LYS F 521 -76.47 2.85 86.26
N LEU F 522 -77.20 3.74 86.92
CA LEU F 522 -76.76 5.09 87.22
C LEU F 522 -76.72 5.51 88.69
N ASP F 523 -75.61 6.09 89.10
CA ASP F 523 -75.47 6.57 90.47
C ASP F 523 -75.38 8.08 90.35
N PHE F 524 -76.24 8.76 91.10
CA PHE F 524 -76.35 10.21 91.03
C PHE F 524 -76.04 10.78 92.40
N TYR F 525 -74.90 11.45 92.52
CA TYR F 525 -74.56 12.19 93.73
C TYR F 525 -74.57 13.70 93.65
N GLU F 526 -74.26 14.31 94.80
CA GLU F 526 -74.21 15.76 94.99
C GLU F 526 -75.53 16.48 94.80
N ARG F 527 -76.02 16.56 93.58
CA ARG F 527 -77.27 17.25 93.31
C ARG F 527 -78.12 16.46 92.34
N ALA F 528 -79.43 16.66 92.42
CA ALA F 528 -80.35 15.97 91.54
C ALA F 528 -80.15 16.43 90.09
N THR F 529 -79.52 17.60 89.92
CA THR F 529 -79.25 18.16 88.60
C THR F 529 -78.45 17.21 87.72
N PRO F 553 -80.63 15.05 86.33
CA PRO F 553 -79.49 14.88 85.43
C PRO F 553 -79.84 15.05 83.96
N PRO F 554 -79.75 16.29 83.44
CA PRO F 554 -80.08 16.56 82.04
C PRO F 554 -79.15 15.81 81.09
N ARG F 555 -77.90 15.66 81.49
CA ARG F 555 -76.91 14.98 80.66
C ARG F 555 -77.21 13.48 80.54
N ALA F 556 -77.74 12.89 81.61
CA ALA F 556 -78.14 11.48 81.63
C ALA F 556 -79.33 11.16 80.72
N VAL F 557 -80.36 11.98 80.81
CA VAL F 557 -81.61 11.74 80.09
C VAL F 557 -81.36 11.78 78.59
N SER F 558 -80.57 12.76 78.15
CA SER F 558 -80.27 12.99 76.74
C SER F 558 -80.00 11.67 76.01
N LEU F 559 -79.45 10.72 76.75
CA LEU F 559 -79.21 9.37 76.30
C LEU F 559 -80.50 8.58 76.07
N PHE F 560 -81.47 8.77 76.96
CA PHE F 560 -82.73 8.02 76.90
C PHE F 560 -83.75 8.68 76.00
N PHE F 561 -83.46 9.91 75.56
CA PHE F 561 -84.17 10.48 74.43
C PHE F 561 -83.80 9.78 73.12
N ASN F 562 -82.61 9.19 73.08
CA ASN F 562 -82.14 8.56 71.84
C ASN F 562 -82.53 7.10 71.73
N TRP F 563 -83.00 6.50 72.82
CA TRP F 563 -83.34 5.09 72.79
C TRP F 563 -84.83 4.75 72.93
N LYS F 564 -85.23 3.67 72.26
CA LYS F 564 -86.61 3.17 72.26
C LYS F 564 -87.08 2.55 73.58
N GLN F 565 -88.29 2.89 73.98
CA GLN F 565 -88.96 2.27 75.12
C GLN F 565 -89.30 0.80 74.81
N GLU F 566 -89.43 -0.05 75.83
CA GLU F 566 -88.96 0.18 77.20
C GLU F 566 -87.86 -0.75 77.70
N PHE F 567 -86.89 -0.17 78.40
CA PHE F 567 -85.83 -0.95 79.03
C PHE F 567 -86.52 -1.90 80.00
N LYS F 568 -85.99 -3.10 80.19
CA LYS F 568 -86.62 -3.99 81.16
C LYS F 568 -86.49 -3.45 82.58
N THR F 569 -85.28 -3.55 83.13
CA THR F 569 -84.96 -2.96 84.44
C THR F 569 -83.88 -1.86 84.41
N LEU F 570 -84.23 -0.70 84.95
CA LEU F 570 -83.38 0.51 85.05
C LEU F 570 -83.00 0.90 86.49
N GLU F 571 -81.73 0.82 86.88
CA GLU F 571 -81.50 1.08 88.30
C GLU F 571 -80.56 2.24 88.64
N VAL F 572 -81.04 2.95 89.67
CA VAL F 572 -80.44 4.13 90.29
C VAL F 572 -80.12 4.15 91.82
N THR F 573 -78.86 4.47 92.10
CA THR F 573 -78.16 4.57 93.40
C THR F 573 -77.91 6.05 93.77
N LEU F 574 -78.39 6.53 94.92
CA LEU F 574 -78.35 7.94 95.24
C LEU F 574 -77.30 8.02 96.35
N ARG F 575 -76.28 8.84 96.10
CA ARG F 575 -75.22 9.18 97.07
C ARG F 575 -74.98 10.65 97.44
N ASP F 576 -74.60 10.87 98.70
CA ASP F 576 -74.26 12.17 99.28
C ASP F 576 -74.99 13.35 98.65
N ILE F 577 -76.32 13.32 98.74
CA ILE F 577 -77.11 14.42 98.24
C ILE F 577 -77.55 15.30 99.40
N ASN F 578 -77.38 16.60 99.23
CA ASN F 578 -77.79 17.58 100.22
C ASN F 578 -78.55 18.66 99.47
N LYS F 579 -78.83 18.32 98.20
CA LYS F 579 -79.55 19.19 97.28
C LYS F 579 -80.52 18.31 96.49
N LEU F 580 -81.67 18.02 97.08
CA LEU F 580 -82.66 17.21 96.39
C LEU F 580 -83.60 18.11 95.62
N ASN F 581 -83.07 18.77 94.59
CA ASN F 581 -83.89 19.69 93.82
C ASN F 581 -85.01 18.87 93.22
N LYS F 582 -86.18 19.06 93.80
CA LYS F 582 -87.39 18.34 93.44
C LYS F 582 -87.74 18.55 91.96
N GLN F 583 -87.09 19.56 91.37
CA GLN F 583 -87.12 19.85 89.94
C GLN F 583 -86.33 18.86 89.07
N ASP F 584 -85.22 18.34 89.61
CA ASP F 584 -84.29 17.51 88.81
C ASP F 584 -84.56 16.02 89.02
N ILE F 585 -85.52 15.77 89.90
CA ILE F 585 -86.08 14.47 90.29
C ILE F 585 -86.68 13.96 89.00
N LYS F 586 -87.34 14.91 88.33
CA LYS F 586 -88.06 14.75 87.08
C LYS F 586 -87.12 14.25 85.98
N TYR F 587 -85.89 14.74 85.93
CA TYR F 587 -84.95 14.30 84.88
C TYR F 587 -84.77 12.80 85.14
N LEU F 588 -84.65 12.45 86.41
CA LEU F 588 -84.57 11.06 86.82
C LEU F 588 -85.85 10.40 86.36
N GLY F 589 -86.97 11.12 86.37
CA GLY F 589 -88.25 10.63 85.88
C GLY F 589 -88.14 10.24 84.41
N LYS F 590 -87.49 11.08 83.60
CA LYS F 590 -87.30 10.82 82.17
C LYS F 590 -86.51 9.53 82.04
N ILE F 591 -85.50 9.37 82.89
CA ILE F 591 -84.68 8.15 82.88
C ILE F 591 -85.58 6.97 83.27
N PHE F 592 -86.42 7.19 84.27
CA PHE F 592 -87.32 6.17 84.76
C PHE F 592 -88.40 5.70 83.79
N SER F 593 -88.84 6.56 82.88
CA SER F 593 -89.89 6.11 81.97
C SER F 593 -89.36 5.16 80.91
N SER F 594 -88.05 5.05 80.83
CA SER F 594 -87.44 4.17 79.84
C SER F 594 -87.63 2.71 80.21
N ALA F 595 -87.82 2.44 81.50
CA ALA F 595 -87.90 1.07 82.00
C ALA F 595 -89.24 0.56 82.51
N THR F 596 -89.47 -0.73 82.27
CA THR F 596 -90.62 -1.41 82.84
C THR F 596 -90.40 -1.49 84.36
N ASN F 597 -89.15 -1.74 84.77
CA ASN F 597 -88.78 -1.84 86.18
C ASN F 597 -87.69 -0.84 86.58
N LEU F 598 -87.92 -0.14 87.68
CA LEU F 598 -86.98 0.78 88.32
C LEU F 598 -86.49 0.47 89.73
N ARG F 599 -85.16 0.43 89.98
CA ARG F 599 -84.74 -0.04 91.30
C ARG F 599 -83.94 1.15 91.88
N LEU F 600 -84.30 1.57 93.09
CA LEU F 600 -83.60 2.62 93.86
C LEU F 600 -83.01 2.44 95.28
N HIS F 601 -81.73 2.75 95.44
CA HIS F 601 -81.08 2.70 96.77
C HIS F 601 -80.68 4.11 97.20
N ILE F 602 -81.25 4.63 98.29
CA ILE F 602 -81.05 6.02 98.64
C ILE F 602 -80.21 6.03 99.90
N LYS F 603 -79.00 6.53 99.67
CA LYS F 603 -77.82 6.41 100.54
C LYS F 603 -77.09 7.71 100.80
N ARG F 604 -77.13 8.17 102.05
CA ARG F 604 -76.50 9.43 102.47
C ARG F 604 -77.16 10.65 101.88
N CYS F 605 -78.43 10.51 101.54
CA CYS F 605 -79.16 11.62 100.94
C CYS F 605 -79.90 12.40 102.00
N ALA F 606 -79.18 13.26 102.71
CA ALA F 606 -79.74 14.04 103.81
C ALA F 606 -80.82 15.01 103.34
N ALA F 607 -80.85 15.29 102.04
CA ALA F 607 -81.88 16.13 101.45
C ALA F 607 -83.16 15.33 101.12
N MET F 608 -83.06 14.02 101.27
CA MET F 608 -84.17 13.08 101.01
C MET F 608 -84.95 12.74 102.29
N ALA F 609 -86.17 13.27 102.42
CA ALA F 609 -87.00 12.98 103.59
C ALA F 609 -88.34 12.43 103.11
N GLY F 610 -89.44 13.18 103.28
CA GLY F 610 -90.73 12.72 102.81
C GLY F 610 -90.72 12.86 101.28
N ARG F 611 -89.63 13.45 100.81
CA ARG F 611 -89.47 13.91 99.45
C ARG F 611 -89.31 12.72 98.50
N LEU F 612 -89.23 11.52 99.08
CA LEU F 612 -89.22 10.29 98.29
C LEU F 612 -90.50 10.25 97.47
N SER F 613 -91.53 10.94 97.94
CA SER F 613 -92.79 11.10 97.21
C SER F 613 -92.54 11.54 95.75
N SER F 614 -91.58 12.44 95.57
CA SER F 614 -91.26 13.04 94.26
C SER F 614 -90.62 11.96 93.43
N VAL F 615 -89.81 11.14 94.10
CA VAL F 615 -89.11 10.02 93.52
C VAL F 615 -90.15 9.02 93.00
N LEU F 616 -91.26 8.85 93.72
CA LEU F 616 -92.23 7.82 93.34
C LEU F 616 -93.24 8.31 92.33
N ARG F 617 -93.79 9.50 92.51
CA ARG F 617 -94.83 10.02 91.62
C ARG F 617 -94.38 9.89 90.15
N THR F 618 -93.07 9.96 89.93
CA THR F 618 -92.48 9.90 88.59
C THR F 618 -92.16 8.47 88.17
N CYS F 619 -92.17 7.56 89.14
CA CYS F 619 -91.92 6.15 88.88
C CYS F 619 -93.09 5.44 88.21
N LYS F 620 -92.82 4.82 87.07
CA LYS F 620 -93.79 3.95 86.44
C LYS F 620 -94.05 2.77 87.37
N ASN F 621 -92.96 2.31 87.99
CA ASN F 621 -92.98 1.08 88.75
C ASN F 621 -91.75 0.98 89.66
N MET F 622 -91.96 1.18 90.95
CA MET F 622 -90.89 1.03 91.93
C MET F 622 -90.64 -0.44 92.18
N HIS F 623 -89.83 -1.06 91.33
CA HIS F 623 -89.70 -2.52 91.31
C HIS F 623 -88.98 -3.05 92.56
N THR F 624 -88.06 -2.26 93.13
CA THR F 624 -87.32 -2.66 94.32
C THR F 624 -86.86 -1.45 95.14
N LEU F 625 -87.14 -1.42 96.45
CA LEU F 625 -86.65 -0.32 97.28
C LEU F 625 -85.81 -0.69 98.52
N MET F 626 -84.58 -0.17 98.56
CA MET F 626 -83.63 -0.29 99.68
C MET F 626 -83.17 1.06 100.26
N VAL F 627 -83.24 1.27 101.57
CA VAL F 627 -82.95 2.60 102.14
C VAL F 627 -82.00 2.50 103.33
N GLU F 628 -80.84 3.15 103.19
CA GLU F 628 -79.82 3.18 104.25
C GLU F 628 -79.02 4.48 104.33
N ALA F 629 -78.66 4.88 105.55
CA ALA F 629 -77.87 6.07 105.84
C ALA F 629 -78.55 7.35 105.34
N SER F 630 -79.88 7.34 105.30
CA SER F 630 -80.63 8.50 104.85
C SER F 630 -81.84 8.71 105.77
N PRO F 631 -82.44 9.92 105.74
CA PRO F 631 -83.60 10.24 106.58
C PRO F 631 -84.82 9.35 106.29
N LEU F 632 -85.39 8.79 107.34
CA LEU F 632 -86.43 7.77 107.21
C LEU F 632 -87.54 7.81 108.25
N THR F 633 -88.80 7.88 107.82
CA THR F 633 -89.82 7.86 108.84
C THR F 633 -90.62 6.60 108.52
N THR F 634 -91.53 6.18 109.39
CA THR F 634 -92.30 4.94 109.16
C THR F 634 -93.33 5.02 108.03
N ASP F 635 -93.83 6.22 107.81
CA ASP F 635 -94.78 6.54 106.76
C ASP F 635 -94.33 6.24 105.34
N ASP F 636 -93.04 6.34 105.08
CA ASP F 636 -92.55 6.07 103.72
C ASP F 636 -92.86 4.60 103.32
N GLU F 637 -93.36 3.81 104.28
CA GLU F 637 -93.75 2.41 104.10
C GLU F 637 -94.81 2.30 103.01
N GLN F 638 -95.73 3.26 103.04
CA GLN F 638 -96.83 3.39 102.12
C GLN F 638 -96.36 3.51 100.68
N TYR F 639 -95.26 4.22 100.42
CA TYR F 639 -94.78 4.32 99.02
C TYR F 639 -94.42 2.91 98.59
N ILE F 640 -93.87 2.13 99.50
CA ILE F 640 -93.48 0.75 99.23
C ILE F 640 -94.74 -0.01 98.83
N THR F 641 -95.82 0.26 99.55
CA THR F 641 -97.13 -0.38 99.31
C THR F 641 -97.92 0.16 98.12
N SER F 642 -97.56 1.32 97.59
CA SER F 642 -98.31 1.83 96.44
C SER F 642 -98.02 0.97 95.23
N VAL F 643 -96.81 0.44 95.18
CA VAL F 643 -96.36 -0.42 94.08
C VAL F 643 -96.57 -1.92 94.28
N THR F 644 -97.49 -2.50 93.51
CA THR F 644 -97.91 -3.89 93.67
C THR F 644 -96.89 -4.75 92.91
N GLY F 645 -96.13 -4.06 92.06
CA GLY F 645 -95.14 -4.62 91.17
C GLY F 645 -93.84 -5.03 91.84
N LEU F 646 -93.77 -4.86 93.16
CA LEU F 646 -92.54 -5.08 93.94
C LEU F 646 -92.09 -6.53 94.02
N GLN F 647 -90.88 -6.78 93.52
CA GLN F 647 -90.24 -8.08 93.58
C GLN F 647 -89.31 -8.25 94.80
N ASN F 648 -88.50 -7.23 95.06
CA ASN F 648 -87.48 -7.28 96.12
C ASN F 648 -87.61 -6.12 97.12
N LEU F 649 -87.73 -6.42 98.42
CA LEU F 649 -87.76 -5.32 99.39
C LEU F 649 -86.92 -5.45 100.68
N SER F 650 -85.95 -4.55 100.85
CA SER F 650 -85.13 -4.44 102.07
C SER F 650 -85.16 -3.04 102.65
N ILE F 651 -85.11 -2.94 103.97
CA ILE F 651 -84.68 -1.72 104.64
C ILE F 651 -83.88 -2.12 105.87
N HIS F 652 -82.61 -1.74 105.92
CA HIS F 652 -81.71 -2.25 106.95
C HIS F 652 -81.28 -1.19 107.97
N ARG F 653 -81.98 -0.06 108.01
CA ARG F 653 -81.67 0.96 109.02
C ARG F 653 -82.87 1.53 109.77
N LEU F 654 -83.99 0.80 109.83
CA LEU F 654 -85.08 1.14 110.75
C LEU F 654 -84.56 1.31 112.17
N HIS F 655 -84.14 0.19 112.76
CA HIS F 655 -83.59 0.07 114.10
C HIS F 655 -84.72 0.27 115.13
N THR F 656 -85.93 0.46 114.59
CA THR F 656 -87.20 0.65 115.32
C THR F 656 -88.28 -0.38 114.99
N GLN F 657 -88.97 -0.90 116.02
CA GLN F 657 -90.01 -1.90 115.80
C GLN F 657 -91.11 -1.30 114.92
N GLN F 658 -91.66 -2.14 114.06
CA GLN F 658 -92.66 -1.71 113.08
C GLN F 658 -94.02 -1.73 113.76
N LEU F 659 -94.76 -0.64 113.59
CA LEU F 659 -96.09 -0.48 114.16
C LEU F 659 -97.14 -1.55 113.85
N PRO F 660 -98.32 -1.46 114.53
CA PRO F 660 -99.51 -2.28 114.31
C PRO F 660 -100.02 -2.26 112.87
N GLY F 661 -100.07 -1.08 112.28
CA GLY F 661 -100.55 -0.92 110.92
C GLY F 661 -99.40 -0.90 109.93
N GLY F 662 -98.28 -1.50 110.35
CA GLY F 662 -97.03 -1.44 109.61
C GLY F 662 -97.07 -2.02 108.21
N LEU F 663 -95.92 -2.00 107.55
CA LEU F 663 -95.82 -2.44 106.16
C LEU F 663 -95.95 -3.96 106.07
N ILE F 664 -95.65 -4.62 107.18
CA ILE F 664 -95.74 -6.07 107.31
C ILE F 664 -97.09 -6.69 106.90
N ASP F 665 -98.17 -5.92 106.95
CA ASP F 665 -99.48 -6.46 106.58
C ASP F 665 -99.97 -5.87 105.27
N SER F 666 -99.04 -5.32 104.49
CA SER F 666 -99.35 -4.90 103.14
C SER F 666 -98.64 -5.81 102.15
N LEU F 667 -98.15 -6.93 102.67
CA LEU F 667 -97.69 -8.03 101.82
C LEU F 667 -98.85 -8.54 100.99
N GLY F 668 -100.07 -8.17 101.38
CA GLY F 668 -101.27 -8.70 100.75
C GLY F 668 -101.37 -7.96 99.43
N ASN F 669 -100.55 -6.91 99.33
CA ASN F 669 -100.53 -6.07 98.14
C ASN F 669 -99.29 -6.42 97.36
N LEU F 670 -98.20 -6.76 98.06
CA LEU F 670 -97.08 -7.10 97.23
C LEU F 670 -97.18 -8.60 97.10
N LYS F 671 -97.75 -9.06 95.99
CA LYS F 671 -97.93 -10.48 95.77
C LYS F 671 -96.79 -10.98 94.94
N ASN F 672 -96.09 -10.03 94.35
CA ASN F 672 -95.06 -10.35 93.41
C ASN F 672 -93.69 -10.36 94.05
N LEU F 673 -93.65 -10.18 95.37
CA LEU F 673 -92.37 -10.06 96.03
C LEU F 673 -91.83 -11.46 95.95
N GLU F 674 -90.72 -11.67 95.25
CA GLU F 674 -90.16 -13.01 95.25
C GLU F 674 -89.02 -13.06 96.24
N ARG F 675 -88.57 -11.88 96.66
CA ARG F 675 -87.47 -11.76 97.61
C ARG F 675 -87.61 -10.65 98.65
N LEU F 676 -87.46 -11.06 99.91
CA LEU F 676 -87.50 -10.15 101.05
C LEU F 676 -86.29 -10.41 101.93
N ILE F 677 -85.56 -9.35 102.22
CA ILE F 677 -84.41 -9.42 103.12
C ILE F 677 -84.53 -8.29 104.13
N LEU F 678 -84.67 -8.67 105.39
CA LEU F 678 -84.78 -7.71 106.47
C LEU F 678 -83.59 -7.94 107.37
N ASP F 679 -82.73 -6.94 107.49
CA ASP F 679 -81.50 -7.10 108.26
C ASP F 679 -81.35 -6.03 109.32
N ASP F 680 -81.09 -6.57 110.50
CA ASP F 680 -80.88 -5.90 111.76
C ASP F 680 -82.09 -5.04 112.08
N ILE F 681 -83.28 -5.61 111.90
CA ILE F 681 -84.49 -4.87 112.27
C ILE F 681 -84.99 -5.14 113.68
N ARG F 682 -85.26 -4.07 114.41
CA ARG F 682 -85.90 -4.11 115.72
C ARG F 682 -87.40 -4.35 115.53
N MET F 683 -88.00 -5.38 116.12
CA MET F 683 -89.42 -5.63 115.84
C MET F 683 -90.17 -6.24 117.01
N ASN F 684 -91.49 -6.15 116.90
CA ASN F 684 -92.40 -6.77 117.84
C ASN F 684 -92.83 -8.14 117.34
N GLU F 685 -92.76 -9.10 118.27
CA GLU F 685 -93.07 -10.49 118.01
C GLU F 685 -94.50 -10.61 117.47
N GLU F 686 -95.41 -9.86 118.08
CA GLU F 686 -96.81 -9.88 117.67
C GLU F 686 -96.89 -9.31 116.24
N ASP F 687 -96.08 -8.29 115.97
CA ASP F 687 -95.93 -7.68 114.64
C ASP F 687 -95.39 -8.73 113.67
N ALA F 688 -94.49 -9.58 114.16
CA ALA F 688 -93.94 -10.68 113.37
C ALA F 688 -95.08 -11.62 112.99
N LYS F 689 -95.98 -11.87 113.93
CA LYS F 689 -97.18 -12.68 113.66
C LYS F 689 -98.05 -12.01 112.56
N ASN F 690 -98.16 -10.70 112.64
CA ASN F 690 -98.88 -9.93 111.62
C ASN F 690 -98.19 -10.09 110.26
N LEU F 691 -96.86 -10.14 110.30
CA LEU F 691 -95.96 -10.36 109.16
C LEU F 691 -96.29 -11.75 108.58
N ALA F 692 -96.56 -12.67 109.50
CA ALA F 692 -96.95 -14.06 109.25
C ALA F 692 -98.24 -14.06 108.42
N GLU F 693 -99.20 -13.22 108.79
CA GLU F 693 -100.49 -13.10 108.08
C GLU F 693 -100.23 -12.75 106.61
N GLY F 694 -99.16 -12.00 106.38
CA GLY F 694 -98.70 -11.55 105.07
C GLY F 694 -98.22 -12.67 104.15
N LEU F 695 -97.55 -13.68 104.70
CA LEU F 695 -96.98 -14.77 103.91
C LEU F 695 -97.97 -15.61 103.09
N ARG F 696 -99.26 -15.63 103.42
CA ARG F 696 -100.19 -16.37 102.59
C ARG F 696 -100.19 -15.79 101.17
N SER F 697 -99.95 -14.48 101.08
CA SER F 697 -100.02 -13.82 99.78
C SER F 697 -98.63 -13.94 99.16
N LEU F 698 -97.68 -14.40 99.98
CA LEU F 698 -96.30 -14.55 99.57
C LEU F 698 -95.94 -15.97 99.09
N LYS F 699 -96.78 -16.50 98.21
CA LYS F 699 -96.66 -17.89 97.75
C LYS F 699 -95.91 -17.81 96.44
N LYS F 700 -95.74 -16.58 95.97
CA LYS F 700 -95.11 -16.31 94.69
C LYS F 700 -93.66 -15.95 94.95
N MET F 701 -93.33 -15.94 96.24
CA MET F 701 -92.01 -15.57 96.74
C MET F 701 -91.02 -16.72 96.67
N ARG F 702 -89.80 -16.45 96.18
CA ARG F 702 -88.77 -17.48 96.10
C ARG F 702 -87.79 -17.42 97.26
N LEU F 703 -87.85 -16.33 98.01
CA LEU F 703 -86.86 -16.05 99.04
C LEU F 703 -87.40 -15.28 100.24
N LEU F 704 -87.14 -15.80 101.43
CA LEU F 704 -87.48 -15.04 102.63
C LEU F 704 -86.30 -15.20 103.58
N HIS F 705 -85.71 -14.07 103.94
CA HIS F 705 -84.66 -13.99 104.95
C HIS F 705 -85.00 -13.02 106.07
N LEU F 706 -85.11 -13.51 107.29
CA LEU F 706 -85.20 -12.58 108.41
C LEU F 706 -84.04 -12.81 109.38
N THR F 707 -83.12 -11.85 109.43
CA THR F 707 -81.85 -11.99 110.12
C THR F 707 -81.57 -10.79 111.03
N HIS F 708 -80.90 -11.05 112.15
CA HIS F 708 -80.44 -10.01 113.08
C HIS F 708 -81.64 -9.23 113.62
N LEU F 709 -82.75 -9.95 113.77
CA LEU F 709 -83.98 -9.42 114.34
C LEU F 709 -83.93 -9.55 115.84
N SER F 710 -84.01 -8.43 116.54
CA SER F 710 -83.92 -8.41 118.00
C SER F 710 -85.31 -8.12 118.52
N ASP F 711 -85.65 -8.59 119.73
CA ASP F 711 -86.97 -8.23 120.25
C ASP F 711 -88.02 -9.02 119.48
N ILE F 712 -87.57 -10.00 118.70
CA ILE F 712 -88.45 -10.80 117.88
C ILE F 712 -89.10 -11.89 118.73
N GLY F 713 -88.47 -12.28 119.84
CA GLY F 713 -89.03 -13.35 120.66
C GLY F 713 -89.61 -14.53 119.90
N GLU F 714 -90.79 -14.97 120.34
CA GLU F 714 -91.44 -16.08 119.68
C GLU F 714 -92.18 -15.65 118.42
N GLY F 715 -91.95 -14.41 117.99
CA GLY F 715 -92.68 -13.90 116.85
C GLY F 715 -92.20 -14.70 115.66
N MET F 716 -90.95 -15.14 115.75
CA MET F 716 -90.34 -15.89 114.68
C MET F 716 -90.94 -17.28 114.57
N ASP F 717 -91.34 -17.79 115.73
CA ASP F 717 -92.07 -19.04 115.89
C ASP F 717 -93.36 -18.98 115.10
N TYR F 718 -93.98 -17.81 115.22
CA TYR F 718 -95.24 -17.42 114.59
C TYR F 718 -95.06 -17.33 113.08
N ILE F 719 -93.94 -16.74 112.65
CA ILE F 719 -93.67 -16.54 111.23
C ILE F 719 -93.58 -17.97 110.68
N VAL F 720 -92.84 -18.81 111.39
CA VAL F 720 -92.67 -20.21 111.02
C VAL F 720 -94.05 -20.89 110.97
N LYS F 721 -94.92 -20.56 111.93
CA LYS F 721 -96.29 -21.08 111.96
C LYS F 721 -96.95 -20.75 110.62
N SER F 722 -96.82 -19.50 110.18
CA SER F 722 -97.39 -19.00 108.92
C SER F 722 -96.82 -19.79 107.73
N LEU F 723 -95.58 -20.22 107.90
CA LEU F 723 -94.85 -21.01 106.92
C LEU F 723 -95.55 -22.36 106.86
N SER F 724 -95.85 -22.98 107.99
CA SER F 724 -96.25 -24.36 107.97
C SER F 724 -97.78 -24.45 107.93
N GLU F 725 -98.39 -23.28 107.97
CA GLU F 725 -99.83 -23.10 107.93
C GLU F 725 -100.34 -23.66 106.61
N GLU F 726 -99.57 -23.34 105.57
CA GLU F 726 -99.94 -23.56 104.17
C GLU F 726 -98.68 -23.77 103.33
N SER F 727 -98.84 -24.43 102.19
CA SER F 727 -97.74 -24.62 101.24
C SER F 727 -97.22 -23.27 100.70
N CYS F 728 -95.99 -23.27 100.23
CA CYS F 728 -95.40 -22.10 99.61
C CYS F 728 -94.56 -22.51 98.40
N ASP F 729 -94.26 -21.57 97.51
CA ASP F 729 -93.38 -21.85 96.38
C ASP F 729 -91.96 -21.42 96.72
N LEU F 730 -91.74 -21.05 97.98
CA LEU F 730 -90.45 -20.54 98.43
C LEU F 730 -89.30 -21.49 98.09
N GLN F 731 -88.19 -20.90 97.66
CA GLN F 731 -87.01 -21.67 97.31
C GLN F 731 -85.93 -21.44 98.38
N GLU F 732 -86.10 -20.37 99.16
CA GLU F 732 -85.13 -19.96 100.19
C GLU F 732 -85.80 -19.39 101.45
N MET F 733 -85.45 -19.95 102.61
CA MET F 733 -85.87 -19.47 103.93
C MET F 733 -84.64 -19.41 104.89
N LYS F 734 -84.29 -18.19 105.31
CA LYS F 734 -83.23 -17.90 106.32
C LYS F 734 -83.75 -17.42 107.68
N LEU F 735 -83.57 -18.28 108.69
CA LEU F 735 -83.92 -17.97 110.08
C LEU F 735 -82.75 -17.71 111.06
N VAL F 736 -81.62 -17.22 110.53
CA VAL F 736 -80.37 -16.98 111.28
C VAL F 736 -80.34 -15.69 112.14
N ALA F 737 -79.89 -15.79 113.39
CA ALA F 737 -79.64 -14.62 114.27
C ALA F 737 -80.95 -13.92 114.60
N CYS F 738 -81.95 -14.76 114.81
CA CYS F 738 -83.24 -14.44 115.37
C CYS F 738 -83.46 -15.46 116.47
N CYS F 739 -84.47 -15.28 117.32
CA CYS F 739 -84.60 -16.21 118.43
C CYS F 739 -85.44 -17.43 118.03
N LEU F 740 -84.70 -18.51 117.84
CA LEU F 740 -85.20 -19.82 117.43
C LEU F 740 -85.38 -20.87 118.52
N THR F 741 -86.46 -21.62 118.44
CA THR F 741 -86.76 -22.66 119.42
C THR F 741 -86.72 -24.04 118.74
N ALA F 742 -86.48 -25.10 119.50
CA ALA F 742 -86.47 -26.45 118.92
C ALA F 742 -87.88 -26.78 118.40
N ASN F 743 -88.85 -26.14 119.07
CA ASN F 743 -90.27 -26.19 118.74
C ASN F 743 -90.57 -25.60 117.37
N SER F 744 -89.92 -24.49 117.06
CA SER F 744 -90.11 -23.82 115.77
C SER F 744 -89.59 -24.71 114.66
N VAL F 745 -88.53 -25.46 114.95
CA VAL F 745 -87.96 -26.41 114.01
C VAL F 745 -88.95 -27.58 113.85
N LYS F 746 -89.61 -27.94 114.94
CA LYS F 746 -90.65 -28.98 114.91
C LYS F 746 -91.81 -28.53 114.01
N VAL F 747 -92.22 -27.28 114.18
CA VAL F 747 -93.26 -26.67 113.37
C VAL F 747 -92.83 -26.69 111.88
N LEU F 748 -91.56 -26.38 111.63
CA LEU F 748 -90.95 -26.39 110.29
C LEU F 748 -91.07 -27.79 109.69
N ALA F 749 -90.87 -28.75 110.56
CA ALA F 749 -90.92 -30.18 110.30
C ALA F 749 -92.32 -30.63 109.88
N GLN F 750 -93.34 -30.15 110.57
CA GLN F 750 -94.70 -30.62 110.30
C GLN F 750 -95.17 -30.34 108.86
N ASN F 751 -94.87 -29.17 108.32
CA ASN F 751 -95.28 -28.81 106.96
C ASN F 751 -94.16 -28.98 105.93
N LEU F 752 -93.03 -29.52 106.35
CA LEU F 752 -91.87 -29.60 105.46
C LEU F 752 -92.12 -30.29 104.13
N HIS F 753 -93.08 -31.20 104.03
CA HIS F 753 -93.25 -31.79 102.72
C HIS F 753 -93.77 -30.75 101.73
N ASN F 754 -94.43 -29.70 102.23
CA ASN F 754 -94.88 -28.57 101.39
C ASN F 754 -93.71 -27.60 101.15
N LEU F 755 -92.74 -27.66 102.07
CA LEU F 755 -91.55 -26.83 102.02
C LEU F 755 -90.47 -27.52 101.22
N ILE F 756 -90.88 -28.57 100.52
CA ILE F 756 -90.00 -29.30 99.62
C ILE F 756 -89.56 -28.40 98.47
N LYS F 757 -90.35 -27.36 98.25
CA LYS F 757 -90.15 -26.39 97.19
C LYS F 757 -88.82 -25.66 97.42
N LEU F 758 -88.44 -25.57 98.69
CA LEU F 758 -87.21 -24.92 99.12
C LEU F 758 -85.95 -25.63 98.68
N SER F 759 -85.03 -24.87 98.10
CA SER F 759 -83.66 -25.31 97.99
C SER F 759 -82.98 -24.86 99.27
N ILE F 760 -83.60 -23.89 99.94
CA ILE F 760 -83.05 -23.34 101.17
C ILE F 760 -84.02 -23.06 102.33
N LEU F 761 -83.75 -23.76 103.43
CA LEU F 761 -84.42 -23.62 104.71
C LEU F 761 -83.13 -23.40 105.51
N ASP F 762 -82.94 -22.20 106.03
CA ASP F 762 -81.76 -21.94 106.87
C ASP F 762 -81.95 -21.55 108.33
N ILE F 763 -81.69 -22.54 109.20
CA ILE F 763 -81.64 -22.29 110.63
C ILE F 763 -80.21 -22.25 111.21
N SER F 764 -79.18 -22.30 110.38
CA SER F 764 -77.82 -22.51 110.92
C SER F 764 -77.32 -21.32 111.75
N GLU F 765 -76.24 -21.52 112.50
CA GLU F 765 -75.69 -20.46 113.37
C GLU F 765 -76.71 -20.16 114.45
N ASN F 766 -77.51 -21.16 114.77
CA ASN F 766 -78.52 -21.02 115.80
C ASN F 766 -78.52 -22.04 116.92
N TYR F 767 -78.74 -21.48 118.09
CA TYR F 767 -78.89 -22.19 119.32
C TYR F 767 -80.39 -22.26 119.45
N LEU F 768 -80.86 -23.47 119.73
CA LEU F 768 -82.28 -23.70 119.93
C LEU F 768 -82.29 -23.69 121.43
N GLU F 769 -83.45 -23.62 122.06
CA GLU F 769 -83.39 -23.36 123.48
C GLU F 769 -82.87 -24.62 124.17
N LYS F 770 -83.70 -25.64 124.23
CA LYS F 770 -83.40 -26.93 124.87
C LYS F 770 -83.27 -28.11 123.91
N ASP F 771 -82.45 -29.12 124.23
CA ASP F 771 -82.31 -30.22 123.28
C ASP F 771 -82.09 -29.94 121.79
N GLY F 772 -81.33 -28.90 121.49
CA GLY F 772 -81.11 -28.38 120.15
C GLY F 772 -80.53 -29.48 119.28
N ASN F 773 -79.54 -30.21 119.75
CA ASN F 773 -78.94 -31.27 118.95
C ASN F 773 -79.99 -32.37 118.68
N GLU F 774 -80.92 -32.61 119.59
CA GLU F 774 -82.00 -33.60 119.39
C GLU F 774 -82.93 -33.26 118.19
N ALA F 775 -82.71 -32.10 117.57
CA ALA F 775 -83.44 -31.56 116.41
C ALA F 775 -83.19 -32.50 115.25
N LEU F 776 -81.98 -33.02 115.23
CA LEU F 776 -81.45 -33.93 114.24
C LEU F 776 -82.29 -35.20 114.16
N GLN F 777 -82.80 -35.72 115.27
CA GLN F 777 -83.63 -36.92 115.11
C GLN F 777 -84.87 -36.63 114.26
N GLU F 778 -85.42 -35.43 114.42
CA GLU F 778 -86.55 -34.97 113.61
C GLU F 778 -86.17 -34.93 112.13
N LEU F 779 -84.94 -34.51 111.91
CA LEU F 779 -84.35 -34.43 110.58
C LEU F 779 -84.21 -35.82 109.98
N ILE F 780 -83.81 -36.83 110.74
CA ILE F 780 -83.63 -38.14 110.09
C ILE F 780 -84.98 -38.51 109.48
N GLY F 781 -86.09 -38.18 110.17
CA GLY F 781 -87.40 -38.48 109.64
C GLY F 781 -87.75 -37.72 108.37
N ARG F 782 -87.15 -36.54 108.25
CA ARG F 782 -87.39 -35.61 107.14
C ARG F 782 -86.43 -35.63 105.96
N LEU F 783 -85.47 -36.56 105.92
CA LEU F 783 -84.51 -36.60 104.83
C LEU F 783 -85.06 -36.85 103.42
N GLY F 784 -86.24 -37.47 103.33
CA GLY F 784 -86.84 -37.72 102.03
C GLY F 784 -87.14 -36.42 101.32
N VAL F 785 -87.38 -35.38 102.10
CA VAL F 785 -87.62 -34.04 101.57
C VAL F 785 -86.43 -33.11 101.84
N LEU F 786 -85.58 -33.49 102.80
CA LEU F 786 -84.35 -32.73 103.05
C LEU F 786 -83.32 -32.90 101.96
N GLY F 787 -83.47 -33.97 101.17
CA GLY F 787 -82.63 -34.15 100.00
C GLY F 787 -82.84 -33.06 98.96
N GLU F 788 -84.01 -32.43 98.98
CA GLU F 788 -84.36 -31.38 98.03
C GLU F 788 -83.72 -30.02 98.31
N LEU F 789 -83.17 -29.86 99.51
CA LEU F 789 -82.37 -28.68 99.81
C LEU F 789 -81.07 -28.77 99.04
N THR F 790 -80.54 -27.63 98.62
CA THR F 790 -79.31 -27.63 97.84
C THR F 790 -78.11 -27.64 98.77
N THR F 791 -78.35 -27.46 100.06
CA THR F 791 -77.25 -27.34 101.03
C THR F 791 -77.60 -27.84 102.43
N LEU F 792 -76.56 -28.06 103.23
CA LEU F 792 -76.70 -28.51 104.62
C LEU F 792 -76.75 -27.42 105.69
N MET F 793 -77.85 -27.32 106.43
CA MET F 793 -77.90 -26.38 107.54
C MET F 793 -78.22 -27.13 108.80
N LEU F 794 -77.32 -27.07 109.79
CA LEU F 794 -77.50 -27.95 110.92
C LEU F 794 -77.98 -27.15 112.13
N PRO F 795 -78.74 -27.77 113.04
CA PRO F 795 -79.05 -27.01 114.25
C PRO F 795 -77.92 -27.23 115.26
N TRP F 796 -77.54 -26.26 116.07
CA TRP F 796 -76.42 -26.54 116.98
C TRP F 796 -76.85 -26.13 118.37
N CYS F 797 -76.14 -26.63 119.36
CA CYS F 797 -76.43 -26.26 120.73
C CYS F 797 -75.19 -26.60 121.53
N TRP F 798 -75.27 -26.47 122.84
CA TRP F 798 -74.18 -26.91 123.69
C TRP F 798 -74.13 -28.44 123.70
N ASP F 799 -72.96 -29.00 123.38
CA ASP F 799 -72.73 -30.45 123.35
C ASP F 799 -73.41 -31.12 122.15
N VAL F 800 -73.66 -30.31 121.13
CA VAL F 800 -74.33 -30.70 119.88
C VAL F 800 -73.65 -31.89 119.19
N HIS F 801 -72.32 -31.98 119.32
CA HIS F 801 -71.50 -32.98 118.64
C HIS F 801 -71.82 -34.43 119.02
N THR F 802 -72.38 -34.60 120.22
CA THR F 802 -72.82 -35.88 120.75
C THR F 802 -73.98 -36.44 119.90
N SER F 803 -74.52 -35.56 119.06
CA SER F 803 -75.61 -35.84 118.12
C SER F 803 -75.13 -36.33 116.75
N LEU F 804 -73.81 -36.48 116.59
CA LEU F 804 -73.21 -36.89 115.30
C LEU F 804 -73.62 -38.30 114.79
N PRO F 805 -73.68 -39.34 115.65
CA PRO F 805 -74.15 -40.62 115.10
C PRO F 805 -75.55 -40.47 114.51
N LYS F 806 -76.36 -39.62 115.13
CA LYS F 806 -77.74 -39.37 114.74
C LYS F 806 -77.69 -38.75 113.35
N LEU F 807 -76.68 -37.91 113.19
CA LEU F 807 -76.34 -37.16 111.99
C LEU F 807 -75.88 -38.11 110.87
N LEU F 808 -75.22 -39.22 111.22
CA LEU F 808 -74.66 -40.13 110.22
C LEU F 808 -75.70 -40.77 109.28
N LYS F 809 -76.90 -41.08 109.77
CA LYS F 809 -77.95 -41.60 108.87
C LYS F 809 -78.25 -40.50 107.83
N GLN F 810 -78.18 -39.26 108.29
CA GLN F 810 -78.40 -38.04 107.51
C GLN F 810 -77.30 -37.81 106.45
N LEU F 811 -76.09 -38.28 106.70
CA LEU F 811 -74.99 -38.02 105.78
C LEU F 811 -74.94 -38.92 104.53
N GLU F 812 -75.79 -39.94 104.47
CA GLU F 812 -75.99 -40.61 103.18
C GLU F 812 -76.66 -39.61 102.24
N GLY F 813 -77.16 -38.53 102.83
CA GLY F 813 -77.77 -37.43 102.12
C GLY F 813 -76.78 -36.37 101.69
N THR F 814 -75.49 -36.63 101.89
CA THR F 814 -74.47 -35.67 101.44
C THR F 814 -74.48 -35.31 99.94
N PRO F 815 -75.11 -36.13 99.07
CA PRO F 815 -74.99 -35.64 97.69
C PRO F 815 -75.76 -34.38 97.18
N GLY F 816 -76.88 -33.91 97.75
CA GLY F 816 -77.46 -32.77 97.04
C GLY F 816 -77.04 -31.49 97.74
N LEU F 817 -75.99 -31.68 98.53
CA LEU F 817 -75.28 -30.70 99.36
C LEU F 817 -74.44 -29.68 98.58
N ALA F 818 -74.68 -28.37 98.71
CA ALA F 818 -73.85 -27.46 97.93
C ALA F 818 -72.61 -27.32 98.80
N LYS F 819 -72.81 -27.14 100.11
CA LYS F 819 -71.72 -26.95 101.05
C LYS F 819 -71.87 -28.03 102.15
N LEU F 820 -70.80 -28.34 102.86
CA LEU F 820 -70.90 -29.27 103.99
C LEU F 820 -70.30 -28.66 105.23
N GLY F 821 -71.02 -28.74 106.35
CA GLY F 821 -70.42 -28.44 107.62
C GLY F 821 -70.89 -29.14 108.86
N LEU F 822 -70.05 -29.07 109.88
CA LEU F 822 -70.47 -29.33 111.24
C LEU F 822 -70.32 -27.99 111.95
N LYS F 823 -70.92 -26.96 111.36
CA LYS F 823 -70.76 -25.59 111.87
C LYS F 823 -71.37 -25.33 113.25
N ASN F 824 -70.63 -24.55 114.02
CA ASN F 824 -70.81 -24.30 115.44
C ASN F 824 -71.09 -25.57 116.24
N TRP F 825 -70.67 -26.70 115.70
CA TRP F 825 -70.67 -27.96 116.43
C TRP F 825 -69.49 -27.99 117.37
N ARG F 826 -69.67 -28.17 118.65
CA ARG F 826 -68.53 -28.08 119.56
C ARG F 826 -67.98 -29.51 119.61
N LEU F 827 -67.34 -29.92 118.51
CA LEU F 827 -66.75 -31.25 118.27
C LEU F 827 -65.43 -31.70 118.90
N ARG F 828 -65.36 -33.01 119.17
CA ARG F 828 -64.17 -33.63 119.75
C ARG F 828 -63.00 -33.35 118.82
N ASP F 829 -61.82 -33.13 119.37
CA ASP F 829 -60.70 -32.79 118.52
C ASP F 829 -60.39 -33.94 117.52
N GLU F 830 -60.58 -35.18 117.98
CA GLU F 830 -60.41 -36.39 117.15
C GLU F 830 -61.41 -36.55 116.01
N GLU F 831 -62.67 -36.26 116.36
CA GLU F 831 -63.83 -36.30 115.46
C GLU F 831 -63.69 -35.84 114.01
N ILE F 832 -62.87 -34.82 113.78
CA ILE F 832 -62.74 -34.30 112.43
C ILE F 832 -62.13 -35.38 111.53
N LYS F 833 -61.17 -36.18 112.01
CA LYS F 833 -60.69 -37.28 111.17
C LYS F 833 -61.77 -38.38 111.12
N SER F 834 -62.48 -38.56 112.23
CA SER F 834 -63.57 -39.56 112.34
C SER F 834 -64.66 -39.38 111.28
N LEU F 835 -65.10 -38.15 111.10
CA LEU F 835 -66.11 -37.78 110.11
C LEU F 835 -65.48 -38.05 108.75
N GLY F 836 -64.17 -37.84 108.72
CA GLY F 836 -63.29 -38.03 107.58
C GLY F 836 -63.36 -39.50 107.22
N GLU F 837 -63.32 -40.39 108.22
CA GLU F 837 -63.41 -41.80 107.90
C GLU F 837 -64.72 -42.13 107.17
N PHE F 838 -65.85 -41.57 107.60
CA PHE F 838 -67.13 -41.77 106.89
C PHE F 838 -66.92 -41.27 105.47
N LEU F 839 -66.21 -40.15 105.40
CA LEU F 839 -65.92 -39.36 104.20
C LEU F 839 -65.04 -40.20 103.29
N GLU F 840 -64.24 -41.09 103.87
CA GLU F 840 -63.40 -41.98 103.07
C GLU F 840 -64.41 -42.93 102.46
N MET F 841 -65.31 -43.46 103.27
CA MET F 841 -66.34 -44.39 102.83
C MET F 841 -67.41 -43.71 101.94
N ASN F 842 -67.22 -42.43 101.62
CA ASN F 842 -68.22 -41.64 100.88
C ASN F 842 -67.87 -41.14 99.46
N PRO F 843 -68.51 -41.72 98.43
CA PRO F 843 -68.09 -41.61 97.03
C PRO F 843 -68.35 -40.20 96.47
N LEU F 844 -69.10 -39.38 97.21
CA LEU F 844 -69.36 -37.98 96.83
C LEU F 844 -68.05 -37.20 96.62
N ARG F 845 -68.10 -36.25 95.69
CA ARG F 845 -66.92 -35.50 95.29
C ARG F 845 -67.26 -34.06 94.89
N ASP F 846 -66.23 -33.24 94.71
CA ASP F 846 -66.39 -31.86 94.22
C ASP F 846 -66.97 -30.72 95.06
N LEU F 847 -67.24 -30.88 96.36
CA LEU F 847 -68.10 -29.88 97.00
C LEU F 847 -67.39 -28.52 97.00
N GLN F 848 -68.16 -27.44 97.13
CA GLN F 848 -67.61 -26.10 97.00
C GLN F 848 -67.01 -25.46 98.25
N GLN F 849 -67.61 -25.69 99.39
CA GLN F 849 -67.10 -25.14 100.65
C GLN F 849 -67.41 -25.99 101.85
N LEU F 850 -66.49 -26.03 102.79
CA LEU F 850 -66.64 -26.89 103.93
C LEU F 850 -66.59 -25.73 104.87
N ASP F 851 -67.69 -25.61 105.58
CA ASP F 851 -67.88 -24.58 106.56
C ASP F 851 -67.93 -25.32 107.85
N LEU F 852 -66.86 -25.19 108.61
CA LEU F 852 -66.92 -25.64 109.96
C LEU F 852 -66.73 -24.43 110.83
N ALA F 853 -67.84 -23.97 111.41
CA ALA F 853 -67.75 -22.80 112.25
C ALA F 853 -67.02 -23.38 113.44
N GLY F 854 -66.34 -22.52 114.19
CA GLY F 854 -65.51 -22.99 115.27
C GLY F 854 -65.95 -24.12 116.17
N HIS F 855 -65.29 -25.26 115.99
CA HIS F 855 -65.55 -26.42 116.81
C HIS F 855 -64.43 -26.37 117.83
N CYS F 856 -64.49 -27.18 118.87
CA CYS F 856 -63.35 -27.40 119.75
C CYS F 856 -62.11 -28.10 119.17
N VAL F 857 -62.03 -28.29 117.86
CA VAL F 857 -60.83 -28.97 117.35
C VAL F 857 -59.56 -28.12 117.16
N SER F 858 -58.52 -28.63 117.81
CA SER F 858 -57.14 -28.18 117.85
C SER F 858 -56.36 -28.46 116.56
N SER F 859 -55.23 -27.77 116.42
CA SER F 859 -54.31 -27.91 115.30
C SER F 859 -53.85 -29.36 115.22
N ASP F 860 -53.65 -29.96 116.38
CA ASP F 860 -53.28 -31.37 116.46
C ASP F 860 -54.40 -32.24 115.88
N GLY F 861 -55.64 -31.85 116.13
CA GLY F 861 -56.86 -32.51 115.64
C GLY F 861 -56.94 -32.49 114.12
N TRP F 862 -56.62 -31.29 113.66
CA TRP F 862 -56.55 -30.94 112.26
C TRP F 862 -55.44 -31.82 111.66
N LEU F 863 -54.38 -32.10 112.42
CA LEU F 863 -53.25 -32.92 111.96
C LEU F 863 -53.71 -34.34 111.59
N TYR F 864 -54.61 -34.86 112.40
CA TYR F 864 -55.26 -36.13 112.14
C TYR F 864 -56.02 -35.94 110.84
N PHE F 865 -56.71 -34.80 110.75
CA PHE F 865 -57.59 -34.54 109.63
C PHE F 865 -56.89 -34.41 108.27
N MET F 866 -55.62 -34.02 108.27
CA MET F 866 -54.91 -33.83 107.00
C MET F 866 -54.91 -35.17 106.28
N ASN F 867 -54.91 -36.24 107.07
CA ASN F 867 -54.92 -37.60 106.55
C ASN F 867 -56.19 -37.89 105.73
N VAL F 868 -57.17 -36.99 105.82
CA VAL F 868 -58.38 -37.11 105.03
C VAL F 868 -58.54 -35.97 104.04
N PHE F 869 -58.05 -34.79 104.42
CA PHE F 869 -58.17 -33.59 103.59
C PHE F 869 -57.48 -33.67 102.25
N GLU F 870 -56.38 -34.42 102.16
CA GLU F 870 -55.70 -34.50 100.88
C GLU F 870 -56.60 -35.10 99.79
N ASN F 871 -57.39 -36.11 100.12
CA ASN F 871 -58.10 -36.82 99.06
C ASN F 871 -59.41 -36.09 98.68
N LEU F 872 -59.76 -35.06 99.45
CA LEU F 872 -60.88 -34.15 99.16
C LEU F 872 -60.36 -32.94 98.41
N LYS F 873 -59.45 -33.17 97.49
CA LYS F 873 -58.75 -32.10 96.80
C LYS F 873 -59.69 -31.41 95.83
N GLN F 874 -60.84 -32.04 95.62
CA GLN F 874 -61.85 -31.56 94.70
C GLN F 874 -62.61 -30.39 95.33
N LEU F 875 -62.36 -30.15 96.61
CA LEU F 875 -63.04 -29.09 97.35
C LEU F 875 -62.66 -27.67 96.88
N VAL F 876 -63.68 -26.85 96.60
CA VAL F 876 -63.47 -25.51 96.02
C VAL F 876 -63.07 -24.46 97.06
N PHE F 877 -63.74 -24.47 98.22
CA PHE F 877 -63.53 -23.48 99.28
C PHE F 877 -63.60 -24.20 100.62
N PHE F 878 -62.97 -23.59 101.62
CA PHE F 878 -62.84 -24.22 102.93
C PHE F 878 -62.53 -23.19 104.01
N ASP F 879 -63.13 -23.33 105.18
CA ASP F 879 -62.63 -22.51 106.27
C ASP F 879 -62.59 -23.41 107.49
N PHE F 880 -61.53 -23.26 108.27
CA PHE F 880 -61.37 -24.10 109.45
C PHE F 880 -61.29 -23.13 110.60
N SER F 881 -62.35 -23.10 111.39
CA SER F 881 -62.38 -22.38 112.66
C SER F 881 -62.35 -23.21 113.94
N THR F 882 -61.94 -22.55 115.02
CA THR F 882 -61.75 -23.14 116.35
C THR F 882 -61.85 -21.94 117.28
N GLU F 883 -62.26 -22.14 118.54
CA GLU F 883 -62.48 -20.98 119.39
C GLU F 883 -61.26 -20.58 120.21
N GLU F 884 -60.23 -21.43 120.22
CA GLU F 884 -58.99 -21.14 120.95
C GLU F 884 -57.78 -21.92 120.42
N PHE F 885 -57.31 -21.56 119.22
CA PHE F 885 -56.39 -22.40 118.45
C PHE F 885 -55.03 -22.57 119.13
N LEU F 886 -54.41 -23.73 118.94
CA LEU F 886 -53.05 -23.97 119.41
C LEU F 886 -52.08 -23.08 118.62
N PRO F 887 -51.07 -22.52 119.30
CA PRO F 887 -50.08 -21.66 118.63
C PRO F 887 -49.20 -22.28 117.53
N ASP F 888 -49.19 -23.60 117.39
CA ASP F 888 -48.26 -24.28 116.46
C ASP F 888 -48.61 -24.21 114.97
N ALA F 889 -47.63 -23.82 114.17
CA ALA F 889 -47.74 -23.85 112.70
C ALA F 889 -47.28 -25.17 112.06
N ALA F 890 -47.02 -26.18 112.88
CA ALA F 890 -46.67 -27.53 112.42
C ALA F 890 -47.76 -28.05 111.50
N LEU F 891 -48.98 -27.65 111.84
CA LEU F 891 -50.17 -27.92 111.04
C LEU F 891 -50.11 -27.31 109.65
N VAL F 892 -49.62 -26.09 109.52
CA VAL F 892 -49.60 -25.43 108.21
C VAL F 892 -48.61 -26.25 107.37
N ARG F 893 -47.53 -26.69 107.99
CA ARG F 893 -46.52 -27.51 107.36
C ARG F 893 -47.16 -28.80 106.79
N LYS F 894 -47.93 -29.48 107.65
CA LYS F 894 -48.67 -30.68 107.24
C LYS F 894 -49.66 -30.33 106.13
N LEU F 895 -50.08 -29.07 106.17
CA LEU F 895 -51.02 -28.44 105.25
C LEU F 895 -50.30 -28.46 103.92
N SER F 896 -49.04 -28.04 103.92
CA SER F 896 -48.17 -28.00 102.74
C SER F 896 -48.11 -29.41 102.19
N GLN F 897 -48.03 -30.42 103.05
CA GLN F 897 -48.00 -31.79 102.50
C GLN F 897 -49.31 -32.02 101.72
N VAL F 898 -50.41 -31.61 102.32
CA VAL F 898 -51.75 -31.65 101.71
C VAL F 898 -51.96 -30.77 100.46
N LEU F 899 -51.36 -29.59 100.47
CA LEU F 899 -51.38 -28.56 99.43
C LEU F 899 -50.87 -28.99 98.04
N SER F 900 -49.89 -29.87 97.99
CA SER F 900 -49.44 -30.43 96.71
C SER F 900 -50.61 -31.28 96.18
N LYS F 901 -51.26 -31.95 97.14
CA LYS F 901 -52.38 -32.87 96.94
C LYS F 901 -53.66 -32.16 96.50
N LEU F 902 -53.81 -30.86 96.80
CA LEU F 902 -55.02 -30.13 96.42
C LEU F 902 -55.01 -29.38 95.08
N THR F 903 -56.23 -29.26 94.51
CA THR F 903 -56.43 -28.82 93.13
C THR F 903 -57.34 -27.61 92.92
N LEU F 904 -58.65 -27.81 93.09
CA LEU F 904 -59.64 -26.80 92.71
C LEU F 904 -59.85 -25.70 93.74
N LEU F 905 -58.87 -25.50 94.62
CA LEU F 905 -59.08 -24.61 95.74
C LEU F 905 -58.68 -23.22 95.29
N GLN F 906 -59.49 -22.24 95.65
CA GLN F 906 -59.21 -20.89 95.20
C GLN F 906 -58.65 -20.09 96.37
N GLU F 907 -59.18 -20.30 97.56
CA GLU F 907 -58.64 -19.64 98.74
C GLU F 907 -58.75 -20.41 100.05
N VAL F 908 -57.75 -20.19 100.91
CA VAL F 908 -57.61 -20.80 102.22
C VAL F 908 -58.26 -19.79 103.18
N LYS F 909 -59.10 -20.25 104.11
CA LYS F 909 -59.66 -19.34 105.11
C LYS F 909 -59.38 -19.76 106.56
N LEU F 910 -58.84 -18.81 107.32
CA LEU F 910 -58.30 -19.05 108.66
C LEU F 910 -59.10 -18.45 109.83
N THR F 911 -60.40 -18.26 109.63
CA THR F 911 -61.30 -17.66 110.63
C THR F 911 -61.06 -18.08 112.08
N GLY F 912 -60.50 -17.18 112.87
CA GLY F 912 -60.34 -17.43 114.30
C GLY F 912 -59.03 -17.98 114.84
N TRP F 913 -58.12 -18.40 113.96
CA TRP F 913 -56.84 -18.94 114.41
C TRP F 913 -55.87 -17.84 114.83
N GLU F 914 -55.75 -17.65 116.14
CA GLU F 914 -54.78 -16.76 116.81
C GLU F 914 -53.27 -17.07 116.69
N PHE F 915 -52.87 -18.01 115.85
CA PHE F 915 -51.44 -18.33 115.70
C PHE F 915 -50.63 -17.62 114.60
N ASP F 916 -49.32 -17.54 114.84
CA ASP F 916 -48.31 -17.16 113.83
C ASP F 916 -48.02 -18.35 112.92
N ASP F 917 -47.77 -18.12 111.64
CA ASP F 917 -47.47 -19.24 110.75
C ASP F 917 -45.97 -19.55 110.60
N TYR F 918 -45.13 -18.73 111.24
CA TYR F 918 -43.67 -18.78 111.07
C TYR F 918 -43.23 -18.89 109.61
N ASP F 919 -41.99 -19.35 109.45
CA ASP F 919 -41.27 -19.42 108.17
C ASP F 919 -41.99 -20.40 107.23
N ILE F 920 -43.09 -20.95 107.72
CA ILE F 920 -43.95 -21.92 107.05
C ILE F 920 -44.89 -21.13 106.16
N SER F 921 -44.88 -19.81 106.34
CA SER F 921 -45.85 -18.96 105.67
C SER F 921 -45.20 -18.66 104.33
N ALA F 922 -43.99 -19.18 104.18
CA ALA F 922 -43.24 -19.07 102.95
C ALA F 922 -43.96 -20.03 102.02
N ILE F 923 -44.43 -21.12 102.61
CA ILE F 923 -45.18 -22.16 101.90
C ILE F 923 -46.62 -22.25 102.37
N LYS F 924 -47.13 -21.13 102.90
CA LYS F 924 -48.48 -21.07 103.47
C LYS F 924 -49.56 -21.63 102.53
N GLY F 925 -49.46 -21.30 101.24
CA GLY F 925 -50.38 -21.85 100.28
C GLY F 925 -49.95 -21.64 98.84
N THR F 926 -50.59 -22.38 97.94
CA THR F 926 -50.43 -22.17 96.51
C THR F 926 -51.69 -21.49 96.04
N PHE F 927 -52.50 -21.06 97.00
CA PHE F 927 -53.70 -20.29 96.72
C PHE F 927 -53.70 -18.99 97.53
N LYS F 928 -54.79 -18.22 97.44
CA LYS F 928 -54.89 -16.93 98.10
C LYS F 928 -55.01 -17.16 99.62
N LEU F 929 -54.71 -16.15 100.43
CA LEU F 929 -55.01 -16.26 101.86
C LEU F 929 -55.51 -15.05 102.66
N VAL F 930 -56.49 -15.36 103.50
CA VAL F 930 -57.12 -14.41 104.41
C VAL F 930 -56.87 -14.92 105.83
N THR F 931 -56.56 -14.02 106.76
CA THR F 931 -56.38 -14.46 108.15
C THR F 931 -57.73 -14.85 108.74
N ALA F 932 -58.80 -14.51 108.02
CA ALA F 932 -60.15 -14.85 108.43
C ALA F 932 -60.81 -15.76 107.39
N VAL G 1 9.79 25.39 57.39
CA VAL G 1 9.82 24.77 58.71
C VAL G 1 11.27 24.52 59.15
N THR G 2 11.53 24.76 60.44
CA THR G 2 12.84 24.51 61.02
C THR G 2 12.65 23.76 62.34
N GLU G 3 13.75 23.54 63.06
CA GLU G 3 13.69 22.81 64.32
C GLU G 3 13.24 23.64 65.52
N GLU G 4 13.27 24.96 65.40
CA GLU G 4 12.85 25.84 66.49
C GLU G 4 11.35 25.72 66.75
N ASP G 5 10.62 25.20 65.78
CA ASP G 5 9.19 24.98 65.92
C ASP G 5 8.89 23.54 66.34
N LEU G 6 9.92 22.81 66.77
CA LEU G 6 9.67 21.47 67.30
C LEU G 6 9.13 21.55 68.73
N ASN G 7 9.09 22.78 69.26
CA ASN G 7 8.38 23.05 70.50
C ASN G 7 6.94 23.46 70.21
N VAL G 8 6.61 23.50 68.92
CA VAL G 8 5.23 23.70 68.49
C VAL G 8 4.63 22.33 68.18
N LEU G 9 5.28 21.60 67.28
CA LEU G 9 4.78 20.31 66.83
C LEU G 9 4.65 19.34 67.99
N ALA G 10 5.57 19.45 68.95
CA ALA G 10 5.55 18.56 70.09
C ALA G 10 4.22 18.71 70.82
N GLN G 11 3.79 19.94 71.01
CA GLN G 11 2.52 20.18 71.67
C GLN G 11 1.39 19.54 70.86
N ASN G 12 1.50 19.66 69.53
CA ASN G 12 0.51 19.07 68.64
C ASN G 12 0.49 17.55 68.80
N LEU G 13 1.66 16.96 69.01
CA LEU G 13 1.75 15.52 69.22
C LEU G 13 0.99 15.16 70.48
N LYS G 14 1.10 16.04 71.49
CA LYS G 14 0.42 15.84 72.76
C LYS G 14 -1.09 15.88 72.60
N ASP G 15 -1.56 16.50 71.52
CA ASP G 15 -2.98 16.54 71.22
C ASP G 15 -3.36 15.55 70.13
N LEU G 16 -2.38 14.78 69.67
CA LEU G 16 -2.69 13.73 68.70
C LEU G 16 -3.36 12.60 69.46
N TYR G 17 -2.87 12.38 70.68
CA TYR G 17 -3.34 11.34 71.57
C TYR G 17 -4.46 11.87 72.46
N ASN G 18 -4.63 13.19 72.44
CA ASN G 18 -5.77 13.80 73.12
C ASN G 18 -6.99 13.74 72.21
N SER G 19 -7.50 12.53 72.03
CA SER G 19 -8.76 12.29 71.33
C SER G 19 -9.37 10.98 71.81
N PRO G 20 -10.71 10.87 71.73
CA PRO G 20 -11.40 9.65 72.19
C PRO G 20 -10.97 8.40 71.45
N ALA G 21 -10.53 8.52 70.19
CA ALA G 21 -10.13 7.36 69.40
C ALA G 21 -9.03 6.61 70.12
N PHE G 22 -8.13 7.37 70.71
CA PHE G 22 -7.08 6.83 71.55
C PHE G 22 -7.66 6.34 72.86
N LEU G 23 -8.67 7.07 73.36
CA LEU G 23 -9.23 6.76 74.68
C LEU G 23 -10.52 5.90 74.70
N ASN G 24 -11.19 5.73 73.57
CA ASN G 24 -12.42 4.93 73.56
C ASN G 24 -12.06 3.55 73.08
N PHE G 25 -12.62 2.49 73.63
CA PHE G 25 -12.15 1.23 73.10
C PHE G 25 -13.04 0.42 72.18
N TYR G 26 -12.57 -0.80 71.99
CA TYR G 26 -12.02 -1.18 70.69
C TYR G 26 -12.37 -0.19 69.60
N PRO G 27 -11.33 0.54 69.16
CA PRO G 27 -11.40 1.57 68.12
C PRO G 27 -11.62 0.97 66.75
N LEU G 28 -12.86 0.56 66.45
CA LEU G 28 -13.32 0.28 65.09
C LEU G 28 -12.81 -1.06 64.53
N GLY G 29 -13.51 -1.64 63.55
CA GLY G 29 -14.82 -1.17 63.10
C GLY G 29 -15.89 -1.53 64.11
N GLU G 30 -15.55 -2.50 64.96
CA GLU G 30 -16.20 -2.70 66.23
C GLU G 30 -15.12 -2.65 67.32
N ASP G 31 -15.21 -1.78 68.33
CA ASP G 31 -16.35 -0.91 68.70
C ASP G 31 -17.51 -1.85 69.03
N ILE G 32 -17.14 -3.01 69.56
CA ILE G 32 -18.06 -4.11 69.86
C ILE G 32 -19.19 -3.78 70.85
N ASP G 33 -18.96 -3.02 71.94
CA ASP G 33 -17.67 -2.63 72.53
C ASP G 33 -16.89 -3.78 73.19
N ILE G 34 -15.57 -3.80 73.02
CA ILE G 34 -14.73 -4.77 73.73
C ILE G 34 -15.00 -4.59 75.23
N ILE G 35 -14.78 -3.38 75.75
CA ILE G 35 -14.95 -3.15 77.19
C ILE G 35 -15.63 -1.81 77.46
N PHE G 36 -14.86 -0.73 77.35
CA PHE G 36 -15.31 0.63 77.63
C PHE G 36 -14.30 1.62 77.06
N ASN G 37 -14.47 2.90 77.37
CA ASN G 37 -13.50 3.93 77.04
C ASN G 37 -12.21 3.47 77.74
N LEU G 38 -11.06 3.72 77.12
CA LEU G 38 -9.79 3.31 77.69
C LEU G 38 -9.40 3.95 79.01
N GLU G 39 -9.72 5.21 79.22
CA GLU G 39 -9.33 5.82 80.49
C GLU G 39 -9.94 5.22 81.75
N LYS G 40 -11.24 4.91 81.80
CA LYS G 40 -11.74 4.28 83.02
C LYS G 40 -11.19 2.84 83.19
N THR G 41 -11.06 2.16 82.06
CA THR G 41 -10.48 0.81 81.88
C THR G 41 -8.97 0.62 82.06
N PHE G 42 -8.22 1.66 81.74
CA PHE G 42 -6.76 1.68 81.87
C PHE G 42 -6.13 1.54 83.24
N THR G 43 -5.16 0.62 83.27
CA THR G 43 -4.38 0.23 84.44
C THR G 43 -2.95 -0.14 84.03
N GLU G 44 -2.05 -0.16 85.01
CA GLU G 44 -0.64 -0.54 84.82
C GLU G 44 -0.56 -2.01 84.38
N PRO G 45 0.02 -2.29 83.19
CA PRO G 45 0.21 -3.63 82.60
C PRO G 45 1.19 -4.64 83.22
N ILE G 46 0.66 -5.80 83.63
CA ILE G 46 1.49 -6.87 84.14
C ILE G 46 2.45 -7.35 83.05
N MET G 47 3.75 -7.10 83.18
CA MET G 47 4.66 -7.60 82.14
C MET G 47 5.87 -8.21 82.83
N TRP G 48 6.55 -9.11 82.13
CA TRP G 48 7.72 -9.74 82.70
C TRP G 48 8.91 -9.81 81.74
N LYS G 49 10.04 -9.20 82.12
CA LYS G 49 11.19 -9.24 81.24
C LYS G 49 11.64 -10.71 81.16
N LYS G 50 12.11 -11.14 80.00
CA LYS G 50 12.47 -12.53 79.82
C LYS G 50 13.94 -12.71 79.46
N ASP G 51 14.45 -13.92 79.68
CA ASP G 51 15.84 -14.23 79.41
C ASP G 51 15.92 -14.85 78.03
N HIS G 52 17.13 -15.17 77.59
CA HIS G 52 17.32 -15.72 76.26
C HIS G 52 16.98 -17.21 76.32
N ARG G 53 17.02 -17.74 77.54
CA ARG G 53 16.67 -19.14 77.83
C ARG G 53 15.20 -19.47 77.50
N HIS G 54 14.35 -18.44 77.49
CA HIS G 54 12.90 -18.49 77.16
C HIS G 54 12.03 -18.63 78.42
N HIS G 55 12.36 -17.87 79.45
CA HIS G 55 11.58 -17.84 80.68
C HIS G 55 11.66 -16.46 81.31
N ARG G 56 10.68 -16.12 82.15
CA ARG G 56 10.60 -14.80 82.75
C ARG G 56 11.73 -14.49 83.74
N VAL G 57 12.12 -13.22 83.80
CA VAL G 57 13.25 -12.80 84.63
C VAL G 57 12.88 -11.84 85.76
N GLU G 58 12.09 -10.82 85.44
CA GLU G 58 11.58 -9.92 86.48
C GLU G 58 10.19 -9.38 86.15
N GLN G 59 9.50 -8.88 87.18
CA GLN G 59 8.19 -8.25 86.99
C GLN G 59 8.19 -6.75 86.85
N LEU G 60 7.83 -6.30 85.66
CA LEU G 60 7.79 -4.90 85.30
C LEU G 60 6.36 -4.44 85.05
N THR G 61 6.17 -3.14 85.26
CA THR G 61 5.01 -2.42 84.83
C THR G 61 5.61 -1.32 83.98
N LEU G 62 4.80 -0.55 83.26
CA LEU G 62 5.39 0.53 82.48
C LEU G 62 5.96 1.57 83.40
N GLY G 63 5.28 1.80 84.53
CA GLY G 63 5.67 2.81 85.49
C GLY G 63 7.08 2.57 86.02
N SER G 64 7.46 1.31 86.14
CA SER G 64 8.83 0.96 86.54
C SER G 64 9.71 0.65 85.34
N LEU G 65 9.11 0.59 84.16
CA LEU G 65 9.84 0.40 82.91
C LEU G 65 10.38 1.72 82.37
N LEU G 66 9.89 2.83 82.91
CA LEU G 66 10.13 4.16 82.33
C LEU G 66 11.59 4.56 82.23
N GLU G 67 12.36 4.31 83.29
CA GLU G 67 13.79 4.65 83.29
C GLU G 67 14.64 3.43 82.91
N ALA G 68 14.11 2.25 83.11
CA ALA G 68 14.81 1.01 82.78
C ALA G 68 14.67 0.68 81.29
N LEU G 69 13.95 1.50 80.55
CA LEU G 69 13.61 1.23 79.17
C LEU G 69 14.83 1.20 78.26
N LYS G 70 14.82 0.25 77.32
CA LYS G 70 15.80 0.17 76.25
C LYS G 70 15.12 -0.08 74.92
N SER G 71 15.88 0.04 73.83
CA SER G 71 15.33 -0.09 72.50
C SER G 71 16.25 -0.89 71.58
N PRO G 72 15.67 -1.65 70.63
CA PRO G 72 14.25 -1.91 70.39
C PRO G 72 13.58 -2.83 71.42
N CYS G 73 12.25 -2.77 71.51
CA CYS G 73 11.50 -3.71 72.35
C CYS G 73 11.24 -5.03 71.61
N LEU G 74 11.53 -6.15 72.24
CA LEU G 74 11.04 -7.44 71.77
C LEU G 74 9.88 -7.84 72.68
N ILE G 75 9.39 -6.84 73.40
CA ILE G 75 8.35 -7.03 74.39
C ILE G 75 7.10 -7.61 73.74
N GLU G 76 6.57 -8.65 74.36
CA GLU G 76 5.48 -9.43 73.78
C GLU G 76 4.46 -9.84 74.82
N GLY G 77 3.34 -10.36 74.35
CA GLY G 77 2.26 -10.76 75.23
C GLY G 77 1.27 -11.56 74.42
N GLU G 78 0.36 -12.24 75.10
CA GLU G 78 -0.55 -13.15 74.41
C GLU G 78 -1.57 -12.32 73.64
N SER G 79 -1.96 -12.83 72.48
CA SER G 79 -2.83 -12.12 71.54
C SER G 79 -4.21 -11.75 72.08
N GLY G 80 -4.70 -10.61 71.62
CA GLY G 80 -6.01 -10.09 71.92
C GLY G 80 -5.91 -8.62 71.60
N LYS G 81 -6.17 -7.77 72.59
CA LYS G 81 -6.19 -6.35 72.36
C LYS G 81 -4.76 -5.92 72.63
N GLY G 82 -4.15 -6.60 73.61
CA GLY G 82 -2.72 -6.56 73.83
C GLY G 82 -2.20 -5.22 74.29
N LYS G 83 -1.42 -4.59 73.41
CA LYS G 83 -0.82 -3.29 73.66
C LYS G 83 -1.95 -2.27 73.62
N SER G 84 -3.06 -2.69 73.02
CA SER G 84 -4.27 -1.90 72.89
C SER G 84 -4.01 -0.41 72.58
N THR G 85 -4.61 0.49 73.34
CA THR G 85 -4.38 1.92 73.11
C THR G 85 -3.69 2.47 74.36
N LEU G 86 -3.45 1.53 75.28
CA LEU G 86 -2.88 1.73 76.60
C LEU G 86 -1.43 2.31 76.58
N LEU G 87 -0.68 2.01 75.52
CA LEU G 87 0.70 2.52 75.35
C LEU G 87 0.60 3.91 74.72
N GLN G 88 -0.55 4.12 74.11
CA GLN G 88 -0.91 5.28 73.30
C GLN G 88 -1.23 6.18 74.46
N ARG G 89 -1.81 5.61 75.51
CA ARG G 89 -2.26 6.42 76.61
C ARG G 89 -1.02 6.59 77.48
N ILE G 90 0.05 5.87 77.16
CA ILE G 90 1.25 5.90 78.00
C ILE G 90 1.92 7.18 77.46
N ALA G 91 1.81 7.34 76.15
CA ALA G 91 2.23 8.56 75.46
C ALA G 91 1.39 9.69 76.00
N MET G 92 0.12 9.39 76.24
CA MET G 92 -0.82 10.40 76.67
C MET G 92 -0.37 10.78 78.08
N LEU G 93 0.43 9.92 78.71
CA LEU G 93 0.93 10.17 80.06
C LEU G 93 2.10 11.12 79.89
N TRP G 94 2.88 10.91 78.83
CA TRP G 94 3.92 11.87 78.43
C TRP G 94 3.30 13.24 78.15
N ALA G 95 1.98 13.24 77.91
CA ALA G 95 1.27 14.44 77.51
C ALA G 95 0.20 14.79 78.54
N SER G 96 0.41 14.29 79.74
CA SER G 96 -0.48 14.48 80.88
C SER G 96 0.42 14.88 82.06
N GLY G 97 1.65 15.26 81.73
CA GLY G 97 2.59 15.73 82.73
C GLY G 97 3.21 14.57 83.50
N GLY G 98 3.28 13.41 82.85
CA GLY G 98 3.72 12.19 83.48
C GLY G 98 5.16 12.21 83.94
N CYS G 99 5.61 11.10 84.52
CA CYS G 99 6.99 11.00 85.03
C CYS G 99 8.04 11.43 83.99
N ARG G 100 9.13 11.99 84.51
CA ARG G 100 10.28 12.45 83.72
C ARG G 100 10.77 11.56 82.58
N ALA G 101 10.80 10.24 82.78
CA ALA G 101 11.26 9.36 81.71
C ALA G 101 10.27 9.18 80.55
N LEU G 102 9.14 9.89 80.61
CA LEU G 102 8.14 9.84 79.54
C LEU G 102 8.41 11.11 78.75
N LYS G 103 8.99 12.07 79.46
CA LYS G 103 9.42 13.32 78.85
C LYS G 103 10.91 13.26 78.50
N GLY G 104 11.43 12.04 78.44
CA GLY G 104 12.84 11.83 78.19
C GLY G 104 12.93 11.82 76.68
N PHE G 105 11.79 12.09 76.07
CA PHE G 105 11.61 12.10 74.63
C PHE G 105 10.85 13.35 74.20
N ARG G 106 11.49 14.22 73.42
CA ARG G 106 10.92 15.53 73.12
C ARG G 106 9.71 15.36 72.21
N LEU G 107 9.76 14.31 71.41
CA LEU G 107 8.70 13.92 70.47
C LEU G 107 8.34 12.44 70.54
N VAL G 108 7.06 12.13 70.44
CA VAL G 108 6.61 10.75 70.57
C VAL G 108 5.71 10.55 69.35
N PHE G 109 6.01 9.53 68.54
CA PHE G 109 5.14 9.15 67.44
C PHE G 109 4.58 7.72 67.38
N PHE G 110 3.27 7.66 67.51
CA PHE G 110 2.53 6.43 67.36
C PHE G 110 2.80 5.90 65.96
N ILE G 111 3.16 4.63 65.79
CA ILE G 111 3.39 4.12 64.44
C ILE G 111 2.50 2.93 64.11
N HIS G 112 2.00 2.90 62.87
CA HIS G 112 1.11 1.85 62.38
C HIS G 112 1.69 0.82 61.38
N LEU G 113 2.05 -0.35 61.92
CA LEU G 113 2.57 -1.52 61.19
C LEU G 113 1.43 -2.01 60.30
N ARG G 114 0.22 -1.94 60.84
CA ARG G 114 -1.00 -2.35 60.16
C ARG G 114 -1.32 -1.58 58.86
N SER G 115 -0.97 -0.30 58.73
CA SER G 115 -1.25 0.36 57.44
C SER G 115 -0.10 1.26 56.99
N ALA G 116 0.24 1.21 55.69
CA ALA G 116 1.38 1.98 55.18
C ALA G 116 1.22 2.40 53.72
N ARG G 117 1.80 3.55 53.38
CA ARG G 117 1.56 4.27 52.13
C ARG G 117 2.80 5.09 51.81
N GLY G 118 3.29 5.01 50.58
CA GLY G 118 4.36 5.90 50.16
C GLY G 118 3.88 7.33 49.96
N GLY G 119 4.76 8.30 50.21
CA GLY G 119 6.04 8.08 50.86
C GLY G 119 5.87 7.62 52.30
N LEU G 120 6.78 6.77 52.77
CA LEU G 120 6.49 5.90 53.90
C LEU G 120 6.37 6.69 55.19
N PHE G 121 7.13 7.78 55.28
CA PHE G 121 7.02 8.67 56.44
C PHE G 121 5.62 9.29 56.43
N GLU G 122 5.07 9.52 55.24
CA GLU G 122 3.74 10.13 55.17
C GLU G 122 2.68 9.16 55.67
N THR G 123 3.06 7.91 55.99
CA THR G 123 2.11 6.99 56.62
C THR G 123 1.67 7.69 57.88
N LEU G 124 2.63 8.34 58.53
CA LEU G 124 2.39 8.97 59.82
C LEU G 124 1.55 10.19 59.51
N TYR G 125 1.84 10.83 58.38
CA TYR G 125 1.06 11.97 57.92
C TYR G 125 -0.32 11.40 57.57
N ASP G 126 -0.36 10.24 56.93
CA ASP G 126 -1.65 9.60 56.63
C ASP G 126 -2.31 9.03 57.90
N GLN G 127 -1.64 9.17 59.04
CA GLN G 127 -2.16 8.66 60.32
C GLN G 127 -2.18 9.79 61.37
N LEU G 128 -0.99 10.19 61.82
CA LEU G 128 -0.83 11.24 62.84
C LEU G 128 -1.27 12.57 62.23
N LEU G 129 -0.94 12.75 60.95
CA LEU G 129 -1.22 13.97 60.21
C LEU G 129 -0.55 15.29 60.63
N ASN G 130 0.09 15.36 61.79
CA ASN G 130 0.70 16.64 62.15
C ASN G 130 2.05 16.96 61.44
N ILE G 131 2.36 16.21 60.39
CA ILE G 131 3.58 16.36 59.59
C ILE G 131 3.70 17.67 58.79
N PRO G 132 4.58 18.61 59.18
CA PRO G 132 4.68 19.85 58.38
C PRO G 132 5.07 19.61 56.90
N ASP G 133 4.56 20.47 56.01
CA ASP G 133 4.86 20.46 54.57
C ASP G 133 6.29 20.70 54.04
N PHE G 134 7.12 21.47 54.75
CA PHE G 134 8.51 21.70 54.31
C PHE G 134 9.38 20.46 54.38
N ILE G 135 9.22 19.72 55.45
CA ILE G 135 9.97 18.50 55.71
C ILE G 135 9.87 17.29 54.78
N SER G 136 10.76 17.25 53.79
CA SER G 136 10.87 16.12 52.86
C SER G 136 11.23 14.90 53.74
N LYS G 137 11.20 13.68 53.19
CA LYS G 137 11.62 12.51 53.97
C LYS G 137 13.11 12.52 54.42
N PRO G 138 14.07 12.95 53.55
CA PRO G 138 15.47 13.03 53.97
C PRO G 138 15.57 14.06 55.09
N THR G 139 14.90 15.18 54.87
CA THR G 139 14.83 16.30 55.79
C THR G 139 14.27 15.74 57.09
N PHE G 140 13.22 14.93 57.00
CA PHE G 140 12.60 14.34 58.18
C PHE G 140 13.54 13.39 58.95
N LYS G 141 14.39 12.63 58.24
CA LYS G 141 15.35 11.76 58.94
C LYS G 141 16.48 12.56 59.62
N ALA G 142 16.92 13.61 58.90
CA ALA G 142 17.96 14.55 59.36
C ALA G 142 17.50 15.30 60.58
N LEU G 143 16.24 15.72 60.52
CA LEU G 143 15.55 16.42 61.58
C LEU G 143 15.50 15.49 62.78
N LEU G 144 14.89 14.32 62.61
CA LEU G 144 14.83 13.37 63.73
C LEU G 144 16.20 13.14 64.34
N LEU G 145 17.27 13.21 63.54
CA LEU G 145 18.55 12.86 64.13
C LEU G 145 19.19 14.10 64.75
N LYS G 146 18.62 15.28 64.52
CA LYS G 146 19.17 16.48 65.12
C LYS G 146 19.28 16.33 66.66
N LEU G 147 18.44 15.42 67.17
CA LEU G 147 18.25 15.19 68.61
C LEU G 147 18.84 13.88 69.17
N HIS G 148 18.66 12.77 68.44
CA HIS G 148 19.27 11.46 68.76
C HIS G 148 18.86 10.64 70.00
N LYS G 149 17.64 10.78 70.51
CA LYS G 149 17.18 10.15 71.75
C LYS G 149 15.93 10.84 72.25
N GLU G 150 15.48 11.81 71.47
CA GLU G 150 14.44 12.68 71.98
C GLU G 150 13.15 12.40 71.26
N VAL G 151 13.08 11.19 70.70
CA VAL G 151 11.85 10.73 70.10
C VAL G 151 11.60 9.25 70.44
N LEU G 152 10.37 8.92 70.78
CA LEU G 152 9.96 7.53 71.02
C LEU G 152 8.91 7.14 69.99
N PHE G 153 8.91 5.89 69.53
CA PHE G 153 7.86 5.44 68.61
C PHE G 153 7.17 4.14 68.97
N LEU G 154 5.85 4.13 68.96
CA LEU G 154 5.18 2.84 69.23
C LEU G 154 4.80 2.17 67.92
N LEU G 155 5.09 0.89 67.75
CA LEU G 155 4.83 0.30 66.43
C LEU G 155 3.51 -0.37 66.74
N ASP G 156 2.46 -0.10 65.98
CA ASP G 156 1.19 -0.83 66.09
C ASP G 156 0.65 -1.80 65.01
N GLY G 157 0.67 -3.12 65.21
CA GLY G 157 0.34 -4.04 64.12
C GLY G 157 1.24 -5.15 63.61
N TYR G 158 1.73 -5.98 64.51
CA TYR G 158 2.60 -7.07 64.12
C TYR G 158 2.11 -8.30 63.34
N ASN G 159 0.85 -8.69 63.46
CA ASN G 159 0.40 -9.87 62.69
C ASN G 159 -0.23 -9.27 61.45
N GLU G 160 -0.88 -8.14 61.69
CA GLU G 160 -1.53 -7.34 60.67
C GLU G 160 -0.52 -7.03 59.58
N PHE G 161 0.75 -7.05 59.96
CA PHE G 161 1.84 -6.74 59.04
C PHE G 161 1.84 -7.74 57.89
N HIS G 162 2.22 -7.26 56.71
CA HIS G 162 2.19 -8.06 55.50
C HIS G 162 3.44 -7.75 54.69
N PRO G 163 3.64 -8.44 53.54
CA PRO G 163 4.79 -8.10 52.72
C PRO G 163 4.73 -6.72 52.03
N GLN G 164 3.56 -6.31 51.55
CA GLN G 164 3.45 -4.96 50.98
C GLN G 164 3.88 -3.88 51.98
N ASN G 165 4.69 -2.94 51.50
CA ASN G 165 5.15 -1.76 52.25
C ASN G 165 6.14 -2.13 53.37
N CYS G 166 6.70 -3.32 53.25
CA CYS G 166 7.67 -3.93 54.16
C CYS G 166 9.00 -3.16 54.38
N PRO G 167 9.58 -2.53 53.33
CA PRO G 167 10.80 -1.80 53.69
C PRO G 167 10.68 -0.50 54.47
N GLU G 168 11.82 -0.17 55.09
CA GLU G 168 11.96 0.87 56.12
C GLU G 168 10.93 0.67 57.24
N ILE G 169 10.81 -0.58 57.65
CA ILE G 169 10.01 -0.97 58.82
C ILE G 169 10.97 -1.53 59.86
N GLU G 170 12.00 -2.19 59.38
CA GLU G 170 12.99 -2.88 60.21
C GLU G 170 14.09 -1.87 60.43
N ALA G 171 14.03 -0.79 59.66
CA ALA G 171 15.05 0.26 59.69
C ALA G 171 14.91 1.04 60.99
N LEU G 172 13.68 1.17 61.50
CA LEU G 172 13.51 1.87 62.76
C LEU G 172 14.10 1.02 63.87
N ILE G 173 13.96 -0.31 63.75
CA ILE G 173 14.40 -1.26 64.77
C ILE G 173 15.86 -1.75 64.64
N LYS G 174 16.22 -2.29 63.48
CA LYS G 174 17.57 -2.79 63.23
C LYS G 174 18.57 -1.67 62.97
N GLU G 175 18.18 -0.72 62.13
CA GLU G 175 18.94 0.51 61.97
C GLU G 175 18.49 1.52 63.01
N ASN G 176 18.43 1.10 64.27
CA ASN G 176 18.09 2.00 65.37
C ASN G 176 19.37 2.51 66.02
N HIS G 177 20.44 1.76 65.76
CA HIS G 177 21.75 2.12 66.27
C HIS G 177 22.25 3.37 65.56
N ARG G 178 21.65 3.67 64.40
CA ARG G 178 21.90 4.92 63.69
C ARG G 178 20.68 5.81 63.47
N PHE G 179 19.60 5.53 64.19
CA PHE G 179 18.33 6.24 64.01
C PHE G 179 18.22 6.97 65.34
N LYS G 180 19.09 6.54 66.24
CA LYS G 180 19.22 7.07 67.60
C LYS G 180 17.99 7.31 68.46
N ASN G 181 16.78 7.16 67.95
CA ASN G 181 15.69 7.40 68.87
C ASN G 181 15.31 6.05 69.48
N MET G 182 14.63 6.06 70.61
CA MET G 182 14.15 4.80 71.17
C MET G 182 12.86 4.39 70.47
N VAL G 183 12.42 3.16 70.69
CA VAL G 183 11.16 2.71 70.09
C VAL G 183 10.60 1.41 70.67
N ILE G 184 9.28 1.32 70.77
CA ILE G 184 8.63 0.14 71.34
C ILE G 184 8.10 -0.62 70.13
N VAL G 185 8.60 -1.84 69.94
CA VAL G 185 8.28 -2.65 68.77
C VAL G 185 7.16 -3.67 68.98
N THR G 186 6.02 -3.45 68.33
CA THR G 186 4.84 -4.28 68.53
C THR G 186 5.11 -5.71 68.15
N THR G 187 4.55 -6.60 68.94
CA THR G 187 4.66 -8.01 68.65
C THR G 187 3.36 -8.73 69.00
N THR G 188 3.19 -9.88 68.38
CA THR G 188 2.03 -10.73 68.58
C THR G 188 2.96 -11.85 68.98
N THR G 189 2.57 -13.03 69.45
CA THR G 189 3.77 -13.80 69.67
C THR G 189 4.05 -14.81 68.58
N GLU G 190 3.13 -14.98 67.63
CA GLU G 190 3.32 -16.13 66.76
C GLU G 190 4.63 -15.78 66.04
N CYS G 191 4.58 -14.52 65.58
CA CYS G 191 5.55 -13.72 64.83
C CYS G 191 6.91 -13.29 65.40
N LEU G 192 6.98 -13.12 66.73
CA LEU G 192 8.15 -12.52 67.41
C LEU G 192 9.54 -12.93 66.92
N ARG G 193 9.67 -14.17 66.45
CA ARG G 193 10.99 -14.74 66.14
C ARG G 193 11.57 -14.10 64.86
N HIS G 194 10.86 -13.09 64.36
CA HIS G 194 11.23 -12.30 63.19
C HIS G 194 12.02 -11.09 63.62
N ILE G 195 12.07 -10.86 64.93
CA ILE G 195 12.86 -9.77 65.50
C ILE G 195 13.50 -10.14 66.83
N ARG G 196 13.55 -11.43 67.12
CA ARG G 196 14.21 -11.93 68.33
C ARG G 196 15.72 -11.63 68.32
N HIS G 197 16.19 -10.94 67.28
CA HIS G 197 17.60 -10.61 67.16
C HIS G 197 17.85 -9.12 66.90
N VAL G 198 16.84 -8.30 67.20
CA VAL G 198 16.95 -6.86 66.98
C VAL G 198 16.85 -5.94 68.21
N GLY G 199 15.92 -6.29 69.08
CA GLY G 199 15.65 -5.62 70.34
C GLY G 199 16.41 -5.75 71.64
N ALA G 200 16.89 -4.61 72.14
CA ALA G 200 17.74 -4.60 73.32
C ALA G 200 16.87 -4.74 74.57
N LEU G 201 15.55 -4.68 74.39
CA LEU G 201 14.62 -4.86 75.51
C LEU G 201 13.65 -5.98 75.13
N THR G 202 13.02 -6.61 76.13
CA THR G 202 12.11 -7.73 75.90
C THR G 202 11.30 -8.07 77.15
N ALA G 203 9.98 -8.13 77.02
CA ALA G 203 9.12 -8.42 78.16
C ALA G 203 7.87 -9.19 77.74
N GLU G 204 7.31 -9.93 78.69
CA GLU G 204 6.15 -10.76 78.40
C GLU G 204 4.97 -10.25 79.20
N VAL G 205 3.89 -9.87 78.51
CA VAL G 205 2.71 -9.40 79.20
C VAL G 205 2.11 -10.53 80.02
N GLY G 206 2.33 -10.46 81.33
CA GLY G 206 1.80 -11.45 82.24
C GLY G 206 0.30 -11.30 82.32
N ASP G 207 -0.39 -12.38 82.65
CA ASP G 207 -1.83 -12.32 82.77
C ASP G 207 -2.14 -11.34 83.89
N MET G 208 -3.17 -10.52 83.67
CA MET G 208 -3.62 -9.54 84.64
C MET G 208 -4.25 -10.22 85.86
N THR G 209 -4.26 -9.52 87.00
CA THR G 209 -4.92 -9.99 88.21
C THR G 209 -6.42 -10.13 87.93
N GLU G 210 -7.07 -11.13 88.53
CA GLU G 210 -8.51 -11.23 88.35
C GLU G 210 -9.17 -10.03 88.97
N ASP G 211 -8.73 -9.69 90.19
CA ASP G 211 -9.26 -8.56 90.93
C ASP G 211 -9.08 -7.25 90.17
N SER G 212 -7.89 -7.03 89.65
CA SER G 212 -7.59 -5.82 88.90
C SER G 212 -8.47 -5.74 87.65
N ALA G 213 -8.73 -6.90 87.07
CA ALA G 213 -9.53 -6.97 85.85
C ALA G 213 -10.99 -6.63 86.12
N LYS G 214 -11.32 -6.37 87.38
CA LYS G 214 -12.72 -6.23 87.70
C LYS G 214 -12.92 -4.75 87.59
N ASP G 215 -11.81 -4.07 87.30
CA ASP G 215 -11.79 -2.63 87.29
C ASP G 215 -12.24 -2.38 85.87
N LEU G 216 -12.12 -3.45 85.07
CA LEU G 216 -12.61 -3.38 83.71
C LEU G 216 -14.13 -3.44 83.82
N ILE G 217 -14.63 -4.49 84.49
CA ILE G 217 -16.07 -4.82 84.49
C ILE G 217 -16.90 -3.60 84.89
N GLU G 218 -16.37 -2.93 85.92
CA GLU G 218 -16.89 -1.75 86.59
C GLU G 218 -17.30 -0.59 85.69
N ALA G 219 -16.53 -0.36 84.63
CA ALA G 219 -16.79 0.76 83.75
C ALA G 219 -18.14 0.72 83.03
N VAL G 220 -18.64 -0.43 82.61
CA VAL G 220 -19.97 -0.40 82.01
C VAL G 220 -21.06 -0.77 83.02
N LEU G 221 -20.83 -1.85 83.76
CA LEU G 221 -21.77 -2.31 84.80
C LEU G 221 -22.01 -1.37 85.98
N VAL G 222 -23.19 -1.51 86.58
CA VAL G 222 -23.58 -0.75 87.77
C VAL G 222 -22.68 -1.38 88.86
N PRO G 223 -22.42 -0.69 89.99
CA PRO G 223 -21.49 -1.44 90.87
C PRO G 223 -22.09 -2.67 91.57
N ASP G 224 -23.41 -2.71 91.71
CA ASP G 224 -24.03 -3.88 92.33
C ASP G 224 -24.11 -4.97 91.28
N GLN G 225 -24.19 -4.55 90.02
CA GLN G 225 -24.25 -5.50 88.91
C GLN G 225 -22.89 -6.19 88.87
N VAL G 226 -21.85 -5.45 89.26
CA VAL G 226 -20.52 -6.00 89.22
C VAL G 226 -20.42 -6.95 90.39
N GLU G 227 -21.04 -6.59 91.52
CA GLU G 227 -20.97 -7.49 92.67
C GLU G 227 -21.73 -8.80 92.37
N ARG G 228 -22.79 -8.69 91.59
CA ARG G 228 -23.58 -9.86 91.19
C ARG G 228 -22.69 -10.77 90.37
N LEU G 229 -21.94 -10.18 89.44
CA LEU G 229 -20.97 -10.97 88.70
C LEU G 229 -19.89 -11.55 89.64
N TRP G 230 -19.49 -10.78 90.64
CA TRP G 230 -18.52 -11.23 91.62
C TRP G 230 -18.98 -12.44 92.39
N ALA G 231 -20.29 -12.55 92.59
CA ALA G 231 -20.88 -13.76 93.12
C ALA G 231 -20.85 -14.83 92.05
N GLN G 232 -21.07 -14.42 90.81
CA GLN G 232 -21.12 -15.35 89.69
C GLN G 232 -19.81 -16.06 89.36
N ILE G 233 -18.65 -15.45 89.58
CA ILE G 233 -17.46 -16.21 89.28
C ILE G 233 -17.09 -17.11 90.46
N GLN G 234 -17.86 -17.03 91.53
CA GLN G 234 -17.66 -17.89 92.69
C GLN G 234 -18.24 -19.27 92.42
N GLU G 235 -19.12 -19.30 91.42
CA GLU G 235 -19.76 -20.51 90.92
C GLU G 235 -18.76 -21.66 90.83
N SER G 236 -17.55 -21.35 90.37
CA SER G 236 -16.53 -22.34 90.09
C SER G 236 -15.19 -21.62 90.04
N ARG G 237 -14.12 -22.33 90.39
CA ARG G 237 -12.79 -21.74 90.41
C ARG G 237 -12.31 -21.47 88.98
N CYS G 238 -12.75 -22.32 88.06
CA CYS G 238 -12.46 -22.11 86.64
C CYS G 238 -13.12 -20.84 86.13
N LEU G 239 -14.33 -20.55 86.63
CA LEU G 239 -14.98 -19.28 86.31
C LEU G 239 -14.29 -18.11 87.01
N ARG G 240 -13.87 -18.34 88.26
CA ARG G 240 -13.25 -17.31 89.07
C ARG G 240 -11.92 -16.85 88.47
N ASN G 241 -11.20 -17.77 87.83
CA ASN G 241 -9.89 -17.44 87.29
C ASN G 241 -9.95 -16.92 85.85
N LEU G 242 -11.16 -16.84 85.29
CA LEU G 242 -11.32 -16.36 83.93
C LEU G 242 -10.89 -14.90 83.84
N MET G 243 -11.16 -14.17 84.92
CA MET G 243 -10.77 -12.76 85.02
C MET G 243 -9.27 -12.46 84.95
N LYS G 244 -8.43 -13.48 84.76
CA LYS G 244 -7.00 -13.22 84.65
C LYS G 244 -6.73 -12.35 83.44
N THR G 245 -7.45 -12.63 82.36
CA THR G 245 -7.32 -11.88 81.13
C THR G 245 -8.53 -10.98 80.94
N PRO G 246 -8.33 -9.82 80.31
CA PRO G 246 -9.37 -8.84 79.99
C PRO G 246 -10.37 -9.39 78.95
N LEU G 247 -9.92 -10.30 78.11
CA LEU G 247 -10.77 -10.96 77.10
C LEU G 247 -11.94 -11.77 77.68
N PHE G 248 -11.69 -12.58 78.71
CA PHE G 248 -12.75 -13.35 79.36
C PHE G 248 -13.78 -12.40 79.95
N VAL G 249 -13.25 -11.31 80.49
CA VAL G 249 -14.07 -10.25 81.04
C VAL G 249 -14.94 -9.72 79.91
N VAL G 250 -14.35 -9.52 78.73
CA VAL G 250 -15.11 -9.01 77.57
C VAL G 250 -16.21 -9.98 77.17
N ILE G 251 -15.90 -11.27 77.31
CA ILE G 251 -16.82 -12.37 77.05
C ILE G 251 -18.04 -12.34 77.96
N THR G 252 -17.86 -11.96 79.22
CA THR G 252 -19.04 -11.81 80.07
C THR G 252 -19.61 -10.38 80.07
N CYS G 253 -18.85 -9.42 79.55
CA CYS G 253 -19.27 -8.02 79.52
C CYS G 253 -20.29 -7.80 78.41
N ALA G 254 -20.11 -8.56 77.31
CA ALA G 254 -21.01 -8.47 76.16
C ALA G 254 -22.44 -8.94 76.48
N ILE G 255 -22.65 -9.47 77.68
CA ILE G 255 -23.91 -10.15 78.00
C ILE G 255 -24.83 -9.27 78.87
N GLN G 256 -24.25 -8.27 79.52
CA GLN G 256 -25.00 -7.40 80.45
C GLN G 256 -26.04 -6.48 79.81
N MET G 257 -26.02 -6.36 78.48
CA MET G 257 -26.89 -5.43 77.77
C MET G 257 -28.38 -5.73 77.96
N GLY G 258 -28.70 -7.00 78.17
CA GLY G 258 -30.06 -7.39 78.45
C GLY G 258 -30.39 -7.79 79.88
N ARG G 259 -29.37 -7.88 80.73
CA ARG G 259 -29.55 -8.48 82.06
C ARG G 259 -28.93 -7.73 83.23
N GLN G 260 -29.61 -7.77 84.36
CA GLN G 260 -29.08 -7.20 85.61
C GLN G 260 -28.12 -8.15 86.32
N GLU G 261 -28.40 -9.45 86.24
CA GLU G 261 -27.41 -10.46 86.61
C GLU G 261 -27.57 -11.67 85.70
N PHE G 262 -26.47 -12.30 85.36
CA PHE G 262 -26.50 -13.40 84.40
C PHE G 262 -25.45 -14.46 84.65
N GLN G 263 -25.68 -15.62 84.04
CA GLN G 263 -24.68 -16.65 83.85
C GLN G 263 -24.91 -17.21 82.45
N ALA G 264 -24.09 -18.16 82.02
CA ALA G 264 -24.29 -18.78 80.72
C ALA G 264 -25.22 -20.03 80.62
N HIS G 265 -25.34 -20.88 81.64
CA HIS G 265 -24.68 -20.81 82.94
C HIS G 265 -23.34 -21.51 82.89
N THR G 266 -23.12 -22.25 81.81
CA THR G 266 -21.91 -23.04 81.71
C THR G 266 -20.72 -22.14 81.46
N GLN G 267 -19.57 -22.53 82.00
CA GLN G 267 -18.38 -21.72 81.80
C GLN G 267 -17.99 -21.80 80.33
N THR G 268 -18.30 -22.94 79.71
CA THR G 268 -18.17 -23.21 78.27
C THR G 268 -19.11 -22.46 77.29
N MET G 269 -20.35 -22.20 77.68
CA MET G 269 -21.29 -21.51 76.78
C MET G 269 -20.91 -20.04 76.66
N LEU G 270 -20.19 -19.57 77.66
CA LEU G 270 -19.59 -18.24 77.72
C LEU G 270 -18.54 -18.18 76.61
N PHE G 271 -17.74 -19.23 76.65
CA PHE G 271 -16.58 -19.58 75.83
C PHE G 271 -16.92 -19.70 74.30
N GLN G 272 -18.12 -20.22 74.01
CA GLN G 272 -18.61 -20.39 72.62
C GLN G 272 -18.85 -19.09 71.85
N THR G 273 -19.40 -18.09 72.54
CA THR G 273 -19.62 -16.77 71.94
C THR G 273 -18.27 -16.24 71.46
N PHE G 274 -17.25 -16.42 72.30
CA PHE G 274 -15.90 -15.97 72.02
C PHE G 274 -15.43 -16.73 70.75
N TYR G 275 -15.69 -18.04 70.66
CA TYR G 275 -15.25 -18.80 69.45
C TYR G 275 -15.89 -18.19 68.20
N ASP G 276 -17.20 -17.95 68.23
CA ASP G 276 -17.91 -17.36 67.11
C ASP G 276 -17.28 -15.99 66.75
N LEU G 277 -16.86 -15.23 67.76
CA LEU G 277 -16.22 -13.92 67.56
C LEU G 277 -14.92 -14.15 66.78
N LEU G 278 -14.24 -15.23 67.14
CA LEU G 278 -13.01 -15.66 66.49
C LEU G 278 -13.32 -15.90 65.01
N ILE G 279 -14.44 -16.57 64.71
CA ILE G 279 -14.86 -16.82 63.32
C ILE G 279 -15.09 -15.45 62.64
N GLN G 280 -15.71 -14.53 63.37
CA GLN G 280 -16.08 -13.17 62.94
C GLN G 280 -14.88 -12.34 62.46
N LYS G 281 -13.81 -12.45 63.22
CA LYS G 281 -12.55 -11.74 63.02
C LYS G 281 -11.88 -12.28 61.77
N ASN G 282 -11.92 -13.58 61.59
CA ASN G 282 -11.13 -14.21 60.55
C ASN G 282 -11.91 -14.37 59.27
N SER G 283 -13.16 -13.89 59.17
CA SER G 283 -13.82 -14.17 57.90
C SER G 283 -13.02 -13.50 56.78
N HIS G 284 -12.47 -12.30 56.99
CA HIS G 284 -11.77 -11.65 55.88
C HIS G 284 -10.48 -12.47 55.68
N ARG G 285 -10.10 -13.12 56.79
CA ARG G 285 -8.90 -13.95 56.97
C ARG G 285 -9.21 -15.42 56.83
N TYR G 286 -9.64 -15.85 55.66
CA TYR G 286 -9.98 -17.25 55.52
C TYR G 286 -8.68 -17.96 55.19
N ARG G 287 -7.77 -17.23 54.56
CA ARG G 287 -6.44 -17.72 54.21
C ARG G 287 -6.45 -19.13 53.62
N GLY G 288 -7.18 -19.31 52.52
CA GLY G 288 -7.42 -20.64 51.99
C GLY G 288 -8.77 -21.20 52.39
N GLY G 289 -9.16 -22.30 51.79
CA GLY G 289 -10.46 -22.88 52.03
C GLY G 289 -11.50 -22.05 51.30
N ALA G 290 -12.76 -22.45 51.36
CA ALA G 290 -13.79 -21.74 50.62
C ALA G 290 -14.67 -20.97 51.59
N SER G 291 -14.94 -19.71 51.29
CA SER G 291 -15.85 -18.90 52.11
C SER G 291 -15.38 -18.90 53.56
N GLY G 292 -16.29 -19.29 54.46
CA GLY G 292 -15.94 -19.50 55.85
C GLY G 292 -15.42 -20.89 56.19
N ASP G 293 -15.29 -21.77 55.20
CA ASP G 293 -14.98 -23.17 55.50
C ASP G 293 -13.54 -23.38 55.96
N PHE G 294 -12.82 -22.30 56.22
CA PHE G 294 -11.50 -22.42 56.83
C PHE G 294 -11.76 -22.87 58.27
N ALA G 295 -12.90 -22.43 58.79
CA ALA G 295 -13.53 -22.92 60.04
C ALA G 295 -13.56 -24.44 60.13
N ARG G 296 -13.77 -25.05 58.97
CA ARG G 296 -13.88 -26.49 58.77
C ARG G 296 -12.56 -27.16 59.14
N SER G 297 -11.47 -26.43 58.99
CA SER G 297 -10.16 -26.93 59.36
C SER G 297 -10.12 -27.15 60.87
N LEU G 298 -10.71 -26.29 61.70
CA LEU G 298 -10.68 -26.58 63.13
C LEU G 298 -11.46 -27.90 63.32
N ASP G 299 -12.57 -28.03 62.60
CA ASP G 299 -13.35 -29.27 62.57
C ASP G 299 -12.50 -30.41 62.01
N TYR G 300 -11.67 -30.11 61.01
CA TYR G 300 -10.78 -31.14 60.43
C TYR G 300 -9.93 -31.64 61.59
N CYS G 301 -9.47 -30.73 62.44
CA CYS G 301 -8.69 -31.14 63.60
C CYS G 301 -9.65 -31.23 64.80
N GLY G 302 -10.93 -31.44 64.52
CA GLY G 302 -11.93 -31.54 65.57
C GLY G 302 -11.70 -32.68 66.55
N ASP G 303 -11.35 -33.85 66.02
CA ASP G 303 -11.02 -35.02 66.83
C ASP G 303 -9.72 -34.78 67.62
N LEU G 304 -9.05 -33.70 67.27
CA LEU G 304 -7.80 -33.16 67.86
C LEU G 304 -8.26 -32.29 69.02
N ALA G 305 -9.26 -31.47 68.73
CA ALA G 305 -9.87 -30.54 69.67
C ALA G 305 -10.42 -31.49 70.72
N LEU G 306 -10.94 -32.61 70.25
CA LEU G 306 -11.52 -33.67 71.06
C LEU G 306 -10.35 -34.07 71.95
N GLU G 307 -9.23 -34.38 71.33
CA GLU G 307 -8.00 -34.74 72.05
C GLU G 307 -7.49 -33.69 73.03
N GLY G 308 -7.72 -32.40 72.84
CA GLY G 308 -7.21 -31.51 73.87
C GLY G 308 -7.80 -31.91 75.22
N VAL G 309 -9.12 -32.09 75.34
CA VAL G 309 -9.65 -32.54 76.61
C VAL G 309 -9.07 -33.96 76.81
N PHE G 310 -9.13 -34.74 75.74
CA PHE G 310 -8.71 -36.14 75.73
C PHE G 310 -7.23 -36.50 75.85
N ALA G 311 -6.33 -35.79 75.19
CA ALA G 311 -4.91 -36.17 75.37
C ALA G 311 -4.23 -35.50 76.56
N HIS G 312 -5.03 -35.22 77.59
CA HIS G 312 -4.58 -34.52 78.82
C HIS G 312 -3.87 -33.21 78.61
N LYS G 313 -3.80 -32.75 77.37
CA LYS G 313 -3.10 -31.52 77.07
C LYS G 313 -3.80 -30.76 75.96
N PHE G 314 -3.75 -29.44 76.03
CA PHE G 314 -4.25 -28.63 74.94
C PHE G 314 -3.14 -28.36 73.96
N ASP G 315 -1.99 -29.04 74.10
CA ASP G 315 -0.94 -28.74 73.15
C ASP G 315 -0.76 -29.80 72.07
N PHE G 316 -0.62 -29.34 70.83
CA PHE G 316 -0.46 -30.20 69.66
C PHE G 316 0.70 -29.81 68.76
N GLU G 317 1.10 -30.70 67.86
CA GLU G 317 2.13 -30.33 66.90
C GLU G 317 1.44 -30.51 65.57
N PRO G 318 1.48 -29.50 64.70
CA PRO G 318 0.73 -29.61 63.45
C PRO G 318 1.32 -30.70 62.57
N GLU G 319 0.45 -31.39 61.84
CA GLU G 319 0.79 -32.58 61.09
C GLU G 319 1.81 -32.33 59.98
N HIS G 320 2.77 -33.23 59.83
CA HIS G 320 3.82 -33.09 58.83
C HIS G 320 3.27 -33.27 57.41
N GLY G 321 3.58 -32.32 56.54
CA GLY G 321 2.97 -32.22 55.22
C GLY G 321 1.89 -31.17 55.11
N SER G 322 1.02 -31.32 54.11
CA SER G 322 0.06 -30.28 53.73
C SER G 322 -0.92 -29.91 54.84
N SER G 323 -1.02 -30.76 55.86
CA SER G 323 -1.92 -30.49 56.96
C SER G 323 -1.31 -29.53 57.98
N MET G 324 -0.18 -28.91 57.64
CA MET G 324 0.50 -28.14 58.67
C MET G 324 -0.26 -26.81 58.70
N ASN G 325 -1.31 -26.80 57.89
CA ASN G 325 -2.01 -25.59 57.56
C ASN G 325 -3.04 -25.52 58.65
N GLU G 326 -3.03 -26.57 59.48
CA GLU G 326 -3.95 -26.66 60.60
C GLU G 326 -3.53 -25.50 61.49
N ASP G 327 -2.23 -25.22 61.56
CA ASP G 327 -1.80 -24.14 62.45
C ASP G 327 -2.31 -22.77 61.91
N VAL G 328 -3.22 -22.84 60.93
CA VAL G 328 -4.16 -21.78 60.58
C VAL G 328 -4.81 -21.25 61.84
N LEU G 329 -5.08 -22.13 62.79
CA LEU G 329 -5.71 -21.76 64.03
C LEU G 329 -4.79 -20.87 64.86
N VAL G 330 -3.48 -21.00 64.69
CA VAL G 330 -2.59 -20.08 65.39
C VAL G 330 -2.80 -18.72 64.75
N THR G 331 -2.95 -18.73 63.43
CA THR G 331 -3.23 -17.51 62.69
C THR G 331 -4.60 -16.99 63.16
N ILE G 332 -5.56 -17.91 63.36
CA ILE G 332 -6.89 -17.53 63.86
C ILE G 332 -6.93 -17.13 65.33
N GLY G 333 -6.08 -17.75 66.13
CA GLY G 333 -5.95 -17.43 67.54
C GLY G 333 -6.69 -18.44 68.40
N LEU G 334 -7.20 -19.48 67.75
CA LEU G 334 -7.87 -20.58 68.43
C LEU G 334 -6.79 -21.38 69.13
N LEU G 335 -5.67 -21.47 68.42
CA LEU G 335 -4.45 -22.10 68.88
C LEU G 335 -3.21 -21.19 68.84
N CYS G 336 -3.20 -20.02 69.50
CA CYS G 336 -1.99 -19.21 69.33
C CYS G 336 -0.82 -19.90 70.01
N LYS G 337 0.35 -19.83 69.39
CA LYS G 337 1.59 -20.35 69.96
C LYS G 337 2.82 -19.53 70.42
N TYR G 338 3.45 -20.03 71.49
CA TYR G 338 4.59 -19.41 72.19
C TYR G 338 5.86 -19.63 71.34
N THR G 339 6.65 -18.63 70.96
CA THR G 339 7.90 -19.00 70.28
C THR G 339 8.86 -19.69 71.27
N ALA G 340 9.54 -20.74 70.80
CA ALA G 340 10.43 -21.57 71.62
C ALA G 340 11.14 -22.62 70.76
N GLN G 341 12.29 -23.12 71.22
CA GLN G 341 13.04 -24.12 70.46
C GLN G 341 12.40 -25.51 70.50
N ARG G 342 12.04 -25.98 69.31
CA ARG G 342 11.35 -27.25 69.05
C ARG G 342 9.89 -27.05 69.40
N LEU G 343 9.43 -25.85 69.07
CA LEU G 343 8.09 -25.37 69.32
C LEU G 343 6.95 -26.15 68.68
N LYS G 344 5.93 -26.41 69.49
CA LYS G 344 4.67 -26.94 68.98
C LYS G 344 3.47 -26.24 69.59
N PRO G 345 2.45 -25.96 68.75
CA PRO G 345 1.18 -25.27 68.94
C PRO G 345 0.48 -25.61 70.27
N THR G 346 -0.40 -24.71 70.71
CA THR G 346 -1.22 -24.88 71.92
C THR G 346 -2.43 -24.05 71.60
N TYR G 347 -3.54 -24.23 72.32
CA TYR G 347 -4.68 -23.33 72.17
C TYR G 347 -4.69 -22.02 72.93
N LYS G 348 -3.79 -21.84 73.89
CA LYS G 348 -3.86 -20.66 74.74
C LYS G 348 -3.83 -19.43 73.85
N PHE G 349 -4.76 -18.51 74.08
CA PHE G 349 -4.65 -17.16 73.57
C PHE G 349 -4.37 -16.31 74.78
N PHE G 350 -4.02 -17.02 75.85
CA PHE G 350 -4.40 -16.76 77.24
C PHE G 350 -5.31 -17.95 77.58
N HIS G 351 -4.87 -18.84 78.47
CA HIS G 351 -5.72 -19.93 78.99
C HIS G 351 -6.10 -20.98 77.94
N LYS G 352 -5.26 -21.98 77.72
CA LYS G 352 -5.56 -23.02 76.73
C LYS G 352 -6.79 -23.88 77.05
N SER G 353 -7.12 -23.96 78.33
CA SER G 353 -8.30 -24.72 78.76
C SER G 353 -9.58 -24.17 78.15
N PHE G 354 -9.46 -23.01 77.54
CA PHE G 354 -10.58 -22.35 76.92
C PHE G 354 -11.19 -23.24 75.83
N GLN G 355 -10.32 -23.99 75.16
CA GLN G 355 -10.73 -24.97 74.15
C GLN G 355 -11.55 -26.19 74.61
N GLU G 356 -11.86 -26.28 75.89
CA GLU G 356 -12.65 -27.41 76.39
C GLU G 356 -14.07 -27.56 75.81
N TYR G 357 -14.75 -26.45 75.58
CA TYR G 357 -16.07 -26.48 74.97
C TYR G 357 -16.01 -27.08 73.58
N THR G 358 -15.03 -26.69 72.77
CA THR G 358 -14.98 -27.21 71.40
C THR G 358 -14.84 -28.73 71.44
N ALA G 359 -14.08 -29.25 72.40
CA ALA G 359 -13.96 -30.70 72.49
C ALA G 359 -15.31 -31.31 72.84
N GLY G 360 -16.06 -30.64 73.69
CA GLY G 360 -17.39 -31.09 74.03
C GLY G 360 -18.27 -30.93 72.80
N ARG G 361 -18.07 -29.80 72.10
CA ARG G 361 -18.77 -29.48 70.85
C ARG G 361 -18.57 -30.47 69.72
N ARG G 362 -17.35 -30.98 69.58
CA ARG G 362 -17.04 -31.96 68.55
C ARG G 362 -17.89 -33.17 68.89
N LEU G 363 -17.99 -33.51 70.16
CA LEU G 363 -18.76 -34.68 70.59
C LEU G 363 -20.20 -34.39 70.15
N SER G 364 -20.66 -33.17 70.39
CA SER G 364 -22.01 -32.77 70.00
C SER G 364 -22.16 -32.88 68.49
N SER G 365 -21.13 -32.47 67.75
CA SER G 365 -21.16 -32.52 66.30
C SER G 365 -21.33 -33.98 65.90
N LEU G 366 -20.79 -34.87 66.73
CA LEU G 366 -20.93 -36.30 66.52
C LEU G 366 -22.38 -36.71 66.87
N LEU G 367 -22.90 -36.23 68.00
CA LEU G 367 -24.25 -36.59 68.45
C LEU G 367 -25.37 -36.07 67.54
N THR G 368 -25.21 -34.88 66.98
CA THR G 368 -26.21 -34.27 66.11
C THR G 368 -25.94 -34.63 64.65
N SER G 369 -25.07 -35.61 64.45
CA SER G 369 -24.62 -35.96 63.12
C SER G 369 -25.63 -36.79 62.35
N LYS G 370 -25.48 -36.77 61.03
CA LYS G 370 -26.42 -37.34 60.08
C LYS G 370 -26.77 -38.82 60.34
N GLU G 371 -25.93 -39.51 61.09
CA GLU G 371 -26.16 -40.93 61.35
C GLU G 371 -25.76 -41.38 62.76
N PRO G 372 -26.49 -42.39 63.27
CA PRO G 372 -26.24 -43.10 64.52
C PRO G 372 -24.79 -43.57 64.75
N GLU G 373 -24.09 -44.05 63.72
CA GLU G 373 -22.70 -44.49 63.89
C GLU G 373 -21.73 -43.37 64.31
N GLU G 374 -21.90 -42.17 63.77
CA GLU G 374 -21.07 -41.04 64.18
C GLU G 374 -21.40 -40.72 65.63
N VAL G 375 -22.67 -40.81 65.98
CA VAL G 375 -23.10 -40.57 67.35
C VAL G 375 -22.47 -41.59 68.30
N SER G 376 -22.47 -42.86 67.92
CA SER G 376 -21.84 -43.95 68.68
C SER G 376 -20.33 -43.77 68.75
N LYS G 377 -19.79 -43.13 67.71
CA LYS G 377 -18.38 -42.76 67.68
C LYS G 377 -18.20 -41.73 68.78
N GLY G 378 -19.15 -40.81 68.88
CA GLY G 378 -19.19 -39.82 69.94
C GLY G 378 -19.33 -40.54 71.26
N ASN G 379 -20.19 -41.57 71.25
CA ASN G 379 -20.41 -42.45 72.39
C ASN G 379 -19.13 -43.20 72.76
N SER G 380 -18.33 -43.57 71.76
CA SER G 380 -17.12 -44.36 72.01
C SER G 380 -16.08 -43.51 72.74
N TYR G 381 -16.31 -42.20 72.68
CA TYR G 381 -15.51 -41.21 73.38
C TYR G 381 -15.91 -41.23 74.87
N LEU G 382 -16.97 -42.00 75.18
CA LEU G 382 -17.44 -42.19 76.56
C LEU G 382 -16.94 -43.52 77.06
N ASN G 383 -16.10 -44.17 76.27
CA ASN G 383 -15.59 -45.49 76.61
C ASN G 383 -14.19 -45.12 77.09
N LYS G 384 -13.98 -43.81 77.08
CA LYS G 384 -12.71 -43.16 77.37
C LYS G 384 -12.74 -42.67 78.81
N MET G 385 -13.95 -42.56 79.35
CA MET G 385 -14.20 -41.86 80.62
C MET G 385 -14.86 -42.72 81.69
N VAL G 386 -14.34 -42.63 82.92
CA VAL G 386 -14.87 -43.35 84.07
C VAL G 386 -15.56 -42.51 85.16
N SER G 387 -16.88 -42.52 85.18
CA SER G 387 -17.66 -41.72 86.15
C SER G 387 -17.38 -40.22 86.35
N ILE G 388 -17.89 -39.66 87.46
CA ILE G 388 -17.68 -38.24 87.77
C ILE G 388 -16.19 -38.14 88.03
N SER G 389 -15.68 -39.18 88.69
CA SER G 389 -14.28 -39.38 89.10
C SER G 389 -13.38 -38.29 88.58
N ASP G 390 -13.38 -38.22 87.26
CA ASP G 390 -12.54 -37.40 86.43
C ASP G 390 -12.80 -35.89 86.55
N ILE G 391 -13.56 -35.48 87.56
CA ILE G 391 -13.67 -34.06 87.91
C ILE G 391 -12.28 -33.46 88.18
N THR G 392 -11.32 -34.32 88.47
CA THR G 392 -9.95 -33.93 88.72
C THR G 392 -9.19 -33.59 87.44
N SER G 393 -9.76 -33.95 86.30
CA SER G 393 -9.05 -33.79 85.03
C SER G 393 -9.99 -33.44 83.89
N LEU G 394 -9.41 -33.27 82.72
CA LEU G 394 -10.13 -32.72 81.59
C LEU G 394 -11.41 -33.44 81.17
N TYR G 395 -11.60 -34.73 81.47
CA TYR G 395 -12.88 -35.25 81.00
C TYR G 395 -13.97 -35.12 82.07
N GLY G 396 -13.68 -34.56 83.25
CA GLY G 396 -14.72 -34.54 84.27
C GLY G 396 -15.95 -33.74 83.91
N ASN G 397 -15.60 -32.53 83.50
CA ASN G 397 -16.36 -31.37 83.01
C ASN G 397 -16.85 -31.52 81.57
N LEU G 398 -16.17 -32.41 80.86
CA LEU G 398 -16.38 -32.79 79.48
C LEU G 398 -17.83 -33.16 79.23
N LEU G 399 -18.51 -33.87 80.13
CA LEU G 399 -19.85 -34.25 79.77
C LEU G 399 -20.75 -33.02 79.80
N LEU G 400 -20.35 -32.05 80.61
CA LEU G 400 -20.99 -30.76 80.72
C LEU G 400 -20.91 -30.06 79.37
N TYR G 401 -19.73 -30.13 78.79
CA TYR G 401 -19.42 -29.48 77.54
C TYR G 401 -20.14 -30.22 76.44
N THR G 402 -20.31 -31.52 76.61
CA THR G 402 -21.10 -32.29 75.66
C THR G 402 -22.55 -31.79 75.70
N CYS G 403 -23.09 -31.66 76.91
CA CYS G 403 -24.46 -31.19 77.13
C CYS G 403 -24.85 -29.73 76.81
N GLY G 404 -23.97 -28.77 77.03
CA GLY G 404 -24.27 -27.37 76.74
C GLY G 404 -24.45 -27.28 75.24
N SER G 405 -23.76 -28.20 74.60
CA SER G 405 -23.65 -28.40 73.17
C SER G 405 -24.95 -28.99 72.60
N SER G 406 -25.56 -29.97 73.29
CA SER G 406 -26.74 -30.65 72.74
C SER G 406 -27.82 -31.00 73.79
N THR G 407 -29.05 -31.10 73.31
CA THR G 407 -30.26 -31.38 74.10
C THR G 407 -30.65 -32.79 74.58
N GLU G 408 -31.43 -33.44 73.72
CA GLU G 408 -31.96 -34.80 73.83
C GLU G 408 -30.85 -35.84 73.88
N ALA G 409 -29.79 -35.53 73.16
CA ALA G 409 -28.61 -36.36 73.01
C ALA G 409 -27.96 -36.61 74.36
N THR G 410 -27.94 -35.64 75.28
CA THR G 410 -27.39 -35.96 76.58
C THR G 410 -28.13 -37.07 77.37
N ARG G 411 -29.25 -37.59 76.84
CA ARG G 411 -29.83 -38.81 77.41
C ARG G 411 -28.87 -39.99 77.24
N ALA G 412 -28.15 -39.95 76.12
CA ALA G 412 -27.08 -40.89 75.81
C ALA G 412 -25.97 -40.74 76.86
N VAL G 413 -25.77 -39.49 77.29
CA VAL G 413 -24.78 -39.15 78.30
C VAL G 413 -25.34 -39.78 79.57
N MET G 414 -26.63 -39.66 79.81
CA MET G 414 -27.19 -40.16 81.04
C MET G 414 -27.05 -41.68 81.04
N ARG G 415 -27.02 -42.29 79.85
CA ARG G 415 -26.84 -43.74 79.82
C ARG G 415 -25.49 -44.14 80.41
N HIS G 416 -24.43 -43.40 80.10
CA HIS G 416 -23.14 -43.77 80.71
C HIS G 416 -23.13 -43.47 82.19
N LEU G 417 -23.99 -42.56 82.62
CA LEU G 417 -24.07 -42.27 84.04
C LEU G 417 -24.67 -43.48 84.77
N ALA G 418 -25.22 -44.41 84.01
CA ALA G 418 -25.84 -45.57 84.60
C ALA G 418 -24.84 -46.73 84.49
N MET G 419 -23.72 -46.45 83.81
CA MET G 419 -22.75 -47.47 83.41
C MET G 419 -21.58 -47.29 84.36
N VAL G 420 -21.82 -46.42 85.33
CA VAL G 420 -20.89 -46.06 86.40
C VAL G 420 -21.02 -47.03 87.57
N TYR G 421 -19.94 -47.75 87.86
CA TYR G 421 -19.97 -48.81 88.86
C TYR G 421 -18.78 -48.59 89.78
N GLN G 422 -18.06 -47.52 89.50
CA GLN G 422 -16.80 -47.22 90.15
C GLN G 422 -17.05 -46.37 91.37
N HIS G 423 -18.19 -45.69 91.37
CA HIS G 423 -18.62 -44.82 92.47
C HIS G 423 -17.75 -43.58 92.56
N GLY G 424 -17.14 -43.21 91.45
CA GLY G 424 -16.14 -42.16 91.38
C GLY G 424 -14.74 -42.63 91.74
N SER G 425 -14.11 -41.96 92.71
CA SER G 425 -12.86 -42.45 93.28
C SER G 425 -12.81 -42.17 94.78
N LEU G 426 -12.26 -43.12 95.54
CA LEU G 426 -12.26 -43.02 96.99
C LEU G 426 -11.02 -42.33 97.55
N GLN G 427 -10.05 -42.03 96.69
CA GLN G 427 -8.77 -41.51 97.17
C GLN G 427 -8.93 -40.08 97.64
N GLY G 428 -8.36 -39.78 98.81
CA GLY G 428 -8.41 -38.44 99.38
C GLY G 428 -9.72 -38.06 100.06
N LEU G 429 -10.63 -39.02 100.18
CA LEU G 429 -11.96 -38.76 100.73
C LEU G 429 -12.28 -39.75 101.84
N SER G 430 -13.05 -39.30 102.83
CA SER G 430 -13.34 -40.12 104.00
C SER G 430 -14.66 -39.77 104.69
N VAL G 431 -15.48 -40.78 104.95
CA VAL G 431 -16.78 -40.66 105.61
C VAL G 431 -16.68 -39.92 106.95
N THR G 432 -15.46 -39.65 107.38
CA THR G 432 -15.23 -38.92 108.61
C THR G 432 -14.64 -37.53 108.37
N LYS G 433 -14.96 -36.93 107.22
CA LYS G 433 -14.46 -35.61 106.89
C LYS G 433 -15.63 -34.63 106.94
N ARG G 434 -16.83 -35.12 106.66
CA ARG G 434 -18.03 -34.27 106.66
C ARG G 434 -18.36 -33.79 108.09
N PRO G 435 -18.49 -34.70 109.07
CA PRO G 435 -18.73 -34.20 110.44
C PRO G 435 -17.54 -33.47 111.06
N LEU G 436 -16.34 -33.78 110.61
CA LEU G 436 -15.06 -33.24 111.13
C LEU G 436 -14.65 -33.89 112.45
N TRP G 437 -14.99 -35.17 112.62
CA TRP G 437 -14.75 -35.84 113.89
C TRP G 437 -13.92 -37.12 113.75
N ARG G 438 -13.23 -37.49 114.82
CA ARG G 438 -12.57 -38.78 114.92
C ARG G 438 -13.32 -39.68 115.90
N GLN G 439 -14.62 -39.47 116.03
CA GLN G 439 -15.40 -40.18 117.06
C GLN G 439 -16.83 -40.45 116.63
N GLU G 440 -17.40 -41.47 117.26
CA GLU G 440 -18.71 -42.02 116.92
C GLU G 440 -19.80 -40.96 116.73
N SEP G 441 -20.64 -41.18 115.72
CA SEP G 441 -21.74 -40.29 115.35
CB SEP G 441 -21.56 -39.81 113.92
OG SEP G 441 -21.40 -40.92 113.05
C SEP G 441 -23.08 -41.03 115.48
O SEP G 441 -23.13 -42.12 116.05
P SEP G 441 -20.17 -40.68 112.04
O1P SEP G 441 -19.65 -42.09 111.47
O2P SEP G 441 -18.97 -39.94 112.82
O3P SEP G 441 -20.68 -39.77 110.81
N ILE G 442 -24.15 -40.42 114.99
CA ILE G 442 -25.45 -41.11 114.93
C ILE G 442 -25.38 -42.08 113.77
N GLN G 443 -24.66 -41.67 112.72
CA GLN G 443 -24.44 -42.51 111.55
C GLN G 443 -23.62 -43.71 111.97
N SER G 444 -22.75 -43.51 112.97
CA SER G 444 -21.91 -44.58 113.50
C SER G 444 -22.74 -45.59 114.30
N LEU G 445 -23.78 -45.12 114.96
CA LEU G 445 -24.70 -46.02 115.65
C LEU G 445 -25.41 -46.92 114.64
N ARG G 446 -25.55 -46.44 113.40
CA ARG G 446 -26.24 -47.22 112.38
C ARG G 446 -25.33 -48.36 111.89
N ASN G 447 -24.04 -48.28 112.18
CA ASN G 447 -23.05 -49.27 111.72
C ASN G 447 -22.08 -49.84 112.77
N THR G 448 -21.55 -51.02 112.49
CA THR G 448 -20.59 -51.72 113.35
C THR G 448 -19.13 -51.25 113.23
N THR G 449 -18.78 -50.56 112.15
CA THR G 449 -17.45 -49.94 112.01
C THR G 449 -17.39 -48.41 112.06
N GLU G 450 -16.17 -47.87 111.97
CA GLU G 450 -15.97 -46.43 112.03
C GLU G 450 -16.33 -45.84 110.67
N GLN G 451 -16.18 -46.65 109.63
CA GLN G 451 -16.42 -46.21 108.27
C GLN G 451 -17.34 -47.17 107.52
N ASP G 452 -17.85 -46.71 106.37
CA ASP G 452 -18.59 -47.54 105.42
C ASP G 452 -19.02 -46.71 104.20
N VAL G 453 -19.44 -45.47 104.43
CA VAL G 453 -19.89 -44.58 103.36
C VAL G 453 -18.69 -44.37 102.46
N LEU G 454 -17.51 -44.28 103.08
CA LEU G 454 -16.20 -44.17 102.41
C LEU G 454 -16.05 -45.03 101.16
N LYS G 455 -16.58 -46.23 101.22
CA LYS G 455 -16.47 -47.22 100.15
C LYS G 455 -17.17 -46.61 98.95
N ALA G 456 -18.32 -45.99 99.16
CA ALA G 456 -19.12 -45.46 98.08
C ALA G 456 -19.22 -43.96 98.43
N ILE G 457 -18.11 -43.40 98.92
CA ILE G 457 -18.08 -42.00 99.40
C ILE G 457 -18.61 -40.96 98.41
N ASN G 458 -18.35 -41.15 97.13
CA ASN G 458 -18.78 -40.17 96.15
C ASN G 458 -20.18 -40.41 95.64
N VAL G 459 -21.03 -41.03 96.44
CA VAL G 459 -22.41 -41.22 96.01
C VAL G 459 -23.15 -39.90 95.86
N ASN G 460 -22.83 -38.92 96.72
CA ASN G 460 -23.41 -37.60 96.60
C ASN G 460 -22.55 -36.64 95.78
N SER G 461 -21.31 -37.06 95.48
CA SER G 461 -20.35 -36.26 94.72
C SER G 461 -20.96 -36.21 93.34
N PHE G 462 -21.58 -37.33 93.02
CA PHE G 462 -22.31 -37.60 91.79
C PHE G 462 -23.42 -36.61 91.63
N VAL G 463 -24.12 -36.37 92.73
CA VAL G 463 -25.25 -35.45 92.73
C VAL G 463 -24.87 -34.01 92.39
N GLU G 464 -23.76 -33.48 92.89
CA GLU G 464 -23.36 -32.12 92.50
C GLU G 464 -23.13 -31.99 90.98
N CYS G 465 -22.45 -32.99 90.43
CA CYS G 465 -22.23 -33.11 88.98
C CYS G 465 -23.57 -33.14 88.29
N GLY G 466 -24.46 -33.95 88.86
CA GLY G 466 -25.80 -34.16 88.37
C GLY G 466 -26.67 -32.92 88.30
N ILE G 467 -26.64 -32.07 89.32
CA ILE G 467 -27.44 -30.85 89.29
C ILE G 467 -26.89 -29.95 88.20
N ASN G 468 -25.56 -29.92 88.08
CA ASN G 468 -24.97 -29.16 86.98
C ASN G 468 -25.39 -29.69 85.60
N LEU G 469 -25.35 -31.02 85.42
CA LEU G 469 -25.76 -31.71 84.19
C LEU G 469 -27.23 -31.52 83.82
N PHE G 470 -28.07 -31.51 84.85
CA PHE G 470 -29.51 -31.32 84.74
C PHE G 470 -29.72 -29.94 84.16
N SER G 471 -28.98 -29.01 84.76
CA SER G 471 -28.95 -27.60 84.43
C SER G 471 -28.42 -27.28 83.02
N GLU G 472 -27.37 -27.98 82.61
CA GLU G 472 -26.72 -27.77 81.33
C GLU G 472 -27.42 -28.03 79.99
N SER G 473 -28.38 -28.93 79.92
CA SER G 473 -29.04 -29.13 78.64
C SER G 473 -30.42 -28.59 78.95
N MET G 474 -30.51 -28.08 80.18
CA MET G 474 -31.71 -27.46 80.72
C MET G 474 -32.73 -28.59 80.68
N SER G 475 -32.29 -29.75 81.17
CA SER G 475 -32.84 -31.04 80.77
C SER G 475 -34.25 -31.36 81.21
N LYS G 476 -34.93 -30.38 81.80
CA LYS G 476 -36.26 -30.53 82.43
C LYS G 476 -36.68 -31.93 82.84
N SER G 477 -38.00 -32.15 82.83
CA SER G 477 -38.59 -33.44 83.16
C SER G 477 -38.24 -34.55 82.17
N ASP G 478 -37.56 -34.21 81.08
CA ASP G 478 -37.22 -35.20 80.06
C ASP G 478 -36.21 -36.25 80.53
N LEU G 479 -35.19 -35.79 81.25
CA LEU G 479 -34.13 -36.65 81.78
C LEU G 479 -34.39 -37.20 83.19
N SER G 480 -35.61 -37.04 83.70
CA SER G 480 -35.97 -37.51 85.06
C SER G 480 -36.04 -38.99 85.46
N GLN G 481 -36.42 -39.90 84.57
CA GLN G 481 -36.42 -41.33 84.89
C GLN G 481 -34.98 -41.78 85.18
N GLU G 482 -34.10 -41.15 84.44
CA GLU G 482 -32.68 -41.38 84.56
C GLU G 482 -32.25 -40.79 85.88
N PHE G 483 -32.62 -39.56 86.22
CA PHE G 483 -31.96 -39.07 87.42
C PHE G 483 -32.63 -39.74 88.62
N GLU G 484 -33.82 -40.34 88.48
CA GLU G 484 -34.43 -40.91 89.72
C GLU G 484 -33.55 -42.09 89.95
N ALA G 485 -33.22 -42.79 88.85
CA ALA G 485 -32.35 -43.97 88.94
C ALA G 485 -30.86 -43.73 89.21
N PHE G 486 -30.37 -42.53 88.93
CA PHE G 486 -28.94 -42.24 88.99
C PHE G 486 -28.42 -41.94 90.40
N PHE G 487 -29.27 -41.33 91.23
CA PHE G 487 -28.87 -40.96 92.58
C PHE G 487 -29.46 -41.94 93.59
N GLN G 488 -29.98 -43.04 93.07
CA GLN G 488 -30.62 -44.08 93.87
C GLN G 488 -29.63 -44.92 94.68
N GLY G 489 -30.04 -45.31 95.89
CA GLY G 489 -29.20 -46.14 96.73
C GLY G 489 -28.11 -45.32 97.36
N LYS G 490 -28.32 -44.00 97.38
CA LYS G 490 -27.31 -43.07 97.85
C LYS G 490 -27.81 -42.08 98.89
N SER G 491 -26.86 -41.56 99.68
CA SER G 491 -27.12 -40.56 100.71
C SER G 491 -26.24 -39.30 100.60
N LEU G 492 -26.84 -38.14 100.82
CA LEU G 492 -26.15 -36.85 100.84
C LEU G 492 -25.96 -36.27 102.24
N TYR G 493 -24.74 -35.87 102.59
CA TYR G 493 -24.57 -35.27 103.90
C TYR G 493 -23.89 -33.88 103.83
N ILE G 494 -24.61 -32.90 104.36
CA ILE G 494 -24.22 -31.49 104.57
C ILE G 494 -23.82 -31.04 105.98
N ASN G 495 -22.70 -30.33 106.13
CA ASN G 495 -22.46 -29.55 107.34
C ASN G 495 -23.09 -28.13 107.27
N SER G 496 -23.59 -27.62 108.39
CA SER G 496 -24.17 -26.27 108.47
C SER G 496 -23.13 -25.17 108.21
N GLU G 497 -21.89 -25.47 108.59
CA GLU G 497 -20.76 -24.56 108.42
C GLU G 497 -20.43 -24.41 106.95
N ASN G 498 -20.57 -25.50 106.21
CA ASN G 498 -20.34 -25.51 104.77
C ASN G 498 -21.59 -25.90 104.00
N ILE G 499 -22.59 -25.02 104.05
CA ILE G 499 -23.83 -25.16 103.28
C ILE G 499 -23.72 -24.50 101.92
N PRO G 500 -23.73 -25.31 100.85
CA PRO G 500 -23.77 -24.75 99.50
C PRO G 500 -25.09 -24.03 99.19
N ASP G 501 -25.03 -23.14 98.22
CA ASP G 501 -26.17 -22.39 97.73
C ASP G 501 -26.86 -23.15 96.59
N TYR G 502 -26.08 -23.97 95.91
CA TYR G 502 -26.52 -24.77 94.76
C TYR G 502 -27.48 -25.92 95.08
N LEU G 503 -27.67 -26.31 96.34
CA LEU G 503 -28.68 -27.35 96.50
C LEU G 503 -30.11 -26.96 96.10
N PHE G 504 -30.65 -25.78 96.39
CA PHE G 504 -31.98 -25.52 95.83
C PHE G 504 -31.99 -25.44 94.26
N ASP G 505 -30.82 -25.53 93.60
CA ASP G 505 -30.71 -25.52 92.12
C ASP G 505 -31.38 -26.65 91.32
N PHE G 506 -31.26 -27.87 91.85
CA PHE G 506 -31.79 -29.11 91.27
C PHE G 506 -33.29 -28.97 91.24
N PHE G 507 -33.80 -28.39 92.31
CA PHE G 507 -35.20 -28.18 92.56
C PHE G 507 -35.86 -27.26 91.54
N GLU G 508 -35.22 -27.09 90.37
CA GLU G 508 -35.73 -26.22 89.32
C GLU G 508 -37.01 -26.84 88.76
N TYR G 509 -36.87 -28.04 88.24
CA TYR G 509 -37.96 -28.68 87.52
C TYR G 509 -38.24 -29.99 88.23
N LEU G 510 -37.26 -30.43 89.01
CA LEU G 510 -37.48 -31.75 89.56
C LEU G 510 -37.15 -31.82 91.07
N PRO G 511 -37.87 -31.07 91.93
CA PRO G 511 -37.50 -31.22 93.35
C PRO G 511 -37.89 -32.56 94.02
N ASN G 512 -38.93 -33.14 93.46
CA ASN G 512 -39.50 -34.41 93.90
C ASN G 512 -38.58 -35.59 93.75
N CYS G 513 -37.76 -35.60 92.70
CA CYS G 513 -36.86 -36.73 92.50
C CYS G 513 -35.78 -36.76 93.58
N ALA G 514 -35.90 -35.85 94.55
CA ALA G 514 -35.01 -35.79 95.70
C ALA G 514 -35.17 -37.11 96.45
N SER G 515 -36.38 -37.65 96.42
CA SER G 515 -36.68 -38.94 97.07
C SER G 515 -36.20 -40.17 96.31
N ALA G 516 -35.30 -39.97 95.36
CA ALA G 516 -34.52 -41.11 94.87
C ALA G 516 -33.46 -41.43 95.92
N LEU G 517 -32.84 -40.37 96.45
CA LEU G 517 -31.84 -40.44 97.52
C LEU G 517 -32.47 -41.04 98.77
N ASP G 518 -31.66 -41.66 99.63
CA ASP G 518 -32.19 -42.10 100.92
C ASP G 518 -32.25 -41.03 102.02
N PHE G 519 -31.10 -40.71 102.59
CA PHE G 519 -30.97 -39.62 103.58
C PHE G 519 -30.09 -38.41 103.30
N VAL G 520 -30.61 -37.23 103.62
CA VAL G 520 -29.95 -35.96 103.40
C VAL G 520 -29.53 -35.73 104.84
N LYS G 521 -28.23 -35.56 105.08
CA LYS G 521 -27.76 -35.49 106.45
C LYS G 521 -27.16 -34.13 106.74
N LEU G 522 -27.61 -33.60 107.87
CA LEU G 522 -27.25 -32.28 108.36
C LEU G 522 -26.58 -32.18 109.73
N ASP G 523 -25.49 -31.44 109.79
CA ASP G 523 -24.80 -31.23 111.06
C ASP G 523 -24.96 -29.77 111.36
N PHE G 524 -25.45 -29.49 112.58
CA PHE G 524 -25.77 -28.13 112.98
C PHE G 524 -24.92 -27.80 114.20
N TYR G 525 -23.95 -26.91 114.03
CA TYR G 525 -23.18 -26.38 115.16
C TYR G 525 -23.41 -24.93 115.55
N GLU G 526 -22.68 -24.52 116.58
CA GLU G 526 -22.73 -23.17 117.15
C GLU G 526 -24.08 -22.77 117.76
N ARG G 527 -25.08 -22.57 116.92
CA ARG G 527 -26.38 -22.16 117.42
C ARG G 527 -27.49 -22.93 116.70
N ALA G 528 -28.63 -23.08 117.37
CA ALA G 528 -29.76 -23.77 116.79
C ALA G 528 -30.32 -22.98 115.61
N THR G 529 -29.99 -21.69 115.54
CA THR G 529 -30.43 -20.80 114.46
C THR G 529 -30.03 -21.34 113.09
N PRO G 553 -32.30 -23.62 112.17
CA PRO G 553 -31.71 -23.32 110.86
C PRO G 553 -32.72 -22.93 109.78
N PRO G 554 -33.04 -21.63 109.68
CA PRO G 554 -34.03 -21.17 108.69
C PRO G 554 -33.56 -21.44 107.26
N ARG G 555 -32.25 -21.36 107.05
CA ARG G 555 -31.68 -21.60 105.73
C ARG G 555 -31.82 -23.06 105.28
N ALA G 556 -31.71 -23.98 106.25
CA ALA G 556 -31.86 -25.41 106.01
C ALA G 556 -33.29 -25.82 105.64
N VAL G 557 -34.26 -25.31 106.39
CA VAL G 557 -35.65 -25.70 106.21
C VAL G 557 -36.14 -25.29 104.83
N SER G 558 -35.77 -24.08 104.41
CA SER G 558 -36.20 -23.48 103.15
C SER G 558 -36.14 -24.50 102.02
N LEU G 559 -35.19 -25.43 102.14
CA LEU G 559 -35.02 -26.56 101.25
C LEU G 559 -36.17 -27.57 101.35
N PHE G 560 -36.62 -27.82 102.58
CA PHE G 560 -37.66 -28.83 102.83
C PHE G 560 -39.06 -28.26 102.68
N PHE G 561 -39.15 -26.94 102.55
CA PHE G 561 -40.38 -26.33 102.02
C PHE G 561 -40.57 -26.63 100.55
N ASN G 562 -39.48 -26.89 99.84
CA ASN G 562 -39.56 -27.11 98.40
C ASN G 562 -39.77 -28.57 98.02
N TRP G 563 -39.61 -29.48 98.98
CA TRP G 563 -39.74 -30.89 98.67
C TRP G 563 -40.94 -31.62 99.31
N LYS G 564 -41.45 -32.60 98.58
CA LYS G 564 -42.60 -33.41 99.00
C LYS G 564 -42.32 -34.38 100.15
N GLN G 565 -43.25 -34.44 101.10
CA GLN G 565 -43.22 -35.44 102.17
C GLN G 565 -43.48 -36.85 101.61
N GLU G 566 -43.01 -37.90 102.29
CA GLU G 566 -41.99 -37.85 103.34
C GLU G 566 -40.68 -38.56 103.04
N PHE G 567 -39.57 -37.91 103.41
CA PHE G 567 -38.25 -38.53 103.27
C PHE G 567 -38.28 -39.79 104.12
N LYS G 568 -37.58 -40.84 103.71
CA LYS G 568 -37.58 -42.04 104.53
C LYS G 568 -36.86 -41.79 105.86
N THR G 569 -35.53 -41.70 105.81
CA THR G 569 -34.72 -41.35 106.97
C THR G 569 -33.93 -40.03 106.82
N LEU G 570 -34.12 -39.13 107.79
CA LEU G 570 -33.49 -37.79 107.87
C LEU G 570 -32.53 -37.62 109.07
N GLU G 571 -31.23 -37.48 108.86
CA GLU G 571 -30.39 -37.48 110.05
C GLU G 571 -29.55 -36.22 110.30
N VAL G 572 -29.60 -35.87 111.59
CA VAL G 572 -28.92 -34.74 112.24
C VAL G 572 -27.93 -34.96 113.43
N THR G 573 -26.74 -34.40 113.23
CA THR G 573 -25.54 -34.40 114.10
C THR G 573 -25.32 -33.02 114.75
N LEU G 574 -25.28 -32.93 116.08
CA LEU G 574 -25.26 -31.64 116.76
C LEU G 574 -23.84 -31.54 117.31
N ARG G 575 -23.17 -30.46 116.91
CA ARG G 575 -21.83 -30.07 117.40
C ARG G 575 -21.64 -28.70 118.06
N ASP G 576 -20.74 -28.67 119.05
CA ASP G 576 -20.34 -27.47 119.79
C ASP G 576 -21.42 -26.41 119.90
N ILE G 577 -22.53 -26.77 120.53
CA ILE G 577 -23.61 -25.83 120.75
C ILE G 577 -23.55 -25.35 122.19
N ASN G 578 -23.65 -24.05 122.37
CA ASN G 578 -23.67 -23.42 123.68
C ASN G 578 -24.82 -22.43 123.66
N LYS G 579 -25.61 -22.55 122.60
CA LYS G 579 -26.78 -21.73 122.36
C LYS G 579 -27.89 -22.62 121.82
N LEU G 580 -28.57 -23.31 122.72
CA LEU G 580 -29.67 -24.17 122.29
C LEU G 580 -30.96 -23.39 122.29
N ASN G 581 -31.06 -22.42 121.38
CA ASN G 581 -32.26 -21.59 121.33
C ASN G 581 -33.41 -22.52 121.03
N LYS G 582 -34.19 -22.75 122.08
CA LYS G 582 -35.32 -23.66 122.05
C LYS G 582 -36.35 -23.22 120.99
N GLN G 583 -36.18 -22.00 120.51
CA GLN G 583 -36.92 -21.43 119.39
C GLN G 583 -36.50 -22.00 118.01
N ASP G 584 -35.21 -22.32 117.86
CA ASP G 584 -34.67 -22.71 116.55
C ASP G 584 -34.62 -24.23 116.39
N ILE G 585 -35.02 -24.89 117.47
CA ILE G 585 -35.16 -26.34 117.65
C ILE G 585 -36.23 -26.69 116.64
N LYS G 586 -37.23 -25.83 116.61
CA LYS G 586 -38.43 -25.90 115.79
C LYS G 586 -38.05 -25.90 114.31
N TYR G 587 -37.05 -25.14 113.90
CA TYR G 587 -36.67 -25.10 112.48
C TYR G 587 -36.21 -26.52 112.18
N LEU G 588 -35.46 -27.08 113.13
CA LEU G 588 -35.03 -28.47 113.03
C LEU G 588 -36.28 -29.32 112.97
N GLY G 589 -37.34 -28.90 113.65
CA GLY G 589 -38.63 -29.59 113.62
C GLY G 589 -39.17 -29.62 112.19
N LYS G 590 -39.08 -28.51 111.48
CA LYS G 590 -39.56 -28.41 110.09
C LYS G 590 -38.76 -29.40 109.26
N ILE G 591 -37.46 -29.48 109.53
CA ILE G 591 -36.60 -30.43 108.82
C ILE G 591 -37.05 -31.85 109.17
N PHE G 592 -37.35 -32.06 110.45
CA PHE G 592 -37.78 -33.35 110.95
C PHE G 592 -39.12 -33.86 110.42
N SER G 593 -40.04 -32.96 110.07
CA SER G 593 -41.32 -33.46 109.59
C SER G 593 -41.24 -34.01 108.18
N SER G 594 -40.11 -33.77 107.52
CA SER G 594 -39.93 -34.24 106.16
C SER G 594 -39.73 -35.76 106.13
N ALA G 595 -39.27 -36.32 107.24
CA ALA G 595 -38.93 -37.74 107.29
C ALA G 595 -39.80 -38.67 108.14
N THR G 596 -39.96 -39.89 107.65
CA THR G 596 -40.61 -40.94 108.41
C THR G 596 -39.70 -41.28 109.61
N ASN G 597 -38.39 -41.29 109.36
CA ASN G 597 -37.40 -41.58 110.39
C ASN G 597 -36.37 -40.46 110.57
N LEU G 598 -36.16 -40.08 111.82
CA LEU G 598 -35.15 -39.12 112.26
C LEU G 598 -34.01 -39.58 113.18
N ARG G 599 -32.75 -39.34 112.83
CA ARG G 599 -31.69 -39.95 113.65
C ARG G 599 -30.88 -38.75 114.16
N LEU G 600 -30.67 -38.69 115.49
CA LEU G 600 -29.84 -37.69 116.17
C LEU G 600 -28.64 -38.01 117.09
N HIS G 601 -27.47 -37.43 116.79
CA HIS G 601 -26.27 -37.60 117.64
C HIS G 601 -25.92 -36.25 118.27
N ILE G 602 -25.97 -36.12 119.60
CA ILE G 602 -25.80 -34.83 120.23
C ILE G 602 -24.48 -34.88 120.98
N LYS G 603 -23.58 -34.06 120.42
CA LYS G 603 -22.14 -34.07 120.65
C LYS G 603 -21.54 -32.71 120.95
N ARG G 604 -21.06 -32.54 122.18
CA ARG G 604 -20.46 -31.29 122.65
C ARG G 604 -21.47 -30.17 122.77
N CYS G 605 -22.73 -30.55 122.98
CA CYS G 605 -23.77 -29.55 123.08
C CYS G 605 -24.04 -29.22 124.55
N ALA G 606 -23.18 -28.37 125.11
CA ALA G 606 -23.26 -28.00 126.51
C ALA G 606 -24.54 -27.25 126.84
N ALA G 607 -25.22 -26.72 125.82
CA ALA G 607 -26.50 -26.06 126.00
C ALA G 607 -27.67 -27.06 126.01
N MET G 608 -27.35 -28.31 125.71
CA MET G 608 -28.31 -29.41 125.66
C MET G 608 -28.37 -30.20 126.98
N ALA G 609 -29.44 -30.02 127.76
CA ALA G 609 -29.58 -30.75 129.03
C ALA G 609 -30.92 -31.51 129.00
N GLY G 610 -31.88 -31.10 129.83
CA GLY G 610 -33.19 -31.75 129.81
C GLY G 610 -33.90 -31.30 128.55
N ARG G 611 -33.24 -30.37 127.88
CA ARG G 611 -33.79 -29.61 126.77
C ARG G 611 -33.95 -30.49 125.53
N LEU G 612 -33.45 -31.73 125.63
CA LEU G 612 -33.66 -32.73 124.59
C LEU G 612 -35.16 -32.93 124.40
N SER G 613 -35.93 -32.62 125.45
CA SER G 613 -37.39 -32.62 125.38
C SER G 613 -37.90 -31.84 124.15
N SER G 614 -37.27 -30.71 123.87
CA SER G 614 -37.67 -29.81 122.80
C SER G 614 -37.36 -30.49 121.48
N VAL G 615 -36.24 -31.20 121.49
CA VAL G 615 -35.75 -31.97 120.36
C VAL G 615 -36.78 -33.06 120.05
N LEU G 616 -37.39 -33.65 121.08
CA LEU G 616 -38.28 -34.78 120.85
C LEU G 616 -39.71 -34.36 120.54
N ARG G 617 -40.26 -33.40 121.28
CA ARG G 617 -41.64 -32.97 121.10
C ARG G 617 -41.92 -32.70 119.62
N THR G 618 -40.88 -32.27 118.90
CA THR G 618 -40.98 -31.89 117.48
C THR G 618 -40.72 -33.08 116.57
N CYS G 619 -40.16 -34.14 117.13
CA CYS G 619 -39.88 -35.36 116.38
C CYS G 619 -41.13 -36.19 116.08
N LYS G 620 -41.35 -36.46 114.80
CA LYS G 620 -42.39 -37.40 114.41
C LYS G 620 -42.03 -38.77 114.97
N ASN G 621 -40.74 -39.06 114.91
CA ASN G 621 -40.24 -40.40 115.21
C ASN G 621 -38.73 -40.37 115.44
N MET G 622 -38.33 -40.51 116.70
CA MET G 622 -36.92 -40.58 117.06
C MET G 622 -36.39 -41.97 116.72
N HIS G 623 -36.01 -42.18 115.47
CA HIS G 623 -35.73 -43.53 114.99
C HIS G 623 -34.44 -44.11 115.60
N THR G 624 -33.48 -43.25 115.93
CA THR G 624 -32.22 -43.70 116.54
C THR G 624 -31.59 -42.61 117.41
N LEU G 625 -31.23 -42.93 118.66
CA LEU G 625 -30.54 -41.93 119.49
C LEU G 625 -29.19 -42.34 120.11
N MET G 626 -28.16 -41.55 119.79
CA MET G 626 -26.79 -41.66 120.32
C MET G 626 -26.29 -40.39 121.03
N VAL G 627 -25.76 -40.48 122.25
CA VAL G 627 -25.41 -39.28 123.01
C VAL G 627 -24.00 -39.38 123.61
N GLU G 628 -23.13 -38.46 123.21
CA GLU G 628 -21.75 -38.39 123.70
C GLU G 628 -21.19 -36.97 123.83
N ALA G 629 -20.35 -36.77 124.85
CA ALA G 629 -19.67 -35.50 125.12
C ALA G 629 -20.66 -34.36 125.35
N SER G 630 -21.83 -34.68 125.88
CA SER G 630 -22.85 -33.68 126.14
C SER G 630 -23.51 -33.96 127.49
N PRO G 631 -24.20 -32.96 128.07
CA PRO G 631 -24.87 -33.13 129.37
C PRO G 631 -25.96 -34.20 129.37
N LEU G 632 -25.90 -35.10 130.34
CA LEU G 632 -26.74 -36.30 130.35
C LEU G 632 -27.24 -36.74 131.71
N THR G 633 -28.55 -36.90 131.90
CA THR G 633 -28.97 -37.39 133.20
C THR G 633 -29.65 -38.71 132.87
N THR G 634 -29.99 -39.51 133.87
CA THR G 634 -30.62 -40.82 133.63
C THR G 634 -32.06 -40.77 133.10
N ASP G 635 -32.75 -39.70 133.47
CA ASP G 635 -34.12 -39.41 133.07
C ASP G 635 -34.34 -39.29 131.57
N ASP G 636 -33.34 -38.84 130.82
CA ASP G 636 -33.51 -38.68 129.39
C ASP G 636 -33.80 -40.06 128.74
N GLU G 637 -33.68 -41.13 129.54
CA GLU G 637 -33.93 -42.52 129.12
C GLU G 637 -35.36 -42.66 128.58
N GLN G 638 -36.26 -41.99 129.28
CA GLN G 638 -37.68 -41.94 128.99
C GLN G 638 -37.95 -41.40 127.58
N TYR G 639 -37.20 -40.41 127.12
CA TYR G 639 -37.44 -39.91 125.75
C TYR G 639 -37.16 -41.07 124.80
N ILE G 640 -36.15 -41.86 125.13
CA ILE G 640 -35.74 -43.01 124.33
C ILE G 640 -36.95 -43.97 124.27
N THR G 641 -37.60 -44.13 125.43
CA THR G 641 -38.77 -45.00 125.57
C THR G 641 -40.09 -44.44 125.04
N SER G 642 -40.16 -43.13 124.77
CA SER G 642 -41.41 -42.60 124.25
C SER G 642 -41.62 -43.09 122.83
N VAL G 643 -40.51 -43.28 122.13
CA VAL G 643 -40.53 -43.75 120.75
C VAL G 643 -40.43 -45.28 120.55
N THR G 644 -41.52 -45.89 120.10
CA THR G 644 -41.64 -47.34 120.01
C THR G 644 -41.01 -47.74 118.66
N GLY G 645 -40.82 -46.73 117.83
CA GLY G 645 -40.28 -46.82 116.48
C GLY G 645 -38.78 -47.03 116.41
N LEU G 646 -38.13 -47.12 117.56
CA LEU G 646 -36.67 -47.19 117.65
C LEU G 646 -36.05 -48.48 117.11
N GLN G 647 -35.19 -48.30 116.10
CA GLN G 647 -34.44 -49.40 115.50
C GLN G 647 -33.04 -49.57 116.11
N ASN G 648 -32.33 -48.47 116.30
CA ASN G 648 -30.94 -48.47 116.78
C ASN G 648 -30.73 -47.63 118.04
N LEU G 649 -30.20 -48.21 119.12
CA LEU G 649 -29.90 -47.39 120.29
C LEU G 649 -28.56 -47.57 121.01
N SER G 650 -27.74 -46.51 121.02
CA SER G 650 -26.47 -46.45 121.76
C SER G 650 -26.40 -45.26 122.69
N ILE G 651 -25.75 -45.43 123.84
CA ILE G 651 -25.21 -44.30 124.59
C ILE G 651 -23.88 -44.75 125.20
N HIS G 652 -22.79 -44.08 124.83
CA HIS G 652 -21.47 -44.56 125.20
C HIS G 652 -20.76 -43.67 126.20
N ARG G 653 -21.49 -42.77 126.87
CA ARG G 653 -20.88 -41.94 127.90
C ARG G 653 -21.66 -41.85 129.22
N LEU G 654 -22.52 -42.83 129.52
CA LEU G 654 -23.08 -42.97 130.86
C LEU G 654 -21.98 -42.97 131.93
N HIS G 655 -21.20 -44.07 131.91
CA HIS G 655 -20.08 -44.31 132.81
C HIS G 655 -20.62 -44.62 134.22
N THR G 656 -21.95 -44.62 134.32
CA THR G 656 -22.74 -44.91 135.52
C THR G 656 -23.71 -46.09 135.39
N GLN G 657 -23.78 -46.96 136.40
CA GLN G 657 -24.66 -48.12 136.35
C GLN G 657 -26.11 -47.64 136.23
N GLN G 658 -26.89 -48.39 135.47
CA GLN G 658 -28.27 -48.02 135.16
C GLN G 658 -29.14 -48.52 136.30
N LEU G 659 -30.01 -47.64 136.79
CA LEU G 659 -30.92 -47.93 137.88
C LEU G 659 -31.86 -49.14 137.74
N PRO G 660 -32.58 -49.48 138.83
CA PRO G 660 -33.63 -50.51 138.89
C PRO G 660 -34.75 -50.32 137.87
N GLY G 661 -35.22 -49.08 137.74
CA GLY G 661 -36.29 -48.77 136.82
C GLY G 661 -35.74 -48.27 135.49
N GLY G 662 -34.50 -48.64 135.21
CA GLY G 662 -33.75 -48.12 134.07
C GLY G 662 -34.36 -48.39 132.72
N LEU G 663 -33.67 -47.95 131.68
CA LEU G 663 -34.17 -48.05 130.30
C LEU G 663 -34.14 -49.50 129.83
N ILE G 664 -33.28 -50.29 130.47
CA ILE G 664 -33.11 -51.70 130.18
C ILE G 664 -34.40 -52.54 130.21
N ASP G 665 -35.43 -52.09 130.93
CA ASP G 665 -36.68 -52.85 130.99
C ASP G 665 -37.80 -52.14 130.24
N SER G 666 -37.42 -51.23 129.35
CA SER G 666 -38.37 -50.61 128.43
C SER G 666 -38.09 -51.11 127.02
N LEU G 667 -37.28 -52.15 126.93
CA LEU G 667 -37.12 -52.89 125.70
C LEU G 667 -38.47 -53.50 125.30
N GLY G 668 -39.41 -53.53 126.25
CA GLY G 668 -40.68 -54.20 126.04
C GLY G 668 -41.47 -53.24 125.19
N ASN G 669 -40.94 -52.03 125.06
CA ASN G 669 -41.58 -50.99 124.29
C ASN G 669 -40.80 -50.85 123.01
N LEU G 670 -39.49 -51.04 123.05
CA LEU G 670 -38.84 -50.90 121.77
C LEU G 670 -38.81 -52.34 121.25
N LYS G 671 -39.77 -52.67 120.39
CA LYS G 671 -39.85 -54.02 119.85
C LYS G 671 -39.17 -54.05 118.53
N ASN G 672 -38.96 -52.84 118.01
CA ASN G 672 -38.44 -52.68 116.67
C ASN G 672 -36.95 -52.50 116.66
N LEU G 673 -36.33 -52.60 117.83
CA LEU G 673 -34.91 -52.30 117.89
C LEU G 673 -34.29 -53.48 117.19
N GLU G 674 -33.63 -53.26 116.06
CA GLU G 674 -32.97 -54.39 115.42
C GLU G 674 -31.51 -54.36 115.80
N ARG G 675 -31.07 -53.22 116.32
CA ARG G 675 -29.68 -53.03 116.72
C ARG G 675 -29.44 -52.23 118.00
N LEU G 676 -28.68 -52.84 118.89
CA LEU G 676 -28.30 -52.24 120.16
C LEU G 676 -26.79 -52.36 120.35
N ILE G 677 -26.14 -51.24 120.61
CA ILE G 677 -24.71 -51.21 120.88
C ILE G 677 -24.49 -50.39 122.14
N LEU G 678 -23.99 -51.03 123.17
CA LEU G 678 -23.70 -50.39 124.44
C LEU G 678 -22.20 -50.50 124.64
N ASP G 679 -21.52 -49.36 124.69
CA ASP G 679 -20.07 -49.36 124.79
C ASP G 679 -19.58 -48.54 125.96
N ASP G 680 -18.73 -49.25 126.70
CA ASP G 680 -18.04 -48.81 127.90
C ASP G 680 -19.07 -48.35 128.92
N ILE G 681 -20.12 -49.15 129.11
CA ILE G 681 -21.09 -48.83 130.14
C ILE G 681 -20.86 -49.51 131.48
N ARG G 682 -20.88 -48.71 132.53
CA ARG G 682 -20.83 -49.18 133.91
C ARG G 682 -22.19 -49.73 134.31
N MET G 683 -22.32 -50.98 134.75
CA MET G 683 -23.65 -51.51 135.03
C MET G 683 -23.69 -52.51 136.17
N ASN G 684 -24.91 -52.73 136.65
CA ASN G 684 -25.19 -53.76 137.65
C ASN G 684 -25.63 -55.04 137.00
N GLU G 685 -25.02 -56.11 137.48
CA GLU G 685 -25.23 -57.46 136.96
C GLU G 685 -26.71 -57.82 137.06
N GLU G 686 -27.33 -57.46 138.18
CA GLU G 686 -28.74 -57.73 138.39
C GLU G 686 -29.55 -56.92 137.38
N ASP G 687 -29.09 -55.70 137.11
CA ASP G 687 -29.66 -54.81 136.10
C ASP G 687 -29.51 -55.46 134.71
N ALA G 688 -28.39 -56.15 134.51
CA ALA G 688 -28.12 -56.89 133.27
C ALA G 688 -29.19 -57.98 133.15
N LYS G 689 -29.52 -58.64 134.25
CA LYS G 689 -30.59 -59.65 134.28
C LYS G 689 -31.93 -58.99 133.89
N ASN G 690 -32.17 -57.79 134.39
CA ASN G 690 -33.38 -57.03 134.06
C ASN G 690 -33.38 -56.73 132.54
N LEU G 691 -32.19 -56.47 132.01
CA LEU G 691 -31.90 -56.21 130.59
C LEU G 691 -32.28 -57.48 129.81
N ALA G 692 -31.99 -58.61 130.45
CA ALA G 692 -32.26 -59.97 129.98
C ALA G 692 -33.78 -60.13 129.80
N GLU G 693 -34.55 -59.64 130.76
CA GLU G 693 -36.03 -59.70 130.72
C GLU G 693 -36.53 -58.99 129.45
N GLY G 694 -35.80 -57.97 129.04
CA GLY G 694 -36.06 -57.16 127.86
C GLY G 694 -35.93 -57.90 126.53
N LEU G 695 -34.96 -58.81 126.43
CA LEU G 695 -34.69 -59.54 125.18
C LEU G 695 -35.83 -60.41 124.64
N ARG G 696 -36.80 -60.81 125.45
CA ARG G 696 -37.92 -61.57 124.91
C ARG G 696 -38.65 -60.73 123.87
N SER G 697 -38.65 -59.41 124.07
CA SER G 697 -39.39 -58.53 123.18
C SER G 697 -38.44 -58.16 122.04
N LEU G 698 -37.18 -58.54 122.21
CA LEU G 698 -36.14 -58.26 121.23
C LEU G 698 -35.88 -59.41 120.26
N LYS G 699 -36.95 -59.94 119.69
CA LYS G 699 -36.89 -61.13 118.83
C LYS G 699 -36.85 -60.60 117.42
N LYS G 700 -37.06 -59.29 117.31
CA LYS G 700 -37.16 -58.61 116.03
C LYS G 700 -35.81 -57.97 115.75
N MET G 701 -34.92 -58.15 116.73
CA MET G 701 -33.57 -57.58 116.73
C MET G 701 -32.59 -58.41 115.90
N ARG G 702 -31.79 -57.75 115.06
CA ARG G 702 -30.80 -58.46 114.25
C ARG G 702 -29.41 -58.40 114.86
N LEU G 703 -29.24 -57.54 115.87
CA LEU G 703 -27.92 -57.24 116.42
C LEU G 703 -27.94 -56.90 117.91
N LEU G 704 -27.09 -57.57 118.67
CA LEU G 704 -26.93 -57.18 120.06
C LEU G 704 -25.44 -57.24 120.33
N HIS G 705 -24.89 -56.09 120.74
CA HIS G 705 -23.51 -55.98 121.20
C HIS G 705 -23.41 -55.38 122.58
N LEU G 706 -22.88 -56.12 123.55
CA LEU G 706 -22.56 -55.50 124.82
C LEU G 706 -21.05 -55.63 125.11
N THR G 707 -20.35 -54.50 125.06
CA THR G 707 -18.90 -54.47 125.08
C THR G 707 -18.36 -53.45 126.10
N HIS G 708 -17.23 -53.77 126.71
CA HIS G 708 -16.53 -52.87 127.63
C HIS G 708 -17.42 -52.53 128.82
N LEU G 709 -18.24 -53.52 129.19
CA LEU G 709 -19.11 -53.45 130.35
C LEU G 709 -18.36 -53.88 131.59
N SER G 710 -18.24 -52.98 132.55
CA SER G 710 -17.49 -53.24 133.78
C SER G 710 -18.50 -53.41 134.89
N ASP G 711 -18.17 -54.19 135.94
CA ASP G 711 -19.13 -54.29 137.03
C ASP G 711 -20.32 -55.13 136.57
N ILE G 712 -20.16 -55.77 135.42
CA ILE G 712 -21.20 -56.60 134.85
C ILE G 712 -21.24 -57.95 135.53
N GLY G 713 -20.13 -58.41 136.10
CA GLY G 713 -20.11 -59.73 136.72
C GLY G 713 -20.81 -60.82 135.96
N GLU G 714 -21.59 -61.63 136.68
CA GLU G 714 -22.33 -62.71 136.06
C GLU G 714 -23.62 -62.21 135.41
N GLY G 715 -23.76 -60.89 135.31
CA GLY G 715 -25.00 -60.34 134.79
C GLY G 715 -25.03 -60.74 133.33
N MET G 716 -23.83 -60.86 132.76
CA MET G 716 -23.72 -61.21 131.36
C MET G 716 -24.12 -62.66 131.11
N ASP G 717 -23.85 -63.48 132.11
CA ASP G 717 -24.27 -64.88 132.18
C ASP G 717 -25.78 -64.96 132.06
N TYR G 718 -26.42 -64.04 132.76
CA TYR G 718 -27.85 -63.84 132.86
C TYR G 718 -28.41 -63.41 131.51
N ILE G 719 -27.72 -62.48 130.85
CA ILE G 719 -28.16 -61.93 129.58
C ILE G 719 -28.15 -63.14 128.65
N VAL G 720 -27.06 -63.90 128.70
CA VAL G 720 -26.91 -65.12 127.90
C VAL G 720 -28.06 -66.09 128.23
N LYS G 721 -28.42 -66.18 129.51
CA LYS G 721 -29.54 -67.02 129.94
C LYS G 721 -30.78 -66.58 129.17
N SER G 722 -31.03 -65.28 129.10
CA SER G 722 -32.18 -64.68 128.40
C SER G 722 -32.14 -65.05 126.92
N LEU G 723 -30.91 -65.18 126.42
CA LEU G 723 -30.63 -65.55 125.04
C LEU G 723 -31.10 -66.98 124.87
N SER G 724 -30.77 -67.87 125.79
CA SER G 724 -30.96 -69.28 125.53
C SER G 724 -32.29 -69.73 126.10
N GLU G 725 -32.96 -68.78 126.74
CA GLU G 725 -34.27 -68.96 127.35
C GLU G 725 -35.26 -69.34 126.26
N GLU G 726 -35.11 -68.63 125.15
CA GLU G 726 -36.05 -68.64 124.03
C GLU G 726 -35.32 -68.35 122.71
N SER G 727 -35.91 -68.79 121.60
CA SER G 727 -35.36 -68.49 120.28
C SER G 727 -35.32 -66.98 120.01
N CYS G 728 -34.46 -66.57 119.08
CA CYS G 728 -34.39 -65.18 118.65
C CYS G 728 -34.16 -65.12 117.15
N ASP G 729 -34.44 -63.97 116.54
CA ASP G 729 -34.16 -63.78 115.11
C ASP G 729 -32.80 -63.10 114.94
N LEU G 730 -32.07 -62.95 116.04
CA LEU G 730 -30.79 -62.25 116.05
C LEU G 730 -29.83 -62.79 115.00
N GLN G 731 -29.14 -61.87 114.34
CA GLN G 731 -28.16 -62.23 113.32
C GLN G 731 -26.75 -61.97 113.86
N GLU G 732 -26.67 -61.16 114.92
CA GLU G 732 -25.39 -60.75 115.52
C GLU G 732 -25.46 -60.64 117.06
N MET G 733 -24.54 -61.34 117.75
CA MET G 733 -24.35 -61.25 119.20
C MET G 733 -22.85 -61.09 119.54
N LYS G 734 -22.49 -59.95 120.11
CA LYS G 734 -21.13 -59.61 120.62
C LYS G 734 -21.02 -59.57 122.16
N LEU G 735 -20.29 -60.54 122.69
CA LEU G 735 -19.97 -60.63 124.12
C LEU G 735 -18.52 -60.30 124.56
N VAL G 736 -17.85 -59.44 123.78
CA VAL G 736 -16.43 -59.06 123.98
C VAL G 736 -16.17 -58.02 125.09
N ALA G 737 -15.17 -58.26 125.95
CA ALA G 737 -14.70 -57.28 126.95
C ALA G 737 -15.78 -57.01 127.98
N CYS G 738 -16.45 -58.09 128.32
CA CYS G 738 -17.36 -58.23 129.44
C CYS G 738 -16.90 -59.48 130.18
N CYS G 739 -17.42 -59.73 131.38
CA CYS G 739 -16.91 -60.89 132.11
C CYS G 739 -17.67 -62.16 131.75
N LEU G 740 -16.97 -62.96 130.96
CA LEU G 740 -17.44 -64.23 130.43
C LEU G 740 -16.95 -65.50 131.13
N THR G 741 -17.86 -66.46 131.29
CA THR G 741 -17.51 -67.72 131.94
C THR G 741 -17.63 -68.87 130.93
N ALA G 742 -16.93 -69.98 131.16
CA ALA G 742 -17.03 -71.14 130.25
C ALA G 742 -18.46 -71.68 130.31
N ASN G 743 -19.07 -71.45 131.47
CA ASN G 743 -20.46 -71.78 131.75
C ASN G 743 -21.43 -71.01 130.88
N SER G 744 -21.16 -69.73 130.67
CA SER G 744 -22.01 -68.88 129.85
C SER G 744 -21.96 -69.37 128.40
N VAL G 745 -20.79 -69.87 127.99
CA VAL G 745 -20.62 -70.44 126.66
C VAL G 745 -21.41 -71.75 126.59
N LYS G 746 -21.44 -72.48 127.69
CA LYS G 746 -22.23 -73.72 127.80
C LYS G 746 -23.73 -73.40 127.64
N VAL G 747 -24.16 -72.34 128.32
CA VAL G 747 -25.53 -71.84 128.24
C VAL G 747 -25.84 -71.46 126.78
N LEU G 748 -24.88 -70.80 126.13
CA LEU G 748 -24.98 -70.38 124.72
C LEU G 748 -25.19 -71.61 123.83
N ALA G 749 -24.48 -72.66 124.22
CA ALA G 749 -24.47 -73.97 123.59
C ALA G 749 -25.83 -74.65 123.67
N GLN G 750 -26.46 -74.59 124.83
CA GLN G 750 -27.72 -75.31 125.02
C GLN G 750 -28.84 -74.87 124.06
N ASN G 751 -28.97 -73.57 123.82
CA ASN G 751 -30.01 -73.03 122.93
C ASN G 751 -29.50 -72.71 121.53
N LEU G 752 -28.23 -73.04 121.25
CA LEU G 752 -27.63 -72.63 120.00
C LEU G 752 -28.38 -73.07 118.75
N HIS G 753 -29.15 -74.16 118.79
CA HIS G 753 -29.84 -74.48 117.56
C HIS G 753 -30.88 -73.41 117.23
N ASN G 754 -31.36 -72.68 118.24
CA ASN G 754 -32.29 -71.56 118.04
C ASN G 754 -31.50 -70.31 117.64
N LEU G 755 -30.22 -70.32 118.01
CA LEU G 755 -29.29 -69.22 117.73
C LEU G 755 -28.64 -69.43 116.39
N ILE G 756 -29.19 -70.38 115.64
CA ILE G 756 -28.75 -70.67 114.28
C ILE G 756 -29.01 -69.48 113.38
N LYS G 757 -29.94 -68.64 113.82
CA LYS G 757 -30.37 -67.45 113.11
C LYS G 757 -29.19 -66.49 112.98
N LEU G 758 -28.29 -66.57 113.94
CA LEU G 758 -27.09 -65.73 113.99
C LEU G 758 -26.09 -66.01 112.88
N SER G 759 -25.66 -64.95 112.23
CA SER G 759 -24.45 -65.01 111.44
C SER G 759 -23.32 -64.67 112.39
N ILE G 760 -23.68 -64.04 113.51
CA ILE G 760 -22.68 -63.65 114.51
C ILE G 760 -23.03 -63.87 115.99
N LEU G 761 -22.20 -64.68 116.62
CA LEU G 761 -22.19 -65.00 118.04
C LEU G 761 -20.73 -64.62 118.25
N ASP G 762 -20.46 -63.55 118.98
CA ASP G 762 -19.08 -63.19 119.30
C ASP G 762 -18.60 -63.18 120.74
N ILE G 763 -17.86 -64.22 121.09
CA ILE G 763 -17.18 -64.27 122.37
C ILE G 763 -15.66 -64.00 122.29
N SER G 764 -15.13 -63.63 121.12
CA SER G 764 -13.67 -63.61 120.97
C SER G 764 -13.00 -62.53 121.82
N GLU G 765 -11.66 -62.61 121.96
CA GLU G 765 -10.92 -61.65 122.80
C GLU G 765 -11.35 -61.83 124.24
N ASN G 766 -11.77 -63.04 124.56
CA ASN G 766 -12.20 -63.38 125.90
C ASN G 766 -11.55 -64.57 126.56
N TYR G 767 -11.27 -64.35 127.82
CA TYR G 767 -10.73 -65.31 128.73
C TYR G 767 -11.97 -65.77 129.44
N LEU G 768 -12.11 -67.09 129.52
CA LEU G 768 -13.22 -67.70 130.21
C LEU G 768 -12.54 -68.02 131.50
N GLU G 769 -13.27 -68.36 132.55
CA GLU G 769 -12.60 -68.40 133.83
C GLU G 769 -11.65 -69.60 133.83
N LYS G 770 -12.22 -70.79 133.91
CA LYS G 770 -11.50 -72.07 133.95
C LYS G 770 -11.69 -72.95 132.73
N ASP G 771 -10.69 -73.76 132.36
CA ASP G 771 -10.87 -74.59 131.15
C ASP G 771 -11.41 -73.94 129.87
N GLY G 772 -11.01 -72.72 129.60
CA GLY G 772 -11.51 -71.89 128.52
C GLY G 772 -11.27 -72.61 127.20
N ASN G 773 -10.09 -73.15 126.99
CA ASN G 773 -9.81 -73.84 125.74
C ASN G 773 -10.71 -75.09 125.60
N GLU G 774 -11.07 -75.73 126.71
CA GLU G 774 -11.99 -76.89 126.69
C GLU G 774 -13.41 -76.55 126.13
N ALA G 775 -13.65 -75.27 125.86
CA ALA G 775 -14.89 -74.69 125.32
C ALA G 775 -15.10 -75.29 123.94
N LEU G 776 -13.98 -75.47 123.27
CA LEU G 776 -13.87 -76.00 121.93
C LEU G 776 -14.47 -77.39 121.83
N GLN G 777 -14.35 -78.24 122.84
CA GLN G 777 -14.99 -79.55 122.69
C GLN G 777 -16.51 -79.39 122.57
N GLU G 778 -17.08 -78.44 123.29
CA GLU G 778 -18.50 -78.11 123.20
C GLU G 778 -18.86 -77.66 121.78
N LEU G 779 -17.93 -76.93 121.19
CA LEU G 779 -18.04 -76.43 119.84
C LEU G 779 -18.03 -77.58 118.85
N ILE G 780 -17.20 -78.59 119.03
CA ILE G 780 -17.18 -79.64 118.02
C ILE G 780 -18.61 -80.22 117.94
N GLY G 781 -19.29 -80.31 119.08
CA GLY G 781 -20.66 -80.82 119.09
C GLY G 781 -21.64 -79.91 118.36
N ARG G 782 -21.33 -78.63 118.36
CA ARG G 782 -22.16 -77.57 117.79
C ARG G 782 -21.87 -77.12 116.36
N LEU G 783 -20.93 -77.74 115.67
CA LEU G 783 -20.60 -77.33 114.31
C LEU G 783 -21.70 -77.40 113.25
N GLY G 784 -22.69 -78.25 113.48
CA GLY G 784 -23.80 -78.37 112.55
C GLY G 784 -24.56 -77.06 112.43
N VAL G 785 -24.53 -76.30 113.52
CA VAL G 785 -25.16 -74.98 113.56
C VAL G 785 -24.10 -73.87 113.58
N LEU G 786 -22.87 -74.21 113.93
CA LEU G 786 -21.78 -73.24 113.88
C LEU G 786 -21.36 -72.92 112.45
N GLY G 787 -21.72 -73.80 111.52
CA GLY G 787 -21.51 -73.54 110.11
C GLY G 787 -22.31 -72.33 109.62
N GLU G 788 -23.41 -72.03 110.31
CA GLU G 788 -24.29 -70.92 109.96
C GLU G 788 -23.76 -69.54 110.34
N LEU G 789 -22.74 -69.50 111.18
CA LEU G 789 -22.06 -68.24 111.46
C LEU G 789 -21.27 -67.85 110.23
N THR G 790 -21.14 -66.55 110.00
CA THR G 790 -20.43 -66.09 108.82
C THR G 790 -18.94 -65.99 109.12
N THR G 791 -18.57 -66.16 110.39
CA THR G 791 -17.17 -65.97 110.79
C THR G 791 -16.75 -66.82 112.00
N LEU G 792 -15.45 -66.94 112.19
CA LEU G 792 -14.87 -67.68 113.30
C LEU G 792 -14.54 -66.89 114.56
N MET G 793 -15.18 -67.22 115.68
CA MET G 793 -14.82 -66.57 116.93
C MET G 793 -14.42 -67.63 117.93
N LEU G 794 -13.19 -67.56 118.42
CA LEU G 794 -12.71 -68.67 119.22
C LEU G 794 -12.66 -68.28 120.69
N PRO G 795 -12.82 -69.24 121.61
CA PRO G 795 -12.63 -68.87 123.00
C PRO G 795 -11.15 -69.00 123.33
N TRP G 796 -10.55 -68.15 124.16
CA TRP G 796 -9.11 -68.33 124.40
C TRP G 796 -8.90 -68.33 125.89
N CYS G 797 -7.74 -68.84 126.31
CA CYS G 797 -7.41 -68.84 127.70
C CYS G 797 -5.91 -69.04 127.79
N TRP G 798 -5.38 -69.21 128.99
CA TRP G 798 -3.97 -69.53 129.13
C TRP G 798 -3.74 -70.96 128.66
N ASP G 799 -2.79 -71.14 127.74
CA ASP G 799 -2.42 -72.45 127.18
C ASP G 799 -3.49 -73.00 126.24
N VAL G 800 -4.29 -72.09 125.69
CA VAL G 800 -5.41 -72.36 124.79
C VAL G 800 -4.98 -73.18 123.56
N HIS G 801 -3.75 -72.96 123.10
CA HIS G 801 -3.22 -73.55 121.87
C HIS G 801 -3.14 -75.09 121.91
N THR G 802 -3.06 -75.64 123.11
CA THR G 802 -3.03 -77.06 123.37
C THR G 802 -4.37 -77.70 122.95
N SER G 803 -5.34 -76.83 122.72
CA SER G 803 -6.70 -77.18 122.29
C SER G 803 -6.85 -77.24 120.76
N LEU G 804 -5.77 -77.01 120.02
CA LEU G 804 -5.78 -76.99 118.55
C LEU G 804 -6.20 -78.31 117.85
N PRO G 805 -5.73 -79.49 118.30
CA PRO G 805 -6.21 -80.71 117.65
C PRO G 805 -7.75 -80.79 117.77
N LYS G 806 -8.28 -80.31 118.89
CA LYS G 806 -9.70 -80.34 119.20
C LYS G 806 -10.38 -79.45 118.17
N LEU G 807 -9.67 -78.37 117.86
CA LEU G 807 -10.04 -77.32 116.91
C LEU G 807 -10.02 -77.87 115.48
N LEU G 808 -9.15 -78.84 115.17
CA LEU G 808 -9.01 -79.36 113.81
C LEU G 808 -10.28 -80.03 113.25
N LYS G 809 -11.07 -80.71 114.07
CA LYS G 809 -12.34 -81.27 113.58
C LYS G 809 -13.23 -80.09 113.13
N GLN G 810 -13.10 -78.99 113.88
CA GLN G 810 -13.81 -77.74 113.65
C GLN G 810 -13.37 -77.02 112.36
N LEU G 811 -12.13 -77.22 111.93
CA LEU G 811 -11.64 -76.51 110.76
C LEU G 811 -12.05 -77.09 109.40
N GLU G 812 -12.71 -78.25 109.39
CA GLU G 812 -13.40 -78.67 108.17
C GLU G 812 -14.55 -77.69 107.94
N GLY G 813 -14.84 -76.92 108.98
CA GLY G 813 -15.85 -75.87 108.94
C GLY G 813 -15.31 -74.53 108.48
N THR G 814 -14.06 -74.50 108.03
CA THR G 814 -13.50 -73.25 107.51
C THR G 814 -14.25 -72.60 106.33
N PRO G 815 -15.11 -73.35 105.61
CA PRO G 815 -15.70 -72.57 104.51
C PRO G 815 -16.77 -71.48 104.77
N GLY G 816 -17.54 -71.41 105.86
CA GLY G 816 -18.53 -70.33 105.83
C GLY G 816 -17.99 -69.16 106.64
N LEU G 817 -16.69 -69.24 106.82
CA LEU G 817 -15.80 -68.31 107.53
C LEU G 817 -15.55 -66.98 106.83
N ALA G 818 -15.87 -65.83 107.42
CA ALA G 818 -15.62 -64.60 106.68
C ALA G 818 -14.15 -64.34 106.95
N LYS G 819 -13.74 -64.50 108.21
CA LYS G 819 -12.36 -64.24 108.63
C LYS G 819 -11.85 -65.52 109.31
N LEU G 820 -10.54 -65.71 109.39
CA LEU G 820 -9.99 -66.85 110.12
C LEU G 820 -8.96 -66.38 111.13
N GLY G 821 -9.07 -66.86 112.36
CA GLY G 821 -7.98 -66.71 113.29
C GLY G 821 -7.73 -67.74 114.35
N LEU G 822 -6.52 -67.68 114.90
CA LEU G 822 -6.22 -68.31 116.17
C LEU G 822 -5.94 -67.15 117.11
N LYS G 823 -6.86 -66.19 117.17
CA LYS G 823 -6.65 -64.97 117.93
C LYS G 823 -6.58 -65.17 119.45
N ASN G 824 -5.68 -64.41 120.04
CA ASN G 824 -5.19 -64.51 121.41
C ASN G 824 -4.91 -65.95 121.83
N TRP G 825 -4.65 -66.80 120.86
CA TRP G 825 -4.15 -68.13 121.12
C TRP G 825 -2.67 -68.08 121.42
N ARG G 826 -2.22 -68.56 122.55
CA ARG G 826 -0.81 -68.38 122.88
C ARG G 826 -0.12 -69.62 122.27
N LEU G 827 -0.02 -69.60 120.94
CA LEU G 827 0.55 -70.67 120.09
C LEU G 827 2.05 -70.90 119.95
N ARG G 828 2.41 -72.18 119.78
CA ARG G 828 3.80 -72.60 119.60
C ARG G 828 4.35 -71.85 118.40
N ASP G 829 5.62 -71.46 118.44
CA ASP G 829 6.16 -70.70 117.34
C ASP G 829 6.11 -71.50 116.02
N GLU G 830 6.31 -72.81 116.11
CA GLU G 830 6.23 -73.74 114.98
C GLU G 830 4.83 -73.90 114.36
N GLU G 831 3.86 -74.02 115.26
CA GLU G 831 2.43 -74.14 114.97
C GLU G 831 1.82 -73.37 113.80
N ILE G 832 2.29 -72.16 113.56
CA ILE G 832 1.72 -71.35 112.50
C ILE G 832 1.98 -72.03 111.15
N LYS G 833 3.14 -72.65 110.94
CA LYS G 833 3.30 -73.40 109.68
C LYS G 833 2.48 -74.70 109.76
N SER G 834 2.39 -75.28 110.96
CA SER G 834 1.63 -76.52 111.20
C SER G 834 0.15 -76.40 110.79
N LEU G 835 -0.48 -75.31 111.19
CA LEU G 835 -1.87 -75.00 110.87
C LEU G 835 -1.92 -74.80 109.36
N GLY G 836 -0.82 -74.28 108.85
CA GLY G 836 -0.55 -74.01 107.46
C GLY G 836 -0.58 -75.34 106.73
N GLU G 837 0.01 -76.37 107.31
CA GLU G 837 -0.03 -77.67 106.65
C GLU G 837 -1.47 -78.15 106.47
N PHE G 838 -2.33 -78.00 107.49
CA PHE G 838 -3.75 -78.36 107.34
C PHE G 838 -4.31 -77.53 106.18
N LEU G 839 -3.86 -76.28 106.15
CA LEU G 839 -4.27 -75.22 105.25
C LEU G 839 -3.80 -75.60 103.83
N GLU G 840 -2.72 -76.36 103.74
CA GLU G 840 -2.25 -76.85 102.45
C GLU G 840 -3.31 -77.85 102.05
N MET G 841 -3.65 -78.75 102.97
CA MET G 841 -4.63 -79.79 102.75
C MET G 841 -6.07 -79.23 102.63
N ASN G 842 -6.22 -77.91 102.64
CA ASN G 842 -7.53 -77.24 102.65
C ASN G 842 -7.94 -76.39 101.44
N PRO G 843 -8.92 -76.88 100.65
CA PRO G 843 -9.22 -76.38 99.30
C PRO G 843 -9.89 -75.00 99.35
N LEU G 844 -10.29 -74.55 100.54
CA LEU G 844 -10.88 -73.22 100.74
C LEU G 844 -9.94 -72.12 100.26
N ARG G 845 -10.52 -71.03 99.75
CA ARG G 845 -9.77 -69.95 99.13
C ARG G 845 -10.44 -68.58 99.37
N ASP G 846 -9.72 -67.51 99.02
CA ASP G 846 -10.27 -66.15 99.09
C ASP G 846 -10.51 -65.38 100.39
N LEU G 847 -10.14 -65.88 101.57
CA LEU G 847 -10.71 -65.28 102.77
C LEU G 847 -10.26 -63.82 102.88
N GLN G 848 -11.01 -63.02 103.64
CA GLN G 848 -10.76 -61.57 103.69
C GLN G 848 -9.74 -61.08 104.70
N GLN G 849 -9.70 -61.69 105.88
CA GLN G 849 -8.74 -61.31 106.90
C GLN G 849 -8.35 -62.44 107.81
N LEU G 850 -7.09 -62.44 108.22
CA LEU G 850 -6.59 -63.53 109.01
C LEU G 850 -6.24 -62.62 110.14
N ASP G 851 -6.89 -62.93 111.25
CA ASP G 851 -6.74 -62.20 112.47
C ASP G 851 -6.08 -63.17 113.40
N LEU G 852 -4.81 -62.95 113.64
CA LEU G 852 -4.17 -63.67 114.69
C LEU G 852 -3.75 -62.66 115.73
N ALA G 853 -4.50 -62.62 116.82
CA ALA G 853 -4.20 -61.66 117.85
C ALA G 853 -2.93 -62.29 118.40
N GLY G 854 -2.09 -61.47 119.01
CA GLY G 854 -0.79 -61.93 119.45
C GLY G 854 -0.62 -63.29 120.08
N HIS G 855 0.02 -64.17 119.32
CA HIS G 855 0.31 -65.50 119.78
C HIS G 855 1.76 -65.39 120.21
N CYS G 856 2.29 -66.40 120.88
CA CYS G 856 3.73 -66.50 121.11
C CYS G 856 4.63 -66.74 119.89
N VAL G 857 4.12 -66.61 118.66
CA VAL G 857 5.02 -66.86 117.53
C VAL G 857 5.93 -65.71 117.09
N SER G 858 7.21 -66.07 117.06
CA SER G 858 8.38 -65.30 116.66
C SER G 858 8.50 -65.11 115.15
N SER G 859 9.33 -64.15 114.76
CA SER G 859 9.64 -63.82 113.38
C SER G 859 10.19 -65.06 112.69
N ASP G 860 10.99 -65.83 113.42
CA ASP G 860 11.52 -67.08 112.92
C ASP G 860 10.37 -68.06 112.62
N GLY G 861 9.35 -68.05 113.47
CA GLY G 861 8.15 -68.88 113.36
C GLY G 861 7.36 -68.57 112.10
N TRP G 862 7.28 -67.26 111.91
CA TRP G 862 6.65 -66.61 110.79
C TRP G 862 7.45 -67.04 109.55
N LEU G 863 8.77 -67.21 109.69
CA LEU G 863 9.64 -67.62 108.57
C LEU G 863 9.25 -68.99 108.03
N TYR G 864 8.90 -69.88 108.94
CA TYR G 864 8.37 -71.19 108.60
C TYR G 864 7.07 -70.92 107.86
N PHE G 865 6.29 -69.98 108.40
CA PHE G 865 4.95 -69.73 107.88
C PHE G 865 4.92 -69.16 106.47
N MET G 866 5.98 -68.46 106.05
CA MET G 866 5.99 -67.85 104.73
C MET G 866 5.83 -68.96 103.70
N ASN G 867 6.32 -70.15 104.08
CA ASN G 867 6.25 -71.33 103.23
C ASN G 867 4.80 -71.74 102.96
N VAL G 868 3.87 -71.15 103.71
CA VAL G 868 2.44 -71.40 103.50
C VAL G 868 1.70 -70.15 103.05
N PHE G 869 2.16 -68.99 103.53
CA PHE G 869 1.53 -67.72 103.21
C PHE G 869 1.51 -67.33 101.75
N GLU G 870 2.52 -67.75 100.99
CA GLU G 870 2.54 -67.40 99.59
C GLU G 870 1.32 -67.96 98.85
N ASN G 871 0.91 -69.18 99.17
CA ASN G 871 -0.13 -69.81 98.33
C ASN G 871 -1.54 -69.37 98.77
N LEU G 872 -1.62 -68.64 99.88
CA LEU G 872 -2.85 -67.99 100.37
C LEU G 872 -2.90 -66.56 99.87
N LYS G 873 -2.50 -66.36 98.63
CA LYS G 873 -2.34 -65.03 98.07
C LYS G 873 -3.70 -64.40 97.81
N GLN G 874 -4.73 -65.24 97.93
CA GLN G 874 -6.10 -64.84 97.71
C GLN G 874 -6.62 -64.05 98.91
N LEU G 875 -5.84 -64.03 99.98
CA LEU G 875 -6.21 -63.35 101.22
C LEU G 875 -6.29 -61.82 101.07
N VAL G 876 -7.41 -61.23 101.49
CA VAL G 876 -7.66 -59.79 101.31
C VAL G 876 -6.96 -58.92 102.36
N PHE G 877 -7.01 -59.34 103.62
CA PHE G 877 -6.45 -58.58 104.74
C PHE G 877 -5.80 -59.54 105.71
N PHE G 878 -4.85 -59.02 106.49
CA PHE G 878 -4.06 -59.86 107.37
C PHE G 878 -3.41 -59.03 108.47
N ASP G 879 -3.37 -59.54 109.69
CA ASP G 879 -2.52 -58.88 110.66
C ASP G 879 -1.82 -59.98 111.42
N PHE G 880 -0.54 -59.74 111.71
CA PHE G 880 0.25 -60.73 112.40
C PHE G 880 0.74 -60.05 113.66
N SER G 881 0.18 -60.43 114.78
CA SER G 881 0.65 -60.04 116.10
C SER G 881 1.38 -61.08 116.93
N THR G 882 2.16 -60.58 117.89
CA THR G 882 3.01 -61.36 118.78
C THR G 882 3.21 -60.45 119.99
N GLU G 883 3.46 -61.00 121.17
CA GLU G 883 3.52 -60.13 122.34
C GLU G 883 4.93 -59.62 122.65
N GLU G 884 5.93 -60.17 121.99
CA GLU G 884 7.32 -59.75 122.19
C GLU G 884 8.24 -60.08 121.00
N PHE G 885 8.04 -59.38 119.88
CA PHE G 885 8.59 -59.78 118.59
C PHE G 885 10.13 -59.75 118.56
N LEU G 886 10.72 -60.66 117.78
CA LEU G 886 12.16 -60.64 117.56
C LEU G 886 12.52 -59.40 116.74
N PRO G 887 13.67 -58.76 117.06
CA PRO G 887 14.13 -57.55 116.34
C PRO G 887 14.45 -57.70 114.84
N ASP G 888 14.57 -58.92 114.33
CA ASP G 888 15.02 -59.13 112.94
C ASP G 888 14.01 -58.85 111.83
N ALA G 889 14.45 -58.08 110.84
CA ALA G 889 13.67 -57.83 109.63
C ALA G 889 13.94 -58.82 108.49
N ALA G 890 14.68 -59.89 108.79
CA ALA G 890 14.95 -60.98 107.84
C ALA G 890 13.62 -61.56 107.35
N LEU G 891 12.66 -61.54 108.26
CA LEU G 891 11.29 -61.93 107.98
C LEU G 891 10.62 -61.05 106.95
N VAL G 892 10.82 -59.73 107.00
CA VAL G 892 10.15 -58.85 106.06
C VAL G 892 10.73 -59.20 104.68
N ARG G 893 12.02 -59.47 104.65
CA ARG G 893 12.72 -59.87 103.43
C ARG G 893 12.05 -61.14 102.83
N LYS G 894 11.86 -62.14 103.68
CA LYS G 894 11.19 -63.39 103.28
C LYS G 894 9.75 -63.05 102.84
N LEU G 895 9.24 -61.98 103.43
CA LEU G 895 7.91 -61.43 103.21
C LEU G 895 7.93 -60.99 101.76
N SER G 896 8.98 -60.27 101.36
CA SER G 896 9.17 -59.77 100.00
C SER G 896 9.15 -60.99 99.08
N GLN G 897 9.75 -62.11 99.48
CA GLN G 897 9.69 -63.27 98.60
C GLN G 897 8.22 -63.65 98.40
N VAL G 898 7.47 -63.66 99.50
CA VAL G 898 6.02 -63.91 99.51
C VAL G 898 5.13 -62.85 98.78
N LEU G 899 5.53 -61.60 98.90
CA LEU G 899 4.89 -60.41 98.31
C LEU G 899 4.75 -60.40 96.79
N SER G 900 5.70 -60.98 96.07
CA SER G 900 5.56 -61.14 94.63
C SER G 900 4.40 -62.12 94.40
N LYS G 901 4.35 -63.11 95.30
CA LYS G 901 3.40 -64.21 95.31
C LYS G 901 1.99 -63.77 95.68
N LEU G 902 1.84 -62.64 96.37
CA LEU G 902 0.50 -62.16 96.77
C LEU G 902 -0.22 -61.17 95.85
N THR G 903 -1.55 -61.25 95.89
CA THR G 903 -2.42 -60.58 94.91
C THR G 903 -3.48 -59.62 95.48
N LEU G 904 -4.52 -60.17 96.10
CA LEU G 904 -5.69 -59.37 96.48
C LEU G 904 -5.53 -58.60 97.78
N LEU G 905 -4.30 -58.36 98.19
CA LEU G 905 -4.06 -57.80 99.51
C LEU G 905 -4.09 -56.30 99.38
N GLN G 906 -4.77 -55.64 100.31
CA GLN G 906 -4.89 -54.20 100.21
C GLN G 906 -3.96 -53.55 101.21
N GLU G 907 -3.85 -54.13 102.41
CA GLU G 907 -2.90 -53.62 103.40
C GLU G 907 -2.29 -54.64 104.33
N VAL G 908 -1.05 -54.37 104.71
CA VAL G 908 -0.24 -55.19 105.61
C VAL G 908 -0.49 -54.59 107.01
N LYS G 909 -0.73 -55.42 108.01
CA LYS G 909 -0.87 -54.91 109.38
C LYS G 909 0.11 -55.54 110.39
N LEU G 910 0.81 -54.66 111.11
CA LEU G 910 1.95 -55.03 111.96
C LEU G 910 1.71 -54.92 113.47
N THR G 911 0.45 -55.02 113.90
CA THR G 911 0.05 -54.87 115.31
C THR G 911 0.99 -55.51 116.33
N GLY G 912 1.75 -54.69 117.04
CA GLY G 912 2.58 -55.18 118.13
C GLY G 912 4.05 -55.50 117.89
N TRP G 913 4.48 -55.48 116.62
CA TRP G 913 5.88 -55.78 116.32
C TRP G 913 6.79 -54.58 116.61
N GLU G 914 7.48 -54.65 117.75
CA GLU G 914 8.53 -53.70 118.18
C GLU G 914 9.84 -53.60 117.37
N PHE G 915 9.91 -54.22 116.19
CA PHE G 915 11.13 -54.13 115.38
C PHE G 915 11.25 -53.03 114.31
N ASP G 916 12.50 -52.68 113.99
CA ASP G 916 12.86 -51.86 112.82
C ASP G 916 12.85 -52.73 111.56
N ASP G 917 12.43 -52.18 110.42
CA ASP G 917 12.43 -52.99 109.20
C ASP G 917 13.70 -52.87 108.37
N TYR G 918 14.64 -52.03 108.80
CA TYR G 918 15.85 -51.68 108.04
C TYR G 918 15.57 -51.38 106.57
N ASP G 919 16.63 -51.47 105.77
CA ASP G 919 16.67 -51.10 104.36
C ASP G 919 15.73 -52.00 103.56
N ILE G 920 15.07 -52.90 104.28
CA ILE G 920 14.12 -53.88 103.76
C ILE G 920 12.78 -53.17 103.63
N SER G 921 12.71 -51.96 104.17
CA SER G 921 11.44 -51.26 104.25
C SER G 921 11.34 -50.53 102.91
N ALA G 922 12.40 -50.71 102.13
CA ALA G 922 12.48 -50.15 100.80
C ALA G 922 11.53 -51.04 100.00
N ILE G 923 11.53 -52.32 100.39
CA ILE G 923 10.67 -53.34 99.77
C ILE G 923 9.64 -53.87 100.75
N LYS G 924 9.29 -53.06 101.75
CA LYS G 924 8.38 -53.45 102.82
C LYS G 924 7.07 -54.04 102.29
N GLY G 925 6.52 -53.45 101.24
CA GLY G 925 5.32 -53.99 100.63
C GLY G 925 5.01 -53.39 99.28
N THR G 926 4.12 -54.06 98.56
CA THR G 926 3.57 -53.53 97.32
C THR G 926 2.15 -53.09 97.63
N PHE G 927 1.84 -53.08 98.92
CA PHE G 927 0.56 -52.58 99.41
C PHE G 927 0.78 -51.53 100.50
N LYS G 928 -0.31 -51.05 101.08
CA LYS G 928 -0.26 -49.99 102.10
C LYS G 928 0.37 -50.56 103.37
N LEU G 929 0.89 -49.69 104.25
CA LEU G 929 1.30 -50.17 105.56
C LEU G 929 1.08 -49.32 106.82
N VAL G 930 0.66 -50.03 107.87
CA VAL G 930 0.41 -49.48 109.19
C VAL G 930 1.35 -50.18 110.16
N THR G 931 1.94 -49.46 111.10
CA THR G 931 2.82 -50.11 112.09
C THR G 931 1.96 -50.95 113.04
N ALA G 932 0.64 -50.74 112.96
CA ALA G 932 -0.32 -51.47 113.77
C ALA G 932 -1.26 -52.28 112.89
N VAL H 1 32.10 14.51 52.84
CA VAL H 1 32.82 13.66 53.77
C VAL H 1 34.32 13.69 53.49
N THR H 2 35.13 13.71 54.56
CA THR H 2 36.57 13.68 54.45
C THR H 2 37.12 12.65 55.44
N GLU H 3 38.44 12.56 55.54
CA GLU H 3 39.08 11.59 56.42
C GLU H 3 39.13 12.02 57.89
N GLU H 4 38.93 13.31 58.16
CA GLU H 4 38.96 13.79 59.54
C GLU H 4 37.79 13.27 60.35
N ASP H 5 36.76 12.80 59.66
CA ASP H 5 35.60 12.20 60.30
C ASP H 5 35.71 10.68 60.37
N LEU H 6 36.90 10.15 60.10
CA LEU H 6 37.11 8.71 60.25
C LEU H 6 37.29 8.36 61.73
N ASN H 7 37.34 9.40 62.57
CA ASN H 7 37.27 9.22 64.01
C ASN H 7 35.81 9.32 64.48
N VAL H 8 34.91 9.54 63.52
CA VAL H 8 33.49 9.48 63.77
C VAL H 8 32.99 8.10 63.36
N LEU H 9 33.23 7.76 62.10
CA LEU H 9 32.75 6.50 61.53
C LEU H 9 33.30 5.31 62.29
N ALA H 10 34.53 5.45 62.77
CA ALA H 10 35.16 4.36 63.50
C ALA H 10 34.32 4.01 64.71
N GLN H 11 33.88 5.04 65.43
CA GLN H 11 33.03 4.82 66.60
C GLN H 11 31.75 4.10 66.17
N ASN H 12 31.21 4.52 65.03
CA ASN H 12 30.01 3.90 64.49
C ASN H 12 30.25 2.43 64.18
N LEU H 13 31.45 2.11 63.70
CA LEU H 13 31.81 0.73 63.43
C LEU H 13 31.79 -0.07 64.72
N LYS H 14 32.23 0.58 65.79
CA LYS H 14 32.25 -0.04 67.11
C LYS H 14 30.85 -0.34 67.61
N ASP H 15 29.86 0.36 67.06
CA ASP H 15 28.46 0.10 67.41
C ASP H 15 27.75 -0.69 66.33
N LEU H 16 28.49 -1.09 65.30
CA LEU H 16 27.91 -1.95 64.28
C LEU H 16 27.82 -3.35 64.88
N TYR H 17 28.84 -3.69 65.66
CA TYR H 17 28.97 -4.98 66.30
C TYR H 17 28.33 -4.93 67.69
N ASN H 18 28.01 -3.73 68.15
CA ASN H 18 27.25 -3.57 69.37
C ASN H 18 25.77 -3.75 69.08
N SER H 19 25.39 -4.98 68.79
CA SER H 19 24.00 -5.37 68.64
C SER H 19 23.84 -6.86 68.90
N PRO H 20 22.65 -7.28 69.36
CA PRO H 20 22.41 -8.69 69.67
C PRO H 20 22.61 -9.61 68.48
N ALA H 21 22.39 -9.13 67.26
CA ALA H 21 22.51 -9.97 66.07
C ALA H 21 23.91 -10.55 66.01
N PHE H 22 24.88 -9.73 66.37
CA PHE H 22 26.26 -10.15 66.50
C PHE H 22 26.42 -11.04 67.73
N LEU H 23 25.68 -10.72 68.79
CA LEU H 23 25.84 -11.41 70.06
C LEU H 23 24.83 -12.55 70.36
N ASN H 24 23.73 -12.63 69.62
CA ASN H 24 22.75 -13.70 69.88
C ASN H 24 23.02 -14.81 68.90
N PHE H 25 22.92 -16.07 69.30
CA PHE H 25 23.25 -17.04 68.27
C PHE H 25 22.14 -17.83 67.61
N TYR H 26 22.61 -18.83 66.89
CA TYR H 26 22.53 -18.79 65.44
C TYR H 26 21.60 -17.71 64.93
N PRO H 27 22.21 -16.67 64.34
CA PRO H 27 21.54 -15.50 63.79
C PRO H 27 20.78 -15.84 62.50
N LEU H 28 19.61 -16.47 62.65
CA LEU H 28 18.60 -16.57 61.59
C LEU H 28 18.96 -17.58 60.49
N GLY H 29 17.97 -18.10 59.76
CA GLY H 29 16.55 -17.89 60.06
C GLY H 29 16.13 -18.70 61.28
N GLU H 30 16.94 -19.71 61.57
CA GLU H 30 16.98 -20.33 62.87
C GLU H 30 18.43 -20.25 63.38
N ASP H 31 18.73 -19.65 64.55
CA ASP H 31 17.79 -19.19 65.59
C ASP H 31 17.04 -20.42 66.08
N ILE H 32 17.76 -21.54 66.03
CA ILE H 32 17.23 -22.87 66.35
C ILE H 32 16.67 -23.05 67.77
N ASP H 33 17.28 -22.50 68.83
CA ASP H 33 18.63 -21.94 68.92
C ASP H 33 19.76 -22.98 68.83
N ILE H 34 20.85 -22.63 68.12
CA ILE H 34 22.03 -23.49 68.11
C ILE H 34 22.47 -23.69 69.56
N ILE H 35 22.75 -22.60 70.27
CA ILE H 35 23.24 -22.72 71.65
C ILE H 35 22.60 -21.68 72.57
N PHE H 36 23.08 -20.45 72.47
CA PHE H 36 22.65 -19.32 73.30
C PHE H 36 23.15 -18.02 72.69
N ASN H 37 22.99 -16.92 73.40
CA ASN H 37 23.56 -15.63 73.02
C ASN H 37 25.06 -15.89 72.95
N LEU H 38 25.76 -15.24 72.02
CA LEU H 38 27.20 -15.45 71.86
C LEU H 38 28.07 -15.02 73.03
N GLU H 39 27.72 -13.94 73.72
CA GLU H 39 28.57 -13.53 74.82
C GLU H 39 28.70 -14.51 75.99
N LYS H 40 27.62 -15.13 76.48
CA LYS H 40 27.83 -16.12 77.54
C LYS H 40 28.58 -17.37 77.03
N THR H 41 28.25 -17.75 75.80
CA THR H 41 28.84 -18.85 75.01
C THR H 41 30.27 -18.70 74.48
N PHE H 42 30.65 -17.46 74.21
CA PHE H 42 31.98 -17.10 73.72
C PHE H 42 33.20 -17.36 74.60
N THR H 43 34.18 -18.00 73.94
CA THR H 43 35.46 -18.43 74.52
C THR H 43 36.56 -18.33 73.46
N GLU H 44 37.81 -18.34 73.92
CA GLU H 44 39.00 -18.31 73.06
C GLU H 44 39.05 -19.59 72.22
N PRO H 45 39.04 -19.47 70.87
CA PRO H 45 39.11 -20.56 69.88
C PRO H 45 40.38 -21.40 69.70
N ILE H 46 40.25 -22.71 69.93
CA ILE H 46 41.36 -23.64 69.72
C ILE H 46 41.74 -23.62 68.23
N MET H 47 42.92 -23.09 67.88
CA MET H 47 43.29 -23.13 66.47
C MET H 47 44.75 -23.54 66.37
N TRP H 48 45.14 -24.09 65.23
CA TRP H 48 46.51 -24.51 65.04
C TRP H 48 47.11 -24.08 63.71
N LYS H 49 48.20 -23.31 63.74
CA LYS H 49 48.81 -22.88 62.49
C LYS H 49 49.34 -24.14 61.81
N LYS H 50 49.27 -24.19 60.48
CA LYS H 50 49.68 -25.38 59.77
C LYS H 50 50.83 -25.11 58.80
N ASP H 51 51.52 -26.18 58.41
CA ASP H 51 52.65 -26.06 57.51
C ASP H 51 52.17 -26.35 56.11
N HIS H 52 53.06 -26.27 55.14
CA HIS H 52 52.67 -26.47 53.75
C HIS H 52 52.60 -27.97 53.51
N ARG H 53 53.27 -28.72 54.38
CA ARG H 53 53.26 -30.18 54.36
C ARG H 53 51.87 -30.79 54.58
N HIS H 54 50.98 -30.02 55.23
CA HIS H 54 49.59 -30.36 55.54
C HIS H 54 49.41 -30.97 56.93
N HIS H 55 50.09 -30.39 57.91
CA HIS H 55 49.97 -30.81 59.30
C HIS H 55 50.15 -29.60 60.23
N ARG H 56 49.65 -29.71 61.46
CA ARG H 56 49.69 -28.59 62.40
C ARG H 56 51.10 -28.24 62.86
N VAL H 57 51.31 -26.95 63.13
CA VAL H 57 52.63 -26.44 63.51
C VAL H 57 52.72 -25.85 64.92
N GLU H 58 51.75 -25.03 65.28
CA GLU H 58 51.66 -24.51 66.64
C GLU H 58 50.23 -24.27 67.09
N GLN H 59 50.03 -24.18 68.41
CA GLN H 59 48.73 -23.89 68.99
C GLN H 59 48.48 -22.43 69.31
N LEU H 60 47.55 -21.85 68.56
CA LEU H 60 47.17 -20.46 68.70
C LEU H 60 45.73 -20.32 69.20
N THR H 61 45.51 -19.19 69.85
CA THR H 61 44.19 -18.70 70.17
C THR H 61 44.19 -17.33 69.52
N LEU H 62 43.05 -16.65 69.46
CA LEU H 62 43.06 -15.32 68.87
C LEU H 62 43.86 -14.38 69.74
N GLY H 63 43.75 -14.57 71.05
CA GLY H 63 44.42 -13.72 72.01
C GLY H 63 45.93 -13.71 71.83
N SER H 64 46.48 -14.83 71.39
CA SER H 64 47.91 -14.91 71.07
C SER H 64 48.17 -14.74 69.58
N LEU H 65 47.09 -14.69 68.79
CA LEU H 65 47.18 -14.43 67.36
C LEU H 65 47.24 -12.93 67.06
N LEU H 66 46.91 -12.12 68.06
CA LEU H 66 46.68 -10.69 67.86
C LEU H 66 47.87 -9.92 67.29
N GLU H 67 49.07 -10.18 67.80
CA GLU H 67 50.28 -9.52 67.31
C GLU H 67 50.99 -10.37 66.26
N ALA H 68 50.78 -11.68 66.31
CA ALA H 68 51.39 -12.60 65.37
C ALA H 68 50.63 -12.64 64.04
N LEU H 69 49.54 -11.88 63.97
CA LEU H 69 48.63 -11.94 62.83
C LEU H 69 49.28 -11.48 61.52
N LYS H 70 48.96 -12.19 60.44
CA LYS H 70 49.33 -11.79 59.08
C LYS H 70 48.15 -11.93 58.15
N SER H 71 48.29 -11.40 56.94
CA SER H 71 47.21 -11.38 55.98
C SER H 71 47.69 -11.72 54.57
N PRO H 72 46.83 -12.39 53.77
CA PRO H 72 45.50 -12.94 54.08
C PRO H 72 45.52 -14.18 54.97
N CYS H 73 44.39 -14.47 55.61
CA CYS H 73 44.23 -15.71 56.36
C CYS H 73 43.83 -16.88 55.44
N LEU H 74 44.53 -17.99 55.53
CA LEU H 74 44.03 -19.24 54.96
C LEU H 74 43.50 -20.10 56.09
N ILE H 75 43.27 -19.42 57.21
CA ILE H 75 42.84 -20.06 58.44
C ILE H 75 41.52 -20.78 58.22
N GLU H 76 41.49 -22.03 58.66
CA GLU H 76 40.35 -22.91 58.38
C GLU H 76 40.00 -23.77 59.59
N GLY H 77 38.86 -24.44 59.49
CA GLY H 77 38.37 -25.27 60.57
C GLY H 77 37.24 -26.11 60.05
N GLU H 78 36.84 -27.12 60.81
CA GLU H 78 35.83 -28.05 60.32
C GLU H 78 34.47 -27.36 60.33
N SER H 79 33.65 -27.70 59.34
CA SER H 79 32.37 -27.05 59.10
C SER H 79 31.36 -27.16 60.25
N GLY H 80 30.58 -26.09 60.39
CA GLY H 80 29.50 -26.00 61.36
C GLY H 80 29.26 -24.51 61.47
N LYS H 81 29.38 -23.98 62.68
CA LYS H 81 29.07 -22.58 62.92
C LYS H 81 30.40 -21.89 62.69
N GLY H 82 31.48 -22.58 63.07
CA GLY H 82 32.83 -22.23 62.68
C GLY H 82 33.33 -20.93 63.26
N LYS H 83 33.52 -19.96 62.36
CA LYS H 83 34.00 -18.64 62.72
C LYS H 83 32.87 -17.94 63.46
N SER H 84 31.67 -18.49 63.28
CA SER H 84 30.45 -18.01 63.90
C SER H 84 30.33 -16.48 63.97
N THR H 85 30.05 -15.92 65.14
CA THR H 85 29.96 -14.46 65.27
C THR H 85 31.09 -14.04 66.22
N LEU H 86 31.83 -15.06 66.64
CA LEU H 86 32.93 -15.00 67.59
C LEU H 86 34.11 -14.10 67.14
N LEU H 87 34.32 -13.97 65.83
CA LEU H 87 35.39 -13.12 65.27
C LEU H 87 34.83 -11.69 65.18
N GLN H 88 33.51 -11.65 65.20
CA GLN H 88 32.68 -10.47 64.99
C GLN H 88 32.83 -9.93 66.39
N ARG H 89 32.86 -10.85 67.37
CA ARG H 89 32.89 -10.41 68.74
C ARG H 89 34.36 -10.12 69.02
N ILE H 90 35.23 -10.49 68.09
CA ILE H 90 36.67 -10.32 68.32
C ILE H 90 36.85 -8.84 67.96
N ALA H 91 36.12 -8.44 66.93
CA ALA H 91 36.02 -7.04 66.52
C ALA H 91 35.38 -6.28 67.67
N MET H 92 34.43 -6.94 68.32
CA MET H 92 33.68 -6.31 69.38
C MET H 92 34.67 -6.12 70.52
N LEU H 93 35.78 -6.87 70.46
CA LEU H 93 36.81 -6.79 71.49
C LEU H 93 37.63 -5.57 71.15
N TRP H 94 37.85 -5.36 69.85
CA TRP H 94 38.46 -4.11 69.37
C TRP H 94 37.61 -2.91 69.79
N ALA H 95 36.34 -3.19 70.12
CA ALA H 95 35.39 -2.13 70.43
C ALA H 95 34.88 -2.28 71.86
N SER H 96 35.70 -2.96 72.66
CA SER H 96 35.41 -3.23 74.07
C SER H 96 36.70 -2.87 74.82
N GLY H 97 37.59 -2.15 74.14
CA GLY H 97 38.81 -1.68 74.76
C GLY H 97 39.85 -2.77 74.82
N GLY H 98 39.75 -3.73 73.88
CA GLY H 98 40.60 -4.91 73.88
C GLY H 98 42.07 -4.62 73.69
N CYS H 99 42.88 -5.68 73.67
CA CYS H 99 44.33 -5.54 73.50
C CYS H 99 44.71 -4.66 72.31
N ARG H 100 45.83 -3.97 72.48
CA ARG H 100 46.41 -3.09 71.45
C ARG H 100 46.43 -3.58 70.01
N ALA H 101 46.71 -4.85 69.77
CA ALA H 101 46.73 -5.35 68.40
C ALA H 101 45.35 -5.53 67.76
N LEU H 102 44.29 -5.14 68.49
CA LEU H 102 42.94 -5.22 67.96
C LEU H 102 42.63 -3.79 67.56
N LYS H 103 43.35 -2.88 68.21
CA LYS H 103 43.30 -1.47 67.88
C LYS H 103 44.43 -1.09 66.95
N GLY H 104 45.02 -2.10 66.31
CA GLY H 104 46.17 -1.90 65.45
C GLY H 104 45.55 -1.57 64.11
N PHE H 105 44.22 -1.47 64.14
CA PHE H 105 43.40 -1.20 62.97
C PHE H 105 42.36 -0.12 63.28
N ARG H 106 42.46 1.02 62.62
CA ARG H 106 41.66 2.19 62.98
C ARG H 106 40.19 1.92 62.65
N LEU H 107 40.00 1.09 61.62
CA LEU H 107 38.69 0.67 61.14
C LEU H 107 38.58 -0.83 60.91
N VAL H 108 37.45 -1.43 61.27
CA VAL H 108 37.29 -2.88 61.14
C VAL H 108 35.97 -3.02 60.42
N PHE H 109 35.98 -3.75 59.30
CA PHE H 109 34.75 -4.10 58.60
C PHE H 109 34.42 -5.57 58.35
N PHE H 110 33.34 -5.99 59.00
CA PHE H 110 32.77 -7.31 58.80
C PHE H 110 32.42 -7.44 57.32
N ILE H 111 32.83 -8.52 56.65
CA ILE H 111 32.46 -8.66 55.24
C ILE H 111 31.67 -9.94 54.98
N HIS H 112 30.67 -9.84 54.10
CA HIS H 112 29.79 -10.95 53.74
C HIS H 112 29.96 -11.58 52.33
N LEU H 113 30.68 -12.70 52.30
CA LEU H 113 30.94 -13.53 51.11
C LEU H 113 29.59 -14.09 50.67
N ARG H 114 28.76 -14.43 51.66
CA ARG H 114 27.44 -14.98 51.46
C ARG H 114 26.46 -14.06 50.70
N SER H 115 26.55 -12.74 50.82
CA SER H 115 25.61 -11.91 50.03
C SER H 115 26.30 -10.68 49.44
N ALA H 116 26.00 -10.38 48.17
CA ALA H 116 26.65 -9.26 47.48
C ALA H 116 25.78 -8.60 46.41
N ARG H 117 26.00 -7.30 46.22
CA ARG H 117 25.12 -6.42 45.46
C ARG H 117 25.94 -5.27 44.91
N GLY H 118 25.81 -4.96 43.62
CA GLY H 118 26.44 -3.77 43.09
C GLY H 118 25.75 -2.50 43.53
N GLY H 119 26.51 -1.41 43.68
CA GLY H 119 27.96 -1.44 43.64
C GLY H 119 28.55 -2.22 44.80
N LEU H 120 29.66 -2.89 44.58
CA LEU H 120 30.04 -4.03 45.42
C LEU H 120 30.44 -3.57 46.81
N PHE H 121 31.01 -2.38 46.91
CA PHE H 121 31.34 -1.80 48.20
C PHE H 121 30.04 -1.56 48.96
N GLU H 122 28.96 -1.24 48.24
CA GLU H 122 27.69 -0.97 48.91
C GLU H 122 27.12 -2.25 49.49
N THR H 123 27.75 -3.40 49.23
CA THR H 123 27.34 -4.63 49.89
C THR H 123 27.45 -4.34 51.38
N LEU H 124 28.51 -3.63 51.73
CA LEU H 124 28.82 -3.36 53.12
C LEU H 124 27.79 -2.35 53.57
N TYR H 125 27.44 -1.44 52.66
CA TYR H 125 26.40 -0.46 52.93
C TYR H 125 25.11 -1.27 53.03
N ASP H 126 24.90 -2.24 52.15
CA ASP H 126 23.72 -3.10 52.25
C ASP H 126 23.80 -4.07 53.44
N GLN H 127 24.91 -4.01 54.18
CA GLN H 127 25.10 -4.89 55.35
C GLN H 127 25.44 -4.05 56.59
N LEU H 128 26.63 -3.46 56.61
CA LEU H 128 27.12 -2.63 57.73
C LEU H 128 26.29 -1.36 57.78
N LEU H 129 25.95 -0.85 56.60
CA LEU H 129 25.21 0.40 56.44
C LEU H 129 25.83 1.72 56.91
N ASN H 130 26.93 1.71 57.67
CA ASN H 130 27.47 2.99 58.10
C ASN H 130 28.27 3.78 57.03
N ILE H 131 28.15 3.37 55.78
CA ILE H 131 28.82 3.97 54.62
C ILE H 131 28.38 5.41 54.27
N PRO H 132 29.23 6.43 54.53
CA PRO H 132 28.79 7.80 54.17
C PRO H 132 28.46 7.98 52.67
N ASP H 133 27.51 8.86 52.36
CA ASP H 133 27.09 9.22 50.99
C ASP H 133 28.07 9.91 50.02
N PHE H 134 29.02 10.70 50.51
CA PHE H 134 30.01 11.34 49.63
C PHE H 134 30.96 10.37 48.95
N ILE H 135 31.42 9.41 49.74
CA ILE H 135 32.35 8.38 49.27
C ILE H 135 31.98 7.41 48.15
N SER H 136 32.31 7.79 46.92
CA SER H 136 32.12 6.94 45.75
C SER H 136 32.99 5.69 45.99
N LYS H 137 32.86 4.65 45.17
CA LYS H 137 33.74 3.49 45.32
C LYS H 137 35.25 3.77 45.09
N PRO H 138 35.63 4.59 44.07
CA PRO H 138 37.04 4.93 43.88
C PRO H 138 37.53 5.69 45.10
N THR H 139 36.69 6.63 45.53
CA THR H 139 36.93 7.49 46.69
C THR H 139 37.11 6.54 47.86
N PHE H 140 36.24 5.54 47.97
CA PHE H 140 36.33 4.58 49.08
C PHE H 140 37.64 3.75 49.06
N LYS H 141 38.15 3.39 47.88
CA LYS H 141 39.42 2.66 47.82
C LYS H 141 40.61 3.56 48.19
N ALA H 142 40.55 4.80 47.70
CA ALA H 142 41.55 5.86 47.93
C ALA H 142 41.62 6.21 49.40
N LEU H 143 40.43 6.30 49.99
CA LEU H 143 40.23 6.57 51.40
C LEU H 143 40.86 5.43 52.18
N LEU H 144 40.40 4.20 51.94
CA LEU H 144 40.98 3.06 52.63
C LEU H 144 42.49 3.06 52.54
N LEU H 145 43.06 3.55 51.42
CA LEU H 145 44.49 3.42 51.30
C LEU H 145 45.19 4.62 51.93
N LYS H 146 44.44 5.63 52.32
CA LYS H 146 45.04 6.79 52.97
C LYS H 146 45.86 6.35 54.19
N LEU H 147 45.50 5.19 54.72
CA LEU H 147 46.02 4.62 55.96
C LEU H 147 46.96 3.40 55.81
N HIS H 148 46.62 2.47 54.93
CA HIS H 148 47.45 1.30 54.56
C HIS H 148 47.78 0.17 55.55
N LYS H 149 46.93 -0.11 56.54
CA LYS H 149 47.19 -1.08 57.62
C LYS H 149 46.23 -0.83 58.76
N GLU H 150 45.35 0.14 58.58
CA GLU H 150 44.57 0.60 59.69
C GLU H 150 43.13 0.17 59.52
N VAL H 151 42.96 -0.87 58.71
CA VAL H 151 41.67 -1.50 58.57
C VAL H 151 41.81 -3.03 58.53
N LEU H 152 40.92 -3.72 59.23
CA LEU H 152 40.85 -5.19 59.19
C LEU H 152 39.50 -5.60 58.62
N PHE H 153 39.44 -6.69 57.86
CA PHE H 153 38.15 -7.18 57.38
C PHE H 153 37.88 -8.65 57.57
N LEU H 154 36.71 -9.00 58.11
CA LEU H 154 36.42 -10.42 58.24
C LEU H 154 35.57 -10.89 57.08
N LEU H 155 35.89 -12.00 56.41
CA LEU H 155 35.13 -12.33 55.22
C LEU H 155 34.21 -13.37 55.85
N ASP H 156 32.89 -13.20 55.70
CA ASP H 156 31.93 -14.24 56.11
C ASP H 156 31.08 -15.07 55.10
N GLY H 157 31.35 -16.36 54.88
CA GLY H 157 30.67 -17.07 53.81
C GLY H 157 31.36 -17.79 52.66
N TYR H 158 32.32 -18.65 52.99
CA TYR H 158 33.04 -19.38 51.97
C TYR H 158 32.40 -20.51 51.14
N ASN H 159 31.40 -21.22 51.65
CA ASN H 159 30.80 -22.28 50.83
C ASN H 159 29.60 -21.62 50.19
N GLU H 160 28.98 -20.75 51.01
CA GLU H 160 27.84 -19.94 50.64
C GLU H 160 28.18 -19.17 49.37
N PHE H 161 29.48 -18.95 49.16
CA PHE H 161 29.96 -18.21 48.02
C PHE H 161 29.56 -18.91 46.72
N HIS H 162 29.27 -18.11 45.70
CA HIS H 162 28.78 -18.64 44.44
C HIS H 162 29.47 -17.87 43.30
N PRO H 163 29.19 -18.23 42.05
CA PRO H 163 29.78 -17.44 40.94
C PRO H 163 29.24 -16.02 40.78
N GLN H 164 27.93 -15.81 40.98
CA GLN H 164 27.40 -14.44 40.94
C GLN H 164 28.10 -13.53 41.94
N ASN H 165 28.46 -12.33 41.48
CA ASN H 165 29.08 -11.26 42.28
C ASN H 165 30.52 -11.60 42.73
N CYS H 166 31.09 -12.56 42.03
CA CYS H 166 32.45 -13.09 42.23
C CYS H 166 33.61 -12.08 42.10
N PRO H 167 33.56 -11.13 41.15
CA PRO H 167 34.70 -10.21 41.16
C PRO H 167 34.80 -9.17 42.28
N GLU H 168 36.03 -8.69 42.44
CA GLU H 168 36.51 -7.90 43.56
C GLU H 168 36.15 -8.56 44.89
N ILE H 169 36.39 -9.87 44.93
CA ILE H 169 36.29 -10.68 46.15
C ILE H 169 37.68 -11.19 46.49
N GLU H 170 38.45 -11.46 45.45
CA GLU H 170 39.78 -12.05 45.55
C GLU H 170 40.73 -10.86 45.59
N ALA H 171 40.17 -9.69 45.26
CA ALA H 171 40.95 -8.45 45.18
C ALA H 171 41.33 -8.02 46.59
N LEU H 172 40.48 -8.30 47.57
CA LEU H 172 40.84 -7.95 48.94
C LEU H 172 41.98 -8.84 49.40
N ILE H 173 41.96 -10.10 48.96
CA ILE H 173 42.94 -11.11 49.36
C ILE H 173 44.22 -11.19 48.51
N LYS H 174 44.06 -11.36 47.19
CA LYS H 174 45.20 -11.46 46.28
C LYS H 174 45.81 -10.09 45.98
N GLU H 175 44.96 -9.12 45.70
CA GLU H 175 45.39 -7.73 45.60
C GLU H 175 45.35 -7.10 46.98
N ASN H 176 45.94 -7.77 47.97
CA ASN H 176 46.04 -7.24 49.34
C ASN H 176 47.39 -6.58 49.50
N HIS H 177 48.30 -6.96 48.62
CA HIS H 177 49.65 -6.41 48.62
C HIS H 177 49.59 -4.95 48.17
N ARG H 178 48.50 -4.58 47.52
CA ARG H 178 48.23 -3.19 47.17
C ARG H 178 46.94 -2.59 47.75
N PHE H 179 46.37 -3.28 48.73
CA PHE H 179 45.08 -2.89 49.32
C PHE H 179 45.51 -2.50 50.72
N LYS H 180 46.75 -2.88 51.01
CA LYS H 180 47.43 -2.63 52.28
C LYS H 180 46.72 -2.88 53.60
N ASN H 181 45.43 -3.20 53.62
CA ASN H 181 44.88 -3.45 54.94
C ASN H 181 45.01 -4.94 55.21
N MET H 182 44.93 -5.34 56.47
CA MET H 182 44.93 -6.76 56.78
C MET H 182 43.53 -7.33 56.59
N VAL H 183 43.40 -8.65 56.60
CA VAL H 183 42.08 -9.26 56.47
C VAL H 183 42.03 -10.75 56.81
N ILE H 184 40.92 -11.18 57.42
CA ILE H 184 40.77 -12.57 57.83
C ILE H 184 39.84 -13.17 56.77
N VAL H 185 40.34 -14.16 56.04
CA VAL H 185 39.61 -14.77 54.93
C VAL H 185 38.86 -16.05 55.27
N THR H 186 37.53 -15.99 55.25
CA THR H 186 36.70 -17.11 55.67
C THR H 186 36.93 -18.31 54.81
N THR H 187 36.93 -19.47 55.45
CA THR H 187 37.07 -20.71 54.74
C THR H 187 36.19 -21.78 55.37
N THR H 188 35.89 -22.78 54.57
CA THR H 188 35.08 -23.92 54.95
C THR H 188 36.21 -24.83 54.59
N THR H 189 36.23 -26.14 54.79
CA THR H 189 37.49 -26.62 54.27
C THR H 189 37.36 -27.28 52.91
N GLU H 190 36.13 -27.47 52.43
CA GLU H 190 36.03 -28.33 51.25
C GLU H 190 36.80 -27.53 50.19
N CYS H 191 36.38 -26.25 50.19
CA CYS H 191 36.80 -25.10 49.38
C CYS H 191 38.20 -24.48 49.44
N LEU H 192 38.86 -24.56 50.60
CA LEU H 192 40.12 -23.86 50.89
C LEU H 192 41.16 -23.80 49.77
N ARG H 193 41.22 -24.84 48.94
CA ARG H 193 42.29 -24.99 47.96
C ARG H 193 42.12 -23.98 46.81
N HIS H 194 41.15 -23.10 46.97
CA HIS H 194 40.82 -22.01 46.05
C HIS H 194 41.57 -20.75 46.45
N ILE H 195 42.19 -20.80 47.62
CA ILE H 195 43.01 -19.70 48.10
C ILE H 195 44.23 -20.16 48.87
N ARG H 196 44.58 -21.44 48.72
CA ARG H 196 45.77 -21.99 49.35
C ARG H 196 47.05 -21.33 48.80
N HIS H 197 46.90 -20.35 47.92
CA HIS H 197 48.04 -19.66 47.32
C HIS H 197 47.95 -18.15 47.44
N VAL H 198 47.09 -17.67 48.35
CA VAL H 198 46.91 -16.24 48.55
C VAL H 198 47.27 -15.65 49.92
N GLY H 199 46.91 -16.39 50.96
CA GLY H 199 47.18 -16.08 52.36
C GLY H 199 48.47 -16.28 53.12
N ALA H 200 48.99 -15.20 53.68
CA ALA H 200 50.28 -15.21 54.35
C ALA H 200 50.10 -15.83 55.75
N LEU H 201 48.85 -16.06 56.16
CA LEU H 201 48.58 -16.69 57.45
C LEU H 201 47.70 -17.92 57.19
N THR H 202 47.69 -18.87 58.12
CA THR H 202 46.93 -20.10 57.98
C THR H 202 46.84 -20.89 59.29
N ALA H 203 45.63 -21.25 59.70
CA ALA H 203 45.45 -21.97 60.95
C ALA H 203 44.26 -22.92 60.87
N GLU H 204 44.29 -23.95 61.71
CA GLU H 204 43.26 -24.98 61.70
C GLU H 204 42.53 -24.94 63.02
N VAL H 205 41.22 -24.71 62.99
CA VAL H 205 40.44 -24.70 64.21
C VAL H 205 40.44 -26.09 64.83
N GLY H 206 41.23 -26.24 65.89
CA GLY H 206 41.32 -27.50 66.59
C GLY H 206 40.03 -27.74 67.33
N ASP H 207 39.71 -29.01 67.58
CA ASP H 207 38.49 -29.33 68.30
C ASP H 207 38.62 -28.71 69.68
N MET H 208 37.51 -28.14 70.15
CA MET H 208 37.45 -27.53 71.47
C MET H 208 37.55 -28.57 72.58
N THR H 209 37.98 -28.15 73.77
CA THR H 209 38.02 -29.01 74.94
C THR H 209 36.60 -29.46 75.29
N GLU H 210 36.43 -30.68 75.77
CA GLU H 210 35.10 -31.12 76.19
C GLU H 210 34.66 -30.26 77.36
N ASP H 211 35.57 -30.08 78.31
CA ASP H 211 35.31 -29.29 79.51
C ASP H 211 34.94 -27.85 79.17
N SER H 212 35.72 -27.24 78.28
CA SER H 212 35.47 -25.86 77.88
C SER H 212 34.12 -25.75 77.20
N ALA H 213 33.76 -26.79 76.46
CA ALA H 213 32.51 -26.80 75.72
C ALA H 213 31.32 -26.90 76.66
N LYS H 214 31.58 -27.00 77.95
CA LYS H 214 30.48 -27.27 78.85
C LYS H 214 30.06 -25.90 79.28
N ASP H 215 30.81 -24.93 78.77
CA ASP H 215 30.65 -23.56 79.18
C ASP H 215 29.57 -23.13 78.22
N LEU H 216 29.42 -23.94 77.17
CA LEU H 216 28.36 -23.72 76.22
C LEU H 216 27.08 -24.18 76.93
N ILE H 217 27.09 -25.44 77.40
CA ILE H 217 25.88 -26.10 77.90
C ILE H 217 25.18 -25.24 78.96
N GLU H 218 26.04 -24.68 79.81
CA GLU H 218 25.75 -23.83 80.96
C GLU H 218 24.82 -22.65 80.70
N ALA H 219 24.96 -22.03 79.53
CA ALA H 219 24.19 -20.84 79.22
C ALA H 219 22.68 -21.06 79.14
N VAL H 220 22.20 -22.19 78.65
CA VAL H 220 20.75 -22.36 78.69
C VAL H 220 20.31 -23.19 79.91
N LEU H 221 20.98 -24.31 80.13
CA LEU H 221 20.70 -25.19 81.27
C LEU H 221 20.93 -24.62 82.67
N VAL H 222 20.19 -25.15 83.64
CA VAL H 222 20.32 -24.78 85.04
C VAL H 222 21.68 -25.38 85.42
N PRO H 223 22.35 -24.90 86.49
CA PRO H 223 23.66 -25.56 86.64
C PRO H 223 23.62 -27.03 87.12
N ASP H 224 22.54 -27.42 87.79
CA ASP H 224 22.43 -28.80 88.22
C ASP H 224 22.02 -29.63 87.03
N GLN H 225 21.31 -29.00 86.10
CA GLN H 225 20.86 -29.68 84.90
C GLN H 225 22.11 -30.00 84.09
N VAL H 226 23.11 -29.11 84.21
CA VAL H 226 24.34 -29.30 83.46
C VAL H 226 25.07 -30.42 84.15
N GLU H 227 25.02 -30.46 85.47
CA GLU H 227 25.73 -31.54 86.17
C GLU H 227 25.09 -32.90 85.85
N ARG H 228 23.78 -32.90 85.64
CA ARG H 228 23.04 -34.11 85.27
C ARG H 228 23.56 -34.60 83.93
N LEU H 229 23.72 -33.65 83.00
CA LEU H 229 24.32 -34.00 81.71
C LEU H 229 25.77 -34.48 81.91
N TRP H 230 26.49 -33.86 82.84
CA TRP H 230 27.86 -34.25 83.14
C TRP H 230 27.96 -35.67 83.65
N ALA H 231 26.92 -36.14 84.32
CA ALA H 231 26.81 -37.55 84.66
C ALA H 231 26.47 -38.33 83.40
N GLN H 232 25.65 -37.73 82.55
CA GLN H 232 25.20 -38.39 81.33
C GLN H 232 26.28 -38.67 80.30
N ILE H 233 27.32 -37.85 80.20
CA ILE H 233 28.33 -38.22 79.21
C ILE H 233 29.31 -39.22 79.80
N GLN H 234 29.12 -39.56 81.07
CA GLN H 234 29.95 -40.56 81.73
C GLN H 234 29.49 -41.96 81.33
N GLU H 235 28.26 -41.99 80.82
CA GLU H 235 27.61 -43.20 80.29
C GLU H 235 28.59 -44.03 79.47
N SER H 236 29.40 -43.33 78.67
CA SER H 236 30.29 -43.96 77.70
C SER H 236 31.35 -42.95 77.32
N ARG H 237 32.54 -43.42 76.97
CA ARG H 237 33.63 -42.53 76.60
C ARG H 237 33.35 -41.86 75.26
N CYS H 238 32.66 -42.58 74.39
CA CYS H 238 32.22 -42.02 73.12
C CYS H 238 31.24 -40.88 73.33
N LEU H 239 30.39 -41.00 74.34
CA LEU H 239 29.50 -39.90 74.72
C LEU H 239 30.28 -38.77 75.38
N ARG H 240 31.25 -39.14 76.22
CA ARG H 240 32.06 -38.17 76.96
C ARG H 240 32.88 -37.28 76.03
N ASN H 241 33.33 -37.85 74.91
CA ASN H 241 34.18 -37.10 74.00
C ASN H 241 33.40 -36.32 72.95
N LEU H 242 32.07 -36.43 72.98
CA LEU H 242 31.23 -35.73 72.01
C LEU H 242 31.38 -34.23 72.20
N MET H 243 31.55 -33.82 73.45
CA MET H 243 31.76 -32.43 73.80
C MET H 243 33.00 -31.75 73.20
N LYS H 244 33.79 -32.47 72.40
CA LYS H 244 34.96 -31.85 71.78
C LYS H 244 34.51 -30.70 70.89
N THR H 245 33.42 -30.92 70.17
CA THR H 245 32.87 -29.92 69.28
C THR H 245 31.60 -29.33 69.90
N PRO H 246 31.33 -28.05 69.61
CA PRO H 246 30.15 -27.32 70.06
C PRO H 246 28.87 -27.86 69.42
N LEU H 247 28.99 -28.44 68.23
CA LEU H 247 27.85 -29.06 67.53
C LEU H 247 27.20 -30.24 68.27
N PHE H 248 28.00 -31.16 68.80
CA PHE H 248 27.47 -32.30 69.57
C PHE H 248 26.73 -31.77 70.80
N VAL H 249 27.30 -30.72 71.36
CA VAL H 249 26.71 -30.03 72.49
C VAL H 249 25.36 -29.51 72.04
N VAL H 250 25.29 -28.92 70.84
CA VAL H 250 24.03 -28.39 70.31
C VAL H 250 22.99 -29.49 70.12
N ILE H 251 23.49 -30.67 69.74
CA ILE H 251 22.71 -31.89 69.57
C ILE H 251 22.05 -32.35 70.86
N THR H 252 22.75 -32.21 71.98
CA THR H 252 22.10 -32.53 73.25
C THR H 252 21.41 -31.31 73.91
N CYS H 253 21.72 -30.11 73.43
CA CYS H 253 21.15 -28.88 74.00
C CYS H 253 19.72 -28.70 73.52
N ALA H 254 19.46 -29.14 72.29
CA ALA H 254 18.13 -29.05 71.69
C ALA H 254 17.09 -29.91 72.42
N ILE H 255 17.53 -30.70 73.38
CA ILE H 255 16.67 -31.73 73.98
C ILE H 255 16.15 -31.30 75.36
N GLN H 256 16.83 -30.35 75.99
CA GLN H 256 16.50 -29.92 77.35
C GLN H 256 15.17 -29.16 77.50
N MET H 257 14.56 -28.76 76.39
CA MET H 257 13.34 -27.94 76.42
C MET H 257 12.17 -28.65 77.11
N GLY H 258 12.15 -29.97 77.05
CA GLY H 258 11.12 -30.74 77.73
C GLY H 258 11.56 -31.49 78.97
N ARG H 259 12.86 -31.49 79.27
CA ARG H 259 13.40 -32.40 80.29
C ARG H 259 14.40 -31.76 81.27
N GLN H 260 14.33 -32.21 82.53
CA GLN H 260 15.29 -31.80 83.55
C GLN H 260 16.59 -32.61 83.47
N GLU H 261 16.48 -33.89 83.13
CA GLU H 261 17.64 -34.69 82.74
C GLU H 261 17.22 -35.68 81.67
N PHE H 262 18.11 -35.93 80.72
CA PHE H 262 17.78 -36.79 79.60
C PHE H 262 18.96 -37.58 79.06
N GLN H 263 18.61 -38.60 78.28
CA GLN H 263 19.53 -39.29 77.39
C GLN H 263 18.74 -39.59 76.13
N ALA H 264 19.38 -40.19 75.14
CA ALA H 264 18.68 -40.56 73.91
C ALA H 264 17.98 -41.94 73.84
N HIS H 265 18.46 -43.01 74.52
CA HIS H 265 19.63 -43.04 75.38
C HIS H 265 20.87 -43.36 74.57
N THR H 266 20.65 -43.78 73.33
CA THR H 266 21.76 -44.20 72.51
C THR H 266 22.58 -43.02 72.07
N GLN H 267 23.88 -43.20 71.95
CA GLN H 267 24.73 -42.10 71.52
C GLN H 267 24.40 -41.77 70.06
N THR H 268 23.98 -42.80 69.33
CA THR H 268 23.46 -42.74 67.95
C THR H 268 22.08 -42.05 67.72
N MET H 269 21.15 -42.19 68.66
CA MET H 269 19.82 -41.59 68.48
C MET H 269 19.92 -40.07 68.65
N LEU H 270 20.95 -39.65 69.35
CA LEU H 270 21.33 -38.26 69.55
C LEU H 270 21.73 -37.72 68.18
N PHE H 271 22.58 -38.52 67.56
CA PHE H 271 23.25 -38.40 66.28
C PHE H 271 22.27 -38.28 65.07
N GLN H 272 21.14 -39.00 65.16
CA GLN H 272 20.09 -39.00 64.12
C GLN H 272 19.36 -37.67 63.94
N THR H 273 19.07 -37.00 65.05
CA THR H 273 18.43 -35.68 65.01
C THR H 273 19.32 -34.74 64.21
N PHE H 274 20.62 -34.83 64.46
CA PHE H 274 21.63 -34.02 63.79
C PHE H 274 21.55 -34.36 62.27
N TYR H 275 21.44 -35.64 61.91
CA TYR H 275 21.36 -36.01 60.48
C TYR H 275 20.14 -35.32 59.84
N ASP H 276 18.99 -35.43 60.48
CA ASP H 276 17.76 -34.81 59.98
C ASP H 276 17.97 -33.29 59.81
N LEU H 277 18.71 -32.67 60.74
CA LEU H 277 19.02 -31.23 60.69
C LEU H 277 19.82 -30.96 59.42
N LEU H 278 20.71 -31.89 59.12
CA LEU H 278 21.55 -31.86 57.92
C LEU H 278 20.62 -31.86 56.69
N ILE H 279 19.59 -32.71 56.72
CA ILE H 279 18.60 -32.76 55.63
C ILE H 279 17.91 -31.38 55.54
N GLN H 280 17.59 -30.81 56.70
CA GLN H 280 16.89 -29.52 56.88
C GLN H 280 17.61 -28.34 56.23
N LYS H 281 18.92 -28.34 56.39
CA LYS H 281 19.84 -27.31 55.91
C LYS H 281 19.92 -27.41 54.40
N ASN H 282 19.96 -28.61 53.87
CA ASN H 282 20.24 -28.79 52.47
C ASN H 282 18.98 -28.87 51.64
N SER H 283 17.79 -28.71 52.22
CA SER H 283 16.65 -28.87 51.32
C SER H 283 16.74 -27.80 50.21
N HIS H 284 17.18 -26.57 50.53
CA HIS H 284 17.19 -25.55 49.48
C HIS H 284 18.33 -25.97 48.53
N ARG H 285 19.26 -26.72 49.13
CA ARG H 285 20.50 -27.24 48.54
C ARG H 285 20.35 -28.70 48.10
N TYR H 286 19.48 -28.96 47.16
CA TYR H 286 19.29 -30.34 46.75
C TYR H 286 20.37 -30.62 45.73
N ARG H 287 20.79 -29.57 45.03
CA ARG H 287 21.84 -29.64 44.02
C ARG H 287 21.75 -30.85 43.10
N GLY H 288 20.62 -30.98 42.41
CA GLY H 288 20.32 -32.18 41.66
C GLY H 288 19.39 -33.12 42.40
N GLY H 289 18.92 -34.14 41.71
CA GLY H 289 17.96 -35.07 42.29
C GLY H 289 16.61 -34.38 42.32
N ALA H 290 15.59 -35.08 42.79
CA ALA H 290 14.24 -34.51 42.79
C ALA H 290 13.83 -34.20 44.22
N SER H 291 13.30 -33.01 44.45
CA SER H 291 12.77 -32.65 45.76
C SER H 291 13.86 -32.83 46.83
N GLY H 292 13.54 -33.61 47.85
CA GLY H 292 14.51 -34.01 48.84
C GLY H 292 15.30 -35.27 48.51
N ASP H 293 15.07 -35.86 47.34
CA ASP H 293 15.66 -37.17 47.05
C ASP H 293 17.17 -37.11 46.79
N PHE H 294 17.78 -35.96 47.03
CA PHE H 294 19.22 -35.88 46.98
C PHE H 294 19.73 -36.67 48.20
N ALA H 295 18.91 -36.64 49.24
CA ALA H 295 19.02 -37.52 50.43
C ALA H 295 19.22 -38.99 50.07
N ARG H 296 18.57 -39.37 48.98
CA ARG H 296 18.55 -40.73 48.42
C ARG H 296 19.97 -41.11 48.00
N SER H 297 20.77 -40.11 47.64
CA SER H 297 22.16 -40.34 47.26
C SER H 297 22.91 -40.86 48.49
N LEU H 298 22.67 -40.36 49.69
CA LEU H 298 23.40 -40.92 50.83
C LEU H 298 22.97 -42.40 50.92
N ASP H 299 21.68 -42.65 50.72
CA ASP H 299 21.15 -44.01 50.65
C ASP H 299 21.77 -44.77 49.47
N TYR H 300 22.00 -44.07 48.36
CA TYR H 300 22.63 -44.70 47.20
C TYR H 300 23.99 -45.21 47.68
N CYS H 301 24.67 -44.41 48.50
CA CYS H 301 25.94 -44.84 49.05
C CYS H 301 25.67 -45.42 50.45
N GLY H 302 24.44 -45.88 50.68
CA GLY H 302 24.06 -46.43 51.97
C GLY H 302 24.87 -47.66 52.39
N ASP H 303 25.07 -48.56 51.43
CA ASP H 303 25.89 -49.76 51.64
C ASP H 303 27.37 -49.39 51.86
N LEU H 304 27.67 -48.12 51.60
CA LEU H 304 28.96 -47.43 51.75
C LEU H 304 28.99 -46.95 53.20
N ALA H 305 27.87 -46.36 53.60
CA ALA H 305 27.64 -45.83 54.94
C ALA H 305 27.78 -47.08 55.79
N LEU H 306 27.25 -48.17 55.27
CA LEU H 306 27.25 -49.49 55.89
C LEU H 306 28.74 -49.77 56.06
N GLU H 307 29.48 -49.65 54.96
CA GLU H 307 30.93 -49.84 54.96
C GLU H 307 31.70 -48.92 55.91
N GLY H 308 31.24 -47.72 56.24
CA GLY H 308 32.07 -46.96 57.16
C GLY H 308 32.22 -47.76 58.45
N VAL H 309 31.14 -48.28 59.04
CA VAL H 309 31.34 -49.12 60.22
C VAL H 309 32.11 -50.35 59.74
N PHE H 310 31.66 -50.89 58.61
CA PHE H 310 32.20 -52.10 58.01
C PHE H 310 33.60 -52.11 57.40
N ALA H 311 34.00 -51.07 56.66
CA ALA H 311 35.37 -51.13 56.11
C ALA H 311 36.43 -50.57 57.07
N HIS H 312 36.17 -50.71 58.36
CA HIS H 312 37.05 -50.20 59.44
C HIS H 312 37.41 -48.74 59.35
N LYS H 313 36.83 -48.02 58.40
CA LYS H 313 37.14 -46.62 58.21
C LYS H 313 35.93 -45.85 57.77
N PHE H 314 35.84 -44.61 58.20
CA PHE H 314 34.79 -43.74 57.72
C PHE H 314 35.28 -43.00 56.48
N ASP H 315 36.43 -43.39 55.94
CA ASP H 315 36.87 -42.64 54.78
C ASP H 315 36.67 -43.39 53.45
N PHE H 316 36.15 -42.66 52.47
CA PHE H 316 35.84 -43.18 51.13
C PHE H 316 36.40 -42.34 49.99
N GLU H 317 36.45 -42.89 48.80
CA GLU H 317 36.85 -42.10 47.65
C GLU H 317 35.64 -42.16 46.74
N PRO H 318 35.16 -41.01 46.27
CA PRO H 318 33.93 -41.05 45.47
C PRO H 318 34.18 -41.74 44.14
N GLU H 319 33.15 -42.45 43.68
CA GLU H 319 33.27 -43.35 42.53
C GLU H 319 33.60 -42.62 41.23
N HIS H 320 34.49 -43.22 40.44
CA HIS H 320 34.92 -42.61 39.19
C HIS H 320 33.81 -42.62 38.14
N GLY H 321 33.56 -41.47 37.54
CA GLY H 321 32.40 -41.25 36.70
C GLY H 321 31.26 -40.48 37.36
N SER H 322 30.06 -40.64 36.81
CA SER H 322 28.90 -39.82 37.19
C SER H 322 28.52 -39.94 38.66
N SER H 323 29.01 -40.99 39.32
CA SER H 323 28.70 -41.18 40.72
C SER H 323 29.59 -40.33 41.63
N MET H 324 30.34 -39.39 41.07
CA MET H 324 31.32 -38.71 41.90
C MET H 324 30.50 -37.66 42.64
N ASN H 325 29.20 -37.73 42.38
CA ASN H 325 28.29 -36.69 42.74
C ASN H 325 27.88 -37.10 44.12
N GLU H 326 28.39 -38.26 44.52
CA GLU H 326 28.13 -38.80 45.84
C GLU H 326 28.76 -37.80 46.78
N ASP H 327 29.90 -37.23 46.38
CA ASP H 327 30.55 -36.28 47.29
C ASP H 327 29.69 -35.00 47.44
N VAL H 328 28.45 -35.09 46.96
CA VAL H 328 27.31 -34.24 47.36
C VAL H 328 27.28 -34.16 48.87
N LEU H 329 27.59 -35.26 49.53
CA LEU H 329 27.57 -35.32 50.97
C LEU H 329 28.64 -34.42 51.58
N VAL H 330 29.74 -34.19 50.84
CA VAL H 330 30.73 -33.25 51.35
C VAL H 330 30.07 -31.87 51.28
N THR H 331 29.33 -31.64 50.21
CA THR H 331 28.57 -30.41 50.05
C THR H 331 27.54 -30.35 51.18
N ILE H 332 26.91 -31.50 51.48
CA ILE H 332 25.92 -31.58 52.58
C ILE H 332 26.52 -31.52 53.98
N GLY H 333 27.72 -32.06 54.13
CA GLY H 333 28.44 -32.02 55.39
C GLY H 333 28.33 -33.33 56.12
N LEU H 334 27.70 -34.30 55.47
CA LEU H 334 27.58 -35.65 56.00
C LEU H 334 28.94 -36.29 55.92
N LEU H 335 29.62 -35.95 54.82
CA LEU H 335 30.98 -36.35 54.52
C LEU H 335 31.91 -35.16 54.25
N CYS H 336 32.09 -34.20 55.16
CA CYS H 336 32.97 -33.09 54.75
C CYS H 336 34.41 -33.60 54.65
N LYS H 337 35.13 -33.11 53.64
CA LYS H 337 36.54 -33.42 53.47
C LYS H 337 37.73 -32.43 53.59
N TYR H 338 38.85 -32.97 54.10
CA TYR H 338 40.09 -32.25 54.42
C TYR H 338 40.84 -31.97 53.11
N THR H 339 41.22 -30.75 52.75
CA THR H 339 42.05 -30.65 51.54
C THR H 339 43.44 -31.26 51.79
N ALA H 340 43.95 -32.00 50.79
CA ALA H 340 45.21 -32.73 50.87
C ALA H 340 45.57 -33.38 49.52
N GLN H 341 46.85 -33.66 49.30
CA GLN H 341 47.29 -34.26 48.04
C GLN H 341 46.92 -35.75 47.93
N ARG H 342 46.12 -36.04 46.92
CA ARG H 342 45.55 -37.35 46.59
C ARG H 342 44.40 -37.60 47.56
N LEU H 343 43.69 -36.50 47.82
CA LEU H 343 42.56 -36.43 48.73
C LEU H 343 41.37 -37.32 48.42
N LYS H 344 40.88 -37.98 49.46
CA LYS H 344 39.63 -38.69 49.38
C LYS H 344 38.76 -38.45 50.63
N PRO H 345 37.44 -38.27 50.41
CA PRO H 345 36.33 -37.97 51.30
C PRO H 345 36.39 -38.73 52.63
N THR H 346 35.70 -38.19 53.65
CA THR H 346 35.57 -38.81 54.98
C THR H 346 34.25 -38.25 55.45
N TYR H 347 33.64 -38.85 56.48
CA TYR H 347 32.45 -38.24 57.08
C TYR H 347 32.63 -37.17 58.12
N LYS H 348 33.86 -36.98 58.64
CA LYS H 348 34.03 -36.05 59.75
C LYS H 348 33.48 -34.69 59.33
N PHE H 349 32.67 -34.10 60.19
CA PHE H 349 32.35 -32.69 60.11
C PHE H 349 33.06 -32.07 61.29
N PHE H 350 33.95 -32.88 61.85
CA PHE H 350 34.23 -33.01 63.28
C PHE H 350 33.75 -34.43 63.59
N HIS H 351 34.66 -35.36 63.92
CA HIS H 351 34.30 -36.70 64.39
C HIS H 351 33.60 -37.57 63.33
N LYS H 352 34.36 -38.27 62.50
CA LYS H 352 33.77 -39.12 61.46
C LYS H 352 32.95 -40.31 62.00
N SER H 353 33.26 -40.73 63.21
CA SER H 353 32.53 -41.83 63.84
C SER H 353 31.06 -41.50 64.01
N PHE H 354 30.73 -40.24 63.78
CA PHE H 354 29.37 -39.76 63.91
C PHE H 354 28.45 -40.52 62.96
N GLN H 355 28.99 -40.88 61.80
CA GLN H 355 28.29 -41.71 60.80
C GLN H 355 27.92 -43.16 61.17
N GLU H 356 28.27 -43.59 62.38
CA GLU H 356 27.95 -44.95 62.81
C GLU H 356 26.46 -45.32 62.85
N TYR H 357 25.62 -44.39 63.26
CA TYR H 357 24.18 -44.62 63.28
C TYR H 357 23.67 -44.88 61.87
N THR H 358 24.09 -44.10 60.89
CA THR H 358 23.58 -44.30 59.54
C THR H 358 23.90 -45.71 59.06
N ALA H 359 25.08 -46.22 59.42
CA ALA H 359 25.41 -47.58 59.02
C ALA H 359 24.46 -48.55 59.68
N GLY H 360 24.12 -48.29 60.94
CA GLY H 360 23.17 -49.11 61.65
C GLY H 360 21.81 -48.93 60.99
N ARG H 361 21.52 -47.67 60.65
CA ARG H 361 20.28 -47.27 59.96
C ARG H 361 20.05 -47.93 58.61
N ARG H 362 21.12 -48.07 57.83
CA ARG H 362 21.04 -48.71 56.52
C ARG H 362 20.59 -50.14 56.80
N LEU H 363 21.14 -50.75 57.85
CA LEU H 363 20.83 -52.13 58.18
C LEU H 363 19.32 -52.13 58.49
N SER H 364 18.88 -51.13 59.25
CA SER H 364 17.46 -51.01 59.58
C SER H 364 16.64 -50.83 58.32
N SER H 365 17.15 -50.04 57.39
CA SER H 365 16.45 -49.80 56.13
C SER H 365 16.31 -51.13 55.42
N LEU H 366 17.27 -52.02 55.65
CA LEU H 366 17.22 -53.36 55.10
C LEU H 366 16.18 -54.18 55.88
N LEU H 367 16.18 -54.08 57.20
CA LEU H 367 15.26 -54.85 58.05
C LEU H 367 13.78 -54.45 57.88
N THR H 368 13.52 -53.16 57.69
CA THR H 368 12.16 -52.66 57.54
C THR H 368 11.76 -52.63 56.07
N SER H 369 12.55 -53.30 55.24
CA SER H 369 12.37 -53.24 53.80
C SER H 369 11.23 -54.12 53.31
N LYS H 370 10.75 -53.78 52.12
CA LYS H 370 9.55 -54.36 51.53
C LYS H 370 9.55 -55.89 51.45
N GLU H 371 10.73 -56.50 51.55
CA GLU H 371 10.83 -57.95 51.45
C GLU H 371 11.89 -58.58 52.35
N PRO H 372 11.62 -59.82 52.79
CA PRO H 372 12.51 -60.70 53.56
C PRO H 372 13.93 -60.83 53.02
N GLU H 373 14.14 -60.89 51.70
CA GLU H 373 15.49 -61.00 51.14
C GLU H 373 16.39 -59.78 51.43
N GLU H 374 15.84 -58.58 51.39
CA GLU H 374 16.62 -57.39 51.74
C GLU H 374 16.96 -57.48 53.21
N VAL H 375 16.02 -57.94 54.02
CA VAL H 375 16.24 -58.11 55.44
C VAL H 375 17.38 -59.12 55.71
N SER H 376 17.36 -60.24 54.99
CA SER H 376 18.40 -61.27 55.07
C SER H 376 19.73 -60.74 54.55
N LYS H 377 19.65 -59.79 53.62
CA LYS H 377 20.81 -59.09 53.13
C LYS H 377 21.37 -58.29 54.30
N GLY H 378 20.45 -57.67 55.06
CA GLY H 378 20.80 -56.97 56.28
C GLY H 378 21.37 -57.96 57.25
N ASN H 379 20.75 -59.15 57.29
CA ASN H 379 21.19 -60.27 58.11
C ASN H 379 22.58 -60.74 57.68
N SER H 380 22.87 -60.69 56.37
CA SER H 380 24.14 -61.19 55.85
C SER H 380 25.29 -60.28 56.30
N TYR H 381 24.89 -59.09 56.74
CA TYR H 381 25.79 -58.09 57.29
C TYR H 381 26.12 -58.52 58.74
N LEU H 382 25.45 -59.57 59.21
CA LEU H 382 25.69 -60.15 60.54
C LEU H 382 26.55 -61.41 60.37
N ASN H 383 26.99 -61.64 59.14
CA ASN H 383 27.76 -62.83 58.84
C ASN H 383 29.16 -62.24 58.79
N LYS H 384 29.18 -60.95 59.09
CA LYS H 384 30.34 -60.07 58.99
C LYS H 384 30.93 -59.92 60.39
N MET H 385 30.11 -60.23 61.39
CA MET H 385 30.39 -59.89 62.79
C MET H 385 30.42 -61.09 63.74
N VAL H 386 31.43 -61.13 64.60
CA VAL H 386 31.61 -62.19 65.59
C VAL H 386 31.40 -61.78 67.07
N SER H 387 30.25 -62.13 67.64
CA SER H 387 29.91 -61.76 69.03
C SER H 387 30.07 -60.32 69.52
N ILE H 388 30.07 -60.14 70.85
CA ILE H 388 30.21 -58.81 71.46
C ILE H 388 31.62 -58.40 71.09
N SER H 389 32.51 -59.40 71.15
CA SER H 389 33.95 -59.33 70.85
C SER H 389 34.36 -57.96 70.36
N ASP H 390 33.73 -57.63 69.24
CA ASP H 390 33.99 -56.46 68.43
C ASP H 390 33.63 -55.13 69.08
N ILE H 391 33.38 -55.14 70.39
CA ILE H 391 33.26 -53.90 71.17
C ILE H 391 34.52 -53.03 71.00
N THR H 392 35.61 -53.68 70.60
CA THR H 392 36.89 -53.02 70.36
C THR H 392 36.91 -52.24 69.04
N SER H 393 35.92 -52.48 68.19
CA SER H 393 35.94 -51.91 66.86
C SER H 393 34.54 -51.57 66.37
N LEU H 394 34.48 -51.01 65.16
CA LEU H 394 33.24 -50.43 64.65
C LEU H 394 32.03 -51.35 64.60
N TYR H 395 32.16 -52.67 64.56
CA TYR H 395 30.89 -53.39 64.53
C TYR H 395 30.41 -53.75 65.95
N GLY H 396 31.15 -53.40 67.01
CA GLY H 396 30.70 -53.85 68.33
C GLY H 396 29.36 -53.32 68.76
N ASN H 397 29.33 -52.00 68.62
CA ASN H 397 28.28 -50.99 68.86
C ASN H 397 27.20 -50.96 67.77
N LEU H 398 27.59 -51.48 66.62
CA LEU H 398 26.80 -51.60 65.40
C LEU H 398 25.46 -52.26 65.68
N LEU H 399 25.38 -53.28 66.53
CA LEU H 399 24.08 -53.91 66.67
C LEU H 399 23.16 -52.97 67.43
N LEU H 400 23.76 -52.13 68.24
CA LEU H 400 23.09 -51.08 68.99
C LEU H 400 22.44 -50.12 68.00
N TYR H 401 23.22 -49.77 66.99
CA TYR H 401 22.82 -48.82 65.98
C TYR H 401 21.76 -49.47 65.11
N THR H 402 21.87 -50.78 64.95
CA THR H 402 20.84 -51.51 64.23
C THR H 402 19.51 -51.40 65.00
N CYS H 403 19.59 -51.67 66.32
CA CYS H 403 18.43 -51.60 67.22
C CYS H 403 17.75 -50.25 67.53
N GLY H 404 18.51 -49.16 67.64
CA GLY H 404 17.93 -47.85 67.93
C GLY H 404 17.06 -47.50 66.74
N SER H 405 17.49 -48.07 65.63
CA SER H 405 16.94 -47.93 64.29
C SER H 405 15.62 -48.71 64.16
N SER H 406 15.52 -49.91 64.73
CA SER H 406 14.32 -50.74 64.54
C SER H 406 13.91 -51.55 65.79
N THR H 407 12.61 -51.85 65.85
CA THR H 407 11.96 -52.59 66.96
C THR H 407 12.02 -54.12 67.11
N GLU H 408 11.02 -54.74 66.50
CA GLU H 408 10.77 -56.18 66.39
C GLU H 408 11.91 -56.90 65.68
N ALA H 409 12.46 -56.19 64.71
CA ALA H 409 13.53 -56.66 63.84
C ALA H 409 14.75 -57.02 64.66
N THR H 410 15.07 -56.29 65.73
CA THR H 410 16.21 -56.73 66.54
C THR H 410 16.06 -58.12 67.19
N ARG H 411 14.91 -58.77 67.05
CA ARG H 411 14.83 -60.20 67.42
C ARG H 411 15.73 -61.04 66.52
N ALA H 412 15.84 -60.60 65.26
CA ALA H 412 16.75 -61.15 64.28
C ALA H 412 18.18 -60.95 64.77
N VAL H 413 18.40 -59.82 65.42
CA VAL H 413 19.70 -59.45 66.00
C VAL H 413 19.89 -60.46 67.11
N MET H 414 18.84 -60.70 67.90
CA MET H 414 18.99 -61.59 69.04
C MET H 414 19.31 -62.98 68.53
N ARG H 415 18.85 -63.31 67.32
CA ARG H 415 19.18 -64.62 66.78
C ARG H 415 20.68 -64.79 66.61
N HIS H 416 21.38 -63.77 66.13
CA HIS H 416 22.84 -63.93 66.00
C HIS H 416 23.50 -63.95 67.36
N LEU H 417 22.83 -63.38 68.36
CA LEU H 417 23.38 -63.43 69.71
C LEU H 417 23.35 -64.87 70.22
N ALA H 418 22.63 -65.73 69.52
CA ALA H 418 22.51 -67.11 69.93
C ALA H 418 23.48 -67.92 69.08
N MET H 419 24.11 -67.25 68.12
CA MET H 419 24.90 -67.89 67.07
C MET H 419 26.35 -67.62 67.44
N VAL H 420 26.48 -67.07 68.65
CA VAL H 420 27.75 -66.72 69.29
C VAL H 420 28.30 -67.91 70.06
N TYR H 421 29.47 -68.38 69.65
CA TYR H 421 30.05 -69.60 70.21
C TYR H 421 31.49 -69.29 70.58
N GLN H 422 31.85 -68.04 70.36
CA GLN H 422 33.23 -67.59 70.47
C GLN H 422 33.47 -67.10 71.88
N HIS H 423 32.38 -66.74 72.56
CA HIS H 423 32.41 -66.25 73.93
C HIS H 423 33.06 -64.88 74.03
N GLY H 424 33.02 -64.14 72.92
CA GLY H 424 33.74 -62.89 72.77
C GLY H 424 35.19 -63.07 72.35
N SER H 425 36.11 -62.47 73.12
CA SER H 425 37.52 -62.75 72.96
C SER H 425 38.24 -62.78 74.31
N LEU H 426 39.19 -63.71 74.46
CA LEU H 426 39.86 -63.91 75.73
C LEU H 426 41.12 -63.08 75.90
N GLN H 427 41.53 -62.38 74.85
CA GLN H 427 42.81 -61.66 74.88
C GLN H 427 42.70 -60.45 75.79
N GLY H 428 43.70 -60.27 76.65
CA GLY H 428 43.76 -59.12 77.55
C GLY H 428 42.89 -59.23 78.79
N LEU H 429 42.26 -60.39 78.99
CA LEU H 429 41.32 -60.59 80.09
C LEU H 429 41.68 -61.83 80.88
N SER H 430 41.40 -61.80 82.18
CA SER H 430 41.80 -62.89 83.07
C SER H 430 40.93 -63.03 84.32
N VAL H 431 40.46 -64.25 84.57
CA VAL H 431 39.60 -64.58 85.71
C VAL H 431 40.22 -64.14 87.05
N THR H 432 41.46 -63.67 87.00
CA THR H 432 42.14 -63.18 88.17
C THR H 432 42.37 -61.67 88.13
N LYS H 433 41.47 -60.95 87.46
CA LYS H 433 41.60 -59.50 87.37
C LYS H 433 40.48 -58.87 88.18
N ARG H 434 39.35 -59.57 88.29
CA ARG H 434 38.20 -59.06 89.03
C ARG H 434 38.50 -58.99 90.55
N PRO H 435 38.97 -60.10 91.17
CA PRO H 435 39.32 -59.97 92.59
C PRO H 435 40.56 -59.10 92.87
N LEU H 436 41.46 -59.01 91.88
CA LEU H 436 42.75 -58.28 91.95
C LEU H 436 43.80 -59.08 92.73
N TRP H 437 43.74 -60.41 92.64
CA TRP H 437 44.63 -61.25 93.44
C TRP H 437 45.45 -62.23 92.59
N ARG H 438 46.60 -62.62 93.12
CA ARG H 438 47.38 -63.71 92.55
C ARG H 438 47.30 -64.94 93.43
N GLN H 439 46.20 -65.10 94.15
CA GLN H 439 46.08 -66.16 95.13
C GLN H 439 44.66 -66.69 95.29
N GLU H 440 44.58 -67.94 95.76
CA GLU H 440 43.35 -68.71 95.85
C GLU H 440 42.18 -67.93 96.44
N SEP H 441 41.00 -68.14 95.85
CA SEP H 441 39.75 -67.49 96.26
CB SEP H 441 39.18 -66.69 95.09
OG SEP H 441 39.07 -67.52 93.95
C SEP H 441 38.73 -68.54 96.72
O SEP H 441 39.09 -69.71 96.90
P SEP H 441 39.63 -66.78 92.65
O1P SEP H 441 39.99 -67.87 91.52
O2P SEP H 441 40.95 -65.94 93.03
O3P SEP H 441 38.50 -65.79 92.08
N ILE H 442 37.48 -68.14 96.91
CA ILE H 442 36.42 -69.10 97.19
C ILE H 442 36.04 -69.76 95.87
N GLN H 443 36.14 -68.97 94.81
CA GLN H 443 35.89 -69.46 93.46
C GLN H 443 36.97 -70.49 93.12
N SER H 444 38.16 -70.29 93.68
CA SER H 444 39.28 -71.20 93.47
C SER H 444 39.05 -72.53 94.19
N LEU H 445 38.39 -72.48 95.34
CA LEU H 445 38.02 -73.70 96.04
C LEU H 445 37.03 -74.52 95.21
N ARG H 446 36.28 -73.84 94.34
CA ARG H 446 35.30 -74.53 93.51
C ARG H 446 36.00 -75.30 92.36
N ASN H 447 37.27 -74.96 92.11
CA ASN H 447 38.04 -75.56 91.01
C ASN H 447 39.45 -76.08 91.35
N THR H 448 39.93 -77.00 90.53
CA THR H 448 41.27 -77.60 90.67
C THR H 448 42.44 -76.78 90.10
N THR H 449 42.15 -75.80 89.23
CA THR H 449 43.17 -74.87 88.74
C THR H 449 43.06 -73.42 89.22
N GLU H 450 44.01 -72.58 88.80
CA GLU H 450 44.03 -71.18 89.20
C GLU H 450 43.02 -70.43 88.34
N GLN H 451 42.77 -70.95 87.14
CA GLN H 451 41.86 -70.30 86.20
C GLN H 451 40.82 -71.28 85.66
N ASP H 452 39.79 -70.74 85.02
CA ASP H 452 38.80 -71.51 84.26
C ASP H 452 37.75 -70.58 83.63
N VAL H 453 37.34 -69.56 84.38
CA VAL H 453 36.33 -68.61 83.91
C VAL H 453 36.93 -67.91 82.69
N LEU H 454 38.24 -67.67 82.77
CA LEU H 454 39.07 -67.10 81.69
C LEU H 454 38.73 -67.62 80.29
N LYS H 455 38.44 -68.91 80.21
CA LYS H 455 38.16 -69.58 78.95
C LYS H 455 36.91 -68.92 78.38
N ALA H 456 35.93 -68.67 79.22
CA ALA H 456 34.66 -68.14 78.78
C ALA H 456 34.54 -66.82 79.57
N ILE H 457 35.67 -66.12 79.70
CA ILE H 457 35.75 -64.88 80.51
C ILE H 457 34.69 -63.82 80.20
N ASN H 458 34.34 -63.68 78.94
CA ASN H 458 33.40 -62.66 78.55
C ASN H 458 31.95 -63.11 78.63
N VAL H 459 31.67 -64.08 79.48
CA VAL H 459 30.28 -64.52 79.62
C VAL H 459 29.39 -63.41 80.20
N ASN H 460 29.95 -62.60 81.09
CA ASN H 460 29.21 -61.46 81.63
C ASN H 460 29.48 -60.16 80.84
N SER H 461 30.46 -60.19 79.96
CA SER H 461 30.86 -59.04 79.13
C SER H 461 29.67 -58.86 78.21
N PHE H 462 29.12 -60.01 77.86
CA PHE H 462 27.94 -60.18 77.03
C PHE H 462 26.76 -59.49 77.65
N VAL H 463 26.63 -59.65 78.95
CA VAL H 463 25.53 -59.07 79.70
C VAL H 463 25.52 -57.54 79.67
N GLU H 464 26.66 -56.87 79.80
CA GLU H 464 26.66 -55.42 79.70
C GLU H 464 26.14 -54.91 78.33
N CYS H 465 26.60 -55.57 77.28
CA CYS H 465 26.13 -55.33 75.92
C CYS H 465 24.65 -55.55 75.87
N GLY H 466 24.24 -56.65 76.48
CA GLY H 466 22.86 -57.07 76.55
C GLY H 466 21.91 -56.10 77.23
N ILE H 467 22.31 -55.50 78.35
CA ILE H 467 21.44 -54.54 79.00
C ILE H 467 21.29 -53.33 78.10
N ASN H 468 22.40 -52.96 77.46
CA ASN H 468 22.32 -51.85 76.50
C ASN H 468 21.37 -52.18 75.33
N LEU H 469 21.49 -53.38 74.76
CA LEU H 469 20.64 -53.88 73.67
C LEU H 469 19.16 -53.99 74.02
N PHE H 470 18.90 -54.41 75.25
CA PHE H 470 17.56 -54.55 75.80
C PHE H 470 16.93 -53.17 75.81
N SER H 471 17.75 -52.25 76.29
CA SER H 471 17.44 -50.83 76.41
C SER H 471 17.21 -50.11 75.07
N GLU H 472 18.03 -50.43 74.09
CA GLU H 472 17.98 -49.79 72.77
C GLU H 472 16.77 -49.93 71.84
N SER H 473 16.01 -51.01 71.90
CA SER H 473 14.86 -51.09 71.02
C SER H 473 13.72 -50.98 72.01
N MET H 474 14.16 -50.78 73.26
CA MET H 474 13.27 -50.61 74.40
C MET H 474 12.51 -51.92 74.46
N SER H 475 13.27 -53.01 74.36
CA SER H 475 12.77 -54.28 73.84
C SER H 475 11.77 -55.03 74.73
N LYS H 476 11.32 -54.39 75.81
CA LYS H 476 10.48 -54.98 76.85
C LYS H 476 10.47 -56.51 76.97
N SER H 477 9.34 -57.03 77.43
CA SER H 477 9.13 -58.47 77.58
C SER H 477 9.13 -59.24 76.26
N ASP H 478 9.17 -58.51 75.13
CA ASP H 478 9.12 -59.15 73.82
C ASP H 478 10.36 -59.99 73.50
N LEU H 479 11.52 -59.46 73.83
CA LEU H 479 12.81 -60.12 73.59
C LEU H 479 13.31 -61.01 74.75
N SER H 480 12.46 -61.25 75.75
CA SER H 480 12.82 -62.07 76.92
C SER H 480 13.15 -63.57 76.85
N GLN H 481 12.51 -64.34 75.98
CA GLN H 481 12.85 -65.76 75.82
C GLN H 481 14.29 -65.91 75.35
N GLU H 482 14.65 -64.93 74.53
CA GLU H 482 15.97 -64.82 73.99
C GLU H 482 16.88 -64.43 75.10
N PHE H 483 16.58 -63.43 75.93
CA PHE H 483 17.64 -63.05 76.82
C PHE H 483 17.70 -64.09 77.93
N GLU H 484 16.66 -64.93 78.13
CA GLU H 484 16.79 -65.87 79.28
C GLU H 484 17.81 -66.82 78.76
N ALA H 485 17.67 -67.18 77.48
CA ALA H 485 18.63 -68.10 76.84
C ALA H 485 20.03 -67.56 76.53
N PHE H 486 20.17 -66.25 76.44
CA PHE H 486 21.42 -65.63 75.99
C PHE H 486 22.48 -65.52 77.08
N PHE H 487 22.06 -65.31 78.33
CA PHE H 487 22.99 -65.14 79.42
C PHE H 487 23.07 -66.42 80.25
N GLN H 488 22.51 -67.50 79.69
CA GLN H 488 22.45 -68.80 80.34
C GLN H 488 23.80 -69.52 80.37
N GLY H 489 24.06 -70.24 81.47
CA GLY H 489 25.29 -71.00 81.60
C GLY H 489 26.43 -70.08 81.93
N LYS H 490 26.09 -68.88 82.43
CA LYS H 490 27.08 -67.85 82.68
C LYS H 490 27.01 -67.25 84.08
N SER H 491 28.13 -66.70 84.53
CA SER H 491 28.25 -66.03 85.82
C SER H 491 28.82 -64.60 85.73
N LEU H 492 28.25 -63.69 86.52
CA LEU H 492 28.70 -62.30 86.63
C LEU H 492 29.43 -61.99 87.93
N TYR H 493 30.62 -61.40 87.84
CA TYR H 493 31.31 -61.05 89.07
C TYR H 493 31.69 -59.56 89.14
N ILE H 494 31.18 -58.91 90.20
CA ILE H 494 31.44 -57.53 90.62
C ILE H 494 32.40 -57.30 91.81
N ASN H 495 33.36 -56.38 91.68
CA ASN H 495 34.03 -55.83 92.86
C ASN H 495 33.27 -54.63 93.48
N SER H 496 33.28 -54.52 94.81
CA SER H 496 32.65 -53.39 95.51
C SER H 496 33.30 -52.04 95.20
N GLU H 497 34.60 -52.08 94.91
CA GLU H 497 35.39 -50.91 94.57
C GLU H 497 34.99 -50.38 93.21
N ASN H 498 34.65 -51.30 92.30
CA ASN H 498 34.19 -50.95 90.97
C ASN H 498 32.78 -51.47 90.71
N ILE H 499 31.81 -50.89 91.43
CA ILE H 499 30.40 -51.18 91.24
C ILE H 499 29.77 -50.24 90.23
N PRO H 500 29.37 -50.78 89.06
CA PRO H 500 28.63 -49.99 88.08
C PRO H 500 27.24 -49.58 88.58
N ASP H 501 26.72 -48.51 87.98
CA ASP H 501 25.40 -47.96 88.25
C ASP H 501 24.36 -48.63 87.34
N TYR H 502 24.84 -49.07 86.18
CA TYR H 502 24.02 -49.70 85.13
C TYR H 502 23.47 -51.08 85.47
N LEU H 503 23.94 -51.77 86.51
CA LEU H 503 23.26 -53.03 86.76
C LEU H 503 21.77 -52.95 87.13
N PHE H 504 21.29 -52.01 87.95
CA PHE H 504 19.83 -51.97 88.09
C PHE H 504 19.08 -51.58 86.77
N ASP H 505 19.81 -51.25 85.70
CA ASP H 505 19.21 -50.89 84.38
C ASP H 505 18.40 -51.96 83.63
N PHE H 506 18.90 -53.19 83.68
CA PHE H 506 18.32 -54.38 83.03
C PHE H 506 16.98 -54.61 83.66
N PHE H 507 16.97 -54.41 84.97
CA PHE H 507 15.82 -54.61 85.83
C PHE H 507 14.65 -53.68 85.49
N GLU H 508 14.65 -53.14 84.27
CA GLU H 508 13.60 -52.21 83.85
C GLU H 508 12.30 -52.99 83.71
N TYR H 509 12.33 -53.99 82.85
CA TYR H 509 11.12 -54.72 82.48
C TYR H 509 11.37 -56.17 82.82
N LEU H 510 12.65 -56.51 82.96
CA LEU H 510 12.87 -57.93 83.13
C LEU H 510 13.87 -58.23 84.27
N PRO H 511 13.55 -57.88 85.54
CA PRO H 511 14.55 -58.22 86.56
C PRO H 511 14.70 -59.72 86.90
N ASN H 512 13.60 -60.41 86.67
CA ASN H 512 13.46 -61.84 86.91
C ASN H 512 14.36 -62.72 86.04
N CYS H 513 14.58 -62.30 84.80
CA CYS H 513 15.43 -63.09 83.93
C CYS H 513 16.88 -63.08 84.40
N ALA H 514 17.10 -62.45 85.55
CA ALA H 514 18.42 -62.42 86.19
C ALA H 514 18.78 -63.86 86.51
N SER H 515 17.77 -64.67 86.82
CA SER H 515 17.98 -66.09 87.13
C SER H 515 18.20 -66.98 85.91
N ALA H 516 18.52 -66.38 84.77
CA ALA H 516 19.12 -67.16 83.70
C ALA H 516 20.59 -67.42 84.06
N LEU H 517 21.23 -66.37 84.58
CA LEU H 517 22.62 -66.42 85.06
C LEU H 517 22.74 -67.40 86.23
N ASP H 518 23.91 -67.96 86.45
CA ASP H 518 24.11 -68.78 87.65
C ASP H 518 24.43 -68.01 88.92
N PHE H 519 25.67 -67.54 89.03
CA PHE H 519 26.10 -66.68 90.15
C PHE H 519 26.60 -65.26 89.91
N VAL H 520 26.13 -64.35 90.76
CA VAL H 520 26.46 -62.93 90.66
C VAL H 520 27.46 -62.91 91.79
N LYS H 521 28.68 -62.48 91.52
CA LYS H 521 29.73 -62.58 92.53
C LYS H 521 30.22 -61.20 92.93
N LEU H 522 30.28 -61.04 94.25
CA LEU H 522 30.66 -59.81 94.91
C LEU H 522 31.86 -59.84 95.84
N ASP H 523 32.76 -58.88 95.66
CA ASP H 523 33.93 -58.78 96.52
C ASP H 523 33.74 -57.49 97.29
N PHE H 524 33.83 -57.60 98.61
CA PHE H 524 33.58 -56.47 99.51
C PHE H 524 34.85 -56.21 100.31
N TYR H 525 35.50 -55.09 100.02
CA TYR H 525 36.64 -54.63 100.82
C TYR H 525 36.43 -53.40 101.69
N GLU H 526 37.50 -53.04 102.40
CA GLU H 526 37.54 -51.91 103.31
C GLU H 526 36.61 -51.98 104.51
N ARG H 527 35.31 -51.86 104.26
CA ARG H 527 34.34 -51.90 105.35
C ARG H 527 33.15 -52.75 104.97
N ALA H 528 32.49 -53.32 105.97
CA ALA H 528 31.31 -54.13 105.72
C ALA H 528 30.17 -53.27 105.17
N THR H 529 30.27 -51.96 105.37
CA THR H 529 29.25 -51.01 104.89
C THR H 529 29.04 -51.12 103.38
N PRO H 553 26.90 -53.65 102.84
CA PRO H 553 26.79 -52.95 101.57
C PRO H 553 25.35 -52.60 101.18
N PRO H 554 24.85 -51.43 101.61
CA PRO H 554 23.47 -51.03 101.30
C PRO H 554 23.25 -50.88 99.80
N ARG H 555 24.29 -50.44 99.09
CA ARG H 555 24.20 -50.24 97.65
C ARG H 555 24.06 -51.57 96.90
N ALA H 556 24.72 -52.61 97.41
CA ALA H 556 24.65 -53.96 96.84
C ALA H 556 23.28 -54.62 96.99
N VAL H 557 22.72 -54.53 98.19
CA VAL H 557 21.46 -55.22 98.49
C VAL H 557 20.34 -54.66 97.63
N SER H 558 20.31 -53.33 97.49
CA SER H 558 19.28 -52.61 96.75
C SER H 558 18.93 -53.33 95.44
N LEU H 559 19.94 -54.00 94.89
CA LEU H 559 19.82 -54.84 93.72
C LEU H 559 19.00 -56.10 93.98
N PHE H 560 19.19 -56.71 95.14
CA PHE H 560 18.53 -57.96 95.49
C PHE H 560 17.15 -57.74 96.11
N PHE H 561 16.84 -56.49 96.42
CA PHE H 561 15.45 -56.12 96.67
C PHE H 561 14.63 -56.13 95.38
N ASN H 562 15.30 -55.96 94.25
CA ASN H 562 14.58 -55.90 92.98
C ASN H 562 14.40 -57.25 92.31
N TRP H 563 15.11 -58.26 92.79
CA TRP H 563 15.02 -59.57 92.16
C TRP H 563 14.37 -60.68 92.99
N LYS H 564 13.70 -61.59 92.29
CA LYS H 564 12.99 -62.72 92.88
C LYS H 564 13.90 -63.82 93.47
N GLN H 565 13.54 -64.30 94.65
CA GLN H 565 14.18 -65.46 95.27
C GLN H 565 13.88 -66.74 94.47
N GLU H 566 14.73 -67.76 94.54
CA GLU H 566 16.11 -67.67 95.05
C GLU H 566 17.21 -67.97 94.02
N PHE H 567 18.27 -67.16 94.08
CA PHE H 567 19.45 -67.38 93.24
C PHE H 567 19.97 -68.77 93.59
N LYS H 568 20.53 -69.50 92.65
CA LYS H 568 21.06 -70.80 93.00
C LYS H 568 22.27 -70.67 93.92
N THR H 569 23.40 -70.25 93.34
CA THR H 569 24.61 -69.95 94.12
C THR H 569 25.06 -68.47 94.06
N LEU H 570 25.23 -67.88 95.23
CA LEU H 570 25.66 -66.47 95.43
C LEU H 570 27.03 -66.33 96.12
N GLU H 571 28.06 -65.82 95.44
CA GLU H 571 29.35 -65.85 96.12
C GLU H 571 30.04 -64.51 96.37
N VAL H 572 30.56 -64.46 97.60
CA VAL H 572 31.31 -63.36 98.20
C VAL H 572 32.76 -63.57 98.76
N THR H 573 33.64 -62.71 98.25
CA THR H 573 35.10 -62.59 98.51
C THR H 573 35.41 -61.37 99.39
N LEU H 574 36.05 -61.55 100.54
CA LEU H 574 36.22 -60.47 101.51
C LEU H 574 37.71 -60.13 101.42
N ARG H 575 37.99 -58.86 101.11
CA ARG H 575 39.33 -58.27 101.10
C ARG H 575 39.64 -57.06 101.99
N ASP H 576 40.88 -57.01 102.49
CA ASP H 576 41.43 -55.93 103.31
C ASP H 576 40.40 -55.21 104.17
N ILE H 577 39.75 -55.97 105.06
CA ILE H 577 38.80 -55.38 105.97
C ILE H 577 39.46 -55.22 107.34
N ASN H 578 39.29 -54.04 107.91
CA ASN H 578 39.80 -53.72 109.23
C ASN H 578 38.66 -53.07 109.99
N LYS H 579 37.49 -53.17 109.37
CA LYS H 579 36.25 -52.62 109.89
C LYS H 579 35.14 -53.62 109.63
N LEU H 580 35.04 -54.64 110.48
CA LEU H 580 34.00 -55.64 110.31
C LEU H 580 32.76 -55.21 111.07
N ASN H 581 32.13 -54.13 110.61
CA ASN H 581 30.95 -53.63 111.32
C ASN H 581 29.93 -54.74 111.26
N LYS H 582 29.76 -55.36 112.41
CA LYS H 582 28.86 -56.50 112.59
C LYS H 582 27.41 -56.11 112.24
N GLN H 583 27.19 -54.81 112.12
CA GLN H 583 25.95 -54.22 111.62
C GLN H 583 25.75 -54.37 110.11
N ASP H 584 26.84 -54.32 109.33
CA ASP H 584 26.76 -54.28 107.87
C ASP H 584 26.92 -55.69 107.26
N ILE H 585 27.16 -56.64 108.17
CA ILE H 585 27.30 -58.08 107.95
C ILE H 585 25.94 -58.46 107.41
N LYS H 586 24.94 -57.89 108.06
CA LYS H 586 23.52 -58.07 107.83
C LYS H 586 23.15 -57.68 106.39
N TYR H 587 23.74 -56.62 105.86
CA TYR H 587 23.41 -56.19 104.50
C TYR H 587 23.86 -57.36 103.61
N LEU H 588 25.02 -57.92 103.96
CA LEU H 588 25.53 -59.10 103.28
C LEU H 588 24.51 -60.20 103.49
N GLY H 589 23.85 -60.21 104.64
CA GLY H 589 22.79 -61.17 104.95
C GLY H 589 21.66 -61.04 103.93
N LYS H 590 21.26 -59.81 103.62
CA LYS H 590 20.19 -59.54 102.65
C LYS H 590 20.64 -60.12 101.31
N ILE H 591 21.90 -59.93 100.98
CA ILE H 591 22.44 -60.47 99.73
C ILE H 591 22.39 -61.99 99.79
N PHE H 592 22.74 -62.54 100.96
CA PHE H 592 22.76 -63.97 101.18
C PHE H 592 21.41 -64.67 101.12
N SER H 593 20.33 -63.97 101.47
CA SER H 593 19.05 -64.66 101.46
C SER H 593 18.53 -64.87 100.04
N SER H 594 19.19 -64.22 99.07
CA SER H 594 18.77 -64.35 97.68
C SER H 594 19.11 -65.72 97.13
N ALA H 595 20.12 -66.37 97.72
CA ALA H 595 20.61 -67.64 97.20
C ALA H 595 20.36 -68.90 98.02
N THR H 596 20.15 -70.00 97.30
CA THR H 596 20.07 -71.31 97.92
C THR H 596 21.46 -71.66 98.46
N ASN H 597 22.50 -71.29 97.71
CA ASN H 597 23.89 -71.54 98.10
C ASN H 597 24.72 -70.26 98.16
N LEU H 598 25.44 -70.12 99.27
CA LEU H 598 26.41 -69.04 99.51
C LEU H 598 27.89 -69.39 99.69
N ARG H 599 28.81 -68.77 98.94
CA ARG H 599 30.19 -69.27 99.02
C ARG H 599 31.00 -68.04 99.48
N LEU H 600 31.78 -68.22 100.55
CA LEU H 600 32.71 -67.20 101.10
C LEU H 600 34.23 -67.39 101.30
N HIS H 601 35.03 -66.50 100.73
CA HIS H 601 36.50 -66.53 100.92
C HIS H 601 36.93 -65.30 101.71
N ILE H 602 37.49 -65.47 102.90
CA ILE H 602 37.77 -64.34 103.76
C ILE H 602 39.28 -64.21 103.84
N LYS H 603 39.70 -63.10 103.24
CA LYS H 603 41.07 -62.81 102.83
C LYS H 603 41.57 -61.43 103.24
N ARG H 604 42.54 -61.41 104.15
CA ARG H 604 43.12 -60.18 104.69
C ARG H 604 42.16 -59.39 105.54
N CYS H 605 41.20 -60.09 106.14
CA CYS H 605 40.20 -59.43 106.96
C CYS H 605 40.62 -59.48 108.41
N ALA H 606 41.52 -58.59 108.78
CA ALA H 606 42.07 -58.56 110.14
C ALA H 606 40.99 -58.22 111.19
N ALA H 607 39.87 -57.68 110.74
CA ALA H 607 38.74 -57.41 111.63
C ALA H 607 37.85 -58.64 111.82
N MET H 608 38.14 -59.68 111.05
CA MET H 608 37.42 -60.96 111.09
C MET H 608 38.09 -61.99 112.02
N ALA H 609 37.48 -62.25 113.18
CA ALA H 609 38.02 -63.23 114.11
C ALA H 609 36.95 -64.28 114.42
N GLY H 610 36.44 -64.31 115.65
CA GLY H 610 35.37 -65.24 115.99
C GLY H 610 34.10 -64.72 115.33
N ARG H 611 34.25 -63.55 114.74
CA ARG H 611 33.15 -62.73 114.25
C ARG H 611 32.55 -63.35 112.99
N LEU H 612 33.19 -64.41 112.51
CA LEU H 612 32.65 -65.20 111.40
C LEU H 612 31.27 -65.71 111.79
N SER H 613 31.05 -65.83 113.10
CA SER H 613 29.74 -66.17 113.65
C SER H 613 28.62 -65.32 113.04
N SER H 614 28.89 -64.03 112.86
CA SER H 614 27.93 -63.03 112.37
C SER H 614 27.68 -63.35 110.91
N VAL H 615 28.75 -63.74 110.24
CA VAL H 615 28.74 -64.12 108.85
C VAL H 615 27.84 -65.33 108.68
N LEU H 616 27.86 -66.25 109.64
CA LEU H 616 27.12 -67.50 109.48
C LEU H 616 25.67 -67.39 109.93
N ARG H 617 25.42 -66.77 111.08
CA ARG H 617 24.06 -66.68 111.62
C ARG H 617 23.09 -66.17 110.55
N THR H 618 23.61 -65.36 109.62
CA THR H 618 22.82 -64.73 108.56
C THR H 618 22.78 -65.59 107.31
N CYS H 619 23.66 -66.59 107.25
CA CYS H 619 23.70 -67.52 106.13
C CYS H 619 22.58 -68.54 106.15
N LYS H 620 21.83 -68.59 105.06
CA LYS H 620 20.85 -69.66 104.86
C LYS H 620 21.61 -70.98 104.79
N ASN H 621 22.75 -70.92 104.12
CA ASN H 621 23.48 -72.13 103.77
C ASN H 621 24.92 -71.78 103.35
N MET H 622 25.87 -72.07 104.23
CA MET H 622 27.29 -71.87 103.93
C MET H 622 27.75 -72.98 103.02
N HIS H 623 27.55 -72.82 101.72
CA HIS H 623 27.73 -73.92 100.78
C HIS H 623 29.21 -74.29 100.60
N THR H 624 30.11 -73.31 100.74
CA THR H 624 31.55 -73.55 100.61
C THR H 624 32.38 -72.54 101.43
N LEU H 625 33.31 -73.01 102.26
CA LEU H 625 34.18 -72.07 102.99
C LEU H 625 35.70 -72.26 102.83
N MET H 626 36.35 -71.19 102.37
CA MET H 626 37.81 -71.06 102.23
C MET H 626 38.42 -69.89 103.01
N VAL H 627 39.46 -70.10 103.81
CA VAL H 627 39.96 -69.03 104.68
C VAL H 627 41.49 -68.90 104.58
N GLU H 628 41.96 -67.73 104.14
CA GLU H 628 43.39 -67.43 104.02
C GLU H 628 43.76 -65.97 104.31
N ALA H 629 44.94 -65.78 104.90
CA ALA H 629 45.50 -64.47 105.23
C ALA H 629 44.60 -63.68 106.18
N SER H 630 43.85 -64.39 107.01
CA SER H 630 42.96 -63.75 107.97
C SER H 630 43.05 -64.46 109.31
N PRO H 631 42.58 -63.81 110.40
CA PRO H 631 42.62 -64.40 111.75
C PRO H 631 41.80 -65.68 111.88
N LEU H 632 42.43 -66.72 112.42
CA LEU H 632 41.84 -68.06 112.43
C LEU H 632 42.10 -68.90 113.67
N THR H 633 41.05 -69.40 114.32
CA THR H 633 41.35 -70.23 115.47
C THR H 633 40.76 -71.59 115.07
N THR H 634 41.04 -72.64 115.85
CA THR H 634 40.54 -73.98 115.50
C THR H 634 39.03 -74.18 115.67
N ASP H 635 38.46 -73.42 116.59
CA ASP H 635 37.04 -73.40 116.89
C ASP H 635 36.13 -73.03 115.73
N ASP H 636 36.60 -72.19 114.82
CA ASP H 636 35.77 -71.79 113.69
C ASP H 636 35.38 -73.04 112.84
N GLU H 637 35.99 -74.18 113.16
CA GLU H 637 35.76 -75.48 112.49
C GLU H 637 34.28 -75.85 112.59
N GLN H 638 33.72 -75.58 113.76
CA GLN H 638 32.35 -75.82 114.10
C GLN H 638 31.38 -75.09 113.17
N TYR H 639 31.69 -73.85 112.75
CA TYR H 639 30.78 -73.17 111.82
C TYR H 639 30.74 -73.99 110.54
N ILE H 640 31.88 -74.56 110.17
CA ILE H 640 32.00 -75.39 108.98
C ILE H 640 31.05 -76.57 109.15
N THR H 641 31.03 -77.13 110.36
CA THR H 641 30.18 -78.28 110.72
C THR H 641 28.70 -77.95 110.97
N SER H 642 28.35 -76.69 111.16
CA SER H 642 26.94 -76.37 111.39
C SER H 642 26.17 -76.59 110.09
N VAL H 643 26.83 -76.37 108.98
CA VAL H 643 26.23 -76.52 107.66
C VAL H 643 26.42 -77.90 106.99
N THR H 644 25.34 -78.65 106.89
CA THR H 644 25.37 -80.04 106.42
C THR H 644 25.35 -79.98 104.88
N GLY H 645 25.00 -78.80 104.39
CA GLY H 645 24.85 -78.48 102.97
C GLY H 645 26.16 -78.30 102.22
N LEU H 646 27.28 -78.46 102.92
CA LEU H 646 28.61 -78.19 102.37
C LEU H 646 29.06 -79.13 101.27
N GLN H 647 29.32 -78.55 100.10
CA GLN H 647 29.84 -79.27 98.94
C GLN H 647 31.37 -79.23 98.84
N ASN H 648 31.94 -78.04 99.03
CA ASN H 648 33.38 -77.81 98.87
C ASN H 648 34.04 -77.22 100.12
N LEU H 649 35.09 -77.85 100.66
CA LEU H 649 35.79 -77.24 101.79
C LEU H 649 37.33 -77.23 101.79
N SER H 650 37.91 -76.04 101.79
CA SER H 650 39.36 -75.83 101.90
C SER H 650 39.71 -74.86 103.04
N ILE H 651 40.84 -75.10 103.69
CA ILE H 651 41.52 -74.06 104.46
C ILE H 651 43.02 -74.28 104.30
N HIS H 652 43.72 -73.30 103.73
CA HIS H 652 45.11 -73.50 103.35
C HIS H 652 46.08 -72.70 104.20
N ARG H 653 45.64 -72.16 105.33
CA ARG H 653 46.56 -71.45 106.21
C ARG H 653 46.48 -71.83 107.70
N LEU H 654 45.99 -73.02 108.02
CA LEU H 654 46.14 -73.58 109.37
C LEU H 654 47.59 -73.53 109.83
N HIS H 655 48.40 -74.37 109.17
CA HIS H 655 49.83 -74.51 109.40
C HIS H 655 50.06 -75.24 110.74
N THR H 656 48.94 -75.58 111.38
CA THR H 656 48.84 -76.30 112.66
C THR H 656 48.08 -77.63 112.60
N GLN H 657 48.60 -78.68 113.24
CA GLN H 657 47.95 -79.99 113.21
C GLN H 657 46.57 -79.86 113.85
N GLN H 658 45.61 -80.60 113.30
CA GLN H 658 44.22 -80.53 113.72
C GLN H 658 44.05 -81.47 114.91
N LEU H 659 43.41 -80.94 115.95
CA LEU H 659 43.16 -81.67 117.19
C LEU H 659 42.41 -83.01 117.09
N PRO H 660 42.34 -83.74 118.22
CA PRO H 660 41.58 -84.99 118.40
C PRO H 660 40.09 -84.88 118.05
N GLY H 661 39.46 -83.80 118.50
CA GLY H 661 38.06 -83.57 118.24
C GLY H 661 37.85 -82.69 117.02
N GLY H 662 38.86 -82.67 116.15
CA GLY H 662 38.92 -81.75 115.03
C GLY H 662 37.80 -81.89 114.02
N LEU H 663 37.86 -81.07 112.97
CA LEU H 663 36.80 -81.01 111.97
C LEU H 663 36.78 -82.28 111.12
N ILE H 664 37.93 -82.94 111.08
CA ILE H 664 38.12 -84.18 110.34
C ILE H 664 37.12 -85.30 110.65
N ASP H 665 36.50 -85.28 111.84
CA ASP H 665 35.53 -86.31 112.17
C ASP H 665 34.11 -85.76 112.21
N SER H 666 33.91 -84.62 111.56
CA SER H 666 32.58 -84.08 111.34
C SER H 666 32.22 -84.19 109.87
N LEU H 667 33.02 -84.96 109.15
CA LEU H 667 32.67 -85.37 107.79
C LEU H 667 31.39 -86.19 107.83
N GLY H 668 31.02 -86.64 109.03
CA GLY H 668 29.89 -87.54 109.18
C GLY H 668 28.67 -86.67 109.05
N ASN H 669 28.92 -85.35 109.08
CA ASN H 669 27.87 -84.37 109.00
C ASN H 669 27.94 -83.78 107.60
N LEU H 670 29.14 -83.64 107.04
CA LEU H 670 29.08 -83.10 105.72
C LEU H 670 29.06 -84.33 104.83
N LYS H 671 27.86 -84.71 104.39
CA LYS H 671 27.71 -85.89 103.56
C LYS H 671 27.68 -85.46 102.13
N ASN H 672 27.48 -84.17 101.96
CA ASN H 672 27.29 -83.62 100.63
C ASN H 672 28.57 -83.07 100.06
N LEU H 673 29.67 -83.24 100.78
CA LEU H 673 30.91 -82.64 100.34
C LEU H 673 31.26 -83.46 99.12
N GLU H 674 31.30 -82.85 97.95
CA GLU H 674 31.73 -83.62 96.80
C GLU H 674 33.18 -83.31 96.52
N ARG H 675 33.66 -82.23 97.12
CA ARG H 675 35.04 -81.80 96.94
C ARG H 675 35.74 -81.24 98.18
N LEU H 676 36.91 -81.82 98.46
CA LEU H 676 37.75 -81.42 99.57
C LEU H 676 39.17 -81.20 99.06
N ILE H 677 39.72 -80.03 99.36
CA ILE H 677 41.09 -79.71 99.02
C ILE H 677 41.77 -79.14 100.24
N LEU H 678 42.77 -79.84 100.73
CA LEU H 678 43.54 -79.41 101.89
C LEU H 678 44.96 -79.19 101.42
N ASP H 679 45.42 -77.95 101.52
CA ASP H 679 46.74 -77.63 101.00
C ASP H 679 47.62 -76.97 102.04
N ASP H 680 48.79 -77.58 102.13
CA ASP H 680 49.91 -77.25 103.00
C ASP H 680 49.42 -77.29 104.44
N ILE H 681 48.69 -78.33 104.79
CA ILE H 681 48.28 -78.49 106.18
C ILE H 681 49.20 -79.35 107.03
N ARG H 682 49.56 -78.82 108.19
CA ARG H 682 50.31 -79.54 109.21
C ARG H 682 49.36 -80.48 109.95
N MET H 683 49.62 -81.78 110.02
CA MET H 683 48.64 -82.67 110.66
C MET H 683 49.26 -83.87 111.35
N ASN H 684 48.45 -84.48 112.20
CA ASN H 684 48.80 -85.71 112.87
C ASN H 684 48.28 -86.91 112.12
N GLU H 685 49.17 -87.88 111.95
CA GLU H 685 48.92 -89.09 111.21
C GLU H 685 47.70 -89.82 111.80
N GLU H 686 47.65 -89.86 113.12
CA GLU H 686 46.54 -90.51 113.81
C GLU H 686 45.26 -89.73 113.50
N ASP H 687 45.38 -88.41 113.46
CA ASP H 687 44.29 -87.50 113.07
C ASP H 687 43.87 -87.79 111.63
N ALA H 688 44.84 -88.12 110.79
CA ALA H 688 44.59 -88.49 109.40
C ALA H 688 43.74 -89.77 109.41
N LYS H 689 44.05 -90.70 110.30
CA LYS H 689 43.25 -91.92 110.47
C LYS H 689 41.80 -91.56 110.88
N ASN H 690 41.68 -90.58 111.77
CA ASN H 690 40.38 -90.09 112.20
C ASN H 690 39.62 -89.50 110.99
N LEU H 691 40.38 -88.84 110.11
CA LEU H 691 39.95 -88.24 108.85
C LEU H 691 39.42 -89.37 107.97
N ALA H 692 40.10 -90.49 108.05
CA ALA H 692 39.82 -91.75 107.37
C ALA H 692 38.42 -92.23 107.79
N GLU H 693 38.14 -92.17 109.09
CA GLU H 693 36.84 -92.57 109.64
C GLU H 693 35.71 -91.77 108.97
N GLY H 694 36.03 -90.53 108.61
CA GLY H 694 35.15 -89.59 107.95
C GLY H 694 34.74 -89.99 106.53
N LEU H 695 35.66 -90.58 105.77
CA LEU H 695 35.41 -90.95 104.37
C LEU H 695 34.26 -91.94 104.12
N ARG H 696 33.84 -92.73 105.10
CA ARG H 696 32.70 -93.62 104.86
C ARG H 696 31.48 -92.77 104.53
N SER H 697 31.40 -91.58 105.08
CA SER H 697 30.23 -90.75 104.89
C SER H 697 30.48 -89.92 103.62
N LEU H 698 31.72 -90.00 103.14
CA LEU H 698 32.14 -89.27 101.95
C LEU H 698 32.06 -90.09 100.66
N LYS H 699 30.92 -90.75 100.46
CA LYS H 699 30.72 -91.66 99.34
C LYS H 699 30.04 -90.86 98.27
N LYS H 700 29.63 -89.66 98.65
CA LYS H 700 28.87 -88.78 97.79
C LYS H 700 29.84 -87.78 97.18
N MET H 701 31.10 -87.92 97.60
CA MET H 701 32.20 -87.05 97.21
C MET H 701 32.78 -87.43 95.85
N ARG H 702 33.01 -86.44 94.99
CA ARG H 702 33.59 -86.69 93.68
C ARG H 702 35.10 -86.43 93.64
N LEU H 703 35.59 -85.78 94.68
CA LEU H 703 36.97 -85.28 94.71
C LEU H 703 37.60 -85.27 96.10
N LEU H 704 38.79 -85.85 96.21
CA LEU H 704 39.53 -85.73 97.45
C LEU H 704 40.97 -85.48 97.05
N HIS H 705 41.49 -84.34 97.52
CA HIS H 705 42.89 -83.99 97.37
C HIS H 705 43.56 -83.69 98.70
N LEU H 706 44.57 -84.46 99.08
CA LEU H 706 45.36 -84.05 100.22
C LEU H 706 46.82 -83.87 99.81
N THR H 707 47.28 -82.62 99.81
CA THR H 707 48.56 -82.23 99.24
C THR H 707 49.37 -81.36 100.21
N HIS H 708 50.70 -81.50 100.16
CA HIS H 708 51.61 -80.66 100.94
C HIS H 708 51.34 -80.81 102.43
N LEU H 709 50.93 -82.02 102.79
CA LEU H 709 50.69 -82.41 104.17
C LEU H 709 51.98 -82.89 104.80
N SER H 710 52.42 -82.21 105.85
CA SER H 710 53.68 -82.53 106.51
C SER H 710 53.34 -83.16 107.82
N ASP H 711 54.21 -84.04 108.37
CA ASP H 711 53.89 -84.60 109.68
C ASP H 711 52.75 -85.60 109.53
N ILE H 712 52.43 -85.92 108.28
CA ILE H 712 51.34 -86.84 107.97
C ILE H 712 51.80 -88.26 108.16
N GLY H 713 53.11 -88.55 108.06
CA GLY H 713 53.57 -89.92 108.20
C GLY H 713 52.75 -90.97 107.51
N GLU H 714 52.51 -92.08 108.22
CA GLU H 714 51.70 -93.15 107.66
C GLU H 714 50.21 -92.87 107.79
N GLY H 715 49.86 -91.63 108.16
CA GLY H 715 48.46 -91.30 108.38
C GLY H 715 47.81 -91.40 107.02
N MET H 716 48.61 -91.10 106.00
CA MET H 716 48.11 -91.10 104.64
C MET H 716 47.82 -92.51 104.16
N ASP H 717 48.63 -93.44 104.68
CA ASP H 717 48.47 -94.88 104.48
C ASP H 717 47.10 -95.30 104.97
N TYR H 718 46.75 -94.74 106.13
CA TYR H 718 45.51 -94.93 106.86
C TYR H 718 44.34 -94.37 106.07
N ILE H 719 44.53 -93.19 105.48
CA ILE H 719 43.47 -92.51 104.74
C ILE H 719 43.20 -93.46 103.58
N VAL H 720 44.27 -93.92 102.93
CA VAL H 720 44.18 -94.86 101.83
C VAL H 720 43.46 -96.13 102.30
N LYS H 721 43.75 -96.59 103.52
CA LYS H 721 43.08 -97.74 104.11
C LYS H 721 41.57 -97.48 104.09
N SER H 722 41.17 -96.29 104.52
CA SER H 722 39.76 -95.86 104.58
C SER H 722 39.15 -95.89 103.17
N LEU H 723 40.00 -95.61 102.19
CA LEU H 723 39.65 -95.60 100.78
C LEU H 723 39.35 -97.04 100.40
N SER H 724 40.18 -97.99 100.79
CA SER H 724 40.07 -99.32 100.22
C SER H 724 39.22 -100.20 101.14
N GLU H 725 38.81 -99.60 102.24
CA GLU H 725 37.98 -100.20 103.26
C GLU H 725 36.65 -100.58 102.62
N GLU H 726 36.17 -99.65 101.81
CA GLU H 726 34.83 -99.65 101.24
C GLU H 726 34.82 -98.93 99.89
N SER H 727 33.85 -99.25 99.05
CA SER H 727 33.67 -98.56 97.77
C SER H 727 33.37 -97.07 97.97
N CYS H 728 33.66 -96.28 96.94
CA CYS H 728 33.34 -94.85 96.95
C CYS H 728 32.83 -94.42 95.58
N ASP H 729 32.17 -93.28 95.51
CA ASP H 729 31.72 -92.74 94.22
C ASP H 729 32.74 -91.72 93.72
N LEU H 730 33.88 -91.63 94.41
CA LEU H 730 34.91 -90.65 94.09
C LEU H 730 35.34 -90.70 92.63
N GLN H 731 35.52 -89.53 92.05
CA GLN H 731 35.95 -89.41 90.67
C GLN H 731 37.40 -88.94 90.62
N GLU H 732 37.86 -88.37 91.73
CA GLU H 732 39.21 -87.79 91.85
C GLU H 732 39.86 -88.02 93.23
N MET H 733 41.06 -88.59 93.23
CA MET H 733 41.90 -88.77 94.43
C MET H 733 43.35 -88.32 94.15
N LYS H 734 43.80 -87.27 94.83
CA LYS H 734 45.17 -86.72 94.80
C LYS H 734 45.99 -86.97 96.09
N LEU H 735 47.00 -87.82 95.95
CA LEU H 735 47.94 -88.12 97.03
C LEU H 735 49.37 -87.54 96.91
N VAL H 736 49.50 -86.41 96.22
CA VAL H 736 50.79 -85.74 95.90
C VAL H 736 51.39 -84.92 97.06
N ALA H 737 52.70 -85.08 97.32
CA ALA H 737 53.46 -84.25 98.27
C ALA H 737 52.97 -84.47 99.69
N CYS H 738 52.67 -85.73 99.94
CA CYS H 738 52.41 -86.32 101.24
C CYS H 738 53.30 -87.54 101.32
N CYS H 739 53.44 -88.16 102.49
CA CYS H 739 54.38 -89.27 102.56
C CYS H 739 53.70 -90.58 102.20
N LEU H 740 54.06 -91.01 100.98
CA LEU H 740 53.55 -92.22 100.34
C LEU H 740 54.46 -93.44 100.36
N THR H 741 53.88 -94.61 100.59
CA THR H 741 54.64 -95.85 100.63
C THR H 741 54.21 -96.76 99.48
N ALA H 742 55.07 -97.69 99.06
CA ALA H 742 54.71 -98.63 97.98
C ALA H 742 53.55 -99.49 98.45
N ASN H 743 53.52 -99.68 99.76
CA ASN H 743 52.48 -100.39 100.49
C ASN H 743 51.12 -99.72 100.38
N SER H 744 51.10 -98.39 100.46
CA SER H 744 49.87 -97.63 100.35
C SER H 744 49.31 -97.78 98.95
N VAL H 745 50.20 -97.88 97.97
CA VAL H 745 49.81 -98.10 96.58
C VAL H 745 49.23 -99.52 96.46
N LYS H 746 49.82 -100.45 97.21
CA LYS H 746 49.34 -101.84 97.25
C LYS H 746 47.91 -101.87 97.82
N VAL H 747 47.71 -101.12 98.90
CA VAL H 747 46.41 -100.97 99.55
C VAL H 747 45.40 -100.37 98.54
N LEU H 748 45.86 -99.38 97.77
CA LEU H 748 45.07 -98.71 96.73
C LEU H 748 44.62 -99.74 95.69
N ALA H 749 45.56 -100.64 95.41
CA ALA H 749 45.45 -101.75 94.47
C ALA H 749 44.38 -102.75 94.91
N GLN H 750 44.35 -103.09 96.19
CA GLN H 750 43.44 -104.12 96.66
C GLN H 750 41.95 -103.77 96.42
N ASN H 751 41.56 -102.53 96.66
CA ASN H 751 40.15 -102.10 96.48
C ASN H 751 39.93 -101.38 95.16
N LEU H 752 40.94 -101.31 94.31
CA LEU H 752 40.84 -100.52 93.09
C LEU H 752 39.65 -100.86 92.19
N HIS H 753 39.13 -102.09 92.23
CA HIS H 753 38.00 -102.31 91.36
C HIS H 753 36.79 -101.49 91.83
N ASN H 754 36.75 -101.13 93.11
CA ASN H 754 35.71 -100.25 93.65
C ASN H 754 36.05 -98.79 93.36
N LEU H 755 37.35 -98.55 93.14
CA LEU H 755 37.89 -97.23 92.85
C LEU H 755 37.86 -96.98 91.36
N ILE H 756 37.15 -97.86 90.65
CA ILE H 756 36.94 -97.75 89.21
C ILE H 756 36.14 -96.49 88.90
N LYS H 757 35.43 -96.02 89.92
CA LYS H 757 34.57 -94.86 89.85
C LYS H 757 35.42 -93.63 89.53
N LEU H 758 36.68 -93.68 89.95
CA LEU H 758 37.65 -92.60 89.75
C LEU H 758 38.03 -92.39 88.30
N SER H 759 37.98 -91.14 87.88
CA SER H 759 38.67 -90.73 86.68
C SER H 759 40.07 -90.34 87.12
N ILE H 760 40.19 -90.06 88.43
CA ILE H 760 41.48 -89.66 88.99
C ILE H 760 41.89 -90.26 90.35
N LEU H 761 43.02 -90.95 90.29
CA LEU H 761 43.72 -91.54 91.43
C LEU H 761 45.06 -90.87 91.11
N ASP H 762 45.49 -89.95 91.95
CA ASP H 762 46.80 -89.32 91.75
C ASP H 762 47.89 -89.49 92.80
N ILE H 763 48.84 -90.38 92.48
CA ILE H 763 50.04 -90.52 93.29
C ILE H 763 51.30 -89.87 92.67
N SER H 764 51.17 -89.14 91.56
CA SER H 764 52.37 -88.73 90.82
C SER H 764 53.23 -87.72 91.60
N GLU H 765 54.47 -87.50 91.16
CA GLU H 765 55.39 -86.59 91.85
C GLU H 765 55.71 -87.16 93.20
N ASN H 766 55.64 -88.48 93.30
CA ASN H 766 55.93 -89.18 94.53
C ASN H 766 56.95 -90.28 94.47
N TYR H 767 57.77 -90.26 95.51
CA TYR H 767 58.78 -91.23 95.78
C TYR H 767 58.08 -92.12 96.77
N LEU H 768 58.16 -93.42 96.51
CA LEU H 768 57.58 -94.42 97.38
C LEU H 768 58.82 -94.82 98.12
N GLU H 769 58.71 -95.54 99.22
CA GLU H 769 59.90 -95.67 100.02
C GLU H 769 60.90 -96.58 99.28
N LYS H 770 60.58 -97.86 99.23
CA LYS H 770 61.39 -98.91 98.59
C LYS H 770 60.77 -99.54 97.34
N ASP H 771 61.57 -99.98 96.38
CA ASP H 771 60.95 -100.55 95.17
C ASP H 771 59.81 -99.81 94.49
N GLY H 772 59.88 -98.50 94.45
CA GLY H 772 58.83 -97.61 93.97
C GLY H 772 58.52 -97.96 92.53
N ASN H 773 59.52 -98.13 91.69
CA ASN H 773 59.27 -98.46 90.29
C ASN H 773 58.58 -99.83 90.17
N GLU H 774 58.85 -100.76 91.09
CA GLU H 774 58.18 -102.08 91.11
C GLU H 774 56.64 -102.00 91.32
N ALA H 775 56.15 -100.78 91.56
CA ALA H 775 54.73 -100.43 91.79
C ALA H 775 53.98 -100.76 90.51
N LEU H 776 54.68 -100.52 89.42
CA LEU H 776 54.21 -100.71 88.06
C LEU H 776 53.81 -102.15 87.81
N GLN H 777 54.50 -103.14 88.38
CA GLN H 777 54.03 -104.51 88.11
C GLN H 777 52.62 -104.70 88.69
N GLU H 778 52.34 -104.10 89.83
CA GLU H 778 51.01 -104.11 90.44
C GLU H 778 49.99 -103.48 89.50
N LEU H 779 50.43 -102.44 88.83
CA LEU H 779 49.63 -101.71 87.85
C LEU H 779 49.33 -102.59 86.66
N ILE H 780 50.28 -103.38 86.17
CA ILE H 780 49.95 -104.17 84.98
C ILE H 780 48.74 -105.04 85.33
N GLY H 781 48.68 -105.54 86.57
CA GLY H 781 47.56 -106.36 86.99
C GLY H 781 46.24 -105.59 87.04
N ARG H 782 46.36 -104.30 87.30
CA ARG H 782 45.22 -103.39 87.47
C ARG H 782 44.75 -102.58 86.25
N LEU H 783 45.34 -102.80 85.07
CA LEU H 783 44.94 -102.04 83.88
C LEU H 783 43.49 -102.16 83.42
N GLY H 784 42.83 -103.27 83.77
CA GLY H 784 41.45 -103.46 83.39
C GLY H 784 40.56 -102.38 84.00
N VAL H 785 40.99 -101.88 85.16
CA VAL H 785 40.30 -100.79 85.83
C VAL H 785 41.09 -99.48 85.74
N LEU H 786 42.39 -99.58 85.44
CA LEU H 786 43.20 -98.38 85.22
C LEU H 786 42.85 -97.68 83.90
N GLY H 787 42.21 -98.41 83.00
CA GLY H 787 41.71 -97.81 81.78
C GLY H 787 40.63 -96.77 82.06
N GLU H 788 39.95 -96.90 83.20
CA GLU H 788 38.86 -95.99 83.57
C GLU H 788 39.33 -94.63 84.10
N LEU H 789 40.62 -94.52 84.42
CA LEU H 789 41.19 -93.22 84.74
C LEU H 789 41.27 -92.39 83.48
N THR H 790 41.10 -91.08 83.60
CA THR H 790 41.12 -90.23 82.43
C THR H 790 42.54 -89.82 82.10
N THR H 791 43.48 -90.15 82.99
CA THR H 791 44.87 -89.72 82.82
C THR H 791 45.90 -90.67 83.43
N LEU H 792 47.15 -90.50 83.02
CA LEU H 792 48.28 -91.29 83.52
C LEU H 792 49.05 -90.73 84.70
N MET H 793 49.05 -91.43 85.83
CA MET H 793 49.86 -90.98 86.95
C MET H 793 50.81 -92.10 87.34
N LEU H 794 52.11 -91.83 87.26
CA LEU H 794 53.05 -92.92 87.42
C LEU H 794 53.73 -92.84 88.78
N PRO H 795 54.12 -94.00 89.35
CA PRO H 795 54.89 -93.87 90.59
C PRO H 795 56.37 -93.71 90.22
N TRP H 796 57.17 -92.92 90.93
CA TRP H 796 58.56 -92.79 90.48
C TRP H 796 59.45 -93.05 91.68
N CYS H 797 60.71 -93.33 91.42
CA CYS H 797 61.66 -93.55 92.48
C CYS H 797 63.03 -93.38 91.87
N TRP H 798 64.08 -93.65 92.63
CA TRP H 798 65.41 -93.64 92.07
C TRP H 798 65.58 -94.84 91.14
N ASP H 799 66.01 -94.58 89.91
CA ASP H 799 66.24 -95.61 88.89
C ASP H 799 64.93 -96.21 88.35
N VAL H 800 63.87 -95.42 88.49
CA VAL H 800 62.50 -95.77 88.09
C VAL H 800 62.40 -96.18 86.62
N HIS H 801 63.23 -95.58 85.78
CA HIS H 801 63.21 -95.76 84.32
C HIS H 801 63.48 -97.20 83.87
N THR H 802 64.19 -97.93 84.70
CA THR H 802 64.52 -99.35 84.50
C THR H 802 63.23 -100.19 84.49
N SER H 803 62.16 -99.56 84.96
CA SER H 803 60.80 -100.13 85.05
C SER H 803 59.97 -99.90 83.77
N LEU H 804 60.55 -99.27 82.76
CA LEU H 804 59.85 -98.95 81.50
C LEU H 804 59.33 -100.16 80.69
N PRO H 805 60.10 -101.25 80.53
CA PRO H 805 59.51 -102.38 79.80
C PRO H 805 58.24 -102.87 80.52
N LYS H 806 58.24 -102.78 81.84
CA LYS H 806 57.14 -103.22 82.70
C LYS H 806 55.95 -102.33 82.36
N LEU H 807 56.29 -101.07 82.11
CA LEU H 807 55.40 -99.97 81.77
C LEU H 807 54.81 -100.19 80.35
N LEU H 808 55.57 -100.82 79.45
CA LEU H 808 55.11 -101.00 78.06
C LEU H 808 53.83 -101.83 77.91
N LYS H 809 53.60 -102.84 78.74
CA LYS H 809 52.34 -103.59 78.68
C LYS H 809 51.21 -102.59 79.02
N GLN H 810 51.52 -101.68 79.93
CA GLN H 810 50.63 -100.62 80.39
C GLN H 810 50.32 -99.57 79.31
N LEU H 811 51.24 -99.36 78.37
CA LEU H 811 51.03 -98.31 77.37
C LEU H 811 50.11 -98.68 76.21
N GLU H 812 49.68 -99.95 76.12
CA GLU H 812 48.55 -100.26 75.23
C GLU H 812 47.32 -99.57 75.79
N GLY H 813 47.45 -99.12 77.04
CA GLY H 813 46.42 -98.38 77.74
C GLY H 813 46.51 -96.89 77.52
N THR H 814 47.39 -96.45 76.62
CA THR H 814 47.48 -95.02 76.31
C THR H 814 46.19 -94.34 75.79
N PRO H 815 45.19 -95.11 75.31
CA PRO H 815 44.07 -94.29 74.85
C PRO H 815 43.12 -93.58 75.83
N GLY H 816 42.93 -93.93 77.12
CA GLY H 816 41.92 -93.15 77.83
C GLY H 816 42.61 -92.08 78.64
N LEU H 817 43.86 -91.86 78.24
CA LEU H 817 44.85 -90.92 78.76
C LEU H 817 44.57 -89.45 78.44
N ALA H 818 44.43 -88.57 79.42
CA ALA H 818 44.14 -87.18 79.05
C ALA H 818 45.53 -86.63 78.75
N LYS H 819 46.49 -86.95 79.61
CA LYS H 819 47.86 -86.45 79.48
C LYS H 819 48.78 -87.68 79.48
N LEU H 820 50.00 -87.54 78.95
CA LEU H 820 50.97 -88.64 79.01
C LEU H 820 52.27 -88.15 79.59
N GLY H 821 52.81 -88.88 80.55
CA GLY H 821 54.19 -88.67 80.94
C GLY H 821 55.02 -89.81 81.45
N LEU H 822 56.32 -89.57 81.44
CA LEU H 822 57.26 -90.34 82.21
C LEU H 822 57.81 -89.38 83.25
N LYS H 823 56.90 -88.71 83.97
CA LYS H 823 57.29 -87.66 84.91
C LYS H 823 58.08 -88.15 86.13
N ASN H 824 59.05 -87.32 86.48
CA ASN H 824 60.12 -87.59 87.43
C ASN H 824 60.75 -88.97 87.25
N TRP H 825 60.63 -89.50 86.05
CA TRP H 825 61.36 -90.70 85.66
C TRP H 825 62.79 -90.33 85.34
N ARG H 826 63.77 -90.92 85.98
CA ARG H 826 65.13 -90.47 85.73
C ARG H 826 65.61 -91.35 84.56
N LEU H 827 65.07 -91.03 83.37
CA LEU H 827 65.32 -91.72 82.08
C LEU H 827 66.60 -91.55 81.27
N ARG H 828 66.99 -92.63 80.59
CA ARG H 828 68.18 -92.65 79.74
C ARG H 828 68.01 -91.56 78.70
N ASP H 829 69.08 -90.88 78.33
CA ASP H 829 68.95 -89.80 77.38
C ASP H 829 68.40 -90.28 76.03
N GLU H 830 68.78 -91.50 75.65
CA GLU H 830 68.30 -92.16 74.42
C GLU H 830 66.81 -92.53 74.42
N GLU H 831 66.40 -93.06 75.57
CA GLU H 831 65.02 -93.48 75.87
C GLU H 831 63.85 -92.66 75.34
N ILE H 832 64.00 -91.34 75.31
CA ILE H 832 62.90 -90.50 74.87
C ILE H 832 62.58 -90.80 73.40
N LYS H 833 63.57 -91.06 72.55
CA LYS H 833 63.23 -91.47 71.19
C LYS H 833 62.71 -92.92 71.20
N SER H 834 63.27 -93.74 72.09
CA SER H 834 62.86 -95.15 72.26
C SER H 834 61.37 -95.31 72.55
N LEU H 835 60.86 -94.52 73.48
CA LEU H 835 59.46 -94.50 73.87
C LEU H 835 58.68 -94.02 72.65
N GLY H 836 59.35 -93.15 71.92
CA GLY H 836 58.89 -92.53 70.68
C GLY H 836 58.69 -93.65 69.67
N GLU H 837 59.62 -94.60 69.62
CA GLU H 837 59.43 -95.70 68.69
C GLU H 837 58.15 -96.47 68.98
N PHE H 838 57.84 -96.75 70.26
CA PHE H 838 56.58 -97.41 70.61
C PHE H 838 55.45 -96.52 70.09
N LEU H 839 55.68 -95.22 70.25
CA LEU H 839 54.77 -94.12 69.95
C LEU H 839 54.56 -94.09 68.44
N GLU H 840 55.56 -94.52 67.69
CA GLU H 840 55.43 -94.58 66.23
C GLU H 840 54.45 -95.72 66.02
N MET H 841 54.69 -96.85 66.70
CA MET H 841 53.85 -98.03 66.59
C MET H 841 52.47 -97.83 67.26
N ASN H 842 52.19 -96.61 67.73
CA ASN H 842 50.95 -96.32 68.48
C ASN H 842 49.92 -95.36 67.86
N PRO H 843 48.77 -95.89 67.44
CA PRO H 843 47.81 -95.22 66.55
C PRO H 843 47.07 -94.09 67.28
N LEU H 844 47.21 -94.02 68.61
CA LEU H 844 46.62 -92.93 69.41
C LEU H 844 47.08 -91.56 68.93
N ARG H 845 46.20 -90.57 69.06
CA ARG H 845 46.44 -89.24 68.55
C ARG H 845 45.79 -88.15 69.42
N ASP H 846 46.12 -86.89 69.15
CA ASP H 846 45.49 -85.74 69.84
C ASP H 846 45.79 -85.36 71.29
N LEU H 847 46.73 -85.98 72.00
CA LEU H 847 46.71 -85.80 73.45
C LEU H 847 46.97 -84.33 73.79
N GLN H 848 46.57 -83.91 75.00
CA GLN H 848 46.64 -82.50 75.37
C GLN H 848 47.94 -81.99 75.95
N GLN H 849 48.58 -82.80 76.77
CA GLN H 849 49.85 -82.42 77.36
C GLN H 849 50.77 -83.58 77.65
N LEU H 850 52.06 -83.36 77.49
CA LEU H 850 53.01 -84.43 77.63
C LEU H 850 53.72 -83.72 78.73
N ASP H 851 53.70 -84.39 79.86
CA ASP H 851 54.32 -83.92 81.07
C ASP H 851 55.45 -84.87 81.30
N LEU H 852 56.64 -84.40 81.05
CA LEU H 852 57.79 -85.15 81.47
C LEU H 852 58.51 -84.30 82.49
N ALA H 853 58.35 -84.67 83.75
CA ALA H 853 58.98 -83.90 84.80
C ALA H 853 60.42 -84.29 84.56
N GLY H 854 61.34 -83.43 84.99
CA GLY H 854 62.73 -83.65 84.69
C GLY H 854 63.35 -85.02 84.75
N HIS H 855 63.67 -85.54 83.57
CA HIS H 855 64.31 -86.83 83.45
C HIS H 855 65.77 -86.45 83.26
N CYS H 856 66.68 -87.41 83.32
CA CYS H 856 68.04 -87.20 82.88
C CYS H 856 68.31 -86.95 81.39
N VAL H 857 67.27 -86.71 80.58
CA VAL H 857 67.56 -86.49 79.17
C VAL H 857 68.02 -85.08 78.76
N SER H 858 69.16 -85.10 78.09
CA SER H 858 69.90 -84.00 77.49
C SER H 858 69.28 -83.47 76.18
N SER H 859 69.71 -82.28 75.80
CA SER H 859 69.29 -81.60 74.57
C SER H 859 69.61 -82.50 73.39
N ASP H 860 70.75 -83.18 73.47
CA ASP H 860 71.14 -84.13 72.43
C ASP H 860 70.12 -85.28 72.36
N GLY H 861 69.62 -85.70 73.52
CA GLY H 861 68.61 -86.75 73.68
C GLY H 861 67.30 -86.38 73.01
N TRP H 862 66.97 -85.13 73.28
CA TRP H 862 65.82 -84.44 72.75
C TRP H 862 65.99 -84.40 71.23
N LEU H 863 67.24 -84.25 70.76
CA LEU H 863 67.53 -84.19 69.31
C LEU H 863 67.11 -85.47 68.60
N TYR H 864 67.35 -86.59 69.27
CA TYR H 864 66.88 -87.90 68.80
C TYR H 864 65.37 -87.81 68.78
N PHE H 865 64.82 -87.23 69.85
CA PHE H 865 63.38 -87.20 70.03
C PHE H 865 62.62 -86.38 69.00
N MET H 866 63.26 -85.37 68.42
CA MET H 866 62.58 -84.51 67.46
C MET H 866 62.10 -85.40 66.31
N ASN H 867 62.85 -86.47 66.08
CA ASN H 867 62.54 -87.44 65.02
C ASN H 867 61.20 -88.12 65.27
N VAL H 868 60.66 -87.96 66.47
CA VAL H 868 59.34 -88.49 66.80
C VAL H 868 58.32 -87.40 67.10
N PHE H 869 58.81 -86.29 67.66
CA PHE H 869 57.94 -85.18 68.04
C PHE H 869 57.20 -84.52 66.90
N GLU H 870 57.80 -84.51 65.70
CA GLU H 870 57.11 -83.88 64.60
C GLU H 870 55.76 -84.55 64.29
N ASN H 871 55.70 -85.88 64.37
CA ASN H 871 54.49 -86.55 63.90
C ASN H 871 53.39 -86.57 64.99
N LEU H 872 53.75 -86.13 66.20
CA LEU H 872 52.82 -85.93 67.31
C LEU H 872 52.36 -84.48 67.34
N LYS H 873 52.11 -83.94 66.16
CA LYS H 873 51.82 -82.52 66.00
C LYS H 873 50.44 -82.22 66.54
N GLN H 874 49.70 -83.29 66.82
CA GLN H 874 48.34 -83.19 67.31
C GLN H 874 48.34 -82.83 68.79
N LEU H 875 49.52 -82.84 69.39
CA LEU H 875 49.68 -82.54 70.82
C LEU H 875 49.37 -81.09 71.18
N VAL H 876 48.50 -80.89 72.18
CA VAL H 876 48.01 -79.56 72.56
C VAL H 876 49.00 -78.77 73.42
N PHE H 877 49.60 -79.44 74.40
CA PHE H 877 50.51 -78.81 75.37
C PHE H 877 51.66 -79.76 75.65
N PHE H 878 52.79 -79.20 76.08
CA PHE H 878 53.99 -79.99 76.27
C PHE H 878 54.97 -79.27 77.19
N ASP H 879 55.63 -80.00 78.07
CA ASP H 879 56.74 -79.37 78.75
C ASP H 879 57.86 -80.39 78.79
N PHE H 880 59.08 -79.90 78.57
CA PHE H 880 60.22 -80.79 78.54
C PHE H 880 61.15 -80.29 79.62
N SER H 881 61.23 -81.03 80.71
CA SER H 881 62.20 -80.80 81.77
C SER H 881 63.36 -81.79 81.88
N THR H 882 64.42 -81.32 82.53
CA THR H 882 65.69 -82.04 82.70
C THR H 882 66.31 -81.38 83.93
N GLU H 883 67.15 -82.08 84.67
CA GLU H 883 67.64 -81.48 85.92
C GLU H 883 68.94 -80.72 85.76
N GLU H 884 69.59 -80.86 84.61
CA GLU H 884 70.85 -80.15 84.33
C GLU H 884 71.13 -79.99 82.83
N PHE H 885 70.36 -79.14 82.16
CA PHE H 885 70.29 -79.12 80.69
C PHE H 885 71.62 -78.71 80.05
N LEU H 886 71.89 -79.25 78.86
CA LEU H 886 73.05 -78.84 78.08
C LEU H 886 72.83 -77.40 77.59
N PRO H 887 73.89 -76.58 77.59
CA PRO H 887 73.81 -75.18 77.13
C PRO H 887 73.42 -74.93 75.67
N ASP H 888 73.44 -75.95 74.81
CA ASP H 888 73.22 -75.75 73.37
C ASP H 888 71.77 -75.50 72.90
N ALA H 889 71.60 -74.44 72.11
CA ALA H 889 70.32 -74.14 71.46
C ALA H 889 70.15 -74.80 70.08
N ALA H 890 71.08 -75.68 69.71
CA ALA H 890 71.01 -76.46 68.46
C ALA H 890 69.69 -77.22 68.42
N LEU H 891 69.27 -77.64 69.60
CA LEU H 891 68.00 -78.28 69.82
C LEU H 891 66.81 -77.40 69.47
N VAL H 892 66.84 -76.12 69.82
CA VAL H 892 65.70 -75.25 69.55
C VAL H 892 65.61 -75.15 68.02
N ARG H 893 66.77 -75.08 67.37
CA ARG H 893 66.86 -75.04 65.92
C ARG H 893 66.15 -76.27 65.30
N LYS H 894 66.51 -77.45 65.81
CA LYS H 894 65.89 -78.70 65.38
C LYS H 894 64.38 -78.65 65.69
N LEU H 895 64.07 -77.89 66.73
CA LEU H 895 62.73 -77.65 67.26
C LEU H 895 62.03 -76.93 66.13
N SER H 896 62.67 -75.91 65.57
CA SER H 896 62.15 -75.11 64.46
C SER H 896 61.85 -76.06 63.32
N GLN H 897 62.71 -77.06 63.09
CA GLN H 897 62.39 -78.00 62.01
C GLN H 897 61.06 -78.68 62.33
N VAL H 898 60.91 -79.10 63.59
CA VAL H 898 59.68 -79.70 64.12
C VAL H 898 58.43 -78.76 64.17
N LEU H 899 58.67 -77.50 64.49
CA LEU H 899 57.70 -76.42 64.60
C LEU H 899 56.86 -76.12 63.35
N SER H 900 57.43 -76.29 62.16
CA SER H 900 56.65 -76.17 60.93
C SER H 900 55.65 -77.34 60.93
N LYS H 901 56.15 -78.47 61.42
CA LYS H 901 55.47 -79.76 61.50
C LYS H 901 54.34 -79.76 62.54
N LEU H 902 54.40 -78.88 63.53
CA LEU H 902 53.35 -78.84 64.57
C LEU H 902 52.16 -77.88 64.36
N THR H 903 51.02 -78.29 64.93
CA THR H 903 49.72 -77.68 64.66
C THR H 903 48.93 -77.15 65.86
N LEU H 904 48.38 -78.05 66.66
CA LEU H 904 47.44 -77.67 67.72
C LEU H 904 48.09 -77.17 69.00
N LEU H 905 49.33 -76.72 68.90
CA LEU H 905 50.08 -76.41 70.11
C LEU H 905 49.80 -74.96 70.46
N GLN H 906 49.55 -74.69 71.73
CA GLN H 906 49.23 -73.35 72.13
C GLN H 906 50.43 -72.71 72.80
N GLU H 907 51.15 -73.48 73.60
CA GLU H 907 52.37 -72.97 74.21
C GLU H 907 53.47 -73.98 74.47
N VAL H 908 54.71 -73.50 74.36
CA VAL H 908 55.93 -74.26 74.55
C VAL H 908 56.29 -74.04 76.03
N LYS H 909 56.65 -75.10 76.76
CA LYS H 909 57.10 -74.94 78.14
C LYS H 909 58.50 -75.49 78.42
N LEU H 910 59.34 -74.64 79.00
CA LEU H 910 60.78 -74.89 79.15
C LEU H 910 61.26 -75.16 80.59
N THR H 911 60.37 -75.65 81.45
CA THR H 911 60.66 -75.90 82.86
C THR H 911 62.04 -76.49 83.17
N GLY H 912 62.93 -75.67 83.72
CA GLY H 912 64.22 -76.15 84.17
C GLY H 912 65.44 -76.04 83.25
N TRP H 913 65.23 -75.66 81.99
CA TRP H 913 66.35 -75.53 81.06
C TRP H 913 67.14 -74.23 81.29
N GLU H 914 68.27 -74.36 81.96
CA GLU H 914 69.28 -73.29 82.17
C GLU H 914 70.03 -72.71 80.97
N PHE H 915 69.63 -73.03 79.74
CA PHE H 915 70.31 -72.48 78.55
C PHE H 915 69.77 -71.18 77.91
N ASP H 916 70.68 -70.48 77.23
CA ASP H 916 70.34 -69.38 76.33
C ASP H 916 69.86 -69.94 74.99
N ASP H 917 68.90 -69.29 74.34
CA ASP H 917 68.42 -69.80 73.06
C ASP H 917 69.14 -69.20 71.84
N TYR H 918 70.05 -68.26 72.08
CA TYR H 918 70.71 -67.47 71.02
C TYR H 918 69.73 -66.94 69.96
N ASP H 919 70.32 -66.61 68.82
CA ASP H 919 69.65 -65.94 67.69
C ASP H 919 68.56 -66.87 67.12
N ILE H 920 68.43 -68.03 67.75
CA ILE H 920 67.49 -69.09 67.40
C ILE H 920 66.16 -68.73 68.06
N SER H 921 66.19 -67.70 68.91
CA SER H 921 65.04 -67.37 69.70
C SER H 921 64.23 -66.43 68.81
N ALA H 922 64.82 -66.16 67.65
CA ALA H 922 64.19 -65.35 66.63
C ALA H 922 63.12 -66.26 66.08
N ILE H 923 63.44 -67.55 66.04
CA ILE H 923 62.55 -68.60 65.56
C ILE H 923 62.16 -69.57 66.67
N LYS H 924 62.22 -69.08 67.91
CA LYS H 924 61.96 -69.90 69.09
C LYS H 924 60.65 -70.68 69.01
N GLY H 925 59.60 -70.03 68.51
CA GLY H 925 58.34 -70.71 68.32
C GLY H 925 57.35 -69.94 67.46
N THR H 926 56.32 -70.65 67.01
CA THR H 926 55.20 -70.02 66.33
C THR H 926 54.04 -70.02 67.31
N PHE H 927 54.37 -70.36 68.56
CA PHE H 927 53.42 -70.30 69.66
C PHE H 927 53.99 -69.48 70.82
N LYS H 928 53.23 -69.42 71.92
CA LYS H 928 53.62 -68.61 73.08
C LYS H 928 54.84 -69.26 73.75
N LEU H 929 55.59 -68.49 74.55
CA LEU H 929 56.63 -69.11 75.37
C LEU H 929 56.92 -68.63 76.78
N VAL H 930 57.12 -69.62 77.65
CA VAL H 930 57.44 -69.43 79.07
C VAL H 930 58.81 -70.07 79.30
N THR H 931 59.69 -69.43 80.07
CA THR H 931 60.98 -70.04 80.37
C THR H 931 60.77 -71.24 81.29
N ALA H 932 59.57 -71.35 81.84
CA ALA H 932 59.19 -72.45 82.72
C ALA H 932 58.05 -73.27 82.10
N VAL I 1 50.90 10.67 36.47
CA VAL I 1 52.06 9.85 36.72
C VAL I 1 53.24 10.31 35.86
N THR I 2 54.43 10.31 36.45
CA THR I 2 55.66 10.66 35.74
C THR I 2 56.73 9.61 36.07
N GLU I 3 57.95 9.83 35.58
CA GLU I 3 59.03 8.88 35.79
C GLU I 3 59.71 9.00 37.16
N GLU I 4 59.50 10.11 37.85
CA GLU I 4 60.11 10.30 39.17
C GLU I 4 59.53 9.34 40.20
N ASP I 5 58.36 8.78 39.89
CA ASP I 5 57.73 7.80 40.75
C ASP I 5 58.04 6.37 40.31
N LEU I 6 59.03 6.22 39.42
CA LEU I 6 59.47 4.87 39.04
C LEU I 6 60.35 4.28 40.14
N ASN I 7 60.66 5.10 41.15
CA ASN I 7 61.29 4.61 42.37
C ASN I 7 60.22 4.25 43.40
N VAL I 8 58.96 4.44 43.01
CA VAL I 8 57.83 3.98 43.80
C VAL I 8 57.38 2.63 43.24
N LEU I 9 57.04 2.63 41.95
CA LEU I 9 56.52 1.45 41.29
C LEU I 9 57.50 0.30 41.37
N ALA I 10 58.79 0.62 41.31
CA ALA I 10 59.82 -0.40 41.35
C ALA I 10 59.70 -1.18 42.64
N GLN I 11 59.51 -0.48 43.75
CA GLN I 11 59.34 -1.13 45.04
C GLN I 11 58.10 -2.04 44.98
N ASN I 12 57.05 -1.54 44.35
CA ASN I 12 55.82 -2.31 44.20
C ASN I 12 56.08 -3.58 43.40
N LEU I 13 56.94 -3.48 42.40
CA LEU I 13 57.30 -4.65 41.59
C LEU I 13 57.98 -5.67 42.49
N LYS I 14 58.80 -5.17 43.42
CA LYS I 14 59.51 -6.03 44.35
C LYS I 14 58.55 -6.77 45.28
N ASP I 15 57.33 -6.23 45.43
CA ASP I 15 56.31 -6.90 46.23
C ASP I 15 55.28 -7.60 45.35
N LEU I 16 55.50 -7.57 44.04
CA LEU I 16 54.63 -8.33 43.15
C LEU I 16 55.00 -9.80 43.29
N TYR I 17 56.30 -10.03 43.44
CA TYR I 17 56.88 -11.36 43.56
C TYR I 17 56.96 -11.75 45.02
N ASN I 18 56.74 -10.79 45.91
CA ASN I 18 56.63 -11.08 47.33
C ASN I 18 55.21 -11.54 47.64
N SER I 19 54.91 -12.75 47.18
CA SER I 19 53.66 -13.43 47.50
C SER I 19 53.84 -14.93 47.36
N PRO I 20 53.06 -15.72 48.11
CA PRO I 20 53.17 -17.19 48.07
C PRO I 20 52.91 -17.76 46.69
N ALA I 21 52.08 -17.10 45.87
CA ALA I 21 51.75 -17.62 44.55
C ALA I 21 53.01 -17.81 43.75
N PHE I 22 53.93 -16.87 43.90
CA PHE I 22 55.25 -16.96 43.31
C PHE I 22 56.08 -18.02 44.04
N LEU I 23 55.87 -18.11 45.34
CA LEU I 23 56.70 -18.99 46.17
C LEU I 23 56.10 -20.38 46.50
N ASN I 24 54.80 -20.58 46.31
CA ASN I 24 54.21 -21.88 46.62
C ASN I 24 54.12 -22.66 45.34
N PHE I 25 54.37 -23.96 45.34
CA PHE I 25 54.30 -24.59 44.04
C PHE I 25 53.12 -25.47 43.69
N TYR I 26 53.33 -26.15 42.57
CA TYR I 26 52.58 -25.83 41.37
C TYR I 26 51.39 -24.93 41.64
N PRO I 27 51.51 -23.67 41.19
CA PRO I 27 50.52 -22.61 41.34
C PRO I 27 49.31 -22.85 40.46
N LEU I 28 48.43 -23.77 40.88
CA LEU I 28 47.07 -23.89 40.36
C LEU I 28 46.99 -24.54 38.96
N GLY I 29 45.85 -25.13 38.59
CA GLY I 29 44.73 -25.34 39.50
C GLY I 29 45.03 -26.46 40.47
N GLU I 30 46.00 -27.28 40.09
CA GLU I 30 46.72 -28.13 41.01
C GLU I 30 48.22 -27.79 40.86
N ASP I 31 48.94 -27.39 41.93
CA ASP I 31 48.55 -27.41 43.36
C ASP I 31 48.27 -28.87 43.71
N ILE I 32 49.03 -29.74 43.05
CA ILE I 32 48.88 -31.19 43.14
C ILE I 32 49.06 -31.80 44.55
N ASP I 33 50.03 -31.35 45.37
CA ASP I 33 51.18 -30.50 45.06
C ASP I 33 52.26 -31.17 44.20
N ILE I 34 52.84 -30.44 43.24
CA ILE I 34 53.98 -30.96 42.48
C ILE I 34 55.07 -31.34 43.49
N ILE I 35 55.51 -30.40 44.31
CA ILE I 35 56.59 -30.67 45.25
C ILE I 35 56.33 -30.03 46.62
N PHE I 36 56.55 -28.72 46.70
CA PHE I 36 56.42 -27.94 47.93
C PHE I 36 56.40 -26.46 47.57
N ASN I 37 56.45 -25.60 48.58
CA ASN I 37 56.62 -24.17 48.41
C ASN I 37 57.93 -24.02 47.64
N LEU I 38 58.02 -23.05 46.76
CA LEU I 38 59.23 -22.85 45.96
C LEU I 38 60.49 -22.47 46.73
N GLU I 39 60.37 -21.69 47.78
CA GLU I 39 61.58 -21.31 48.50
C GLU I 39 62.36 -22.46 49.16
N LYS I 40 61.72 -23.41 49.84
CA LYS I 40 62.52 -24.51 50.38
C LYS I 40 63.10 -25.40 49.27
N THR I 41 62.28 -25.59 48.22
CA THR I 41 62.58 -26.32 46.97
C THR I 41 63.57 -25.71 45.97
N PHE I 42 63.60 -24.38 45.94
CA PHE I 42 64.50 -23.62 45.07
C PHE I 42 66.01 -23.75 45.26
N THR I 43 66.64 -23.98 44.10
CA THR I 43 68.08 -24.18 43.93
C THR I 43 68.55 -23.60 42.59
N GLU I 44 69.86 -23.40 42.47
CA GLU I 44 70.49 -22.89 41.25
C GLU I 44 70.31 -23.92 40.11
N PRO I 45 69.66 -23.53 39.00
CA PRO I 45 69.39 -24.33 37.79
C PRO I 45 70.53 -24.78 36.86
N ILE I 46 70.68 -26.10 36.73
CA ILE I 46 71.67 -26.67 35.81
C ILE I 46 71.32 -26.24 34.37
N MET I 47 72.12 -25.38 33.75
CA MET I 47 71.78 -25.01 32.36
C MET I 47 73.07 -25.04 31.55
N TRP I 48 72.94 -25.21 30.24
CA TRP I 48 74.12 -25.24 29.39
C TRP I 48 73.97 -24.41 28.13
N LYS I 49 74.83 -23.42 27.93
CA LYS I 49 74.73 -22.60 26.73
C LYS I 49 75.04 -23.51 25.55
N LYS I 50 74.37 -23.30 24.42
CA LYS I 50 74.55 -24.19 23.28
C LYS I 50 75.06 -23.45 22.05
N ASP I 51 75.62 -24.20 21.11
CA ASP I 51 76.19 -23.63 19.90
C ASP I 51 75.13 -23.73 18.82
N HIS I 52 75.46 -23.22 17.63
CA HIS I 52 74.50 -23.22 16.54
C HIS I 52 74.51 -24.62 15.91
N ARG I 53 75.59 -25.34 16.16
CA ARG I 53 75.76 -26.72 15.72
C ARG I 53 74.72 -27.69 16.30
N HIS I 54 74.16 -27.31 17.45
CA HIS I 54 73.11 -28.04 18.20
C HIS I 54 73.69 -28.94 19.28
N HIS I 55 74.67 -28.43 20.03
CA HIS I 55 75.26 -29.15 21.15
C HIS I 55 75.71 -28.16 22.22
N ARG I 56 75.85 -28.64 23.46
CA ARG I 56 76.19 -27.77 24.58
C ARG I 56 77.59 -27.18 24.51
N VAL I 57 77.73 -25.96 25.02
CA VAL I 57 79.00 -25.23 24.96
C VAL I 57 79.67 -24.95 26.30
N GLU I 58 78.88 -24.48 27.26
CA GLU I 58 79.38 -24.30 28.63
C GLU I 58 78.29 -24.52 29.68
N GLN I 59 78.74 -24.76 30.92
CA GLN I 59 77.82 -24.92 32.05
C GLN I 59 77.56 -23.67 32.87
N LEU I 60 76.33 -23.19 32.77
CA LEU I 60 75.87 -22.00 33.47
C LEU I 60 74.85 -22.33 34.53
N THR I 61 74.81 -21.45 35.52
CA THR I 61 73.74 -21.38 36.49
C THR I 61 73.27 -19.95 36.34
N LEU I 62 72.16 -19.57 36.96
CA LEU I 62 71.72 -18.19 36.84
C LEU I 62 72.71 -17.28 37.54
N GLY I 63 73.25 -17.76 38.66
CA GLY I 63 74.18 -16.99 39.46
C GLY I 63 75.41 -16.57 38.67
N SER I 64 75.83 -17.40 37.74
CA SER I 64 76.94 -17.06 36.85
C SER I 64 76.45 -16.52 35.51
N LEU I 65 75.14 -16.58 35.29
CA LEU I 65 74.51 -16.02 34.09
C LEU I 65 74.23 -14.52 34.27
N LEU I 66 74.31 -14.04 35.50
CA LEU I 66 73.84 -12.70 35.85
C LEU I 66 74.51 -11.56 35.09
N GLU I 67 75.83 -11.62 34.95
CA GLU I 67 76.58 -10.60 34.23
C GLU I 67 76.83 -11.00 32.78
N ALA I 68 76.83 -12.30 32.53
CA ALA I 68 77.04 -12.83 31.18
C ALA I 68 75.76 -12.78 30.35
N LEU I 69 74.67 -12.32 30.96
CA LEU I 69 73.36 -12.36 30.34
C LEU I 69 73.26 -11.49 29.09
N LYS I 70 72.57 -12.02 28.08
CA LYS I 70 72.21 -11.27 26.88
C LYS I 70 70.75 -11.49 26.52
N SER I 71 70.25 -10.71 25.58
CA SER I 71 68.84 -10.76 25.20
C SER I 71 68.66 -10.66 23.69
N PRO I 72 67.62 -11.34 23.16
CA PRO I 72 66.66 -12.25 23.82
C PRO I 72 67.25 -13.61 24.21
N CYS I 73 66.60 -14.30 25.13
CA CYS I 73 66.96 -15.67 25.48
C CYS I 73 66.33 -16.68 24.51
N LEU I 74 67.12 -17.59 23.96
CA LEU I 74 66.58 -18.77 23.31
C LEU I 74 66.75 -19.94 24.25
N ILE I 75 66.99 -19.59 25.51
CA ILE I 75 67.27 -20.56 26.56
C ILE I 75 66.10 -21.53 26.70
N GLU I 76 66.43 -22.82 26.72
CA GLU I 76 65.42 -23.86 26.69
C GLU I 76 65.78 -25.01 27.62
N GLY I 77 64.82 -25.91 27.81
CA GLY I 77 65.00 -27.04 28.70
C GLY I 77 63.87 -28.00 28.47
N GLU I 78 63.99 -29.21 28.99
CA GLU I 78 63.01 -30.24 28.70
C GLU I 78 61.73 -29.93 29.48
N SER I 79 60.60 -30.25 28.87
CA SER I 79 59.29 -29.90 29.40
C SER I 79 58.96 -30.49 30.77
N GLY I 80 58.20 -29.70 31.52
CA GLY I 80 57.68 -30.08 32.83
C GLY I 80 57.34 -28.76 33.48
N LYS I 81 57.95 -28.47 34.62
CA LYS I 81 57.61 -27.28 35.37
C LYS I 81 58.58 -26.24 34.82
N GLY I 82 59.79 -26.72 34.51
CA GLY I 82 60.75 -25.97 33.71
C GLY I 82 61.29 -24.74 34.38
N LYS I 83 60.92 -23.59 33.82
CA LYS I 83 61.34 -22.28 34.32
C LYS I 83 60.61 -22.07 35.64
N SER I 84 59.53 -22.84 35.82
CA SER I 84 58.69 -22.81 37.00
C SER I 84 58.44 -21.40 37.56
N THR I 85 58.66 -21.19 38.85
CA THR I 85 58.46 -19.87 39.44
C THR I 85 59.85 -19.39 39.91
N LEU I 86 60.81 -20.25 39.65
CA LEU I 86 62.21 -20.12 40.04
C LEU I 86 62.92 -18.89 39.43
N LEU I 87 62.48 -18.44 38.26
CA LEU I 87 63.04 -17.25 37.58
C LEU I 87 62.35 -16.03 38.16
N GLN I 88 61.18 -16.31 38.73
CA GLN I 88 60.21 -15.36 39.25
C GLN I 88 60.92 -15.10 40.55
N ARG I 89 61.52 -16.16 41.11
CA ARG I 89 62.13 -16.03 42.41
C ARG I 89 63.51 -15.46 42.13
N ILE I 90 63.89 -15.39 40.85
CA ILE I 90 65.24 -14.92 40.51
C ILE I 90 65.04 -13.40 40.57
N ALA I 91 63.87 -12.99 40.10
CA ALA I 91 63.41 -11.61 40.20
C ALA I 91 63.30 -11.29 41.69
N MET I 92 62.85 -12.28 42.44
CA MET I 92 62.60 -12.09 43.85
C MET I 92 63.98 -11.90 44.48
N LEU I 93 65.02 -12.32 43.74
CA LEU I 93 66.40 -12.21 44.23
C LEU I 93 66.80 -10.78 43.95
N TRP I 94 66.36 -10.25 42.81
CA TRP I 94 66.51 -8.82 42.50
C TRP I 94 65.81 -7.98 43.59
N ALA I 95 64.88 -8.63 44.31
CA ALA I 95 64.06 -7.93 45.28
C ALA I 95 64.30 -8.49 46.68
N SER I 96 65.47 -9.10 46.84
CA SER I 96 65.92 -9.71 48.08
C SER I 96 67.36 -9.22 48.30
N GLY I 97 67.72 -8.17 47.57
CA GLY I 97 69.02 -7.55 47.72
C GLY I 97 70.10 -8.34 47.01
N GLY I 98 69.69 -9.08 45.97
CA GLY I 98 70.59 -9.99 45.27
C GLY I 98 71.74 -9.31 44.57
N CYS I 99 72.58 -10.11 43.91
CA CYS I 99 73.75 -9.59 43.20
C CYS I 99 73.42 -8.41 42.30
N ARG I 100 74.39 -7.51 42.16
CA ARG I 100 74.32 -6.32 41.31
C ARG I 100 73.72 -6.48 39.91
N ALA I 101 74.02 -7.57 39.21
CA ALA I 101 73.46 -7.75 37.88
C ALA I 101 71.97 -8.12 37.85
N LEU I 102 71.34 -8.17 39.03
CA LEU I 102 69.91 -8.47 39.12
C LEU I 102 69.28 -7.11 39.32
N LYS I 103 70.10 -6.20 39.85
CA LYS I 103 69.72 -4.81 40.01
C LYS I 103 70.23 -3.98 38.85
N GLY I 104 70.57 -4.66 37.76
CA GLY I 104 71.15 -4.01 36.60
C GLY I 104 69.95 -3.57 35.81
N PHE I 105 68.78 -3.81 36.41
CA PHE I 105 67.49 -3.52 35.83
C PHE I 105 66.59 -2.82 36.84
N ARG I 106 66.22 -1.57 36.57
CA ARG I 106 65.54 -0.74 37.57
C ARG I 106 64.14 -1.29 37.81
N LEU I 107 63.59 -1.91 36.76
CA LEU I 107 62.27 -2.53 36.77
C LEU I 107 62.26 -3.93 36.17
N VAL I 108 61.52 -4.85 36.77
CA VAL I 108 61.49 -6.23 36.29
C VAL I 108 60.02 -6.55 36.17
N PHE I 109 59.60 -7.00 34.98
CA PHE I 109 58.25 -7.49 34.78
C PHE I 109 58.02 -8.91 34.27
N PHE I 110 57.42 -9.71 35.16
CA PHE I 110 57.01 -11.05 34.83
C PHE I 110 56.03 -10.96 33.66
N ILE I 111 56.20 -11.74 32.60
CA ILE I 111 55.25 -11.67 31.49
C ILE I 111 54.59 -13.02 31.22
N HIS I 112 53.30 -12.99 30.91
CA HIS I 112 52.50 -14.18 30.63
C HIS I 112 52.08 -14.44 29.17
N LEU I 113 52.82 -15.32 28.50
CA LEU I 113 52.61 -15.79 27.12
C LEU I 113 51.29 -16.57 27.14
N ARG I 114 51.07 -17.30 28.24
CA ARG I 114 49.89 -18.11 28.44
C ARG I 114 48.55 -17.32 28.47
N SER I 115 48.52 -16.07 28.93
CA SER I 115 47.23 -15.36 28.88
C SER I 115 47.39 -13.90 28.46
N ALA I 116 46.50 -13.42 27.58
CA ALA I 116 46.62 -12.06 27.05
C ALA I 116 45.27 -11.43 26.69
N ARG I 117 45.21 -10.10 26.82
CA ARG I 117 43.98 -9.33 26.80
C ARG I 117 44.30 -7.92 26.32
N GLY I 118 43.54 -7.40 25.36
CA GLY I 118 43.69 -6.00 24.99
C GLY I 118 43.14 -5.05 26.05
N GLY I 119 43.73 -3.87 26.17
CA GLY I 119 44.99 -3.53 25.53
C GLY I 119 46.14 -4.37 26.06
N LEU I 120 47.10 -4.69 25.21
CA LEU I 120 47.96 -5.84 25.43
C LEU I 120 48.91 -5.60 26.59
N PHE I 121 49.29 -4.34 26.80
CA PHE I 121 50.12 -3.99 27.95
C PHE I 121 49.30 -4.24 29.21
N GLU I 122 47.99 -4.04 29.13
CA GLU I 122 47.16 -4.25 30.31
C GLU I 122 47.08 -5.73 30.68
N THR I 123 47.66 -6.60 29.84
CA THR I 123 47.76 -8.01 30.22
C THR I 123 48.52 -8.02 31.53
N LEU I 124 49.52 -7.15 31.61
CA LEU I 124 50.40 -7.11 32.76
C LEU I 124 49.58 -6.50 33.87
N TYR I 125 48.74 -5.54 33.50
CA TYR I 125 47.83 -4.92 34.46
C TYR I 125 46.84 -6.03 34.86
N ASP I 126 46.38 -6.82 33.88
CA ASP I 126 45.50 -7.94 34.19
C ASP I 126 46.24 -9.08 34.90
N GLN I 127 47.55 -8.91 35.10
CA GLN I 127 48.38 -9.93 35.76
C GLN I 127 49.14 -9.31 36.95
N LEU I 128 50.13 -8.47 36.64
CA LEU I 128 50.97 -7.80 37.65
C LEU I 128 50.11 -6.81 38.42
N LEU I 129 49.19 -6.16 37.68
CA LEU I 129 48.30 -5.13 38.23
C LEU I 129 48.92 -3.82 38.77
N ASN I 130 50.22 -3.73 38.96
CA ASN I 130 50.74 -2.47 39.50
C ASN I 130 50.84 -1.30 38.48
N ILE I 131 50.20 -1.47 37.33
CA ILE I 131 50.17 -0.48 36.23
C ILE I 131 49.45 0.85 36.54
N PRO I 132 50.17 1.97 36.72
CA PRO I 132 49.45 3.22 36.99
C PRO I 132 48.45 3.63 35.89
N ASP I 133 47.35 4.28 36.29
CA ASP I 133 46.32 4.81 35.39
C ASP I 133 46.62 5.91 34.34
N PHE I 134 47.59 6.79 34.61
CA PHE I 134 47.96 7.82 33.64
C PHE I 134 48.61 7.28 32.37
N ILE I 135 49.49 6.31 32.57
CA ILE I 135 50.22 5.67 31.48
C ILE I 135 49.50 4.89 30.38
N SER I 136 49.16 5.59 29.29
CA SER I 136 48.55 4.98 28.12
C SER I 136 49.59 3.97 27.59
N LYS I 137 49.23 3.12 26.63
CA LYS I 137 50.22 2.20 26.04
C LYS I 137 51.40 2.90 25.31
N PRO I 138 51.15 3.98 24.51
CA PRO I 138 52.25 4.69 23.86
C PRO I 138 53.15 5.27 24.94
N THR I 139 52.49 5.87 25.94
CA THR I 139 53.14 6.50 27.08
C THR I 139 53.95 5.41 27.74
N PHE I 140 53.38 4.22 27.91
CA PHE I 140 54.09 3.10 28.53
C PHE I 140 55.34 2.64 27.73
N LYS I 141 55.27 2.67 26.40
CA LYS I 141 56.45 2.30 25.60
C LYS I 141 57.55 3.38 25.68
N ALA I 142 57.12 4.63 25.66
CA ALA I 142 57.97 5.84 25.76
C ALA I 142 58.67 5.88 27.10
N LEU I 143 57.89 5.55 28.12
CA LEU I 143 58.34 5.46 29.50
C LEU I 143 59.40 4.38 29.57
N LEU I 144 59.03 3.16 29.18
CA LEU I 144 60.01 2.07 29.21
C LEU I 144 61.30 2.46 28.49
N LEU I 145 61.20 3.30 27.45
CA LEU I 145 62.42 3.56 26.70
C LEU I 145 63.17 4.73 27.31
N LYS I 146 62.56 5.43 28.27
CA LYS I 146 63.25 6.54 28.91
C LYS I 146 64.61 6.07 29.50
N LEU I 147 64.67 4.75 29.76
CA LEU I 147 65.78 4.10 30.44
C LEU I 147 66.69 3.21 29.56
N HIS I 148 66.08 2.41 28.67
CA HIS I 148 66.80 1.61 27.66
C HIS I 148 67.69 0.40 28.04
N LYS I 149 67.44 -0.26 29.15
CA LYS I 149 68.30 -1.35 29.68
C LYS I 149 67.96 -1.59 31.15
N GLU I 150 66.99 -0.86 31.63
CA GLU I 150 66.76 -0.85 33.06
C GLU I 150 65.48 -1.57 33.38
N VAL I 151 65.08 -2.43 32.45
CA VAL I 151 63.96 -3.31 32.67
C VAL I 151 64.25 -4.72 32.12
N LEU I 152 63.89 -5.74 32.89
CA LEU I 152 64.00 -7.13 32.45
C LEU I 152 62.60 -7.74 32.40
N PHE I 153 62.33 -8.62 31.45
CA PHE I 153 61.03 -9.31 31.42
C PHE I 153 61.08 -10.81 31.26
N LEU I 154 60.35 -11.54 32.10
CA LEU I 154 60.34 -12.99 31.92
C LEU I 154 59.10 -13.39 31.13
N LEU I 155 59.22 -14.23 30.09
CA LEU I 155 58.04 -14.48 29.29
C LEU I 155 57.65 -15.82 29.89
N ASP I 156 56.41 -15.96 30.36
CA ASP I 156 55.89 -17.26 30.81
C ASP I 156 54.78 -18.05 30.05
N GLY I 157 55.07 -19.15 29.36
CA GLY I 157 54.07 -19.78 28.51
C GLY I 157 54.23 -20.05 27.02
N TYR I 158 55.33 -20.68 26.65
CA TYR I 158 55.57 -20.99 25.25
C TYR I 158 54.78 -22.04 24.47
N ASN I 159 54.22 -23.07 25.11
CA ASN I 159 53.45 -24.05 24.34
C ASN I 159 52.01 -23.59 24.49
N GLU I 160 51.75 -23.09 25.70
CA GLU I 160 50.48 -22.53 26.10
C GLU I 160 50.09 -21.45 25.10
N PHE I 161 51.10 -20.88 24.45
CA PHE I 161 50.90 -19.82 23.48
C PHE I 161 50.03 -20.32 22.33
N HIS I 162 49.21 -19.42 21.80
CA HIS I 162 48.25 -19.77 20.76
C HIS I 162 48.22 -18.63 19.74
N PRO I 163 47.44 -18.78 18.66
CA PRO I 163 47.34 -17.67 17.70
C PRO I 163 46.62 -16.43 18.22
N GLN I 164 45.54 -16.59 18.98
CA GLN I 164 44.87 -15.42 19.58
C GLN I 164 45.84 -14.58 20.42
N ASN I 165 45.80 -13.26 20.22
CA ASN I 165 46.57 -12.27 20.98
C ASN I 165 48.08 -12.33 20.67
N CYS I 166 48.38 -12.95 19.54
CA CYS I 166 49.73 -13.16 19.00
C CYS I 166 50.56 -11.89 18.71
N PRO I 167 49.96 -10.80 18.19
CA PRO I 167 50.84 -9.65 18.00
C PRO I 167 51.31 -8.88 19.24
N GLU I 168 52.41 -8.15 18.99
CA GLU I 168 53.25 -7.52 20.01
C GLU I 168 53.65 -8.52 21.10
N ILE I 169 54.04 -9.70 20.64
CA ILE I 169 54.62 -10.74 21.49
C ILE I 169 56.06 -10.96 21.06
N GLU I 170 56.29 -10.80 19.76
CA GLU I 170 57.57 -11.05 19.12
C GLU I 170 58.27 -9.70 19.11
N ALA I 171 57.49 -8.67 19.41
CA ALA I 171 57.96 -7.28 19.39
C ALA I 171 58.91 -7.07 20.57
N LEU I 172 58.65 -7.75 21.68
CA LEU I 172 59.55 -7.62 22.81
C LEU I 172 60.88 -8.27 22.46
N ILE I 173 60.81 -9.38 21.72
CA ILE I 173 61.99 -10.18 21.36
C ILE I 173 62.72 -9.76 20.08
N LYS I 174 62.00 -9.69 18.96
CA LYS I 174 62.57 -9.30 17.67
C LYS I 174 62.80 -7.80 17.57
N GLU I 175 61.80 -7.03 17.97
CA GLU I 175 61.96 -5.59 18.12
C GLU I 175 62.49 -5.29 19.51
N ASN I 176 63.56 -5.99 19.91
CA ASN I 176 64.20 -5.74 21.20
C ASN I 176 65.38 -4.81 20.99
N HIS I 177 65.83 -4.77 19.74
CA HIS I 177 66.94 -3.92 19.35
C HIS I 177 66.49 -2.46 19.41
N ARG I 178 65.18 -2.24 19.42
CA ARG I 178 64.61 -0.91 19.64
C ARG I 178 63.68 -0.79 20.85
N PHE I 179 63.71 -1.78 21.73
CA PHE I 179 62.82 -1.86 22.88
C PHE I 179 63.79 -1.68 24.03
N LYS I 180 65.06 -1.79 23.65
CA LYS I 180 66.20 -1.64 24.54
C LYS I 180 66.24 -2.33 25.89
N ASN I 181 65.16 -2.97 26.34
CA ASN I 181 65.33 -3.60 27.63
C ASN I 181 65.75 -5.04 27.38
N MET I 182 66.33 -5.71 28.37
CA MET I 182 66.65 -7.11 28.21
C MET I 182 65.40 -7.95 28.46
N VAL I 183 65.45 -9.23 28.13
CA VAL I 183 64.31 -10.11 28.39
C VAL I 183 64.62 -11.61 28.26
N ILE I 184 63.99 -12.42 29.11
CA ILE I 184 64.22 -13.86 29.11
C ILE I 184 62.99 -14.44 28.42
N VAL I 185 63.22 -15.10 27.29
CA VAL I 185 62.13 -15.62 26.45
C VAL I 185 61.80 -17.10 26.66
N THR I 186 60.62 -17.35 27.22
CA THR I 186 60.22 -18.70 27.59
C THR I 186 60.18 -19.61 26.41
N THR I 187 60.61 -20.84 26.62
CA THR I 187 60.57 -21.83 25.58
C THR I 187 60.22 -23.19 26.16
N THR I 188 59.72 -24.05 25.30
CA THR I 188 59.33 -25.40 25.63
C THR I 188 60.26 -25.91 24.57
N THR I 189 60.55 -27.19 24.36
CA THR I 189 61.46 -27.23 23.24
C THR I 189 60.79 -27.59 21.92
N GLU I 190 59.52 -27.99 21.96
CA GLU I 190 59.00 -28.57 20.74
C GLU I 190 59.08 -27.40 19.74
N CYS I 191 58.55 -26.30 20.30
CA CYS I 191 58.38 -24.93 19.78
C CYS I 191 59.56 -24.01 19.42
N LEU I 192 60.69 -24.19 20.13
CA LEU I 192 61.84 -23.26 20.06
C LEU I 192 62.22 -22.72 18.68
N ARG I 193 62.02 -23.51 17.63
CA ARG I 193 62.52 -23.18 16.30
C ARG I 193 61.71 -22.02 15.68
N HIS I 194 60.82 -21.47 16.50
CA HIS I 194 59.97 -20.33 16.15
C HIS I 194 60.65 -19.04 16.56
N ILE I 195 61.75 -19.17 17.30
CA ILE I 195 62.55 -18.02 17.70
C ILE I 195 64.03 -18.31 17.72
N ARG I 196 64.43 -19.41 17.07
CA ARG I 196 65.84 -19.77 16.94
C ARG I 196 66.62 -18.72 16.14
N HIS I 197 65.95 -17.64 15.74
CA HIS I 197 66.59 -16.60 14.96
C HIS I 197 66.37 -15.20 15.55
N VAL I 198 65.99 -15.15 16.82
CA VAL I 198 65.74 -13.88 17.50
C VAL I 198 66.62 -13.52 18.70
N GLY I 199 66.88 -14.52 19.52
CA GLY I 199 67.73 -14.46 20.70
C GLY I 199 69.24 -14.50 20.76
N ALA I 200 69.81 -13.46 21.36
CA ALA I 200 71.25 -13.29 21.39
C ALA I 200 71.84 -14.20 22.49
N LEU I 201 70.97 -14.81 23.28
CA LEU I 201 71.40 -15.75 24.32
C LEU I 201 70.67 -17.08 24.10
N THR I 202 71.22 -18.17 24.63
CA THR I 202 70.63 -19.50 24.45
C THR I 202 71.27 -20.53 25.38
N ALA I 203 70.45 -21.26 26.12
CA ALA I 203 70.96 -22.25 27.06
C ALA I 203 70.01 -23.42 27.21
N GLU I 204 70.55 -24.57 27.61
CA GLU I 204 69.77 -25.79 27.71
C GLU I 204 69.74 -26.21 29.17
N VAL I 205 68.55 -26.31 29.76
CA VAL I 205 68.43 -26.75 31.13
C VAL I 205 68.90 -28.19 31.26
N GLY I 206 70.10 -28.35 31.79
CA GLY I 206 70.66 -29.68 31.98
C GLY I 206 69.91 -30.37 33.08
N ASP I 207 69.91 -31.70 33.05
CA ASP I 207 69.22 -32.45 34.08
C ASP I 207 69.89 -32.12 35.40
N MET I 208 69.08 -31.96 36.43
CA MET I 208 69.55 -31.67 37.78
C MET I 208 70.29 -32.87 38.38
N THR I 209 71.17 -32.60 39.34
CA THR I 209 71.86 -33.66 40.08
C THR I 209 70.83 -34.50 40.83
N GLU I 210 71.07 -35.80 40.96
CA GLU I 210 70.14 -36.63 41.74
C GLU I 210 70.19 -36.17 43.18
N ASP I 211 71.42 -35.97 43.69
CA ASP I 211 71.65 -35.55 45.05
C ASP I 211 70.99 -34.20 45.33
N SER I 212 71.18 -33.24 44.44
CA SER I 212 70.61 -31.91 44.60
C SER I 212 69.09 -32.00 44.60
N ALA I 213 68.56 -32.92 43.81
CA ALA I 213 67.12 -33.09 43.69
C ALA I 213 66.53 -33.67 44.97
N LYS I 214 67.37 -33.97 45.95
CA LYS I 214 66.86 -34.68 47.09
C LYS I 214 66.52 -33.58 48.04
N ASP I 215 66.82 -32.37 47.59
CA ASP I 215 66.69 -31.20 48.42
C ASP I 215 65.25 -30.86 48.16
N LEU I 216 64.73 -31.44 47.07
CA LEU I 216 63.32 -31.29 46.77
C LEU I 216 62.60 -32.19 47.76
N ILE I 217 62.98 -33.48 47.80
CA ILE I 217 62.23 -34.51 48.53
C ILE I 217 62.01 -34.09 49.99
N GLU I 218 63.09 -33.52 50.53
CA GLU I 218 63.26 -33.04 51.89
C GLU I 218 62.18 -32.09 52.40
N ALA I 219 61.69 -31.23 51.52
CA ALA I 219 60.71 -30.22 51.93
C ALA I 219 59.38 -30.79 52.42
N VAL I 220 58.87 -31.88 51.86
CA VAL I 220 57.64 -32.41 52.45
C VAL I 220 57.93 -33.55 53.43
N LEU I 221 58.76 -34.49 53.01
CA LEU I 221 59.16 -35.64 53.84
C LEU I 221 59.93 -35.32 55.13
N VAL I 222 59.81 -36.22 56.10
CA VAL I 222 60.53 -36.12 57.37
C VAL I 222 61.97 -36.43 56.95
N PRO I 223 63.00 -36.04 57.74
CA PRO I 223 64.31 -36.37 57.12
C PRO I 223 64.68 -37.86 57.12
N ASP I 224 64.09 -38.64 58.03
CA ASP I 224 64.37 -40.07 58.04
C ASP I 224 63.55 -40.71 56.93
N GLN I 225 62.42 -40.09 56.61
CA GLN I 225 61.55 -40.60 55.57
C GLN I 225 62.31 -40.42 54.25
N VAL I 226 63.14 -39.37 54.21
CA VAL I 226 63.88 -39.08 53.00
C VAL I 226 64.99 -40.10 52.95
N GLU I 227 65.56 -40.43 54.10
CA GLU I 227 66.64 -41.42 54.10
C GLU I 227 66.11 -42.79 53.66
N ARG I 228 64.86 -43.08 54.04
CA ARG I 228 64.20 -44.33 53.67
C ARG I 228 64.09 -44.38 52.16
N LEU I 229 63.68 -43.26 51.57
CA LEU I 229 63.65 -43.18 50.11
C LEU I 229 65.06 -43.31 49.54
N TRP I 230 66.05 -42.73 50.22
CA TRP I 230 67.44 -42.83 49.79
C TRP I 230 67.94 -44.25 49.76
N ALA I 231 67.41 -45.09 50.64
CA ALA I 231 67.64 -46.52 50.56
C ALA I 231 66.87 -47.09 49.38
N GLN I 232 65.67 -46.55 49.17
CA GLN I 232 64.80 -47.03 48.12
C GLN I 232 65.30 -46.81 46.69
N ILE I 233 66.06 -45.76 46.41
CA ILE I 233 66.52 -45.65 45.05
C ILE I 233 67.79 -46.48 44.85
N GLN I 234 68.25 -47.11 45.92
CA GLN I 234 69.42 -47.99 45.83
C GLN I 234 68.99 -49.34 45.27
N GLU I 235 67.69 -49.58 45.33
CA GLU I 235 67.03 -50.77 44.79
C GLU I 235 67.60 -51.14 43.42
N SER I 236 67.85 -50.12 42.61
CA SER I 236 68.26 -50.29 41.22
C SER I 236 68.88 -48.98 40.75
N ARG I 237 69.82 -49.06 39.82
CA ARG I 237 70.50 -47.88 39.32
C ARG I 237 69.55 -47.04 38.48
N CYS I 238 68.61 -47.71 37.80
CA CYS I 238 67.58 -47.02 37.05
C CYS I 238 66.67 -46.22 37.99
N LEU I 239 66.40 -46.76 39.18
CA LEU I 239 65.68 -46.02 40.19
C LEU I 239 66.52 -44.90 40.78
N ARG I 240 67.80 -45.18 40.97
CA ARG I 240 68.73 -44.22 41.57
C ARG I 240 68.91 -42.98 40.70
N ASN I 241 68.85 -43.17 39.38
CA ASN I 241 69.08 -42.06 38.47
C ASN I 241 67.80 -41.30 38.12
N LEU I 242 66.68 -41.75 38.66
CA LEU I 242 65.40 -41.08 38.39
C LEU I 242 65.42 -39.67 38.93
N MET I 243 66.11 -39.49 40.05
CA MET I 243 66.27 -38.19 40.68
C MET I 243 67.01 -37.13 39.85
N LYS I 244 67.41 -37.44 38.63
CA LYS I 244 68.06 -36.44 37.79
C LYS I 244 67.11 -35.27 37.56
N THR I 245 65.85 -35.61 37.33
CA THR I 245 64.83 -34.61 37.09
C THR I 245 63.93 -34.49 38.31
N PRO I 246 63.40 -33.29 38.57
CA PRO I 246 62.48 -32.99 39.66
C PRO I 246 61.13 -33.68 39.47
N LEU I 247 60.75 -33.95 38.23
CA LEU I 247 59.51 -34.67 37.91
C LEU I 247 59.43 -36.10 38.46
N PHE I 248 60.49 -36.89 38.33
CA PHE I 248 60.53 -38.25 38.87
C PHE I 248 60.39 -38.19 40.39
N VAL I 249 61.03 -37.17 40.94
CA VAL I 249 60.95 -36.91 42.36
C VAL I 249 59.48 -36.64 42.69
N VAL I 250 58.79 -35.86 41.86
CA VAL I 250 57.37 -35.56 42.09
C VAL I 250 56.51 -36.82 42.03
N ILE I 251 56.93 -37.73 41.14
CA ILE I 251 56.31 -39.04 40.96
C ILE I 251 56.40 -39.91 42.20
N THR I 252 57.51 -39.84 42.92
CA THR I 252 57.57 -40.57 44.19
C THR I 252 57.13 -39.72 45.40
N CYS I 253 57.03 -38.41 45.22
CA CYS I 253 56.64 -37.51 46.30
C CYS I 253 55.13 -37.59 46.54
N ALA I 254 54.39 -37.81 45.46
CA ALA I 254 52.92 -37.93 45.52
C ALA I 254 52.47 -39.15 46.33
N ILE I 255 53.40 -40.00 46.74
CA ILE I 255 53.05 -41.30 47.31
C ILE I 255 53.19 -41.31 48.83
N GLN I 256 53.95 -40.37 49.38
CA GLN I 256 54.25 -40.32 50.81
C GLN I 256 53.05 -39.97 51.72
N MET I 257 51.96 -39.52 51.13
CA MET I 257 50.81 -39.05 51.90
C MET I 257 50.19 -40.15 52.78
N GLY I 258 50.30 -41.39 52.34
CA GLY I 258 49.83 -42.51 53.13
C GLY I 258 50.88 -43.37 53.80
N ARG I 259 52.16 -43.12 53.51
CA ARG I 259 53.22 -44.04 53.90
C ARG I 259 54.47 -43.41 54.51
N GLN I 260 55.05 -44.11 55.48
CA GLN I 260 56.31 -43.70 56.08
C GLN I 260 57.52 -44.13 55.24
N GLU I 261 57.42 -45.29 54.61
CA GLU I 261 58.36 -45.67 53.56
C GLU I 261 57.62 -46.50 52.52
N PHE I 262 57.99 -46.31 51.26
CA PHE I 262 57.29 -46.97 50.17
C PHE I 262 58.16 -47.33 48.99
N GLN I 263 57.62 -48.22 48.16
CA GLN I 263 58.11 -48.45 46.82
C GLN I 263 56.86 -48.68 45.96
N ALA I 264 57.04 -48.88 44.66
CA ALA I 264 55.90 -49.15 43.79
C ALA I 264 55.43 -50.62 43.61
N HIS I 265 56.29 -51.64 43.67
CA HIS I 265 57.73 -51.56 43.92
C HIS I 265 58.48 -51.40 42.62
N THR I 266 57.77 -51.59 41.52
CA THR I 266 58.41 -51.54 40.23
C THR I 266 58.77 -50.13 39.85
N GLN I 267 59.87 -49.95 39.16
CA GLN I 267 60.28 -48.62 38.77
C GLN I 267 59.27 -48.09 37.75
N THR I 268 58.70 -49.01 36.98
CA THR I 268 57.58 -48.79 36.03
C THR I 268 56.19 -48.43 36.61
N MET I 269 55.82 -48.99 37.76
CA MET I 269 54.49 -48.70 38.33
C MET I 269 54.46 -47.28 38.89
N LEU I 270 55.65 -46.78 39.20
CA LEU I 270 55.90 -45.41 39.62
C LEU I 270 55.54 -44.51 38.43
N PHE I 271 56.11 -44.93 37.31
CA PHE I 271 56.07 -44.38 35.97
C PHE I 271 54.63 -44.26 35.38
N GLN I 272 53.78 -45.24 35.70
CA GLN I 272 52.38 -45.28 35.24
C GLN I 272 51.48 -44.17 35.79
N THR I 273 51.66 -43.84 37.06
CA THR I 273 50.92 -42.73 37.69
C THR I 273 51.21 -41.46 36.90
N PHE I 274 52.48 -41.28 36.56
CA PHE I 274 52.94 -40.12 35.80
C PHE I 274 52.21 -40.15 34.44
N TYR I 275 52.11 -41.32 33.79
CA TYR I 275 51.41 -41.38 32.47
C TYR I 275 49.96 -40.90 32.64
N ASP I 276 49.26 -41.42 33.64
CA ASP I 276 47.87 -41.03 33.90
C ASP I 276 47.79 -39.51 34.12
N LEU I 277 48.79 -38.93 34.79
CA LEU I 277 48.85 -37.48 35.06
C LEU I 277 48.93 -36.77 33.70
N LEU I 278 49.69 -37.36 32.80
CA LEU I 278 49.87 -36.88 31.44
C LEU I 278 48.48 -36.86 30.77
N ILE I 279 47.69 -37.92 30.96
CA ILE I 279 46.32 -37.98 30.41
C ILE I 279 45.50 -36.82 31.03
N GLN I 280 45.70 -36.60 32.33
CA GLN I 280 45.00 -35.60 33.17
C GLN I 280 45.18 -34.17 32.66
N LYS I 281 46.41 -33.88 32.25
CA LYS I 281 46.86 -32.58 31.76
C LYS I 281 46.23 -32.34 30.41
N ASN I 282 46.18 -33.35 29.57
CA ASN I 282 45.79 -33.16 28.19
C ASN I 282 44.31 -33.38 27.99
N SER I 283 43.51 -33.64 29.03
CA SER I 283 42.12 -33.88 28.67
C SER I 283 41.55 -32.62 28.00
N HIS I 284 41.92 -31.42 28.46
CA HIS I 284 41.32 -30.23 27.85
C HIS I 284 41.93 -30.15 26.44
N ARG I 285 43.12 -30.75 26.35
CA ARG I 285 43.99 -30.82 25.18
C ARG I 285 43.84 -32.14 24.43
N TYR I 286 42.67 -32.41 23.89
CA TYR I 286 42.49 -33.68 23.22
C TYR I 286 42.99 -33.46 21.81
N ARG I 287 42.91 -32.22 21.35
CA ARG I 287 43.37 -31.81 20.01
C ARG I 287 43.00 -32.79 18.90
N GLY I 288 41.70 -33.04 18.74
CA GLY I 288 41.25 -34.11 17.86
C GLY I 288 40.91 -35.38 18.60
N GLY I 289 40.29 -36.31 17.90
CA GLY I 289 39.84 -37.54 18.52
C GLY I 289 38.58 -37.24 19.32
N ALA I 290 38.00 -38.25 19.93
CA ALA I 290 36.75 -38.04 20.66
C ALA I 290 37.02 -38.15 22.15
N SER I 291 36.50 -37.20 22.93
CA SER I 291 36.62 -37.26 24.38
C SER I 291 38.08 -37.39 24.79
N GLY I 292 38.37 -38.42 25.58
CA GLY I 292 39.75 -38.76 25.90
C GLY I 292 40.44 -39.69 24.92
N ASP I 293 39.77 -40.06 23.83
CA ASP I 293 40.31 -41.10 22.95
C ASP I 293 41.50 -40.62 22.12
N PHE I 294 42.01 -39.43 22.41
CA PHE I 294 43.24 -38.98 21.79
C PHE I 294 44.35 -39.85 22.39
N ALA I 295 44.12 -40.26 23.64
CA ALA I 295 44.87 -41.30 24.36
C ALA I 295 45.07 -42.57 23.54
N ARG I 296 44.04 -42.87 22.75
CA ARG I 296 43.93 -44.04 21.86
C ARG I 296 45.03 -43.96 20.81
N SER I 297 45.44 -42.75 20.46
CA SER I 297 46.50 -42.54 19.49
C SER I 297 47.80 -43.09 20.08
N LEU I 298 48.08 -42.93 21.36
CA LEU I 298 49.33 -43.53 21.87
C LEU I 298 49.18 -45.05 21.69
N ASP I 299 47.98 -45.56 21.98
CA ASP I 299 47.65 -46.96 21.73
C ASP I 299 47.75 -47.29 20.24
N TYR I 300 47.33 -46.34 19.39
CA TYR I 300 47.43 -46.54 17.94
C TYR I 300 48.91 -46.78 17.65
N CYS I 301 49.79 -46.02 18.30
CA CYS I 301 51.21 -46.24 18.12
C CYS I 301 51.70 -47.14 19.27
N GLY I 302 50.79 -47.92 19.84
CA GLY I 302 51.14 -48.81 20.94
C GLY I 302 52.18 -49.86 20.59
N ASP I 303 52.04 -50.47 19.42
CA ASP I 303 53.00 -51.44 18.91
C ASP I 303 54.35 -50.76 18.59
N LEU I 304 54.32 -49.44 18.63
CA LEU I 304 55.44 -48.49 18.42
C LEU I 304 56.08 -48.34 19.80
N ALA I 305 55.22 -48.14 20.78
CA ALA I 305 55.58 -47.97 22.18
C ALA I 305 56.25 -49.30 22.49
N LEU I 306 55.68 -50.37 21.93
CA LEU I 306 56.12 -51.74 22.08
C LEU I 306 57.55 -51.67 21.52
N GLU I 307 57.67 -51.14 20.31
CA GLU I 307 58.98 -50.96 19.65
C GLU I 307 59.98 -50.10 20.41
N GLY I 308 59.57 -49.14 21.25
CA GLY I 308 60.63 -48.42 21.93
C GLY I 308 61.46 -49.40 22.73
N VAL I 309 60.87 -50.29 23.53
CA VAL I 309 61.69 -51.28 24.23
C VAL I 309 62.30 -52.15 23.12
N PHE I 310 61.43 -52.53 22.17
CA PHE I 310 61.78 -53.43 21.08
C PHE I 310 62.73 -52.95 19.97
N ALA I 311 62.60 -51.73 19.48
CA ALA I 311 63.55 -51.32 18.42
C ALA I 311 64.85 -50.73 18.97
N HIS I 312 65.26 -51.20 20.15
CA HIS I 312 66.46 -50.73 20.86
C HIS I 312 66.56 -49.23 21.07
N LYS I 313 65.52 -48.50 20.70
CA LYS I 313 65.52 -47.06 20.82
C LYS I 313 64.15 -46.53 21.18
N PHE I 314 64.12 -45.47 21.96
CA PHE I 314 62.85 -44.81 22.23
C PHE I 314 62.63 -43.73 21.20
N ASP I 315 63.42 -43.70 20.13
CA ASP I 315 63.17 -42.65 19.17
C ASP I 315 62.48 -43.12 17.89
N PHE I 316 61.47 -42.35 17.48
CA PHE I 316 60.65 -42.65 16.30
C PHE I 316 60.50 -41.48 15.34
N GLU I 317 60.05 -41.75 14.12
CA GLU I 317 59.78 -40.65 13.20
C GLU I 317 58.30 -40.82 12.91
N PRO I 318 57.51 -39.75 13.05
CA PRO I 318 56.07 -39.93 12.86
C PRO I 318 55.75 -40.24 11.41
N GLU I 319 54.72 -41.07 11.22
CA GLU I 319 54.41 -41.66 9.93
C GLU I 319 54.00 -40.62 8.88
N HIS I 320 54.49 -40.79 7.65
CA HIS I 320 54.20 -39.85 6.58
C HIS I 320 52.73 -39.93 6.14
N GLY I 321 52.09 -38.76 6.07
CA GLY I 321 50.66 -38.67 5.88
C GLY I 321 49.87 -38.37 7.16
N SER I 322 48.58 -38.70 7.14
CA SER I 322 47.65 -38.29 8.18
C SER I 322 48.02 -38.80 9.57
N SER I 323 48.88 -39.81 9.63
CA SER I 323 49.29 -40.36 10.91
C SER I 323 50.38 -39.52 11.57
N MET I 324 50.66 -38.33 11.05
CA MET I 324 51.82 -37.61 11.56
C MET I 324 51.32 -36.97 12.84
N ASN I 325 50.07 -37.32 13.14
CA ASN I 325 49.29 -36.62 14.15
C ASN I 325 49.64 -37.40 15.38
N GLU I 326 50.42 -38.46 15.16
CA GLU I 326 50.88 -39.31 16.24
C GLU I 326 51.74 -38.40 17.08
N ASP I 327 52.48 -37.49 16.44
CA ASP I 327 53.35 -36.62 17.24
C ASP I 327 52.50 -35.66 18.11
N VAL I 328 51.20 -35.95 18.18
CA VAL I 328 50.29 -35.51 19.25
C VAL I 328 50.95 -35.76 20.59
N LEU I 329 51.68 -36.86 20.69
CA LEU I 329 52.34 -37.22 21.94
C LEU I 329 53.44 -36.23 22.28
N VAL I 330 54.03 -35.59 21.26
CA VAL I 330 55.01 -34.56 21.56
C VAL I 330 54.24 -33.41 22.18
N THR I 331 53.06 -33.15 21.63
CA THR I 331 52.17 -32.13 22.18
C THR I 331 51.78 -32.57 23.60
N ILE I 332 51.50 -33.88 23.78
CA ILE I 332 51.17 -34.42 25.11
C ILE I 332 52.34 -34.51 26.08
N GLY I 333 53.52 -34.76 25.55
CA GLY I 333 54.74 -34.79 26.34
C GLY I 333 55.15 -36.22 26.64
N LEU I 334 54.42 -37.16 26.04
CA LEU I 334 54.73 -38.58 26.15
C LEU I 334 55.97 -38.82 25.32
N LEU I 335 56.00 -38.12 24.21
CA LEU I 335 57.09 -38.09 23.27
C LEU I 335 57.65 -36.68 22.99
N CYS I 336 58.10 -35.91 23.99
CA CYS I 336 58.55 -34.56 23.60
C CYS I 336 59.82 -34.67 22.77
N LYS I 337 59.92 -33.82 21.75
CA LYS I 337 61.13 -33.73 20.92
C LYS I 337 62.10 -32.53 20.83
N TYR I 338 63.38 -32.86 20.65
CA TYR I 338 64.52 -31.95 20.62
C TYR I 338 64.53 -31.22 19.25
N THR I 339 64.54 -29.89 19.16
CA THR I 339 64.69 -29.34 17.80
C THR I 339 66.10 -29.64 17.26
N ALA I 340 66.17 -29.99 15.97
CA ALA I 340 67.41 -30.39 15.30
C ALA I 340 67.18 -30.63 13.79
N GLN I 341 68.23 -30.54 12.99
CA GLN I 341 68.10 -30.74 11.55
C GLN I 341 67.92 -32.21 11.16
N ARG I 342 66.77 -32.48 10.54
CA ARG I 342 66.30 -33.79 10.11
C ARG I 342 65.76 -34.50 11.34
N LEU I 343 65.14 -33.70 12.18
CA LEU I 343 64.56 -34.10 13.45
C LEU I 343 63.49 -35.17 13.43
N LYS I 344 63.63 -36.14 14.33
CA LYS I 344 62.58 -37.10 14.57
C LYS I 344 62.37 -37.35 16.07
N PRO I 345 61.10 -37.45 16.47
CA PRO I 345 60.50 -37.63 17.79
C PRO I 345 61.26 -38.62 18.69
N THR I 346 61.06 -38.49 20.00
CA THR I 346 61.64 -39.37 21.02
C THR I 346 60.65 -39.28 22.14
N TYR I 347 60.66 -40.22 23.09
CA TYR I 347 59.82 -40.06 24.29
C TYR I 347 60.34 -39.20 25.43
N LYS I 348 61.61 -38.84 25.42
CA LYS I 348 62.17 -38.15 26.57
C LYS I 348 61.34 -36.90 26.85
N PHE I 349 60.95 -36.73 28.10
CA PHE I 349 60.44 -35.46 28.59
C PHE I 349 61.54 -34.93 29.49
N PHE I 350 62.68 -35.61 29.36
CA PHE I 350 63.62 -35.95 30.44
C PHE I 350 63.51 -37.48 30.48
N HIS I 351 64.59 -38.20 30.12
CA HIS I 351 64.65 -39.66 30.27
C HIS I 351 63.66 -40.43 29.39
N LYS I 352 64.03 -40.74 28.15
CA LYS I 352 63.13 -41.46 27.25
C LYS I 352 62.81 -42.90 27.69
N SER I 353 63.71 -43.48 28.50
CA SER I 353 63.50 -44.83 29.00
C SER I 353 62.25 -44.92 29.86
N PHE I 354 61.69 -43.76 30.17
CA PHE I 354 60.50 -43.67 30.98
C PHE I 354 59.35 -44.42 30.33
N GLN I 355 59.33 -44.39 28.99
CA GLN I 355 58.36 -45.13 28.18
C GLN I 355 58.39 -46.68 28.22
N GLU I 356 59.31 -47.25 28.99
CA GLU I 356 59.40 -48.71 29.09
C GLU I 356 58.16 -49.43 29.63
N TYR I 357 57.50 -48.85 30.61
CA TYR I 357 56.27 -49.43 31.15
C TYR I 357 55.20 -49.51 30.08
N THR I 358 55.02 -48.45 29.29
CA THR I 358 53.96 -48.49 28.28
C THR I 358 54.21 -49.64 27.32
N ALA I 359 55.47 -49.91 26.98
CA ALA I 359 55.74 -51.04 26.10
C ALA I 359 55.35 -52.33 26.78
N GLY I 360 55.59 -52.42 28.08
CA GLY I 360 55.19 -53.59 28.83
C GLY I 360 53.67 -53.60 28.89
N ARG I 361 53.09 -52.42 29.09
CA ARG I 361 51.65 -52.20 29.13
C ARG I 361 50.90 -52.61 27.86
N ARG I 362 51.50 -52.31 26.71
CA ARG I 362 50.89 -52.66 25.43
C ARG I 362 50.82 -54.19 25.44
N LEU I 363 51.86 -54.84 25.92
CA LEU I 363 51.90 -56.31 25.93
C LEU I 363 50.73 -56.72 26.81
N SER I 364 50.57 -56.06 27.96
CA SER I 364 49.48 -56.36 28.87
C SER I 364 48.15 -56.14 28.18
N SER I 365 48.05 -55.06 27.39
CA SER I 365 46.83 -54.74 26.68
C SER I 365 46.54 -55.90 25.73
N LEU I 366 47.60 -56.54 25.26
CA LEU I 366 47.48 -57.71 24.41
C LEU I 366 47.03 -58.90 25.27
N LEU I 367 47.63 -59.08 26.44
CA LEU I 367 47.31 -60.22 27.31
C LEU I 367 45.89 -60.17 27.91
N THR I 368 45.42 -58.98 28.23
CA THR I 368 44.08 -58.80 28.82
C THR I 368 43.04 -58.57 27.72
N SER I 369 43.44 -58.84 26.49
CA SER I 369 42.61 -58.52 25.34
C SER I 369 41.48 -59.53 25.13
N LYS I 370 40.47 -59.09 24.41
CA LYS I 370 39.21 -59.81 24.22
C LYS I 370 39.37 -61.24 23.70
N GLU I 371 40.53 -61.55 23.11
CA GLU I 371 40.75 -62.87 22.56
C GLU I 371 42.17 -63.40 22.71
N PRO I 372 42.30 -64.73 22.83
CA PRO I 372 43.55 -65.49 22.86
C PRO I 372 44.57 -65.15 21.76
N GLU I 373 44.14 -64.89 20.53
CA GLU I 373 45.07 -64.54 19.44
C GLU I 373 45.84 -63.23 19.69
N GLU I 374 45.18 -62.22 20.24
CA GLU I 374 45.88 -60.97 20.57
C GLU I 374 46.88 -61.28 21.67
N VAL I 375 46.50 -62.12 22.62
CA VAL I 375 47.38 -62.52 23.70
C VAL I 375 48.62 -63.24 23.15
N SER I 376 48.40 -64.17 22.21
CA SER I 376 49.49 -64.90 21.54
C SER I 376 50.35 -63.96 20.71
N LYS I 377 49.72 -62.89 20.22
CA LYS I 377 50.42 -61.83 19.52
C LYS I 377 51.35 -61.18 20.54
N GLY I 378 50.83 -60.99 21.75
CA GLY I 378 51.61 -60.49 22.86
C GLY I 378 52.70 -61.49 23.18
N ASN I 379 52.31 -62.77 23.11
CA ASN I 379 53.23 -63.90 23.30
C ASN I 379 54.29 -63.91 22.21
N SER I 380 53.93 -63.52 20.99
CA SER I 380 54.87 -63.57 19.86
C SER I 380 55.96 -62.51 20.04
N TYR I 381 55.67 -61.57 20.93
CA TYR I 381 56.60 -60.53 21.33
C TYR I 381 57.62 -61.15 22.31
N LEU I 382 57.37 -62.41 22.69
CA LEU I 382 58.28 -63.19 23.56
C LEU I 382 59.10 -64.12 22.69
N ASN I 383 58.95 -63.98 21.38
CA ASN I 383 59.65 -64.85 20.44
C ASN I 383 60.77 -63.93 19.99
N LYS I 384 60.76 -62.77 20.63
CA LYS I 384 61.61 -61.64 20.32
C LYS I 384 62.77 -61.65 21.32
N MET I 385 62.54 -62.33 22.44
CA MET I 385 63.41 -62.24 23.63
C MET I 385 64.03 -63.57 24.06
N VAL I 386 65.32 -63.52 24.38
CA VAL I 386 66.07 -64.69 24.84
C VAL I 386 66.52 -64.66 26.31
N SER I 387 65.83 -65.40 27.19
CA SER I 387 66.14 -65.43 28.62
C SER I 387 66.32 -64.13 29.41
N ILE I 388 66.92 -64.23 30.61
CA ILE I 388 67.16 -63.06 31.47
C ILE I 388 68.17 -62.25 30.69
N SER I 389 69.11 -62.99 30.08
CA SER I 389 70.21 -62.50 29.24
C SER I 389 70.17 -61.00 29.06
N ASP I 390 69.06 -60.61 28.45
CA ASP I 390 68.76 -59.28 27.99
C ASP I 390 68.57 -58.25 29.11
N ILE I 391 68.97 -58.58 30.34
CA ILE I 391 69.07 -57.60 31.41
C ILE I 391 69.99 -56.43 31.01
N THR I 392 70.84 -56.69 30.01
CA THR I 392 71.76 -55.70 29.48
C THR I 392 71.06 -54.69 28.57
N SER I 393 69.83 -54.99 28.17
CA SER I 393 69.15 -54.15 27.20
C SER I 393 67.66 -54.08 27.45
N LEU I 394 66.98 -53.31 26.60
CA LEU I 394 65.59 -52.97 26.86
C LEU I 394 64.61 -54.12 27.04
N TYR I 395 64.88 -55.33 26.55
CA TYR I 395 63.84 -56.33 26.85
C TYR I 395 64.14 -57.08 28.15
N GLY I 396 65.22 -56.79 28.87
CA GLY I 396 65.51 -57.59 30.05
C GLY I 396 64.47 -57.52 31.14
N ASN I 397 64.20 -56.24 31.42
CA ASN I 397 63.27 -55.60 32.37
C ASN I 397 61.81 -55.61 31.89
N LEU I 398 61.69 -55.77 30.58
CA LEU I 398 60.44 -55.82 29.82
C LEU I 398 59.49 -56.84 30.42
N LEU I 399 59.93 -58.00 30.87
CA LEU I 399 58.93 -58.94 31.35
C LEU I 399 58.37 -58.44 32.66
N LEU I 400 59.16 -57.66 33.37
CA LEU I 400 58.79 -57.00 34.60
C LEU I 400 57.65 -56.04 34.30
N TYR I 401 57.82 -55.31 33.21
CA TYR I 401 56.87 -54.29 32.79
C TYR I 401 55.63 -54.98 32.29
N THR I 402 55.80 -56.17 31.72
CA THR I 402 54.66 -56.96 31.31
C THR I 402 53.84 -57.35 32.56
N CYS I 403 54.56 -57.85 33.57
CA CYS I 403 53.95 -58.26 34.85
C CYS I 403 53.34 -57.22 35.80
N GLY I 404 53.91 -56.03 35.91
CA GLY I 404 53.38 -54.99 36.79
C GLY I 404 52.02 -54.62 36.24
N SER I 405 51.95 -54.83 34.92
CA SER I 405 50.83 -54.55 34.05
C SER I 405 49.69 -55.58 34.26
N SER I 406 50.03 -56.87 34.42
CA SER I 406 49.00 -57.91 34.50
C SER I 406 49.32 -59.03 35.51
N THR I 407 48.26 -59.66 36.01
CA THR I 407 48.29 -60.74 37.02
C THR I 407 48.61 -62.21 36.67
N GLU I 408 47.53 -62.92 36.37
CA GLU I 408 47.45 -64.33 35.96
C GLU I 408 48.19 -64.57 34.66
N ALA I 409 48.14 -63.56 33.80
CA ALA I 409 48.73 -63.57 32.49
C ALA I 409 50.22 -63.77 32.57
N THR I 410 50.91 -63.23 33.57
CA THR I 410 52.34 -63.52 33.66
C THR I 410 52.69 -65.01 33.86
N ARG I 411 51.70 -65.89 34.03
CA ARG I 411 51.97 -67.34 33.97
C ARG I 411 52.45 -67.71 32.56
N ALA I 412 51.91 -67.02 31.58
CA ALA I 412 52.32 -67.10 30.18
C ALA I 412 53.77 -66.67 30.07
N VAL I 413 54.13 -65.67 30.88
CA VAL I 413 55.48 -65.14 30.94
C VAL I 413 56.30 -66.27 31.53
N MET I 414 55.78 -66.92 32.56
CA MET I 414 56.55 -67.96 33.22
C MET I 414 56.76 -69.10 32.23
N ARG I 415 55.84 -69.26 31.28
CA ARG I 415 56.04 -70.31 30.30
C ARG I 415 57.30 -70.06 29.48
N HIS I 416 57.57 -68.82 29.07
CA HIS I 416 58.80 -68.59 28.32
C HIS I 416 60.02 -68.73 29.21
N LEU I 417 59.83 -68.57 30.51
CA LEU I 417 60.95 -68.75 31.42
C LEU I 417 61.34 -70.23 31.45
N ALA I 418 60.49 -71.08 30.89
CA ALA I 418 60.76 -72.51 30.89
C ALA I 418 61.31 -72.86 29.51
N MET I 419 61.32 -71.86 28.62
CA MET I 419 61.61 -72.06 27.20
C MET I 419 63.02 -71.52 27.00
N VAL I 420 63.62 -71.21 28.15
CA VAL I 420 64.98 -70.71 28.28
C VAL I 420 65.99 -71.86 28.36
N TYR I 421 66.87 -71.93 27.38
CA TYR I 421 67.79 -73.06 27.25
C TYR I 421 69.18 -72.49 27.07
N GLN I 422 69.25 -71.17 27.10
CA GLN I 422 70.44 -70.42 26.76
C GLN I 422 71.26 -70.19 28.02
N HIS I 423 70.56 -70.25 29.16
CA HIS I 423 71.17 -70.08 30.48
C HIS I 423 71.61 -68.63 30.70
N GLY I 424 70.97 -67.73 29.98
CA GLY I 424 71.37 -66.32 29.92
C GLY I 424 72.47 -66.05 28.91
N SER I 425 73.55 -65.41 29.37
CA SER I 425 74.75 -65.29 28.55
C SER I 425 76.01 -65.44 29.41
N LEU I 426 77.04 -66.10 28.86
CA LEU I 426 78.24 -66.39 29.63
C LEU I 426 79.32 -65.32 29.50
N GLN I 427 79.10 -64.35 28.64
CA GLN I 427 80.14 -63.36 28.35
C GLN I 427 80.32 -62.42 29.53
N GLY I 428 81.58 -62.18 29.90
CA GLY I 428 81.90 -61.28 30.99
C GLY I 428 81.73 -61.85 32.39
N LEU I 429 81.42 -63.14 32.47
CA LEU I 429 81.13 -63.80 33.76
C LEU I 429 81.97 -65.06 33.92
N SER I 430 82.33 -65.36 35.16
CA SER I 430 83.24 -66.48 35.44
C SER I 430 83.06 -67.08 36.83
N VAL I 431 82.93 -68.40 36.88
CA VAL I 431 82.76 -69.18 38.12
C VAL I 431 83.86 -68.89 39.15
N THR I 432 84.86 -68.11 38.72
CA THR I 432 85.94 -67.73 39.61
C THR I 432 85.94 -66.24 39.91
N LYS I 433 84.75 -65.64 39.93
CA LYS I 433 84.63 -64.21 40.22
C LYS I 433 83.94 -64.06 41.58
N ARG I 434 83.09 -65.03 41.93
CA ARG I 434 82.37 -64.98 43.20
C ARG I 434 83.33 -65.15 44.40
N PRO I 435 84.17 -66.21 44.41
CA PRO I 435 85.14 -66.30 45.52
C PRO I 435 86.23 -65.24 45.50
N LEU I 436 86.55 -64.72 44.31
CA LEU I 436 87.62 -63.74 44.05
C LEU I 436 89.01 -64.39 44.05
N TRP I 437 89.08 -65.64 43.59
CA TRP I 437 90.33 -66.39 43.67
C TRP I 437 90.78 -66.93 42.31
N ARG I 438 92.09 -67.13 42.17
CA ARG I 438 92.64 -67.84 41.03
C ARG I 438 93.13 -69.22 41.45
N GLN I 439 92.53 -69.78 42.48
CA GLN I 439 93.01 -71.03 43.06
C GLN I 439 91.91 -71.92 43.62
N GLU I 440 92.22 -73.20 43.69
CA GLU I 440 91.27 -74.25 44.06
C GLU I 440 90.43 -73.93 45.29
N SEP I 441 89.15 -74.30 45.21
CA SEP I 441 88.16 -74.08 46.26
CB SEP I 441 87.02 -73.22 45.73
OG SEP I 441 86.49 -73.80 44.55
C SEP I 441 87.62 -75.42 46.77
O SEP I 441 88.16 -76.47 46.43
P SEP I 441 86.28 -72.68 43.42
O1P SEP I 441 86.22 -73.39 41.98
O2P SEP I 441 87.52 -71.65 43.46
O3P SEP I 441 84.90 -71.90 43.69
N ILE I 442 86.56 -75.38 47.57
CA ILE I 442 85.88 -76.61 47.97
C ILE I 442 85.03 -77.06 46.79
N GLN I 443 84.50 -76.07 46.07
CA GLN I 443 83.72 -76.31 44.87
C GLN I 443 84.64 -76.95 43.83
N SER I 444 85.92 -76.58 43.87
CA SER I 444 86.92 -77.13 42.96
C SER I 444 87.23 -78.59 43.28
N LEU I 445 87.17 -78.95 44.56
CA LEU I 445 87.33 -80.34 44.94
C LEU I 445 86.17 -81.19 44.40
N ARG I 446 85.03 -80.55 44.16
CA ARG I 446 83.87 -81.28 43.65
C ARG I 446 84.05 -81.58 42.15
N ASN I 447 85.00 -80.89 41.50
CA ASN I 447 85.24 -81.05 40.06
C ASN I 447 86.70 -81.25 39.61
N THR I 448 86.86 -81.85 38.43
CA THR I 448 88.16 -82.11 37.82
C THR I 448 88.82 -80.92 37.10
N THR I 449 88.04 -79.90 36.75
CA THR I 449 88.59 -78.65 36.19
C THR I 449 88.53 -77.41 37.08
N GLU I 450 89.05 -76.30 36.56
CA GLU I 450 89.09 -75.05 37.32
C GLU I 450 87.71 -74.41 37.23
N GLN I 451 86.99 -74.71 36.15
CA GLN I 451 85.68 -74.13 35.92
C GLN I 451 84.64 -75.20 35.58
N ASP I 452 83.37 -74.80 35.61
CA ASP I 452 82.25 -75.61 35.14
C ASP I 452 80.92 -74.88 35.31
N VAL I 453 80.77 -74.16 36.44
CA VAL I 453 79.55 -73.41 36.72
C VAL I 453 79.43 -72.35 35.64
N LEU I 454 80.58 -71.82 35.23
CA LEU I 454 80.73 -70.85 34.13
C LEU I 454 79.85 -71.13 32.91
N LYS I 455 79.71 -72.41 32.58
CA LYS I 455 78.97 -72.86 31.41
C LYS I 455 77.53 -72.42 31.64
N ALA I 456 77.02 -72.60 32.85
CA ALA I 456 75.65 -72.32 33.16
C ALA I 456 75.74 -71.26 34.27
N ILE I 457 76.70 -70.34 34.12
CA ILE I 457 76.98 -69.32 35.16
C ILE I 457 75.78 -68.52 35.64
N ASN I 458 74.88 -68.20 34.73
CA ASN I 458 73.74 -67.38 35.10
C ASN I 458 72.57 -68.19 35.63
N VAL I 459 72.83 -69.36 36.21
CA VAL I 459 71.74 -70.15 36.77
C VAL I 459 71.10 -69.44 37.96
N ASN I 460 71.89 -68.71 38.73
CA ASN I 460 71.35 -67.93 39.84
C ASN I 460 71.05 -66.48 39.44
N SER I 461 71.52 -66.07 38.27
CA SER I 461 71.34 -64.71 37.74
C SER I 461 69.83 -64.64 37.49
N PHE I 462 69.34 -65.80 37.07
CA PHE I 462 67.93 -66.08 36.79
C PHE I 462 67.11 -65.85 38.02
N VAL I 463 67.62 -66.30 39.15
CA VAL I 463 66.94 -66.18 40.42
C VAL I 463 66.72 -64.72 40.85
N GLU I 464 67.70 -63.84 40.70
CA GLU I 464 67.45 -62.44 41.04
C GLU I 464 66.30 -61.80 40.23
N CYS I 465 66.29 -62.10 38.93
CA CYS I 465 65.23 -61.70 38.03
C CYS I 465 63.92 -62.27 38.53
N GLY I 466 63.99 -63.54 38.92
CA GLY I 466 62.87 -64.29 39.42
C GLY I 466 62.24 -63.75 40.68
N ILE I 467 63.03 -63.32 41.66
CA ILE I 467 62.45 -62.76 42.87
C ILE I 467 61.75 -61.46 42.51
N ASN I 468 62.37 -60.70 41.61
CA ASN I 468 61.72 -59.47 41.15
C ASN I 468 60.37 -59.77 40.43
N LEU I 469 60.38 -60.76 39.54
CA LEU I 469 59.19 -61.22 38.81
C LEU I 469 58.06 -61.77 39.68
N PHE I 470 58.46 -62.47 40.73
CA PHE I 470 57.56 -63.06 41.72
C PHE I 470 56.85 -61.91 42.39
N SER I 471 57.67 -60.94 42.75
CA SER I 471 57.27 -59.69 43.41
C SER I 471 56.36 -58.79 42.57
N GLU I 472 56.65 -58.68 41.28
CA GLU I 472 55.91 -57.82 40.35
C GLU I 472 54.44 -58.06 40.01
N SER I 473 53.94 -59.28 40.05
CA SER I 473 52.53 -59.45 39.76
C SER I 473 51.99 -59.84 41.11
N MET I 474 52.92 -59.80 42.07
CA MET I 474 52.67 -60.09 43.48
C MET I 474 52.19 -61.54 43.44
N SER I 475 52.94 -62.36 42.71
CA SER I 475 52.42 -63.58 42.11
C SER I 475 52.06 -64.72 43.05
N LYS I 476 52.09 -64.45 44.35
CA LYS I 476 51.90 -65.43 45.43
C LYS I 476 52.15 -66.91 45.08
N SER I 477 51.44 -67.78 45.80
CA SER I 477 51.51 -69.22 45.58
C SER I 477 50.98 -69.67 44.22
N ASP I 478 50.40 -68.74 43.45
CA ASP I 478 49.83 -69.09 42.15
C ASP I 478 50.87 -69.51 41.11
N LEU I 479 51.98 -68.79 41.06
CA LEU I 479 53.07 -69.04 40.13
C LEU I 479 54.17 -70.00 40.65
N SER I 480 53.92 -70.65 41.79
CA SER I 480 54.88 -71.57 42.40
C SER I 480 55.33 -72.90 41.77
N GLN I 481 54.46 -73.61 41.05
CA GLN I 481 54.87 -74.84 40.36
C GLN I 481 55.92 -74.52 39.31
N GLU I 482 55.73 -73.34 38.75
CA GLU I 482 56.62 -72.79 37.76
C GLU I 482 57.89 -72.43 38.46
N PHE I 483 57.88 -71.73 39.60
CA PHE I 483 59.19 -71.30 40.04
C PHE I 483 59.89 -72.50 40.66
N GLU I 484 59.18 -73.59 41.01
CA GLU I 484 59.94 -74.69 41.68
C GLU I 484 60.71 -75.24 40.51
N ALA I 485 60.04 -75.33 39.36
CA ALA I 485 60.69 -75.84 38.14
C ALA I 485 61.71 -74.91 37.45
N PHE I 486 61.63 -73.61 37.71
CA PHE I 486 62.43 -72.63 36.98
C PHE I 486 63.85 -72.49 37.52
N PHE I 487 64.03 -72.66 38.82
CA PHE I 487 65.34 -72.49 39.43
C PHE I 487 65.96 -73.86 39.72
N GLN I 488 65.34 -74.90 39.16
CA GLN I 488 65.77 -76.28 39.36
C GLN I 488 67.04 -76.64 38.61
N GLY I 489 67.87 -77.48 39.23
CA GLY I 489 69.10 -77.93 38.60
C GLY I 489 70.15 -76.83 38.70
N LYS I 490 69.92 -75.90 39.62
CA LYS I 490 70.79 -74.73 39.73
C LYS I 490 71.29 -74.47 41.15
N SER I 491 72.41 -73.76 41.22
CA SER I 491 73.04 -73.37 42.49
C SER I 491 73.32 -71.86 42.61
N LEU I 492 73.07 -71.31 43.79
CA LEU I 492 73.34 -69.89 44.11
C LEU I 492 74.55 -69.71 45.01
N TYR I 493 75.48 -68.82 44.62
CA TYR I 493 76.61 -68.58 45.50
C TYR I 493 76.79 -67.09 45.84
N ILE I 494 76.76 -66.83 47.15
CA ILE I 494 77.01 -65.54 47.82
C ILE I 494 78.37 -65.32 48.52
N ASN I 495 79.02 -64.19 48.28
CA ASN I 495 80.10 -63.75 49.18
C ASN I 495 79.57 -62.93 50.38
N SER I 496 80.18 -63.09 51.55
CA SER I 496 79.82 -62.33 52.76
C SER I 496 80.07 -60.82 52.61
N GLU I 497 81.08 -60.49 51.82
CA GLU I 497 81.47 -59.11 51.55
C GLU I 497 80.41 -58.43 50.70
N ASN I 498 79.81 -59.19 49.79
CA ASN I 498 78.74 -58.70 48.93
C ASN I 498 77.44 -59.48 49.15
N ILE I 499 76.87 -59.33 50.34
CA ILE I 499 75.57 -59.91 50.67
C ILE I 499 74.43 -58.96 50.34
N PRO I 500 73.61 -59.33 49.35
CA PRO I 500 72.40 -58.56 49.04
C PRO I 500 71.36 -58.61 50.17
N ASP I 501 70.50 -57.61 50.18
CA ASP I 501 69.41 -57.48 51.13
C ASP I 501 68.15 -58.17 50.58
N TYR I 502 68.08 -58.23 49.25
CA TYR I 502 66.96 -58.81 48.51
C TYR I 502 66.81 -60.33 48.61
N LEU I 503 67.79 -61.07 49.11
CA LEU I 503 67.48 -62.50 49.24
C LEU I 503 66.33 -62.85 50.19
N PHE I 504 66.17 -62.26 51.38
CA PHE I 504 64.95 -62.62 52.13
C PHE I 504 63.64 -62.16 51.41
N ASP I 505 63.73 -61.43 50.28
CA ASP I 505 62.54 -60.97 49.50
C ASP I 505 61.63 -62.03 48.88
N PHE I 506 62.24 -63.08 48.34
CA PHE I 506 61.58 -64.21 47.67
C PHE I 506 60.72 -64.89 48.70
N PHE I 507 61.29 -64.98 49.89
CA PHE I 507 60.73 -65.63 51.05
C PHE I 507 59.43 -64.97 51.51
N GLU I 508 58.78 -64.20 50.63
CA GLU I 508 57.55 -63.50 50.98
C GLU I 508 56.44 -64.53 51.16
N TYR I 509 56.19 -65.29 50.11
CA TYR I 509 55.06 -66.20 50.08
C TYR I 509 55.61 -67.58 49.85
N LEU I 510 56.85 -67.62 49.33
CA LEU I 510 57.30 -68.94 48.96
C LEU I 510 58.74 -69.21 49.43
N PRO I 511 59.01 -69.23 50.76
CA PRO I 511 60.42 -69.51 51.13
C PRO I 511 60.88 -70.97 50.92
N ASN I 512 59.90 -71.84 50.97
CA ASN I 512 60.07 -73.28 50.81
C ASN I 512 60.56 -73.71 49.43
N CYS I 513 60.13 -73.01 48.39
CA CYS I 513 60.56 -73.36 47.05
C CYS I 513 62.05 -73.09 46.87
N ALA I 514 62.71 -72.68 47.95
CA ALA I 514 64.15 -72.45 47.97
C ALA I 514 64.80 -73.79 47.66
N SER I 515 64.17 -74.88 48.10
CA SER I 515 64.66 -76.23 47.86
C SER I 515 64.41 -76.77 46.46
N ALA I 516 64.08 -75.89 45.52
CA ALA I 516 64.20 -76.25 44.11
C ALA I 516 65.69 -76.20 43.74
N LEU I 517 66.37 -75.17 44.23
CA LEU I 517 67.81 -74.97 44.05
C LEU I 517 68.58 -76.11 44.72
N ASP I 518 69.78 -76.40 44.25
CA ASP I 518 70.61 -77.37 44.96
C ASP I 518 71.39 -76.83 46.15
N PHE I 519 72.47 -76.10 45.88
CA PHE I 519 73.26 -75.42 46.91
C PHE I 519 73.40 -73.90 46.92
N VAL I 520 73.28 -73.32 48.11
CA VAL I 520 73.33 -71.89 48.31
C VAL I 520 74.74 -71.86 48.88
N LYS I 521 75.63 -71.09 48.27
CA LYS I 521 77.03 -71.13 48.68
C LYS I 521 77.47 -69.79 49.23
N LEU I 522 78.12 -69.90 50.37
CA LEU I 522 78.60 -68.77 51.16
C LEU I 522 80.09 -68.70 51.45
N ASP I 523 80.68 -67.53 51.21
CA ASP I 523 82.08 -67.33 51.50
C ASP I 523 82.12 -66.32 52.61
N PHE I 524 82.84 -66.67 53.68
CA PHE I 524 82.89 -65.85 54.89
C PHE I 524 84.33 -65.46 55.13
N TYR I 525 84.64 -64.18 54.95
CA TYR I 525 85.94 -63.62 55.30
C TYR I 525 86.00 -62.70 56.50
N GLU I 526 87.23 -62.23 56.77
CA GLU I 526 87.55 -61.34 57.87
C GLU I 526 87.29 -61.89 59.27
N ARG I 527 86.04 -62.05 59.64
CA ARG I 527 85.70 -62.55 60.96
C ARG I 527 84.58 -63.57 60.86
N ALA I 528 84.54 -64.47 61.84
CA ALA I 528 83.49 -65.49 61.88
C ALA I 528 82.13 -64.84 62.13
N THR I 529 82.14 -63.61 62.65
CA THR I 529 80.91 -62.87 62.93
C THR I 529 80.04 -62.71 61.69
N PRO I 553 78.24 -65.53 61.37
CA PRO I 553 77.45 -64.63 60.53
C PRO I 553 75.97 -64.57 60.90
N PRO I 554 75.58 -63.68 61.82
CA PRO I 554 74.18 -63.58 62.24
C PRO I 554 73.27 -63.18 61.09
N ARG I 555 73.78 -62.35 60.18
CA ARG I 555 73.01 -61.89 59.04
C ARG I 555 72.72 -63.02 58.05
N ALA I 556 73.67 -63.95 57.91
CA ALA I 556 73.50 -65.12 57.04
C ALA I 556 72.46 -66.12 57.55
N VAL I 557 72.51 -66.42 58.84
CA VAL I 557 71.64 -67.44 59.42
C VAL I 557 70.18 -67.02 59.31
N SER I 558 69.93 -65.74 59.59
CA SER I 558 68.58 -65.16 59.60
C SER I 558 67.77 -65.65 58.40
N LEU I 559 68.48 -65.92 57.32
CA LEU I 559 67.92 -66.50 56.10
C LEU I 559 67.48 -67.95 56.30
N PHE I 560 68.28 -68.72 57.04
CA PHE I 560 68.02 -70.14 57.23
C PHE I 560 67.08 -70.40 58.40
N PHE I 561 66.79 -69.36 59.17
CA PHE I 561 65.64 -69.39 60.08
C PHE I 561 64.33 -69.35 59.30
N ASN I 562 64.35 -68.79 58.10
CA ASN I 562 63.13 -68.64 57.32
C ASN I 562 62.83 -69.83 56.42
N TRP I 563 63.80 -70.71 56.24
CA TRP I 563 63.60 -71.84 55.34
C TRP I 563 63.56 -73.23 56.00
N LYS I 564 62.76 -74.11 55.40
CA LYS I 564 62.56 -75.47 55.88
C LYS I 564 63.75 -76.41 55.68
N GLN I 565 64.05 -77.20 56.70
CA GLN I 565 65.05 -78.26 56.62
C GLN I 565 64.57 -79.38 55.68
N GLU I 566 65.48 -80.16 55.07
CA GLU I 566 66.92 -79.84 54.97
C GLU I 566 67.44 -79.64 53.55
N PHE I 567 68.30 -78.62 53.39
CA PHE I 567 68.96 -78.37 52.12
C PHE I 567 69.76 -79.62 51.80
N LYS I 568 69.89 -79.98 50.53
CA LYS I 568 70.69 -81.16 50.22
C LYS I 568 72.17 -80.92 50.55
N THR I 569 72.83 -80.12 49.72
CA THR I 569 74.21 -79.71 49.97
C THR I 569 74.40 -78.18 50.16
N LEU I 570 75.02 -77.81 51.28
CA LEU I 570 75.31 -76.43 51.70
C LEU I 570 76.81 -76.09 51.76
N GLU I 571 77.33 -75.21 50.91
CA GLU I 571 78.79 -75.07 50.95
C GLU I 571 79.33 -73.68 51.27
N VAL I 572 80.36 -73.75 52.12
CA VAL I 572 81.15 -72.66 52.66
C VAL I 572 82.70 -72.62 52.48
N THR I 573 83.14 -71.48 51.94
CA THR I 573 84.51 -71.06 51.58
C THR I 573 85.05 -70.01 52.57
N LEU I 574 86.17 -70.26 53.24
CA LEU I 574 86.63 -69.39 54.33
C LEU I 574 87.85 -68.69 53.73
N ARG I 575 87.78 -67.35 53.74
CA ARG I 575 88.89 -66.47 53.34
C ARG I 575 89.41 -65.43 54.34
N ASP I 576 90.73 -65.17 54.27
CA ASP I 576 91.46 -64.19 55.08
C ASP I 576 90.86 -63.95 56.45
N ILE I 577 90.81 -65.00 57.25
CA ILE I 577 90.33 -64.87 58.61
C ILE I 577 91.52 -64.85 59.55
N ASN I 578 91.49 -63.88 60.47
CA ASN I 578 92.52 -63.74 61.49
C ASN I 578 91.80 -63.56 62.81
N LYS I 579 90.48 -63.81 62.73
CA LYS I 579 89.57 -63.70 63.86
C LYS I 579 88.61 -64.87 63.79
N LEU I 580 89.04 -66.04 64.26
CA LEU I 580 88.18 -67.21 64.25
C LEU I 580 87.39 -67.27 65.55
N ASN I 581 86.49 -66.30 65.74
CA ASN I 581 85.73 -66.27 66.98
C ASN I 581 84.94 -67.56 67.03
N LYS I 582 85.40 -68.43 67.91
CA LYS I 582 84.85 -69.76 68.10
C LYS I 582 83.37 -69.69 68.50
N GLN I 583 82.95 -68.48 68.88
CA GLN I 583 81.56 -68.12 69.14
C GLN I 583 80.70 -68.00 67.87
N ASP I 584 81.29 -67.53 66.77
CA ASP I 584 80.53 -67.21 65.56
C ASP I 584 80.56 -68.37 64.55
N ILE I 585 81.31 -69.40 64.95
CA ILE I 585 81.52 -70.68 64.27
C ILE I 585 80.13 -71.27 64.27
N LYS I 586 79.48 -71.11 65.41
CA LYS I 586 78.15 -71.58 65.75
C LYS I 586 77.11 -71.01 64.79
N TYR I 587 77.24 -69.74 64.38
CA TYR I 587 76.27 -69.14 63.48
C TYR I 587 76.40 -69.95 62.19
N LEU I 588 77.64 -70.26 61.84
CA LEU I 588 77.91 -71.11 60.69
C LEU I 588 77.27 -72.45 60.97
N GLY I 589 77.22 -72.86 62.23
CA GLY I 589 76.56 -74.09 62.65
C GLY I 589 75.07 -74.04 62.29
N LYS I 590 74.43 -72.90 62.54
CA LYS I 590 73.01 -72.72 62.24
C LYS I 590 72.85 -72.87 60.73
N ILE I 591 73.78 -72.31 59.97
CA ILE I 591 73.74 -72.43 58.51
C ILE I 591 73.92 -73.90 58.14
N PHE I 592 74.84 -74.57 58.83
CA PHE I 592 75.13 -75.96 58.58
C PHE I 592 74.01 -76.95 58.89
N SER I 593 73.14 -76.63 59.84
CA SER I 593 72.10 -77.59 60.16
C SER I 593 71.01 -77.62 59.09
N SER I 594 71.05 -76.65 58.18
CA SER I 594 70.06 -76.59 57.13
C SER I 594 70.27 -77.68 56.09
N ALA I 595 71.51 -78.17 56.00
CA ALA I 595 71.86 -79.15 54.97
C ALA I 595 72.17 -80.57 55.40
N THR I 596 71.79 -81.52 54.53
CA THR I 596 72.18 -82.91 54.71
C THR I 596 73.69 -83.00 54.51
N ASN I 597 74.20 -82.24 53.53
CA ASN I 597 75.64 -82.22 53.22
C ASN I 597 76.24 -80.81 53.30
N LEU I 598 77.36 -80.72 54.00
CA LEU I 598 78.19 -79.52 54.12
C LEU I 598 79.62 -79.52 53.57
N ARG I 599 79.99 -78.55 52.72
CA ARG I 599 81.30 -78.70 52.07
C ARG I 599 82.06 -77.44 52.50
N LEU I 600 83.28 -77.63 53.05
CA LEU I 600 84.21 -76.54 53.43
C LEU I 600 85.66 -76.40 52.91
N HIS I 601 85.98 -75.24 52.35
CA HIS I 601 87.37 -74.94 51.90
C HIS I 601 87.96 -73.83 52.76
N ILE I 602 89.02 -74.11 53.51
CA ILE I 602 89.52 -73.14 54.47
C ILE I 602 90.88 -72.67 53.95
N LYS I 603 90.81 -71.38 53.59
CA LYS I 603 91.79 -70.68 52.76
C LYS I 603 92.25 -69.35 53.32
N ARG I 604 93.52 -69.27 53.70
CA ARG I 604 94.13 -68.07 54.28
C ARG I 604 93.58 -67.75 55.65
N CYS I 605 93.10 -68.77 56.36
CA CYS I 605 92.52 -68.57 57.67
C CYS I 605 93.57 -68.81 58.74
N ALA I 606 94.43 -67.82 58.95
CA ALA I 606 95.53 -67.95 59.90
C ALA I 606 95.04 -68.10 61.34
N ALA I 607 93.77 -67.78 61.58
CA ALA I 607 93.16 -67.99 62.90
C ALA I 607 92.63 -69.41 63.06
N MET I 608 92.65 -70.17 61.98
CA MET I 608 92.21 -71.57 61.92
C MET I 608 93.35 -72.57 62.14
N ALA I 609 93.40 -73.20 63.32
CA ALA I 609 94.43 -74.19 63.59
C ALA I 609 93.77 -75.51 64.00
N GLY I 610 93.90 -75.91 65.26
CA GLY I 610 93.24 -77.13 65.72
C GLY I 610 91.75 -76.82 65.83
N ARG I 611 91.46 -75.55 65.62
CA ARG I 611 90.17 -74.95 65.88
C ARG I 611 89.13 -75.42 64.86
N LEU I 612 89.59 -76.17 63.87
CA LEU I 612 88.71 -76.82 62.90
C LEU I 612 87.75 -77.72 63.67
N SER I 613 88.18 -78.16 64.85
CA SER I 613 87.32 -78.93 65.76
C SER I 613 85.95 -78.26 65.96
N SER I 614 85.96 -76.94 66.08
CA SER I 614 84.76 -76.13 66.35
C SER I 614 83.89 -76.19 65.11
N VAL I 615 84.57 -76.16 63.97
CA VAL I 615 83.97 -76.22 62.65
C VAL I 615 83.25 -77.56 62.52
N LEU I 616 83.83 -78.63 63.07
CA LEU I 616 83.26 -79.96 62.87
C LEU I 616 82.19 -80.31 63.89
N ARG I 617 82.43 -80.02 65.16
CA ARG I 617 81.48 -80.38 66.23
C ARG I 617 80.06 -79.92 65.85
N THR I 618 79.99 -78.83 65.08
CA THR I 618 78.73 -78.21 64.69
C THR I 618 78.21 -78.78 63.37
N CYS I 619 79.08 -79.49 62.66
CA CYS I 619 78.72 -80.12 61.39
C CYS I 619 77.86 -81.37 61.58
N LYS I 620 76.71 -81.38 60.93
CA LYS I 620 75.90 -82.59 60.86
C LYS I 620 76.69 -83.64 60.09
N ASN I 621 77.38 -83.16 59.05
CA ASN I 621 78.00 -84.05 58.09
C ASN I 621 79.01 -83.27 57.24
N MET I 622 80.30 -83.50 57.51
CA MET I 622 81.37 -82.90 56.73
C MET I 622 81.50 -83.65 55.42
N HIS I 623 80.69 -83.28 54.43
CA HIS I 623 80.56 -84.08 53.22
C HIS I 623 81.82 -84.02 52.34
N THR I 624 82.55 -82.90 52.39
CA THR I 624 83.77 -82.74 51.61
C THR I 624 84.75 -81.75 52.26
N LEU I 625 86.01 -82.14 52.46
CA LEU I 625 86.99 -81.19 53.00
C LEU I 625 88.28 -80.96 52.19
N MET I 626 88.50 -79.69 51.83
CA MET I 626 89.69 -79.18 51.14
C MET I 626 90.44 -78.07 51.91
N VAL I 627 91.76 -78.20 52.10
CA VAL I 627 92.46 -77.23 52.96
C VAL I 627 93.74 -76.72 52.27
N GLU I 628 93.79 -75.41 52.06
CA GLU I 628 94.95 -74.74 51.45
C GLU I 628 95.23 -73.32 51.98
N ALA I 629 96.52 -72.99 52.05
CA ALA I 629 97.00 -71.68 52.49
C ALA I 629 96.55 -71.34 53.91
N SER I 630 96.38 -72.37 54.73
CA SER I 630 95.95 -72.18 56.11
C SER I 630 96.75 -73.12 57.02
N PRO I 631 96.77 -72.84 58.35
CA PRO I 631 97.51 -73.67 59.31
C PRO I 631 97.01 -75.11 59.38
N LEU I 632 97.94 -76.06 59.28
CA LEU I 632 97.60 -77.46 59.13
C LEU I 632 98.51 -78.45 59.85
N THR I 633 97.96 -79.32 60.69
CA THR I 633 98.86 -80.27 61.31
C THR I 633 98.34 -81.62 60.80
N THR I 634 99.06 -82.70 61.04
CA THR I 634 98.65 -84.03 60.56
C THR I 634 97.43 -84.63 61.26
N ASP I 635 97.26 -84.23 62.51
CA ASP I 635 96.15 -84.64 63.37
C ASP I 635 94.77 -84.27 62.86
N ASP I 636 94.66 -83.17 62.13
CA ASP I 636 93.34 -82.76 61.63
C ASP I 636 92.77 -83.85 60.68
N GLU I 637 93.59 -84.86 60.37
CA GLU I 637 93.24 -86.00 59.51
C GLU I 637 92.03 -86.74 60.09
N GLN I 638 92.06 -86.86 61.40
CA GLN I 638 91.04 -87.50 62.21
C GLN I 638 89.67 -86.86 62.01
N TYR I 639 89.60 -85.53 61.89
CA TYR I 639 88.28 -84.91 61.68
C TYR I 639 87.75 -85.43 60.36
N ILE I 640 88.65 -85.62 59.39
CA ILE I 640 88.30 -86.11 58.07
C ILE I 640 87.69 -87.50 58.26
N THR I 641 88.31 -88.30 59.14
CA THR I 641 87.88 -89.66 59.46
C THR I 641 86.66 -89.77 60.38
N SER I 642 86.28 -88.70 61.07
CA SER I 642 85.12 -88.79 61.94
C SER I 642 83.86 -88.93 61.09
N VAL I 643 83.89 -88.31 59.92
CA VAL I 643 82.78 -88.34 58.99
C VAL I 643 82.80 -89.45 57.93
N THR I 644 81.90 -90.42 58.06
CA THR I 644 81.89 -91.62 57.23
C THR I 644 81.14 -91.25 55.93
N GLY I 645 80.47 -90.12 56.00
CA GLY I 645 79.63 -89.56 54.95
C GLY I 645 80.40 -88.91 53.82
N LEU I 646 81.73 -88.93 53.91
CA LEU I 646 82.61 -88.23 52.97
C LEU I 646 82.60 -88.79 51.54
N GLN I 647 82.21 -87.92 50.61
CA GLN I 647 82.22 -88.24 49.18
C GLN I 647 83.51 -87.79 48.47
N ASN I 648 83.95 -86.57 48.76
CA ASN I 648 85.10 -85.96 48.08
C ASN I 648 86.19 -85.49 49.06
N LEU I 649 87.44 -85.95 48.89
CA LEU I 649 88.50 -85.44 49.76
C LEU I 649 89.85 -85.06 49.13
N SER I 650 90.21 -83.77 49.23
CA SER I 650 91.51 -83.24 48.80
C SER I 650 92.22 -82.47 49.91
N ILE I 651 93.54 -82.57 49.94
CA ILE I 651 94.37 -81.57 50.63
C ILE I 651 95.63 -81.38 49.80
N HIS I 652 95.84 -80.16 49.32
CA HIS I 652 96.92 -79.93 48.35
C HIS I 652 98.06 -79.09 48.91
N ARG I 653 98.14 -78.94 50.23
CA ARG I 653 99.25 -78.21 50.83
C ARG I 653 99.93 -78.90 52.02
N LEU I 654 99.80 -80.23 52.15
CA LEU I 654 100.63 -81.00 53.08
C LEU I 654 102.11 -80.69 52.88
N HIS I 655 102.62 -81.13 51.74
CA HIS I 655 104.01 -80.97 51.30
C HIS I 655 104.92 -81.88 52.15
N THR I 656 104.28 -82.62 53.05
CA THR I 656 104.88 -83.58 53.98
C THR I 656 104.35 -85.02 53.84
N GLN I 657 105.24 -86.01 53.87
CA GLN I 657 104.82 -87.40 53.73
C GLN I 657 103.89 -87.77 54.88
N GLN I 658 102.89 -88.59 54.58
CA GLN I 658 101.86 -88.96 55.54
C GLN I 658 102.38 -90.12 56.37
N LEU I 659 102.23 -90.00 57.68
CA LEU I 659 102.68 -91.02 58.62
C LEU I 659 102.15 -92.45 58.45
N PRO I 660 102.71 -93.39 59.25
CA PRO I 660 102.29 -94.80 59.35
C PRO I 660 100.82 -94.98 59.69
N GLY I 661 100.33 -94.20 60.66
CA GLY I 661 98.95 -94.28 61.09
C GLY I 661 98.10 -93.25 60.38
N GLY I 662 98.57 -92.81 59.22
CA GLY I 662 97.98 -91.70 58.50
C GLY I 662 96.54 -91.88 58.07
N LEU I 663 96.00 -90.88 57.38
CA LEU I 663 94.60 -90.88 56.99
C LEU I 663 94.36 -91.90 55.88
N ILE I 664 95.43 -92.24 55.17
CA ILE I 664 95.40 -93.21 54.09
C ILE I 664 94.81 -94.58 54.44
N ASP I 665 94.82 -94.95 55.71
CA ASP I 665 94.25 -96.25 56.10
C ASP I 665 92.95 -96.08 56.89
N SER I 666 92.33 -94.91 56.75
CA SER I 666 91.00 -94.69 57.28
C SER I 666 90.02 -94.57 56.13
N LEU I 667 90.48 -94.96 54.94
CA LEU I 667 89.59 -95.15 53.80
C LEU I 667 88.59 -96.26 54.12
N GLY I 668 88.88 -97.02 55.17
CA GLY I 668 88.08 -98.18 55.50
C GLY I 668 86.84 -97.62 56.16
N ASN I 669 86.91 -96.33 56.47
CA ASN I 669 85.82 -95.63 57.13
C ASN I 669 85.16 -94.77 56.08
N LEU I 670 85.93 -94.22 55.14
CA LEU I 670 85.20 -93.45 54.19
C LEU I 670 84.92 -94.44 53.06
N LYS I 671 83.72 -95.00 53.07
CA LYS I 671 83.34 -95.99 52.07
C LYS I 671 82.59 -95.30 50.97
N ASN I 672 82.17 -94.09 51.29
CA ASN I 672 81.33 -93.33 50.40
C ASN I 672 82.11 -92.37 49.54
N LEU I 673 83.43 -92.43 49.65
CA LEU I 673 84.23 -91.46 48.94
C LEU I 673 84.08 -91.88 47.50
N GLU I 674 83.49 -91.06 46.66
CA GLU I 674 83.42 -91.44 45.26
C GLU I 674 84.52 -90.73 44.51
N ARG I 675 85.09 -89.70 45.15
CA ARG I 675 86.16 -88.92 44.55
C ARG I 675 87.28 -88.49 45.49
N LEU I 676 88.50 -88.80 45.08
CA LEU I 676 89.71 -88.44 45.80
C LEU I 676 90.69 -87.79 44.84
N ILE I 677 91.16 -86.61 45.22
CA ILE I 677 92.17 -85.89 44.44
C ILE I 677 93.25 -85.43 45.40
N LEU I 678 94.45 -85.95 45.19
CA LEU I 678 95.60 -85.60 45.99
C LEU I 678 96.60 -84.95 45.06
N ASP I 679 96.90 -83.68 45.31
CA ASP I 679 97.77 -82.93 44.43
C ASP I 679 98.95 -82.31 45.16
N ASP I 680 100.09 -82.61 44.56
CA ASP I 680 101.43 -82.21 44.95
C ASP I 680 101.68 -82.66 46.38
N ILE I 681 101.34 -83.91 46.67
CA ILE I 681 101.64 -84.45 47.99
C ILE I 681 102.95 -85.20 48.08
N ARG I 682 103.74 -84.86 49.09
CA ARG I 682 104.95 -85.57 49.44
C ARG I 682 104.60 -86.85 50.19
N MET I 683 105.03 -88.04 49.75
CA MET I 683 104.57 -89.25 50.44
C MET I 683 105.60 -90.37 50.42
N ASN I 684 105.36 -91.32 51.32
CA ASN I 684 106.13 -92.54 51.38
C ASN I 684 105.47 -93.65 50.58
N GLU I 685 106.30 -94.31 49.80
CA GLU I 685 105.88 -95.38 48.89
C GLU I 685 105.19 -96.48 49.69
N GLU I 686 105.75 -96.81 50.84
CA GLU I 686 105.19 -97.85 51.70
C GLU I 686 103.82 -97.36 52.20
N ASP I 687 103.75 -96.07 52.50
CA ASP I 687 102.50 -95.39 52.90
C ASP I 687 101.49 -95.48 51.74
N ALA I 688 101.99 -95.38 50.52
CA ALA I 688 101.17 -95.50 49.31
C ALA I 688 100.59 -96.92 49.29
N LYS I 689 101.40 -97.91 49.66
CA LYS I 689 100.92 -99.30 49.77
C LYS I 689 99.81 -99.39 50.83
N ASN I 690 100.00 -98.68 51.94
CA ASN I 690 99.00 -98.63 53.00
C ASN I 690 97.69 -98.00 52.44
N LEU I 691 97.87 -97.01 51.57
CA LEU I 691 96.82 -96.28 50.84
C LEU I 691 96.08 -97.30 49.97
N ALA I 692 96.88 -98.22 49.42
CA ALA I 692 96.46 -99.33 48.57
C ALA I 692 95.50 -100.22 49.38
N GLU I 693 95.84 -100.49 50.62
CA GLU I 693 95.01 -101.32 51.53
C GLU I 693 93.61 -100.70 51.65
N GLY I 694 93.57 -99.38 51.57
CA GLY I 694 92.36 -98.56 51.65
C GLY I 694 91.40 -98.74 50.48
N LEU I 695 91.92 -98.92 49.27
CA LEU I 695 91.10 -99.05 48.06
C LEU I 695 90.10 -100.21 48.02
N ARG I 696 90.30 -101.26 48.82
CA ARG I 696 89.30 -102.33 48.82
C ARG I 696 87.95 -101.77 49.28
N SER I 697 88.00 -100.77 50.16
CA SER I 697 86.78 -100.23 50.72
C SER I 697 86.31 -99.13 49.77
N LEU I 698 87.17 -98.81 48.81
CA LEU I 698 86.89 -97.76 47.84
C LEU I 698 86.33 -98.29 46.52
N LYS I 699 85.32 -99.15 46.62
CA LYS I 699 84.74 -99.84 45.47
C LYS I 699 83.54 -99.02 45.07
N LYS I 700 83.21 -98.06 45.92
CA LYS I 700 82.03 -97.24 45.76
C LYS I 700 82.48 -95.92 45.13
N MET I 701 83.79 -95.83 44.93
CA MET I 701 84.47 -94.66 44.40
C MET I 701 84.39 -94.59 42.87
N ARG I 702 84.06 -93.41 42.33
CA ARG I 702 83.99 -93.24 40.89
C ARG I 702 85.25 -92.60 40.32
N LEU I 703 86.10 -92.08 41.20
CA LEU I 703 87.25 -91.29 40.80
C LEU I 703 88.45 -91.40 41.73
N LEU I 704 89.62 -91.68 41.16
CA LEU I 704 90.83 -91.66 41.95
C LEU I 704 91.87 -90.97 41.09
N HIS I 705 92.39 -89.87 41.61
CA HIS I 705 93.52 -89.15 41.01
C HIS I 705 94.67 -88.98 41.96
N LEU I 706 95.83 -89.53 41.65
CA LEU I 706 97.01 -89.20 42.42
C LEU I 706 98.08 -88.57 41.52
N THR I 707 98.32 -87.27 41.71
CA THR I 707 99.14 -86.47 40.79
C THR I 707 100.17 -85.64 41.55
N HIS I 708 101.33 -85.44 40.92
CA HIS I 708 102.38 -84.58 41.45
C HIS I 708 102.87 -85.10 42.80
N LEU I 709 102.83 -86.43 42.92
CA LEU I 709 103.31 -87.14 44.09
C LEU I 709 104.80 -87.41 43.95
N SER I 710 105.59 -86.87 44.88
CA SER I 710 107.03 -87.00 44.83
C SER I 710 107.43 -87.97 45.91
N ASP I 711 108.55 -88.68 45.76
CA ASP I 711 108.96 -89.58 46.85
C ASP I 711 108.00 -90.77 46.89
N ILE I 712 107.19 -90.89 45.86
CA ILE I 712 106.22 -91.96 45.78
C ILE I 712 106.89 -93.25 45.33
N GLY I 713 108.01 -93.17 44.61
CA GLY I 713 108.67 -94.38 44.13
C GLY I 713 107.75 -95.44 43.57
N GLU I 714 108.00 -96.69 43.95
CA GLU I 714 107.18 -97.79 43.48
C GLU I 714 105.90 -97.91 44.30
N GLY I 715 105.60 -96.91 45.13
CA GLY I 715 104.45 -96.99 45.99
C GLY I 715 103.25 -96.95 45.07
N MET I 716 103.44 -96.26 43.95
CA MET I 716 102.36 -96.10 42.99
C MET I 716 102.07 -97.42 42.27
N ASP I 717 103.13 -98.20 42.11
CA ASP I 717 103.09 -99.55 41.58
C ASP I 717 102.17 -100.40 42.44
N TYR I 718 102.34 -100.19 43.75
CA TYR I 718 101.61 -100.83 44.83
C TYR I 718 100.14 -100.42 44.80
N ILE I 719 99.89 -99.13 44.58
CA ILE I 719 98.53 -98.60 44.57
C ILE I 719 97.87 -99.33 43.40
N VAL I 720 98.57 -99.37 42.27
CA VAL I 720 98.09 -100.05 41.08
C VAL I 720 97.84 -101.53 41.40
N LYS I 721 98.72 -102.14 42.20
CA LYS I 721 98.55 -103.52 42.64
C LYS I 721 97.19 -103.64 43.33
N SER I 722 96.88 -102.71 44.22
CA SER I 722 95.62 -102.66 44.97
C SER I 722 94.44 -102.55 44.02
N LEU I 723 94.70 -101.87 42.91
CA LEU I 723 93.73 -101.65 41.82
C LEU I 723 93.47 -103.01 41.21
N SER I 724 94.50 -103.79 40.91
CA SER I 724 94.30 -104.94 40.08
C SER I 724 94.09 -106.18 40.95
N GLU I 725 94.17 -105.94 42.26
CA GLU I 725 94.00 -106.94 43.30
C GLU I 725 92.59 -107.49 43.18
N GLU I 726 91.66 -106.55 42.96
CA GLU I 726 90.23 -106.77 43.03
C GLU I 726 89.50 -105.81 42.07
N SER I 727 88.30 -106.17 41.66
CA SER I 727 87.46 -105.31 40.84
C SER I 727 87.11 -104.01 41.58
N CYS I 728 86.77 -102.97 40.82
CA CYS I 728 86.32 -101.70 41.38
C CYS I 728 85.18 -101.15 40.54
N ASP I 729 84.42 -100.21 41.10
CA ASP I 729 83.37 -99.54 40.34
C ASP I 729 83.90 -98.22 39.78
N LEU I 730 85.20 -98.00 39.93
CA LEU I 730 85.84 -96.75 39.51
C LEU I 730 85.53 -96.39 38.07
N GLN I 731 85.28 -95.11 37.84
CA GLN I 731 84.99 -94.61 36.51
C GLN I 731 86.18 -93.78 36.01
N GLU I 732 87.04 -93.36 36.95
CA GLU I 732 88.19 -92.52 36.65
C GLU I 732 89.43 -92.86 37.51
N MET I 733 90.56 -93.10 36.84
CA MET I 733 91.88 -93.32 37.47
C MET I 733 92.96 -92.47 36.75
N LYS I 734 93.53 -91.50 37.49
CA LYS I 734 94.66 -90.64 37.04
C LYS I 734 95.99 -90.94 37.74
N LEU I 735 96.93 -91.48 36.95
CA LEU I 735 98.30 -91.75 37.39
C LEU I 735 99.43 -90.81 36.87
N VAL I 736 99.07 -89.57 36.56
CA VAL I 736 99.97 -88.56 35.96
C VAL I 736 100.93 -87.86 36.95
N ALA I 737 102.21 -87.75 36.58
CA ALA I 737 103.22 -86.97 37.33
C ALA I 737 103.48 -87.61 38.69
N CYS I 738 103.49 -88.91 38.66
CA CYS I 738 103.95 -89.81 39.69
C CYS I 738 104.92 -90.76 39.03
N CYS I 739 105.67 -91.55 39.79
CA CYS I 739 106.66 -92.39 39.14
C CYS I 739 106.07 -93.72 38.72
N LEU I 740 105.86 -93.79 37.40
CA LEU I 740 105.26 -94.92 36.70
C LEU I 740 106.23 -95.86 35.98
N THR I 741 105.97 -97.16 36.06
CA THR I 741 106.82 -98.16 35.42
C THR I 741 106.01 -98.88 34.33
N ALA I 742 106.69 -99.46 33.33
CA ALA I 742 105.99 -100.20 32.28
C ALA I 742 105.31 -101.42 32.91
N ASN I 743 105.92 -101.87 34.00
CA ASN I 743 105.43 -102.95 34.85
C ASN I 743 104.10 -102.63 35.50
N SER I 744 103.96 -101.40 35.98
CA SER I 744 102.74 -100.95 36.63
C SER I 744 101.60 -100.95 35.61
N VAL I 745 101.94 -100.61 34.37
CA VAL I 745 100.97 -100.64 33.27
C VAL I 745 100.60 -102.09 32.98
N LYS I 746 101.58 -102.99 33.10
CA LYS I 746 101.35 -104.43 32.92
C LYS I 746 100.37 -104.93 34.01
N VAL I 747 100.61 -104.50 35.24
CA VAL I 747 99.75 -104.80 36.38
C VAL I 747 98.32 -104.28 36.09
N LEU I 748 98.24 -103.07 35.55
CA LEU I 748 96.98 -102.41 35.18
C LEU I 748 96.24 -103.28 34.17
N ALA I 749 97.04 -103.85 33.27
CA ALA I 749 96.64 -104.73 32.19
C ALA I 749 96.03 -106.03 32.70
N GLN I 750 96.65 -106.62 33.71
CA GLN I 750 96.19 -107.93 34.19
C GLN I 750 94.75 -107.91 34.71
N ASN I 751 94.35 -106.87 35.44
CA ASN I 751 92.99 -106.78 36.00
C ASN I 751 92.07 -105.88 35.17
N LEU I 752 92.56 -105.40 34.04
CA LEU I 752 91.81 -104.42 33.27
C LEU I 752 90.39 -104.84 32.89
N HIS I 753 90.11 -106.14 32.78
CA HIS I 753 88.74 -106.44 32.43
C HIS I 753 87.79 -106.06 33.57
N ASN I 754 88.31 -106.00 34.80
CA ASN I 754 87.54 -105.54 35.96
C ASN I 754 87.52 -104.01 36.00
N LEU I 755 88.52 -103.42 35.34
CA LEU I 755 88.70 -101.98 35.26
C LEU I 755 87.94 -101.45 34.07
N ILE I 756 87.11 -102.31 33.49
CA ILE I 756 86.25 -101.94 32.37
C ILE I 756 85.24 -100.89 32.82
N LYS I 757 85.02 -100.84 34.12
CA LYS I 757 84.09 -99.92 34.76
C LYS I 757 84.53 -98.49 34.51
N LEU I 758 85.84 -98.31 34.33
CA LEU I 758 86.45 -97.02 34.08
C LEU I 758 86.08 -96.42 32.73
N SER I 759 85.69 -95.16 32.77
CA SER I 759 85.68 -94.35 31.56
C SER I 759 87.07 -93.73 31.49
N ILE I 760 87.75 -93.70 32.63
CA ILE I 760 89.08 -93.12 32.71
C ILE I 760 90.15 -93.86 33.52
N LEU I 761 91.20 -94.23 32.81
CA LEU I 761 92.42 -94.85 33.31
C LEU I 761 93.36 -93.84 32.69
N ASP I 762 94.02 -93.01 33.50
CA ASP I 762 94.99 -92.06 32.97
C ASP I 762 96.46 -92.18 33.37
N ILE I 763 97.25 -92.71 32.44
CA ILE I 763 98.69 -92.72 32.60
C ILE I 763 99.42 -91.67 31.74
N SER I 764 98.70 -90.77 31.05
CA SER I 764 99.37 -89.93 30.04
C SER I 764 100.35 -88.93 30.66
N GLU I 765 101.19 -88.32 29.82
CA GLU I 765 102.21 -87.36 30.30
C GLU I 765 103.19 -88.12 31.17
N ASN I 766 103.34 -89.40 30.88
CA ASN I 766 104.26 -90.25 31.62
C ASN I 766 105.27 -91.03 30.81
N TYR I 767 106.46 -91.02 31.38
CA TYR I 767 107.60 -91.76 30.91
C TYR I 767 107.55 -92.97 31.78
N LEU I 768 107.68 -94.13 31.13
CA LEU I 768 107.70 -95.40 31.82
C LEU I 768 109.18 -95.62 31.83
N GLU I 769 109.69 -96.56 32.60
CA GLU I 769 111.12 -96.55 32.76
C GLU I 769 111.76 -97.02 31.44
N LYS I 770 111.62 -98.29 31.15
CA LYS I 770 112.16 -98.95 29.96
C LYS I 770 111.12 -99.44 28.95
N ASP I 771 111.43 -99.47 27.66
CA ASP I 771 110.40 -99.90 26.71
C ASP I 771 108.97 -99.34 26.81
N GLY I 772 108.85 -98.08 27.15
CA GLY I 772 107.61 -97.40 27.43
C GLY I 772 106.70 -97.50 26.22
N ASN I 773 107.21 -97.25 25.03
CA ASN I 773 106.38 -97.33 23.83
C ASN I 773 105.90 -98.78 23.61
N GLU I 774 106.68 -99.78 24.01
CA GLU I 774 106.26 -101.19 23.90
C GLU I 774 105.00 -101.54 24.76
N ALA I 775 104.54 -100.56 25.52
CA ALA I 775 103.35 -100.63 26.41
C ALA I 775 102.14 -100.85 25.53
N LEU I 776 102.21 -100.23 24.37
CA LEU I 776 101.20 -100.24 23.34
C LEU I 776 100.91 -101.66 22.86
N GLN I 777 101.91 -102.54 22.77
CA GLN I 777 101.54 -103.90 22.33
C GLN I 777 100.61 -104.55 23.35
N GLU I 778 100.82 -104.27 24.64
CA GLU I 778 99.93 -104.75 25.70
C GLU I 778 98.51 -104.21 25.51
N LEU I 779 98.46 -102.97 25.06
CA LEU I 779 97.22 -102.28 24.77
C LEU I 779 96.51 -102.93 23.61
N ILE I 780 97.21 -103.36 22.56
CA ILE I 780 96.46 -103.93 21.44
C ILE I 780 95.68 -105.13 21.98
N GLY I 781 96.27 -105.87 22.91
CA GLY I 781 95.58 -107.00 23.50
C GLY I 781 94.36 -106.62 24.32
N ARG I 782 94.42 -105.42 24.88
CA ARG I 782 93.39 -104.88 25.76
C ARG I 782 92.31 -103.97 25.15
N LEU I 783 92.30 -103.79 23.83
CA LEU I 783 91.31 -102.92 23.20
C LEU I 783 89.83 -103.30 23.36
N GLY I 784 89.55 -104.58 23.61
CA GLY I 784 88.19 -105.02 23.80
C GLY I 784 87.57 -104.34 25.01
N VAL I 785 88.41 -104.01 25.98
CA VAL I 785 87.98 -103.30 27.17
C VAL I 785 88.47 -101.84 27.15
N LEU I 786 89.48 -101.54 26.32
CA LEU I 786 89.93 -100.16 26.17
C LEU I 786 88.94 -99.32 25.38
N GLY I 787 88.04 -99.98 24.65
CA GLY I 787 86.96 -99.27 23.99
C GLY I 787 86.00 -98.61 24.98
N GLU I 788 85.96 -99.15 26.20
CA GLU I 788 85.07 -98.63 27.25
C GLU I 788 85.55 -97.34 27.91
N LEU I 789 86.81 -96.98 27.68
CA LEU I 789 87.30 -95.68 28.12
C LEU I 789 86.67 -94.61 27.24
N THR I 790 86.42 -93.44 27.81
CA THR I 790 85.78 -92.39 27.05
C THR I 790 86.83 -91.58 26.29
N THR I 791 88.11 -91.85 26.56
CA THR I 791 89.18 -91.06 25.97
C THR I 791 90.49 -91.83 25.79
N LEU I 792 91.37 -91.27 24.96
CA LEU I 792 92.69 -91.85 24.69
C LEU I 792 93.85 -91.37 25.55
N MET I 793 94.46 -92.27 26.32
CA MET I 793 95.64 -91.88 27.08
C MET I 793 96.80 -92.78 26.68
N LEU I 794 97.87 -92.19 26.17
CA LEU I 794 98.89 -93.03 25.58
C LEU I 794 100.11 -93.07 26.50
N PRO I 795 100.87 -94.18 26.49
CA PRO I 795 102.11 -94.13 27.26
C PRO I 795 103.20 -93.53 26.38
N TRP I 796 104.15 -92.74 26.90
CA TRP I 796 105.14 -92.18 25.97
C TRP I 796 106.50 -92.45 26.56
N CYS I 797 107.52 -92.35 25.72
CA CYS I 797 108.87 -92.54 26.17
C CYS I 797 109.77 -91.92 25.13
N TRP I 798 111.08 -92.08 25.28
CA TRP I 798 111.99 -91.62 24.24
C TRP I 798 111.85 -92.52 23.02
N ASP I 799 111.61 -91.92 21.86
CA ASP I 799 111.48 -92.62 20.58
C ASP I 799 110.15 -93.40 20.49
N VAL I 800 109.19 -92.95 21.27
CA VAL I 800 107.84 -93.53 21.40
C VAL I 800 107.12 -93.63 20.04
N HIS I 801 107.39 -92.68 19.16
CA HIS I 801 106.71 -92.56 17.86
C HIS I 801 106.92 -93.75 16.92
N THR I 802 108.02 -94.45 17.13
CA THR I 802 108.39 -95.67 16.40
C THR I 802 107.37 -96.79 16.69
N SER I 803 106.56 -96.55 17.71
CA SER I 803 105.49 -97.44 18.18
C SER I 803 104.13 -97.17 17.50
N LEU I 804 104.09 -96.21 16.58
CA LEU I 804 102.86 -95.81 15.89
C LEU I 804 102.18 -96.92 15.04
N PRO I 805 102.91 -97.73 14.26
CA PRO I 805 102.21 -98.81 13.54
C PRO I 805 101.48 -99.72 14.54
N LYS I 806 102.08 -99.91 15.71
CA LYS I 806 101.59 -100.78 16.76
C LYS I 806 100.27 -100.16 17.23
N LEU I 807 100.30 -98.83 17.26
CA LEU I 807 99.22 -97.93 17.65
C LEU I 807 98.06 -98.00 16.62
N LEU I 808 98.39 -98.22 15.34
CA LEU I 808 97.36 -98.22 14.28
C LEU I 808 96.28 -99.29 14.43
N LYS I 809 96.59 -100.47 14.94
CA LYS I 809 95.55 -101.47 15.20
C LYS I 809 94.58 -100.88 16.24
N GLN I 810 95.17 -100.14 17.18
CA GLN I 810 94.47 -99.45 18.26
C GLN I 810 93.58 -98.30 17.78
N LEU I 811 93.91 -97.68 16.65
CA LEU I 811 93.13 -96.54 16.17
C LEU I 811 91.82 -96.87 15.44
N GLU I 812 91.56 -98.15 15.17
CA GLU I 812 90.21 -98.54 14.78
C GLU I 812 89.31 -98.31 15.99
N GLY I 813 89.94 -98.12 17.14
CA GLY I 813 89.27 -97.82 18.39
C GLY I 813 89.05 -96.33 18.59
N THR I 814 89.36 -95.52 17.60
CA THR I 814 89.11 -94.08 17.72
C THR I 814 87.65 -93.65 18.01
N PRO I 815 86.66 -94.53 17.78
CA PRO I 815 85.35 -93.93 18.09
C PRO I 815 84.88 -93.68 19.55
N GLY I 816 85.37 -94.34 20.62
CA GLY I 816 84.71 -93.99 21.88
C GLY I 816 85.56 -92.98 22.62
N LEU I 817 86.43 -92.39 21.81
CA LEU I 817 87.42 -91.36 22.12
C LEU I 817 86.85 -89.97 22.41
N ALA I 818 87.07 -89.37 23.58
CA ALA I 818 86.47 -88.06 23.78
C ALA I 818 87.48 -87.12 23.12
N LYS I 819 88.76 -87.36 23.37
CA LYS I 819 89.84 -86.54 22.84
C LYS I 819 90.80 -87.46 22.08
N LEU I 820 91.60 -86.93 21.16
CA LEU I 820 92.62 -87.74 20.49
C LEU I 820 93.97 -87.07 20.59
N GLY I 821 94.98 -87.84 20.98
CA GLY I 821 96.33 -87.36 20.81
C GLY I 821 97.45 -88.35 20.56
N LEU I 822 98.56 -87.79 20.08
CA LEU I 822 99.84 -88.46 20.13
C LEU I 822 100.68 -87.63 21.08
N LYS I 823 100.13 -87.37 22.27
CA LYS I 823 100.78 -86.48 23.23
C LYS I 823 102.09 -87.00 23.81
N ASN I 824 103.01 -86.04 23.96
CA ASN I 824 104.43 -86.24 24.25
C ASN I 824 105.06 -87.35 23.42
N TRP I 825 104.47 -87.64 22.27
CA TRP I 825 105.08 -88.50 21.29
C TRP I 825 106.13 -87.74 20.52
N ARG I 826 107.37 -88.19 20.49
CA ARG I 826 108.39 -87.37 19.85
C ARG I 826 108.37 -87.84 18.39
N LEU I 827 107.31 -87.43 17.67
CA LEU I 827 107.00 -87.75 16.26
C LEU I 827 107.73 -87.10 15.09
N ARG I 828 107.89 -87.89 14.02
CA ARG I 828 108.53 -87.43 12.78
C ARG I 828 107.76 -86.23 12.29
N ASP I 829 108.45 -85.24 11.73
CA ASP I 829 107.75 -84.05 11.28
C ASP I 829 106.69 -84.37 10.21
N GLU I 830 107.02 -85.34 9.35
CA GLU I 830 106.10 -85.84 8.31
C GLU I 830 104.84 -86.55 8.81
N GLU I 831 105.08 -87.40 9.82
CA GLU I 831 104.07 -88.20 10.52
C GLU I 831 102.69 -87.60 10.80
N ILE I 832 102.64 -86.31 11.09
CA ILE I 832 101.37 -85.70 11.43
C ILE I 832 100.45 -85.75 10.20
N LYS I 833 100.94 -85.57 8.98
CA LYS I 833 100.07 -85.76 7.83
C LYS I 833 99.79 -87.26 7.63
N SER I 834 100.81 -88.09 7.92
CA SER I 834 100.71 -89.56 7.82
C SER I 834 99.55 -90.14 8.64
N LEU I 835 99.45 -89.70 9.89
CA LEU I 835 98.39 -90.12 10.80
C LEU I 835 97.08 -89.60 10.22
N GLY I 836 97.22 -88.45 9.57
CA GLY I 836 96.17 -87.73 8.88
C GLY I 836 95.67 -88.63 7.76
N GLU I 837 96.57 -89.29 7.05
CA GLU I 837 96.11 -90.18 6.00
C GLU I 837 95.22 -91.29 6.56
N PHE I 838 95.59 -91.89 7.70
CA PHE I 838 94.73 -92.91 8.33
C PHE I 838 93.38 -92.24 8.61
N LEU I 839 93.49 -90.99 9.05
CA LEU I 839 92.41 -90.11 9.50
C LEU I 839 91.52 -89.81 8.29
N GLU I 840 92.11 -89.82 7.09
CA GLU I 840 91.33 -89.61 5.88
C GLU I 840 90.51 -90.89 5.77
N MET I 841 91.18 -92.02 5.92
CA MET I 841 90.54 -93.33 5.83
C MET I 841 89.61 -93.62 7.03
N ASN I 842 89.43 -92.63 7.91
CA ASN I 842 88.66 -92.82 9.15
C ASN I 842 87.35 -92.03 9.34
N PRO I 843 86.21 -92.74 9.29
CA PRO I 843 84.88 -92.15 9.13
C PRO I 843 84.42 -91.42 10.40
N LEU I 844 85.15 -91.59 11.50
CA LEU I 844 84.88 -90.88 12.75
C LEU I 844 84.89 -89.36 12.56
N ARG I 845 84.04 -88.68 13.34
CA ARG I 845 83.85 -87.24 13.20
C ARG I 845 83.55 -86.56 14.53
N ASP I 846 83.55 -85.23 14.54
CA ASP I 846 83.18 -84.44 15.73
C ASP I 846 84.07 -84.31 16.98
N LEU I 847 85.30 -84.81 17.01
CA LEU I 847 85.94 -84.95 18.32
C LEU I 847 86.14 -83.56 18.94
N GLN I 848 86.29 -83.52 20.26
CA GLN I 848 86.35 -82.24 20.98
C GLN I 848 87.70 -81.55 21.09
N GLN I 849 88.74 -82.33 21.28
CA GLN I 849 90.09 -81.77 21.38
C GLN I 849 91.17 -82.72 20.90
N LEU I 850 92.20 -82.15 20.29
CA LEU I 850 93.22 -82.96 19.71
C LEU I 850 94.28 -82.33 20.58
N ASP I 851 94.88 -83.22 21.36
CA ASP I 851 95.92 -82.86 22.27
C ASP I 851 97.13 -83.55 21.71
N LEU I 852 98.00 -82.75 21.15
CA LEU I 852 99.30 -83.26 20.82
C LEU I 852 100.29 -82.49 21.64
N ALA I 853 100.79 -83.15 22.69
CA ALA I 853 101.74 -82.48 23.55
C ALA I 853 102.94 -82.44 22.63
N GLY I 854 103.83 -81.49 22.88
CA GLY I 854 104.93 -81.29 21.97
C GLY I 854 105.68 -82.45 21.37
N HIS I 855 105.47 -82.62 20.07
CA HIS I 855 106.14 -83.66 19.31
C HIS I 855 107.28 -82.89 18.65
N CYS I 856 108.22 -83.59 18.04
CA CYS I 856 109.19 -82.96 17.16
C CYS I 856 108.69 -82.35 15.84
N VAL I 857 107.38 -82.21 15.65
CA VAL I 857 106.94 -81.63 14.38
C VAL I 857 106.97 -80.10 14.25
N SER I 858 107.68 -79.70 13.21
CA SER I 858 107.90 -78.35 12.70
C SER I 858 106.68 -77.74 12.00
N SER I 859 106.73 -76.42 11.84
CA SER I 859 105.71 -75.63 11.17
C SER I 859 105.55 -76.15 9.74
N ASP I 860 106.66 -76.53 9.14
CA ASP I 860 106.65 -77.12 7.81
C ASP I 860 105.86 -78.45 7.83
N GLY I 861 106.02 -79.20 8.91
CA GLY I 861 105.34 -80.49 9.15
C GLY I 861 103.83 -80.32 9.23
N TRP I 862 103.52 -79.27 9.96
CA TRP I 862 102.18 -78.80 10.20
C TRP I 862 101.62 -78.39 8.82
N LEU I 863 102.46 -77.85 7.95
CA LEU I 863 102.04 -77.42 6.60
C LEU I 863 101.51 -78.59 5.78
N TYR I 864 102.17 -79.73 5.93
CA TYR I 864 101.70 -80.97 5.34
C TYR I 864 100.36 -81.26 5.97
N PHE I 865 100.31 -81.08 7.28
CA PHE I 865 99.12 -81.45 8.05
C PHE I 865 97.88 -80.63 7.72
N MET I 866 98.03 -79.40 7.24
CA MET I 866 96.88 -78.56 6.96
C MET I 866 96.04 -79.28 5.91
N ASN I 867 96.72 -80.06 5.08
CA ASN I 867 96.08 -80.82 4.02
C ASN I 867 95.10 -81.86 4.58
N VAL I 868 95.17 -82.09 5.89
CA VAL I 868 94.25 -83.00 6.56
C VAL I 868 93.36 -82.26 7.56
N PHE I 869 93.90 -81.22 8.18
CA PHE I 869 93.18 -80.46 9.19
C PHE I 869 91.91 -79.78 8.71
N GLU I 870 91.87 -79.38 7.45
CA GLU I 870 90.68 -78.71 6.96
C GLU I 870 89.45 -79.62 7.06
N ASN I 871 89.59 -80.92 6.77
CA ASN I 871 88.40 -81.74 6.65
C ASN I 871 87.95 -82.27 8.04
N LEU I 872 88.77 -82.02 9.06
CA LEU I 872 88.46 -82.28 10.47
C LEU I 872 87.88 -81.03 11.11
N LYS I 873 87.04 -80.33 10.37
CA LYS I 873 86.53 -79.03 10.78
C LYS I 873 85.52 -79.19 11.89
N GLN I 874 85.15 -80.44 12.12
CA GLN I 874 84.17 -80.80 13.13
C GLN I 874 84.82 -80.77 14.52
N LEU I 875 86.15 -80.60 14.54
CA LEU I 875 86.91 -80.59 15.79
C LEU I 875 86.62 -79.35 16.67
N VAL I 876 86.29 -79.59 17.94
CA VAL I 876 85.88 -78.53 18.87
C VAL I 876 87.05 -77.73 19.44
N PHE I 877 88.12 -78.41 19.83
CA PHE I 877 89.28 -77.79 20.47
C PHE I 877 90.53 -78.47 19.95
N PHE I 878 91.65 -77.75 20.02
CA PHE I 878 92.90 -78.23 19.45
C PHE I 878 94.09 -77.50 20.05
N ASP I 879 95.17 -78.21 20.31
CA ASP I 879 96.39 -77.49 20.62
C ASP I 879 97.51 -78.18 19.89
N PHE I 880 98.41 -77.38 19.34
CA PHE I 880 99.52 -77.93 18.58
C PHE I 880 100.77 -77.44 19.28
N SER I 881 101.44 -78.36 19.96
CA SER I 881 102.74 -78.12 20.53
C SER I 881 103.94 -78.79 19.85
N THR I 882 105.11 -78.22 20.12
CA THR I 882 106.39 -78.62 19.53
C THR I 882 107.43 -78.10 20.51
N GLU I 883 108.60 -78.71 20.61
CA GLU I 883 109.53 -78.29 21.65
C GLU I 883 110.51 -77.21 21.19
N GLU I 884 110.55 -76.94 19.90
CA GLU I 884 111.43 -75.90 19.34
C GLU I 884 110.96 -75.37 17.98
N PHE I 885 109.87 -74.62 17.98
CA PHE I 885 109.12 -74.30 16.74
C PHE I 885 109.93 -73.46 15.77
N LEU I 886 109.69 -73.65 14.47
CA LEU I 886 110.29 -72.81 13.45
C LEU I 886 109.68 -71.41 13.54
N PRO I 887 110.51 -70.36 13.34
CA PRO I 887 110.05 -68.97 13.40
C PRO I 887 108.99 -68.52 12.38
N ASP I 888 108.73 -69.30 11.34
CA ASP I 888 107.85 -68.88 10.24
C ASP I 888 106.34 -68.89 10.52
N ALA I 889 105.68 -67.77 10.22
CA ALA I 889 104.23 -67.67 10.28
C ALA I 889 103.51 -68.03 8.97
N ALA I 890 104.25 -68.57 8.01
CA ALA I 890 103.71 -69.07 6.73
C ALA I 890 102.63 -70.10 7.01
N LEU I 891 102.87 -70.85 8.08
CA LEU I 891 101.94 -71.82 8.61
C LEU I 891 100.62 -71.20 9.06
N VAL I 892 100.65 -70.05 9.72
CA VAL I 892 99.43 -69.45 10.22
C VAL I 892 98.63 -69.07 8.98
N ARG I 893 99.32 -68.59 7.96
CA ARG I 893 98.72 -68.21 6.69
C ARG I 893 97.97 -69.43 6.08
N LYS I 894 98.67 -70.56 6.02
CA LYS I 894 98.08 -71.81 5.53
C LYS I 894 96.90 -72.21 6.44
N LEU I 895 97.02 -71.77 7.68
CA LEU I 895 96.06 -71.98 8.77
C LEU I 895 94.83 -71.24 8.31
N SER I 896 95.00 -70.00 7.86
CA SER I 896 93.92 -69.15 7.36
C SER I 896 93.25 -69.89 6.22
N GLN I 897 94.02 -70.57 5.38
CA GLN I 897 93.35 -71.31 4.28
C GLN I 897 92.42 -72.35 4.93
N VAL I 898 92.93 -73.04 5.93
CA VAL I 898 92.18 -74.02 6.73
C VAL I 898 90.99 -73.46 7.57
N LEU I 899 91.19 -72.27 8.12
CA LEU I 899 90.24 -71.51 8.94
C LEU I 899 88.90 -71.17 8.29
N SER I 900 88.86 -70.95 6.99
CA SER I 900 87.59 -70.77 6.29
C SER I 900 86.87 -72.12 6.36
N LYS I 901 87.68 -73.17 6.23
CA LYS I 901 87.28 -74.58 6.21
C LYS I 901 86.77 -75.08 7.56
N LEU I 902 87.18 -74.43 8.66
CA LEU I 902 86.74 -74.86 10.00
C LEU I 902 85.48 -74.21 10.60
N THR I 903 84.80 -75.00 11.43
CA THR I 903 83.45 -74.69 11.92
C THR I 903 83.26 -74.63 13.44
N LEU I 904 83.27 -75.78 14.09
CA LEU I 904 82.87 -75.88 15.50
C LEU I 904 83.98 -75.51 16.48
N LEU I 905 84.97 -74.75 16.02
CA LEU I 905 86.14 -74.52 16.84
C LEU I 905 85.88 -73.31 17.69
N GLN I 906 86.22 -73.38 18.96
CA GLN I 906 85.95 -72.27 19.84
C GLN I 906 87.24 -71.50 20.11
N GLU I 907 88.34 -72.22 20.28
CA GLU I 907 89.63 -71.57 20.45
C GLU I 907 90.83 -72.30 19.90
N VAL I 908 91.82 -71.51 19.44
CA VAL I 908 93.07 -71.97 18.88
C VAL I 908 94.05 -71.99 20.07
N LYS I 909 94.83 -73.04 20.22
CA LYS I 909 95.85 -73.08 21.27
C LYS I 909 97.28 -73.32 20.77
N LEU I 910 98.18 -72.42 21.17
CA LEU I 910 99.54 -72.33 20.63
C LEU I 910 100.67 -72.76 21.59
N THR I 911 100.34 -73.63 22.54
CA THR I 911 101.29 -74.09 23.57
C THR I 911 102.72 -74.38 23.08
N GLY I 912 103.66 -73.49 23.43
CA GLY I 912 105.05 -73.72 23.14
C GLY I 912 105.67 -73.12 21.87
N TRP I 913 104.87 -72.55 21.00
CA TRP I 913 105.39 -71.96 19.76
C TRP I 913 106.02 -70.58 20.01
N GLU I 914 107.35 -70.56 20.10
CA GLU I 914 108.19 -69.35 20.18
C GLU I 914 108.22 -68.36 19.00
N PHE I 915 107.34 -68.51 18.02
CA PHE I 915 107.30 -67.57 16.89
C PHE I 915 106.37 -66.33 16.94
N ASP I 916 106.75 -65.30 16.19
CA ASP I 916 105.91 -64.15 15.87
C ASP I 916 104.92 -64.54 14.75
N ASP I 917 103.70 -64.03 14.79
CA ASP I 917 102.75 -64.36 13.73
C ASP I 917 102.73 -63.35 12.57
N TYR I 918 103.53 -62.29 12.66
CA TYR I 918 103.51 -61.17 11.72
C TYR I 918 102.11 -60.68 11.38
N ASP I 919 102.03 -59.97 10.25
CA ASP I 919 100.83 -59.29 9.75
C ASP I 919 99.74 -60.32 9.44
N ILE I 920 100.06 -61.58 9.69
CA ILE I 920 99.21 -62.74 9.46
C ILE I 920 98.30 -62.86 10.69
N SER I 921 98.60 -62.07 11.71
CA SER I 921 97.92 -62.20 12.98
C SER I 921 96.69 -61.33 12.82
N ALA I 922 96.62 -60.68 11.66
CA ALA I 922 95.50 -59.85 11.28
C ALA I 922 94.41 -60.86 10.99
N ILE I 923 94.84 -62.00 10.42
CA ILE I 923 93.97 -63.11 10.08
C ILE I 923 94.26 -64.36 10.90
N LYS I 924 94.84 -64.14 12.09
CA LYS I 924 95.26 -65.23 12.97
C LYS I 924 94.17 -66.26 13.21
N GLY I 925 92.94 -65.82 13.42
CA GLY I 925 91.83 -66.73 13.57
C GLY I 925 90.47 -66.07 13.46
N THR I 926 89.44 -66.89 13.29
CA THR I 926 88.08 -66.43 13.36
C THR I 926 87.52 -66.93 14.68
N PHE I 927 88.43 -67.41 15.53
CA PHE I 927 88.10 -67.84 16.88
C PHE I 927 89.02 -67.16 17.88
N LYS I 928 88.88 -67.51 19.17
CA LYS I 928 89.65 -66.90 20.24
C LYS I 928 91.11 -67.34 20.13
N LEU I 929 92.04 -66.60 20.72
CA LEU I 929 93.41 -67.10 20.82
C LEU I 929 94.26 -66.87 22.05
N VAL I 930 94.97 -67.93 22.43
CA VAL I 930 95.89 -67.98 23.56
C VAL I 930 97.28 -68.29 23.00
N THR I 931 98.32 -67.63 23.50
CA THR I 931 99.67 -67.95 23.04
C THR I 931 100.07 -69.33 23.55
N ALA I 932 99.28 -69.84 24.49
CA ALA I 932 99.50 -71.16 25.08
C ALA I 932 98.33 -72.08 24.78
N VAL J 1 60.21 15.09 13.44
CA VAL J 1 61.46 14.54 12.94
C VAL J 1 62.03 15.45 11.84
N THR J 2 63.35 15.61 11.85
CA THR J 2 64.05 16.40 10.84
C THR J 2 65.27 15.60 10.37
N GLU J 3 66.08 16.22 9.50
CA GLU J 3 67.25 15.55 8.95
C GLU J 3 68.47 15.53 9.88
N GLU J 4 68.46 16.40 10.90
CA GLU J 4 69.59 16.43 11.84
C GLU J 4 69.68 15.18 12.68
N ASP J 5 68.58 14.43 12.74
CA ASP J 5 68.55 13.15 13.44
C ASP J 5 68.80 11.98 12.50
N LEU J 6 69.27 12.27 11.29
CA LEU J 6 69.65 11.18 10.38
C LEU J 6 71.01 10.61 10.79
N ASN J 7 71.64 11.25 11.77
CA ASN J 7 72.83 10.69 12.41
C ASN J 7 72.42 9.87 13.63
N VAL J 8 71.11 9.82 13.87
CA VAL J 8 70.55 8.94 14.89
C VAL J 8 70.06 7.67 14.18
N LEU J 9 69.17 7.86 13.23
CA LEU J 9 68.55 6.74 12.52
C LEU J 9 69.59 5.88 11.83
N ALA J 10 70.65 6.52 11.35
CA ALA J 10 71.70 5.80 10.65
C ALA J 10 72.28 4.75 11.58
N GLN J 11 72.55 5.15 12.82
CA GLN J 11 73.09 4.22 13.80
C GLN J 11 72.10 3.07 14.00
N ASN J 12 70.82 3.41 14.03
CA ASN J 12 69.77 2.40 14.19
C ASN J 12 69.78 1.44 13.02
N LEU J 13 70.06 1.96 11.82
CA LEU J 13 70.14 1.11 10.64
C LEU J 13 71.29 0.12 10.81
N LYS J 14 72.36 0.59 11.43
CA LYS J 14 73.54 -0.24 11.68
C LYS J 14 73.22 -1.36 12.67
N ASP J 15 72.17 -1.19 13.45
CA ASP J 15 71.72 -2.23 14.36
C ASP J 15 70.50 -2.97 13.83
N LEU J 16 70.08 -2.62 12.62
CA LEU J 16 69.00 -3.37 11.99
C LEU J 16 69.57 -4.69 11.52
N TYR J 17 70.81 -4.62 11.04
CA TYR J 17 71.54 -5.76 10.51
C TYR J 17 72.34 -6.42 11.62
N ASN J 18 72.44 -5.74 12.76
CA ASN J 18 73.04 -6.34 13.94
C ASN J 18 72.01 -7.19 14.65
N SER J 19 71.67 -8.32 14.03
CA SER J 19 70.82 -9.34 14.62
C SER J 19 71.09 -10.69 13.97
N PRO J 20 70.87 -11.79 14.71
CA PRO J 20 71.14 -13.13 14.19
C PRO J 20 70.33 -13.45 12.94
N ALA J 21 69.14 -12.87 12.79
CA ALA J 21 68.29 -13.16 11.63
C ALA J 21 69.05 -12.86 10.35
N PHE J 22 69.81 -11.78 10.39
CA PHE J 22 70.70 -11.41 9.31
C PHE J 22 71.90 -12.36 9.28
N LEU J 23 72.34 -12.77 10.46
CA LEU J 23 73.56 -13.57 10.56
C LEU J 23 73.36 -15.10 10.68
N ASN J 24 72.16 -15.57 10.99
CA ASN J 24 71.95 -17.02 11.12
C ASN J 24 71.38 -17.51 9.82
N PHE J 25 71.77 -18.68 9.34
CA PHE J 25 71.18 -19.02 8.06
C PHE J 25 70.10 -20.07 7.98
N TYR J 26 69.84 -20.43 6.73
CA TYR J 26 68.58 -20.07 6.11
C TYR J 26 67.55 -19.56 7.10
N PRO J 27 67.30 -18.25 7.04
CA PRO J 27 66.37 -17.53 7.89
C PRO J 27 64.91 -17.87 7.56
N LEU J 28 64.46 -19.04 8.01
CA LEU J 28 63.04 -19.38 8.10
C LEU J 28 62.41 -19.72 6.72
N GLY J 29 61.30 -20.49 6.72
CA GLY J 29 60.77 -21.15 7.90
C GLY J 29 61.63 -22.34 8.28
N GLU J 30 62.40 -22.79 7.30
CA GLU J 30 63.57 -23.61 7.54
C GLU J 30 64.78 -22.90 6.89
N ASP J 31 65.85 -22.56 7.63
CA ASP J 31 66.17 -22.97 9.02
C ASP J 31 66.29 -24.49 9.01
N ILE J 32 66.74 -24.99 7.86
CA ILE J 32 66.84 -26.42 7.56
C ILE J 32 67.74 -27.24 8.52
N ASP J 33 68.90 -26.74 8.96
CA ASP J 33 69.66 -25.59 8.46
C ASP J 33 70.30 -25.79 7.08
N ILE J 34 70.27 -24.75 6.23
CA ILE J 34 70.97 -24.80 4.95
C ILE J 34 72.44 -25.10 5.25
N ILE J 35 73.10 -24.27 6.05
CA ILE J 35 74.52 -24.46 6.34
C ILE J 35 74.84 -24.20 7.81
N PHE J 36 74.91 -22.93 8.18
CA PHE J 36 75.26 -22.48 9.52
C PHE J 36 74.90 -21.00 9.68
N ASN J 37 75.31 -20.39 10.77
CA ASN J 37 75.18 -18.96 10.98
C ASN J 37 75.96 -18.34 9.82
N LEU J 38 75.51 -17.21 9.31
CA LEU J 38 76.17 -16.55 8.18
C LEU J 38 77.58 -16.05 8.43
N GLU J 39 77.87 -15.55 9.63
CA GLU J 39 79.22 -15.04 9.85
C GLU J 39 80.35 -16.07 9.76
N LYS J 40 80.23 -17.27 10.32
CA LYS J 40 81.31 -18.23 10.13
C LYS J 40 81.42 -18.70 8.66
N THR J 41 80.24 -18.86 8.04
CA THR J 41 80.00 -19.22 6.63
C THR J 41 80.34 -18.20 5.55
N PHE J 42 80.18 -16.92 5.90
CA PHE J 42 80.47 -15.79 5.00
C PHE J 42 81.89 -15.59 4.49
N THR J 43 81.93 -15.40 3.17
CA THR J 43 83.14 -15.20 2.37
C THR J 43 82.85 -14.26 1.20
N GLU J 44 83.91 -13.72 0.61
CA GLU J 44 83.84 -12.83 -0.56
C GLU J 44 83.28 -13.61 -1.76
N PRO J 45 82.14 -13.17 -2.33
CA PRO J 45 81.44 -13.75 -3.50
C PRO J 45 82.07 -13.70 -4.90
N ILE J 46 82.31 -14.88 -5.48
CA ILE J 46 82.81 -14.98 -6.84
C ILE J 46 81.78 -14.36 -7.80
N MET J 47 82.07 -13.22 -8.41
CA MET J 47 81.11 -12.67 -9.37
C MET J 47 81.85 -12.21 -10.60
N TRP J 48 81.16 -12.13 -11.72
CA TRP J 48 81.79 -11.69 -12.96
C TRP J 48 80.96 -10.68 -13.73
N LYS J 49 81.50 -9.49 -13.96
CA LYS J 49 80.75 -8.48 -14.71
C LYS J 49 80.59 -9.03 -16.12
N LYS J 50 79.45 -8.76 -16.75
CA LYS J 50 79.19 -9.32 -18.08
C LYS J 50 78.97 -8.23 -19.13
N ASP J 51 79.12 -8.60 -20.39
CA ASP J 51 78.97 -7.68 -21.50
C ASP J 51 77.56 -7.81 -22.02
N HIS J 52 77.23 -7.01 -23.02
CA HIS J 52 75.88 -7.01 -23.56
C HIS J 52 75.77 -8.20 -24.52
N ARG J 53 76.92 -8.67 -24.97
CA ARG J 53 77.05 -9.84 -25.84
C ARG J 53 76.53 -11.14 -25.20
N HIS J 54 76.53 -11.16 -23.86
CA HIS J 54 76.04 -12.26 -22.99
C HIS J 54 77.18 -13.20 -22.57
N HIS J 55 78.31 -12.62 -22.18
CA HIS J 55 79.45 -13.39 -21.67
C HIS J 55 80.21 -12.57 -20.64
N ARG J 56 80.97 -13.24 -19.78
CA ARG J 56 81.68 -12.57 -18.70
C ARG J 56 82.80 -11.65 -19.17
N VAL J 57 83.02 -10.57 -18.42
CA VAL J 57 84.00 -9.55 -18.79
C VAL J 57 85.17 -9.41 -17.83
N GLU J 58 84.87 -9.35 -16.53
CA GLU J 58 85.92 -9.34 -15.51
C GLU J 58 85.49 -10.03 -14.22
N GLN J 59 86.48 -10.41 -13.41
CA GLN J 59 86.23 -11.02 -12.11
C GLN J 59 86.23 -10.08 -10.92
N LEU J 60 85.04 -9.91 -10.35
CA LEU J 60 84.82 -9.03 -9.21
C LEU J 60 84.46 -9.83 -7.96
N THR J 61 84.78 -9.21 -6.84
CA THR J 61 84.27 -9.60 -5.54
C THR J 61 83.61 -8.33 -5.05
N LEU J 62 82.88 -8.39 -3.94
CA LEU J 62 82.27 -7.16 -3.46
C LEU J 62 83.35 -6.20 -3.00
N GLY J 63 84.40 -6.76 -2.40
CA GLY J 63 85.49 -5.96 -1.87
C GLY J 63 86.15 -5.09 -2.92
N SER J 64 86.19 -5.59 -4.15
CA SER J 64 86.70 -4.80 -5.28
C SER J 64 85.58 -4.13 -6.07
N LEU J 65 84.33 -4.47 -5.73
CA LEU J 65 83.15 -3.85 -6.33
C LEU J 65 82.80 -2.54 -5.61
N LEU J 66 83.40 -2.32 -4.44
CA LEU J 66 82.97 -1.23 -3.55
C LEU J 66 83.07 0.17 -4.15
N GLU J 67 84.17 0.46 -4.83
CA GLU J 67 84.35 1.77 -5.46
C GLU J 67 83.95 1.75 -6.93
N ALA J 68 83.98 0.57 -7.54
CA ALA J 68 83.61 0.41 -8.93
C ALA J 68 82.10 0.30 -9.10
N LEU J 69 81.37 0.35 -7.99
CA LEU J 69 79.94 0.12 -7.99
C LEU J 69 79.16 1.18 -8.77
N LYS J 70 78.14 0.72 -9.50
CA LYS J 70 77.19 1.59 -10.17
C LYS J 70 75.77 1.08 -9.93
N SER J 71 74.79 1.90 -10.30
CA SER J 71 73.39 1.58 -10.06
C SER J 71 72.51 1.94 -11.25
N PRO J 72 71.44 1.15 -11.48
CA PRO J 72 71.02 -0.08 -10.79
C PRO J 72 71.89 -1.30 -11.11
N CYS J 73 71.84 -2.30 -10.24
CA CYS J 73 72.49 -3.59 -10.50
C CYS J 73 71.61 -4.49 -11.37
N LEU J 74 72.17 -5.05 -12.44
CA LEU J 74 71.53 -6.16 -13.13
C LEU J 74 72.27 -7.42 -12.74
N ILE J 75 73.03 -7.30 -11.66
CA ILE J 75 73.88 -8.37 -11.16
C ILE J 75 73.04 -9.60 -10.83
N GLU J 76 73.51 -10.73 -11.33
CA GLU J 76 72.73 -11.97 -11.25
C GLU J 76 73.63 -13.17 -10.95
N GLY J 77 73.00 -14.29 -10.65
CA GLY J 77 73.71 -15.50 -10.30
C GLY J 77 72.73 -16.64 -10.31
N GLU J 78 73.24 -17.87 -10.28
CA GLU J 78 72.37 -19.03 -10.42
C GLU J 78 71.58 -19.20 -9.14
N SER J 79 70.34 -19.66 -9.29
CA SER J 79 69.39 -19.77 -8.18
C SER J 79 69.81 -20.69 -7.04
N GLY J 80 69.40 -20.29 -5.84
CA GLY J 80 69.61 -21.05 -4.62
C GLY J 80 69.44 -20.01 -3.53
N LYS J 81 70.48 -19.84 -2.72
CA LYS J 81 70.37 -18.94 -1.58
C LYS J 81 70.83 -17.60 -2.14
N GLY J 82 71.80 -17.69 -3.05
CA GLY J 82 72.18 -16.58 -3.91
C GLY J 82 72.82 -15.42 -3.19
N LYS J 83 72.09 -14.31 -3.17
CA LYS J 83 72.52 -13.08 -2.52
C LYS J 83 72.47 -13.33 -1.03
N SER J 84 71.71 -14.36 -0.67
CA SER J 84 71.52 -14.78 0.71
C SER J 84 71.37 -13.64 1.72
N THR J 85 72.15 -13.65 2.80
CA THR J 85 72.07 -12.56 3.78
C THR J 85 73.45 -11.87 3.76
N LEU J 86 74.28 -12.39 2.87
CA LEU J 86 75.68 -12.01 2.66
C LEU J 86 75.87 -10.53 2.21
N LEU J 87 74.86 -9.97 1.52
CA LEU J 87 74.89 -8.57 1.06
C LEU J 87 74.39 -7.70 2.22
N GLN J 88 73.68 -8.38 3.10
CA GLN J 88 72.95 -7.83 4.23
C GLN J 88 74.16 -7.68 5.13
N ARG J 89 75.07 -8.65 5.05
CA ARG J 89 76.19 -8.64 5.95
C ARG J 89 77.20 -7.70 5.32
N ILE J 90 76.93 -7.28 4.08
CA ILE J 90 77.89 -6.44 3.36
C ILE J 90 77.56 -5.05 3.94
N ALA J 91 76.25 -4.85 4.14
CA ALA J 91 75.73 -3.68 4.84
C ALA J 91 76.27 -3.71 6.26
N MET J 92 76.36 -4.93 6.80
CA MET J 92 76.78 -5.09 8.17
C MET J 92 78.25 -4.71 8.19
N LEU J 93 78.88 -4.70 7.01
CA LEU J 93 80.29 -4.36 6.89
C LEU J 93 80.34 -2.84 6.91
N TRP J 94 79.35 -2.21 6.26
CA TRP J 94 79.16 -0.76 6.37
C TRP J 94 78.94 -0.36 7.84
N ALA J 95 78.55 -1.35 8.64
CA ALA J 95 78.20 -1.10 10.04
C ALA J 95 79.13 -1.86 10.97
N SER J 96 80.31 -2.18 10.44
CA SER J 96 81.35 -2.91 11.14
C SER J 96 82.65 -2.13 10.87
N GLY J 97 82.50 -0.90 10.41
CA GLY J 97 83.63 -0.02 10.19
C GLY J 97 84.34 -0.36 8.89
N GLY J 98 83.59 -0.94 7.95
CA GLY J 98 84.17 -1.43 6.70
C GLY J 98 84.77 -0.36 5.82
N CYS J 99 85.30 -0.77 4.67
CA CYS J 99 85.93 0.16 3.74
C CYS J 99 85.07 1.38 3.44
N ARG J 100 85.75 2.50 3.19
CA ARG J 100 85.13 3.78 2.85
C ARG J 100 83.97 3.78 1.84
N ALA J 101 84.05 2.96 0.79
CA ALA J 101 82.95 2.93 -0.17
C ALA J 101 81.68 2.22 0.31
N LEU J 102 81.68 1.77 1.56
CA LEU J 102 80.52 1.11 2.14
C LEU J 102 79.89 2.21 2.98
N LYS J 103 80.73 3.16 3.37
CA LYS J 103 80.30 4.35 4.08
C LYS J 103 80.11 5.50 3.12
N GLY J 104 79.99 5.17 1.84
CA GLY J 104 79.87 6.17 0.79
C GLY J 104 78.39 6.46 0.73
N PHE J 105 77.68 5.82 1.67
CA PHE J 105 76.24 5.89 1.79
C PHE J 105 75.84 6.12 3.25
N ARG J 106 75.22 7.27 3.54
CA ARG J 106 74.99 7.68 4.92
C ARG J 106 73.94 6.76 5.55
N LEU J 107 73.05 6.26 4.69
CA LEU J 107 71.98 5.34 5.06
C LEU J 107 71.87 4.14 4.13
N VAL J 108 71.61 2.96 4.68
CA VAL J 108 71.55 1.74 3.87
C VAL J 108 70.24 1.10 4.29
N PHE J 109 69.38 0.82 3.30
CA PHE J 109 68.15 0.07 3.55
C PHE J 109 67.91 -1.23 2.78
N PHE J 110 67.89 -2.31 3.55
CA PHE J 110 67.54 -3.62 3.03
C PHE J 110 66.13 -3.54 2.47
N ILE J 111 65.89 -4.01 1.25
CA ILE J 111 64.54 -3.95 0.71
C ILE J 111 64.00 -5.34 0.35
N HIS J 112 62.71 -5.56 0.63
CA HIS J 112 62.04 -6.83 0.37
C HIS J 112 61.01 -6.88 -0.79
N LEU J 113 61.47 -7.38 -1.93
CA LEU J 113 60.70 -7.59 -3.17
C LEU J 113 59.65 -8.65 -2.84
N ARG J 114 60.06 -9.63 -2.03
CA ARG J 114 59.23 -10.73 -1.60
C ARG J 114 57.98 -10.32 -0.79
N SER J 115 58.00 -9.24 -0.01
CA SER J 115 56.76 -8.87 0.69
C SER J 115 56.52 -7.36 0.70
N ALA J 116 55.27 -6.95 0.46
CA ALA J 116 54.95 -5.52 0.36
C ALA J 116 53.53 -5.18 0.79
N ARG J 117 53.37 -3.98 1.33
CA ARG J 117 52.17 -3.55 2.05
C ARG J 117 52.05 -2.03 1.93
N GLY J 118 50.88 -1.53 1.56
CA GLY J 118 50.67 -0.09 1.61
C GLY J 118 50.54 0.45 3.02
N GLY J 119 50.98 1.69 3.24
CA GLY J 119 51.74 2.46 2.25
C GLY J 119 53.10 1.84 1.99
N LEU J 120 53.58 1.96 0.77
CA LEU J 120 54.58 1.03 0.26
C LEU J 120 55.93 1.25 0.94
N PHE J 121 56.20 2.49 1.32
CA PHE J 121 57.42 2.79 2.08
C PHE J 121 57.32 2.09 3.42
N GLU J 122 56.11 1.96 3.96
CA GLU J 122 55.95 1.32 5.27
C GLU J 122 56.25 -0.17 5.17
N THR J 123 56.48 -0.69 3.96
CA THR J 123 56.92 -2.07 3.82
C THR J 123 58.19 -2.16 4.63
N LEU J 124 58.99 -1.11 4.54
CA LEU J 124 60.30 -1.10 5.18
C LEU J 124 60.02 -0.95 6.65
N TYR J 125 58.98 -0.17 6.97
CA TYR J 125 58.57 -0.01 8.35
C TYR J 125 58.02 -1.39 8.77
N ASP J 126 57.26 -2.05 7.89
CA ASP J 126 56.78 -3.39 8.19
C ASP J 126 57.91 -4.44 8.15
N GLN J 127 59.12 -3.99 7.83
CA GLN J 127 60.28 -4.89 7.75
C GLN J 127 61.42 -4.36 8.64
N LEU J 128 62.04 -3.25 8.21
CA LEU J 128 63.16 -2.63 8.93
C LEU J 128 62.63 -2.06 10.25
N LEU J 129 61.42 -1.52 10.19
CA LEU J 129 60.76 -0.88 11.33
C LEU J 129 61.38 0.39 11.93
N ASN J 130 62.61 0.77 11.58
CA ASN J 130 63.14 1.98 12.20
C ASN J 130 62.61 3.32 11.63
N ILE J 131 61.54 3.25 10.86
CA ILE J 131 60.88 4.40 10.22
C ILE J 131 60.22 5.41 11.18
N PRO J 132 60.80 6.62 11.36
CA PRO J 132 60.13 7.57 12.28
C PRO J 132 58.69 7.93 11.86
N ASP J 133 57.84 8.20 12.86
CA ASP J 133 56.44 8.63 12.67
C ASP J 133 56.08 9.96 11.97
N PHE J 134 56.95 10.98 12.06
CA PHE J 134 56.69 12.25 11.38
C PHE J 134 56.72 12.16 9.86
N ILE J 135 57.71 11.43 9.37
CA ILE J 135 57.92 11.23 7.95
C ILE J 135 56.89 10.54 7.06
N SER J 136 55.99 11.35 6.48
CA SER J 136 54.99 10.86 5.54
C SER J 136 55.77 10.27 4.36
N LYS J 137 55.12 9.58 3.43
CA LYS J 137 55.82 9.07 2.24
C LYS J 137 56.43 10.17 1.32
N PRO J 138 55.71 11.29 1.07
CA PRO J 138 56.28 12.38 0.26
C PRO J 138 57.50 12.93 0.99
N THR J 139 57.32 13.12 2.29
CA THR J 139 58.33 13.63 3.20
C THR J 139 59.50 12.67 3.11
N PHE J 140 59.21 11.37 3.13
CA PHE J 140 60.27 10.36 3.04
C PHE J 140 61.04 10.40 1.70
N LYS J 141 60.36 10.69 0.58
CA LYS J 141 61.08 10.80 -0.70
C LYS J 141 61.94 12.07 -0.76
N ALA J 142 61.38 13.16 -0.22
CA ALA J 142 62.03 14.48 -0.14
C ALA J 142 63.26 14.42 0.74
N LEU J 143 63.10 13.71 1.84
CA LEU J 143 64.14 13.45 2.81
C LEU J 143 65.24 12.66 2.12
N LEU J 144 64.90 11.50 1.57
CA LEU J 144 65.90 10.71 0.86
C LEU J 144 66.64 11.54 -0.17
N LEU J 145 65.97 12.53 -0.78
CA LEU J 145 66.65 13.23 -1.85
C LEU J 145 67.45 14.40 -1.29
N LYS J 146 67.27 14.71 -0.01
CA LYS J 146 68.04 15.80 0.59
C LYS J 146 69.55 15.57 0.40
N LEU J 147 69.89 14.29 0.20
CA LEU J 147 71.27 13.80 0.13
C LEU J 147 71.78 13.36 -1.27
N HIS J 148 70.92 12.65 -2.02
CA HIS J 148 71.18 12.27 -3.43
C HIS J 148 72.29 11.27 -3.83
N LYS J 149 72.67 10.35 -2.96
CA LYS J 149 73.81 9.42 -3.18
C LYS J 149 74.23 8.80 -1.86
N GLU J 150 73.50 9.16 -0.81
CA GLU J 150 73.97 8.82 0.51
C GLU J 150 73.09 7.75 1.09
N VAL J 151 72.42 7.03 0.20
CA VAL J 151 71.64 5.86 0.60
C VAL J 151 71.83 4.72 -0.41
N LEU J 152 71.99 3.52 0.10
CA LEU J 152 72.06 2.31 -0.75
C LEU J 152 70.89 1.40 -0.38
N PHE J 153 70.32 0.70 -1.36
CA PHE J 153 69.26 -0.27 -1.04
C PHE J 153 69.41 -1.64 -1.65
N LEU J 154 69.26 -2.69 -0.83
CA LEU J 154 69.35 -4.02 -1.42
C LEU J 154 67.95 -4.55 -1.70
N LEU J 155 67.68 -5.10 -2.89
CA LEU J 155 66.30 -5.46 -3.18
C LEU J 155 66.41 -6.95 -2.89
N ASP J 156 65.56 -7.49 -2.01
CA ASP J 156 65.47 -8.94 -1.80
C ASP J 156 64.26 -9.80 -2.23
N GLY J 157 64.33 -10.63 -3.27
CA GLY J 157 63.13 -11.28 -3.78
C GLY J 157 62.61 -11.20 -5.20
N TYR J 158 63.49 -11.45 -6.16
CA TYR J 158 63.09 -11.39 -7.55
C TYR J 158 62.16 -12.42 -8.21
N ASN J 159 62.10 -13.66 -7.74
CA ASN J 159 61.18 -14.62 -8.37
C ASN J 159 59.94 -14.57 -7.51
N GLU J 160 60.21 -14.41 -6.21
CA GLU J 160 59.21 -14.28 -5.18
C GLU J 160 58.27 -13.15 -5.55
N PHE J 161 58.78 -12.23 -6.35
CA PHE J 161 58.01 -11.06 -6.79
C PHE J 161 56.79 -11.52 -7.57
N HIS J 162 55.70 -10.76 -7.42
CA HIS J 162 54.42 -11.11 -8.02
C HIS J 162 53.78 -9.83 -8.56
N PRO J 163 52.61 -9.94 -9.20
CA PRO J 163 51.94 -8.71 -9.66
C PRO J 163 51.38 -7.82 -8.54
N GLN J 164 50.82 -8.40 -7.47
CA GLN J 164 50.37 -7.59 -6.35
C GLN J 164 51.50 -6.73 -5.77
N ASN J 165 51.20 -5.45 -5.53
CA ASN J 165 52.11 -4.47 -4.90
C ASN J 165 53.29 -4.10 -5.81
N CYS J 166 53.11 -4.38 -7.09
CA CYS J 166 54.07 -4.12 -8.19
C CYS J 166 54.50 -2.65 -8.41
N PRO J 167 53.58 -1.66 -8.27
CA PRO J 167 54.13 -0.31 -8.46
C PRO J 167 55.02 0.27 -7.37
N GLU J 168 55.78 1.28 -7.82
CA GLU J 168 56.91 1.88 -7.10
C GLU J 168 57.88 0.80 -6.62
N ILE J 169 58.17 -0.13 -7.54
CA ILE J 169 59.20 -1.14 -7.35
C ILE J 169 60.29 -0.90 -8.38
N GLU J 170 59.86 -0.42 -9.55
CA GLU J 170 60.72 -0.21 -10.70
C GLU J 170 61.15 1.24 -10.60
N ALA J 171 60.48 1.96 -9.71
CA ALA J 171 60.72 3.40 -9.53
C ALA J 171 62.05 3.58 -8.83
N LEU J 172 62.44 2.64 -7.97
CA LEU J 172 63.74 2.75 -7.33
C LEU J 172 64.82 2.54 -8.37
N ILE J 173 64.56 1.63 -9.31
CA ILE J 173 65.53 1.24 -10.34
C ILE J 173 65.52 2.09 -11.64
N LYS J 174 64.36 2.20 -12.27
CA LYS J 174 64.20 2.98 -13.51
C LYS J 174 64.17 4.48 -13.24
N GLU J 175 63.38 4.87 -12.25
CA GLU J 175 63.40 6.25 -11.76
C GLU J 175 64.48 6.37 -10.69
N ASN J 176 65.69 5.89 -10.99
CA ASN J 176 66.84 6.02 -10.09
C ASN J 176 67.65 7.23 -10.48
N HIS J 177 67.45 7.64 -11.72
CA HIS J 177 68.12 8.81 -12.27
C HIS J 177 67.58 10.07 -11.60
N ARG J 178 66.41 9.94 -10.98
CA ARG J 178 65.84 11.02 -10.16
C ARG J 178 65.58 10.64 -8.69
N PHE J 179 66.14 9.53 -8.25
CA PHE J 179 65.91 9.00 -6.91
C PHE J 179 67.26 9.17 -6.27
N LYS J 180 68.23 9.46 -7.15
CA LYS J 180 69.62 9.70 -6.83
C LYS J 180 70.37 8.77 -5.88
N ASN J 181 69.71 7.81 -5.24
CA ASN J 181 70.54 6.98 -4.39
C ASN J 181 70.97 5.78 -5.21
N MET J 182 72.01 5.09 -4.79
CA MET J 182 72.41 3.86 -5.48
C MET J 182 71.53 2.71 -4.99
N VAL J 183 71.60 1.58 -5.69
CA VAL J 183 70.83 0.41 -5.26
C VAL J 183 71.21 -0.90 -5.93
N ILE J 184 71.16 -2.00 -5.17
CA ILE J 184 71.56 -3.30 -5.70
C ILE J 184 70.23 -4.01 -5.96
N VAL J 185 69.98 -4.35 -7.22
CA VAL J 185 68.71 -4.93 -7.65
C VAL J 185 68.70 -6.46 -7.77
N THR J 186 67.96 -7.11 -6.87
CA THR J 186 67.96 -8.56 -6.80
C THR J 186 67.48 -9.18 -8.07
N THR J 187 68.12 -10.28 -8.43
CA THR J 187 67.72 -11.02 -9.60
C THR J 187 67.85 -12.51 -9.36
N THR J 188 67.12 -13.27 -10.14
CA THR J 188 67.10 -14.72 -10.10
C THR J 188 67.50 -14.75 -11.55
N THR J 189 67.81 -15.84 -12.23
CA THR J 189 68.09 -15.42 -13.58
C THR J 189 66.94 -15.65 -14.55
N GLU J 190 65.88 -16.35 -14.10
CA GLU J 190 64.94 -16.78 -15.11
C GLU J 190 64.39 -15.44 -15.65
N CYS J 191 64.06 -14.65 -14.64
CA CYS J 191 63.49 -13.29 -14.61
C CYS J 191 64.25 -12.06 -15.12
N LEU J 192 65.57 -12.08 -15.03
CA LEU J 192 66.43 -10.90 -15.30
C LEU J 192 66.06 -10.02 -16.48
N ARG J 193 65.50 -10.60 -17.53
CA ARG J 193 65.27 -9.88 -18.79
C ARG J 193 64.13 -8.86 -18.64
N HIS J 194 63.65 -8.72 -17.40
CA HIS J 194 62.61 -7.79 -17.01
C HIS J 194 63.23 -6.48 -16.55
N ILE J 195 64.56 -6.49 -16.42
CA ILE J 195 65.30 -5.29 -16.06
C ILE J 195 66.65 -5.20 -16.74
N ARG J 196 66.82 -6.00 -17.80
CA ARG J 196 68.05 -5.97 -18.60
C ARG J 196 68.23 -4.61 -19.30
N HIS J 197 67.31 -3.68 -19.04
CA HIS J 197 67.37 -2.36 -19.67
C HIS J 197 67.29 -1.22 -18.65
N VAL J 198 67.54 -1.54 -17.39
CA VAL J 198 67.48 -0.54 -16.33
C VAL J 198 68.76 -0.23 -15.55
N GLY J 199 69.50 -1.29 -15.25
CA GLY J 199 70.78 -1.26 -14.57
C GLY J 199 72.14 -0.94 -15.15
N ALA J 200 72.79 0.07 -14.57
CA ALA J 200 74.05 0.57 -15.08
C ALA J 200 75.18 -0.37 -14.66
N LEU J 201 74.87 -1.33 -13.79
CA LEU J 201 75.85 -2.32 -13.36
C LEU J 201 75.27 -3.72 -13.64
N THR J 202 76.14 -4.73 -13.74
CA THR J 202 75.71 -6.09 -14.05
C THR J 202 76.83 -7.10 -13.82
N ALA J 203 76.54 -8.15 -13.05
CA ALA J 203 77.56 -9.15 -12.76
C ALA J 203 76.94 -10.53 -12.57
N GLU J 204 77.75 -11.56 -12.81
CA GLU J 204 77.27 -12.93 -12.75
C GLU J 204 77.98 -13.65 -11.61
N VAL J 205 77.21 -14.15 -10.64
CA VAL J 205 77.82 -14.88 -9.53
C VAL J 205 78.45 -16.15 -10.06
N GLY J 206 79.78 -16.13 -10.15
CA GLY J 206 80.53 -17.28 -10.61
C GLY J 206 80.47 -18.36 -9.56
N ASP J 207 80.62 -19.60 -9.99
CA ASP J 207 80.60 -20.70 -9.03
C ASP J 207 81.76 -20.50 -8.08
N MET J 208 81.50 -20.76 -6.80
CA MET J 208 82.51 -20.64 -5.77
C MET J 208 83.59 -21.72 -5.90
N THR J 209 84.78 -21.46 -5.36
CA THR J 209 85.86 -22.43 -5.32
C THR J 209 85.41 -23.64 -4.50
N GLU J 210 85.84 -24.85 -4.88
CA GLU J 210 85.50 -26.01 -4.08
C GLU J 210 86.17 -25.87 -2.71
N ASP J 211 87.43 -25.48 -2.73
CA ASP J 211 88.23 -25.31 -1.52
C ASP J 211 87.61 -24.26 -0.60
N SER J 212 87.24 -23.12 -1.17
CA SER J 212 86.65 -22.04 -0.40
C SER J 212 85.32 -22.50 0.21
N ALA J 213 84.61 -23.33 -0.53
CA ALA J 213 83.31 -23.82 -0.08
C ALA J 213 83.46 -24.78 1.09
N LYS J 214 84.70 -25.06 1.49
CA LYS J 214 84.87 -26.10 2.47
C LYS J 214 84.88 -25.34 3.76
N ASP J 215 84.77 -24.02 3.60
CA ASP J 215 84.90 -23.12 4.72
C ASP J 215 83.47 -23.10 5.19
N LEU J 216 82.60 -23.56 4.30
CA LEU J 216 81.20 -23.70 4.66
C LEU J 216 81.14 -24.94 5.55
N ILE J 217 81.66 -26.06 5.04
CA ILE J 217 81.47 -27.38 5.68
C ILE J 217 81.90 -27.34 7.15
N GLU J 218 83.03 -26.66 7.34
CA GLU J 218 83.75 -26.43 8.59
C GLU J 218 82.92 -25.91 9.75
N ALA J 219 81.97 -25.03 9.46
CA ALA J 219 81.18 -24.41 10.51
C ALA J 219 80.32 -25.38 11.32
N VAL J 220 79.74 -26.41 10.73
CA VAL J 220 79.01 -27.34 11.58
C VAL J 220 79.86 -28.56 11.96
N LEU J 221 80.52 -29.15 10.97
CA LEU J 221 81.40 -30.31 11.19
C LEU J 221 82.64 -30.09 12.06
N VAL J 222 83.08 -31.17 12.69
CA VAL J 222 84.30 -31.17 13.52
C VAL J 222 85.40 -31.01 12.46
N PRO J 223 86.62 -30.55 12.82
CA PRO J 223 87.52 -30.42 11.66
C PRO J 223 88.04 -31.74 11.06
N ASP J 224 88.04 -32.81 11.85
CA ASP J 224 88.47 -34.10 11.31
C ASP J 224 87.32 -34.67 10.52
N GLN J 225 86.11 -34.30 10.89
CA GLN J 225 84.91 -34.78 10.21
C GLN J 225 84.95 -34.14 8.82
N VAL J 226 85.52 -32.94 8.75
CA VAL J 226 85.57 -32.23 7.48
C VAL J 226 86.64 -32.91 6.67
N GLU J 227 87.73 -33.32 7.33
CA GLU J 227 88.80 -33.98 6.58
C GLU J 227 88.30 -35.33 6.03
N ARG J 228 87.42 -35.99 6.78
CA ARG J 228 86.83 -37.26 6.37
C ARG J 228 86.03 -37.01 5.10
N LEU J 229 85.25 -35.94 5.10
CA LEU J 229 84.54 -35.55 3.87
C LEU J 229 85.53 -35.21 2.75
N TRP J 230 86.64 -34.57 3.10
CA TRP J 230 87.67 -34.22 2.13
C TRP J 230 88.28 -35.45 1.47
N ALA J 231 88.32 -36.56 2.20
CA ALA J 231 88.67 -37.84 1.61
C ALA J 231 87.51 -38.32 0.76
N GLN J 232 86.30 -38.05 1.22
CA GLN J 232 85.10 -38.51 0.53
C GLN J 232 84.84 -37.89 -0.82
N ILE J 233 85.25 -36.64 -1.07
CA ILE J 233 85.01 -36.14 -2.41
C ILE J 233 86.13 -36.57 -3.35
N GLN J 234 87.11 -37.28 -2.81
CA GLN J 234 88.21 -37.81 -3.62
C GLN J 234 87.75 -39.07 -4.34
N GLU J 235 86.66 -39.63 -3.81
CA GLU J 235 85.98 -40.81 -4.37
C GLU J 235 85.89 -40.73 -5.89
N SER J 236 85.60 -39.52 -6.38
CA SER J 236 85.34 -39.30 -7.80
C SER J 236 85.49 -37.82 -8.07
N ARG J 237 85.90 -37.47 -9.29
CA ARG J 237 86.11 -36.08 -9.64
C ARG J 237 84.77 -35.34 -9.72
N CYS J 238 83.73 -36.06 -10.11
CA CYS J 238 82.38 -35.51 -10.13
C CYS J 238 81.92 -35.18 -8.71
N LEU J 239 82.31 -35.99 -7.74
CA LEU J 239 82.05 -35.69 -6.34
C LEU J 239 82.92 -34.54 -5.86
N ARG J 240 84.17 -34.53 -6.29
CA ARG J 240 85.14 -33.52 -5.88
C ARG J 240 84.73 -32.12 -6.34
N ASN J 241 84.09 -32.04 -7.51
CA ASN J 241 83.73 -30.74 -8.06
C ASN J 241 82.35 -30.26 -7.61
N LEU J 242 81.67 -31.08 -6.80
CA LEU J 242 80.34 -30.70 -6.31
C LEU J 242 80.44 -29.47 -5.43
N MET J 243 81.55 -29.38 -4.70
CA MET J 243 81.82 -28.24 -3.84
C MET J 243 81.94 -26.88 -4.54
N LYS J 244 81.75 -26.82 -5.86
CA LYS J 244 81.82 -25.53 -6.55
C LYS J 244 80.72 -24.62 -6.00
N THR J 245 79.56 -25.19 -5.78
CA THR J 245 78.42 -24.45 -5.27
C THR J 245 78.19 -24.82 -3.80
N PRO J 246 77.69 -23.86 -3.01
CA PRO J 246 77.35 -24.03 -1.60
C PRO J 246 76.18 -24.99 -1.41
N LEU J 247 75.30 -25.07 -2.39
CA LEU J 247 74.16 -26.00 -2.38
C LEU J 247 74.52 -27.48 -2.30
N PHE J 248 75.50 -27.94 -3.08
CA PHE J 248 75.95 -29.33 -3.04
C PHE J 248 76.52 -29.63 -1.66
N VAL J 249 77.21 -28.62 -1.13
CA VAL J 249 77.77 -28.68 0.20
C VAL J 249 76.60 -28.86 1.16
N VAL J 250 75.51 -28.12 0.98
CA VAL J 250 74.34 -28.24 1.85
C VAL J 250 73.72 -29.63 1.77
N ILE J 251 73.78 -30.20 0.57
CA ILE J 251 73.32 -31.56 0.27
C ILE J 251 74.09 -32.62 1.05
N THR J 252 75.39 -32.42 1.23
CA THR J 252 76.12 -33.36 2.08
C THR J 252 76.20 -32.92 3.55
N CYS J 253 75.86 -31.67 3.84
CA CYS J 253 75.92 -31.14 5.19
C CYS J 253 74.72 -31.64 5.99
N ALA J 254 73.59 -31.81 5.31
CA ALA J 254 72.35 -32.29 5.94
C ALA J 254 72.48 -33.73 6.46
N ILE J 255 73.59 -34.39 6.18
CA ILE J 255 73.71 -35.82 6.42
C ILE J 255 74.55 -36.12 7.67
N GLN J 256 75.36 -35.15 8.09
CA GLN J 256 76.27 -35.33 9.23
C GLN J 256 75.61 -35.48 10.61
N MET J 257 74.32 -35.20 10.69
CA MET J 257 73.61 -35.20 11.97
C MET J 257 73.61 -36.58 12.65
N GLY J 258 73.66 -37.63 11.86
CA GLY J 258 73.76 -38.98 12.40
C GLY J 258 75.10 -39.67 12.28
N ARG J 259 76.05 -39.05 11.57
CA ARG J 259 77.28 -39.75 11.20
C ARG J 259 78.58 -38.97 11.40
N GLN J 260 79.63 -39.69 11.79
CA GLN J 260 80.97 -39.11 11.89
C GLN J 260 81.68 -39.05 10.55
N GLU J 261 81.45 -40.05 9.70
CA GLU J 261 81.84 -39.95 8.29
C GLU J 261 80.80 -40.70 7.46
N PHE J 262 80.52 -40.17 6.27
CA PHE J 262 79.48 -40.75 5.45
C PHE J 262 79.74 -40.61 3.95
N GLN J 263 78.99 -41.41 3.19
CA GLN J 263 78.82 -41.24 1.77
C GLN J 263 77.36 -41.58 1.48
N ALA J 264 76.93 -41.46 0.23
CA ALA J 264 75.56 -41.81 -0.13
C ALA J 264 75.26 -43.29 -0.52
N HIS J 265 76.16 -44.05 -1.13
CA HIS J 265 77.52 -43.67 -1.49
C HIS J 265 77.56 -43.06 -2.87
N THR J 266 76.45 -43.19 -3.58
CA THR J 266 76.40 -42.72 -4.94
C THR J 266 76.36 -41.21 -4.99
N GLN J 267 76.99 -40.63 -6.00
CA GLN J 267 76.98 -39.18 -6.10
C GLN J 267 75.56 -38.72 -6.41
N THR J 268 74.82 -39.57 -7.09
CA THR J 268 73.37 -39.44 -7.38
C THR J 268 72.38 -39.57 -6.20
N MET J 269 72.66 -40.43 -5.22
CA MET J 269 71.73 -40.61 -4.10
C MET J 269 71.79 -39.38 -3.19
N LEU J 270 72.91 -38.68 -3.27
CA LEU J 270 73.14 -37.41 -2.60
C LEU J 270 72.17 -36.40 -3.21
N PHE J 271 72.19 -36.43 -4.53
CA PHE J 271 71.47 -35.64 -5.50
C PHE J 271 69.92 -35.75 -5.38
N GLN J 272 69.44 -36.95 -5.04
CA GLN J 272 68.00 -37.25 -4.86
C GLN J 272 67.34 -36.54 -3.69
N THR J 273 68.04 -36.43 -2.58
CA THR J 273 67.55 -35.70 -1.40
C THR J 273 67.28 -34.27 -1.81
N PHE J 274 68.20 -33.70 -2.59
CA PHE J 274 68.11 -32.34 -3.09
C PHE J 274 66.83 -32.26 -3.96
N TYR J 275 66.59 -33.26 -4.83
CA TYR J 275 65.38 -33.22 -5.68
C TYR J 275 64.12 -33.16 -4.79
N ASP J 276 64.04 -34.03 -3.81
CA ASP J 276 62.89 -34.06 -2.89
C ASP J 276 62.74 -32.68 -2.21
N LEU J 277 63.86 -32.03 -1.87
CA LEU J 277 63.85 -30.70 -1.24
C LEU J 277 63.20 -29.72 -2.23
N LEU J 278 63.52 -29.91 -3.50
CA LEU J 278 62.97 -29.12 -4.61
C LEU J 278 61.44 -29.31 -4.59
N ILE J 279 60.98 -30.54 -4.41
CA ILE J 279 59.53 -30.83 -4.34
C ILE J 279 58.95 -30.07 -3.12
N GLN J 280 59.71 -30.08 -2.01
CA GLN J 280 59.36 -29.47 -0.71
C GLN J 280 59.09 -27.97 -0.80
N LYS J 281 59.95 -27.31 -1.58
CA LYS J 281 59.95 -25.87 -1.79
C LYS J 281 58.74 -25.51 -2.62
N ASN J 282 58.42 -26.31 -3.61
CA ASN J 282 57.42 -25.94 -4.58
C ASN J 282 56.05 -26.46 -4.22
N SER J 283 55.88 -27.13 -3.08
CA SER J 283 54.52 -27.63 -2.87
C SER J 283 53.55 -26.44 -2.84
N HIS J 284 53.94 -25.30 -2.24
CA HIS J 284 52.97 -24.19 -2.16
C HIS J 284 52.84 -23.67 -3.60
N ARG J 285 53.91 -23.94 -4.35
CA ARG J 285 54.14 -23.54 -5.75
C ARG J 285 53.83 -24.67 -6.72
N TYR J 286 52.59 -25.10 -6.78
CA TYR J 286 52.28 -26.20 -7.66
C TYR J 286 52.04 -25.58 -9.02
N ARG J 287 51.58 -24.33 -9.01
CA ARG J 287 51.32 -23.56 -10.22
C ARG J 287 50.60 -24.34 -11.31
N GLY J 288 49.42 -24.87 -11.00
CA GLY J 288 48.75 -25.80 -11.88
C GLY J 288 48.96 -27.25 -11.48
N GLY J 289 48.21 -28.15 -12.10
CA GLY J 289 48.25 -29.54 -11.75
C GLY J 289 47.50 -29.73 -10.45
N ALA J 290 47.39 -30.96 -9.97
CA ALA J 290 46.61 -31.22 -8.78
C ALA J 290 47.56 -31.57 -7.64
N SER J 291 47.35 -30.96 -6.47
CA SER J 291 48.13 -31.30 -5.29
C SER J 291 49.62 -31.14 -5.58
N GLY J 292 50.37 -32.20 -5.33
CA GLY J 292 51.76 -32.26 -5.72
C GLY J 292 52.03 -32.76 -7.13
N ASP J 293 50.99 -33.05 -7.90
CA ASP J 293 51.18 -33.72 -9.19
C ASP J 293 51.78 -32.78 -10.26
N PHE J 294 52.20 -31.60 -9.86
CA PHE J 294 52.94 -30.75 -10.76
C PHE J 294 54.30 -31.42 -10.97
N ALA J 295 54.73 -32.13 -9.93
CA ALA J 295 55.86 -33.07 -9.92
C ALA J 295 55.80 -34.05 -11.10
N ARG J 296 54.58 -34.42 -11.43
CA ARG J 296 54.22 -35.37 -12.50
C ARG J 296 54.68 -34.81 -13.84
N SER J 297 54.72 -33.49 -13.95
CA SER J 297 55.17 -32.83 -15.15
C SER J 297 56.65 -33.15 -15.35
N LEU J 298 57.49 -33.20 -14.32
CA LEU J 298 58.88 -33.55 -14.58
C LEU J 298 58.86 -34.99 -15.13
N ASP J 299 58.01 -35.84 -14.54
CA ASP J 299 57.79 -37.20 -15.02
C ASP J 299 57.22 -37.17 -16.44
N TYR J 300 56.34 -36.20 -16.73
CA TYR J 300 55.78 -36.05 -18.07
C TYR J 300 56.96 -35.86 -19.00
N CYS J 301 57.94 -35.07 -18.58
CA CYS J 301 59.13 -34.88 -19.39
C CYS J 301 60.21 -35.85 -18.88
N GLY J 302 59.77 -36.93 -18.25
CA GLY J 302 60.70 -37.92 -17.70
C GLY J 302 61.59 -38.58 -18.75
N ASP J 303 60.99 -38.95 -19.87
CA ASP J 303 61.72 -39.53 -21.00
C ASP J 303 62.66 -38.48 -21.63
N LEU J 304 62.49 -37.24 -21.19
CA LEU J 304 63.26 -36.03 -21.56
C LEU J 304 64.44 -36.01 -20.60
N ALA J 305 64.12 -36.24 -19.33
CA ALA J 305 65.06 -36.28 -18.22
C ALA J 305 65.97 -37.44 -18.63
N LEU J 306 65.34 -38.48 -19.19
CA LEU J 306 65.98 -39.70 -19.66
C LEU J 306 66.95 -39.16 -20.70
N GLU J 307 66.43 -38.38 -21.65
CA GLU J 307 67.24 -37.75 -22.70
C GLU J 307 68.36 -36.85 -22.20
N GLY J 308 68.28 -36.21 -21.03
CA GLY J 308 69.43 -35.41 -20.66
C GLY J 308 70.66 -36.30 -20.62
N VAL J 309 70.62 -37.45 -19.94
CA VAL J 309 71.78 -38.33 -19.98
C VAL J 309 71.91 -38.77 -21.45
N PHE J 310 70.77 -39.15 -22.02
CA PHE J 310 70.67 -39.69 -23.38
C PHE J 310 70.92 -38.77 -24.58
N ALA J 311 70.43 -37.54 -24.58
CA ALA J 311 70.72 -36.70 -25.75
C ALA J 311 72.04 -35.93 -25.66
N HIS J 312 73.00 -36.52 -24.95
CA HIS J 312 74.32 -35.93 -24.70
C HIS J 312 74.32 -34.53 -24.10
N LYS J 313 73.14 -34.02 -23.78
CA LYS J 313 73.03 -32.68 -23.24
C LYS J 313 71.92 -32.59 -22.21
N PHE J 314 72.12 -31.76 -21.21
CA PHE J 314 71.06 -31.50 -20.26
C PHE J 314 70.24 -30.33 -20.73
N ASP J 315 70.44 -29.88 -21.98
CA ASP J 315 69.64 -28.74 -22.39
C ASP J 315 68.49 -29.09 -23.33
N PHE J 316 67.32 -28.53 -23.04
CA PHE J 316 66.10 -28.78 -23.80
C PHE J 316 65.37 -27.50 -24.22
N GLU J 317 64.43 -27.61 -25.16
CA GLU J 317 63.63 -26.45 -25.51
C GLU J 317 62.23 -26.91 -25.21
N PRO J 318 61.46 -26.13 -24.43
CA PRO J 318 60.14 -26.61 -24.06
C PRO J 318 59.22 -26.69 -25.26
N GLU J 319 58.34 -27.69 -25.25
CA GLU J 319 57.53 -28.05 -26.40
C GLU J 319 56.56 -26.95 -26.82
N HIS J 320 56.43 -26.74 -28.13
CA HIS J 320 55.57 -25.69 -28.66
C HIS J 320 54.09 -26.04 -28.46
N GLY J 321 53.35 -25.07 -27.90
CA GLY J 321 51.99 -25.30 -27.44
C GLY J 321 51.85 -25.48 -25.93
N SER J 322 50.76 -26.11 -25.50
CA SER J 322 50.38 -26.16 -24.09
C SER J 322 51.41 -26.85 -23.21
N SER J 323 52.32 -27.61 -23.81
CA SER J 323 53.35 -28.28 -23.05
C SER J 323 54.50 -27.36 -22.68
N MET J 324 54.36 -26.06 -22.89
CA MET J 324 55.52 -25.20 -22.72
C MET J 324 55.59 -24.98 -21.21
N ASN J 325 54.68 -25.68 -20.54
CA ASN J 325 54.38 -25.42 -19.15
C ASN J 325 55.36 -26.33 -18.47
N GLU J 326 56.08 -27.10 -19.30
CA GLU J 326 57.08 -28.02 -18.80
C GLU J 326 58.12 -27.11 -18.17
N ASP J 327 58.35 -25.94 -18.76
CA ASP J 327 59.38 -25.07 -18.18
C ASP J 327 58.92 -24.54 -16.79
N VAL J 328 57.85 -25.16 -16.27
CA VAL J 328 57.49 -25.19 -14.85
C VAL J 328 58.73 -25.54 -14.05
N LEU J 329 59.55 -26.42 -14.58
CA LEU J 329 60.75 -26.86 -13.89
C LEU J 329 61.76 -25.72 -13.78
N VAL J 330 61.72 -24.76 -14.69
CA VAL J 330 62.58 -23.60 -14.54
C VAL J 330 62.06 -22.83 -13.34
N THR J 331 60.73 -22.76 -13.24
CA THR J 331 60.08 -22.13 -12.10
C THR J 331 60.45 -22.94 -10.84
N ILE J 332 60.46 -24.28 -10.97
CA ILE J 332 60.86 -25.16 -9.85
C ILE J 332 62.34 -25.15 -9.53
N GLY J 333 63.16 -24.98 -10.54
CA GLY J 333 64.60 -24.88 -10.38
C GLY J 333 65.28 -26.20 -10.72
N LEU J 334 64.48 -27.14 -11.21
CA LEU J 334 64.98 -28.43 -11.66
C LEU J 334 65.72 -28.19 -12.96
N LEU J 335 65.13 -27.27 -13.72
CA LEU J 335 65.65 -26.79 -14.99
C LEU J 335 65.83 -25.25 -15.03
N CYS J 336 66.59 -24.62 -14.13
CA CYS J 336 66.63 -23.15 -14.25
C CYS J 336 67.37 -22.77 -15.53
N LYS J 337 66.88 -21.73 -16.19
CA LYS J 337 67.53 -21.17 -17.38
C LYS J 337 68.19 -19.77 -17.50
N TYR J 338 69.26 -19.74 -18.29
CA TYR J 338 70.14 -18.57 -18.51
C TYR J 338 69.43 -17.61 -19.47
N THR J 339 69.22 -16.33 -19.17
CA THR J 339 68.64 -15.48 -20.23
C THR J 339 69.67 -15.31 -21.37
N ALA J 340 69.17 -15.36 -22.62
CA ALA J 340 70.00 -15.29 -23.83
C ALA J 340 69.12 -15.26 -25.09
N GLN J 341 69.66 -14.74 -26.20
CA GLN J 341 68.89 -14.67 -27.45
C GLN J 341 68.75 -16.03 -28.14
N ARG J 342 67.49 -16.42 -28.27
CA ARG J 342 67.04 -17.70 -28.84
C ARG J 342 67.24 -18.77 -27.77
N LEU J 343 66.97 -18.33 -26.54
CA LEU J 343 67.11 -19.13 -25.33
C LEU J 343 66.29 -20.39 -25.23
N LYS J 344 66.96 -21.46 -24.81
CA LYS J 344 66.27 -22.68 -24.44
C LYS J 344 66.82 -23.28 -23.14
N PRO J 345 65.90 -23.78 -22.29
CA PRO J 345 66.02 -24.37 -20.97
C PRO J 345 67.23 -25.31 -20.80
N THR J 346 67.66 -25.50 -19.55
CA THR J 346 68.75 -26.40 -19.19
C THR J 346 68.39 -26.79 -17.78
N TYR J 347 68.96 -27.88 -17.24
CA TYR J 347 68.76 -28.17 -15.82
C TYR J 347 69.64 -27.49 -14.80
N LYS J 348 70.70 -26.82 -15.23
CA LYS J 348 71.65 -26.28 -14.26
C LYS J 348 70.88 -25.36 -13.30
N PHE J 349 71.10 -25.55 -12.02
CA PHE J 349 70.73 -24.57 -11.00
C PHE J 349 72.05 -23.99 -10.54
N PHE J 350 73.07 -24.32 -11.31
CA PHE J 350 74.43 -24.64 -10.87
C PHE J 350 74.56 -26.12 -11.26
N HIS J 351 75.41 -26.46 -12.23
CA HIS J 351 75.73 -27.86 -12.55
C HIS J 351 74.55 -28.65 -13.13
N LYS J 352 74.33 -28.60 -14.45
CA LYS J 352 73.21 -29.32 -15.06
C LYS J 352 73.33 -30.84 -14.98
N SER J 353 74.55 -31.34 -14.83
CA SER J 353 74.78 -32.77 -14.70
C SER J 353 74.10 -33.34 -13.48
N PHE J 354 73.61 -32.45 -12.64
CA PHE J 354 72.93 -32.82 -11.42
C PHE J 354 71.71 -33.69 -11.73
N GLN J 355 71.07 -33.38 -12.86
CA GLN J 355 69.93 -34.16 -13.37
C GLN J 355 70.18 -35.62 -13.81
N GLU J 356 71.41 -36.09 -13.70
CA GLU J 356 71.72 -37.47 -14.08
C GLU J 356 70.98 -38.58 -13.32
N TYR J 357 70.78 -38.39 -12.03
CA TYR J 357 70.04 -39.35 -11.23
C TYR J 357 68.61 -39.47 -11.73
N THR J 358 67.95 -38.36 -12.02
CA THR J 358 66.56 -38.44 -12.46
C THR J 358 66.47 -39.27 -13.73
N ALA J 359 67.45 -39.14 -14.63
CA ALA J 359 67.41 -39.96 -15.83
C ALA J 359 67.55 -41.42 -15.46
N GLY J 360 68.38 -41.71 -14.49
CA GLY J 360 68.54 -43.07 -14.01
C GLY J 360 67.23 -43.48 -13.34
N ARG J 361 66.67 -42.54 -12.57
CA ARG J 361 65.39 -42.70 -11.87
C ARG J 361 64.20 -43.00 -12.77
N ARG J 362 64.14 -42.34 -13.92
CA ARG J 362 63.07 -42.56 -14.87
C ARG J 362 63.19 -44.01 -15.30
N LEU J 363 64.42 -44.48 -15.51
CA LEU J 363 64.64 -45.85 -15.95
C LEU J 363 64.09 -46.73 -14.83
N SER J 364 64.39 -46.38 -13.59
CA SER J 364 63.89 -47.12 -12.44
C SER J 364 62.37 -47.09 -12.41
N SER J 365 61.80 -45.94 -12.73
CA SER J 365 60.34 -45.79 -12.74
C SER J 365 59.80 -46.76 -13.78
N LEU J 366 60.59 -47.01 -14.81
CA LEU J 366 60.24 -47.96 -15.84
C LEU J 366 60.39 -49.39 -15.27
N LEU J 367 61.50 -49.65 -14.57
CA LEU J 367 61.76 -50.99 -14.02
C LEU J 367 60.79 -51.41 -12.91
N THR J 368 60.37 -50.47 -12.08
CA THR J 368 59.45 -50.76 -10.97
C THR J 368 58.00 -50.56 -11.41
N SER J 369 57.81 -50.46 -12.72
CA SER J 369 56.51 -50.13 -13.27
C SER J 369 55.55 -51.32 -13.28
N LYS J 370 54.27 -51.00 -13.35
CA LYS J 370 53.18 -51.96 -13.20
C LYS J 370 53.26 -53.16 -14.15
N GLU J 371 54.03 -53.04 -15.22
CA GLU J 371 54.13 -54.13 -16.19
C GLU J 371 55.52 -54.31 -16.79
N PRO J 372 55.86 -55.56 -17.15
CA PRO J 372 57.06 -55.98 -17.86
C PRO J 372 57.39 -55.18 -19.13
N GLU J 373 56.41 -54.78 -19.93
CA GLU J 373 56.69 -53.99 -21.15
C GLU J 373 57.31 -52.62 -20.86
N GLU J 374 56.86 -51.94 -19.82
CA GLU J 374 57.46 -50.65 -19.45
C GLU J 374 58.89 -50.92 -19.02
N VAL J 375 59.10 -52.01 -18.29
CA VAL J 375 60.43 -52.39 -17.85
C VAL J 375 61.35 -52.66 -19.05
N SER J 376 60.84 -53.39 -20.05
CA SER J 376 61.57 -53.68 -21.29
C SER J 376 61.81 -52.40 -22.08
N LYS J 377 60.90 -51.45 -21.91
CA LYS J 377 61.06 -50.12 -22.49
C LYS J 377 62.26 -49.49 -21.81
N GLY J 378 62.34 -49.69 -20.50
CA GLY J 378 63.48 -49.25 -19.71
C GLY J 378 64.71 -50.00 -20.19
N ASN J 379 64.50 -51.29 -20.47
CA ASN J 379 65.54 -52.17 -21.02
C ASN J 379 65.96 -51.69 -22.41
N SER J 380 65.03 -51.16 -23.20
CA SER J 380 65.33 -50.73 -24.57
C SER J 380 66.24 -49.51 -24.55
N TYR J 381 66.29 -48.87 -23.38
CA TYR J 381 67.14 -47.74 -23.11
C TYR J 381 68.57 -48.28 -22.88
N LEU J 382 68.70 -49.61 -22.83
CA LEU J 382 69.99 -50.30 -22.69
C LEU J 382 70.43 -50.80 -24.05
N ASN J 383 69.67 -50.43 -25.08
CA ASN J 383 69.94 -50.89 -26.42
C ASN J 383 70.61 -49.64 -27.01
N LYS J 384 70.74 -48.68 -26.11
CA LYS J 384 71.22 -47.34 -26.39
C LYS J 384 72.69 -47.26 -26.01
N MET J 385 73.10 -48.21 -25.16
CA MET J 385 74.39 -48.15 -24.48
C MET J 385 75.32 -49.34 -24.74
N VAL J 386 76.58 -49.05 -25.00
CA VAL J 386 77.60 -50.06 -25.26
C VAL J 386 78.69 -50.24 -24.17
N SER J 387 78.57 -51.28 -23.35
CA SER J 387 79.52 -51.53 -22.25
C SER J 387 79.88 -50.42 -21.25
N ILE J 388 80.98 -50.62 -20.51
CA ILE J 388 81.45 -49.64 -19.53
C ILE J 388 81.86 -48.45 -20.37
N SER J 389 82.48 -48.79 -21.51
CA SER J 389 83.01 -47.88 -22.54
C SER J 389 82.70 -46.45 -22.23
N ASP J 390 81.39 -46.22 -22.18
CA ASP J 390 80.74 -44.94 -22.05
C ASP J 390 80.97 -44.24 -20.72
N ILE J 391 81.92 -44.71 -19.92
CA ILE J 391 82.39 -43.98 -18.74
C ILE J 391 82.87 -42.57 -19.13
N THR J 392 83.17 -42.39 -20.41
CA THR J 392 83.61 -41.12 -20.96
C THR J 392 82.45 -40.15 -21.15
N SER J 393 81.23 -40.64 -21.07
CA SER J 393 80.07 -39.82 -21.39
C SER J 393 78.87 -40.17 -20.53
N LEU J 394 77.78 -39.44 -20.74
CA LEU J 394 76.64 -39.51 -19.85
C LEU J 394 76.02 -40.89 -19.62
N TYR J 395 76.18 -41.86 -20.51
CA TYR J 395 75.53 -43.12 -20.13
C TYR J 395 76.49 -44.04 -19.34
N GLY J 396 77.74 -43.63 -19.09
CA GLY J 396 78.64 -44.57 -18.44
C GLY J 396 78.22 -44.98 -17.05
N ASN J 397 77.96 -43.90 -16.32
CA ASN J 397 77.51 -43.72 -14.93
C ASN J 397 76.01 -43.99 -14.74
N LEU J 398 75.30 -43.90 -15.85
CA LEU J 398 73.88 -44.10 -16.01
C LEU J 398 73.44 -45.42 -15.39
N LEU J 399 74.19 -46.51 -15.53
CA LEU J 399 73.66 -47.74 -15.00
C LEU J 399 73.71 -47.68 -13.47
N LEU J 400 74.64 -46.89 -12.97
CA LEU J 400 74.80 -46.62 -11.56
C LEU J 400 73.54 -45.93 -11.05
N TYR J 401 73.09 -44.97 -11.84
CA TYR J 401 71.94 -44.15 -11.51
C TYR J 401 70.70 -45.01 -11.64
N THR J 402 70.73 -45.97 -12.55
CA THR J 402 69.65 -46.92 -12.66
C THR J 402 69.57 -47.75 -11.36
N CYS J 403 70.73 -48.26 -10.94
CA CYS J 403 70.84 -49.06 -9.72
C CYS J 403 70.61 -48.42 -8.34
N GLY J 404 71.02 -47.18 -8.13
CA GLY J 404 70.83 -46.51 -6.84
C GLY J 404 69.33 -46.38 -6.64
N SER J 405 68.69 -46.32 -7.79
CA SER J 405 67.26 -46.15 -8.00
C SER J 405 66.50 -47.46 -7.67
N SER J 406 67.03 -48.62 -8.05
CA SER J 406 66.30 -49.88 -7.86
C SER J 406 67.19 -51.08 -7.46
N THR J 407 66.57 -52.03 -6.77
CA THR J 407 67.20 -53.25 -6.24
C THR J 407 67.50 -54.50 -7.11
N GLU J 408 66.51 -55.37 -7.13
CA GLU J 408 66.42 -56.64 -7.87
C GLU J 408 66.50 -56.42 -9.36
N ALA J 409 65.94 -55.30 -9.78
CA ALA J 409 65.83 -54.88 -11.16
C ALA J 409 67.22 -54.72 -11.77
N THR J 410 68.21 -54.24 -11.03
CA THR J 410 69.54 -54.19 -11.63
C THR J 410 70.13 -55.55 -12.05
N ARG J 411 69.45 -56.67 -11.75
CA ARG J 411 69.84 -57.95 -12.35
C ARG J 411 69.66 -57.90 -13.88
N ALA J 412 68.62 -57.17 -14.29
CA ALA J 412 68.35 -56.86 -15.68
C ALA J 412 69.52 -56.06 -16.25
N VAL J 413 70.08 -55.21 -15.40
CA VAL J 413 71.23 -54.37 -15.76
C VAL J 413 72.36 -55.37 -15.92
N MET J 414 72.47 -56.33 -15.02
CA MET J 414 73.58 -57.26 -15.07
C MET J 414 73.46 -58.07 -16.35
N ARG J 415 72.23 -58.26 -16.84
CA ARG J 415 72.08 -59.00 -18.08
C ARG J 415 72.76 -58.28 -19.24
N HIS J 416 72.65 -56.96 -19.33
CA HIS J 416 73.35 -56.28 -20.41
C HIS J 416 74.85 -56.29 -20.20
N LEU J 417 75.27 -56.46 -18.95
CA LEU J 417 76.69 -56.55 -18.68
C LEU J 417 77.24 -57.85 -19.26
N ALA J 418 76.34 -58.75 -19.64
CA ALA J 418 76.75 -60.04 -20.17
C ALA J 418 76.64 -59.94 -21.70
N MET J 419 76.11 -58.81 -22.17
CA MET J 419 75.73 -58.63 -23.57
C MET J 419 76.80 -57.73 -24.17
N VAL J 420 77.83 -57.53 -23.34
CA VAL J 420 79.01 -56.74 -23.64
C VAL J 420 80.07 -57.60 -24.33
N TYR J 421 80.41 -57.25 -25.56
CA TYR J 421 81.29 -58.06 -26.39
C TYR J 421 82.35 -57.13 -26.95
N GLN J 422 82.25 -55.88 -26.56
CA GLN J 422 83.05 -54.81 -27.13
C GLN J 422 84.32 -54.65 -26.31
N HIS J 423 84.26 -55.13 -25.06
CA HIS J 423 85.38 -55.08 -24.13
C HIS J 423 85.68 -53.65 -23.69
N GLY J 424 84.67 -52.79 -23.77
CA GLY J 424 84.82 -51.36 -23.58
C GLY J 424 85.28 -50.62 -24.81
N SER J 425 86.35 -49.84 -24.68
CA SER J 425 87.01 -49.27 -25.85
C SER J 425 88.53 -49.27 -25.68
N LEU J 426 89.26 -49.53 -26.76
CA LEU J 426 90.71 -49.67 -26.69
C LEU J 426 91.46 -48.36 -26.94
N GLN J 427 90.74 -47.31 -27.30
CA GLN J 427 91.39 -46.07 -27.68
C GLN J 427 91.98 -45.37 -26.46
N GLY J 428 93.23 -44.92 -26.59
CA GLY J 428 93.90 -44.21 -25.52
C GLY J 428 94.47 -45.08 -24.41
N LEU J 429 94.40 -46.40 -24.60
CA LEU J 429 94.83 -47.35 -23.57
C LEU J 429 95.81 -48.37 -24.15
N SER J 430 96.75 -48.82 -23.33
CA SER J 430 97.80 -49.72 -23.80
C SER J 430 98.37 -50.62 -22.71
N VAL J 431 98.44 -51.92 -23.00
CA VAL J 431 98.96 -52.94 -22.09
C VAL J 431 100.38 -52.61 -21.58
N THR J 432 100.95 -51.55 -22.13
CA THR J 432 102.27 -51.11 -21.71
C THR J 432 102.23 -49.75 -20.99
N LYS J 433 101.11 -49.48 -20.32
CA LYS J 433 100.96 -48.23 -19.58
C LYS J 433 100.98 -48.54 -18.09
N ARG J 434 100.52 -49.73 -17.72
CA ARG J 434 100.47 -50.14 -16.32
C ARG J 434 101.89 -50.31 -15.74
N PRO J 435 102.77 -51.11 -16.38
CA PRO J 435 104.14 -51.19 -15.85
C PRO J 435 104.96 -49.89 -16.02
N LEU J 436 104.62 -49.09 -17.02
CA LEU J 436 105.31 -47.83 -17.38
C LEU J 436 106.60 -48.11 -18.17
N TRP J 437 106.61 -49.18 -18.95
CA TRP J 437 107.84 -49.59 -19.63
C TRP J 437 107.66 -49.71 -21.14
N ARG J 438 108.76 -49.55 -21.87
CA ARG J 438 108.80 -49.85 -23.29
C ARG J 438 109.62 -51.11 -23.54
N GLN J 439 109.63 -52.02 -22.57
CA GLN J 439 110.49 -53.19 -22.65
C GLN J 439 109.90 -54.42 -21.96
N GLU J 440 110.36 -55.59 -22.42
CA GLU J 440 109.83 -56.88 -22.03
C GLU J 440 109.63 -57.05 -20.52
N SEP J 441 108.52 -57.69 -20.17
CA SEP J 441 108.12 -57.95 -18.78
CB SEP J 441 106.76 -57.31 -18.51
OG SEP J 441 105.82 -57.74 -19.48
C SEP J 441 108.04 -59.46 -18.53
O SEP J 441 108.49 -60.25 -19.36
P SEP J 441 104.98 -56.50 -20.04
O1P SEP J 441 104.33 -56.89 -21.46
O2P SEP J 441 105.94 -55.22 -20.21
O3P SEP J 441 103.79 -56.16 -19.00
N ILE J 442 107.49 -59.85 -17.37
CA ILE J 442 107.24 -61.27 -17.12
C ILE J 442 105.99 -61.65 -17.91
N GLN J 443 105.08 -60.69 -18.03
CA GLN J 443 103.86 -60.87 -18.80
C GLN J 443 104.26 -61.03 -20.27
N SER J 444 105.35 -60.37 -20.66
CA SER J 444 105.88 -60.45 -22.02
C SER J 444 106.48 -61.83 -22.31
N LEU J 445 107.07 -62.44 -21.30
CA LEU J 445 107.57 -63.81 -21.44
C LEU J 445 106.40 -64.78 -21.69
N ARG J 446 105.22 -64.41 -21.21
CA ARG J 446 104.06 -65.28 -21.40
C ARG J 446 103.55 -65.22 -22.85
N ASN J 447 103.98 -64.19 -23.59
CA ASN J 447 103.55 -63.98 -24.98
C ASN J 447 104.64 -63.72 -26.04
N THR J 448 104.31 -63.99 -27.29
CA THR J 448 105.19 -63.79 -28.44
C THR J 448 105.28 -62.35 -28.98
N THR J 449 104.32 -61.50 -28.65
CA THR J 449 104.38 -60.08 -28.99
C THR J 449 104.58 -59.10 -27.83
N GLU J 450 104.66 -57.81 -28.15
CA GLU J 450 104.88 -56.77 -27.15
C GLU J 450 103.55 -56.50 -26.47
N GLN J 451 102.46 -56.73 -27.19
CA GLN J 451 101.13 -56.45 -26.68
C GLN J 451 100.20 -57.65 -26.85
N ASP J 452 99.05 -57.60 -26.17
CA ASP J 452 97.95 -58.55 -26.36
C ASP J 452 96.77 -58.21 -25.44
N VAL J 453 97.08 -57.81 -24.20
CA VAL J 453 96.05 -57.46 -23.22
C VAL J 453 95.31 -56.27 -23.79
N LEU J 454 96.05 -55.39 -24.46
CA LEU J 454 95.55 -54.21 -25.18
C LEU J 454 94.24 -54.44 -25.94
N LYS J 455 94.13 -55.61 -26.56
CA LYS J 455 92.98 -55.98 -27.39
C LYS J 455 91.79 -55.96 -26.46
N ALA J 456 91.93 -56.51 -25.26
CA ALA J 456 90.82 -56.65 -24.35
C ALA J 456 91.29 -55.86 -23.11
N ILE J 457 91.95 -54.72 -23.37
CA ILE J 457 92.55 -53.90 -22.29
C ILE J 457 91.63 -53.54 -21.13
N ASN J 458 90.36 -53.27 -21.44
CA ASN J 458 89.44 -52.86 -20.41
C ASN J 458 88.77 -54.02 -19.72
N VAL J 459 89.41 -55.18 -19.68
CA VAL J 459 88.82 -56.31 -18.98
C VAL J 459 88.72 -56.05 -17.48
N ASN J 460 89.69 -55.33 -16.92
CA ASN J 460 89.63 -54.95 -15.51
C ASN J 460 89.00 -53.56 -15.29
N SER J 461 88.80 -52.82 -16.39
CA SER J 461 88.23 -51.47 -16.36
C SER J 461 86.79 -51.72 -15.93
N PHE J 462 86.30 -52.85 -16.42
CA PHE J 462 84.98 -53.40 -16.17
C PHE J 462 84.79 -53.64 -14.70
N VAL J 463 85.83 -54.19 -14.07
CA VAL J 463 85.81 -54.50 -12.66
C VAL J 463 85.63 -53.27 -11.76
N GLU J 464 86.30 -52.16 -12.05
CA GLU J 464 86.09 -50.95 -11.23
C GLU J 464 84.61 -50.48 -11.25
N CYS J 465 84.05 -50.49 -12.46
CA CYS J 465 82.63 -50.19 -12.68
C CYS J 465 81.80 -51.15 -11.87
N GLY J 466 82.19 -52.42 -11.95
CA GLY J 466 81.54 -53.51 -11.27
C GLY J 466 81.50 -53.42 -9.76
N ILE J 467 82.60 -53.01 -9.13
CA ILE J 467 82.59 -52.89 -7.68
C ILE J 467 81.65 -51.76 -7.31
N ASN J 468 81.68 -50.68 -8.11
CA ASN J 468 80.73 -49.60 -7.87
C ASN J 468 79.26 -50.07 -8.02
N LEU J 469 78.97 -50.81 -9.09
CA LEU J 469 77.64 -51.39 -9.36
C LEU J 469 77.13 -52.37 -8.30
N PHE J 470 78.06 -53.15 -7.77
CA PHE J 470 77.81 -54.14 -6.73
C PHE J 470 77.36 -53.37 -5.51
N SER J 471 78.11 -52.31 -5.26
CA SER J 471 77.92 -51.37 -4.15
C SER J 471 76.61 -50.56 -4.23
N GLU J 472 76.25 -50.13 -5.43
CA GLU J 472 75.06 -49.30 -5.66
C GLU J 472 73.65 -49.82 -5.41
N SER J 473 73.39 -51.11 -5.54
CA SER J 473 72.03 -51.56 -5.26
C SER J 473 72.24 -52.35 -3.98
N MET J 474 73.49 -52.27 -3.53
CA MET J 474 73.97 -52.91 -2.31
C MET J 474 73.71 -54.38 -2.57
N SER J 475 74.13 -54.82 -3.75
CA SER J 475 73.55 -55.99 -4.42
C SER J 475 73.82 -57.34 -3.80
N LYS J 476 74.41 -57.35 -2.60
CA LYS J 476 74.89 -58.56 -1.90
C LYS J 476 75.12 -59.82 -2.74
N SER J 477 74.94 -60.96 -2.09
CA SER J 477 75.09 -62.27 -2.73
C SER J 477 74.04 -62.54 -3.82
N ASP J 478 73.07 -61.64 -3.96
CA ASP J 478 72.01 -61.84 -4.95
C ASP J 478 72.48 -61.77 -6.40
N LEU J 479 73.35 -60.81 -6.68
CA LEU J 479 73.90 -60.58 -8.02
C LEU J 479 75.22 -61.32 -8.30
N SER J 480 75.61 -62.24 -7.41
CA SER J 480 76.87 -63.00 -7.57
C SER J 480 77.13 -64.02 -8.69
N GLN J 481 76.12 -64.75 -9.16
CA GLN J 481 76.30 -65.67 -10.29
C GLN J 481 76.70 -64.89 -11.53
N GLU J 482 76.12 -63.69 -11.58
CA GLU J 482 76.38 -62.76 -12.64
C GLU J 482 77.77 -62.25 -12.46
N PHE J 483 78.20 -61.82 -11.26
CA PHE J 483 79.49 -61.18 -11.30
C PHE J 483 80.55 -62.28 -11.42
N GLU J 484 80.23 -63.56 -11.14
CA GLU J 484 81.33 -64.55 -11.22
C GLU J 484 81.55 -64.63 -12.69
N ALA J 485 80.43 -64.65 -13.44
CA ALA J 485 80.50 -64.71 -14.90
C ALA J 485 80.95 -63.44 -15.65
N PHE J 486 80.85 -62.29 -15.01
CA PHE J 486 81.08 -61.01 -15.66
C PHE J 486 82.55 -60.63 -15.75
N PHE J 487 83.34 -61.02 -14.76
CA PHE J 487 84.75 -60.67 -14.73
C PHE J 487 85.60 -61.87 -15.14
N GLN J 488 84.93 -62.88 -15.67
CA GLN J 488 85.56 -64.13 -16.09
C GLN J 488 86.38 -64.00 -17.38
N GLY J 489 87.49 -64.71 -17.43
CA GLY J 489 88.35 -64.70 -18.61
C GLY J 489 89.16 -63.43 -18.65
N LYS J 490 89.28 -62.79 -17.48
CA LYS J 490 89.93 -61.50 -17.39
C LYS J 490 91.01 -61.42 -16.31
N SER J 491 91.94 -60.49 -16.50
CA SER J 491 93.03 -60.22 -15.55
C SER J 491 93.14 -58.75 -15.12
N LEU J 492 93.40 -58.53 -13.83
CA LEU J 492 93.60 -57.20 -13.24
C LEU J 492 95.06 -56.90 -12.92
N TYR J 493 95.57 -55.77 -13.37
CA TYR J 493 96.95 -55.44 -13.02
C TYR J 493 97.08 -54.05 -12.36
N ILE J 494 97.62 -54.08 -11.14
CA ILE J 494 97.99 -52.94 -10.28
C ILE J 494 99.48 -52.55 -10.18
N ASN J 495 99.80 -51.26 -10.32
CA ASN J 495 101.11 -50.77 -9.86
C ASN J 495 101.11 -50.37 -8.37
N SER J 496 102.21 -50.63 -7.67
CA SER J 496 102.35 -50.24 -6.25
C SER J 496 102.31 -48.73 -6.03
N GLU J 497 102.79 -48.00 -7.03
CA GLU J 497 102.83 -46.54 -7.02
C GLU J 497 101.42 -45.98 -7.10
N ASN J 498 100.57 -46.67 -7.86
CA ASN J 498 99.17 -46.28 -8.01
C ASN J 498 98.23 -47.38 -7.53
N ILE J 499 98.26 -47.62 -6.22
CA ILE J 499 97.36 -48.57 -5.55
C ILE J 499 96.08 -47.88 -5.09
N PRO J 500 94.95 -48.23 -5.71
CA PRO J 500 93.65 -47.74 -5.24
C PRO J 500 93.27 -48.28 -3.86
N ASP J 501 92.40 -47.53 -3.20
CA ASP J 501 91.86 -47.89 -1.88
C ASP J 501 90.59 -48.74 -2.05
N TYR J 502 89.92 -48.54 -3.18
CA TYR J 502 88.67 -49.21 -3.52
C TYR J 502 88.77 -50.70 -3.82
N LEU J 503 89.96 -51.27 -4.02
CA LEU J 503 89.92 -52.72 -4.21
C LEU J 503 89.41 -53.54 -3.01
N PHE J 504 89.74 -53.26 -1.76
CA PHE J 504 89.08 -54.06 -0.72
C PHE J 504 87.53 -53.79 -0.65
N ASP J 505 86.99 -52.85 -1.44
CA ASP J 505 85.53 -52.55 -1.48
C ASP J 505 84.57 -53.65 -1.96
N PHE J 506 85.00 -54.38 -2.99
CA PHE J 506 84.24 -55.47 -3.62
C PHE J 506 84.06 -56.54 -2.58
N PHE J 507 85.13 -56.73 -1.82
CA PHE J 507 85.25 -57.73 -0.78
C PHE J 507 84.25 -57.53 0.35
N GLU J 508 83.18 -56.77 0.09
CA GLU J 508 82.17 -56.48 1.10
C GLU J 508 81.41 -57.76 1.42
N TYR J 509 80.80 -58.33 0.39
CA TYR J 509 79.91 -59.47 0.57
C TYR J 509 80.46 -60.59 -0.28
N LEU J 510 81.31 -60.21 -1.25
CA LEU J 510 81.70 -61.27 -2.14
C LEU J 510 83.22 -61.28 -2.42
N PRO J 511 84.07 -61.50 -1.39
CA PRO J 511 85.50 -61.49 -1.73
C PRO J 511 85.99 -62.71 -2.55
N ASN J 512 85.28 -63.80 -2.36
CA ASN J 512 85.53 -65.08 -3.00
C ASN J 512 85.37 -65.08 -4.51
N CYS J 513 84.42 -64.30 -5.00
CA CYS J 513 84.22 -64.26 -6.45
C CYS J 513 85.41 -63.60 -7.15
N ALA J 514 86.43 -63.27 -6.37
CA ALA J 514 87.67 -62.70 -6.88
C ALA J 514 88.27 -63.74 -7.82
N SER J 515 88.06 -65.01 -7.50
CA SER J 515 88.55 -66.13 -8.31
C SER J 515 87.74 -66.40 -9.57
N ALA J 516 86.91 -65.46 -9.98
CA ALA J 516 86.40 -65.47 -11.35
C ALA J 516 87.53 -64.99 -12.27
N LEU J 517 88.22 -63.94 -11.82
CA LEU J 517 89.38 -63.36 -12.51
C LEU J 517 90.50 -64.39 -12.60
N ASP J 518 91.37 -64.27 -13.59
CA ASP J 518 92.55 -65.13 -13.61
C ASP J 518 93.72 -64.67 -12.74
N PHE J 519 94.45 -63.66 -13.22
CA PHE J 519 95.54 -63.04 -12.45
C PHE J 519 95.47 -61.56 -12.05
N VAL J 520 95.84 -61.30 -10.79
CA VAL J 520 95.81 -59.96 -10.22
C VAL J 520 97.31 -59.71 -10.31
N LYS J 521 97.70 -58.63 -10.98
CA LYS J 521 99.11 -58.41 -11.22
C LYS J 521 99.59 -57.15 -10.53
N LEU J 522 100.70 -57.33 -9.84
CA LEU J 522 101.35 -56.31 -9.04
C LEU J 522 102.78 -55.93 -9.38
N ASP J 523 103.04 -54.63 -9.49
CA ASP J 523 104.38 -54.15 -9.76
C ASP J 523 104.80 -53.41 -8.51
N PHE J 524 105.97 -53.80 -8.00
CA PHE J 524 106.48 -53.26 -6.73
C PHE J 524 107.80 -52.58 -7.01
N TYR J 525 107.82 -51.26 -6.91
CA TYR J 525 109.07 -50.49 -6.99
C TYR J 525 109.55 -49.84 -5.71
N GLU J 526 110.70 -49.16 -5.85
CA GLU J 526 111.39 -48.46 -4.76
C GLU J 526 111.89 -49.33 -3.62
N ARG J 527 110.97 -49.87 -2.83
CA ARG J 527 111.35 -50.71 -1.71
C ARG J 527 110.46 -51.93 -1.62
N ALA J 528 110.98 -53.00 -1.03
CA ALA J 528 110.22 -54.22 -0.87
C ALA J 528 109.06 -54.00 0.11
N THR J 529 109.16 -52.95 0.91
CA THR J 529 108.12 -52.60 1.88
C THR J 529 106.76 -52.41 1.23
N PRO J 553 105.38 -55.45 0.86
CA PRO J 553 104.18 -54.62 0.74
C PRO J 553 103.05 -55.01 1.68
N PRO J 554 103.03 -54.45 2.90
CA PRO J 554 101.99 -54.79 3.88
C PRO J 554 100.60 -54.40 3.38
N ARG J 555 100.53 -53.31 2.63
CA ARG J 555 99.27 -52.81 2.10
C ARG J 555 98.68 -53.76 1.05
N ALA J 556 99.56 -54.37 0.26
CA ALA J 556 99.17 -55.34 -0.77
C ALA J 556 98.62 -56.64 -0.21
N VAL J 557 99.30 -57.19 0.80
CA VAL J 557 98.93 -58.49 1.35
C VAL J 557 97.55 -58.42 1.98
N SER J 558 97.30 -57.33 2.71
CA SER J 558 96.05 -57.11 3.45
C SER J 558 94.85 -57.54 2.62
N LEU J 559 94.99 -57.39 1.31
CA LEU J 559 94.02 -57.82 0.31
C LEU J 559 93.90 -59.35 0.24
N PHE J 560 95.05 -60.04 0.32
CA PHE J 560 95.09 -61.48 0.17
C PHE J 560 94.84 -62.21 1.48
N PHE J 561 94.82 -61.45 2.57
CA PHE J 561 94.24 -61.95 3.82
C PHE J 561 92.72 -62.08 3.72
N ASN J 562 92.12 -61.29 2.84
CA ASN J 562 90.66 -61.29 2.72
C ASN J 562 90.13 -62.29 1.72
N TRP J 563 91.01 -62.85 0.89
CA TRP J 563 90.56 -63.78 -0.13
C TRP J 563 90.99 -65.25 0.04
N LYS J 564 90.12 -66.15 -0.40
CA LYS J 564 90.35 -67.60 -0.32
C LYS J 564 91.42 -68.14 -1.26
N GLN J 565 92.26 -69.03 -0.74
CA GLN J 565 93.23 -69.78 -1.54
C GLN J 565 92.52 -70.76 -2.49
N GLU J 566 93.13 -71.14 -3.61
CA GLU J 566 94.30 -70.47 -4.20
C GLU J 566 94.06 -69.83 -5.58
N PHE J 567 94.61 -68.64 -5.76
CA PHE J 567 94.57 -67.97 -7.07
C PHE J 567 95.27 -68.90 -8.04
N LYS J 568 94.85 -68.93 -9.30
CA LYS J 568 95.55 -69.78 -10.24
C LYS J 568 96.97 -69.27 -10.50
N THR J 569 97.07 -68.17 -11.26
CA THR J 569 98.35 -67.49 -11.48
C THR J 569 98.40 -66.04 -10.95
N LEU J 570 99.42 -65.78 -10.13
CA LEU J 570 99.69 -64.48 -9.48
C LEU J 570 101.00 -63.79 -9.95
N GLU J 571 100.94 -62.66 -10.64
CA GLU J 571 102.21 -62.18 -11.16
C GLU J 571 102.67 -60.80 -10.70
N VAL J 572 103.97 -60.79 -10.41
CA VAL J 572 104.78 -59.66 -9.95
C VAL J 572 106.05 -59.20 -10.75
N THR J 573 106.04 -57.91 -11.06
CA THR J 573 107.02 -57.10 -11.80
C THR J 573 107.81 -56.17 -10.86
N LEU J 574 109.14 -56.27 -10.82
CA LEU J 574 109.94 -55.56 -9.82
C LEU J 574 110.64 -54.48 -10.63
N ARG J 575 110.42 -53.23 -10.21
CA ARG J 575 111.09 -52.04 -10.74
C ARG J 575 111.89 -51.13 -9.78
N ASP J 576 112.97 -50.55 -10.33
CA ASP J 576 113.86 -49.61 -9.64
C ASP J 576 113.95 -49.81 -8.14
N ILE J 577 114.41 -50.99 -7.74
CA ILE J 577 114.60 -51.27 -6.33
C ILE J 577 116.09 -51.14 -6.00
N ASN J 578 116.36 -50.43 -4.92
CA ASN J 578 117.72 -50.25 -4.42
C ASN J 578 117.67 -50.54 -2.94
N LYS J 579 116.53 -51.07 -2.53
CA LYS J 579 116.24 -51.44 -1.15
C LYS J 579 115.51 -52.77 -1.16
N LEU J 580 116.25 -53.86 -1.28
CA LEU J 580 115.64 -55.19 -1.27
C LEU J 580 115.57 -55.70 0.15
N ASN J 581 114.75 -55.05 0.97
CA ASN J 581 114.65 -55.47 2.36
C ASN J 581 114.14 -56.89 2.35
N LYS J 582 115.08 -57.79 2.65
CA LYS J 582 114.84 -59.21 2.65
C LYS J 582 113.72 -59.60 3.62
N GLN J 583 113.38 -58.64 4.49
CA GLN J 583 112.24 -58.70 5.40
C GLN J 583 110.88 -58.53 4.70
N ASP J 584 110.82 -57.72 3.66
CA ASP J 584 109.55 -57.34 3.02
C ASP J 584 109.26 -58.22 1.80
N ILE J 585 110.24 -59.09 1.52
CA ILE J 585 110.26 -60.12 0.47
C ILE J 585 109.11 -61.02 0.86
N LYS J 586 109.07 -61.26 2.17
CA LYS J 586 108.11 -62.11 2.86
C LYS J 586 106.68 -61.63 2.63
N TYR J 587 106.45 -60.32 2.62
CA TYR J 587 105.09 -59.79 2.42
C TYR J 587 104.71 -60.27 1.02
N LEU J 588 105.68 -60.18 0.11
CA LEU J 588 105.49 -60.66 -1.25
C LEU J 588 105.22 -62.16 -1.13
N GLY J 589 105.83 -62.83 -0.16
CA GLY J 589 105.59 -64.24 0.11
C GLY J 589 104.12 -64.48 0.43
N LYS J 590 103.52 -63.62 1.26
CA LYS J 590 102.12 -63.73 1.64
C LYS J 590 101.29 -63.60 0.36
N ILE J 591 101.68 -62.68 -0.51
CA ILE J 591 100.98 -62.50 -1.78
C ILE J 591 101.15 -63.77 -2.62
N PHE J 592 102.36 -64.32 -2.61
CA PHE J 592 102.68 -65.52 -3.35
C PHE J 592 101.98 -66.78 -2.91
N SER J 593 101.61 -66.90 -1.63
CA SER J 593 100.96 -68.14 -1.21
C SER J 593 99.52 -68.21 -1.70
N SER J 594 99.01 -67.09 -2.20
CA SER J 594 97.64 -67.05 -2.69
C SER J 594 97.49 -67.83 -3.99
N ALA J 595 98.58 -67.96 -4.73
CA ALA J 595 98.54 -68.59 -6.05
C ALA J 595 99.20 -69.94 -6.24
N THR J 596 98.58 -70.75 -7.10
CA THR J 596 99.18 -72.01 -7.51
C THR J 596 100.41 -71.69 -8.35
N ASN J 597 100.32 -70.63 -9.17
CA ASN J 597 101.42 -70.19 -10.03
C ASN J 597 101.80 -68.73 -9.79
N LEU J 598 103.11 -68.51 -9.64
CA LEU J 598 103.73 -67.19 -9.51
C LEU J 598 104.73 -66.73 -10.58
N ARG J 599 104.53 -65.55 -11.17
CA ARG J 599 105.40 -65.23 -12.32
C ARG J 599 106.12 -63.93 -11.89
N LEU J 600 107.45 -63.93 -11.98
CA LEU J 600 108.30 -62.75 -11.72
C LEU J 600 109.31 -62.14 -12.72
N HIS J 601 109.20 -60.85 -12.98
CA HIS J 601 110.16 -60.14 -13.87
C HIS J 601 110.94 -59.12 -13.04
N ILE J 602 112.25 -59.27 -12.92
CA ILE J 602 113.02 -58.44 -12.02
C ILE J 602 113.90 -57.54 -12.88
N LYS J 603 113.52 -56.27 -12.79
CA LYS J 603 113.89 -55.19 -13.69
C LYS J 603 114.39 -53.93 -13.01
N ARG J 604 115.67 -53.62 -13.18
CA ARG J 604 116.31 -52.46 -12.57
C ARG J 604 116.43 -52.58 -11.07
N CYS J 605 116.47 -53.80 -10.58
CA CYS J 605 116.56 -54.02 -9.14
C CYS J 605 118.00 -54.22 -8.73
N ALA J 606 118.73 -53.12 -8.62
CA ALA J 606 120.16 -53.16 -8.29
C ALA J 606 120.41 -53.73 -6.89
N ALA J 607 119.38 -53.79 -6.07
CA ALA J 607 119.48 -54.40 -4.75
C ALA J 607 119.27 -55.92 -4.80
N MET J 608 118.88 -56.40 -5.97
CA MET J 608 118.64 -57.82 -6.25
C MET J 608 119.86 -58.53 -6.83
N ALA J 609 120.53 -59.37 -6.03
CA ALA J 609 121.70 -60.11 -6.52
C ALA J 609 121.47 -61.61 -6.28
N GLY J 610 122.22 -62.22 -5.38
CA GLY J 610 122.00 -63.63 -5.07
C GLY J 610 120.73 -63.73 -4.26
N ARG J 611 120.21 -62.56 -3.95
CA ARG J 611 119.13 -62.36 -3.00
C ARG J 611 117.80 -62.85 -3.59
N LEU J 612 117.85 -63.23 -4.86
CA LEU J 612 116.70 -63.86 -5.51
C LEU J 612 116.32 -65.12 -4.73
N SER J 613 117.31 -65.67 -4.02
CA SER J 613 117.09 -66.79 -3.12
C SER J 613 115.89 -66.56 -2.18
N SER J 614 115.78 -65.33 -1.68
CA SER J 614 114.75 -64.91 -0.71
C SER J 614 113.43 -64.92 -1.44
N VAL J 615 113.48 -64.49 -2.69
CA VAL J 615 112.35 -64.42 -3.59
C VAL J 615 111.83 -65.84 -3.80
N LEU J 616 112.73 -66.83 -3.89
CA LEU J 616 112.30 -68.19 -4.22
C LEU J 616 111.89 -68.99 -3.00
N ARG J 617 112.65 -68.92 -1.92
CA ARG J 617 112.36 -69.72 -0.72
C ARG J 617 110.89 -69.56 -0.32
N THR J 618 110.33 -68.38 -0.62
CA THR J 618 108.96 -68.02 -0.25
C THR J 618 107.97 -68.42 -1.34
N CYS J 619 108.49 -68.72 -2.53
CA CYS J 619 107.66 -69.15 -3.65
C CYS J 619 107.16 -70.58 -3.52
N LYS J 620 105.84 -70.74 -3.59
CA LYS J 620 105.25 -72.07 -3.68
C LYS J 620 105.71 -72.71 -4.98
N ASN J 621 105.77 -71.87 -6.01
CA ASN J 621 105.99 -72.35 -7.36
C ASN J 621 106.39 -71.20 -8.29
N MET J 622 107.66 -71.15 -8.65
CA MET J 622 108.16 -70.14 -9.59
C MET J 622 107.76 -70.55 -10.99
N HIS J 623 106.54 -70.19 -11.39
CA HIS J 623 105.96 -70.74 -12.62
C HIS J 623 106.64 -70.19 -13.88
N THR J 624 107.17 -68.96 -13.81
CA THR J 624 107.85 -68.34 -14.95
C THR J 624 108.89 -67.30 -14.50
N LEU J 625 110.14 -67.40 -14.97
CA LEU J 625 111.13 -66.37 -14.63
C LEU J 625 111.85 -65.66 -15.79
N MET J 626 111.71 -64.33 -15.81
CA MET J 626 112.37 -63.41 -16.74
C MET J 626 113.25 -62.34 -16.07
N VAL J 627 114.51 -62.17 -16.48
CA VAL J 627 115.41 -61.26 -15.76
C VAL J 627 116.14 -60.31 -16.71
N GLU J 628 115.92 -59.01 -16.53
CA GLU J 628 116.56 -57.97 -17.34
C GLU J 628 116.88 -56.68 -16.58
N ALA J 629 118.00 -56.05 -16.95
CA ALA J 629 118.45 -54.79 -16.37
C ALA J 629 118.69 -54.88 -14.87
N SER J 630 119.04 -56.07 -14.40
CA SER J 630 119.30 -56.28 -12.98
C SER J 630 120.54 -57.16 -12.81
N PRO J 631 121.12 -57.16 -11.60
CA PRO J 631 122.33 -57.96 -11.31
C PRO J 631 122.11 -59.47 -11.48
N LEU J 632 123.00 -60.11 -12.23
CA LEU J 632 122.81 -61.49 -12.64
C LEU J 632 124.05 -62.36 -12.70
N THR J 633 124.09 -63.49 -12.00
CA THR J 633 125.28 -64.30 -12.13
C THR J 633 124.76 -65.59 -12.74
N THR J 634 125.64 -66.49 -13.17
CA THR J 634 125.21 -67.75 -13.80
C THR J 634 124.55 -68.77 -12.86
N ASP J 635 124.93 -68.69 -11.60
CA ASP J 635 124.41 -69.53 -10.52
C ASP J 635 122.92 -69.40 -10.28
N ASP J 636 122.34 -68.25 -10.53
CA ASP J 636 120.91 -68.08 -10.30
C ASP J 636 120.10 -69.07 -11.20
N GLU J 637 120.81 -69.74 -12.12
CA GLU J 637 120.23 -70.73 -13.04
C GLU J 637 119.55 -71.85 -12.26
N GLN J 638 120.20 -72.24 -11.18
CA GLN J 638 119.76 -73.26 -10.26
C GLN J 638 118.39 -72.94 -9.66
N TYR J 639 118.10 -71.68 -9.34
CA TYR J 639 116.77 -71.38 -8.80
C TYR J 639 115.75 -71.72 -9.88
N ILE J 640 116.12 -71.48 -11.13
CA ILE J 640 115.25 -71.75 -12.27
C ILE J 640 114.99 -73.27 -12.26
N THR J 641 116.05 -74.04 -12.00
CA THR J 641 115.98 -75.51 -11.96
C THR J 641 115.36 -76.11 -10.69
N SER J 642 115.21 -75.33 -9.63
CA SER J 642 114.62 -75.89 -8.41
C SER J 642 113.14 -76.15 -8.67
N VAL J 643 112.54 -75.31 -9.51
CA VAL J 643 111.13 -75.42 -9.85
C VAL J 643 110.80 -76.25 -11.10
N THR J 644 110.19 -77.41 -10.91
CA THR J 644 109.94 -78.39 -11.97
C THR J 644 108.65 -77.95 -12.67
N GLY J 645 107.94 -77.06 -11.98
CA GLY J 645 106.65 -76.52 -12.38
C GLY J 645 106.71 -75.47 -13.48
N LEU J 646 107.92 -75.18 -13.96
CA LEU J 646 108.16 -74.10 -14.93
C LEU J 646 107.57 -74.34 -16.31
N GLN J 647 106.68 -73.42 -16.71
CA GLN J 647 106.07 -73.42 -18.03
C GLN J 647 106.80 -72.53 -19.03
N ASN J 648 107.17 -71.33 -18.61
CA ASN J 648 107.78 -70.33 -19.48
C ASN J 648 109.13 -69.82 -18.96
N LEU J 649 110.21 -69.91 -19.76
CA LEU J 649 111.48 -69.35 -19.29
C LEU J 649 112.32 -68.51 -20.28
N SER J 650 112.51 -67.24 -19.96
CA SER J 650 113.39 -66.32 -20.72
C SER J 650 114.43 -65.65 -19.82
N ILE J 651 115.61 -65.41 -20.37
CA ILE J 651 116.53 -64.41 -19.83
C ILE J 651 117.23 -63.74 -21.00
N HIS J 652 117.03 -62.43 -21.15
CA HIS J 652 117.51 -61.75 -22.36
C HIS J 652 118.65 -60.80 -22.10
N ARG J 653 119.32 -60.90 -20.96
CA ARG J 653 120.48 -60.07 -20.69
C ARG J 653 121.72 -60.80 -20.16
N LEU J 654 121.82 -62.11 -20.37
CA LEU J 654 123.08 -62.83 -20.16
C LEU J 654 124.25 -62.12 -20.85
N HIS J 655 124.22 -62.20 -22.17
CA HIS J 655 125.20 -61.60 -23.08
C HIS J 655 126.51 -62.41 -22.99
N THR J 656 126.47 -63.45 -22.17
CA THR J 656 127.56 -64.42 -21.91
C THR J 656 127.21 -65.88 -22.22
N GLN J 657 128.11 -66.60 -22.87
CA GLN J 657 127.86 -68.00 -23.24
C GLN J 657 127.63 -68.80 -21.95
N GLN J 658 126.73 -69.77 -22.05
CA GLN J 658 126.32 -70.57 -20.91
C GLN J 658 127.30 -71.71 -20.77
N LEU J 659 127.77 -71.91 -19.53
CA LEU J 659 128.74 -72.96 -19.21
C LEU J 659 128.38 -74.41 -19.57
N PRO J 660 129.35 -75.33 -19.39
CA PRO J 660 129.20 -76.78 -19.55
C PRO J 660 128.09 -77.40 -18.70
N GLY J 661 128.03 -76.99 -17.44
CA GLY J 661 127.03 -77.49 -16.52
C GLY J 661 125.82 -76.57 -16.46
N GLY J 662 125.65 -75.79 -17.52
CA GLY J 662 124.65 -74.73 -17.57
C GLY J 662 123.20 -75.18 -17.40
N LEU J 663 122.29 -74.22 -17.47
CA LEU J 663 120.88 -74.48 -17.23
C LEU J 663 120.27 -75.28 -18.39
N ILE J 664 120.93 -75.19 -19.54
CA ILE J 664 120.51 -75.89 -20.75
C ILE J 664 120.34 -77.41 -20.60
N ASP J 665 120.99 -78.03 -19.62
CA ASP J 665 120.84 -79.47 -19.44
C ASP J 665 120.04 -79.79 -18.18
N SER J 666 119.29 -78.82 -17.69
CA SER J 666 118.34 -79.05 -16.62
C SER J 666 116.93 -78.94 -17.17
N LEU J 667 116.83 -78.93 -18.49
CA LEU J 667 115.54 -79.10 -19.16
C LEU J 667 114.95 -80.46 -18.80
N GLY J 668 115.79 -81.33 -18.24
CA GLY J 668 115.39 -82.70 -17.98
C GLY J 668 114.55 -82.61 -16.73
N ASN J 669 114.59 -81.44 -16.10
CA ASN J 669 113.85 -81.18 -14.89
C ASN J 669 112.68 -80.31 -15.25
N LEU J 670 112.84 -79.41 -16.23
CA LEU J 670 111.66 -78.65 -16.51
C LEU J 670 111.01 -79.43 -17.65
N LYS J 671 110.04 -80.27 -17.31
CA LYS J 671 109.37 -81.08 -18.31
C LYS J 671 108.12 -80.38 -18.74
N ASN J 672 107.74 -79.40 -17.93
CA ASN J 672 106.49 -78.73 -18.12
C ASN J 672 106.65 -77.44 -18.90
N LEU J 673 107.87 -77.18 -19.37
CA LEU J 673 108.12 -75.92 -20.02
C LEU J 673 107.37 -76.05 -21.32
N GLU J 674 106.35 -75.26 -21.56
CA GLU J 674 105.69 -75.34 -22.84
C GLU J 674 106.22 -74.23 -23.74
N ARG J 675 106.88 -73.27 -23.12
CA ARG J 675 107.44 -72.14 -23.85
C ARG J 675 108.80 -71.64 -23.37
N LEU J 676 109.72 -71.55 -24.33
CA LEU J 676 111.07 -71.06 -24.10
C LEU J 676 111.40 -69.99 -25.13
N ILE J 677 111.84 -68.84 -24.66
CA ILE J 677 112.26 -67.76 -25.52
C ILE J 677 113.61 -67.25 -25.03
N LEU J 678 114.62 -67.41 -25.85
CA LEU J 678 115.97 -66.95 -25.53
C LEU J 678 116.32 -65.89 -26.55
N ASP J 679 116.54 -64.67 -26.08
CA ASP J 679 116.79 -63.57 -26.98
C ASP J 679 118.08 -62.84 -26.66
N ASP J 680 118.84 -62.72 -27.73
CA ASP J 680 120.15 -62.10 -27.84
C ASP J 680 121.10 -62.75 -26.85
N ILE J 681 121.09 -64.08 -26.82
CA ILE J 681 122.03 -64.78 -25.97
C ILE J 681 123.32 -65.21 -26.66
N ARG J 682 124.43 -64.89 -26.02
CA ARG J 682 125.76 -65.33 -26.43
C ARG J 682 125.95 -66.79 -26.02
N MET J 683 126.27 -67.71 -26.92
CA MET J 683 126.35 -69.11 -26.51
C MET J 683 127.38 -69.93 -27.28
N ASN J 684 127.71 -71.07 -26.70
CA ASN J 684 128.57 -72.05 -27.33
C ASN J 684 127.76 -73.10 -28.07
N GLU J 685 128.20 -73.35 -29.29
CA GLU J 685 127.55 -74.26 -30.20
C GLU J 685 127.45 -75.65 -29.57
N GLU J 686 128.53 -76.06 -28.90
CA GLU J 686 128.57 -77.36 -28.24
C GLU J 686 127.55 -77.34 -27.10
N ASP J 687 127.45 -76.20 -26.43
CA ASP J 687 126.46 -75.96 -25.36
C ASP J 687 125.05 -76.04 -25.96
N ALA J 688 124.90 -75.57 -27.20
CA ALA J 688 123.64 -75.63 -27.93
C ALA J 688 123.30 -77.12 -28.12
N LYS J 689 124.30 -77.93 -28.44
CA LYS J 689 124.11 -79.38 -28.57
C LYS J 689 123.64 -79.98 -27.22
N ASN J 690 124.23 -79.49 -26.13
CA ASN J 690 123.84 -79.91 -24.78
C ASN J 690 122.36 -79.52 -24.54
N LEU J 691 121.99 -78.36 -25.06
CA LEU J 691 120.64 -77.78 -25.04
C LEU J 691 119.71 -78.73 -25.79
N ALA J 692 120.26 -79.30 -26.86
CA ALA J 692 119.65 -80.28 -27.75
C ALA J 692 119.29 -81.52 -26.93
N GLU J 693 120.21 -81.96 -26.07
CA GLU J 693 120.00 -83.13 -25.21
C GLU J 693 118.76 -82.91 -24.32
N GLY J 694 118.52 -81.66 -23.98
CA GLY J 694 117.41 -81.20 -23.18
C GLY J 694 116.03 -81.37 -23.84
N LEU J 695 115.95 -81.15 -25.14
CA LEU J 695 114.69 -81.22 -25.88
C LEU J 695 113.94 -82.56 -25.84
N ARG J 696 114.60 -83.68 -25.56
CA ARG J 696 113.87 -84.94 -25.46
C ARG J 696 112.84 -84.83 -24.34
N SER J 697 113.17 -84.05 -23.31
CA SER J 697 112.29 -83.97 -22.16
C SER J 697 111.29 -82.85 -22.45
N LEU J 698 111.56 -82.12 -23.53
CA LEU J 698 110.73 -81.00 -23.94
C LEU J 698 109.70 -81.36 -25.01
N LYS J 699 108.96 -82.44 -24.75
CA LYS J 699 108.01 -83.00 -25.71
C LYS J 699 106.66 -82.44 -25.31
N LYS J 700 106.65 -81.80 -24.16
CA LYS J 700 105.44 -81.27 -23.56
C LYS J 700 105.37 -79.79 -23.90
N MET J 701 106.41 -79.34 -24.59
CA MET J 701 106.61 -77.95 -24.97
C MET J 701 105.82 -77.59 -26.24
N ARG J 702 105.14 -76.44 -26.21
CA ARG J 702 104.38 -75.99 -27.38
C ARG J 702 105.14 -74.96 -28.21
N LEU J 703 106.22 -74.45 -27.63
CA LEU J 703 106.94 -73.31 -28.22
C LEU J 703 108.44 -73.33 -27.96
N LEU J 704 109.23 -73.19 -29.02
CA LEU J 704 110.66 -73.02 -28.82
C LEU J 704 111.08 -71.94 -29.80
N HIS J 705 111.66 -70.87 -29.24
CA HIS J 705 112.27 -69.80 -30.01
C HIS J 705 113.70 -69.54 -29.62
N LEU J 706 114.64 -69.72 -30.53
CA LEU J 706 115.99 -69.26 -30.25
C LEU J 706 116.42 -68.23 -31.29
N THR J 707 116.55 -66.98 -30.84
CA THR J 707 116.74 -65.83 -31.72
C THR J 707 117.90 -64.95 -31.26
N HIS J 708 118.59 -64.33 -32.22
CA HIS J 708 119.66 -63.37 -31.94
C HIS J 708 120.77 -64.03 -31.15
N LEU J 709 120.97 -65.32 -31.41
CA LEU J 709 122.03 -66.12 -30.81
C LEU J 709 123.29 -65.97 -31.63
N SER J 710 124.34 -65.46 -31.00
CA SER J 710 125.61 -65.21 -31.68
C SER J 710 126.59 -66.26 -31.21
N ASP J 711 127.58 -66.63 -32.02
CA ASP J 711 128.56 -67.60 -31.50
C ASP J 711 127.90 -68.96 -31.44
N ILE J 712 126.71 -69.08 -32.03
CA ILE J 712 125.97 -70.31 -32.01
C ILE J 712 126.50 -71.27 -33.06
N GLY J 713 127.15 -70.76 -34.11
CA GLY J 713 127.64 -71.65 -35.16
C GLY J 713 126.71 -72.76 -35.58
N GLU J 714 127.27 -73.96 -35.73
CA GLU J 714 126.47 -75.11 -36.11
C GLU J 714 125.75 -75.71 -34.91
N GLY J 715 125.75 -75.00 -33.79
CA GLY J 715 125.15 -75.54 -32.59
C GLY J 715 123.66 -75.62 -32.87
N MET J 716 123.21 -74.68 -33.71
CA MET J 716 121.81 -74.60 -34.04
C MET J 716 121.38 -75.76 -34.93
N ASP J 717 122.33 -76.21 -35.73
CA ASP J 717 122.23 -77.40 -36.58
C ASP J 717 121.94 -78.61 -35.71
N TYR J 718 122.66 -78.63 -34.59
CA TYR J 718 122.60 -79.65 -33.55
C TYR J 718 121.26 -79.62 -32.85
N ILE J 719 120.77 -78.42 -32.55
CA ILE J 719 119.51 -78.24 -31.83
C ILE J 719 118.47 -78.85 -32.78
N VAL J 720 118.57 -78.48 -34.06
CA VAL J 720 117.68 -78.99 -35.10
C VAL J 720 117.80 -80.53 -35.14
N LYS J 721 119.01 -81.05 -35.00
CA LYS J 721 119.25 -82.49 -34.97
C LYS J 721 118.38 -83.08 -33.85
N SER J 722 118.42 -82.46 -32.68
CA SER J 722 117.66 -82.88 -31.48
C SER J 722 116.16 -82.86 -31.79
N LEU J 723 115.78 -81.94 -32.65
CA LEU J 723 114.41 -81.74 -33.11
C LEU J 723 114.06 -82.96 -33.93
N SER J 724 114.93 -83.38 -34.85
CA SER J 724 114.52 -84.36 -35.83
C SER J 724 114.89 -85.76 -35.36
N GLU J 725 115.54 -85.78 -34.20
CA GLU J 725 116.00 -86.99 -33.53
C GLU J 725 114.78 -87.83 -33.21
N GLU J 726 113.75 -87.13 -32.74
CA GLU J 726 112.55 -87.70 -32.15
C GLU J 726 111.35 -86.77 -32.37
N SER J 727 110.15 -87.34 -32.34
CA SER J 727 108.92 -86.54 -32.44
C SER J 727 108.79 -85.56 -31.28
N CYS J 728 108.02 -84.50 -31.49
CA CYS J 728 107.72 -83.53 -30.44
C CYS J 728 106.26 -83.10 -30.53
N ASP J 729 105.74 -82.52 -29.45
CA ASP J 729 104.37 -82.00 -29.47
C ASP J 729 104.41 -80.49 -29.77
N LEU J 730 105.59 -79.99 -30.11
CA LEU J 730 105.80 -78.57 -30.37
C LEU J 730 104.82 -78.00 -31.37
N GLN J 731 104.33 -76.81 -31.09
CA GLN J 731 103.39 -76.13 -31.96
C GLN J 731 104.10 -74.95 -32.65
N GLU J 732 105.23 -74.54 -32.07
CA GLU J 732 105.99 -73.38 -32.54
C GLU J 732 107.52 -73.59 -32.42
N MET J 733 108.23 -73.39 -33.54
CA MET J 733 109.71 -73.40 -33.60
C MET J 733 110.21 -72.18 -34.42
N LYS J 734 110.93 -71.28 -33.75
CA LYS J 734 111.61 -70.09 -34.33
C LYS J 734 113.14 -70.19 -34.38
N LEU J 735 113.66 -70.30 -35.60
CA LEU J 735 115.10 -70.31 -35.88
C LEU J 735 115.72 -69.05 -36.51
N VAL J 736 115.10 -67.89 -36.26
CA VAL J 736 115.48 -66.58 -36.84
C VAL J 736 116.70 -65.90 -36.20
N ALA J 737 117.64 -65.40 -37.01
CA ALA J 737 118.77 -64.57 -36.55
C ALA J 737 119.71 -65.38 -35.68
N CYS J 738 119.87 -66.62 -36.10
CA CYS J 738 120.87 -67.57 -35.65
C CYS J 738 121.53 -68.10 -36.92
N CYS J 739 122.64 -68.82 -36.80
CA CYS J 739 123.31 -69.23 -38.03
C CYS J 739 122.76 -70.54 -38.54
N LEU J 740 121.98 -70.38 -39.61
CA LEU J 740 121.27 -71.45 -40.31
C LEU J 740 121.90 -71.95 -41.61
N THR J 741 121.87 -73.26 -41.80
CA THR J 741 122.45 -73.87 -43.00
C THR J 741 121.32 -74.52 -43.82
N ALA J 742 121.53 -74.69 -45.14
CA ALA J 742 120.51 -75.35 -45.97
C ALA J 742 120.37 -76.81 -45.51
N ASN J 743 121.47 -77.31 -44.97
CA ASN J 743 121.57 -78.63 -44.36
C ASN J 743 120.67 -78.79 -43.14
N SER J 744 120.62 -77.76 -42.31
CA SER J 744 119.79 -77.78 -41.11
C SER J 744 118.31 -77.83 -41.51
N VAL J 745 118.00 -77.19 -42.62
CA VAL J 745 116.64 -77.21 -43.17
C VAL J 745 116.36 -78.62 -43.70
N LYS J 746 117.39 -79.25 -44.27
CA LYS J 746 117.29 -80.63 -44.75
C LYS J 746 117.00 -81.57 -43.56
N VAL J 747 117.72 -81.36 -42.47
CA VAL J 747 117.54 -82.11 -41.23
C VAL J 747 116.10 -81.90 -40.72
N LEU J 748 115.62 -80.66 -40.80
CA LEU J 748 114.25 -80.28 -40.40
C LEU J 748 113.24 -81.07 -41.22
N ALA J 749 113.60 -81.22 -42.48
CA ALA J 749 112.85 -81.92 -43.52
C ALA J 749 112.73 -83.41 -43.21
N GLN J 750 113.82 -84.04 -42.77
CA GLN J 750 113.81 -85.48 -42.56
C GLN J 750 112.77 -85.94 -41.51
N ASN J 751 112.63 -85.21 -40.41
CA ASN J 751 111.69 -85.57 -39.34
C ASN J 751 110.39 -84.77 -39.40
N LEU J 752 110.23 -83.96 -40.44
CA LEU J 752 109.08 -83.06 -40.49
C LEU J 752 107.73 -83.73 -40.36
N HIS J 753 107.59 -85.00 -40.72
CA HIS J 753 106.26 -85.56 -40.54
C HIS J 753 105.92 -85.67 -39.06
N ASN J 754 106.94 -85.74 -38.20
CA ASN J 754 106.75 -85.73 -36.75
C ASN J 754 106.56 -84.29 -36.25
N LEU J 755 107.05 -83.35 -37.05
CA LEU J 755 106.99 -81.93 -36.77
C LEU J 755 105.70 -81.37 -37.33
N ILE J 756 104.81 -82.26 -37.74
CA ILE J 756 103.49 -81.90 -38.22
C ILE J 756 102.67 -81.24 -37.11
N LYS J 757 103.10 -81.52 -35.89
CA LYS J 757 102.46 -81.02 -34.68
C LYS J 757 102.54 -79.50 -34.65
N LEU J 758 103.59 -78.98 -35.29
CA LEU J 758 103.84 -77.54 -35.38
C LEU J 758 102.82 -76.79 -36.20
N SER J 759 102.32 -75.70 -35.64
CA SER J 759 101.66 -74.68 -36.43
C SER J 759 102.75 -73.74 -36.88
N ILE J 760 103.89 -73.79 -36.17
CA ILE J 760 105.01 -72.92 -36.50
C ILE J 760 106.43 -73.53 -36.45
N LEU J 761 107.06 -73.47 -37.62
CA LEU J 761 108.44 -73.86 -37.87
C LEU J 761 108.83 -72.53 -38.50
N ASP J 762 109.69 -71.76 -37.82
CA ASP J 762 110.18 -70.52 -38.39
C ASP J 762 111.66 -70.34 -38.70
N ILE J 763 111.99 -70.46 -39.98
CA ILE J 763 113.33 -70.14 -40.44
C ILE J 763 113.43 -68.78 -41.18
N SER J 764 112.37 -67.97 -41.21
CA SER J 764 112.37 -66.81 -42.10
C SER J 764 113.39 -65.74 -41.68
N GLU J 765 113.67 -64.78 -42.56
CA GLU J 765 114.66 -63.73 -42.29
C GLU J 765 116.03 -64.38 -42.18
N ASN J 766 116.18 -65.50 -42.87
CA ASN J 766 117.43 -66.23 -42.87
C ASN J 766 118.05 -66.54 -44.21
N TYR J 767 119.35 -66.37 -44.22
CA TYR J 767 120.22 -66.67 -45.32
C TYR J 767 120.75 -68.02 -44.90
N LEU J 768 120.69 -68.95 -45.85
CA LEU J 768 121.19 -70.29 -45.64
C LEU J 768 122.52 -70.13 -46.32
N GLU J 769 123.45 -71.06 -46.14
CA GLU J 769 124.77 -70.73 -46.61
C GLU J 769 124.77 -70.74 -48.13
N LYS J 770 124.68 -71.93 -48.71
CA LYS J 770 124.68 -72.16 -50.16
C LYS J 770 123.36 -72.68 -50.73
N ASP J 771 123.02 -72.36 -51.98
CA ASP J 771 121.74 -72.82 -52.51
C ASP J 771 120.47 -72.68 -51.66
N GLY J 772 120.37 -71.57 -50.94
CA GLY J 772 119.32 -71.29 -49.98
C GLY J 772 117.97 -71.36 -50.68
N ASN J 773 117.83 -70.75 -51.84
CA ASN J 773 116.55 -70.77 -52.55
C ASN J 773 116.22 -72.22 -52.97
N GLU J 774 117.21 -73.05 -53.24
CA GLU J 774 116.98 -74.47 -53.59
C GLU J 774 116.32 -75.30 -52.43
N ALA J 775 116.14 -74.65 -51.28
CA ALA J 775 115.53 -75.19 -50.05
C ALA J 775 114.08 -75.52 -50.38
N LEU J 776 113.52 -74.67 -51.22
CA LEU J 776 112.15 -74.72 -51.69
C LEU J 776 111.86 -76.03 -52.40
N GLN J 777 112.80 -76.59 -53.16
CA GLN J 777 112.46 -77.88 -53.78
C GLN J 777 112.19 -78.94 -52.70
N GLU J 778 112.93 -78.90 -51.61
CA GLU J 778 112.71 -79.78 -50.47
C GLU J 778 111.32 -79.59 -49.89
N LEU J 779 110.91 -78.33 -49.89
CA LEU J 779 109.59 -77.92 -49.42
C LEU J 779 108.52 -78.48 -50.32
N ILE J 780 108.69 -78.49 -51.64
CA ILE J 780 107.59 -78.98 -52.46
C ILE J 780 107.31 -80.42 -52.02
N GLY J 781 108.36 -81.17 -51.67
CA GLY J 781 108.17 -82.54 -51.24
C GLY J 781 107.43 -82.64 -49.90
N ARG J 782 107.59 -81.61 -49.09
CA ARG J 782 107.03 -81.54 -47.74
C ARG J 782 105.69 -80.82 -47.55
N LEU J 783 105.04 -80.38 -48.63
CA LEU J 783 103.76 -79.67 -48.50
C LEU J 783 102.60 -80.43 -47.86
N GLY J 784 102.63 -81.75 -47.91
CA GLY J 784 101.58 -82.56 -47.32
C GLY J 784 101.52 -82.32 -45.81
N VAL J 785 102.66 -81.99 -45.24
CA VAL J 785 102.76 -81.66 -43.83
C VAL J 785 102.99 -80.17 -43.61
N LEU J 786 103.45 -79.47 -44.65
CA LEU J 786 103.60 -78.01 -44.57
C LEU J 786 102.25 -77.30 -44.57
N GLY J 787 101.21 -77.98 -45.03
CA GLY J 787 99.86 -77.46 -44.94
C GLY J 787 99.41 -77.27 -43.49
N GLU J 788 100.01 -78.03 -42.59
CA GLU J 788 99.66 -78.00 -41.16
C GLU J 788 100.22 -76.80 -40.40
N LEU J 789 101.17 -76.09 -41.01
CA LEU J 789 101.64 -74.83 -40.46
C LEU J 789 100.55 -73.79 -40.63
N THR J 790 100.44 -72.87 -39.68
CA THR J 790 99.40 -71.86 -39.77
C THR J 790 99.86 -70.69 -40.62
N THR J 791 101.13 -70.67 -40.98
CA THR J 791 101.70 -69.54 -41.71
C THR J 791 102.86 -69.92 -42.64
N LEU J 792 103.17 -69.00 -43.55
CA LEU J 792 104.27 -69.16 -44.51
C LEU J 792 105.63 -68.60 -44.09
N MET J 793 106.63 -69.46 -43.96
CA MET J 793 107.97 -68.96 -43.68
C MET J 793 108.92 -69.43 -44.77
N LEU J 794 109.54 -68.51 -45.48
CA LEU J 794 110.28 -68.92 -46.65
C LEU J 794 111.77 -68.85 -46.39
N PRO J 795 112.57 -69.72 -47.05
CA PRO J 795 114.01 -69.52 -46.87
C PRO J 795 114.48 -68.50 -47.91
N TRP J 796 115.45 -67.62 -47.62
CA TRP J 796 115.82 -66.66 -48.66
C TRP J 796 117.32 -66.71 -48.80
N CYS J 797 117.81 -66.18 -49.91
CA CYS J 797 119.24 -66.12 -50.14
C CYS J 797 119.45 -65.09 -51.22
N TRP J 798 120.68 -64.96 -51.69
CA TRP J 798 120.94 -64.08 -52.82
C TRP J 798 120.36 -64.72 -54.09
N ASP J 799 119.54 -63.95 -54.80
CA ASP J 799 118.91 -64.38 -56.06
C ASP J 799 117.80 -65.43 -55.82
N VAL J 800 117.26 -65.41 -54.61
CA VAL J 800 116.22 -66.31 -54.11
C VAL J 800 114.98 -66.31 -55.01
N HIS J 801 114.68 -65.16 -55.60
CA HIS J 801 113.47 -64.94 -56.39
C HIS J 801 113.36 -65.83 -57.64
N THR J 802 114.51 -66.26 -58.13
CA THR J 802 114.64 -67.17 -59.28
C THR J 802 114.03 -68.53 -58.94
N SER J 803 113.78 -68.72 -57.65
CA SER J 803 113.17 -69.93 -57.06
C SER J 803 111.62 -69.86 -57.01
N LEU J 804 111.04 -68.77 -57.51
CA LEU J 804 109.58 -68.57 -57.47
C LEU J 804 108.72 -69.60 -58.24
N PRO J 805 109.11 -70.02 -59.46
CA PRO J 805 108.30 -71.07 -60.10
C PRO J 805 108.24 -72.32 -59.22
N LYS J 806 109.34 -72.60 -58.53
CA LYS J 806 109.50 -73.76 -57.66
C LYS J 806 108.49 -73.59 -56.54
N LEU J 807 108.36 -72.34 -56.13
CA LEU J 807 107.48 -71.84 -55.07
C LEU J 807 106.00 -71.98 -55.51
N LEU J 808 105.71 -71.84 -56.80
CA LEU J 808 104.32 -71.86 -57.28
C LEU J 808 103.57 -73.18 -57.03
N LYS J 809 104.23 -74.32 -57.07
CA LYS J 809 103.57 -75.59 -56.71
C LYS J 809 103.14 -75.49 -55.23
N GLN J 810 103.99 -74.83 -54.47
CA GLN J 810 103.80 -74.56 -53.03
C GLN J 810 102.65 -73.61 -52.74
N LEU J 811 102.33 -72.71 -53.66
CA LEU J 811 101.28 -71.71 -53.40
C LEU J 811 99.85 -72.21 -53.59
N GLU J 812 99.65 -73.42 -54.09
CA GLU J 812 98.33 -74.04 -53.99
C GLU J 812 98.08 -74.31 -52.51
N GLY J 813 99.14 -74.20 -51.72
CA GLY J 813 99.10 -74.35 -50.28
C GLY J 813 98.81 -73.04 -49.56
N THR J 814 98.52 -71.97 -50.31
CA THR J 814 98.18 -70.70 -49.68
C THR J 814 96.98 -70.71 -48.69
N PRO J 815 96.11 -71.74 -48.74
CA PRO J 815 95.03 -71.56 -47.75
C PRO J 815 95.27 -71.76 -46.23
N GLY J 816 96.28 -72.47 -45.70
CA GLY J 816 96.25 -72.58 -44.25
C GLY J 816 97.21 -71.56 -43.67
N LEU J 817 97.53 -70.61 -44.55
CA LEU J 817 98.41 -69.46 -44.38
C LEU J 817 97.86 -68.34 -43.48
N ALA J 818 98.53 -67.97 -42.39
CA ALA J 818 97.93 -66.91 -41.58
C ALA J 818 98.38 -65.64 -42.29
N LYS J 819 99.65 -65.61 -42.67
CA LYS J 819 100.25 -64.44 -43.33
C LYS J 819 100.85 -64.93 -44.65
N LEU J 820 101.06 -64.04 -45.61
CA LEU J 820 101.73 -64.41 -46.86
C LEU J 820 102.88 -63.47 -47.13
N GLY J 821 104.04 -64.02 -47.45
CA GLY J 821 105.09 -63.21 -48.02
C GLY J 821 106.08 -63.80 -48.99
N LEU J 822 106.75 -62.91 -49.69
CA LEU J 822 107.98 -63.23 -50.38
C LEU J 822 109.06 -62.44 -49.66
N LYS J 823 109.10 -62.57 -48.33
CA LYS J 823 110.00 -61.77 -47.51
C LYS J 823 111.49 -62.05 -47.72
N ASN J 824 112.24 -60.96 -47.69
CA ASN J 824 113.64 -60.85 -48.08
C ASN J 824 113.95 -61.57 -49.38
N TRP J 825 112.94 -61.75 -50.21
CA TRP J 825 113.12 -62.22 -51.56
C TRP J 825 113.58 -61.08 -52.44
N ARG J 826 114.72 -61.19 -53.11
CA ARG J 826 115.20 -60.03 -53.84
C ARG J 826 114.56 -60.18 -55.23
N LEU J 827 113.26 -59.90 -55.28
CA LEU J 827 112.37 -59.99 -56.47
C LEU J 827 112.38 -58.95 -57.58
N ARG J 828 112.12 -59.42 -58.80
CA ARG J 828 112.04 -58.58 -59.99
C ARG J 828 110.99 -57.53 -59.75
N ASP J 829 111.20 -56.31 -60.22
CA ASP J 829 110.24 -55.27 -59.95
C ASP J 829 108.85 -55.61 -60.54
N GLU J 830 108.85 -56.27 -61.70
CA GLU J 830 107.63 -56.75 -62.37
C GLU J 830 106.85 -57.85 -61.63
N GLU J 831 107.63 -58.79 -61.11
CA GLU J 831 107.18 -59.94 -60.32
C GLU J 831 106.02 -59.77 -59.33
N ILE J 832 105.95 -58.63 -58.68
CA ILE J 832 104.92 -58.42 -57.68
C ILE J 832 103.54 -58.46 -58.36
N LYS J 833 103.40 -57.90 -59.56
CA LYS J 833 102.11 -58.06 -60.25
C LYS J 833 101.98 -59.51 -60.76
N SER J 834 103.10 -60.11 -61.17
CA SER J 834 103.15 -61.49 -61.65
C SER J 834 102.59 -62.51 -60.64
N LEU J 835 103.03 -62.38 -59.40
CA LEU J 835 102.58 -63.22 -58.29
C LEU J 835 101.10 -62.93 -58.10
N GLY J 836 100.76 -61.68 -58.37
CA GLY J 836 99.44 -61.11 -58.32
C GLY J 836 98.59 -61.85 -59.33
N GLU J 837 99.14 -62.10 -60.52
CA GLU J 837 98.36 -62.84 -61.50
C GLU J 837 97.98 -64.23 -60.98
N PHE J 838 98.90 -64.95 -60.34
CA PHE J 838 98.58 -66.26 -59.73
C PHE J 838 97.45 -66.01 -58.73
N LEU J 839 97.58 -64.88 -58.03
CA LEU J 839 96.74 -64.42 -56.94
C LEU J 839 95.35 -64.10 -57.51
N GLU J 840 95.32 -63.72 -58.79
CA GLU J 840 94.03 -63.46 -59.44
C GLU J 840 93.43 -64.85 -59.58
N MET J 841 94.23 -65.79 -60.07
CA MET J 841 93.79 -67.17 -60.28
C MET J 841 93.58 -67.92 -58.95
N ASN J 842 93.70 -67.22 -57.82
CA ASN J 842 93.63 -67.83 -56.48
C ASN J 842 92.47 -67.46 -55.55
N PRO J 843 91.54 -68.40 -55.32
CA PRO J 843 90.23 -68.14 -54.74
C PRO J 843 90.32 -67.81 -53.23
N LEU J 844 91.49 -68.03 -52.65
CA LEU J 844 91.75 -67.68 -51.24
C LEU J 844 91.47 -66.21 -50.95
N ARG J 845 91.02 -65.93 -49.74
CA ARG J 845 90.59 -64.59 -49.35
C ARG J 845 90.87 -64.31 -47.87
N ASP J 846 90.71 -63.03 -47.47
CA ASP J 846 90.84 -62.64 -46.06
C ASP J 846 92.18 -62.55 -45.32
N LEU J 847 93.34 -62.72 -45.95
CA LEU J 847 94.52 -62.97 -45.14
C LEU J 847 94.82 -61.74 -44.27
N GLN J 848 95.56 -61.94 -43.18
CA GLN J 848 95.78 -60.85 -42.21
C GLN J 848 96.93 -59.91 -42.47
N GLN J 849 98.04 -60.42 -42.96
CA GLN J 849 99.19 -59.58 -43.28
C GLN J 849 100.03 -60.10 -44.41
N LEU J 850 100.58 -59.18 -45.20
CA LEU J 850 101.31 -59.57 -46.36
C LEU J 850 102.55 -58.91 -45.87
N ASP J 851 103.54 -59.76 -45.71
CA ASP J 851 104.84 -59.36 -45.25
C ASP J 851 105.73 -59.58 -46.42
N LEU J 852 106.12 -58.50 -47.04
CA LEU J 852 107.18 -58.59 -48.01
C LEU J 852 108.33 -57.79 -47.50
N ALA J 853 109.34 -58.50 -46.99
CA ALA J 853 110.49 -57.82 -46.44
C ALA J 853 111.10 -57.30 -47.72
N GLY J 854 111.88 -56.23 -47.60
CA GLY J 854 112.41 -55.57 -48.77
C GLY J 854 112.92 -56.36 -49.95
N HIS J 855 112.14 -56.29 -51.03
CA HIS J 855 112.51 -56.96 -52.27
C HIS J 855 113.11 -55.82 -53.07
N CYS J 856 113.74 -56.13 -54.20
CA CYS J 856 114.10 -55.10 -55.17
C CYS J 856 112.97 -54.38 -55.92
N VAL J 857 111.72 -54.52 -55.50
CA VAL J 857 110.68 -53.82 -56.24
C VAL J 857 110.44 -52.34 -55.90
N SER J 858 110.52 -51.57 -56.98
CA SER J 858 110.31 -50.13 -57.10
C SER J 858 108.84 -49.71 -57.03
N SER J 859 108.63 -48.41 -56.79
CA SER J 859 107.32 -47.78 -56.71
C SER J 859 106.59 -48.02 -58.02
N ASP J 860 107.34 -47.97 -59.11
CA ASP J 860 106.78 -48.25 -60.42
C ASP J 860 106.27 -49.71 -60.49
N GLY J 861 107.00 -50.61 -59.84
CA GLY J 861 106.68 -52.04 -59.74
C GLY J 861 105.38 -52.28 -59.00
N TRP J 862 105.31 -51.52 -57.92
CA TRP J 862 104.18 -51.44 -57.01
C TRP J 862 103.01 -50.92 -57.84
N LEU J 863 103.27 -50.01 -58.79
CA LEU J 863 102.22 -49.43 -59.65
C LEU J 863 101.51 -50.50 -60.47
N TYR J 864 102.30 -51.45 -60.96
CA TYR J 864 101.78 -52.61 -61.66
C TYR J 864 100.93 -53.34 -60.64
N PHE J 865 101.48 -53.46 -59.43
CA PHE J 865 100.84 -54.27 -58.39
C PHE J 865 99.49 -53.73 -57.91
N MET J 866 99.26 -52.42 -58.02
CA MET J 866 98.01 -51.86 -57.54
C MET J 866 96.87 -52.52 -58.30
N ASN J 867 97.18 -52.92 -59.53
CA ASN J 867 96.23 -53.59 -60.41
C ASN J 867 95.77 -54.92 -59.83
N VAL J 868 96.46 -55.40 -58.80
CA VAL J 868 96.08 -56.62 -58.10
C VAL J 868 95.67 -56.36 -56.66
N PHE J 869 96.30 -55.36 -56.04
CA PHE J 869 96.05 -55.03 -54.65
C PHE J 869 94.63 -54.60 -54.33
N GLU J 870 93.96 -53.97 -55.29
CA GLU J 870 92.60 -53.54 -55.01
C GLU J 870 91.68 -54.72 -54.68
N ASN J 871 91.83 -55.84 -55.39
CA ASN J 871 90.84 -56.91 -55.22
C ASN J 871 91.16 -57.80 -54.00
N LEU J 872 92.32 -57.57 -53.39
CA LEU J 872 92.73 -58.19 -52.13
C LEU J 872 92.37 -57.28 -50.97
N LYS J 873 91.20 -56.68 -51.05
CA LYS J 873 90.78 -55.65 -50.11
C LYS J 873 90.45 -56.28 -48.78
N GLN J 874 90.37 -57.61 -48.79
CA GLN J 874 90.04 -58.41 -47.62
C GLN J 874 91.25 -58.50 -46.69
N LEU J 875 92.39 -58.02 -47.17
CA LEU J 875 93.64 -58.07 -46.41
C LEU J 875 93.63 -57.17 -45.16
N VAL J 876 93.99 -57.73 -44.01
CA VAL J 876 93.91 -57.03 -42.72
C VAL J 876 95.10 -56.09 -42.47
N PHE J 877 96.31 -56.56 -42.79
CA PHE J 877 97.55 -55.82 -42.54
C PHE J 877 98.50 -56.04 -43.71
N PHE J 878 99.41 -55.11 -43.90
CA PHE J 878 100.29 -55.13 -45.05
C PHE J 878 101.53 -54.27 -44.80
N ASP J 879 102.69 -54.73 -45.25
CA ASP J 879 103.80 -53.81 -45.25
C ASP J 879 104.53 -54.03 -46.56
N PHE J 880 104.97 -52.93 -47.17
CA PHE J 880 105.64 -53.02 -48.45
C PHE J 880 107.00 -52.40 -48.22
N SER J 881 108.02 -53.25 -48.19
CA SER J 881 109.42 -52.81 -48.17
C SER J 881 110.23 -53.01 -49.45
N THR J 882 111.30 -52.23 -49.53
CA THR J 882 112.20 -52.18 -50.69
C THR J 882 113.50 -51.63 -50.11
N GLU J 883 114.65 -51.93 -50.71
CA GLU J 883 115.90 -51.53 -50.07
C GLU J 883 116.40 -50.16 -50.54
N GLU J 884 115.80 -49.63 -51.60
CA GLU J 884 116.19 -48.32 -52.13
C GLU J 884 115.07 -47.64 -52.95
N PHE J 885 114.02 -47.21 -52.28
CA PHE J 885 112.75 -46.84 -52.93
C PHE J 885 112.88 -45.63 -53.86
N LEU J 886 112.11 -45.62 -54.93
CA LEU J 886 112.04 -44.46 -55.81
C LEU J 886 111.39 -43.29 -55.06
N PRO J 887 111.88 -42.06 -55.27
CA PRO J 887 111.34 -40.86 -54.60
C PRO J 887 109.87 -40.49 -54.92
N ASP J 888 109.25 -41.07 -55.93
CA ASP J 888 107.92 -40.66 -56.38
C ASP J 888 106.72 -41.11 -55.53
N ALA J 889 105.87 -40.15 -55.18
CA ALA J 889 104.61 -40.43 -54.49
C ALA J 889 103.41 -40.67 -55.43
N ALA J 890 103.69 -40.80 -56.72
CA ALA J 890 102.69 -41.13 -57.74
C ALA J 890 102.00 -42.44 -57.37
N LEU J 891 102.80 -43.31 -56.77
CA LEU J 891 102.35 -44.57 -56.22
C LEU J 891 101.34 -44.40 -55.10
N VAL J 892 101.53 -43.44 -54.20
CA VAL J 892 100.60 -43.29 -53.08
C VAL J 892 99.27 -42.86 -53.70
N ARG J 893 99.35 -42.02 -54.72
CA ARG J 893 98.18 -41.56 -55.46
C ARG J 893 97.39 -42.76 -56.03
N LYS J 894 98.12 -43.65 -56.71
CA LYS J 894 97.54 -44.88 -57.26
C LYS J 894 96.98 -45.73 -56.10
N LEU J 895 97.61 -45.55 -54.95
CA LEU J 895 97.30 -46.21 -53.69
C LEU J 895 95.91 -45.72 -53.34
N SER J 896 95.69 -44.41 -53.44
CA SER J 896 94.42 -43.76 -53.16
C SER J 896 93.39 -44.39 -54.09
N GLN J 897 93.76 -44.68 -55.34
CA GLN J 897 92.76 -45.31 -56.21
C GLN J 897 92.37 -46.65 -55.59
N VAL J 898 93.38 -47.40 -55.15
CA VAL J 898 93.21 -48.68 -54.43
C VAL J 898 92.49 -48.61 -53.05
N LEU J 899 92.76 -47.55 -52.31
CA LEU J 899 92.23 -47.23 -50.99
C LEU J 899 90.70 -47.11 -50.88
N SER J 900 90.04 -46.64 -51.92
CA SER J 900 88.58 -46.65 -51.95
C SER J 900 88.15 -48.11 -51.99
N LYS J 901 88.93 -48.88 -52.74
CA LYS J 901 88.75 -50.31 -53.02
C LYS J 901 89.00 -51.18 -51.79
N LEU J 902 89.78 -50.70 -50.82
CA LEU J 902 90.07 -51.50 -49.62
C LEU J 902 89.17 -51.32 -48.39
N THR J 903 89.06 -52.41 -47.62
CA THR J 903 88.07 -52.54 -46.55
C THR J 903 88.60 -52.85 -45.15
N LEU J 904 89.06 -54.08 -44.94
CA LEU J 904 89.39 -54.55 -43.58
C LEU J 904 90.76 -54.15 -43.09
N LEU J 905 91.32 -53.09 -43.68
CA LEU J 905 92.70 -52.75 -43.39
C LEU J 905 92.71 -51.83 -42.19
N GLN J 906 93.61 -52.08 -41.26
CA GLN J 906 93.64 -51.29 -40.06
C GLN J 906 94.80 -50.30 -40.14
N GLU J 907 95.93 -50.74 -40.66
CA GLU J 907 97.06 -49.84 -40.86
C GLU J 907 97.95 -50.12 -42.04
N VAL J 908 98.49 -49.04 -42.60
CA VAL J 908 99.39 -49.04 -43.75
C VAL J 908 100.80 -49.06 -43.14
N LYS J 909 101.69 -49.90 -43.65
CA LYS J 909 103.08 -49.89 -43.18
C LYS J 909 104.13 -49.66 -44.27
N LEU J 910 104.99 -48.68 -44.03
CA LEU J 910 105.92 -48.16 -45.03
C LEU J 910 107.41 -48.48 -44.81
N THR J 911 107.68 -49.57 -44.10
CA THR J 911 109.04 -49.99 -43.74
C THR J 911 110.10 -49.80 -44.84
N GLY J 912 110.97 -48.81 -44.66
CA GLY J 912 112.09 -48.63 -45.58
C GLY J 912 111.97 -47.64 -46.74
N TRP J 913 110.77 -47.11 -46.99
CA TRP J 913 110.60 -46.17 -48.09
C TRP J 913 111.08 -44.76 -47.72
N GLU J 914 112.28 -44.43 -48.20
CA GLU J 914 112.91 -43.10 -48.13
C GLU J 914 112.26 -41.90 -48.85
N PHE J 915 111.03 -42.06 -49.37
CA PHE J 915 110.37 -40.94 -50.05
C PHE J 915 109.42 -40.02 -49.26
N ASP J 916 109.28 -38.80 -49.76
CA ASP J 916 108.24 -37.85 -49.33
C ASP J 916 106.91 -38.22 -50.00
N ASP J 917 105.79 -38.04 -49.31
CA ASP J 917 104.50 -38.37 -49.92
C ASP J 917 103.83 -37.19 -50.62
N TYR J 918 104.43 -36.01 -50.55
CA TYR J 918 103.83 -34.75 -51.02
C TYR J 918 102.38 -34.57 -50.59
N ASP J 919 101.70 -33.68 -51.32
CA ASP J 919 100.34 -33.22 -51.05
C ASP J 919 99.36 -34.40 -51.17
N ILE J 920 99.92 -35.56 -51.45
CA ILE J 920 99.22 -36.83 -51.64
C ILE J 920 99.01 -37.42 -50.25
N SER J 921 99.65 -36.81 -49.26
CA SER J 921 99.65 -37.37 -47.93
C SER J 921 98.39 -36.81 -47.29
N ALA J 922 97.71 -35.99 -48.07
CA ALA J 922 96.45 -35.39 -47.68
C ALA J 922 95.48 -36.56 -47.79
N ILE J 923 95.74 -37.41 -48.79
CA ILE J 923 94.96 -38.61 -49.05
C ILE J 923 95.76 -39.89 -48.84
N LYS J 924 96.78 -39.79 -47.99
CA LYS J 924 97.71 -40.88 -47.73
C LYS J 924 97.00 -42.20 -47.38
N GLY J 925 95.95 -42.10 -46.56
CA GLY J 925 95.16 -43.29 -46.24
C GLY J 925 93.85 -42.97 -45.57
N THR J 926 92.97 -43.96 -45.53
CA THR J 926 91.74 -43.89 -44.77
C THR J 926 91.94 -44.77 -43.55
N PHE J 927 93.19 -45.19 -43.35
CA PHE J 927 93.58 -45.93 -42.17
C PHE J 927 94.77 -45.28 -41.49
N LYS J 928 95.29 -45.92 -40.43
CA LYS J 928 96.39 -45.37 -39.65
C LYS J 928 97.67 -45.41 -40.49
N LEU J 929 98.67 -44.59 -40.14
CA LEU J 929 99.98 -44.75 -40.78
C LEU J 929 101.27 -44.58 -39.99
N VAL J 930 102.20 -45.49 -40.28
CA VAL J 930 103.54 -45.53 -39.70
C VAL J 930 104.53 -45.37 -40.85
N THR J 931 105.59 -44.60 -40.66
CA THR J 931 106.60 -44.47 -41.72
C THR J 931 107.37 -45.78 -41.84
N ALA J 932 107.18 -46.66 -40.87
CA ALA J 932 107.80 -47.98 -40.84
C ALA J 932 106.76 -49.08 -40.88
N VAL K 1 57.09 26.36 -8.91
CA VAL K 1 58.01 26.26 -10.04
C VAL K 1 57.90 27.48 -10.94
N THR K 2 59.04 27.96 -11.43
CA THR K 2 59.07 29.09 -12.35
C THR K 2 60.03 28.74 -13.50
N GLU K 3 60.25 29.70 -14.40
CA GLU K 3 61.11 29.46 -15.56
C GLU K 3 62.61 29.56 -15.26
N GLU K 4 62.97 30.16 -14.14
CA GLU K 4 64.39 30.29 -13.78
C GLU K 4 65.02 28.94 -13.48
N ASP K 5 64.18 27.95 -13.19
CA ASP K 5 64.64 26.60 -12.95
C ASP K 5 64.57 25.74 -14.21
N LEU K 6 64.38 26.37 -15.36
CA LEU K 6 64.42 25.63 -16.62
C LEU K 6 65.88 25.35 -17.01
N ASN K 7 66.80 25.90 -16.24
CA ASN K 7 68.21 25.53 -16.34
C ASN K 7 68.52 24.40 -15.36
N VAL K 8 67.50 23.98 -14.63
CA VAL K 8 67.59 22.79 -13.79
C VAL K 8 67.00 21.61 -14.56
N LEU K 9 65.75 21.77 -14.97
CA LEU K 9 65.02 20.71 -15.65
C LEU K 9 65.72 20.29 -16.93
N ALA K 10 66.34 21.26 -17.59
CA ALA K 10 67.02 20.98 -18.84
C ALA K 10 68.11 19.95 -18.59
N GLN K 11 68.87 20.13 -17.52
CA GLN K 11 69.91 19.17 -17.17
C GLN K 11 69.28 17.80 -16.94
N ASN K 12 68.13 17.80 -16.27
CA ASN K 12 67.41 16.56 -16.00
C ASN K 12 67.00 15.89 -17.31
N LEU K 13 66.62 16.69 -18.29
CA LEU K 13 66.26 16.16 -19.60
C LEU K 13 67.46 15.47 -20.21
N LYS K 14 68.64 16.06 -19.99
CA LYS K 14 69.88 15.51 -20.50
C LYS K 14 70.20 14.17 -19.87
N ASP K 15 69.62 13.91 -18.70
CA ASP K 15 69.79 12.62 -18.04
C ASP K 15 68.56 11.73 -18.21
N LEU K 16 67.58 12.20 -18.97
CA LEU K 16 66.44 11.36 -19.28
C LEU K 16 66.88 10.36 -20.32
N TYR K 17 67.74 10.82 -21.23
CA TYR K 17 68.28 10.05 -22.33
C TYR K 17 69.59 9.39 -21.90
N ASN K 18 70.10 9.81 -20.76
CA ASN K 18 71.26 9.14 -20.17
C ASN K 18 70.80 7.93 -19.38
N SER K 19 70.35 6.91 -20.12
CA SER K 19 70.01 5.62 -19.55
C SER K 19 70.12 4.55 -20.63
N PRO K 20 70.41 3.30 -20.22
CA PRO K 20 70.56 2.19 -21.17
C PRO K 20 69.32 1.94 -22.01
N ALA K 21 68.13 2.24 -21.49
CA ALA K 21 66.89 2.00 -22.21
C ALA K 21 66.92 2.73 -23.54
N PHE K 22 67.47 3.93 -23.50
CA PHE K 22 67.69 4.73 -24.69
C PHE K 22 68.85 4.14 -25.49
N LEU K 23 69.85 3.61 -24.79
CA LEU K 23 71.06 3.13 -25.44
C LEU K 23 71.13 1.61 -25.70
N ASN K 24 70.29 0.80 -25.09
CA ASN K 24 70.34 -0.64 -25.32
C ASN K 24 69.30 -0.98 -26.34
N PHE K 25 69.56 -1.90 -27.27
CA PHE K 25 68.49 -2.09 -28.23
C PHE K 25 67.64 -3.34 -28.15
N TYR K 26 66.88 -3.48 -29.23
CA TYR K 26 65.44 -3.32 -29.13
C TYR K 26 64.94 -3.30 -27.71
N PRO K 27 64.51 -2.11 -27.27
CA PRO K 27 64.01 -1.84 -25.92
C PRO K 27 62.63 -2.44 -25.71
N LEU K 28 62.59 -3.76 -25.49
CA LEU K 28 61.42 -4.45 -24.93
C LEU K 28 60.27 -4.65 -25.94
N GLY K 29 59.40 -5.64 -25.72
CA GLY K 29 59.57 -6.64 -24.68
C GLY K 29 60.64 -7.64 -25.06
N GLU K 30 60.93 -7.67 -26.36
CA GLU K 30 62.17 -8.20 -26.87
C GLU K 30 62.83 -7.10 -27.73
N ASP K 31 64.07 -6.67 -27.43
CA ASP K 31 65.05 -7.26 -26.50
C ASP K 31 65.34 -8.68 -27.00
N ILE K 32 65.26 -8.80 -28.33
CA ILE K 32 65.39 -10.07 -29.04
C ILE K 32 66.73 -10.82 -28.84
N ASP K 33 67.89 -10.16 -28.79
CA ASP K 33 68.18 -8.77 -29.20
C ASP K 33 68.12 -8.52 -30.71
N ILE K 34 67.56 -7.37 -31.11
CA ILE K 34 67.59 -6.97 -32.52
C ILE K 34 69.06 -6.95 -32.97
N ILE K 35 69.89 -6.17 -32.30
CA ILE K 35 71.31 -6.06 -32.70
C ILE K 35 72.24 -6.05 -31.49
N PHE K 36 72.31 -4.90 -30.82
CA PHE K 36 73.19 -4.66 -29.68
C PHE K 36 72.75 -3.39 -28.97
N ASN K 37 73.54 -2.94 -28.00
CA ASN K 37 73.35 -1.65 -27.35
C ASN K 37 73.42 -0.63 -28.49
N LEU K 38 72.63 0.43 -28.40
CA LEU K 38 72.61 1.45 -29.45
C LEU K 38 73.90 2.22 -29.67
N GLU K 39 74.64 2.52 -28.62
CA GLU K 39 75.86 3.28 -28.83
C GLU K 39 76.94 2.60 -29.68
N LYS K 40 77.25 1.32 -29.50
CA LYS K 40 78.24 0.72 -30.41
C LYS K 40 77.70 0.61 -31.86
N THR K 41 76.41 0.29 -31.94
CA THR K 41 75.59 0.19 -33.16
C THR K 41 75.24 1.47 -33.93
N PHE K 42 75.11 2.56 -33.19
CA PHE K 42 74.80 3.88 -33.74
C PHE K 42 75.78 4.54 -34.70
N THR K 43 75.18 5.00 -35.81
CA THR K 43 75.84 5.65 -36.94
C THR K 43 74.93 6.72 -37.55
N GLU K 44 75.51 7.61 -38.34
CA GLU K 44 74.80 8.68 -39.04
C GLU K 44 73.84 8.06 -40.07
N PRO K 45 72.53 8.31 -39.96
CA PRO K 45 71.44 7.83 -40.86
C PRO K 45 71.33 8.33 -42.30
N ILE K 46 71.42 7.39 -43.24
CA ILE K 46 71.23 7.70 -44.66
C ILE K 46 69.81 8.23 -44.88
N MET K 47 69.64 9.51 -45.18
CA MET K 47 68.28 9.98 -45.44
C MET K 47 68.30 10.86 -46.67
N TRP K 48 67.15 11.00 -47.33
CA TRP K 48 67.08 11.83 -48.52
C TRP K 48 65.87 12.74 -48.54
N LYS K 49 66.07 14.06 -48.61
CA LYS K 49 64.94 14.98 -48.65
C LYS K 49 64.21 14.71 -49.95
N LYS K 50 62.89 14.82 -49.95
CA LYS K 50 62.11 14.50 -51.14
C LYS K 50 61.30 15.69 -51.63
N ASP K 51 60.89 15.63 -52.90
CA ASP K 51 60.13 16.71 -53.51
C ASP K 51 58.66 16.35 -53.41
N HIS K 52 57.80 17.23 -53.90
CA HIS K 52 56.38 17.00 -53.81
C HIS K 52 55.99 16.05 -54.94
N ARG K 53 56.84 15.99 -55.95
CA ARG K 53 56.69 15.08 -57.08
C ARG K 53 56.70 13.60 -56.70
N HIS K 54 57.33 13.30 -55.56
CA HIS K 54 57.45 11.96 -54.93
C HIS K 54 58.76 11.26 -55.33
N HIS K 55 59.86 12.01 -55.30
CA HIS K 55 61.18 11.45 -55.56
C HIS K 55 62.22 12.21 -54.74
N ARG K 56 63.38 11.58 -54.51
CA ARG K 56 64.42 12.16 -53.68
C ARG K 56 65.06 13.41 -54.27
N VAL K 57 65.46 14.33 -53.40
CA VAL K 57 66.03 15.61 -53.81
C VAL K 57 67.49 15.84 -53.43
N GLU K 58 67.82 15.55 -52.17
CA GLU K 58 69.21 15.61 -51.73
C GLU K 58 69.53 14.57 -50.65
N GLN K 59 70.82 14.30 -50.48
CA GLN K 59 71.28 13.38 -49.43
C GLN K 59 71.71 14.03 -48.13
N LEU K 60 70.91 13.78 -47.10
CA LEU K 60 71.15 14.31 -45.77
C LEU K 60 71.51 13.22 -44.78
N THR K 61 72.23 13.65 -43.76
CA THR K 61 72.45 12.88 -42.55
C THR K 61 71.93 13.81 -41.48
N LEU K 62 71.81 13.35 -40.24
CA LEU K 62 71.34 14.26 -39.20
C LEU K 62 72.39 15.33 -38.97
N GLY K 63 73.66 14.95 -39.06
CA GLY K 63 74.76 15.86 -38.81
C GLY K 63 74.73 17.07 -39.74
N SER K 64 74.26 16.86 -40.97
CA SER K 64 74.09 17.96 -41.90
C SER K 64 72.65 18.49 -41.92
N LEU K 65 71.77 17.79 -41.22
CA LEU K 65 70.38 18.21 -41.06
C LEU K 65 70.23 19.22 -39.91
N LEU K 66 71.26 19.34 -39.08
CA LEU K 66 71.18 20.06 -37.81
C LEU K 66 70.80 21.54 -37.95
N GLU K 67 71.41 22.23 -38.90
CA GLU K 67 71.11 23.64 -39.13
C GLU K 67 70.08 23.83 -40.24
N ALA K 68 69.98 22.85 -41.13
CA ALA K 68 69.02 22.89 -42.22
C ALA K 68 67.63 22.46 -41.77
N LEU K 69 67.51 22.09 -40.50
CA LEU K 69 66.28 21.52 -39.98
C LEU K 69 65.10 22.49 -40.01
N LYS K 70 63.93 21.96 -40.35
CA LYS K 70 62.67 22.68 -40.26
C LYS K 70 61.60 21.81 -39.63
N SER K 71 60.47 22.41 -39.30
CA SER K 71 59.40 21.72 -38.60
C SER K 71 58.02 22.09 -39.16
N PRO K 72 57.07 21.13 -39.14
CA PRO K 72 57.19 19.71 -38.75
C PRO K 72 57.96 18.83 -39.74
N CYS K 73 58.44 17.69 -39.27
CA CYS K 73 59.05 16.70 -40.15
C CYS K 73 58.00 15.80 -40.80
N LEU K 74 58.05 15.64 -42.12
CA LEU K 74 57.32 14.57 -42.77
C LEU K 74 58.30 13.47 -43.12
N ILE K 75 59.45 13.55 -42.46
CA ILE K 75 60.56 12.65 -42.70
C ILE K 75 60.13 11.21 -42.45
N GLU K 76 60.45 10.35 -43.40
CA GLU K 76 59.98 8.98 -43.39
C GLU K 76 61.05 8.01 -43.86
N GLY K 77 60.78 6.72 -43.67
CA GLY K 77 61.72 5.68 -44.02
C GLY K 77 61.00 4.36 -43.97
N GLU K 78 61.61 3.32 -44.51
CA GLU K 78 60.93 2.04 -44.62
C GLU K 78 60.86 1.40 -43.23
N SER K 79 59.76 0.70 -42.99
CA SER K 79 59.46 0.13 -41.67
C SER K 79 60.47 -0.87 -41.14
N GLY K 80 60.63 -0.85 -39.82
CA GLY K 80 61.47 -1.77 -39.08
C GLY K 80 61.70 -1.06 -37.76
N LYS K 81 62.97 -0.80 -37.44
CA LYS K 81 63.29 -0.22 -36.16
C LYS K 81 63.27 1.28 -36.44
N GLY K 82 63.70 1.63 -37.65
CA GLY K 82 63.49 2.95 -38.22
C GLY K 82 64.24 4.05 -37.51
N LYS K 83 63.46 4.92 -36.86
CA LYS K 83 63.99 6.06 -36.12
C LYS K 83 64.67 5.50 -34.88
N SER K 84 64.31 4.26 -34.57
CA SER K 84 64.83 3.52 -33.42
C SER K 84 65.03 4.37 -32.16
N THR K 85 66.22 4.32 -31.56
CA THR K 85 66.47 5.13 -30.37
C THR K 85 67.58 6.13 -30.74
N LEU K 86 67.97 6.03 -32.00
CA LEU K 86 69.04 6.77 -32.64
C LEU K 86 68.81 8.32 -32.67
N LEU K 87 67.54 8.74 -32.69
CA LEU K 87 67.17 10.17 -32.68
C LEU K 87 67.16 10.63 -31.22
N GLN K 88 67.04 9.62 -30.36
CA GLN K 88 66.86 9.73 -28.92
C GLN K 88 68.31 9.98 -28.61
N ARG K 89 69.19 9.31 -29.34
CA ARG K 89 70.59 9.40 -29.03
C ARG K 89 71.06 10.68 -29.72
N ILE K 90 70.19 11.27 -30.55
CA ILE K 90 70.60 12.45 -31.31
C ILE K 90 70.40 13.55 -30.26
N ALA K 91 69.33 13.37 -29.48
CA ALA K 91 69.04 14.21 -28.32
C ALA K 91 70.19 14.02 -27.34
N MET K 92 70.67 12.79 -27.27
CA MET K 92 71.69 12.44 -26.31
C MET K 92 72.95 13.17 -26.80
N LEU K 93 72.94 13.58 -28.06
CA LEU K 93 74.09 14.27 -28.65
C LEU K 93 73.94 15.72 -28.20
N TRP K 94 72.70 16.20 -28.17
CA TRP K 94 72.40 17.51 -27.56
C TRP K 94 72.84 17.53 -26.09
N ALA K 95 73.00 16.34 -25.52
CA ALA K 95 73.30 16.19 -24.11
C ALA K 95 74.66 15.50 -23.92
N SER K 96 75.47 15.60 -24.96
CA SER K 96 76.81 15.02 -25.01
C SER K 96 77.73 16.13 -25.53
N GLY K 97 77.22 17.36 -25.51
CA GLY K 97 78.00 18.52 -25.91
C GLY K 97 78.06 18.64 -27.42
N GLY K 98 77.04 18.11 -28.09
CA GLY K 98 77.02 18.04 -29.55
C GLY K 98 77.01 19.38 -30.24
N CYS K 99 76.99 19.36 -31.57
CA CYS K 99 76.98 20.60 -32.36
C CYS K 99 75.94 21.60 -31.89
N ARG K 100 76.27 22.88 -32.05
CA ARG K 100 75.41 24.01 -31.72
C ARG K 100 73.92 23.94 -32.10
N ALA K 101 73.61 23.40 -33.28
CA ALA K 101 72.21 23.30 -33.66
C ALA K 101 71.41 22.21 -32.94
N LEU K 102 72.04 21.53 -31.99
CA LEU K 102 71.38 20.49 -31.21
C LEU K 102 71.09 21.20 -29.89
N LYS K 103 71.89 22.23 -29.63
CA LYS K 103 71.68 23.10 -28.49
C LYS K 103 70.92 24.35 -28.89
N GLY K 104 70.26 24.27 -30.04
CA GLY K 104 69.55 25.40 -30.59
C GLY K 104 68.19 25.32 -29.94
N PHE K 105 68.08 24.35 -29.04
CA PHE K 105 66.87 24.03 -28.31
C PHE K 105 67.17 23.86 -26.83
N ARG K 106 66.61 24.73 -25.98
CA ARG K 106 67.01 24.76 -24.57
C ARG K 106 66.49 23.51 -23.87
N LEU K 107 65.39 23.00 -24.39
CA LEU K 107 64.72 21.78 -23.90
C LEU K 107 64.35 20.81 -25.01
N VAL K 108 64.53 19.52 -24.79
CA VAL K 108 64.25 18.53 -25.81
C VAL K 108 63.37 17.50 -25.10
N PHE K 109 62.20 17.23 -25.67
CA PHE K 109 61.34 16.16 -25.18
C PHE K 109 60.93 15.03 -26.13
N PHE K 110 61.41 13.84 -25.78
CA PHE K 110 61.04 12.63 -26.46
C PHE K 110 59.52 12.48 -26.34
N ILE K 111 58.80 12.22 -27.43
CA ILE K 111 57.35 12.06 -27.31
C ILE K 111 56.89 10.69 -27.81
N HIS K 112 55.92 10.10 -27.10
CA HIS K 112 55.36 8.79 -27.43
C HIS K 112 53.94 8.74 -28.01
N LEU K 113 53.87 8.60 -29.34
CA LEU K 113 52.65 8.46 -30.15
C LEU K 113 52.02 7.13 -29.74
N ARG K 114 52.87 6.15 -29.51
CA ARG K 114 52.48 4.80 -29.11
C ARG K 114 51.71 4.72 -27.78
N SER K 115 51.96 5.58 -26.79
CA SER K 115 51.15 5.47 -25.56
C SER K 115 50.76 6.84 -25.01
N ALA K 116 49.50 6.98 -24.58
CA ALA K 116 48.99 8.28 -24.12
C ALA K 116 47.90 8.16 -23.05
N ARG K 117 47.85 9.15 -22.16
CA ARG K 117 47.09 9.11 -20.91
C ARG K 117 46.74 10.54 -20.52
N GLY K 118 45.48 10.80 -20.20
CA GLY K 118 45.13 12.10 -19.65
C GLY K 118 45.62 12.29 -18.22
N GLY K 119 45.94 13.53 -17.85
CA GLY K 119 46.05 14.64 -18.78
C GLY K 119 47.20 14.44 -19.75
N LEU K 120 47.04 14.93 -20.97
CA LEU K 120 47.79 14.41 -22.10
C LEU K 120 49.26 14.81 -22.01
N PHE K 121 49.53 15.98 -21.42
CA PHE K 121 50.90 16.39 -21.19
C PHE K 121 51.54 15.43 -20.19
N GLU K 122 50.73 14.90 -19.27
CA GLU K 122 51.28 13.98 -18.27
C GLU K 122 51.69 12.66 -18.93
N THR K 123 51.39 12.48 -20.22
CA THR K 123 51.88 11.31 -20.93
C THR K 123 53.39 11.37 -20.78
N LEU K 124 53.93 12.59 -20.89
CA LEU K 124 55.36 12.78 -20.87
C LEU K 124 55.78 12.54 -19.44
N TYR K 125 54.93 12.96 -18.51
CA TYR K 125 55.19 12.72 -17.10
C TYR K 125 55.07 11.20 -16.92
N ASP K 126 54.08 10.57 -17.55
CA ASP K 126 53.96 9.12 -17.50
C ASP K 126 55.06 8.41 -18.31
N GLN K 127 55.93 9.20 -18.96
CA GLN K 127 57.02 8.66 -19.78
C GLN K 127 58.37 9.25 -19.32
N LEU K 128 58.57 10.54 -19.62
CA LEU K 128 59.80 11.26 -19.28
C LEU K 128 59.89 11.40 -17.77
N LEU K 129 58.73 11.61 -17.15
CA LEU K 129 58.60 11.82 -15.70
C LEU K 129 59.27 13.06 -15.06
N ASN K 130 60.13 13.78 -15.76
CA ASN K 130 60.74 14.93 -15.09
C ASN K 130 59.84 16.20 -14.96
N ILE K 131 58.55 16.02 -15.20
CA ILE K 131 57.52 17.08 -15.14
C ILE K 131 57.27 17.68 -13.74
N PRO K 132 57.70 18.92 -13.46
CA PRO K 132 57.42 19.47 -12.12
C PRO K 132 55.92 19.55 -11.77
N ASP K 133 55.61 19.37 -10.48
CA ASP K 133 54.24 19.48 -9.93
C ASP K 133 53.44 20.79 -10.00
N PHE K 134 54.10 21.95 -9.97
CA PHE K 134 53.40 23.24 -10.07
C PHE K 134 52.74 23.48 -11.42
N ILE K 135 53.47 23.12 -12.46
CA ILE K 135 53.02 23.28 -13.84
C ILE K 135 51.78 22.56 -14.37
N SER K 136 50.63 23.23 -14.26
CA SER K 136 49.37 22.72 -14.80
C SER K 136 49.58 22.60 -16.32
N LYS K 137 48.66 21.97 -17.06
CA LYS K 137 48.79 21.92 -18.53
C LYS K 137 48.75 23.30 -19.24
N PRO K 138 47.87 24.23 -18.82
CA PRO K 138 47.86 25.58 -19.43
C PRO K 138 49.19 26.24 -19.15
N THR K 139 49.61 26.10 -17.89
CA THR K 139 50.86 26.66 -17.38
C THR K 139 51.95 26.05 -18.23
N PHE K 140 51.88 24.74 -18.48
CA PHE K 140 52.90 24.06 -19.30
C PHE K 140 52.94 24.57 -20.76
N LYS K 141 51.79 24.91 -21.35
CA LYS K 141 51.81 25.45 -22.71
C LYS K 141 52.38 26.89 -22.75
N ALA K 142 52.00 27.68 -21.73
CA ALA K 142 52.43 29.06 -21.53
C ALA K 142 53.93 29.13 -21.31
N LEU K 143 54.39 28.18 -20.50
CA LEU K 143 55.79 27.99 -20.18
C LEU K 143 56.53 27.67 -21.46
N LEU K 144 56.12 26.59 -22.14
CA LEU K 144 56.77 26.24 -23.40
C LEU K 144 56.83 27.42 -24.35
N LEU K 145 55.83 28.32 -24.29
CA LEU K 145 55.85 29.37 -25.30
C LEU K 145 56.66 30.56 -24.79
N LYS K 146 57.06 30.54 -23.52
CA LYS K 146 57.87 31.64 -23.01
C LYS K 146 59.14 31.83 -23.87
N LEU K 147 59.51 30.75 -24.55
CA LEU K 147 60.75 30.65 -25.34
C LEU K 147 60.59 30.64 -26.87
N HIS K 148 59.58 29.92 -27.38
CA HIS K 148 59.20 29.91 -28.81
C HIS K 148 60.11 29.32 -29.91
N LYS K 149 60.98 28.35 -29.60
CA LYS K 149 61.97 27.81 -30.54
C LYS K 149 63.04 27.05 -29.75
N GLU K 150 62.84 26.99 -28.45
CA GLU K 150 63.92 26.51 -27.60
C GLU K 150 63.55 25.16 -27.05
N VAL K 151 62.64 24.50 -27.76
CA VAL K 151 62.29 23.13 -27.44
C VAL K 151 62.13 22.30 -28.72
N LEU K 152 62.66 21.09 -28.72
CA LEU K 152 62.48 20.14 -29.83
C LEU K 152 61.74 18.92 -29.30
N PHE K 153 60.87 18.31 -30.11
CA PHE K 153 60.21 17.07 -29.69
C PHE K 153 60.24 15.93 -30.68
N LEU K 154 60.62 14.75 -30.23
CA LEU K 154 60.59 13.61 -31.16
C LEU K 154 59.29 12.83 -30.99
N LEU K 155 58.57 12.51 -32.06
CA LEU K 155 57.27 11.87 -31.84
C LEU K 155 57.69 10.43 -32.08
N ASP K 156 57.43 9.53 -31.14
CA ASP K 156 57.63 8.09 -31.34
C ASP K 156 56.47 7.06 -31.47
N GLY K 157 56.16 6.52 -32.64
CA GLY K 157 54.95 5.70 -32.77
C GLY K 157 53.83 5.95 -33.75
N TYR K 158 54.18 6.13 -35.02
CA TYR K 158 53.17 6.37 -36.03
C TYR K 158 52.19 5.30 -36.52
N ASN K 159 52.51 4.02 -36.46
CA ASN K 159 51.54 3.01 -36.91
C ASN K 159 50.84 2.58 -35.64
N GLU K 160 51.66 2.52 -34.59
CA GLU K 160 51.25 2.19 -33.24
C GLU K 160 50.11 3.10 -32.84
N PHE K 161 50.06 4.27 -33.47
CA PHE K 161 49.04 5.27 -33.18
C PHE K 161 47.66 4.70 -33.47
N HIS K 162 46.69 5.11 -32.67
CA HIS K 162 45.33 4.60 -32.76
C HIS K 162 44.36 5.76 -32.57
N PRO K 163 43.04 5.51 -32.68
CA PRO K 163 42.10 6.59 -32.42
C PRO K 163 42.01 7.07 -30.97
N GLN K 164 42.09 6.17 -29.99
CA GLN K 164 42.12 6.59 -28.60
C GLN K 164 43.26 7.56 -28.31
N ASN K 165 42.95 8.65 -27.61
CA ASN K 165 43.92 9.66 -27.15
C ASN K 165 44.48 10.50 -28.31
N CYS K 166 43.76 10.46 -29.43
CA CYS K 166 44.06 11.16 -30.68
C CYS K 166 44.15 12.71 -30.60
N PRO K 167 43.29 13.38 -29.82
CA PRO K 167 43.51 14.83 -29.81
C PRO K 167 44.73 15.39 -29.06
N GLU K 168 45.06 16.61 -29.47
CA GLU K 168 46.30 17.31 -29.15
C GLU K 168 47.50 16.44 -29.45
N ILE K 169 47.45 15.81 -30.63
CA ILE K 169 48.57 15.07 -31.20
C ILE K 169 49.01 15.79 -32.48
N GLU K 170 48.03 16.37 -33.15
CA GLU K 170 48.23 17.02 -34.44
C GLU K 170 48.47 18.48 -34.10
N ALA K 171 48.20 18.82 -32.84
CA ALA K 171 48.31 20.19 -32.35
C ALA K 171 49.79 20.56 -32.26
N LEU K 172 50.64 19.58 -31.95
CA LEU K 172 52.07 19.88 -31.91
C LEU K 172 52.55 20.16 -33.32
N ILE K 173 52.00 19.42 -34.29
CA ILE K 173 52.42 19.51 -35.70
C ILE K 173 51.70 20.58 -36.55
N LYS K 174 50.37 20.53 -36.58
CA LYS K 174 49.57 21.49 -37.35
C LYS K 174 49.47 22.84 -36.67
N GLU K 175 49.19 22.82 -35.37
CA GLU K 175 49.26 24.03 -34.55
C GLU K 175 50.70 24.18 -34.03
N ASN K 176 51.67 24.09 -34.94
CA ASN K 176 53.08 24.30 -34.60
C ASN K 176 53.45 25.73 -34.91
N HIS K 177 52.64 26.33 -35.78
CA HIS K 177 52.84 27.72 -36.18
C HIS K 177 52.52 28.63 -35.00
N ARG K 178 51.80 28.10 -34.02
CA ARG K 178 51.55 28.80 -32.77
C ARG K 178 52.05 28.08 -31.50
N PHE K 179 52.89 27.08 -31.69
CA PHE K 179 53.37 26.23 -30.59
C PHE K 179 54.84 26.61 -30.56
N LYS K 180 55.23 27.29 -31.62
CA LYS K 180 56.57 27.79 -31.85
C LYS K 180 57.78 26.91 -31.63
N ASN K 181 57.64 25.70 -31.08
CA ASN K 181 58.86 24.94 -30.94
C ASN K 181 59.01 24.08 -32.18
N MET K 182 60.21 23.59 -32.46
CA MET K 182 60.37 22.68 -33.58
C MET K 182 59.99 21.27 -33.14
N VAL K 183 59.86 20.36 -34.10
CA VAL K 183 59.54 18.97 -33.76
C VAL K 183 59.73 17.98 -34.89
N ILE K 184 60.17 16.76 -34.55
CA ILE K 184 60.43 15.73 -35.55
C ILE K 184 59.24 14.79 -35.44
N VAL K 185 58.48 14.68 -36.52
CA VAL K 185 57.24 13.89 -36.53
C VAL K 185 57.37 12.48 -37.08
N THR K 186 57.22 11.49 -36.20
CA THR K 186 57.43 10.09 -36.56
C THR K 186 56.50 9.65 -37.65
N THR K 187 57.03 8.85 -38.54
CA THR K 187 56.23 8.30 -39.61
C THR K 187 56.65 6.86 -39.90
N THR K 188 55.73 6.13 -40.49
CA THR K 188 55.92 4.74 -40.87
C THR K 188 55.60 5.12 -42.29
N THR K 189 55.69 4.30 -43.34
CA THR K 189 55.25 5.05 -44.49
C THR K 189 53.84 4.74 -44.91
N GLU K 190 53.21 3.74 -44.29
CA GLU K 190 51.95 3.30 -44.90
C GLU K 190 51.06 4.55 -44.75
N CYS K 191 51.13 5.00 -43.49
CA CYS K 191 50.48 6.14 -42.84
C CYS K 191 50.75 7.61 -43.23
N LEU K 192 51.96 7.89 -43.71
CA LEU K 192 52.44 9.27 -43.93
C LEU K 192 51.45 10.27 -44.53
N ARG K 193 50.54 9.80 -45.38
CA ARG K 193 49.67 10.67 -46.16
C ARG K 193 48.60 11.33 -45.26
N HIS K 194 48.75 11.09 -43.95
CA HIS K 194 47.90 11.64 -42.90
C HIS K 194 48.50 12.93 -42.38
N ILE K 195 49.71 13.22 -42.81
CA ILE K 195 50.38 14.46 -42.45
C ILE K 195 51.23 15.02 -43.58
N ARG K 196 51.00 14.53 -44.80
CA ARG K 196 51.70 15.02 -45.98
C ARG K 196 51.35 16.50 -46.25
N HIS K 197 50.55 17.11 -45.38
CA HIS K 197 50.15 18.50 -45.55
C HIS K 197 50.40 19.34 -44.31
N VAL K 198 51.25 18.84 -43.41
CA VAL K 198 51.56 19.56 -42.18
C VAL K 198 53.01 20.00 -41.95
N GLY K 199 53.93 19.12 -42.31
CA GLY K 199 55.37 19.32 -42.25
C GLY K 199 56.25 20.09 -43.22
N ALA K 200 56.95 21.07 -42.68
CA ALA K 200 57.75 21.97 -43.51
C ALA K 200 59.07 21.27 -43.89
N LEU K 201 59.32 20.10 -43.30
CA LEU K 201 60.50 19.31 -43.62
C LEU K 201 60.05 17.91 -44.04
N THR K 202 60.88 17.19 -44.78
CA THR K 202 60.53 15.86 -45.28
C THR K 202 61.75 15.13 -45.85
N ALA K 203 61.99 13.91 -45.38
CA ALA K 203 63.15 13.15 -45.85
C ALA K 203 62.87 11.65 -45.84
N GLU K 204 63.59 10.93 -46.68
CA GLU K 204 63.36 9.49 -46.84
C GLU K 204 64.61 8.76 -46.37
N VAL K 205 64.47 7.89 -45.37
CA VAL K 205 65.59 7.12 -44.88
C VAL K 205 66.07 6.18 -45.98
N GLY K 206 67.19 6.55 -46.60
CA GLY K 206 67.78 5.74 -47.65
C GLY K 206 68.34 4.49 -47.03
N ASP K 207 68.44 3.43 -47.83
CA ASP K 207 68.99 2.19 -47.33
C ASP K 207 70.43 2.47 -46.93
N MET K 208 70.84 1.90 -45.81
CA MET K 208 72.19 2.03 -45.29
C MET K 208 73.20 1.32 -46.18
N THR K 209 74.47 1.75 -46.12
CA THR K 209 75.55 1.07 -46.84
C THR K 209 75.70 -0.35 -46.31
N GLU K 210 76.05 -1.30 -47.16
CA GLU K 210 76.28 -2.66 -46.67
C GLU K 210 77.46 -2.65 -45.73
N ASP K 211 78.52 -1.96 -46.17
CA ASP K 211 79.75 -1.85 -45.40
C ASP K 211 79.51 -1.20 -44.04
N SER K 212 78.78 -0.09 -44.04
CA SER K 212 78.48 0.62 -42.80
C SER K 212 77.66 -0.26 -41.87
N ALA K 213 76.80 -1.09 -42.46
CA ALA K 213 75.94 -1.96 -41.67
C ALA K 213 76.73 -3.07 -41.02
N LYS K 214 78.04 -3.11 -41.27
CA LYS K 214 78.78 -4.26 -40.81
C LYS K 214 79.29 -3.81 -39.48
N ASP K 215 78.96 -2.55 -39.18
CA ASP K 215 79.48 -1.90 -38.00
C ASP K 215 78.45 -2.33 -36.99
N LEU K 216 77.32 -2.79 -37.53
CA LEU K 216 76.28 -3.35 -36.69
C LEU K 216 76.80 -4.72 -36.26
N ILE K 217 77.15 -5.56 -37.25
CA ILE K 217 77.45 -6.97 -37.02
C ILE K 217 78.51 -7.14 -35.91
N GLU K 218 79.50 -6.25 -36.02
CA GLU K 218 80.69 -6.12 -35.18
C GLU K 218 80.43 -6.07 -33.68
N ALA K 219 79.35 -5.41 -33.28
CA ALA K 219 79.07 -5.24 -31.86
C ALA K 219 78.81 -6.53 -31.09
N VAL K 220 78.17 -7.54 -31.68
CA VAL K 220 78.05 -8.77 -30.91
C VAL K 220 79.12 -9.79 -31.29
N LEU K 221 79.30 -9.99 -32.59
CA LEU K 221 80.32 -10.91 -33.12
C LEU K 221 81.78 -10.58 -32.81
N VAL K 222 82.62 -11.62 -32.79
CA VAL K 222 84.05 -11.49 -32.58
C VAL K 222 84.52 -10.85 -33.89
N PRO K 223 85.70 -10.19 -33.95
CA PRO K 223 85.93 -9.60 -35.28
C PRO K 223 86.26 -10.60 -36.41
N ASP K 224 86.77 -11.77 -36.05
CA ASP K 224 87.06 -12.77 -37.07
C ASP K 224 85.75 -13.44 -37.44
N GLN K 225 84.81 -13.46 -36.51
CA GLN K 225 83.52 -14.07 -36.75
C GLN K 225 82.81 -13.17 -37.77
N VAL K 226 83.13 -11.87 -37.70
CA VAL K 226 82.49 -10.92 -38.60
C VAL K 226 83.15 -11.14 -39.95
N GLU K 227 84.45 -11.40 -39.96
CA GLU K 227 85.12 -11.61 -41.24
C GLU K 227 84.61 -12.88 -41.91
N ARG K 228 84.26 -13.88 -41.09
CA ARG K 228 83.71 -15.14 -41.58
C ARG K 228 82.39 -14.85 -42.27
N LEU K 229 81.57 -14.02 -41.63
CA LEU K 229 80.33 -13.58 -42.27
C LEU K 229 80.63 -12.79 -43.55
N TRP K 230 81.69 -11.97 -43.51
CA TRP K 230 82.09 -11.18 -44.67
C TRP K 230 82.48 -12.05 -45.86
N ALA K 231 82.99 -13.24 -45.58
CA ALA K 231 83.19 -14.24 -46.61
C ALA K 231 81.83 -14.82 -47.01
N GLN K 232 80.95 -14.96 -46.01
CA GLN K 232 79.64 -15.54 -46.26
C GLN K 232 78.70 -14.73 -47.14
N ILE K 233 78.79 -13.40 -47.14
CA ILE K 233 77.88 -12.71 -48.05
C ILE K 233 78.49 -12.64 -49.45
N GLN K 234 79.69 -13.18 -49.60
CA GLN K 234 80.34 -13.24 -50.91
C GLN K 234 79.77 -14.41 -51.71
N GLU K 235 79.13 -15.32 -50.97
CA GLU K 235 78.42 -16.48 -51.51
C GLU K 235 77.63 -16.11 -52.77
N SER K 236 76.99 -14.95 -52.72
CA SER K 236 76.07 -14.50 -53.75
C SER K 236 75.90 -13.00 -53.62
N ARG K 237 75.63 -12.32 -54.73
CA ARG K 237 75.48 -10.87 -54.70
C ARG K 237 74.18 -10.49 -54.00
N CYS K 238 73.17 -11.36 -54.12
CA CYS K 238 71.92 -11.16 -53.41
C CYS K 238 72.13 -11.25 -51.90
N LEU K 239 73.04 -12.13 -51.47
CA LEU K 239 73.42 -12.20 -50.06
C LEU K 239 74.25 -10.99 -49.66
N ARG K 240 75.15 -10.58 -50.56
CA ARG K 240 76.06 -9.47 -50.31
C ARG K 240 75.31 -8.15 -50.13
N ASN K 241 74.20 -8.00 -50.83
CA ASN K 241 73.46 -6.73 -50.77
C ASN K 241 72.41 -6.72 -49.67
N LEU K 242 72.29 -7.83 -48.93
CA LEU K 242 71.31 -7.91 -47.85
C LEU K 242 71.64 -6.90 -46.77
N MET K 243 72.94 -6.69 -46.57
CA MET K 243 73.44 -5.72 -45.60
C MET K 243 73.04 -4.26 -45.85
N LYS K 244 72.27 -3.97 -46.89
CA LYS K 244 71.83 -2.60 -47.12
C LYS K 244 71.02 -2.11 -45.94
N THR K 245 70.17 -3.00 -45.43
CA THR K 245 69.32 -2.68 -44.30
C THR K 245 69.84 -3.39 -43.06
N PRO K 246 69.66 -2.77 -41.88
CA PRO K 246 70.04 -3.31 -40.58
C PRO K 246 69.21 -4.54 -40.21
N LEU K 247 67.99 -4.63 -40.72
CA LEU K 247 67.13 -5.80 -40.51
C LEU K 247 67.67 -7.13 -41.03
N PHE K 248 68.21 -7.16 -42.25
CA PHE K 248 68.80 -8.37 -42.81
C PHE K 248 69.99 -8.80 -41.94
N VAL K 249 70.71 -7.78 -41.49
CA VAL K 249 71.83 -7.99 -40.58
C VAL K 249 71.28 -8.65 -39.32
N VAL K 250 70.15 -8.17 -38.82
CA VAL K 250 69.53 -8.75 -37.62
C VAL K 250 69.13 -10.20 -37.84
N ILE K 251 68.69 -10.48 -39.06
CA ILE K 251 68.33 -11.81 -39.53
C ILE K 251 69.50 -12.79 -39.49
N THR K 252 70.70 -12.32 -39.83
CA THR K 252 71.85 -13.21 -39.68
C THR K 252 72.55 -13.08 -38.31
N CYS K 253 72.22 -12.04 -37.55
CA CYS K 253 72.84 -11.80 -36.25
C CYS K 253 72.22 -12.73 -35.21
N ALA K 254 70.94 -13.03 -35.38
CA ALA K 254 70.21 -13.93 -34.47
C ALA K 254 70.74 -15.36 -34.51
N ILE K 255 71.67 -15.65 -35.40
CA ILE K 255 72.07 -17.03 -35.68
C ILE K 255 73.43 -17.37 -35.03
N GLN K 256 74.20 -16.34 -34.72
CA GLN K 256 75.55 -16.52 -34.17
C GLN K 256 75.64 -17.11 -32.76
N MET K 257 74.51 -17.18 -32.07
CA MET K 257 74.48 -17.63 -30.66
C MET K 257 74.98 -19.07 -30.49
N GLY K 258 74.79 -19.89 -31.51
CA GLY K 258 75.28 -21.25 -31.49
C GLY K 258 76.50 -21.55 -32.36
N ARG K 259 76.92 -20.59 -33.16
CA ARG K 259 77.91 -20.86 -34.20
C ARG K 259 79.05 -19.85 -34.34
N GLN K 260 80.24 -20.35 -34.65
CA GLN K 260 81.38 -19.49 -34.95
C GLN K 260 81.37 -18.97 -36.38
N GLU K 261 80.91 -19.80 -37.32
CA GLU K 261 80.57 -19.33 -38.66
C GLU K 261 79.38 -20.11 -39.17
N PHE K 262 78.51 -19.45 -39.91
CA PHE K 262 77.28 -20.08 -40.37
C PHE K 262 76.80 -19.57 -41.71
N GLN K 263 75.90 -20.35 -42.30
CA GLN K 263 75.05 -19.94 -43.40
C GLN K 263 73.69 -20.56 -43.15
N ALA K 264 72.72 -20.29 -44.00
CA ALA K 264 71.39 -20.88 -43.84
C ALA K 264 71.13 -22.27 -44.50
N HIS K 265 71.74 -22.65 -45.63
CA HIS K 265 72.72 -21.88 -46.39
C HIS K 265 72.02 -21.00 -47.40
N THR K 266 70.73 -21.25 -47.59
CA THR K 266 70.00 -20.53 -48.61
C THR K 266 69.76 -19.11 -48.18
N GLN K 267 69.76 -18.19 -49.15
CA GLN K 267 69.54 -16.81 -48.80
C GLN K 267 68.08 -16.65 -48.33
N THR K 268 67.21 -17.51 -48.87
CA THR K 268 65.81 -17.67 -48.49
C THR K 268 65.50 -18.28 -47.10
N MET K 269 66.30 -19.23 -46.62
CA MET K 269 66.04 -19.86 -45.32
C MET K 269 66.36 -18.88 -44.20
N LEU K 270 67.21 -17.93 -44.52
CA LEU K 270 67.57 -16.80 -43.66
C LEU K 270 66.31 -15.96 -43.48
N PHE K 271 65.72 -15.70 -44.64
CA PHE K 271 64.53 -14.93 -44.95
C PHE K 271 63.24 -15.45 -44.23
N GLN K 272 63.13 -16.77 -44.10
CA GLN K 272 62.00 -17.45 -43.43
C GLN K 272 61.87 -17.18 -41.93
N THR K 273 62.99 -17.14 -41.24
CA THR K 273 63.01 -16.81 -39.81
C THR K 273 62.40 -15.43 -39.63
N PHE K 274 62.78 -14.52 -40.50
CA PHE K 274 62.30 -13.14 -40.49
C PHE K 274 60.76 -13.21 -40.69
N TYR K 275 60.27 -14.02 -41.63
CA TYR K 275 58.80 -14.11 -41.86
C TYR K 275 58.11 -14.54 -40.56
N ASP K 276 58.61 -15.60 -39.93
CA ASP K 276 58.04 -16.10 -38.67
C ASP K 276 58.04 -14.98 -37.62
N LEU K 277 59.09 -14.15 -37.60
CA LEU K 277 59.21 -13.02 -36.66
C LEU K 277 58.07 -12.06 -36.94
N LEU K 278 57.77 -11.89 -38.22
CA LEU K 278 56.68 -11.05 -38.72
C LEU K 278 55.38 -11.60 -38.12
N ILE K 279 55.20 -12.92 -38.15
CA ILE K 279 54.01 -13.57 -37.56
C ILE K 279 53.98 -13.25 -36.05
N GLN K 280 55.15 -13.30 -35.41
CA GLN K 280 55.38 -13.09 -33.97
C GLN K 280 54.91 -11.71 -33.49
N LYS K 281 55.22 -10.71 -34.32
CA LYS K 281 54.94 -9.31 -34.07
C LYS K 281 53.44 -9.09 -34.18
N ASN K 282 52.80 -9.71 -35.14
CA ASN K 282 51.43 -9.41 -35.46
C ASN K 282 50.47 -10.32 -34.73
N SER K 283 50.92 -11.23 -33.87
CA SER K 283 49.89 -12.08 -33.28
C SER K 283 48.91 -11.20 -32.49
N HIS K 284 49.39 -10.15 -31.80
CA HIS K 284 48.44 -9.36 -31.00
C HIS K 284 47.58 -8.60 -32.03
N ARG K 285 48.21 -8.43 -33.21
CA ARG K 285 47.71 -7.71 -34.38
C ARG K 285 47.14 -8.65 -35.42
N TYR K 286 46.07 -9.36 -35.08
CA TYR K 286 45.53 -10.30 -36.04
C TYR K 286 44.60 -9.48 -36.93
N ARG K 287 44.05 -8.42 -36.35
CA ARG K 287 43.16 -7.50 -37.06
C ARG K 287 42.12 -8.18 -37.94
N GLY K 288 41.31 -9.04 -37.34
CA GLY K 288 40.41 -9.90 -38.09
C GLY K 288 40.97 -11.31 -38.26
N GLY K 289 40.14 -12.20 -38.76
CA GLY K 289 40.52 -13.60 -38.89
C GLY K 289 40.48 -14.23 -37.51
N ALA K 290 40.77 -15.52 -37.43
CA ALA K 290 40.68 -16.20 -36.14
C ALA K 290 42.08 -16.54 -35.67
N SER K 291 42.36 -16.26 -34.39
CA SER K 291 43.64 -16.62 -33.79
C SER K 291 44.79 -16.05 -34.62
N GLY K 292 45.69 -16.92 -35.03
CA GLY K 292 46.74 -16.55 -35.96
C GLY K 292 46.38 -16.67 -37.44
N ASP K 293 45.15 -17.04 -37.75
CA ASP K 293 44.80 -17.36 -39.14
C ASP K 293 44.71 -16.11 -40.02
N PHE K 294 45.12 -14.97 -39.51
CA PHE K 294 45.23 -13.78 -40.35
C PHE K 294 46.41 -14.04 -41.28
N ALA K 295 47.37 -14.81 -40.77
CA ALA K 295 48.47 -15.44 -41.52
C ALA K 295 48.01 -16.14 -42.80
N ARG K 296 46.82 -16.72 -42.68
CA ARG K 296 46.13 -17.48 -43.73
C ARG K 296 45.83 -16.56 -44.91
N SER K 297 45.66 -15.28 -44.62
CA SER K 297 45.40 -14.29 -45.66
C SER K 297 46.65 -14.19 -46.55
N LEU K 298 47.87 -14.24 -46.01
CA LEU K 298 49.02 -14.18 -46.91
C LEU K 298 48.93 -15.44 -47.81
N ASP K 299 48.56 -16.57 -47.20
CA ASP K 299 48.31 -17.81 -47.92
C ASP K 299 47.15 -17.62 -48.91
N TYR K 300 46.12 -16.86 -48.50
CA TYR K 300 44.99 -16.59 -49.37
C TYR K 300 45.57 -15.92 -50.62
N CYS K 301 46.52 -15.01 -50.42
CA CYS K 301 47.16 -14.37 -51.55
C CYS K 301 48.47 -15.13 -51.84
N GLY K 302 48.52 -16.40 -51.44
CA GLY K 302 49.70 -17.21 -51.65
C GLY K 302 50.08 -17.40 -53.11
N ASP K 303 49.08 -17.66 -53.94
CA ASP K 303 49.26 -17.80 -55.38
C ASP K 303 49.67 -16.45 -56.02
N LEU K 304 49.57 -15.41 -55.20
CA LEU K 304 49.91 -13.99 -55.47
C LEU K 304 51.39 -13.88 -55.13
N ALA K 305 51.73 -14.44 -53.97
CA ALA K 305 53.08 -14.48 -53.42
C ALA K 305 53.83 -15.27 -54.49
N LEU K 306 53.14 -16.28 -55.02
CA LEU K 306 53.64 -17.19 -56.05
C LEU K 306 53.94 -16.22 -57.19
N GLU K 307 52.94 -15.41 -57.56
CA GLU K 307 53.08 -14.40 -58.61
C GLU K 307 54.18 -13.37 -58.38
N GLY K 308 54.57 -13.04 -57.15
CA GLY K 308 55.66 -12.07 -57.07
C GLY K 308 56.86 -12.62 -57.80
N VAL K 309 57.28 -13.86 -57.55
CA VAL K 309 58.41 -14.39 -58.33
C VAL K 309 57.89 -14.48 -59.77
N PHE K 310 56.66 -15.00 -59.90
CA PHE K 310 56.02 -15.25 -61.19
C PHE K 310 55.56 -14.07 -62.05
N ALA K 311 54.97 -13.02 -61.48
CA ALA K 311 54.57 -11.91 -62.37
C ALA K 311 55.68 -10.88 -62.60
N HIS K 312 56.93 -11.35 -62.57
CA HIS K 312 58.13 -10.51 -62.73
C HIS K 312 58.23 -9.32 -61.80
N LYS K 313 57.28 -9.19 -60.88
CA LYS K 313 57.26 -8.06 -59.98
C LYS K 313 56.77 -8.47 -58.60
N PHE K 314 57.29 -7.83 -57.57
CA PHE K 314 56.78 -8.05 -56.24
C PHE K 314 55.69 -7.04 -55.96
N ASP K 315 55.24 -6.31 -56.98
CA ASP K 315 54.20 -5.35 -56.66
C ASP K 315 52.80 -5.77 -57.11
N PHE K 316 51.84 -5.59 -56.20
CA PHE K 316 50.43 -5.96 -56.42
C PHE K 316 49.44 -4.85 -56.10
N GLU K 317 48.20 -4.98 -56.55
CA GLU K 317 47.19 -4.01 -56.18
C GLU K 317 46.15 -4.86 -55.47
N PRO K 318 45.75 -4.47 -54.26
CA PRO K 318 44.83 -5.33 -53.53
C PRO K 318 43.47 -5.38 -54.21
N GLU K 319 42.83 -6.54 -54.12
CA GLU K 319 41.63 -6.85 -54.89
C GLU K 319 40.45 -5.96 -54.52
N HIS K 320 39.70 -5.52 -55.53
CA HIS K 320 38.57 -4.63 -55.32
C HIS K 320 37.41 -5.36 -54.63
N GLY K 321 36.89 -4.75 -53.57
CA GLY K 321 35.96 -5.41 -52.66
C GLY K 321 36.56 -5.92 -51.38
N SER K 322 35.88 -6.87 -50.74
CA SER K 322 36.21 -7.31 -49.38
C SER K 322 37.61 -7.89 -49.25
N SER K 323 38.22 -8.24 -50.37
CA SER K 323 39.56 -8.80 -50.34
C SER K 323 40.63 -7.72 -50.24
N MET K 324 40.24 -6.48 -49.97
CA MET K 324 41.22 -5.41 -50.05
C MET K 324 41.97 -5.51 -48.72
N ASN K 325 41.56 -6.53 -47.97
CA ASN K 325 41.92 -6.65 -46.57
C ASN K 325 43.21 -7.41 -46.66
N GLU K 326 43.55 -7.78 -47.90
CA GLU K 326 44.77 -8.51 -48.16
C GLU K 326 45.86 -7.53 -47.78
N ASP K 327 45.64 -6.23 -48.03
CA ASP K 327 46.70 -5.28 -47.69
C ASP K 327 46.89 -5.18 -46.16
N VAL K 328 46.26 -6.13 -45.46
CA VAL K 328 46.62 -6.55 -44.09
C VAL K 328 48.11 -6.74 -44.01
N LEU K 329 48.70 -7.27 -45.07
CA LEU K 329 50.13 -7.53 -45.11
C LEU K 329 50.92 -6.22 -45.09
N VAL K 330 50.34 -5.13 -45.57
CA VAL K 330 51.02 -3.85 -45.46
C VAL K 330 51.02 -3.51 -43.98
N THR K 331 49.89 -3.79 -43.32
CA THR K 331 49.78 -3.59 -41.89
C THR K 331 50.79 -4.53 -41.21
N ILE K 332 50.91 -5.77 -41.71
CA ILE K 332 51.88 -6.73 -41.17
C ILE K 332 53.34 -6.43 -41.51
N GLY K 333 53.57 -5.85 -42.68
CA GLY K 333 54.89 -5.44 -43.10
C GLY K 333 55.49 -6.44 -44.06
N LEU K 334 54.68 -7.43 -44.44
CA LEU K 334 55.07 -8.43 -45.42
C LEU K 334 55.08 -7.75 -46.77
N LEU K 335 54.10 -6.87 -46.90
CA LEU K 335 53.90 -6.02 -48.06
C LEU K 335 53.85 -4.52 -47.72
N CYS K 336 54.85 -3.91 -47.07
CA CYS K 336 54.64 -2.49 -46.75
C CYS K 336 54.65 -1.68 -48.04
N LYS K 337 53.78 -0.68 -48.10
CA LYS K 337 53.73 0.26 -49.23
C LYS K 337 54.07 1.77 -49.20
N TYR K 338 54.65 2.23 -50.31
CA TYR K 338 55.17 3.59 -50.51
C TYR K 338 53.96 4.53 -50.76
N THR K 339 53.76 5.63 -50.03
CA THR K 339 52.66 6.50 -50.45
C THR K 339 53.00 7.17 -51.81
N ALA K 340 52.00 7.26 -52.69
CA ALA K 340 52.15 7.77 -54.06
C ALA K 340 50.79 7.85 -54.77
N GLN K 341 50.68 8.70 -55.79
CA GLN K 341 49.42 8.83 -56.53
C GLN K 341 49.13 7.66 -57.46
N ARG K 342 48.01 6.99 -57.18
CA ARG K 342 47.52 5.80 -57.85
C ARG K 342 48.33 4.62 -57.33
N LEU K 343 48.61 4.71 -56.04
CA LEU K 343 49.40 3.74 -55.30
C LEU K 343 48.89 2.32 -55.24
N LYS K 344 49.80 1.39 -55.47
CA LYS K 344 49.53 -0.02 -55.24
C LYS K 344 50.68 -0.71 -54.52
N PRO K 345 50.35 -1.59 -53.56
CA PRO K 345 51.14 -2.40 -52.64
C PRO K 345 52.39 -3.02 -53.28
N THR K 346 53.37 -3.36 -52.44
CA THR K 346 54.61 -4.02 -52.85
C THR K 346 55.00 -4.78 -51.60
N TYR K 347 55.89 -5.77 -51.70
CA TYR K 347 56.41 -6.40 -50.48
C TYR K 347 57.57 -5.74 -49.76
N LYS K 348 58.22 -4.76 -50.37
CA LYS K 348 59.43 -4.20 -49.77
C LYS K 348 59.09 -3.72 -48.36
N PHE K 349 59.91 -4.12 -47.40
CA PHE K 349 59.93 -3.50 -46.09
C PHE K 349 61.22 -2.72 -46.05
N PHE K 350 61.80 -2.62 -47.25
CA PHE K 350 63.24 -2.67 -47.53
C PHE K 350 63.36 -3.97 -48.35
N HIS K 351 63.69 -3.87 -49.64
CA HIS K 351 64.00 -5.06 -50.48
C HIS K 351 62.80 -5.98 -50.70
N LYS K 352 61.99 -5.71 -51.72
CA LYS K 352 60.81 -6.53 -52.01
C LYS K 352 61.14 -7.97 -52.44
N SER K 353 62.34 -8.16 -52.98
CA SER K 353 62.79 -9.49 -53.39
C SER K 353 62.83 -10.46 -52.21
N PHE K 354 62.68 -9.91 -51.02
CA PHE K 354 62.71 -10.68 -49.81
C PHE K 354 61.60 -11.74 -49.81
N GLN K 355 60.47 -11.37 -50.43
CA GLN K 355 59.33 -12.28 -50.63
C GLN K 355 59.53 -13.51 -51.55
N GLU K 356 60.72 -13.67 -52.11
CA GLU K 356 60.98 -14.82 -52.98
C GLU K 356 60.84 -16.21 -52.34
N TYR K 357 61.23 -16.35 -51.10
CA TYR K 357 61.08 -17.62 -50.38
C TYR K 357 59.60 -17.97 -50.25
N THR K 358 58.76 -17.02 -49.90
CA THR K 358 57.34 -17.35 -49.72
C THR K 358 56.78 -17.90 -51.04
N ALA K 359 57.21 -17.35 -52.17
CA ALA K 359 56.72 -17.88 -53.43
C ALA K 359 57.19 -19.30 -53.61
N GLY K 360 58.40 -19.59 -53.20
CA GLY K 360 58.94 -20.93 -53.26
C GLY K 360 58.16 -21.77 -52.25
N ARG K 361 57.91 -21.19 -51.09
CA ARG K 361 57.13 -21.80 -50.00
C ARG K 361 55.71 -22.19 -50.38
N ARG K 362 55.03 -21.34 -51.14
CA ARG K 362 53.68 -21.61 -51.59
C ARG K 362 53.77 -22.87 -52.42
N LEU K 363 54.81 -22.96 -53.26
CA LEU K 363 54.97 -24.12 -54.14
C LEU K 363 55.12 -25.32 -53.21
N SER K 364 55.92 -25.16 -52.15
CA SER K 364 56.12 -26.23 -51.18
C SER K 364 54.79 -26.58 -50.52
N SER K 365 53.99 -25.57 -50.22
CA SER K 365 52.69 -25.78 -49.58
C SER K 365 51.86 -26.62 -50.53
N LEU K 366 52.10 -26.44 -51.83
CA LEU K 366 51.43 -27.22 -52.84
C LEU K 366 52.01 -28.65 -52.84
N LEU K 367 53.34 -28.78 -52.78
CA LEU K 367 54.00 -30.09 -52.80
C LEU K 367 53.71 -30.96 -51.58
N THR K 368 53.62 -30.35 -50.40
CA THR K 368 53.36 -31.07 -49.16
C THR K 368 51.87 -31.15 -48.88
N SER K 369 51.07 -30.83 -49.89
CA SER K 369 49.63 -30.73 -49.73
C SER K 369 48.95 -32.09 -49.71
N LYS K 370 47.75 -32.09 -49.13
CA LYS K 370 46.97 -33.29 -48.84
C LYS K 370 46.77 -34.22 -50.04
N GLU K 371 46.93 -33.69 -51.25
CA GLU K 371 46.70 -34.49 -52.44
C GLU K 371 47.66 -34.19 -53.60
N PRO K 372 47.94 -35.22 -54.41
CA PRO K 372 48.72 -35.18 -55.64
C PRO K 372 48.32 -34.07 -56.64
N GLU K 373 47.04 -33.77 -56.80
CA GLU K 373 46.61 -32.70 -57.72
C GLU K 373 47.11 -31.30 -57.33
N GLU K 374 47.12 -30.99 -56.05
CA GLU K 374 47.66 -29.70 -55.60
C GLU K 374 49.15 -29.69 -55.90
N VAL K 375 49.80 -30.82 -55.68
CA VAL K 375 51.22 -30.95 -55.96
C VAL K 375 51.51 -30.73 -57.45
N SER K 376 50.69 -31.34 -58.33
CA SER K 376 50.79 -31.17 -59.78
C SER K 376 50.46 -29.74 -60.18
N LYS K 377 49.62 -29.09 -59.38
CA LYS K 377 49.32 -27.68 -59.55
C LYS K 377 50.62 -26.93 -59.27
N GLY K 378 51.32 -27.37 -58.24
CA GLY K 378 52.64 -26.84 -57.90
C GLY K 378 53.58 -27.15 -59.05
N ASN K 379 53.44 -28.35 -59.58
CA ASN K 379 54.19 -28.82 -60.74
C ASN K 379 53.86 -27.97 -61.98
N SER K 380 52.60 -27.54 -62.11
CA SER K 380 52.19 -26.78 -63.28
C SER K 380 52.83 -25.39 -63.28
N TYR K 381 53.33 -25.03 -62.11
CA TYR K 381 54.07 -23.79 -61.90
C TYR K 381 55.50 -24.00 -62.45
N LEU K 382 55.80 -25.24 -62.84
CA LEU K 382 57.08 -25.60 -63.47
C LEU K 382 56.89 -25.69 -64.98
N ASN K 383 55.70 -25.32 -65.43
CA ASN K 383 55.37 -25.39 -66.84
C ASN K 383 55.52 -23.94 -67.25
N LYS K 384 55.94 -23.17 -66.25
CA LYS K 384 56.05 -21.73 -66.29
C LYS K 384 57.51 -21.37 -66.55
N MET K 385 58.39 -22.34 -66.27
CA MET K 385 59.84 -22.11 -66.20
C MET K 385 60.67 -22.96 -67.16
N VAL K 386 61.63 -22.31 -67.82
CA VAL K 386 62.53 -22.97 -68.76
C VAL K 386 64.00 -23.09 -68.33
N SER K 387 64.42 -24.28 -67.89
CA SER K 387 65.79 -24.52 -67.41
C SER K 387 66.43 -23.58 -66.37
N ILE K 388 67.77 -23.65 -66.25
CA ILE K 388 68.50 -22.81 -65.29
C ILE K 388 68.32 -21.41 -65.85
N SER K 389 68.39 -21.34 -67.19
CA SER K 389 68.25 -20.14 -68.02
C SER K 389 67.94 -18.91 -67.20
N ASP K 390 66.79 -19.04 -66.55
CA ASP K 390 66.12 -18.00 -65.78
C ASP K 390 66.85 -17.57 -64.52
N ILE K 391 68.12 -17.94 -64.37
CA ILE K 391 68.99 -17.38 -63.34
C ILE K 391 69.05 -15.85 -63.44
N THR K 392 68.70 -15.34 -64.63
CA THR K 392 68.66 -13.92 -64.90
C THR K 392 67.43 -13.23 -64.29
N SER K 393 66.46 -14.03 -63.87
CA SER K 393 65.20 -13.46 -63.42
C SER K 393 64.59 -14.28 -62.28
N LEU K 394 63.44 -13.81 -61.80
CA LEU K 394 62.87 -14.34 -60.58
C LEU K 394 62.60 -15.84 -60.53
N TYR K 395 62.45 -16.55 -61.66
CA TYR K 395 62.22 -17.97 -61.43
C TYR K 395 63.54 -18.76 -61.43
N GLY K 396 64.70 -18.13 -61.61
CA GLY K 396 65.92 -18.93 -61.70
C GLY K 396 66.25 -19.72 -60.45
N ASN K 397 66.23 -18.91 -59.39
CA ASN K 397 66.45 -19.13 -57.96
C ASN K 397 65.26 -19.80 -57.25
N LEU K 398 64.12 -19.66 -57.89
CA LEU K 398 62.81 -20.16 -57.49
C LEU K 398 62.88 -21.65 -57.18
N LEU K 399 63.61 -22.46 -57.93
CA LEU K 399 63.55 -23.89 -57.61
C LEU K 399 64.30 -24.12 -56.31
N LEU K 400 65.24 -23.26 -56.03
CA LEU K 400 66.01 -23.24 -54.80
C LEU K 400 65.06 -23.01 -53.64
N TYR K 401 64.16 -22.05 -53.84
CA TYR K 401 63.21 -21.63 -52.84
C TYR K 401 62.18 -22.73 -52.69
N THR K 402 61.91 -23.43 -53.77
CA THR K 402 61.02 -24.57 -53.70
C THR K 402 61.66 -25.64 -52.79
N CYS K 403 62.94 -25.93 -53.06
CA CYS K 403 63.71 -26.92 -52.30
C CYS K 403 64.07 -26.66 -50.82
N GLY K 404 64.37 -25.42 -50.44
CA GLY K 404 64.71 -25.10 -49.05
C GLY K 404 63.48 -25.39 -48.23
N SER K 405 62.37 -25.25 -48.94
CA SER K 405 61.01 -25.40 -48.48
C SER K 405 60.66 -26.89 -48.26
N SER K 406 61.10 -27.79 -49.14
CA SER K 406 60.70 -29.20 -49.06
C SER K 406 61.82 -30.20 -49.44
N THR K 407 61.72 -31.39 -48.88
CA THR K 407 62.67 -32.50 -49.05
C THR K 407 62.69 -33.43 -50.29
N GLU K 408 61.91 -34.50 -50.15
CA GLU K 408 61.66 -35.56 -51.12
C GLU K 408 61.00 -35.02 -52.38
N ALA K 409 60.17 -34.02 -52.17
CA ALA K 409 59.38 -33.36 -53.19
C ALA K 409 60.29 -32.75 -54.24
N THR K 410 61.45 -32.20 -53.88
CA THR K 410 62.33 -31.69 -54.93
C THR K 410 62.82 -32.75 -55.94
N ARG K 411 62.51 -34.04 -55.72
CA ARG K 411 62.73 -35.04 -56.79
C ARG K 411 61.86 -34.71 -58.01
N ALA K 412 60.67 -34.19 -57.72
CA ALA K 412 59.73 -33.67 -58.71
C ALA K 412 60.40 -32.51 -59.45
N VAL K 413 61.17 -31.74 -58.70
CA VAL K 413 61.90 -30.59 -59.23
C VAL K 413 62.94 -31.22 -60.14
N MET K 414 63.58 -32.30 -59.69
CA MET K 414 64.65 -32.88 -60.47
C MET K 414 64.05 -33.43 -61.76
N ARG K 415 62.77 -33.81 -61.73
CA ARG K 415 62.15 -34.28 -62.96
C ARG K 415 62.13 -33.19 -64.02
N HIS K 416 61.82 -31.95 -63.66
CA HIS K 416 61.84 -30.90 -64.68
C HIS K 416 63.25 -30.60 -65.12
N LEU K 417 64.22 -30.91 -64.27
CA LEU K 417 65.61 -30.69 -64.66
C LEU K 417 65.99 -31.68 -65.77
N ALA K 418 65.12 -32.67 -65.99
CA ALA K 418 65.40 -33.67 -67.00
C ALA K 418 64.58 -33.29 -68.24
N MET K 419 63.76 -32.25 -68.09
CA MET K 419 62.74 -31.89 -69.08
C MET K 419 63.29 -30.66 -69.78
N VAL K 420 64.55 -30.37 -69.43
CA VAL K 420 65.35 -29.27 -69.95
C VAL K 420 66.07 -29.69 -71.22
N TYR K 421 65.74 -29.01 -72.33
CA TYR K 421 66.23 -29.39 -73.64
C TYR K 421 66.79 -28.14 -74.30
N GLN K 422 66.73 -27.05 -73.54
CA GLN K 422 67.02 -25.73 -74.04
C GLN K 422 68.50 -25.43 -73.82
N HIS K 423 69.08 -26.16 -72.86
CA HIS K 423 70.50 -26.03 -72.50
C HIS K 423 70.78 -24.68 -71.84
N GLY K 424 69.75 -24.11 -71.23
CA GLY K 424 69.79 -22.76 -70.69
C GLY K 424 69.52 -21.69 -71.73
N SER K 425 70.44 -20.72 -71.83
CA SER K 425 70.39 -19.76 -72.94
C SER K 425 71.81 -19.43 -73.42
N LEU K 426 71.96 -19.27 -74.73
CA LEU K 426 73.29 -19.07 -75.32
C LEU K 426 73.67 -17.60 -75.45
N GLN K 427 72.73 -16.70 -75.14
CA GLN K 427 72.97 -15.27 -75.37
C GLN K 427 73.97 -14.73 -74.36
N GLY K 428 74.94 -13.96 -74.86
CA GLY K 428 75.94 -13.35 -74.00
C GLY K 428 77.07 -14.27 -73.56
N LEU K 429 77.08 -15.48 -74.07
CA LEU K 429 78.06 -16.49 -73.65
C LEU K 429 78.77 -17.10 -74.85
N SER K 430 80.03 -17.47 -74.67
CA SER K 430 80.85 -17.96 -75.77
C SER K 430 81.98 -18.90 -75.34
N VAL K 431 82.06 -20.05 -76.01
CA VAL K 431 83.08 -21.09 -75.75
C VAL K 431 84.51 -20.52 -75.80
N THR K 432 84.62 -19.27 -76.20
CA THR K 432 85.91 -18.60 -76.24
C THR K 432 86.04 -17.49 -75.21
N LYS K 433 85.35 -17.64 -74.08
CA LYS K 433 85.39 -16.64 -73.02
C LYS K 433 86.14 -17.24 -71.83
N ARG K 434 86.06 -18.57 -71.68
CA ARG K 434 86.72 -19.25 -70.58
C ARG K 434 88.26 -19.17 -70.71
N PRO K 435 88.83 -19.59 -71.87
CA PRO K 435 90.29 -19.43 -72.00
C PRO K 435 90.77 -17.98 -72.10
N LEU K 436 89.90 -17.08 -72.58
CA LEU K 436 90.18 -15.66 -72.82
C LEU K 436 90.98 -15.43 -74.09
N TRP K 437 90.76 -16.28 -75.10
CA TRP K 437 91.57 -16.22 -76.32
C TRP K 437 90.73 -16.06 -77.58
N ARG K 438 91.34 -15.49 -78.61
CA ARG K 438 90.75 -15.47 -79.95
C ARG K 438 91.50 -16.42 -80.87
N GLN K 439 92.08 -17.48 -80.31
CA GLN K 439 92.94 -18.36 -81.08
C GLN K 439 92.90 -19.81 -80.61
N GLU K 440 93.24 -20.69 -81.54
CA GLU K 440 93.12 -22.14 -81.38
C GLU K 440 93.66 -22.66 -80.03
N SEP K 441 92.93 -23.62 -79.46
CA SEP K 441 93.26 -24.24 -78.19
CB SEP K 441 92.13 -24.03 -77.20
OG SEP K 441 90.91 -24.48 -77.77
C SEP K 441 93.51 -25.75 -78.39
O SEP K 441 93.62 -26.22 -79.52
P SEP K 441 89.74 -23.39 -77.54
O1P SEP K 441 88.57 -23.62 -78.61
O2P SEP K 441 90.35 -21.90 -77.70
O3P SEP K 441 89.14 -23.58 -76.05
N ILE K 442 93.61 -26.49 -77.29
CA ILE K 442 93.68 -27.96 -77.38
C ILE K 442 92.27 -28.45 -77.66
N GLN K 443 91.30 -27.75 -77.09
CA GLN K 443 89.89 -28.06 -77.31
C GLN K 443 89.58 -27.81 -78.79
N SER K 444 90.27 -26.83 -79.37
CA SER K 444 90.11 -26.50 -80.79
C SER K 444 90.67 -27.58 -81.69
N LEU K 445 91.74 -28.24 -81.24
CA LEU K 445 92.28 -29.38 -81.98
C LEU K 445 91.27 -30.52 -82.00
N ARG K 446 90.40 -30.57 -80.99
CA ARG K 446 89.41 -31.65 -80.92
C ARG K 446 88.28 -31.40 -81.94
N ASN K 447 88.19 -30.18 -82.47
CA ASN K 447 87.13 -29.78 -83.42
C ASN K 447 87.57 -29.05 -84.69
N THR K 448 86.72 -29.14 -85.72
CA THR K 448 86.95 -28.49 -87.01
C THR K 448 86.58 -27.00 -87.10
N THR K 449 85.78 -26.50 -86.15
CA THR K 449 85.51 -25.06 -86.05
C THR K 449 86.09 -24.33 -84.84
N GLU K 450 85.85 -23.02 -84.78
CA GLU K 450 86.39 -22.20 -83.70
C GLU K 450 85.50 -22.40 -82.47
N GLN K 451 84.24 -22.75 -82.72
CA GLN K 451 83.28 -22.92 -81.63
C GLN K 451 82.53 -24.25 -81.76
N ASP K 452 81.84 -24.62 -80.68
CA ASP K 452 80.91 -25.74 -80.67
C ASP K 452 80.26 -25.91 -79.29
N VAL K 453 81.05 -25.71 -78.23
CA VAL K 453 80.57 -25.84 -76.85
C VAL K 453 79.49 -24.77 -76.67
N LEU K 454 79.73 -23.62 -77.31
CA LEU K 454 78.80 -22.48 -77.37
C LEU K 454 77.33 -22.86 -77.55
N LYS K 455 77.10 -23.86 -78.38
CA LYS K 455 75.76 -24.32 -78.73
C LYS K 455 75.12 -24.80 -77.43
N ALA K 456 75.88 -25.53 -76.63
CA ALA K 456 75.36 -26.12 -75.42
C ALA K 456 76.25 -25.52 -74.32
N ILE K 457 76.57 -24.22 -74.46
CA ILE K 457 77.48 -23.53 -73.55
C ILE K 457 77.17 -23.65 -72.06
N ASN K 458 75.88 -23.65 -71.72
CA ASN K 458 75.51 -23.70 -70.33
C ASN K 458 75.38 -25.10 -69.80
N VAL K 459 76.11 -26.06 -70.39
CA VAL K 459 76.06 -27.42 -69.86
C VAL K 459 76.63 -27.51 -68.46
N ASN K 460 77.66 -26.70 -68.16
CA ASN K 460 78.22 -26.65 -66.81
C ASN K 460 77.58 -25.54 -65.96
N SER K 461 76.82 -24.66 -66.59
CA SER K 461 76.14 -23.53 -65.93
C SER K 461 75.12 -24.21 -65.04
N PHE K 462 74.61 -25.30 -65.60
CA PHE K 462 73.64 -26.20 -65.00
C PHE K 462 74.19 -26.77 -63.73
N VAL K 463 75.46 -27.16 -63.78
CA VAL K 463 76.14 -27.76 -62.65
C VAL K 463 76.25 -26.82 -61.44
N GLU K 464 76.56 -25.55 -61.63
CA GLU K 464 76.59 -24.64 -60.48
C GLU K 464 75.23 -24.54 -59.75
N CYS K 465 74.18 -24.45 -60.56
CA CYS K 465 72.80 -24.46 -60.06
C CYS K 465 72.57 -25.75 -59.31
N GLY K 466 73.04 -26.83 -59.93
CA GLY K 466 72.92 -28.17 -59.39
C GLY K 466 73.58 -28.40 -58.05
N ILE K 467 74.78 -27.88 -57.84
CA ILE K 467 75.44 -28.06 -56.55
C ILE K 467 74.64 -27.30 -55.50
N ASN K 468 74.16 -26.12 -55.89
CA ASN K 468 73.29 -25.38 -54.96
C ASN K 468 72.00 -26.14 -54.63
N LEU K 469 71.35 -26.70 -55.64
CA LEU K 469 70.13 -27.51 -55.50
C LEU K 469 70.30 -28.79 -54.66
N PHE K 470 71.46 -29.42 -54.84
CA PHE K 470 71.85 -30.63 -54.13
C PHE K 470 71.92 -30.26 -52.66
N SER K 471 72.57 -29.13 -52.44
CA SER K 471 72.79 -28.52 -51.13
C SER K 471 71.51 -28.06 -50.42
N GLU K 472 70.58 -27.48 -51.17
CA GLU K 472 69.33 -26.94 -50.63
C GLU K 472 68.27 -27.84 -49.98
N SER K 473 68.15 -29.10 -50.36
CA SER K 473 67.14 -29.91 -49.70
C SER K 473 68.02 -30.87 -48.93
N MET K 474 69.32 -30.59 -49.03
CA MET K 474 70.37 -31.33 -48.36
C MET K 474 70.22 -32.73 -48.91
N SER K 475 70.10 -32.80 -50.24
CA SER K 475 69.42 -33.90 -50.92
C SER K 475 70.12 -35.26 -50.90
N LYS K 476 71.20 -35.36 -50.12
CA LYS K 476 72.10 -36.53 -50.07
C LYS K 476 72.07 -37.50 -51.26
N SER K 477 72.36 -38.76 -50.97
CA SER K 477 72.35 -39.82 -51.96
C SER K 477 70.96 -40.11 -52.55
N ASP K 478 69.93 -39.48 -52.00
CA ASP K 478 68.56 -39.71 -52.48
C ASP K 478 68.30 -39.23 -53.90
N LEU K 479 68.80 -38.04 -54.21
CA LEU K 479 68.63 -37.42 -55.52
C LEU K 479 69.75 -37.74 -56.54
N SER K 480 70.62 -38.69 -56.21
CA SER K 480 71.75 -39.07 -57.08
C SER K 480 71.58 -39.74 -58.46
N GLN K 481 70.57 -40.58 -58.66
CA GLN K 481 70.33 -41.17 -59.98
C GLN K 481 70.00 -40.08 -60.98
N GLU K 482 69.31 -39.08 -60.44
CA GLU K 482 68.92 -37.91 -61.17
C GLU K 482 70.17 -37.12 -61.44
N PHE K 483 71.04 -36.87 -60.47
CA PHE K 483 72.08 -35.93 -60.84
C PHE K 483 73.08 -36.68 -61.70
N GLU K 484 73.09 -38.03 -61.71
CA GLU K 484 74.15 -38.68 -62.54
C GLU K 484 73.66 -38.39 -63.92
N ALA K 485 72.35 -38.53 -64.09
CA ALA K 485 71.73 -38.27 -65.41
C ALA K 485 71.61 -36.81 -65.86
N PHE K 486 71.68 -35.87 -64.91
CA PHE K 486 71.41 -34.46 -65.21
C PHE K 486 72.62 -33.72 -65.78
N PHE K 487 73.81 -34.11 -65.36
CA PHE K 487 75.03 -33.43 -65.82
C PHE K 487 75.73 -34.27 -66.88
N GLN K 488 75.02 -35.29 -67.36
CA GLN K 488 75.54 -36.22 -68.36
C GLN K 488 75.64 -35.62 -69.76
N GLY K 489 76.68 -36.02 -70.48
CA GLY K 489 76.87 -35.56 -71.84
C GLY K 489 77.42 -34.14 -71.84
N LYS K 490 77.98 -33.76 -70.70
CA LYS K 490 78.43 -32.39 -70.51
C LYS K 490 79.87 -32.28 -70.00
N SER K 491 80.47 -31.12 -70.27
CA SER K 491 81.83 -30.80 -69.83
C SER K 491 81.94 -29.46 -69.06
N LEU K 492 82.75 -29.47 -68.00
CA LEU K 492 83.04 -28.27 -67.19
C LEU K 492 84.43 -27.70 -67.42
N TYR K 493 84.53 -26.40 -67.68
CA TYR K 493 85.85 -25.83 -67.86
C TYR K 493 86.09 -24.62 -66.92
N ILE K 494 87.14 -24.77 -66.11
CA ILE K 494 87.72 -23.77 -65.18
C ILE K 494 89.02 -23.06 -65.60
N ASN K 495 89.08 -21.74 -65.48
CA ASN K 495 90.38 -21.03 -65.47
C ASN K 495 91.01 -20.98 -64.07
N SER K 496 92.34 -21.08 -64.00
CA SER K 496 93.08 -20.98 -62.72
C SER K 496 92.95 -19.61 -62.07
N GLU K 497 92.82 -18.58 -62.91
CA GLU K 497 92.66 -17.20 -62.48
C GLU K 497 91.31 -17.00 -61.80
N ASN K 498 90.31 -17.69 -62.31
CA ASN K 498 88.97 -17.65 -61.73
C ASN K 498 88.50 -19.03 -61.27
N ILE K 499 89.18 -19.53 -60.22
CA ILE K 499 88.81 -20.78 -59.56
C ILE K 499 87.81 -20.54 -58.43
N PRO K 500 86.59 -21.01 -58.60
CA PRO K 500 85.61 -20.96 -57.51
C PRO K 500 85.99 -21.85 -56.32
N ASP K 501 85.44 -21.51 -55.17
CA ASP K 501 85.61 -22.25 -53.93
C ASP K 501 84.54 -23.33 -53.79
N TYR K 502 83.40 -23.07 -54.43
CA TYR K 502 82.22 -23.94 -54.40
C TYR K 502 82.38 -25.27 -55.14
N LEU K 503 83.39 -25.47 -55.98
CA LEU K 503 83.45 -26.81 -56.55
C LEU K 503 83.66 -27.97 -55.56
N PHE K 504 84.51 -27.88 -54.53
CA PHE K 504 84.50 -29.02 -53.59
C PHE K 504 83.15 -29.17 -52.82
N ASP K 505 82.19 -28.25 -53.00
CA ASP K 505 80.85 -28.30 -52.34
C ASP K 505 79.93 -29.48 -52.67
N PHE K 506 79.91 -29.86 -53.94
CA PHE K 506 79.09 -30.95 -54.52
C PHE K 506 79.56 -32.22 -53.86
N PHE K 507 80.87 -32.29 -53.70
CA PHE K 507 81.59 -33.42 -53.16
C PHE K 507 81.20 -33.71 -51.70
N GLU K 508 80.05 -33.21 -51.27
CA GLU K 508 79.60 -33.40 -49.89
C GLU K 508 79.26 -34.86 -49.69
N TYR K 509 78.31 -35.34 -50.49
CA TYR K 509 77.76 -36.67 -50.30
C TYR K 509 77.99 -37.41 -51.59
N LEU K 510 78.23 -36.65 -52.66
CA LEU K 510 78.29 -37.37 -53.91
C LEU K 510 79.49 -36.94 -54.77
N PRO K 511 80.74 -37.16 -54.30
CA PRO K 511 81.83 -36.73 -55.20
C PRO K 511 82.04 -37.59 -56.46
N ASN K 512 81.64 -38.83 -56.33
CA ASN K 512 81.72 -39.85 -57.36
C ASN K 512 80.88 -39.57 -58.59
N CYS K 513 79.72 -38.98 -58.40
CA CYS K 513 78.87 -38.68 -59.55
C CYS K 513 79.50 -37.61 -60.44
N ALA K 514 80.71 -37.21 -60.09
CA ALA K 514 81.49 -36.26 -60.88
C ALA K 514 81.71 -36.90 -62.25
N SER K 515 81.83 -38.23 -62.26
CA SER K 515 82.02 -38.99 -63.50
C SER K 515 80.76 -39.20 -64.33
N ALA K 516 79.72 -38.41 -64.05
CA ALA K 516 78.65 -38.27 -65.02
C ALA K 516 79.15 -37.35 -66.14
N LEU K 517 79.83 -36.28 -65.72
CA LEU K 517 80.45 -35.30 -66.63
C LEU K 517 81.51 -35.98 -67.48
N ASP K 518 81.81 -35.44 -68.66
CA ASP K 518 82.94 -35.96 -69.42
C ASP K 518 84.32 -35.41 -69.02
N PHE K 519 84.60 -34.18 -69.42
CA PHE K 519 85.83 -33.48 -69.03
C PHE K 519 85.78 -32.19 -68.22
N VAL K 520 86.65 -32.11 -67.22
CA VAL K 520 86.72 -30.98 -66.31
C VAL K 520 87.96 -30.34 -66.93
N LYS K 521 87.85 -29.08 -67.36
CA LYS K 521 88.96 -28.48 -68.08
C LYS K 521 89.54 -27.31 -67.31
N LEU K 522 90.86 -27.34 -67.24
CA LEU K 522 91.67 -26.40 -66.51
C LEU K 522 92.72 -25.60 -67.29
N ASP K 523 92.73 -24.29 -67.09
CA ASP K 523 93.71 -23.45 -67.75
C ASP K 523 94.57 -22.91 -66.63
N PHE K 524 95.88 -23.09 -66.78
CA PHE K 524 96.84 -22.72 -65.75
C PHE K 524 97.79 -21.70 -66.33
N TYR K 525 97.68 -20.46 -65.87
CA TYR K 525 98.64 -19.41 -66.22
C TYR K 525 99.59 -18.93 -65.12
N GLU K 526 100.44 -17.98 -65.51
CA GLU K 526 101.46 -17.37 -64.66
C GLU K 526 102.53 -18.32 -64.14
N ARG K 527 102.16 -19.23 -63.24
CA ARG K 527 103.13 -20.14 -62.68
C ARG K 527 102.55 -21.55 -62.60
N ALA K 528 103.41 -22.54 -62.63
CA ALA K 528 102.98 -23.92 -62.54
C ALA K 528 102.39 -24.20 -61.16
N THR K 529 102.71 -23.34 -60.18
CA THR K 529 102.22 -23.48 -58.81
C THR K 529 100.70 -23.50 -58.76
N PRO K 553 99.70 -26.65 -59.41
CA PRO K 553 98.48 -26.12 -58.77
C PRO K 553 97.98 -26.98 -57.61
N PRO K 554 98.46 -26.70 -56.39
CA PRO K 554 98.04 -27.48 -55.21
C PRO K 554 96.55 -27.35 -54.95
N ARG K 555 96.00 -26.17 -55.24
CA ARG K 555 94.58 -25.91 -55.03
C ARG K 555 93.70 -26.72 -55.98
N ALA K 556 94.19 -26.93 -57.20
CA ALA K 556 93.48 -27.73 -58.20
C ALA K 556 93.42 -29.22 -57.88
N VAL K 557 94.56 -29.78 -57.47
CA VAL K 557 94.67 -31.21 -57.22
C VAL K 557 93.74 -31.62 -56.08
N SER K 558 93.72 -30.80 -55.03
CA SER K 558 92.94 -31.06 -53.82
C SER K 558 91.55 -31.58 -54.15
N LEU K 559 91.06 -31.13 -55.30
CA LEU K 559 89.79 -31.58 -55.87
C LEU K 559 89.84 -33.02 -56.35
N PHE K 560 90.96 -33.41 -56.95
CA PHE K 560 91.11 -34.75 -57.53
C PHE K 560 91.61 -35.77 -56.50
N PHE K 561 92.00 -35.28 -55.34
CA PHE K 561 92.12 -36.16 -54.18
C PHE K 561 90.77 -36.63 -53.68
N ASN K 562 89.73 -35.85 -53.94
CA ASN K 562 88.40 -36.18 -53.44
C ASN K 562 87.60 -37.06 -54.39
N TRP K 563 88.05 -37.21 -55.62
CA TRP K 563 87.30 -37.98 -56.59
C TRP K 563 87.95 -39.29 -57.06
N LYS K 564 87.09 -40.27 -57.35
CA LYS K 564 87.50 -41.61 -57.80
C LYS K 564 88.08 -41.66 -59.23
N GLN K 565 89.17 -42.40 -59.39
CA GLN K 565 89.73 -42.70 -60.70
C GLN K 565 88.80 -43.62 -61.51
N GLU K 566 88.87 -43.58 -62.84
CA GLU K 566 89.51 -42.54 -63.63
C GLU K 566 88.60 -41.71 -64.53
N PHE K 567 88.84 -40.40 -64.57
CA PHE K 567 88.11 -39.51 -65.46
C PHE K 567 88.39 -40.00 -66.88
N LYS K 568 87.44 -39.89 -67.79
CA LYS K 568 87.73 -40.33 -69.15
C LYS K 568 88.78 -39.43 -69.80
N THR K 569 88.38 -38.22 -70.17
CA THR K 569 89.29 -37.20 -70.69
C THR K 569 89.42 -35.94 -69.82
N LEU K 570 90.66 -35.60 -69.46
CA LEU K 570 91.04 -34.44 -68.63
C LEU K 570 91.87 -33.38 -69.37
N GLU K 571 91.36 -32.17 -69.60
CA GLU K 571 92.18 -31.29 -70.44
C GLU K 571 92.61 -29.96 -69.82
N VAL K 572 93.89 -29.70 -70.11
CA VAL K 572 94.67 -28.53 -69.71
C VAL K 572 95.35 -27.62 -70.79
N THR K 573 95.03 -26.34 -70.66
CA THR K 573 95.45 -25.17 -71.47
C THR K 573 96.47 -24.29 -70.72
N LEU K 574 97.66 -24.06 -71.27
CA LEU K 574 98.73 -23.41 -70.53
C LEU K 574 98.83 -22.03 -71.19
N ARG K 575 98.67 -21.00 -70.35
CA ARG K 575 98.86 -19.58 -70.74
C ARG K 575 99.90 -18.74 -69.99
N ASP K 576 100.51 -17.81 -70.73
CA ASP K 576 101.50 -16.83 -70.22
C ASP K 576 102.30 -17.32 -69.03
N ILE K 577 103.04 -18.40 -69.23
CA ILE K 577 103.90 -18.92 -68.17
C ILE K 577 105.33 -18.50 -68.47
N ASN K 578 105.99 -17.99 -67.44
CA ASN K 578 107.39 -17.58 -67.53
C ASN K 578 108.08 -18.17 -66.31
N LYS K 579 107.33 -19.05 -65.64
CA LYS K 579 107.76 -19.75 -64.45
C LYS K 579 107.29 -21.19 -64.55
N LEU K 580 108.03 -22.01 -65.29
CA LEU K 580 107.66 -23.41 -65.42
C LEU K 580 108.32 -24.22 -64.32
N ASN K 581 107.91 -23.98 -63.08
CA ASN K 581 108.52 -24.68 -61.96
C ASN K 581 108.25 -26.15 -62.19
N LYS K 582 109.32 -26.83 -62.58
CA LYS K 582 109.29 -28.24 -62.92
C LYS K 582 108.82 -29.08 -61.72
N GLN K 583 108.81 -28.44 -60.55
CA GLN K 583 108.23 -28.97 -59.32
C GLN K 583 106.69 -29.01 -59.30
N ASP K 584 106.06 -28.02 -59.94
CA ASP K 584 104.60 -27.85 -59.84
C ASP K 584 103.88 -28.50 -61.04
N ILE K 585 104.71 -29.03 -61.93
CA ILE K 585 104.38 -29.77 -63.15
C ILE K 585 103.67 -30.99 -62.61
N LYS K 586 104.26 -31.51 -61.53
CA LYS K 586 103.86 -32.70 -60.80
C LYS K 586 102.44 -32.53 -60.26
N TYR K 587 102.06 -31.34 -59.79
CA TYR K 587 100.73 -31.14 -59.24
C TYR K 587 99.79 -31.39 -60.43
N LEU K 588 100.20 -30.88 -61.58
CA LEU K 588 99.47 -31.11 -62.82
C LEU K 588 99.47 -32.61 -63.05
N GLY K 589 100.55 -33.30 -62.66
CA GLY K 589 100.64 -34.75 -62.75
C GLY K 589 99.53 -35.40 -61.94
N LYS K 590 99.28 -34.92 -60.73
CA LYS K 590 98.24 -35.45 -59.85
C LYS K 590 96.91 -35.27 -60.57
N ILE K 591 96.73 -34.11 -61.20
CA ILE K 591 95.51 -33.85 -61.96
C ILE K 591 95.42 -34.84 -63.12
N PHE K 592 96.56 -35.06 -63.77
CA PHE K 592 96.65 -35.95 -64.91
C PHE K 592 96.39 -37.43 -64.62
N SER K 593 96.67 -37.89 -63.40
CA SER K 593 96.46 -39.31 -63.14
C SER K 593 94.98 -39.63 -62.97
N SER K 594 94.16 -38.59 -62.87
CA SER K 594 92.73 -38.79 -62.70
C SER K 594 92.08 -39.29 -63.99
N ALA K 595 92.72 -39.00 -65.11
CA ALA K 595 92.14 -39.33 -66.42
C ALA K 595 92.80 -40.41 -67.26
N THR K 596 91.96 -41.15 -67.98
CA THR K 596 92.44 -42.11 -68.96
C THR K 596 93.10 -41.32 -70.09
N ASN K 597 92.50 -40.18 -70.45
CA ASN K 597 93.02 -39.31 -71.52
C ASN K 597 93.28 -37.88 -71.03
N LEU K 598 94.47 -37.38 -71.37
CA LEU K 598 94.90 -36.01 -71.13
C LEU K 598 95.21 -35.10 -72.33
N ARG K 599 94.63 -33.91 -72.42
CA ARG K 599 94.81 -33.14 -73.66
C ARG K 599 95.47 -31.84 -73.20
N LEU K 600 96.60 -31.48 -73.83
CA LEU K 600 97.33 -30.21 -73.62
C LEU K 600 97.66 -29.19 -74.72
N HIS K 601 97.27 -27.93 -74.51
CA HIS K 601 97.62 -26.83 -75.45
C HIS K 601 98.56 -25.86 -74.76
N ILE K 602 99.78 -25.69 -75.25
CA ILE K 602 100.76 -24.90 -74.53
C ILE K 602 101.03 -23.67 -75.38
N LYS K 603 100.58 -22.57 -74.76
CA LYS K 603 100.34 -21.26 -75.39
C LYS K 603 100.94 -20.10 -74.62
N ARG K 604 101.94 -19.45 -75.21
CA ARG K 604 102.64 -18.31 -74.61
C ARG K 604 103.46 -18.71 -73.40
N CYS K 605 103.88 -19.97 -73.36
CA CYS K 605 104.64 -20.45 -72.23
C CYS K 605 106.12 -20.37 -72.53
N ALA K 606 106.68 -19.17 -72.40
CA ALA K 606 108.08 -18.93 -72.71
C ALA K 606 109.03 -19.70 -71.80
N ALA K 607 108.52 -20.18 -70.67
CA ALA K 607 109.30 -21.01 -69.76
C ALA K 607 109.28 -22.48 -70.17
N MET K 608 108.46 -22.79 -71.17
CA MET K 608 108.31 -24.14 -71.72
C MET K 608 109.19 -24.39 -72.95
N ALA K 609 110.26 -25.18 -72.79
CA ALA K 609 111.14 -25.50 -73.91
C ALA K 609 111.24 -27.01 -74.05
N GLY K 610 112.40 -27.59 -73.76
CA GLY K 610 112.53 -29.05 -73.83
C GLY K 610 111.80 -29.63 -72.64
N ARG K 611 111.34 -28.70 -71.80
CA ARG K 611 110.81 -28.98 -70.48
C ARG K 611 109.44 -29.65 -70.59
N LEU K 612 108.93 -29.74 -71.81
CA LEU K 612 107.71 -30.48 -72.09
C LEU K 612 107.89 -31.93 -71.63
N SER K 613 109.16 -32.36 -71.59
CA SER K 613 109.54 -33.67 -71.05
C SER K 613 108.89 -33.92 -69.67
N SER K 614 108.87 -32.88 -68.84
CA SER K 614 108.36 -32.96 -67.47
C SER K 614 106.87 -33.14 -67.54
N VAL K 615 106.28 -32.45 -68.50
CA VAL K 615 104.86 -32.49 -68.78
C VAL K 615 104.48 -33.92 -69.18
N LEU K 616 105.35 -34.60 -69.92
CA LEU K 616 105.00 -35.93 -70.43
C LEU K 616 105.31 -37.05 -69.45
N ARG K 617 106.47 -37.02 -68.82
CA ARG K 617 106.87 -38.08 -67.90
C ARG K 617 105.75 -38.38 -66.90
N THR K 618 104.97 -37.35 -66.57
CA THR K 618 103.90 -37.42 -65.58
C THR K 618 102.57 -37.82 -66.23
N CYS K 619 102.51 -37.73 -67.55
CA CYS K 619 101.32 -38.10 -68.30
C CYS K 619 101.12 -39.62 -68.41
N LYS K 620 99.96 -40.08 -67.97
CA LYS K 620 99.57 -41.46 -68.20
C LYS K 620 99.45 -41.68 -69.70
N ASN K 621 98.91 -40.66 -70.37
CA ASN K 621 98.53 -40.77 -71.76
C ASN K 621 98.30 -39.40 -72.37
N MET K 622 99.25 -38.96 -73.21
CA MET K 622 99.12 -37.69 -73.92
C MET K 622 98.16 -37.88 -75.08
N HIS K 623 96.87 -37.77 -74.81
CA HIS K 623 95.86 -38.16 -75.78
C HIS K 623 95.80 -37.21 -77.00
N THR K 624 96.13 -35.94 -76.78
CA THR K 624 96.13 -34.94 -77.86
C THR K 624 97.11 -33.80 -77.60
N LEU K 625 98.00 -33.49 -78.55
CA LEU K 625 98.90 -32.35 -78.36
C LEU K 625 98.89 -31.25 -79.45
N MET K 626 98.60 -30.03 -79.01
CA MET K 626 98.62 -28.79 -79.82
C MET K 626 99.57 -27.70 -79.28
N VAL K 627 100.46 -27.14 -80.10
CA VAL K 627 101.47 -26.22 -79.58
C VAL K 627 101.55 -24.94 -80.44
N GLU K 628 101.28 -23.80 -79.79
CA GLU K 628 101.34 -22.49 -80.45
C GLU K 628 101.80 -21.34 -79.55
N ALA K 629 102.53 -20.39 -80.14
CA ALA K 629 103.04 -19.21 -79.46
C ALA K 629 103.95 -19.55 -78.29
N SER K 630 104.64 -20.68 -78.38
CA SER K 630 105.54 -21.11 -77.33
C SER K 630 106.82 -21.67 -77.96
N PRO K 631 107.90 -21.79 -77.16
CA PRO K 631 109.19 -22.31 -77.65
C PRO K 631 109.11 -23.75 -78.15
N LEU K 632 109.62 -23.98 -79.36
CA LEU K 632 109.43 -25.25 -80.04
C LEU K 632 110.62 -25.75 -80.86
N THR K 633 111.10 -26.96 -80.62
CA THR K 633 112.20 -27.41 -81.46
C THR K 633 111.61 -28.63 -82.15
N THR K 634 112.31 -29.18 -83.15
CA THR K 634 111.79 -30.34 -83.89
C THR K 634 111.78 -31.66 -83.11
N ASP K 635 112.69 -31.75 -82.17
CA ASP K 635 112.84 -32.90 -81.28
C ASP K 635 111.64 -33.21 -80.41
N ASP K 636 110.86 -32.20 -80.04
CA ASP K 636 109.70 -32.45 -79.20
C ASP K 636 108.69 -33.39 -79.93
N GLU K 637 108.97 -33.67 -81.21
CA GLU K 637 108.16 -34.54 -82.06
C GLU K 637 108.06 -35.94 -81.44
N GLN K 638 109.19 -36.36 -80.90
CA GLN K 638 109.36 -37.64 -80.23
C GLN K 638 108.40 -37.80 -79.05
N TYR K 639 108.13 -36.74 -78.28
CA TYR K 639 107.18 -36.89 -77.17
C TYR K 639 105.84 -37.25 -77.78
N ILE K 640 105.54 -36.67 -78.93
CA ILE K 640 104.29 -36.91 -79.64
C ILE K 640 104.25 -38.41 -79.98
N THR K 641 105.39 -38.93 -80.42
CA THR K 641 105.55 -40.34 -80.79
C THR K 641 105.67 -41.33 -79.61
N SER K 642 105.94 -40.85 -78.40
CA SER K 642 106.04 -41.78 -77.29
C SER K 642 104.66 -42.35 -76.97
N VAL K 643 103.65 -41.52 -77.20
CA VAL K 643 102.26 -41.90 -76.94
C VAL K 643 101.50 -42.51 -78.13
N THR K 644 101.20 -43.80 -78.04
CA THR K 644 100.62 -44.55 -79.15
C THR K 644 99.09 -44.32 -79.09
N GLY K 645 98.68 -43.79 -77.93
CA GLY K 645 97.30 -43.51 -77.59
C GLY K 645 96.71 -42.28 -78.25
N LEU K 646 97.51 -41.61 -79.07
CA LEU K 646 97.13 -40.33 -79.68
C LEU K 646 95.99 -40.41 -80.70
N GLN K 647 94.92 -39.69 -80.40
CA GLN K 647 93.77 -39.56 -81.29
C GLN K 647 93.83 -38.33 -82.19
N ASN K 648 94.20 -37.18 -81.62
CA ASN K 648 94.21 -35.89 -82.32
C ASN K 648 95.57 -35.19 -82.28
N LEU K 649 96.15 -34.85 -83.44
CA LEU K 649 97.41 -34.10 -83.40
C LEU K 649 97.58 -32.90 -84.36
N SER K 650 97.74 -31.70 -83.77
CA SER K 650 98.03 -30.47 -84.52
C SER K 650 99.27 -29.77 -83.98
N ILE K 651 100.03 -29.13 -84.88
CA ILE K 651 100.95 -28.07 -84.49
C ILE K 651 100.94 -27.02 -85.59
N HIS K 652 100.54 -25.80 -85.25
CA HIS K 652 100.30 -24.79 -86.28
C HIS K 652 101.30 -23.65 -86.26
N ARG K 653 102.43 -23.83 -85.58
CA ARG K 653 103.47 -22.81 -85.59
C ARG K 653 104.90 -23.31 -85.85
N LEU K 654 105.05 -24.47 -86.47
CA LEU K 654 106.36 -24.89 -87.02
C LEU K 654 106.96 -23.79 -87.88
N HIS K 655 106.32 -23.59 -89.04
CA HIS K 655 106.69 -22.60 -90.05
C HIS K 655 107.98 -23.06 -90.76
N THR K 656 108.46 -24.23 -90.34
CA THR K 656 109.65 -24.92 -90.85
C THR K 656 109.39 -26.33 -91.41
N GLN K 657 109.97 -26.65 -92.56
CA GLN K 657 109.75 -27.96 -93.19
C GLN K 657 110.25 -29.05 -92.23
N GLN K 658 109.54 -30.16 -92.22
CA GLN K 658 109.81 -31.26 -91.30
C GLN K 658 110.88 -32.13 -91.93
N LEU K 659 111.89 -32.45 -91.13
CA LEU K 659 113.02 -33.28 -91.56
C LEU K 659 112.71 -34.66 -92.15
N PRO K 660 113.77 -35.33 -92.68
CA PRO K 660 113.76 -36.71 -93.18
C PRO K 660 113.25 -37.74 -92.16
N GLY K 661 113.73 -37.64 -90.93
CA GLY K 661 113.34 -38.54 -89.88
C GLY K 661 112.20 -37.98 -89.05
N GLY K 662 111.45 -37.07 -89.66
CA GLY K 662 110.43 -36.31 -88.98
C GLY K 662 109.30 -37.13 -88.37
N LEU K 663 108.34 -36.43 -87.76
CA LEU K 663 107.25 -37.07 -87.05
C LEU K 663 106.29 -37.74 -88.03
N ILE K 664 106.30 -37.25 -89.27
CA ILE K 664 105.47 -37.76 -90.35
C ILE K 664 105.57 -39.28 -90.60
N ASP K 665 106.67 -39.90 -90.20
CA ASP K 665 106.81 -41.34 -90.42
C ASP K 665 106.74 -42.11 -89.10
N SER K 666 106.18 -41.47 -88.08
CA SER K 666 105.88 -42.14 -86.83
C SER K 666 104.37 -42.27 -86.68
N LEU K 667 103.67 -42.02 -87.78
CA LEU K 667 102.26 -42.35 -87.87
C LEU K 667 102.08 -43.86 -87.72
N GLY K 668 103.19 -44.60 -87.84
CA GLY K 668 103.14 -46.05 -87.86
C GLY K 668 102.96 -46.43 -86.41
N ASN K 669 103.14 -45.44 -85.54
CA ASN K 669 103.03 -45.64 -84.11
C ASN K 669 101.72 -45.03 -83.67
N LEU K 670 101.30 -43.93 -84.32
CA LEU K 670 100.04 -43.45 -83.85
C LEU K 670 99.04 -44.10 -84.79
N LYS K 671 98.45 -45.20 -84.34
CA LYS K 671 97.50 -45.94 -85.17
C LYS K 671 96.11 -45.49 -84.81
N ASN K 672 96.04 -44.83 -83.67
CA ASN K 672 94.77 -44.45 -83.11
C ASN K 672 94.38 -43.04 -83.46
N LEU K 673 95.19 -42.39 -84.30
CA LEU K 673 94.95 -41.00 -84.58
C LEU K 673 93.71 -41.05 -85.44
N GLU K 674 92.60 -40.48 -84.97
CA GLU K 674 91.43 -40.46 -85.84
C GLU K 674 91.35 -39.10 -86.49
N ARG K 675 92.10 -38.15 -85.95
CA ARG K 675 92.11 -36.79 -86.47
C ARG K 675 93.46 -36.08 -86.48
N LEU K 676 93.80 -35.57 -87.66
CA LEU K 676 95.03 -34.82 -87.88
C LEU K 676 94.70 -33.52 -88.59
N ILE K 677 95.16 -32.42 -88.01
CA ILE K 677 94.99 -31.10 -88.61
C ILE K 677 96.34 -30.39 -88.59
N LEU K 678 96.87 -30.12 -89.77
CA LEU K 678 98.13 -29.44 -89.92
C LEU K 678 97.84 -28.13 -90.63
N ASP K 679 98.09 -27.01 -89.95
CA ASP K 679 97.76 -25.72 -90.50
C ASP K 679 98.94 -24.78 -90.55
N ASP K 680 99.09 -24.26 -91.75
CA ASP K 680 100.11 -23.32 -92.19
C ASP K 680 101.48 -23.91 -91.93
N ILE K 681 101.66 -25.18 -92.29
CA ILE K 681 102.96 -25.79 -92.17
C ILE K 681 103.83 -25.73 -93.42
N ARG K 682 105.06 -25.28 -93.24
CA ARG K 682 106.09 -25.29 -94.27
C ARG K 682 106.63 -26.71 -94.43
N MET K 683 106.61 -27.32 -95.61
CA MET K 683 107.05 -28.71 -95.71
C MET K 683 107.69 -29.06 -97.04
N ASN K 684 108.39 -30.19 -97.02
CA ASN K 684 108.98 -30.77 -98.20
C ASN K 684 108.05 -31.81 -98.81
N GLU K 685 107.90 -31.68 -100.12
CA GLU K 685 107.02 -32.52 -100.91
C GLU K 685 107.41 -33.99 -100.73
N GLU K 686 108.71 -34.26 -100.73
CA GLU K 686 109.22 -35.61 -100.56
C GLU K 686 108.85 -36.09 -99.14
N ASP K 687 108.93 -35.16 -98.19
CA ASP K 687 108.53 -35.39 -96.80
C ASP K 687 107.04 -35.70 -96.75
N ALA K 688 106.27 -35.03 -97.61
CA ALA K 688 104.82 -35.25 -97.74
C ALA K 688 104.63 -36.70 -98.21
N LYS K 689 105.46 -37.16 -99.14
CA LYS K 689 105.42 -38.56 -99.60
C LYS K 689 105.71 -39.52 -98.42
N ASN K 690 106.67 -39.13 -97.59
CA ASN K 690 107.01 -39.90 -96.39
C ASN K 690 105.78 -39.95 -95.45
N LEU K 691 105.06 -38.84 -95.40
CA LEU K 691 103.82 -38.63 -94.65
C LEU K 691 102.77 -39.60 -95.19
N ALA K 692 102.83 -39.78 -96.51
CA ALA K 692 102.00 -40.67 -97.31
C ALA K 692 102.23 -42.11 -96.83
N GLU K 693 103.49 -42.47 -96.60
CA GLU K 693 103.87 -43.82 -96.12
C GLU K 693 103.15 -44.10 -94.78
N GLY K 694 102.95 -43.04 -94.01
CA GLY K 694 102.28 -43.05 -92.71
C GLY K 694 100.80 -43.40 -92.76
N LEU K 695 100.09 -42.95 -93.80
CA LEU K 695 98.64 -43.18 -93.92
C LEU K 695 98.18 -44.64 -93.98
N ARG K 696 99.04 -45.59 -94.35
CA ARG K 696 98.59 -46.99 -94.34
C ARG K 696 98.21 -47.37 -92.91
N SER K 697 98.87 -46.77 -91.93
CA SER K 697 98.62 -47.14 -90.54
C SER K 697 97.48 -46.28 -90.05
N LEU K 698 97.12 -45.29 -90.87
CA LEU K 698 96.06 -44.35 -90.56
C LEU K 698 94.70 -44.73 -91.15
N LYS K 699 94.31 -45.98 -90.95
CA LYS K 699 93.10 -46.55 -91.54
C LYS K 699 92.04 -46.44 -90.47
N LYS K 700 92.48 -46.07 -89.28
CA LYS K 700 91.63 -45.99 -88.11
C LYS K 700 91.22 -44.54 -87.93
N MET K 701 91.76 -43.71 -88.83
CA MET K 701 91.58 -42.26 -88.83
C MET K 701 90.26 -41.85 -89.48
N ARG K 702 89.53 -40.94 -88.84
CA ARG K 702 88.26 -40.46 -89.39
C ARG K 702 88.41 -39.13 -90.11
N LEU K 703 89.57 -38.49 -89.91
CA LEU K 703 89.78 -37.12 -90.39
C LEU K 703 91.21 -36.82 -90.78
N LEU K 704 91.40 -36.27 -91.97
CA LEU K 704 92.72 -35.80 -92.35
C LEU K 704 92.50 -34.47 -93.04
N HIS K 705 93.13 -33.43 -92.48
CA HIS K 705 93.16 -32.11 -93.08
C HIS K 705 94.57 -31.59 -93.26
N LEU K 706 94.99 -31.33 -94.49
CA LEU K 706 96.24 -30.63 -94.68
C LEU K 706 96.01 -29.33 -95.44
N THR K 707 96.18 -28.20 -94.73
CA THR K 707 95.78 -26.89 -95.24
C THR K 707 96.91 -25.87 -95.05
N HIS K 708 96.99 -24.92 -95.98
CA HIS K 708 97.93 -23.79 -95.91
C HIS K 708 99.36 -24.31 -95.87
N LEU K 709 99.57 -25.43 -96.57
CA LEU K 709 100.87 -26.04 -96.73
C LEU K 709 101.59 -25.42 -97.92
N SER K 710 102.73 -24.81 -97.66
CA SER K 710 103.50 -24.12 -98.69
C SER K 710 104.71 -24.97 -98.99
N ASP K 711 105.25 -24.91 -100.22
CA ASP K 711 106.47 -25.69 -100.47
C ASP K 711 106.09 -27.16 -100.53
N ILE K 712 104.79 -27.43 -100.59
CA ILE K 712 104.29 -28.79 -100.64
C ILE K 712 104.39 -29.35 -102.04
N GLY K 713 104.41 -28.49 -103.07
CA GLY K 713 104.47 -28.99 -104.43
C GLY K 713 103.60 -30.18 -104.74
N GLU K 714 104.17 -31.15 -105.46
CA GLU K 714 103.43 -32.35 -105.79
C GLU K 714 103.44 -33.36 -104.65
N GLY K 715 103.87 -32.92 -103.47
CA GLY K 715 103.97 -33.83 -102.34
C GLY K 715 102.55 -34.21 -101.99
N MET K 716 101.65 -33.26 -102.24
CA MET K 716 100.25 -33.45 -101.93
C MET K 716 99.61 -34.48 -102.86
N ASP K 717 100.13 -34.50 -104.09
CA ASP K 717 99.79 -35.47 -105.12
C ASP K 717 100.09 -36.87 -104.60
N TYR K 718 101.24 -36.95 -103.95
CA TYR K 718 101.82 -38.15 -103.34
C TYR K 718 100.95 -38.59 -102.17
N ILE K 719 100.52 -37.64 -101.35
CA ILE K 719 99.72 -37.93 -100.16
C ILE K 719 98.45 -38.56 -100.72
N VAL K 720 97.90 -37.92 -101.76
CA VAL K 720 96.70 -38.42 -102.43
C VAL K 720 96.97 -39.83 -102.97
N LYS K 721 98.16 -40.05 -103.51
CA LYS K 721 98.57 -41.36 -104.01
C LYS K 721 98.41 -42.37 -102.86
N SER K 722 98.91 -42.02 -101.68
CA SER K 722 98.85 -42.85 -100.47
C SER K 722 97.39 -43.14 -100.11
N LEU K 723 96.55 -42.17 -100.41
CA LEU K 723 95.10 -42.24 -100.18
C LEU K 723 94.57 -43.30 -101.11
N SER K 724 94.96 -43.30 -102.38
CA SER K 724 94.26 -44.12 -103.34
C SER K 724 95.00 -45.45 -103.51
N GLU K 725 96.09 -45.56 -102.79
CA GLU K 725 96.96 -46.72 -102.76
C GLU K 725 96.15 -47.89 -102.23
N GLU K 726 95.38 -47.57 -101.19
CA GLU K 726 94.67 -48.54 -100.36
C GLU K 726 93.40 -47.90 -99.78
N SER K 727 92.43 -48.74 -99.42
CA SER K 727 91.22 -48.28 -98.76
C SER K 727 91.52 -47.61 -97.42
N CYS K 728 90.61 -46.76 -96.96
CA CYS K 728 90.72 -46.14 -95.64
C CYS K 728 89.34 -46.07 -94.99
N ASP K 729 89.31 -45.87 -93.67
CA ASP K 729 88.04 -45.70 -92.97
C ASP K 729 87.75 -44.22 -92.79
N LEU K 730 88.55 -43.38 -93.44
CA LEU K 730 88.44 -41.93 -93.31
C LEU K 730 87.04 -41.43 -93.61
N GLN K 731 86.59 -40.48 -92.80
CA GLN K 731 85.28 -39.88 -92.96
C GLN K 731 85.43 -38.45 -93.49
N GLU K 732 86.64 -37.91 -93.34
CA GLU K 732 86.94 -36.52 -93.73
C GLU K 732 88.36 -36.36 -94.32
N MET K 733 88.44 -35.77 -95.52
CA MET K 733 89.70 -35.40 -96.18
C MET K 733 89.62 -33.96 -96.73
N LYS K 734 90.43 -33.06 -96.18
CA LYS K 734 90.61 -31.65 -96.61
C LYS K 734 91.94 -31.36 -97.32
N LEU K 735 91.84 -31.08 -98.62
CA LEU K 735 92.97 -30.67 -99.45
C LEU K 735 93.06 -29.19 -99.88
N VAL K 736 92.49 -28.30 -99.07
CA VAL K 736 92.39 -26.85 -99.34
C VAL K 736 93.68 -26.03 -99.08
N ALA K 737 94.06 -25.16 -100.03
CA ALA K 737 95.16 -24.19 -99.84
C ALA K 737 96.49 -24.91 -99.73
N CYS K 738 96.59 -25.95 -100.53
CA CYS K 738 97.79 -26.70 -100.84
C CYS K 738 97.85 -26.77 -102.35
N CYS K 739 98.96 -27.20 -102.93
CA CYS K 739 99.03 -27.17 -104.39
C CYS K 739 98.48 -28.45 -104.99
N LEU K 740 97.28 -28.27 -105.54
CA LEU K 740 96.47 -29.31 -106.16
C LEU K 740 96.48 -29.35 -107.69
N THR K 741 96.53 -30.56 -108.24
CA THR K 741 96.54 -30.74 -109.68
C THR K 741 95.26 -31.47 -110.13
N ALA K 742 94.85 -31.31 -111.38
CA ALA K 742 93.66 -32.01 -111.89
C ALA K 742 93.93 -33.52 -111.85
N ASN K 743 95.21 -33.84 -111.99
CA ASN K 743 95.75 -35.18 -111.90
C ASN K 743 95.55 -35.81 -110.53
N SER K 744 95.76 -35.02 -109.48
CA SER K 744 95.60 -35.50 -108.12
C SER K 744 94.12 -35.82 -107.87
N VAL K 745 93.23 -35.06 -108.50
CA VAL K 745 91.80 -35.30 -108.42
C VAL K 745 91.48 -36.59 -109.17
N LYS K 746 92.20 -36.82 -110.27
CA LYS K 746 92.07 -38.06 -111.06
C LYS K 746 92.48 -39.26 -110.20
N VAL K 747 93.60 -39.12 -109.50
CA VAL K 747 94.11 -40.12 -108.57
C VAL K 747 93.06 -40.39 -107.48
N LEU K 748 92.45 -39.32 -106.98
CA LEU K 748 91.39 -39.38 -105.95
C LEU K 748 90.22 -40.20 -106.47
N ALA K 749 89.96 -39.99 -107.76
CA ALA K 749 88.91 -40.63 -108.55
C ALA K 749 89.14 -42.13 -108.67
N GLN K 750 90.37 -42.54 -108.93
CA GLN K 750 90.64 -43.96 -109.18
C GLN K 750 90.29 -44.87 -107.98
N ASN K 751 90.59 -44.44 -106.76
CA ASN K 751 90.31 -45.23 -105.56
C ASN K 751 89.04 -44.78 -104.83
N LEU K 752 88.31 -43.84 -105.41
CA LEU K 752 87.17 -43.25 -104.72
C LEU K 752 86.12 -44.26 -104.24
N HIS K 753 85.99 -45.42 -104.87
CA HIS K 753 84.99 -46.32 -104.34
C HIS K 753 85.40 -46.81 -102.95
N ASN K 754 86.70 -46.80 -102.66
CA ASN K 754 87.20 -47.15 -101.32
C ASN K 754 87.08 -45.94 -100.39
N LEU K 755 87.03 -44.76 -101.01
CA LEU K 755 86.92 -43.48 -100.30
C LEU K 755 85.46 -43.15 -100.09
N ILE K 756 84.61 -44.13 -100.34
CA ILE K 756 83.17 -44.02 -100.11
C ILE K 756 82.89 -43.83 -98.61
N LYS K 757 83.87 -44.24 -97.81
CA LYS K 757 83.81 -44.18 -96.36
C LYS K 757 83.70 -42.72 -95.92
N LEU K 758 84.25 -41.84 -96.75
CA LEU K 758 84.26 -40.40 -96.51
C LEU K 758 82.88 -39.76 -96.57
N SER K 759 82.58 -38.97 -95.56
CA SER K 759 81.50 -38.02 -95.66
C SER K 759 82.13 -36.75 -96.22
N ILE K 760 83.45 -36.67 -96.10
CA ILE K 760 84.19 -35.50 -96.58
C ILE K 760 85.51 -35.74 -97.31
N LEU K 761 85.52 -35.29 -98.56
CA LEU K 761 86.66 -35.26 -99.47
C LEU K 761 86.56 -33.77 -99.77
N ASP K 762 87.52 -32.98 -99.32
CA ASP K 762 87.52 -31.55 -99.65
C ASP K 762 88.66 -30.96 -100.47
N ILE K 763 88.36 -30.72 -101.74
CA ILE K 763 89.28 -29.99 -102.60
C ILE K 763 88.86 -28.53 -102.88
N SER K 764 87.81 -28.03 -102.21
CA SER K 764 87.25 -26.74 -102.64
C SER K 764 88.20 -25.56 -102.38
N GLU K 765 87.92 -24.40 -102.97
CA GLU K 765 88.78 -23.22 -102.84
C GLU K 765 90.11 -23.52 -103.50
N ASN K 766 90.07 -24.39 -104.49
CA ASN K 766 91.25 -24.77 -105.22
C ASN K 766 91.20 -24.64 -106.73
N TYR K 767 92.32 -24.15 -107.22
CA TYR K 767 92.61 -24.00 -108.62
C TYR K 767 93.43 -25.23 -108.88
N LEU K 768 93.06 -25.93 -109.95
CA LEU K 768 93.77 -27.11 -110.37
C LEU K 768 94.59 -26.50 -111.46
N GLU K 769 95.61 -27.19 -111.97
CA GLU K 769 96.51 -26.46 -112.82
C GLU K 769 95.80 -26.14 -114.13
N LYS K 770 95.60 -27.17 -114.95
CA LYS K 770 94.95 -27.09 -116.26
C LYS K 770 93.60 -27.78 -116.36
N ASP K 771 92.68 -27.30 -117.20
CA ASP K 771 91.37 -27.96 -117.26
C ASP K 771 90.63 -28.30 -115.96
N GLY K 772 90.73 -27.43 -114.97
CA GLY K 772 90.23 -27.63 -113.62
C GLY K 772 88.74 -27.88 -113.69
N ASN K 773 88.00 -27.09 -114.45
CA ASN K 773 86.55 -27.29 -114.53
C ASN K 773 86.23 -28.65 -115.18
N GLU K 774 87.10 -29.14 -116.09
CA GLU K 774 86.91 -30.47 -116.70
C GLU K 774 86.96 -31.64 -115.69
N ALA K 775 87.26 -31.31 -114.43
CA ALA K 775 87.37 -32.23 -113.28
C ALA K 775 85.99 -32.84 -113.05
N LEU K 776 85.00 -32.00 -113.29
CA LEU K 776 83.59 -32.28 -113.14
C LEU K 776 83.17 -33.44 -114.02
N GLN K 777 83.72 -33.59 -115.24
CA GLN K 777 83.28 -34.76 -116.01
C GLN K 777 83.68 -36.06 -115.29
N GLU K 778 84.84 -36.06 -114.64
CA GLU K 778 85.29 -37.19 -113.84
C GLU K 778 84.31 -37.47 -112.70
N LEU K 779 83.80 -36.38 -112.16
CA LEU K 779 82.81 -36.42 -111.09
C LEU K 779 81.51 -37.03 -111.58
N ILE K 780 81.06 -36.71 -112.77
CA ILE K 780 79.77 -37.28 -113.18
C ILE K 780 79.91 -38.81 -113.12
N GLY K 781 81.09 -39.33 -113.48
CA GLY K 781 81.30 -40.77 -113.42
C GLY K 781 81.29 -41.32 -112.01
N ARG K 782 81.67 -40.47 -111.07
CA ARG K 782 81.80 -40.82 -109.65
C ARG K 782 80.62 -40.51 -108.72
N LEU K 783 79.50 -40.03 -109.25
CA LEU K 783 78.35 -39.71 -108.40
C LEU K 783 77.73 -40.84 -107.59
N GLY K 784 77.90 -42.08 -108.04
CA GLY K 784 77.35 -43.22 -107.33
C GLY K 784 77.97 -43.33 -105.94
N VAL K 785 79.20 -42.84 -105.82
CA VAL K 785 79.90 -42.82 -104.55
C VAL K 785 80.01 -41.38 -104.01
N LEU K 786 79.84 -40.39 -104.89
CA LEU K 786 79.83 -38.99 -104.45
C LEU K 786 78.56 -38.64 -103.68
N GLY K 787 77.52 -39.46 -103.86
CA GLY K 787 76.32 -39.30 -103.05
C GLY K 787 76.57 -39.55 -101.57
N GLU K 788 77.62 -40.32 -101.26
CA GLU K 788 77.96 -40.65 -99.88
C GLU K 788 78.66 -39.53 -99.11
N LEU K 789 79.12 -38.51 -99.82
CA LEU K 789 79.63 -37.32 -99.16
C LEU K 789 78.45 -36.57 -98.55
N THR K 790 78.68 -35.91 -97.42
CA THR K 790 77.61 -35.21 -96.76
C THR K 790 77.48 -33.80 -97.32
N THR K 791 78.41 -33.40 -98.17
CA THR K 791 78.43 -32.04 -98.69
C THR K 791 79.06 -31.90 -100.08
N LEU K 792 78.80 -30.77 -100.73
CA LEU K 792 79.34 -30.46 -102.04
C LEU K 792 80.64 -29.68 -102.09
N MET K 793 81.70 -30.27 -102.65
CA MET K 793 82.95 -29.53 -102.81
C MET K 793 83.32 -29.52 -104.28
N LEU K 794 83.41 -28.34 -104.88
CA LEU K 794 83.56 -28.31 -106.31
C LEU K 794 84.99 -27.92 -106.69
N PRO K 795 85.49 -28.41 -107.84
CA PRO K 795 86.81 -27.91 -108.23
C PRO K 795 86.61 -26.61 -109.01
N TRP K 796 87.48 -25.60 -108.91
CA TRP K 796 87.20 -24.38 -109.66
C TRP K 796 88.45 -24.02 -110.43
N CYS K 797 88.29 -23.17 -111.42
CA CYS K 797 89.43 -22.72 -112.19
C CYS K 797 88.99 -21.47 -112.90
N TRP K 798 89.83 -20.93 -113.78
CA TRP K 798 89.43 -19.81 -114.60
C TRP K 798 88.41 -20.29 -115.64
N ASP K 799 87.25 -19.62 -115.69
CA ASP K 799 86.18 -19.93 -116.63
C ASP K 799 85.45 -21.23 -116.28
N VAL K 800 85.54 -21.61 -115.01
CA VAL K 800 84.97 -22.82 -114.43
C VAL K 800 83.47 -22.94 -114.68
N HIS K 801 82.78 -21.80 -114.71
CA HIS K 801 81.32 -21.73 -114.83
C HIS K 801 80.75 -22.33 -116.12
N THR K 802 81.59 -22.36 -117.15
CA THR K 802 81.28 -22.94 -118.46
C THR K 802 81.07 -24.45 -118.32
N SER K 803 81.48 -24.97 -117.16
CA SER K 803 81.37 -26.38 -116.77
C SER K 803 80.04 -26.71 -116.06
N LEU K 804 79.16 -25.72 -115.93
CA LEU K 804 77.87 -25.89 -115.23
C LEU K 804 76.90 -26.93 -115.84
N PRO K 805 76.72 -26.98 -117.18
CA PRO K 805 75.83 -28.03 -117.70
C PRO K 805 76.36 -29.41 -117.29
N LYS K 806 77.68 -29.54 -117.23
CA LYS K 806 78.36 -30.79 -116.90
C LYS K 806 77.98 -31.12 -115.46
N LEU K 807 77.90 -30.05 -114.69
CA LEU K 807 77.56 -30.01 -113.26
C LEU K 807 76.07 -30.41 -113.06
N LEU K 808 75.21 -30.09 -114.02
CA LEU K 808 73.77 -30.35 -113.87
C LEU K 808 73.40 -31.83 -113.72
N LYS K 809 74.10 -32.75 -114.37
CA LYS K 809 73.84 -34.18 -114.16
C LYS K 809 74.14 -34.50 -112.69
N GLN K 810 75.17 -33.82 -112.18
CA GLN K 810 75.63 -33.92 -110.79
C GLN K 810 74.64 -33.36 -109.78
N LEU K 811 73.81 -32.39 -110.17
CA LEU K 811 72.90 -31.76 -109.23
C LEU K 811 71.61 -32.54 -108.94
N GLU K 812 71.37 -33.64 -109.65
CA GLU K 812 70.33 -34.58 -109.20
C GLU K 812 70.83 -35.20 -107.89
N GLY K 813 72.12 -34.99 -107.63
CA GLY K 813 72.77 -35.44 -106.41
C GLY K 813 72.69 -34.42 -105.29
N THR K 814 71.94 -33.34 -105.50
CA THR K 814 71.78 -32.35 -104.43
C THR K 814 71.19 -32.86 -103.09
N PRO K 815 70.54 -34.04 -103.07
CA PRO K 815 70.04 -34.35 -101.73
C PRO K 815 70.97 -34.78 -100.58
N GLY K 816 72.19 -35.32 -100.75
CA GLY K 816 72.86 -35.73 -99.52
C GLY K 816 73.84 -34.64 -99.11
N LEU K 817 73.59 -33.49 -99.72
CA LEU K 817 74.30 -32.22 -99.60
C LEU K 817 74.09 -31.48 -98.27
N ALA K 818 75.13 -31.19 -97.49
CA ALA K 818 74.86 -30.51 -96.23
C ALA K 818 74.76 -29.05 -96.66
N LYS K 819 75.69 -28.62 -97.51
CA LYS K 819 75.76 -27.23 -97.97
C LYS K 819 75.74 -27.27 -99.51
N LEU K 820 75.35 -26.18 -100.15
CA LEU K 820 75.41 -26.10 -101.61
C LEU K 820 76.17 -24.86 -102.04
N GLY K 821 77.11 -25.04 -102.96
CA GLY K 821 77.66 -23.89 -103.65
C GLY K 821 78.15 -24.01 -105.07
N LEU K 822 78.30 -22.86 -105.68
CA LEU K 822 79.09 -22.72 -106.88
C LEU K 822 80.28 -21.85 -106.47
N LYS K 823 80.94 -22.24 -105.38
CA LYS K 823 82.02 -21.43 -104.81
C LYS K 823 83.26 -21.29 -105.69
N ASN K 824 83.80 -20.08 -105.66
CA ASN K 824 84.82 -19.54 -106.53
C ASN K 824 84.59 -19.88 -108.00
N TRP K 825 83.33 -20.12 -108.35
CA TRP K 825 82.91 -20.24 -109.73
C TRP K 825 82.77 -18.87 -110.33
N ARG K 826 83.47 -18.55 -111.41
CA ARG K 826 83.41 -17.18 -111.89
C ARG K 826 82.21 -17.19 -112.87
N LEU K 827 81.01 -17.24 -112.28
CA LEU K 827 79.70 -17.29 -112.96
C LEU K 827 79.05 -16.07 -113.62
N ARG K 828 78.32 -16.34 -114.70
CA ARG K 828 77.60 -15.31 -115.45
C ARG K 828 76.65 -14.63 -114.48
N ASP K 829 76.47 -13.32 -114.63
CA ASP K 829 75.61 -12.62 -113.69
C ASP K 829 74.18 -13.16 -113.71
N GLU K 830 73.72 -13.56 -114.91
CA GLU K 830 72.39 -14.16 -115.11
C GLU K 830 72.20 -15.55 -114.48
N GLU K 831 73.24 -16.37 -114.65
CA GLU K 831 73.35 -17.73 -114.12
C GLU K 831 72.78 -18.06 -112.74
N ILE K 832 72.87 -17.13 -111.81
CA ILE K 832 72.41 -17.40 -110.46
C ILE K 832 70.89 -17.62 -110.49
N LYS K 833 70.14 -16.89 -111.30
CA LYS K 833 68.71 -17.21 -111.40
C LYS K 833 68.53 -18.51 -112.22
N SER K 834 69.40 -18.71 -113.20
CA SER K 834 69.39 -19.92 -114.06
C SER K 834 69.51 -21.23 -113.27
N LEU K 835 70.44 -21.25 -112.33
CA LEU K 835 70.68 -22.39 -111.44
C LEU K 835 69.44 -22.53 -110.57
N GLY K 836 68.86 -21.36 -110.30
CA GLY K 836 67.65 -21.16 -109.54
C GLY K 836 66.53 -21.86 -110.28
N GLU K 837 66.49 -21.72 -111.60
CA GLU K 837 65.44 -22.41 -112.34
C GLU K 837 65.52 -23.92 -112.15
N PHE K 838 66.72 -24.51 -112.19
CA PHE K 838 66.89 -25.95 -111.92
C PHE K 838 66.33 -26.21 -110.51
N LEU K 839 66.63 -25.25 -109.64
CA LEU K 839 66.34 -25.24 -108.21
C LEU K 839 64.83 -25.17 -108.04
N GLU K 840 64.14 -24.55 -109.00
CA GLU K 840 62.69 -24.48 -108.96
C GLU K 840 62.27 -25.92 -109.24
N MET K 841 62.86 -26.52 -110.27
CA MET K 841 62.56 -27.88 -110.68
C MET K 841 63.09 -28.92 -109.67
N ASN K 842 63.63 -28.46 -108.53
CA ASN K 842 64.27 -29.34 -107.55
C ASN K 842 63.64 -29.46 -106.15
N PRO K 843 63.05 -30.63 -105.85
CA PRO K 843 62.13 -30.83 -104.73
C PRO K 843 62.88 -30.82 -103.38
N LEU K 844 64.21 -30.85 -103.42
CA LEU K 844 65.04 -30.76 -102.21
C LEU K 844 64.75 -29.48 -101.42
N ARG K 845 64.88 -29.58 -100.10
CA ARG K 845 64.52 -28.50 -99.19
C ARG K 845 65.42 -28.47 -97.95
N ASP K 846 65.30 -27.40 -97.16
CA ASP K 846 66.02 -27.27 -95.89
C ASP K 846 67.52 -27.01 -95.77
N LEU K 847 68.27 -26.77 -96.85
CA LEU K 847 69.72 -26.87 -96.71
C LEU K 847 70.23 -25.81 -95.72
N GLN K 848 71.41 -26.04 -95.15
CA GLN K 848 71.91 -25.17 -94.09
C GLN K 848 72.68 -23.94 -94.50
N GLN K 849 73.49 -24.05 -95.54
CA GLN K 849 74.24 -22.91 -96.03
C GLN K 849 74.52 -22.95 -97.51
N LEU K 850 74.52 -21.79 -98.15
CA LEU K 850 74.66 -21.73 -99.57
C LEU K 850 75.89 -20.90 -99.46
N ASP K 851 76.95 -21.49 -100.00
CA ASP K 851 78.25 -20.88 -100.01
C ASP K 851 78.51 -20.63 -101.46
N LEU K 852 78.43 -19.38 -101.83
CA LEU K 852 78.90 -19.01 -103.14
C LEU K 852 80.06 -18.07 -102.92
N ALA K 853 81.27 -18.61 -103.12
CA ALA K 853 82.44 -17.79 -102.93
C ALA K 853 82.32 -16.88 -104.13
N GLY K 854 82.93 -15.70 -104.03
CA GLY K 854 82.75 -14.71 -105.05
C GLY K 854 82.76 -15.07 -106.52
N HIS K 855 81.57 -14.99 -107.11
CA HIS K 855 81.40 -15.26 -108.52
C HIS K 855 81.40 -13.87 -109.12
N CYS K 856 81.46 -13.77 -110.44
CA CYS K 856 81.20 -12.50 -111.13
C CYS K 856 79.77 -11.95 -111.08
N VAL K 857 78.89 -12.49 -110.25
CA VAL K 857 77.54 -11.92 -110.24
C VAL K 857 77.31 -10.64 -109.41
N SER K 858 76.77 -9.68 -110.15
CA SER K 858 76.35 -8.33 -109.74
C SER K 858 75.05 -8.31 -108.93
N SER K 859 74.83 -7.19 -108.26
CA SER K 859 73.63 -6.93 -107.46
C SER K 859 72.41 -7.06 -108.35
N ASP K 860 72.54 -6.61 -109.60
CA ASP K 860 71.47 -6.74 -110.57
C ASP K 860 71.19 -8.23 -110.84
N GLY K 861 72.24 -9.05 -110.87
CA GLY K 861 72.18 -10.49 -111.06
C GLY K 861 71.43 -11.19 -109.96
N TRP K 862 71.77 -10.71 -108.77
CA TRP K 862 71.20 -11.11 -107.52
C TRP K 862 69.71 -10.73 -107.59
N LEU K 863 69.38 -9.62 -108.23
CA LEU K 863 67.99 -9.14 -108.36
C LEU K 863 67.13 -10.16 -109.10
N TYR K 864 67.71 -10.75 -110.13
CA TYR K 864 67.08 -11.85 -110.86
C TYR K 864 66.90 -12.96 -109.84
N PHE K 865 67.96 -13.19 -109.06
CA PHE K 865 67.99 -14.32 -108.15
C PHE K 865 66.95 -14.25 -107.02
N MET K 866 66.53 -13.05 -106.62
CA MET K 866 65.60 -12.92 -105.52
C MET K 866 64.33 -13.67 -105.90
N ASN K 867 64.07 -13.72 -107.21
CA ASN K 867 62.91 -14.41 -107.76
C ASN K 867 62.95 -15.90 -107.48
N VAL K 868 64.10 -16.39 -107.02
CA VAL K 868 64.24 -17.79 -106.62
C VAL K 868 64.52 -17.94 -105.14
N PHE K 869 65.24 -16.97 -104.57
CA PHE K 869 65.62 -17.01 -103.17
C PHE K 869 64.47 -17.02 -102.18
N GLU K 870 63.36 -16.39 -102.53
CA GLU K 870 62.24 -16.37 -101.60
C GLU K 870 61.74 -17.78 -101.29
N ASN K 871 61.69 -18.66 -102.30
CA ASN K 871 61.02 -19.95 -102.06
C ASN K 871 61.98 -20.97 -101.40
N LEU K 872 63.26 -20.59 -101.30
CA LEU K 872 64.29 -21.34 -100.57
C LEU K 872 64.40 -20.81 -99.14
N LYS K 873 63.25 -20.51 -98.56
CA LYS K 873 63.20 -19.83 -97.27
C LYS K 873 63.60 -20.80 -96.17
N GLN K 874 63.70 -22.07 -96.55
CA GLN K 874 64.05 -23.14 -95.63
C GLN K 874 65.56 -23.13 -95.36
N LEU K 875 66.28 -22.30 -96.11
CA LEU K 875 67.74 -22.19 -95.99
C LEU K 875 68.19 -21.60 -94.65
N VAL K 876 69.11 -22.29 -93.96
CA VAL K 876 69.56 -21.90 -92.62
C VAL K 876 70.59 -20.77 -92.62
N PHE K 877 71.56 -20.86 -93.53
CA PHE K 877 72.67 -19.90 -93.61
C PHE K 877 72.99 -19.63 -95.07
N PHE K 878 73.59 -18.48 -95.33
CA PHE K 878 73.82 -18.05 -96.70
C PHE K 878 74.91 -16.98 -96.75
N ASP K 879 75.78 -17.04 -97.74
CA ASP K 879 76.64 -15.88 -97.94
C ASP K 879 76.70 -15.65 -99.44
N PHE K 880 76.65 -14.37 -99.81
CA PHE K 880 76.66 -14.03 -101.22
C PHE K 880 77.88 -13.15 -101.40
N SER K 881 78.90 -13.70 -102.04
CA SER K 881 80.07 -12.96 -102.48
C SER K 881 80.21 -12.67 -103.97
N THR K 882 81.01 -11.66 -104.27
CA THR K 882 81.26 -11.14 -105.61
C THR K 882 82.59 -10.43 -105.49
N GLU K 883 83.36 -10.31 -106.57
CA GLU K 883 84.71 -9.75 -106.42
C GLU K 883 84.75 -8.23 -106.63
N GLU K 884 83.67 -7.66 -107.13
CA GLU K 884 83.59 -6.21 -107.35
C GLU K 884 82.15 -5.68 -107.40
N PHE K 885 81.48 -5.66 -106.26
CA PHE K 885 80.03 -5.49 -106.18
C PHE K 885 79.56 -4.12 -106.67
N LEU K 886 78.38 -4.07 -107.27
CA LEU K 886 77.76 -2.80 -107.66
C LEU K 886 77.39 -2.03 -106.39
N PRO K 887 77.57 -0.69 -106.41
CA PRO K 887 77.24 0.16 -105.25
C PRO K 887 75.77 0.22 -104.80
N ASP K 888 74.84 -0.27 -105.61
CA ASP K 888 73.40 -0.12 -105.31
C ASP K 888 72.81 -1.01 -104.22
N ALA K 889 72.10 -0.39 -103.28
CA ALA K 889 71.35 -1.10 -102.24
C ALA K 889 69.90 -1.44 -102.63
N ALA K 890 69.55 -1.21 -103.90
CA ALA K 890 68.24 -1.57 -104.46
C ALA K 890 67.98 -3.06 -104.23
N LEU K 891 69.08 -3.81 -104.31
CA LEU K 891 69.10 -5.22 -104.01
C LEU K 891 68.70 -5.55 -102.59
N VAL K 892 69.17 -4.78 -101.61
CA VAL K 892 68.87 -5.09 -100.22
C VAL K 892 67.36 -4.90 -100.08
N ARG K 893 66.84 -3.87 -100.73
CA ARG K 893 65.42 -3.56 -100.75
C ARG K 893 64.61 -4.78 -101.27
N LYS K 894 65.05 -5.29 -102.42
CA LYS K 894 64.44 -6.49 -103.02
C LYS K 894 64.59 -7.67 -102.04
N LEU K 895 65.66 -7.58 -101.27
CA LEU K 895 66.06 -8.55 -100.24
C LEU K 895 64.94 -8.50 -99.23
N SER K 896 64.54 -7.29 -98.82
CA SER K 896 63.47 -7.06 -97.86
C SER K 896 62.21 -7.71 -98.43
N GLN K 897 61.99 -7.62 -99.74
CA GLN K 897 60.78 -8.29 -100.27
C GLN K 897 60.91 -9.79 -99.97
N VAL K 898 62.09 -10.34 -100.22
CA VAL K 898 62.44 -11.74 -99.92
C VAL K 898 62.44 -12.14 -98.42
N LEU K 899 62.89 -11.22 -97.58
CA LEU K 899 63.00 -11.33 -96.12
C LEU K 899 61.70 -11.62 -95.37
N SER K 900 60.57 -11.11 -95.85
CA SER K 900 59.28 -11.47 -95.26
C SER K 900 59.06 -12.95 -95.55
N LYS K 901 59.50 -13.34 -96.75
CA LYS K 901 59.39 -14.67 -97.34
C LYS K 901 60.29 -15.70 -96.65
N LEU K 902 61.37 -15.25 -96.00
CA LEU K 902 62.29 -16.18 -95.31
C LEU K 902 62.04 -16.48 -93.83
N THR K 903 62.45 -17.70 -93.45
CA THR K 903 62.09 -18.30 -92.16
C THR K 903 63.25 -18.75 -91.27
N LEU K 904 63.91 -19.85 -91.64
CA LEU K 904 64.88 -20.50 -90.75
C LEU K 904 66.26 -19.87 -90.77
N LEU K 905 66.34 -18.61 -91.19
CA LEU K 905 67.65 -18.01 -91.41
C LEU K 905 68.10 -17.40 -90.12
N GLN K 906 69.36 -17.60 -89.77
CA GLN K 906 69.84 -17.09 -88.51
C GLN K 906 70.68 -15.85 -88.76
N GLU K 907 71.49 -15.88 -89.81
CA GLU K 907 72.28 -14.71 -90.18
C GLU K 907 72.55 -14.51 -91.65
N VAL K 908 72.62 -13.24 -92.04
CA VAL K 908 72.87 -12.77 -93.40
C VAL K 908 74.40 -12.58 -93.46
N LYS K 909 75.04 -13.05 -94.52
CA LYS K 909 76.47 -12.80 -94.69
C LYS K 909 76.85 -12.09 -96.00
N LEU K 910 77.60 -10.99 -95.85
CA LEU K 910 77.88 -10.06 -96.94
C LEU K 910 79.33 -10.05 -97.46
N THR K 911 80.03 -11.16 -97.30
CA THR K 911 81.45 -11.30 -97.68
C THR K 911 81.84 -10.63 -99.00
N GLY K 912 82.56 -9.51 -98.92
CA GLY K 912 83.09 -8.86 -100.11
C GLY K 912 82.32 -7.73 -100.77
N TRP K 913 81.09 -7.47 -100.33
CA TRP K 913 80.31 -6.39 -100.93
C TRP K 913 80.73 -5.02 -100.39
N GLU K 914 81.51 -4.31 -101.21
CA GLU K 914 81.93 -2.91 -101.00
C GLU K 914 80.87 -1.80 -101.00
N PHE K 915 79.58 -2.12 -100.99
CA PHE K 915 78.53 -1.09 -100.97
C PHE K 915 77.96 -0.62 -99.61
N ASP K 916 77.44 0.61 -99.62
CA ASP K 916 76.61 1.16 -98.54
C ASP K 916 75.18 0.62 -98.68
N ASP K 917 74.51 0.36 -97.56
CA ASP K 917 73.13 -0.13 -97.66
C ASP K 917 72.06 0.96 -97.63
N TYR K 918 72.48 2.22 -97.46
CA TYR K 918 71.57 3.36 -97.25
C TYR K 918 70.48 3.08 -96.23
N ASP K 919 69.44 3.90 -96.32
CA ASP K 919 68.31 3.95 -95.37
C ASP K 919 67.54 2.62 -95.42
N ILE K 920 68.04 1.71 -96.24
CA ILE K 920 67.50 0.38 -96.49
C ILE K 920 68.04 -0.52 -95.39
N SER K 921 68.99 0.01 -94.61
CA SER K 921 69.68 -0.80 -93.63
C SER K 921 68.80 -0.71 -92.40
N ALA K 922 67.73 0.07 -92.54
CA ALA K 922 66.74 0.23 -91.51
C ALA K 922 65.99 -1.09 -91.55
N ILE K 923 65.86 -1.62 -92.77
CA ILE K 923 65.20 -2.90 -93.02
C ILE K 923 66.17 -3.95 -93.55
N LYS K 924 67.44 -3.78 -93.22
CA LYS K 924 68.51 -4.65 -93.70
C LYS K 924 68.22 -6.14 -93.50
N GLY K 925 67.67 -6.48 -92.33
CA GLY K 925 67.29 -7.85 -92.08
C GLY K 925 66.41 -8.03 -90.86
N THR K 926 65.77 -9.19 -90.77
CA THR K 926 65.05 -9.57 -89.58
C THR K 926 65.90 -10.62 -88.87
N PHE K 927 67.13 -10.74 -89.34
CA PHE K 927 68.13 -11.61 -88.71
C PHE K 927 69.40 -10.83 -88.43
N LYS K 928 70.42 -11.52 -87.93
CA LYS K 928 71.69 -10.90 -87.54
C LYS K 928 72.42 -10.45 -88.80
N LEU K 929 73.36 -9.50 -88.68
CA LEU K 929 74.23 -9.19 -89.81
C LEU K 929 75.71 -8.88 -89.62
N VAL K 930 76.50 -9.45 -90.53
CA VAL K 930 77.94 -9.28 -90.60
C VAL K 930 78.26 -8.64 -91.94
N THR K 931 79.18 -7.68 -91.99
CA THR K 931 79.56 -7.09 -93.27
C THR K 931 80.33 -8.12 -94.10
N ALA K 932 80.74 -9.20 -93.43
CA ALA K 932 81.46 -10.29 -94.07
C ALA K 932 80.66 -11.60 -94.00
#